data_7PGB
#
_entry.id   7PGB
#
_cell.length_a   200.865
_cell.length_b   200.865
_cell.length_c   327.727
_cell.angle_alpha   90.000
_cell.angle_beta   90.000
_cell.angle_gamma   90.000
#
_symmetry.space_group_name_H-M   'P 43'
#
loop_
_entity.id
_entity.type
_entity.pdbx_description
1 polymer 'SAT09 fab fragment, heavy chain'
2 polymer 'SAT09 fab fragment, light chain'
3 polymer 'Ion transport protein,Voltage-gated sodium channel'
4 non-polymer '4-NITROBENZOIC ACID'
5 non-polymer 1,2-DIPALMITOYL-PHOSPHATIDYL-GLYCEROLE
6 non-polymer N-OCTANE
7 non-polymer 2-{2-[2-(2-{2-[2-(2-ETHOXY-ETHOXY)-ETHOXY]-ETHOXY}-ETHOXY)-ETHOXY]-ETHOXY}-ETHANOL
8 non-polymer PENTANE
9 non-polymer 'PENTAETHYLENE GLYCOL'
10 non-polymer DODECANE
11 non-polymer HEXADECANE
12 non-polymer 'BENZENE HEXACARBOXYLIC ACID'
13 non-polymer GLYCEROL
14 water water
#
loop_
_entity_poly.entity_id
_entity_poly.type
_entity_poly.pdbx_seq_one_letter_code
_entity_poly.pdbx_strand_id
1 'polypeptide(L)'
;EISEVQLVESGGGLVQPGGSLRLSCAASGFNFSSSSIHWVRQAPGKGLEWVASISSSSGSTSYADSVKGRFTISADTSKN
TAYLQMNSLRAEDTAVYYCARTYGWYYSWWWAFDYWGQGTLVTVSSASTKGPSVFPLAPSSKSTSGGTAALGCLVKDYFP
EPVTVSWNSGALTSGVHTFPAVLQSSGLYSLSSVVTVPSSSLGTQTYICNVNHKPSNTKVDKKVEPKSCDKTHT
;
H,A,R,U,X,a,m,p,f,i
2 'polypeptide(L)'
;SDIQMTQSPSSLSASVGDRVTITCRASQSVSSAVAWYQQKPGKAPKLLIYSASSLYSGVPSRFSGSRSGTDFTLTISSLQ
PEDFATYYCQQGDPRLVTFGQGTKVEIKRTVAAPSVFIFPPSDSQLKSGTASVVCLLNNFYPREAKVQWKVDNALQSGNS
QESVTEQDSKDSTYSLSSTLTLSKADYEKHKVYACEVTHQGLSSPVTKSFNRGEC
;
L,B,S,V,Y,b,n,q,g,k
3 'polypeptide(L)'
;GPSSPSLLRAIPGIAWIALLLLVIFYVFAVMGTKLFAQSFPEWFGTLGASMYTLFQVMTLESWSMGIARPVIEAYPWAWI
YFVSFILVSSFTVLNLFIGIIIESMQSAHHAEDGERTDAYRDEVLARLEQIDQRLNALGETKK
;
c,C,T,W,Z,d,l,o,h,e
#
loop_
_chem_comp.id
_chem_comp.type
_chem_comp.name
_chem_comp.formula
1PE non-polymer 'PENTAETHYLENE GLYCOL' 'C10 H22 O6'
4NB non-polymer '4-NITROBENZOIC ACID' 'C7 H5 N O4'
BHC non-polymer 'BENZENE HEXACARBOXYLIC ACID' 'C12 H6 O12'
D12 non-polymer DODECANE 'C12 H26'
GOL non-polymer GLYCEROL 'C3 H8 O3'
LHG non-polymer 1,2-DIPALMITOYL-PHOSPHATIDYL-GLYCEROLE 'C38 H75 O10 P'
LNK non-polymer PENTANE 'C5 H12'
OCT non-polymer N-OCTANE 'C8 H18'
PE4 non-polymer 2-{2-[2-(2-{2-[2-(2-ETHOXY-ETHOXY)-ETHOXY]-ETHOXY}-ETHOXY)-ETHOXY]-ETHOXY}-ETHANOL 'C16 H34 O8'
R16 non-polymer HEXADECANE 'C16 H34'
#
# COMPACT_ATOMS: atom_id res chain seq x y z
N GLU A 4 5.33 6.83 53.32
CA GLU A 4 6.51 6.59 54.15
C GLU A 4 7.77 7.14 53.49
N VAL A 5 7.79 7.11 52.16
CA VAL A 5 8.92 7.65 51.38
C VAL A 5 8.80 9.16 51.42
N GLN A 6 9.57 9.80 52.30
CA GLN A 6 9.37 11.21 52.59
C GLN A 6 10.71 11.93 52.71
N LEU A 7 10.62 13.26 52.62
CA LEU A 7 11.76 14.17 52.76
C LEU A 7 11.37 15.19 53.81
N VAL A 8 11.86 15.02 55.03
CA VAL A 8 11.57 15.93 56.13
C VAL A 8 12.64 17.01 56.13
N GLU A 9 12.25 18.25 55.85
CA GLU A 9 13.20 19.35 55.79
C GLU A 9 12.95 20.33 56.91
N SER A 10 14.02 21.01 57.32
CA SER A 10 13.99 21.93 58.44
C SER A 10 15.21 22.85 58.33
N GLY A 11 15.33 23.77 59.30
CA GLY A 11 16.46 24.66 59.38
C GLY A 11 16.22 26.06 58.86
N GLY A 12 15.01 26.37 58.40
CA GLY A 12 14.71 27.69 57.91
C GLY A 12 14.12 28.60 58.97
N GLY A 13 13.75 29.80 58.54
CA GLY A 13 13.14 30.77 59.43
C GLY A 13 13.56 32.19 59.16
N LEU A 14 14.02 32.88 60.20
CA LEU A 14 14.45 34.27 60.11
C LEU A 14 15.97 34.36 60.14
N VAL A 15 16.51 35.28 59.35
CA VAL A 15 17.94 35.52 59.30
C VAL A 15 18.17 36.96 58.83
N GLN A 16 19.20 37.59 59.38
CA GLN A 16 19.49 38.98 59.05
C GLN A 16 20.21 39.09 57.70
N PRO A 17 19.99 40.18 56.98
CA PRO A 17 20.64 40.33 55.67
C PRO A 17 22.15 40.25 55.77
N GLY A 18 22.76 39.66 54.74
CA GLY A 18 24.18 39.37 54.78
C GLY A 18 24.55 38.21 55.67
N GLY A 19 23.58 37.50 56.23
CA GLY A 19 23.82 36.41 57.14
C GLY A 19 23.93 35.07 56.42
N SER A 20 23.68 34.01 57.17
CA SER A 20 23.80 32.66 56.65
C SER A 20 22.74 31.78 57.30
N LEU A 21 22.45 30.65 56.64
CA LEU A 21 21.43 29.75 57.13
C LEU A 21 21.61 28.37 56.50
N ARG A 22 21.37 27.33 57.29
CA ARG A 22 21.55 25.95 56.85
C ARG A 22 20.19 25.27 56.75
N LEU A 23 19.95 24.59 55.64
CA LEU A 23 18.72 23.83 55.42
C LEU A 23 19.04 22.35 55.35
N SER A 24 18.34 21.55 56.13
CA SER A 24 18.52 20.11 56.16
C SER A 24 17.31 19.43 55.54
N CYS A 25 17.55 18.37 54.78
CA CYS A 25 16.50 17.57 54.14
C CYS A 25 16.84 16.11 54.38
N ALA A 26 16.24 15.51 55.41
CA ALA A 26 16.47 14.12 55.76
C ALA A 26 15.52 13.23 54.98
N ALA A 27 16.08 12.31 54.22
CA ALA A 27 15.30 11.35 53.45
C ALA A 27 14.98 10.14 54.30
N SER A 28 13.81 9.54 54.04
CA SER A 28 13.42 8.36 54.79
C SER A 28 12.51 7.50 53.92
N GLY A 29 12.79 6.20 53.87
CA GLY A 29 11.92 5.24 53.22
C GLY A 29 12.39 4.75 51.86
N PHE A 30 13.38 5.39 51.26
CA PHE A 30 13.88 4.96 49.96
C PHE A 30 15.41 4.90 50.01
N ASN A 31 16.02 4.58 48.87
CA ASN A 31 17.47 4.53 48.76
C ASN A 31 17.98 5.93 48.46
N PHE A 32 18.61 6.55 49.46
CA PHE A 32 19.04 7.94 49.31
C PHE A 32 20.18 8.07 48.32
N SER A 33 21.17 7.17 48.40
CA SER A 33 22.37 7.29 47.56
C SER A 33 22.00 7.27 46.08
N SER A 34 21.15 6.33 45.68
CA SER A 34 20.81 6.17 44.28
C SER A 34 20.02 7.35 43.71
N SER A 35 19.51 8.24 44.55
CA SER A 35 18.67 9.34 44.11
C SER A 35 19.48 10.61 43.93
N SER A 36 18.84 11.60 43.31
CA SER A 36 19.34 12.96 43.30
C SER A 36 18.42 13.85 44.14
N ILE A 37 19.00 14.84 44.79
CA ILE A 37 18.25 15.73 45.68
C ILE A 37 18.32 17.15 45.13
N HIS A 38 17.23 17.89 45.32
CA HIS A 38 17.01 19.16 44.64
C HIS A 38 16.48 20.17 45.65
N TRP A 39 16.96 21.40 45.53
CA TRP A 39 16.39 22.54 46.25
C TRP A 39 15.81 23.49 45.21
N VAL A 40 14.52 23.81 45.37
CA VAL A 40 13.77 24.67 44.46
C VAL A 40 12.99 25.68 45.30
N ARG A 41 13.12 26.96 44.95
CA ARG A 41 12.54 28.01 45.78
C ARG A 41 11.37 28.69 45.08
N GLN A 42 10.46 29.22 45.90
CA GLN A 42 9.29 29.96 45.42
C GLN A 42 9.15 31.20 46.29
N ALA A 43 9.39 32.38 45.71
CA ALA A 43 9.13 33.59 46.47
C ALA A 43 7.63 33.85 46.50
N PRO A 44 7.13 34.46 47.58
CA PRO A 44 5.69 34.70 47.67
C PRO A 44 5.19 35.57 46.53
N GLY A 45 4.38 34.99 45.66
CA GLY A 45 3.85 35.68 44.51
C GLY A 45 4.59 35.47 43.21
N LYS A 46 5.26 34.33 43.03
CA LYS A 46 5.89 34.00 41.76
C LYS A 46 5.87 32.49 41.59
N GLY A 47 6.37 32.04 40.44
CA GLY A 47 6.44 30.62 40.14
C GLY A 47 7.62 29.96 40.83
N LEU A 48 7.89 28.73 40.40
CA LEU A 48 8.99 27.96 40.97
C LEU A 48 10.31 28.38 40.35
N GLU A 49 11.37 28.32 41.15
CA GLU A 49 12.72 28.66 40.71
C GLU A 49 13.68 27.59 41.18
N TRP A 50 14.38 26.96 40.25
CA TRP A 50 15.37 25.95 40.60
C TRP A 50 16.57 26.60 41.26
N VAL A 51 17.03 26.01 42.37
CA VAL A 51 18.20 26.51 43.10
C VAL A 51 19.41 25.61 42.89
N ALA A 52 19.30 24.34 43.27
CA ALA A 52 20.47 23.47 43.18
C ALA A 52 20.05 22.01 43.10
N SER A 53 20.98 21.18 42.64
CA SER A 53 20.77 19.74 42.55
C SER A 53 22.09 19.04 42.84
N ILE A 54 21.99 17.84 43.42
CA ILE A 54 23.17 17.07 43.80
C ILE A 54 22.86 15.59 43.66
N SER A 55 23.86 14.82 43.27
CA SER A 55 23.79 13.37 43.33
C SER A 55 24.22 12.92 44.73
N SER A 56 23.33 12.22 45.43
CA SER A 56 23.64 11.80 46.79
C SER A 56 24.86 10.89 46.81
N SER A 57 24.87 9.87 45.94
CA SER A 57 25.99 8.94 45.92
C SER A 57 27.22 9.55 45.24
N SER A 58 27.03 10.15 44.07
CA SER A 58 28.16 10.62 43.28
C SER A 58 28.79 11.89 43.84
N GLY A 59 28.02 12.69 44.57
CA GLY A 59 28.53 13.94 45.08
C GLY A 59 28.59 15.09 44.08
N SER A 60 28.26 14.83 42.82
CA SER A 60 28.27 15.89 41.82
C SER A 60 27.20 16.94 42.13
N THR A 61 27.52 18.20 41.83
CA THR A 61 26.64 19.32 42.15
C THR A 61 26.37 20.15 40.90
N SER A 62 25.22 20.82 40.89
CA SER A 62 24.87 21.77 39.84
C SER A 62 24.03 22.87 40.46
N TYR A 63 24.44 24.13 40.22
CA TYR A 63 23.81 25.28 40.83
C TYR A 63 23.20 26.18 39.76
N ALA A 64 22.24 27.00 40.17
CA ALA A 64 21.67 27.99 39.30
C ALA A 64 22.58 29.22 39.21
N ASP A 65 22.55 29.89 38.06
CA ASP A 65 23.39 31.06 37.87
C ASP A 65 23.04 32.18 38.84
N SER A 66 21.81 32.22 39.32
CA SER A 66 21.38 33.30 40.20
C SER A 66 21.96 33.18 41.61
N VAL A 67 22.38 32.00 42.02
CA VAL A 67 22.86 31.79 43.39
C VAL A 67 24.21 31.09 43.37
N LYS A 68 24.90 31.10 42.23
CA LYS A 68 26.18 30.43 42.12
C LYS A 68 27.19 31.05 43.07
N GLY A 69 27.95 30.20 43.75
CA GLY A 69 28.98 30.67 44.65
C GLY A 69 28.47 31.03 46.04
N ARG A 70 27.29 31.63 46.12
CA ARG A 70 26.74 32.01 47.42
C ARG A 70 26.16 30.80 48.16
N PHE A 71 25.41 29.96 47.45
CA PHE A 71 24.87 28.75 48.04
C PHE A 71 25.81 27.57 47.82
N THR A 72 25.60 26.52 48.60
CA THR A 72 26.41 25.30 48.49
C THR A 72 25.57 24.12 48.91
N ILE A 73 25.38 23.16 48.01
CA ILE A 73 24.59 21.97 48.28
C ILE A 73 25.52 20.81 48.59
N SER A 74 25.11 19.96 49.54
CA SER A 74 25.91 18.82 49.96
C SER A 74 24.96 17.69 50.34
N ALA A 75 25.52 16.52 50.60
CA ALA A 75 24.71 15.37 50.99
C ALA A 75 25.57 14.37 51.73
N ASP A 76 25.15 14.02 52.95
CA ASP A 76 25.82 13.00 53.76
C ASP A 76 24.97 11.74 53.69
N THR A 77 25.52 10.69 53.10
CA THR A 77 24.78 9.44 52.95
C THR A 77 24.69 8.69 54.28
N SER A 78 25.73 8.78 55.12
CA SER A 78 25.65 8.19 56.45
C SER A 78 24.55 8.83 57.28
N LYS A 79 24.56 10.16 57.36
CA LYS A 79 23.46 10.89 57.97
C LYS A 79 22.17 10.75 57.16
N ASN A 80 22.26 10.29 55.91
CA ASN A 80 21.09 10.01 55.08
C ASN A 80 20.27 11.28 54.87
N THR A 81 20.97 12.35 54.49
CA THR A 81 20.36 13.69 54.50
C THR A 81 21.15 14.62 53.59
N ALA A 82 20.44 15.46 52.84
CA ALA A 82 21.05 16.50 52.03
C ALA A 82 20.96 17.84 52.74
N TYR A 83 21.79 18.78 52.29
CA TYR A 83 21.96 20.05 52.96
C TYR A 83 22.13 21.17 51.94
N LEU A 84 21.62 22.34 52.28
CA LEU A 84 21.81 23.56 51.50
C LEU A 84 22.30 24.65 52.43
N GLN A 85 23.58 25.01 52.30
CA GLN A 85 24.16 26.11 53.06
C GLN A 85 24.03 27.39 52.25
N MET A 86 23.52 28.44 52.89
CA MET A 86 23.18 29.69 52.23
C MET A 86 23.93 30.83 52.88
N ASN A 87 24.64 31.61 52.07
CA ASN A 87 25.48 32.69 52.56
C ASN A 87 25.15 33.97 51.79
N SER A 88 25.45 35.10 52.42
CA SER A 88 25.21 36.42 51.82
C SER A 88 23.73 36.60 51.47
N LEU A 89 22.85 36.14 52.35
CA LEU A 89 21.42 36.19 52.09
C LEU A 89 20.94 37.62 51.96
N ARG A 90 19.93 37.82 51.13
CA ARG A 90 19.48 39.16 50.74
C ARG A 90 17.96 39.16 50.72
N ALA A 91 17.39 40.25 50.20
CA ALA A 91 15.93 40.38 50.15
C ALA A 91 15.33 39.46 49.11
N GLU A 92 16.04 39.22 48.00
CA GLU A 92 15.52 38.32 46.96
C GLU A 92 15.39 36.89 47.48
N ASP A 93 16.29 36.48 48.37
CA ASP A 93 16.32 35.11 48.86
C ASP A 93 15.16 34.78 49.78
N THR A 94 14.36 35.77 50.17
CA THR A 94 13.19 35.53 51.02
C THR A 94 12.17 34.72 50.23
N ALA A 95 12.02 33.44 50.58
CA ALA A 95 11.17 32.56 49.80
C ALA A 95 10.93 31.27 50.57
N VAL A 96 9.98 30.46 50.09
CA VAL A 96 9.75 29.13 50.62
C VAL A 96 10.57 28.15 49.79
N TYR A 97 11.44 27.40 50.46
CA TYR A 97 12.32 26.47 49.79
C TYR A 97 11.80 25.04 49.95
N TYR A 98 11.84 24.29 48.87
CA TYR A 98 11.33 22.93 48.78
C TYR A 98 12.46 21.98 48.45
N CYS A 99 12.40 20.79 49.05
CA CYS A 99 13.35 19.71 48.79
C CYS A 99 12.65 18.64 47.96
N ALA A 100 13.29 18.21 46.88
CA ALA A 100 12.71 17.21 46.00
C ALA A 100 13.76 16.14 45.68
N ARG A 101 13.31 15.07 45.05
CA ARG A 101 14.22 13.99 44.67
C ARG A 101 13.90 13.50 43.26
N THR A 102 14.87 12.80 42.68
CA THR A 102 14.66 11.94 41.52
C THR A 102 15.33 10.61 41.85
N TYR A 103 14.49 9.63 42.20
CA TYR A 103 14.87 8.25 42.43
C TYR A 103 14.37 7.45 41.24
N GLY A 104 15.29 6.86 40.48
CA GLY A 104 14.96 6.57 39.10
C GLY A 104 15.31 5.23 38.48
N TRP A 105 16.12 5.30 37.42
CA TRP A 105 16.13 4.48 36.22
C TRP A 105 14.95 4.86 35.32
N TYR A 106 13.93 5.48 35.93
CA TYR A 106 12.77 6.05 35.26
C TYR A 106 12.89 7.56 35.16
N TYR A 107 12.91 8.18 36.33
CA TYR A 107 12.77 9.61 36.49
C TYR A 107 14.10 10.32 36.33
N SER A 108 15.20 9.57 36.38
CA SER A 108 16.51 10.13 36.10
C SER A 108 16.73 10.31 34.61
N TRP A 109 16.16 9.44 33.79
CA TRP A 109 16.21 9.65 32.35
C TRP A 109 15.16 10.64 31.89
N TRP A 110 14.48 11.31 32.83
CA TRP A 110 13.59 12.41 32.51
C TRP A 110 13.71 13.61 33.44
N TRP A 111 14.33 13.49 34.61
CA TRP A 111 14.46 14.60 35.58
C TRP A 111 13.09 15.11 36.00
N ALA A 112 12.42 14.26 36.79
CA ALA A 112 10.96 14.29 36.88
C ALA A 112 10.45 15.64 37.40
N PHE A 113 10.75 16.07 38.64
CA PHE A 113 11.25 15.36 39.83
C PHE A 113 10.05 14.63 40.43
N ASP A 114 10.24 13.42 40.95
CA ASP A 114 9.08 12.61 41.32
C ASP A 114 8.44 13.06 42.63
N TYR A 115 9.22 13.15 43.71
CA TYR A 115 8.68 13.49 45.02
C TYR A 115 9.22 14.84 45.49
N TRP A 116 8.41 15.53 46.28
CA TRP A 116 8.70 16.89 46.74
C TRP A 116 8.52 16.97 48.25
N GLY A 117 9.48 17.60 48.92
CA GLY A 117 9.30 17.92 50.33
C GLY A 117 8.28 19.01 50.55
N GLN A 118 7.82 19.13 51.79
CA GLN A 118 6.65 19.93 52.06
C GLN A 118 6.91 21.43 52.07
N GLY A 119 8.14 21.85 52.30
CA GLY A 119 8.44 23.27 52.18
C GLY A 119 8.79 23.90 53.53
N THR A 120 9.71 24.86 53.49
CA THR A 120 10.06 25.62 54.68
C THR A 120 10.39 27.05 54.29
N LEU A 121 9.97 28.01 55.13
CA LEU A 121 10.08 29.42 54.80
C LEU A 121 11.40 30.01 55.29
N VAL A 122 11.96 30.90 54.47
CA VAL A 122 13.18 31.64 54.82
C VAL A 122 12.87 33.11 54.55
N THR A 123 12.65 33.88 55.61
CA THR A 123 12.42 35.32 55.53
C THR A 123 13.68 36.05 55.98
N VAL A 124 14.23 36.88 55.09
CA VAL A 124 15.43 37.66 55.39
C VAL A 124 14.97 39.06 55.76
N SER A 125 15.13 39.42 57.03
CA SER A 125 14.70 40.74 57.51
C SER A 125 15.61 41.14 58.66
N SER A 126 15.41 42.36 59.15
CA SER A 126 16.21 42.92 60.23
C SER A 126 15.54 42.81 61.60
N ALA A 127 14.22 42.99 61.66
CA ALA A 127 13.50 43.01 62.92
C ALA A 127 13.62 41.66 63.63
N SER A 128 13.25 41.67 64.90
CA SER A 128 13.46 40.53 65.79
C SER A 128 12.21 39.66 65.88
N THR A 129 12.40 38.47 66.45
CA THR A 129 11.31 37.51 66.60
C THR A 129 10.33 37.98 67.66
N LYS A 130 9.04 37.68 67.44
CA LYS A 130 8.01 37.99 68.41
C LYS A 130 6.96 36.89 68.43
N GLY A 131 6.54 36.51 69.62
CA GLY A 131 5.48 35.56 69.80
C GLY A 131 4.11 36.20 69.63
N PRO A 132 3.13 35.39 69.21
CA PRO A 132 1.79 35.92 68.97
C PRO A 132 0.95 35.99 70.25
N SER A 133 -0.17 36.69 70.14
CA SER A 133 -1.18 36.77 71.17
C SER A 133 -2.44 36.06 70.66
N VAL A 134 -2.94 35.12 71.46
CA VAL A 134 -4.06 34.27 71.09
C VAL A 134 -5.29 34.75 71.85
N PHE A 135 -6.27 35.27 71.11
CA PHE A 135 -7.47 35.87 71.70
C PHE A 135 -8.70 35.13 71.20
N PRO A 136 -9.45 34.44 72.06
CA PRO A 136 -10.66 33.76 71.59
C PRO A 136 -11.68 34.73 71.00
N LEU A 137 -12.55 34.19 70.15
CA LEU A 137 -13.59 34.95 69.46
C LEU A 137 -14.93 34.35 69.88
N ALA A 138 -15.72 35.12 70.62
CA ALA A 138 -16.88 34.60 71.35
C ALA A 138 -18.04 34.30 70.41
N PRO A 139 -18.73 33.17 70.60
CA PRO A 139 -19.96 32.90 69.84
C PRO A 139 -21.10 33.84 70.25
N SER A 140 -22.28 33.63 69.69
CA SER A 140 -23.43 34.49 69.93
C SER A 140 -24.50 33.83 70.79
N SER A 141 -25.00 32.67 70.38
CA SER A 141 -26.09 32.01 71.11
C SER A 141 -25.56 31.04 72.15
N GLY A 146 -28.93 23.26 66.05
CA GLY A 146 -28.11 22.21 65.47
C GLY A 146 -27.32 22.68 64.26
N GLY A 147 -26.92 23.94 64.27
CA GLY A 147 -26.16 24.49 63.17
C GLY A 147 -25.93 25.97 63.38
N THR A 148 -25.10 26.54 62.50
CA THR A 148 -24.83 27.98 62.47
C THR A 148 -24.26 28.46 63.81
N ALA A 149 -23.05 27.99 64.11
CA ALA A 149 -22.29 28.48 65.26
C ALA A 149 -20.88 28.77 64.77
N ALA A 150 -20.63 30.02 64.39
CA ALA A 150 -19.31 30.43 63.91
C ALA A 150 -18.52 30.97 65.10
N LEU A 151 -17.43 30.28 65.45
CA LEU A 151 -16.57 30.71 66.54
C LEU A 151 -15.11 30.63 66.08
N GLY A 152 -14.17 30.88 66.97
CA GLY A 152 -12.78 30.72 66.59
C GLY A 152 -11.86 31.46 67.54
N CYS A 153 -10.65 31.73 67.03
CA CYS A 153 -9.69 32.51 67.79
C CYS A 153 -8.81 33.29 66.83
N LEU A 154 -8.40 34.48 67.27
CA LEU A 154 -7.55 35.38 66.53
C LEU A 154 -6.12 35.28 67.06
N VAL A 155 -5.16 35.46 66.15
CA VAL A 155 -3.73 35.36 66.48
C VAL A 155 -3.06 36.62 65.96
N LYS A 156 -2.66 37.51 66.87
CA LYS A 156 -2.23 38.85 66.50
C LYS A 156 -0.79 39.08 66.94
N ASP A 157 -0.10 39.97 66.20
CA ASP A 157 1.18 40.54 66.62
C ASP A 157 2.25 39.46 66.76
N TYR A 158 2.55 38.81 65.63
CA TYR A 158 3.66 37.87 65.55
C TYR A 158 4.50 38.19 64.34
N PHE A 159 5.78 37.83 64.42
CA PHE A 159 6.75 38.03 63.36
C PHE A 159 8.00 37.21 63.66
N PRO A 160 8.54 36.45 62.69
CA PRO A 160 8.06 36.33 61.30
C PRO A 160 7.02 35.23 61.10
N GLU A 161 6.64 35.01 59.85
CA GLU A 161 5.77 33.89 59.48
C GLU A 161 6.45 32.57 59.83
N PRO A 162 5.68 31.47 59.93
CA PRO A 162 4.21 31.35 59.92
C PRO A 162 3.62 30.96 61.27
N VAL A 163 2.30 30.94 61.36
CA VAL A 163 1.58 30.41 62.52
C VAL A 163 0.80 29.19 62.08
N THR A 164 1.00 28.07 62.78
CA THR A 164 0.37 26.80 62.46
C THR A 164 -0.80 26.60 63.43
N VAL A 165 -2.01 26.87 62.95
CA VAL A 165 -3.22 26.78 63.77
C VAL A 165 -3.91 25.45 63.51
N SER A 166 -4.35 24.81 64.58
CA SER A 166 -5.20 23.62 64.47
C SER A 166 -6.38 23.76 65.42
N TRP A 167 -7.17 22.69 65.57
CA TRP A 167 -8.31 22.69 66.49
C TRP A 167 -8.40 21.32 67.14
N ASN A 168 -8.19 21.29 68.46
CA ASN A 168 -8.25 20.06 69.25
C ASN A 168 -7.28 19.01 68.73
N SER A 169 -6.07 19.45 68.38
CA SER A 169 -5.01 18.56 67.90
C SER A 169 -5.45 17.77 66.67
N GLY A 170 -6.09 18.45 65.73
CA GLY A 170 -6.55 17.81 64.51
C GLY A 170 -7.86 17.06 64.62
N ALA A 171 -8.57 17.19 65.74
CA ALA A 171 -9.87 16.53 65.86
C ALA A 171 -10.94 17.26 65.07
N LEU A 172 -10.98 18.59 65.18
CA LEU A 172 -11.92 19.42 64.44
C LEU A 172 -11.22 19.93 63.19
N THR A 173 -11.53 19.30 62.05
CA THR A 173 -10.96 19.68 60.77
C THR A 173 -11.97 20.30 59.82
N SER A 174 -13.15 19.68 59.68
CA SER A 174 -14.16 20.19 58.77
C SER A 174 -14.76 21.47 59.32
N GLY A 175 -14.88 22.48 58.45
CA GLY A 175 -15.43 23.77 58.82
C GLY A 175 -14.40 24.83 59.16
N VAL A 176 -13.12 24.47 59.21
CA VAL A 176 -12.06 25.41 59.58
C VAL A 176 -11.72 26.29 58.38
N HIS A 177 -11.54 27.58 58.64
CA HIS A 177 -11.19 28.56 57.62
C HIS A 177 -10.05 29.46 58.10
N THR A 178 -8.98 28.84 58.57
CA THR A 178 -7.78 29.58 58.97
C THR A 178 -7.32 30.51 57.85
N PHE A 179 -7.34 31.81 58.14
CA PHE A 179 -7.08 32.84 57.16
C PHE A 179 -5.58 33.04 56.94
N PRO A 180 -5.20 33.64 55.82
CA PRO A 180 -3.82 34.10 55.66
C PRO A 180 -3.58 35.40 56.42
N ALA A 181 -2.31 35.64 56.72
CA ALA A 181 -1.96 36.77 57.57
C ALA A 181 -1.98 38.08 56.78
N VAL A 182 -2.01 39.19 57.53
CA VAL A 182 -1.89 40.53 56.99
C VAL A 182 -0.79 41.26 57.76
N LEU A 183 -0.50 42.50 57.34
CA LEU A 183 0.71 43.18 57.77
C LEU A 183 0.49 44.19 58.90
N GLN A 184 -0.65 44.88 58.93
CA GLN A 184 -0.99 45.81 60.01
C GLN A 184 0.15 46.80 60.30
N SER A 185 0.24 47.85 59.48
CA SER A 185 1.44 48.63 59.17
C SER A 185 2.52 48.66 60.26
N SER A 186 2.13 48.61 61.53
CA SER A 186 3.08 48.47 62.64
C SER A 186 4.24 47.55 62.31
N GLY A 187 3.96 46.40 61.70
CA GLY A 187 5.02 45.53 61.22
C GLY A 187 4.98 44.12 61.77
N LEU A 188 3.80 43.68 62.22
CA LEU A 188 3.63 42.35 62.77
C LEU A 188 2.49 41.66 62.02
N TYR A 189 2.51 40.34 62.01
CA TYR A 189 1.47 39.62 61.30
C TYR A 189 0.29 39.32 62.22
N SER A 190 -0.90 39.26 61.63
CA SER A 190 -2.14 39.09 62.39
C SER A 190 -3.16 38.37 61.52
N LEU A 191 -3.60 37.20 61.97
CA LEU A 191 -4.58 36.41 61.24
C LEU A 191 -5.70 35.99 62.16
N SER A 192 -6.74 35.41 61.57
CA SER A 192 -7.86 34.84 62.30
C SER A 192 -7.93 33.35 62.00
N SER A 193 -8.73 32.64 62.81
CA SER A 193 -8.95 31.21 62.59
C SER A 193 -10.37 30.90 63.07
N VAL A 194 -11.28 30.70 62.12
CA VAL A 194 -12.68 30.51 62.41
C VAL A 194 -13.07 29.06 62.09
N VAL A 195 -14.18 28.63 62.70
CA VAL A 195 -14.74 27.32 62.45
C VAL A 195 -16.23 27.37 62.76
N THR A 196 -17.02 26.68 61.94
CA THR A 196 -18.46 26.60 62.09
C THR A 196 -18.86 25.24 62.63
N VAL A 197 -19.76 25.22 63.61
CA VAL A 197 -20.22 24.00 64.25
C VAL A 197 -21.71 24.08 64.48
N PRO A 198 -22.37 22.99 64.90
CA PRO A 198 -23.76 23.10 65.36
C PRO A 198 -23.84 23.88 66.67
N SER A 199 -24.79 24.81 66.74
CA SER A 199 -24.95 25.61 67.94
C SER A 199 -25.50 24.80 69.12
N SER A 200 -26.18 23.69 68.84
CA SER A 200 -26.71 22.85 69.90
C SER A 200 -25.61 22.11 70.66
N SER A 201 -24.41 22.02 70.11
CA SER A 201 -23.30 21.32 70.73
C SER A 201 -22.33 22.26 71.43
N LEU A 202 -22.77 23.45 71.82
CA LEU A 202 -21.95 24.38 72.59
C LEU A 202 -21.95 23.90 74.04
N GLY A 203 -21.11 22.91 74.31
CA GLY A 203 -21.06 22.26 75.60
C GLY A 203 -20.85 20.77 75.47
N THR A 204 -21.03 20.26 74.25
CA THR A 204 -20.81 18.84 73.99
C THR A 204 -19.34 18.53 73.78
N GLN A 205 -18.69 19.24 72.86
CA GLN A 205 -17.27 19.10 72.60
C GLN A 205 -16.50 20.32 73.10
N THR A 206 -15.24 20.11 73.43
CA THR A 206 -14.34 21.17 73.84
C THR A 206 -13.68 21.76 72.59
N TYR A 207 -13.68 23.08 72.50
CA TYR A 207 -13.20 23.79 71.31
C TYR A 207 -11.91 24.53 71.66
N ILE A 208 -10.78 23.87 71.43
CA ILE A 208 -9.46 24.43 71.68
C ILE A 208 -8.75 24.62 70.34
N CYS A 209 -8.23 25.83 70.11
CA CYS A 209 -7.40 26.10 68.94
C CYS A 209 -5.93 26.06 69.36
N ASN A 210 -5.18 25.14 68.75
CA ASN A 210 -3.81 24.84 69.18
C ASN A 210 -2.85 25.66 68.32
N VAL A 211 -2.61 26.90 68.72
CA VAL A 211 -1.74 27.81 67.98
C VAL A 211 -0.29 27.46 68.28
N ASN A 212 0.58 27.61 67.27
CA ASN A 212 2.00 27.36 67.43
C ASN A 212 2.78 28.33 66.57
N HIS A 213 3.90 28.81 67.10
CA HIS A 213 4.79 29.74 66.40
C HIS A 213 6.22 29.31 66.73
N LYS A 214 6.78 28.47 65.86
CA LYS A 214 8.09 27.88 66.12
C LYS A 214 9.25 28.87 66.20
N PRO A 215 9.28 29.96 65.43
CA PRO A 215 10.37 30.94 65.61
C PRO A 215 10.46 31.51 67.02
N SER A 216 9.36 31.51 67.77
CA SER A 216 9.37 32.01 69.15
C SER A 216 8.95 30.95 70.16
N ASN A 217 8.78 29.69 69.73
CA ASN A 217 8.43 28.57 70.61
C ASN A 217 7.12 28.81 71.34
N THR A 218 6.24 29.62 70.76
CA THR A 218 4.97 29.99 71.40
C THR A 218 3.95 28.89 71.13
N LYS A 219 3.95 27.88 72.00
CA LYS A 219 3.03 26.75 71.89
C LYS A 219 1.88 27.00 72.86
N VAL A 220 0.78 27.55 72.35
CA VAL A 220 -0.33 28.02 73.16
C VAL A 220 -1.59 27.24 72.81
N ASP A 221 -2.32 26.82 73.83
CA ASP A 221 -3.62 26.17 73.68
C ASP A 221 -4.67 27.02 74.38
N LYS A 222 -5.72 27.38 73.65
CA LYS A 222 -6.78 28.22 74.20
C LYS A 222 -8.14 27.69 73.80
N LYS A 223 -9.03 27.53 74.76
CA LYS A 223 -10.41 27.14 74.50
C LYS A 223 -11.25 28.38 74.22
N VAL A 224 -12.31 28.18 73.44
CA VAL A 224 -13.26 29.23 73.11
C VAL A 224 -14.64 28.79 73.59
N GLU A 225 -15.36 29.69 74.26
CA GLU A 225 -16.69 29.39 74.78
C GLU A 225 -17.43 30.70 74.95
N PRO A 226 -18.78 30.70 74.80
CA PRO A 226 -19.59 31.92 74.86
C PRO A 226 -19.38 32.74 76.13
N ASP B 2 19.85 28.70 28.66
CA ASP B 2 18.88 29.65 28.12
C ASP B 2 17.67 28.92 27.52
N ILE B 3 17.36 27.75 28.06
CA ILE B 3 16.25 26.94 27.57
C ILE B 3 14.97 27.53 28.16
N GLN B 4 14.24 28.31 27.36
CA GLN B 4 13.10 29.05 27.86
C GLN B 4 11.81 28.25 27.71
N MET B 5 10.95 28.36 28.74
CA MET B 5 9.65 27.71 28.77
C MET B 5 8.62 28.80 29.01
N THR B 6 7.77 29.06 28.01
CA THR B 6 6.73 30.08 28.09
C THR B 6 5.39 29.39 28.28
N GLN B 7 4.79 29.55 29.45
CA GLN B 7 3.55 28.89 29.81
C GLN B 7 2.40 29.89 29.74
N SER B 8 1.26 29.43 29.23
CA SER B 8 0.09 30.28 29.03
C SER B 8 -1.16 29.43 29.21
N PRO B 9 -2.28 30.04 29.65
CA PRO B 9 -2.35 31.42 30.10
C PRO B 9 -1.86 31.56 31.54
N SER B 10 -1.85 32.78 32.07
CA SER B 10 -1.49 32.96 33.47
C SER B 10 -2.64 32.53 34.38
N SER B 11 -3.85 33.01 34.10
CA SER B 11 -5.02 32.67 34.89
C SER B 11 -6.14 32.21 33.97
N LEU B 12 -7.03 31.38 34.51
CA LEU B 12 -8.20 30.92 33.78
C LEU B 12 -9.27 30.53 34.79
N SER B 13 -10.53 30.70 34.38
CA SER B 13 -11.67 30.34 35.22
C SER B 13 -12.68 29.59 34.38
N ALA B 14 -12.90 28.32 34.71
CA ALA B 14 -13.86 27.48 34.01
C ALA B 14 -14.71 26.74 35.03
N SER B 15 -15.97 26.51 34.66
CA SER B 15 -16.90 25.82 35.54
C SER B 15 -16.50 24.36 35.72
N VAL B 16 -17.16 23.69 36.66
CA VAL B 16 -16.88 22.28 36.93
C VAL B 16 -17.32 21.45 35.74
N GLY B 17 -16.43 20.57 35.27
CA GLY B 17 -16.71 19.73 34.13
C GLY B 17 -16.16 20.25 32.82
N ASP B 18 -15.84 21.54 32.74
CA ASP B 18 -15.29 22.11 31.52
C ASP B 18 -13.92 21.50 31.22
N ARG B 19 -13.46 21.71 29.99
CA ARG B 19 -12.23 21.12 29.50
C ARG B 19 -11.14 22.20 29.48
N VAL B 20 -10.10 22.01 30.29
CA VAL B 20 -9.07 23.02 30.51
C VAL B 20 -7.83 22.65 29.69
N THR B 21 -7.25 23.66 29.03
CA THR B 21 -6.04 23.48 28.24
C THR B 21 -4.97 24.48 28.70
N ILE B 22 -3.74 23.99 28.83
CA ILE B 22 -2.61 24.81 29.26
C ILE B 22 -1.46 24.56 28.29
N THR B 23 -0.95 25.62 27.67
CA THR B 23 0.11 25.54 26.70
C THR B 23 1.44 25.90 27.36
N CYS B 24 2.51 25.22 26.94
CA CYS B 24 3.87 25.54 27.39
C CYS B 24 4.81 25.34 26.22
N ARG B 25 5.39 26.42 25.71
CA ARG B 25 6.24 26.36 24.53
C ARG B 25 7.71 26.45 24.93
N ALA B 26 8.50 25.50 24.45
CA ALA B 26 9.94 25.54 24.57
C ALA B 26 10.55 26.25 23.38
N SER B 27 11.82 26.63 23.52
CA SER B 27 12.50 27.39 22.49
C SER B 27 13.23 26.53 21.47
N GLN B 28 13.31 25.21 21.69
CA GLN B 28 13.97 24.33 20.74
C GLN B 28 13.48 22.90 20.98
N SER B 29 13.95 21.97 20.15
CA SER B 29 13.55 20.57 20.24
C SER B 29 14.17 19.94 21.48
N VAL B 30 13.34 19.74 22.51
CA VAL B 30 13.71 19.20 23.81
C VAL B 30 12.98 17.88 23.98
N SER B 31 12.94 17.09 22.89
CA SER B 31 11.75 16.38 22.41
C SER B 31 10.73 16.03 23.48
N SER B 32 11.13 15.39 24.58
CA SER B 32 10.11 15.00 25.54
C SER B 32 10.52 15.23 26.99
N ALA B 33 11.48 16.13 27.25
CA ALA B 33 11.97 16.36 28.60
C ALA B 33 10.95 17.03 29.51
N VAL B 34 9.78 17.37 29.01
CA VAL B 34 8.86 18.25 29.73
C VAL B 34 8.08 17.47 30.78
N ALA B 35 7.83 18.11 31.93
CA ALA B 35 6.99 17.57 32.98
C ALA B 35 5.94 18.60 33.35
N TRP B 36 4.88 18.12 33.99
CA TRP B 36 3.76 18.93 34.42
C TRP B 36 3.45 18.66 35.89
N TYR B 37 3.20 19.74 36.63
CA TYR B 37 3.06 19.73 38.09
C TYR B 37 1.81 20.46 38.54
N GLN B 38 1.14 19.86 39.52
CA GLN B 38 0.04 20.48 40.24
C GLN B 38 0.56 20.95 41.60
N GLN B 39 0.23 22.19 41.98
CA GLN B 39 0.58 22.71 43.29
C GLN B 39 -0.66 23.37 43.89
N LYS B 40 -1.17 22.80 44.98
CA LYS B 40 -2.22 23.43 45.74
C LYS B 40 -1.60 24.42 46.73
N PRO B 41 -2.32 25.50 47.06
CA PRO B 41 -1.66 26.65 47.69
C PRO B 41 -0.93 26.29 48.99
N GLY B 42 0.27 26.84 49.13
CA GLY B 42 1.08 26.63 50.32
C GLY B 42 1.59 25.23 50.52
N LYS B 43 1.27 24.29 49.64
CA LYS B 43 1.63 22.90 49.79
C LYS B 43 2.74 22.54 48.81
N ALA B 44 3.17 21.29 48.87
CA ALA B 44 4.25 20.84 48.01
C ALA B 44 3.74 20.59 46.60
N PRO B 45 4.52 20.94 45.57
CA PRO B 45 4.17 20.54 44.21
C PRO B 45 4.15 19.03 44.07
N LYS B 46 3.26 18.54 43.22
CA LYS B 46 3.16 17.11 42.93
C LYS B 46 3.30 16.88 41.44
N LEU B 47 3.94 15.76 41.09
CA LEU B 47 4.18 15.44 39.69
C LEU B 47 2.92 14.87 39.05
N LEU B 48 2.42 15.54 38.02
CA LEU B 48 1.33 15.00 37.22
C LEU B 48 1.85 14.20 36.04
N ILE B 49 2.71 14.81 35.22
CA ILE B 49 3.11 14.23 33.95
C ILE B 49 4.63 14.27 33.84
N TYR B 50 5.22 13.17 33.42
CA TYR B 50 6.61 13.13 32.99
C TYR B 50 6.66 12.63 31.56
N SER B 51 7.81 12.83 30.91
CA SER B 51 8.00 12.52 29.49
C SER B 51 7.05 13.30 28.59
N ALA B 52 6.33 14.29 29.15
CA ALA B 52 5.43 15.20 28.45
C ALA B 52 4.15 14.50 27.98
N SER B 53 4.12 13.19 28.07
CA SER B 53 2.94 12.39 27.77
C SER B 53 2.62 11.37 28.85
N SER B 54 3.64 10.80 29.49
CA SER B 54 3.43 9.72 30.44
C SER B 54 2.88 10.25 31.76
N LEU B 55 1.93 9.52 32.33
CA LEU B 55 1.20 9.95 33.51
C LEU B 55 1.79 9.31 34.76
N TYR B 56 2.07 10.13 35.76
CA TYR B 56 2.68 9.65 37.00
C TYR B 56 1.72 8.73 37.74
N SER B 57 2.28 7.66 38.32
CA SER B 57 1.48 6.64 38.98
C SER B 57 0.65 7.23 40.12
N GLY B 58 -0.67 7.23 39.95
CA GLY B 58 -1.58 7.79 40.95
C GLY B 58 -2.36 9.01 40.50
N VAL B 59 -2.09 9.53 39.30
CA VAL B 59 -2.77 10.72 38.80
C VAL B 59 -4.09 10.29 38.17
N PRO B 60 -5.18 11.03 38.36
CA PRO B 60 -6.45 10.67 37.72
C PRO B 60 -6.36 10.70 36.20
N SER B 61 -7.29 9.98 35.56
CA SER B 61 -7.26 9.83 34.12
C SER B 61 -7.61 11.10 33.37
N ARG B 62 -8.22 12.08 34.04
CA ARG B 62 -8.62 13.31 33.38
C ARG B 62 -7.45 14.21 33.01
N PHE B 63 -6.26 13.97 33.57
CA PHE B 63 -5.06 14.71 33.21
C PHE B 63 -4.35 14.01 32.07
N SER B 64 -4.00 14.76 31.03
CA SER B 64 -3.28 14.18 29.90
C SER B 64 -2.27 15.19 29.37
N GLY B 65 -1.18 14.66 28.81
CA GLY B 65 -0.14 15.49 28.24
C GLY B 65 0.11 15.21 26.78
N SER B 66 0.20 16.26 25.97
CA SER B 66 0.36 16.13 24.52
C SER B 66 1.50 17.03 24.05
N ARG B 67 1.95 16.78 22.82
CA ARG B 67 3.11 17.45 22.25
C ARG B 67 2.86 17.80 20.79
N SER B 68 3.31 19.00 20.39
CA SER B 68 3.37 19.38 18.97
C SER B 68 4.72 20.04 18.70
N GLY B 69 5.73 19.22 18.43
CA GLY B 69 7.02 19.70 17.97
C GLY B 69 7.82 20.45 19.01
N THR B 70 7.36 21.66 19.34
CA THR B 70 8.00 22.51 20.34
C THR B 70 6.99 23.06 21.34
N ASP B 71 5.77 22.55 21.33
CA ASP B 71 4.66 23.14 22.09
C ASP B 71 3.95 22.02 22.83
N PHE B 72 4.07 21.99 24.14
CA PHE B 72 3.52 20.94 24.99
C PHE B 72 2.22 21.44 25.62
N THR B 73 1.33 20.50 25.94
CA THR B 73 0.00 20.88 26.38
C THR B 73 -0.49 19.95 27.49
N LEU B 74 -0.99 20.55 28.57
CA LEU B 74 -1.66 19.83 29.63
C LEU B 74 -3.17 20.03 29.48
N THR B 75 -3.90 18.92 29.43
CA THR B 75 -5.35 18.97 29.24
C THR B 75 -6.06 18.26 30.37
N ILE B 76 -7.03 18.94 30.96
CA ILE B 76 -7.92 18.39 31.98
C ILE B 76 -9.28 18.20 31.31
N SER B 77 -9.70 16.94 31.20
CA SER B 77 -10.93 16.64 30.46
C SER B 77 -12.15 17.19 31.19
N SER B 78 -12.39 16.74 32.41
CA SER B 78 -13.52 17.20 33.23
C SER B 78 -12.95 17.89 34.46
N LEU B 79 -12.98 19.22 34.46
CA LEU B 79 -12.42 19.99 35.56
C LEU B 79 -13.21 19.73 36.84
N GLN B 80 -12.52 19.25 37.86
CA GLN B 80 -13.11 18.99 39.15
C GLN B 80 -12.80 20.13 40.12
N PRO B 81 -13.64 20.33 41.14
CA PRO B 81 -13.41 21.46 42.05
C PRO B 81 -12.12 21.34 42.84
N GLU B 82 -11.64 20.13 43.12
CA GLU B 82 -10.35 19.96 43.79
C GLU B 82 -9.17 20.17 42.86
N ASP B 83 -9.40 20.29 41.55
CA ASP B 83 -8.34 20.61 40.61
C ASP B 83 -7.94 22.08 40.64
N PHE B 84 -8.56 22.88 41.51
CA PHE B 84 -8.09 24.23 41.79
C PHE B 84 -6.65 24.18 42.28
N ALA B 85 -5.73 24.73 41.50
CA ALA B 85 -4.31 24.70 41.84
C ALA B 85 -3.59 25.66 40.92
N THR B 86 -2.25 25.62 40.97
CA THR B 86 -1.38 26.25 40.00
C THR B 86 -0.56 25.17 39.33
N TYR B 87 -0.47 25.20 38.01
CA TYR B 87 0.17 24.16 37.23
C TYR B 87 1.44 24.71 36.59
N TYR B 88 2.51 23.93 36.67
CA TYR B 88 3.82 24.34 36.19
C TYR B 88 4.37 23.32 35.19
N CYS B 89 4.96 23.82 34.11
CA CYS B 89 5.67 22.99 33.14
C CYS B 89 7.17 23.13 33.35
N GLN B 90 7.89 22.03 33.16
CA GLN B 90 9.29 21.94 33.55
C GLN B 90 10.16 21.52 32.36
N GLN B 91 11.43 21.91 32.42
CA GLN B 91 12.46 21.39 31.53
C GLN B 91 13.15 20.20 32.23
N GLY B 92 14.26 19.73 31.70
CA GLY B 92 14.99 18.67 32.39
C GLY B 92 16.42 18.51 31.92
N ASP B 93 17.34 18.51 32.88
CA ASP B 93 18.77 18.34 32.66
C ASP B 93 19.42 18.31 34.03
N PRO B 94 20.51 17.57 34.24
CA PRO B 94 21.27 17.75 35.49
C PRO B 94 21.84 19.13 35.66
N ARG B 95 22.34 19.73 34.58
CA ARG B 95 23.08 20.97 34.68
C ARG B 95 22.21 22.22 34.71
N LEU B 96 20.91 22.09 34.41
CA LEU B 96 20.02 23.26 34.41
C LEU B 96 18.58 22.77 34.40
N VAL B 97 17.73 23.45 35.18
CA VAL B 97 16.31 23.15 35.26
C VAL B 97 15.54 24.47 35.28
N THR B 98 14.60 24.62 34.37
CA THR B 98 13.73 25.79 34.33
C THR B 98 12.27 25.36 34.36
N PHE B 99 11.44 26.19 34.96
CA PHE B 99 10.00 25.99 35.03
C PHE B 99 9.28 27.02 34.18
N GLY B 100 7.98 26.83 34.04
CA GLY B 100 7.14 27.81 33.41
C GLY B 100 6.66 28.88 34.38
N GLN B 101 6.08 29.94 33.82
CA GLN B 101 5.56 31.01 34.66
C GLN B 101 4.40 30.53 35.53
N GLY B 102 3.74 29.46 35.15
CA GLY B 102 2.65 28.90 35.92
C GLY B 102 1.30 29.30 35.36
N THR B 103 0.29 28.47 35.63
CA THR B 103 -1.09 28.73 35.24
C THR B 103 -1.99 28.41 36.41
N LYS B 104 -2.66 29.43 36.95
CA LYS B 104 -3.56 29.25 38.07
C LYS B 104 -4.95 28.93 37.54
N VAL B 105 -5.47 27.75 37.90
CA VAL B 105 -6.78 27.31 37.45
C VAL B 105 -7.80 27.63 38.54
N GLU B 106 -8.74 28.51 38.23
CA GLU B 106 -9.80 28.91 39.14
C GLU B 106 -11.11 28.24 38.75
N ILE B 107 -11.90 27.88 39.74
CA ILE B 107 -13.17 27.19 39.53
C ILE B 107 -14.29 28.22 39.48
N LYS B 108 -15.29 27.97 38.64
CA LYS B 108 -16.47 28.81 38.55
C LYS B 108 -17.70 28.03 38.99
N ARG B 109 -18.53 28.66 39.81
CA ARG B 109 -19.75 28.04 40.31
C ARG B 109 -20.81 29.12 40.47
N THR B 110 -22.02 28.70 40.82
CA THR B 110 -23.15 29.61 40.89
C THR B 110 -22.95 30.62 42.03
N VAL B 111 -23.82 31.63 42.05
CA VAL B 111 -23.72 32.69 43.04
C VAL B 111 -24.00 32.12 44.42
N ALA B 112 -23.23 32.54 45.42
CA ALA B 112 -23.36 32.06 46.78
C ALA B 112 -23.33 33.23 47.75
N ALA B 113 -24.34 33.33 48.60
CA ALA B 113 -24.41 34.37 49.61
C ALA B 113 -23.64 33.95 50.87
N PRO B 114 -22.93 34.88 51.50
CA PRO B 114 -22.08 34.50 52.64
C PRO B 114 -22.86 34.39 53.94
N SER B 115 -22.41 33.46 54.78
CA SER B 115 -22.82 33.44 56.17
C SER B 115 -22.06 34.52 56.91
N VAL B 116 -22.77 35.50 57.45
CA VAL B 116 -22.16 36.70 58.02
C VAL B 116 -22.21 36.60 59.54
N PHE B 117 -21.09 36.94 60.18
CA PHE B 117 -20.97 36.90 61.62
C PHE B 117 -20.12 38.07 62.10
N ILE B 118 -20.27 38.41 63.38
CA ILE B 118 -19.48 39.46 64.01
C ILE B 118 -19.03 38.98 65.37
N PHE B 119 -17.82 39.37 65.77
CA PHE B 119 -17.21 38.93 67.01
C PHE B 119 -16.81 40.13 67.86
N PRO B 120 -17.07 40.08 69.17
CA PRO B 120 -16.64 41.15 70.05
C PRO B 120 -15.17 41.02 70.40
N PRO B 121 -14.51 42.12 70.75
CA PRO B 121 -13.12 42.01 71.21
C PRO B 121 -13.01 41.15 72.45
N SER B 122 -11.90 40.42 72.54
CA SER B 122 -11.71 39.48 73.64
C SER B 122 -11.57 40.22 74.97
N ASP B 123 -11.83 39.48 76.05
CA ASP B 123 -11.69 40.06 77.39
C ASP B 123 -10.24 40.42 77.68
N SER B 124 -9.32 39.50 77.45
CA SER B 124 -7.90 39.78 77.66
C SER B 124 -7.33 40.70 76.60
N GLN B 125 -8.04 40.88 75.47
CA GLN B 125 -7.56 41.82 74.45
C GLN B 125 -7.75 43.26 74.90
N LEU B 126 -8.80 43.54 75.67
CA LEU B 126 -8.99 44.88 76.21
C LEU B 126 -7.90 45.28 77.19
N LYS B 127 -7.15 44.31 77.71
CA LYS B 127 -6.04 44.60 78.61
C LYS B 127 -4.82 45.17 77.87
N SER B 128 -4.84 45.16 76.54
CA SER B 128 -3.73 45.70 75.75
C SER B 128 -3.93 47.18 75.41
N GLY B 129 -5.08 47.75 75.72
CA GLY B 129 -5.39 49.10 75.30
C GLY B 129 -5.81 49.24 73.86
N THR B 130 -6.01 48.12 73.16
CA THR B 130 -6.42 48.13 71.76
C THR B 130 -7.28 46.91 71.51
N ALA B 131 -8.40 47.10 70.81
CA ALA B 131 -9.37 46.05 70.55
C ALA B 131 -9.56 45.87 69.06
N SER B 132 -10.13 44.72 68.69
CA SER B 132 -10.37 44.38 67.29
C SER B 132 -11.75 43.73 67.17
N VAL B 133 -12.48 44.13 66.13
CA VAL B 133 -13.79 43.58 65.83
C VAL B 133 -13.68 42.77 64.54
N VAL B 134 -14.08 41.51 64.59
CA VAL B 134 -13.90 40.58 63.49
C VAL B 134 -15.25 40.33 62.82
N CYS B 135 -15.36 40.69 61.54
CA CYS B 135 -16.55 40.42 60.75
C CYS B 135 -16.21 39.30 59.78
N LEU B 136 -16.93 38.19 59.88
CA LEU B 136 -16.67 36.98 59.12
C LEU B 136 -17.70 36.81 58.01
N LEU B 137 -17.23 36.43 56.82
CA LEU B 137 -18.07 36.16 55.66
C LEU B 137 -17.67 34.79 55.13
N ASN B 138 -18.49 33.77 55.38
CA ASN B 138 -18.11 32.40 55.10
C ASN B 138 -18.87 31.85 53.89
N ASN B 139 -18.16 31.11 53.05
CA ASN B 139 -18.76 30.25 52.01
C ASN B 139 -19.62 31.08 51.04
N PHE B 140 -18.94 31.94 50.28
CA PHE B 140 -19.58 32.76 49.27
C PHE B 140 -18.79 32.73 47.97
N TYR B 141 -19.43 33.21 46.90
CA TYR B 141 -18.85 33.31 45.58
C TYR B 141 -19.65 34.32 44.79
N PRO B 142 -19.01 35.19 43.98
CA PRO B 142 -17.58 35.29 43.70
C PRO B 142 -16.76 35.94 44.82
N ARG B 143 -15.49 36.22 44.54
CA ARG B 143 -14.60 36.76 45.56
C ARG B 143 -14.95 38.20 45.91
N GLU B 144 -15.52 38.95 44.96
CA GLU B 144 -15.86 40.34 45.21
C GLU B 144 -16.95 40.45 46.28
N ALA B 145 -16.68 41.26 47.30
CA ALA B 145 -17.66 41.56 48.34
C ALA B 145 -17.41 42.99 48.81
N LYS B 146 -18.20 43.42 49.77
CA LYS B 146 -18.04 44.76 50.34
C LYS B 146 -18.45 44.73 51.80
N VAL B 147 -17.51 45.04 52.69
CA VAL B 147 -17.76 45.10 54.12
C VAL B 147 -17.60 46.54 54.57
N GLN B 148 -18.68 47.13 55.09
CA GLN B 148 -18.68 48.49 55.60
C GLN B 148 -18.77 48.43 57.12
N TRP B 149 -18.11 49.37 57.80
CA TRP B 149 -18.12 49.41 59.25
C TRP B 149 -18.95 50.59 59.75
N LYS B 150 -19.60 50.38 60.91
CA LYS B 150 -20.47 51.41 61.50
C LYS B 150 -20.26 51.37 63.01
N VAL B 151 -19.66 52.42 63.55
CA VAL B 151 -19.49 52.60 64.99
C VAL B 151 -20.35 53.79 65.39
N ASP B 152 -21.41 53.53 66.16
CA ASP B 152 -22.45 54.52 66.45
C ASP B 152 -23.05 55.06 65.16
N ASN B 153 -23.28 54.17 64.21
CA ASN B 153 -23.75 54.49 62.86
C ASN B 153 -22.89 55.57 62.19
N ALA B 154 -21.59 55.52 62.44
CA ALA B 154 -20.62 56.37 61.77
C ALA B 154 -19.68 55.47 60.98
N LEU B 155 -19.59 55.69 59.68
CA LEU B 155 -18.84 54.80 58.81
C LEU B 155 -17.33 54.97 59.01
N GLN B 156 -16.61 53.87 58.88
CA GLN B 156 -15.19 53.80 59.18
C GLN B 156 -14.37 53.67 57.90
N SER B 157 -13.11 54.09 57.99
CA SER B 157 -12.18 54.00 56.87
C SER B 157 -10.75 54.22 57.33
N GLY B 158 -9.83 53.34 56.92
CA GLY B 158 -8.45 53.44 57.31
C GLY B 158 -8.05 52.67 58.55
N ASN B 159 -8.98 51.94 59.16
CA ASN B 159 -8.72 51.21 60.39
C ASN B 159 -9.16 49.75 60.29
N SER B 160 -9.51 49.25 59.11
CA SER B 160 -9.90 47.87 58.91
C SER B 160 -9.04 47.26 57.82
N GLN B 161 -8.82 45.95 57.92
CA GLN B 161 -8.09 45.18 56.93
C GLN B 161 -8.84 43.89 56.65
N GLU B 162 -8.71 43.38 55.43
CA GLU B 162 -9.47 42.22 55.02
C GLU B 162 -8.54 41.14 54.49
N SER B 163 -8.86 39.90 54.85
CA SER B 163 -8.12 38.73 54.43
C SER B 163 -9.06 37.69 53.83
N VAL B 164 -8.71 37.19 52.64
CA VAL B 164 -9.55 36.24 51.91
C VAL B 164 -8.79 34.92 51.76
N THR B 165 -9.49 33.82 52.01
CA THR B 165 -8.88 32.50 51.86
C THR B 165 -8.83 32.09 50.40
N GLU B 166 -8.09 31.02 50.14
CA GLU B 166 -8.10 30.43 48.80
C GLU B 166 -9.39 29.65 48.59
N GLN B 167 -9.71 29.44 47.32
CA GLN B 167 -10.96 28.78 46.95
C GLN B 167 -10.96 27.33 47.43
N ASP B 168 -12.07 26.91 48.02
CA ASP B 168 -12.12 25.64 48.74
C ASP B 168 -12.10 24.45 47.79
N SER B 169 -11.72 23.29 48.34
CA SER B 169 -11.50 22.10 47.53
C SER B 169 -12.80 21.46 47.06
N LYS B 170 -13.81 21.39 47.92
CA LYS B 170 -15.03 20.65 47.59
C LYS B 170 -16.17 21.53 47.10
N ASP B 171 -16.42 22.66 47.75
CA ASP B 171 -17.52 23.53 47.33
C ASP B 171 -17.08 24.75 46.54
N SER B 172 -15.77 25.04 46.52
CA SER B 172 -15.21 26.13 45.73
C SER B 172 -15.85 27.48 46.09
N THR B 173 -15.76 27.81 47.38
CA THR B 173 -16.29 29.06 47.91
C THR B 173 -15.20 29.79 48.69
N TYR B 174 -15.44 31.06 48.95
CA TYR B 174 -14.46 31.93 49.58
C TYR B 174 -14.87 32.29 51.01
N SER B 175 -13.88 32.66 51.80
CA SER B 175 -14.08 33.14 53.16
C SER B 175 -13.31 34.44 53.34
N LEU B 176 -13.91 35.38 54.06
CA LEU B 176 -13.34 36.71 54.25
C LEU B 176 -13.39 37.09 55.73
N SER B 177 -12.31 37.70 56.19
CA SER B 177 -12.19 38.16 57.58
C SER B 177 -11.83 39.64 57.56
N SER B 178 -12.70 40.48 58.11
CA SER B 178 -12.47 41.92 58.20
C SER B 178 -12.18 42.26 59.65
N THR B 179 -10.94 42.64 59.94
CA THR B 179 -10.52 42.99 61.29
C THR B 179 -10.50 44.52 61.40
N LEU B 180 -11.23 45.04 62.39
CA LEU B 180 -11.34 46.47 62.65
C LEU B 180 -10.58 46.77 63.93
N THR B 181 -9.45 47.48 63.80
CA THR B 181 -8.60 47.80 64.93
C THR B 181 -8.95 49.19 65.47
N LEU B 182 -9.16 49.28 66.79
CA LEU B 182 -9.51 50.54 67.42
C LEU B 182 -8.85 50.61 68.79
N SER B 183 -8.30 51.79 69.12
CA SER B 183 -7.81 52.02 70.47
C SER B 183 -8.94 51.87 71.47
N LYS B 184 -8.60 51.37 72.65
CA LYS B 184 -9.63 51.08 73.65
C LYS B 184 -10.39 52.33 74.06
N ALA B 185 -9.78 53.51 73.92
CA ALA B 185 -10.47 54.76 74.20
C ALA B 185 -11.71 54.89 73.33
N ASP B 186 -11.54 54.90 72.00
CA ASP B 186 -12.67 54.97 71.10
C ASP B 186 -13.58 53.75 71.21
N TYR B 187 -13.06 52.62 71.72
CA TYR B 187 -13.92 51.46 71.93
C TYR B 187 -14.92 51.71 73.05
N GLU B 188 -14.45 52.20 74.19
CA GLU B 188 -15.35 52.44 75.31
C GLU B 188 -16.19 53.70 75.12
N LYS B 189 -15.70 54.67 74.37
CA LYS B 189 -16.46 55.90 74.14
C LYS B 189 -17.72 55.66 73.31
N HIS B 190 -17.82 54.53 72.61
CA HIS B 190 -18.94 54.25 71.74
C HIS B 190 -19.63 52.95 72.16
N LYS B 191 -20.83 52.75 71.64
CA LYS B 191 -21.66 51.65 72.10
C LYS B 191 -22.15 50.72 70.99
N VAL B 192 -22.50 51.25 69.82
CA VAL B 192 -23.04 50.46 68.72
C VAL B 192 -21.92 50.08 67.77
N TYR B 193 -21.79 48.79 67.46
CA TYR B 193 -20.82 48.31 66.49
C TYR B 193 -21.54 47.42 65.49
N ALA B 194 -21.24 47.61 64.20
CA ALA B 194 -21.91 46.84 63.17
C ALA B 194 -21.03 46.73 61.93
N CYS B 195 -21.12 45.58 61.26
CA CYS B 195 -20.53 45.40 59.95
C CYS B 195 -21.62 45.02 58.96
N GLU B 196 -21.60 45.70 57.81
CA GLU B 196 -22.64 45.60 56.79
C GLU B 196 -22.03 45.00 55.54
N VAL B 197 -22.53 43.82 55.15
CA VAL B 197 -22.04 43.10 53.98
C VAL B 197 -22.96 43.43 52.81
N THR B 198 -22.36 43.93 51.72
CA THR B 198 -23.05 44.22 50.47
C THR B 198 -22.48 43.29 49.42
N HIS B 199 -23.07 42.10 49.30
CA HIS B 199 -22.59 41.06 48.41
C HIS B 199 -23.57 40.90 47.24
N GLN B 200 -23.05 40.30 46.16
CA GLN B 200 -23.87 40.12 44.96
C GLN B 200 -25.05 39.19 45.22
N GLY B 201 -24.83 38.13 45.98
CA GLY B 201 -25.86 37.14 46.23
C GLY B 201 -26.87 37.54 47.30
N LEU B 202 -26.96 38.84 47.59
CA LEU B 202 -27.88 39.36 48.60
C LEU B 202 -28.71 40.47 48.00
N SER B 203 -30.01 40.46 48.32
CA SER B 203 -30.90 41.51 47.85
C SER B 203 -30.66 42.82 48.61
N SER B 204 -30.75 42.76 49.93
CA SER B 204 -30.49 43.89 50.80
C SER B 204 -29.23 43.65 51.61
N PRO B 205 -28.34 44.63 51.71
CA PRO B 205 -27.09 44.43 52.48
C PRO B 205 -27.37 44.03 53.92
N VAL B 206 -26.81 42.89 54.31
CA VAL B 206 -27.11 42.30 55.62
C VAL B 206 -26.09 42.78 56.64
N THR B 207 -26.57 43.20 57.81
CA THR B 207 -25.72 43.79 58.83
C THR B 207 -25.75 42.94 60.09
N LYS B 208 -24.58 42.81 60.74
CA LYS B 208 -24.48 42.14 62.03
C LYS B 208 -23.83 43.08 63.03
N SER B 209 -24.40 43.15 64.23
CA SER B 209 -24.07 44.20 65.18
C SER B 209 -24.04 43.65 66.61
N PHE B 210 -23.37 44.42 67.47
CA PHE B 210 -23.44 44.22 68.91
C PHE B 210 -23.33 45.59 69.59
N ASN B 211 -23.46 45.60 70.92
CA ASN B 211 -23.61 46.84 71.68
C ASN B 211 -22.83 46.75 72.98
N ARG B 212 -21.65 47.39 73.01
CA ARG B 212 -20.89 47.57 74.25
C ARG B 212 -20.28 48.97 74.31
N PRO C 12 50.92 -6.69 45.88
CA PRO C 12 51.71 -6.86 44.65
C PRO C 12 51.86 -5.55 43.87
N GLY C 13 52.00 -5.66 42.55
CA GLY C 13 52.00 -4.49 41.70
C GLY C 13 50.60 -4.18 41.19
N ILE C 14 49.62 -4.19 42.09
CA ILE C 14 48.22 -3.98 41.70
C ILE C 14 47.92 -2.52 41.39
N ALA C 15 48.84 -1.61 41.69
CA ALA C 15 48.71 -0.24 41.21
C ALA C 15 49.22 -0.09 39.77
N TRP C 16 50.13 -0.97 39.35
CA TRP C 16 50.51 -1.06 37.94
C TRP C 16 49.33 -1.49 37.07
N ILE C 17 48.29 -2.06 37.69
CA ILE C 17 47.06 -2.39 36.96
C ILE C 17 46.27 -1.12 36.65
N ALA C 18 46.10 -0.25 37.66
CA ALA C 18 45.30 0.95 37.49
C ALA C 18 45.82 1.86 36.39
N LEU C 19 47.09 1.70 36.00
CA LEU C 19 47.59 2.44 34.85
C LEU C 19 46.80 2.11 33.59
N LEU C 20 46.48 0.84 33.38
CA LEU C 20 45.66 0.45 32.23
C LEU C 20 44.26 1.05 32.31
N LEU C 21 43.68 1.09 33.51
CA LEU C 21 42.34 1.64 33.66
C LEU C 21 42.34 3.15 33.41
N LEU C 22 43.39 3.84 33.85
CA LEU C 22 43.50 5.26 33.51
C LEU C 22 43.74 5.46 32.02
N VAL C 23 44.42 4.52 31.35
CA VAL C 23 44.58 4.62 29.90
C VAL C 23 43.21 4.49 29.22
N ILE C 24 42.37 3.59 29.71
CA ILE C 24 41.04 3.43 29.14
C ILE C 24 40.18 4.66 29.39
N PHE C 25 40.19 5.17 30.63
CA PHE C 25 39.55 6.45 30.91
C PHE C 25 40.03 7.52 29.93
N TYR C 26 41.34 7.58 29.69
CA TYR C 26 41.91 8.61 28.82
C TYR C 26 41.38 8.48 27.40
N VAL C 27 41.41 7.27 26.86
CA VAL C 27 41.02 7.11 25.45
C VAL C 27 39.53 7.39 25.28
N PHE C 28 38.70 6.92 26.21
CA PHE C 28 37.27 7.21 26.07
C PHE C 28 36.96 8.67 26.37
N ALA C 29 37.78 9.34 27.20
CA ALA C 29 37.56 10.76 27.43
C ALA C 29 37.94 11.57 26.20
N VAL C 30 39.02 11.18 25.53
CA VAL C 30 39.38 11.83 24.26
C VAL C 30 38.27 11.59 23.23
N MET C 31 37.71 10.38 23.21
CA MET C 31 36.57 10.11 22.32
C MET C 31 35.40 11.03 22.63
N GLY C 32 35.00 11.10 23.91
CA GLY C 32 33.90 11.97 24.28
C GLY C 32 34.16 13.42 23.99
N THR C 33 35.43 13.85 24.10
CA THR C 33 35.78 15.22 23.76
C THR C 33 35.63 15.45 22.26
N LYS C 34 36.16 14.53 21.44
CA LYS C 34 36.05 14.66 19.99
C LYS C 34 34.60 14.62 19.53
N LEU C 35 33.74 13.91 20.26
CA LEU C 35 32.36 13.71 19.81
C LEU C 35 31.41 14.78 20.32
N PHE C 36 31.53 15.20 21.58
CA PHE C 36 30.48 15.94 22.25
C PHE C 36 30.89 17.31 22.76
N ALA C 37 32.13 17.76 22.50
CA ALA C 37 32.59 19.01 23.08
C ALA C 37 31.80 20.20 22.54
N GLN C 38 31.58 20.24 21.23
CA GLN C 38 30.87 21.37 20.64
C GLN C 38 29.42 21.45 21.14
N SER C 39 28.80 20.31 21.38
CA SER C 39 27.38 20.26 21.72
C SER C 39 27.11 20.18 23.22
N PHE C 40 27.99 19.56 24.00
CA PHE C 40 27.83 19.46 25.45
C PHE C 40 29.12 19.92 26.10
N PRO C 41 29.35 21.23 26.18
CA PRO C 41 30.65 21.72 26.65
C PRO C 41 30.89 21.45 28.13
N GLU C 42 29.87 21.59 28.97
CA GLU C 42 30.09 21.40 30.40
C GLU C 42 30.43 19.95 30.74
N TRP C 43 29.99 19.00 29.92
CA TRP C 43 30.23 17.58 30.16
C TRP C 43 31.43 17.04 29.40
N PHE C 44 31.74 17.60 28.22
CA PHE C 44 32.80 17.05 27.39
C PHE C 44 33.67 18.13 26.75
N GLY C 45 33.60 19.37 27.23
CA GLY C 45 34.35 20.45 26.60
C GLY C 45 35.84 20.42 26.85
N THR C 46 36.28 19.76 27.92
CA THR C 46 37.69 19.58 28.22
C THR C 46 37.96 18.11 28.49
N LEU C 47 39.24 17.75 28.52
CA LEU C 47 39.60 16.38 28.87
C LEU C 47 39.19 16.07 30.30
N GLY C 48 39.35 17.03 31.21
CA GLY C 48 38.89 16.83 32.56
C GLY C 48 37.39 16.62 32.65
N ALA C 49 36.64 17.42 31.89
CA ALA C 49 35.18 17.26 31.89
C ALA C 49 34.78 15.90 31.36
N SER C 50 35.47 15.41 30.32
CA SER C 50 35.16 14.10 29.78
C SER C 50 35.49 12.99 30.76
N MET C 51 36.66 13.08 31.40
CA MET C 51 37.01 12.14 32.46
C MET C 51 35.93 12.10 33.54
N TYR C 52 35.52 13.28 34.00
CA TYR C 52 34.57 13.36 35.10
C TYR C 52 33.22 12.81 34.68
N THR C 53 32.77 13.14 33.47
CA THR C 53 31.49 12.67 32.98
C THR C 53 31.50 11.15 32.80
N LEU C 54 32.61 10.59 32.29
CA LEU C 54 32.70 9.14 32.17
C LEU C 54 32.66 8.48 33.54
N PHE C 55 33.33 9.07 34.53
CA PHE C 55 33.24 8.52 35.88
C PHE C 55 31.81 8.55 36.39
N GLN C 56 31.13 9.68 36.19
CA GLN C 56 29.75 9.81 36.66
C GLN C 56 28.84 8.81 35.98
N VAL C 57 29.08 8.54 34.69
CA VAL C 57 28.28 7.52 33.99
C VAL C 57 28.60 6.13 34.52
N MET C 58 29.89 5.88 34.79
CA MET C 58 30.29 4.57 35.31
C MET C 58 29.70 4.32 36.69
N THR C 59 29.40 5.38 37.45
CA THR C 59 28.73 5.21 38.73
C THR C 59 27.39 4.50 38.58
N LEU C 60 26.71 4.68 37.44
CA LEU C 60 25.41 4.10 37.17
C LEU C 60 24.40 4.52 38.25
N GLU C 61 24.27 5.83 38.41
CA GLU C 61 23.41 6.42 39.42
C GLU C 61 22.44 7.40 38.78
N SER C 62 21.75 8.19 39.60
CA SER C 62 20.79 9.16 39.06
C SER C 62 21.46 10.11 38.07
N TRP C 63 22.53 10.79 38.53
CA TRP C 63 23.31 11.63 37.62
C TRP C 63 23.78 10.89 36.37
N SER C 64 24.02 9.58 36.46
CA SER C 64 24.45 8.85 35.28
C SER C 64 23.40 8.92 34.17
N MET C 65 22.17 8.51 34.47
CA MET C 65 21.11 8.59 33.47
C MET C 65 20.79 10.03 33.11
N GLY C 66 20.94 10.95 34.06
CA GLY C 66 20.72 12.35 33.76
C GLY C 66 21.67 12.87 32.71
N ILE C 67 22.96 12.51 32.82
CA ILE C 67 23.92 12.85 31.78
C ILE C 67 23.57 12.14 30.49
N ALA C 68 23.13 10.89 30.58
CA ALA C 68 22.94 10.08 29.39
C ALA C 68 21.83 10.64 28.51
N ARG C 69 20.69 11.00 29.10
CA ARG C 69 19.50 11.29 28.29
C ARG C 69 19.69 12.42 27.27
N PRO C 70 20.29 13.58 27.60
CA PRO C 70 20.36 14.63 26.58
C PRO C 70 21.38 14.30 25.51
N VAL C 71 22.47 13.63 25.89
CA VAL C 71 23.49 13.22 24.94
C VAL C 71 22.90 12.28 23.90
N ILE C 72 21.99 11.40 24.34
CA ILE C 72 21.38 10.47 23.41
C ILE C 72 20.26 11.13 22.61
N GLU C 73 19.51 12.07 23.22
CA GLU C 73 18.54 12.82 22.44
C GLU C 73 19.21 13.61 21.33
N ALA C 74 20.37 14.21 21.62
CA ALA C 74 21.09 14.98 20.61
C ALA C 74 21.77 14.06 19.60
N TYR C 75 22.44 13.02 20.10
CA TYR C 75 23.10 12.04 19.23
C TYR C 75 22.62 10.66 19.64
N PRO C 76 21.66 10.08 18.91
CA PRO C 76 21.12 8.77 19.32
C PRO C 76 22.15 7.68 19.35
N TRP C 77 23.16 7.72 18.47
CA TRP C 77 24.22 6.73 18.48
C TRP C 77 25.06 6.78 19.75
N ALA C 78 24.99 7.88 20.50
CA ALA C 78 25.89 8.08 21.64
C ALA C 78 25.85 6.92 22.64
N TRP C 79 24.74 6.18 22.68
CA TRP C 79 24.64 5.07 23.61
C TRP C 79 25.78 4.07 23.40
N ILE C 80 26.06 3.73 22.13
CA ILE C 80 27.09 2.74 21.85
C ILE C 80 28.45 3.27 22.29
N TYR C 81 28.59 4.59 22.43
CA TYR C 81 29.72 5.16 23.13
C TYR C 81 29.72 4.70 24.58
N PHE C 82 28.73 5.16 25.35
CA PHE C 82 28.70 4.89 26.78
C PHE C 82 28.81 3.40 27.07
N VAL C 83 27.93 2.62 26.42
CA VAL C 83 27.92 1.16 26.63
C VAL C 83 29.31 0.58 26.40
N SER C 84 29.96 0.98 25.30
CA SER C 84 31.29 0.45 25.01
C SER C 84 32.25 0.78 26.14
N PHE C 85 32.22 2.03 26.61
CA PHE C 85 33.05 2.43 27.75
C PHE C 85 32.78 1.53 28.95
N ILE C 86 31.52 1.15 29.17
CA ILE C 86 31.20 0.29 30.30
C ILE C 86 31.64 -1.14 30.02
N LEU C 87 31.60 -1.57 28.76
CA LEU C 87 31.99 -2.94 28.44
C LEU C 87 33.51 -3.08 28.40
N VAL C 88 34.16 -2.32 27.51
CA VAL C 88 35.61 -2.41 27.35
C VAL C 88 36.31 -2.31 28.69
N SER C 89 35.85 -1.41 29.56
CA SER C 89 36.40 -1.34 30.91
C SER C 89 36.18 -2.66 31.66
N SER C 90 34.91 -3.03 31.86
CA SER C 90 34.61 -4.15 32.75
C SER C 90 35.21 -5.46 32.25
N PHE C 91 35.29 -5.63 30.93
CA PHE C 91 35.87 -6.87 30.39
C PHE C 91 37.39 -6.88 30.42
N THR C 92 38.05 -5.73 30.53
CA THR C 92 39.47 -5.76 30.86
C THR C 92 39.67 -6.28 32.27
N VAL C 93 39.06 -5.59 33.25
CA VAL C 93 39.22 -5.96 34.66
C VAL C 93 39.00 -7.46 34.84
N LEU C 94 37.80 -7.93 34.49
CA LEU C 94 37.49 -9.35 34.59
C LEU C 94 38.58 -10.20 33.97
N ASN C 95 38.91 -9.92 32.71
CA ASN C 95 39.95 -10.71 32.04
C ASN C 95 41.25 -10.61 32.82
N LEU C 96 41.69 -9.39 33.13
CA LEU C 96 42.86 -9.24 33.98
C LEU C 96 42.65 -9.99 35.29
N PHE C 97 41.49 -9.80 35.90
CA PHE C 97 41.20 -10.43 37.19
C PHE C 97 41.17 -11.94 37.07
N ILE C 98 40.90 -12.47 35.87
CA ILE C 98 40.87 -13.91 35.68
C ILE C 98 42.24 -14.45 35.30
N GLY C 99 43.18 -13.58 34.92
CA GLY C 99 44.53 -14.00 34.59
C GLY C 99 45.37 -14.13 35.84
N ILE C 100 45.19 -13.19 36.77
CA ILE C 100 45.90 -13.25 38.05
C ILE C 100 45.70 -14.61 38.70
N ILE C 101 44.45 -15.09 38.74
CA ILE C 101 44.15 -16.37 39.36
C ILE C 101 44.96 -17.49 38.72
N ILE C 102 45.19 -17.41 37.41
CA ILE C 102 46.01 -18.41 36.76
C ILE C 102 47.48 -18.21 37.11
N GLU C 103 47.93 -16.95 37.14
CA GLU C 103 49.30 -16.66 37.53
C GLU C 103 49.51 -16.67 39.03
N SER C 104 48.44 -16.92 39.81
CA SER C 104 48.58 -17.13 41.24
C SER C 104 48.53 -18.61 41.62
N MET C 105 47.99 -19.46 40.75
CA MET C 105 47.97 -20.90 40.93
C MET C 105 49.27 -21.54 40.46
N GLN C 106 50.22 -20.72 39.98
CA GLN C 106 51.64 -21.08 39.89
C GLN C 106 52.38 -20.44 41.05
N SER C 107 52.20 -21.01 42.24
CA SER C 107 53.07 -20.71 43.35
C SER C 107 53.43 -21.94 44.19
N ALA C 108 53.00 -23.14 43.79
CA ALA C 108 53.50 -24.35 44.43
C ALA C 108 55.02 -24.46 44.26
N HIS C 109 55.50 -24.19 43.05
CA HIS C 109 56.93 -24.05 42.81
C HIS C 109 57.58 -23.05 43.77
N HIS C 110 56.83 -22.04 44.21
CA HIS C 110 57.38 -21.05 45.14
C HIS C 110 57.51 -21.64 46.55
N ALA C 111 56.56 -22.50 46.94
CA ALA C 111 56.69 -23.21 48.21
C ALA C 111 57.90 -24.12 48.21
N GLU C 112 58.13 -24.83 47.10
CA GLU C 112 59.38 -25.58 46.97
C GLU C 112 60.59 -24.66 47.05
N ASP C 113 60.51 -23.48 46.44
CA ASP C 113 61.60 -22.51 46.52
C ASP C 113 62.00 -22.25 47.97
N GLY C 114 61.03 -21.83 48.79
CA GLY C 114 61.31 -21.62 50.20
C GLY C 114 61.89 -22.84 50.88
N GLU C 115 61.39 -24.04 50.54
CA GLU C 115 61.91 -25.24 51.19
C GLU C 115 63.37 -25.53 50.80
N ARG C 116 63.72 -25.27 49.54
CA ARG C 116 65.12 -25.35 49.17
C ARG C 116 65.95 -24.29 49.89
N THR C 117 65.37 -23.11 50.12
CA THR C 117 66.06 -22.09 50.91
C THR C 117 66.44 -22.65 52.27
N ASP C 118 65.49 -23.32 52.93
CA ASP C 118 65.75 -23.93 54.23
C ASP C 118 66.93 -24.90 54.15
N ALA C 119 66.77 -25.97 53.35
CA ALA C 119 67.76 -27.04 53.36
C ALA C 119 69.17 -26.54 52.95
N TYR C 120 69.24 -25.69 51.92
CA TYR C 120 70.53 -25.25 51.40
C TYR C 120 71.21 -24.27 52.37
N ARG C 121 70.44 -23.36 52.98
CA ARG C 121 71.05 -22.42 53.90
C ARG C 121 71.40 -23.05 55.24
N ASP C 122 70.96 -24.29 55.50
CA ASP C 122 71.60 -25.05 56.57
C ASP C 122 72.96 -25.60 56.11
N GLU C 123 73.01 -26.13 54.88
CA GLU C 123 74.31 -26.62 54.39
C GLU C 123 75.39 -25.52 54.40
N VAL C 124 75.00 -24.27 54.20
CA VAL C 124 75.96 -23.16 54.18
C VAL C 124 76.74 -23.09 55.50
N GLU D 4 -19.88 50.09 3.49
CA GLU D 4 -21.13 50.60 2.94
C GLU D 4 -22.28 49.63 3.19
N VAL D 5 -21.97 48.34 3.19
CA VAL D 5 -22.96 47.30 3.46
C VAL D 5 -23.23 47.31 4.97
N GLN D 6 -24.33 47.96 5.36
CA GLN D 6 -24.57 48.26 6.77
C GLN D 6 -26.03 48.01 7.13
N LEU D 7 -26.26 47.91 8.44
CA LEU D 7 -27.57 47.73 9.03
C LEU D 7 -27.73 48.82 10.09
N VAL D 8 -28.46 49.89 9.75
CA VAL D 8 -28.68 51.00 10.66
C VAL D 8 -29.95 50.70 11.44
N GLU D 9 -29.81 50.49 12.76
CA GLU D 9 -30.96 50.16 13.58
C GLU D 9 -31.25 51.29 14.56
N SER D 10 -32.53 51.39 14.92
CA SER D 10 -33.01 52.46 15.80
C SER D 10 -34.35 52.03 16.39
N GLY D 11 -34.92 52.91 17.22
CA GLY D 11 -36.23 52.69 17.79
C GLY D 11 -36.22 52.20 19.23
N GLY D 12 -35.06 52.05 19.85
CA GLY D 12 -34.98 51.61 21.22
C GLY D 12 -34.91 52.75 22.20
N GLY D 13 -34.76 52.39 23.48
CA GLY D 13 -34.64 53.38 24.53
C GLY D 13 -35.33 52.97 25.81
N LEU D 14 -36.19 53.85 26.33
CA LEU D 14 -36.91 53.62 27.58
C LEU D 14 -38.36 53.27 27.29
N VAL D 15 -38.90 52.33 28.07
CA VAL D 15 -40.29 51.92 27.95
C VAL D 15 -40.75 51.38 29.30
N GLN D 16 -42.01 51.63 29.64
CA GLN D 16 -42.53 51.20 30.93
C GLN D 16 -42.90 49.72 30.90
N PRO D 17 -42.79 49.04 32.04
CA PRO D 17 -43.11 47.60 32.07
C PRO D 17 -44.53 47.33 31.62
N GLY D 18 -44.70 46.20 30.93
CA GLY D 18 -45.97 45.90 30.29
C GLY D 18 -46.26 46.69 29.04
N GLY D 19 -45.30 47.50 28.59
CA GLY D 19 -45.48 48.34 27.43
C GLY D 19 -45.07 47.66 26.14
N SER D 20 -44.76 48.49 25.14
CA SER D 20 -44.41 47.99 23.82
C SER D 20 -43.37 48.91 23.21
N LEU D 21 -42.65 48.38 22.21
CA LEU D 21 -41.59 49.13 21.57
C LEU D 21 -41.26 48.52 20.21
N ARG D 22 -40.97 49.37 19.24
CA ARG D 22 -40.68 48.94 17.87
C ARG D 22 -39.22 49.20 17.55
N LEU D 23 -38.55 48.20 16.99
CA LEU D 23 -37.16 48.31 16.58
C LEU D 23 -37.08 48.20 15.06
N SER D 24 -36.41 49.17 14.44
CA SER D 24 -36.22 49.19 13.00
C SER D 24 -34.77 48.91 12.66
N CYS D 25 -34.55 48.13 11.60
CA CYS D 25 -33.21 47.80 11.11
C CYS D 25 -33.23 47.99 9.59
N ALA D 26 -32.77 49.15 9.13
CA ALA D 26 -32.73 49.48 7.72
C ALA D 26 -31.41 48.98 7.12
N ALA D 27 -31.53 48.13 6.11
CA ALA D 27 -30.37 47.61 5.40
C ALA D 27 -29.98 48.55 4.28
N SER D 28 -28.68 48.60 4.00
CA SER D 28 -28.20 49.46 2.92
C SER D 28 -26.92 48.87 2.34
N GLY D 29 -26.85 48.79 1.01
CA GLY D 29 -25.63 48.40 0.34
C GLY D 29 -25.61 46.99 -0.21
N PHE D 30 -26.55 46.13 0.19
CA PHE D 30 -26.60 44.76 -0.30
C PHE D 30 -28.02 44.44 -0.74
N ASN D 31 -28.23 43.20 -1.17
CA ASN D 31 -29.55 42.73 -1.57
C ASN D 31 -30.31 42.27 -0.34
N PHE D 32 -31.30 43.07 0.08
CA PHE D 32 -32.01 42.78 1.32
C PHE D 32 -32.86 41.53 1.20
N SER D 33 -33.59 41.39 0.08
CA SER D 33 -34.53 40.27 -0.07
C SER D 33 -33.83 38.93 0.04
N SER D 34 -32.69 38.79 -0.64
CA SER D 34 -31.98 37.51 -0.66
C SER D 34 -31.39 37.12 0.69
N SER D 35 -31.35 38.04 1.65
CA SER D 35 -30.72 37.79 2.93
C SER D 35 -31.75 37.38 3.98
N SER D 36 -31.25 36.91 5.12
CA SER D 36 -32.05 36.73 6.31
C SER D 36 -31.61 37.75 7.37
N ILE D 37 -32.57 38.21 8.17
CA ILE D 37 -32.31 39.23 9.18
C ILE D 37 -32.59 38.64 10.56
N HIS D 38 -31.79 39.07 11.54
CA HIS D 38 -31.74 38.44 12.84
C HIS D 38 -31.74 39.50 13.92
N TRP D 39 -32.47 39.25 15.00
CA TRP D 39 -32.40 40.04 16.22
C TRP D 39 -31.83 39.16 17.31
N VAL D 40 -30.74 39.62 17.94
CA VAL D 40 -30.03 38.90 18.99
C VAL D 40 -29.76 39.87 20.13
N ARG D 41 -30.11 39.48 21.36
CA ARG D 41 -30.02 40.39 22.49
C ARG D 41 -28.93 39.98 23.45
N GLN D 42 -28.41 40.98 24.17
CA GLN D 42 -27.38 40.79 25.19
C GLN D 42 -27.77 41.62 26.39
N ALA D 43 -28.14 40.97 27.49
CA ALA D 43 -28.39 41.73 28.70
C ALA D 43 -27.05 42.14 29.33
N PRO D 44 -27.00 43.28 30.00
CA PRO D 44 -25.74 43.73 30.59
C PRO D 44 -25.20 42.72 31.59
N GLY D 45 -24.08 42.09 31.26
CA GLY D 45 -23.48 41.09 32.10
C GLY D 45 -23.80 39.65 31.76
N LYS D 46 -24.09 39.35 30.49
CA LYS D 46 -24.29 37.97 30.06
C LYS D 46 -23.85 37.85 28.62
N GLY D 47 -23.93 36.63 28.09
CA GLY D 47 -23.58 36.36 26.72
C GLY D 47 -24.68 36.76 25.75
N LEU D 48 -24.52 36.32 24.52
CA LEU D 48 -25.50 36.61 23.48
C LEU D 48 -26.68 35.67 23.57
N GLU D 49 -27.86 36.19 23.22
CA GLU D 49 -29.09 35.42 23.24
C GLU D 49 -29.86 35.66 21.94
N TRP D 50 -30.12 34.60 21.20
CA TRP D 50 -30.89 34.73 19.96
C TRP D 50 -32.34 35.05 20.27
N VAL D 51 -32.90 36.03 19.56
CA VAL D 51 -34.29 36.43 19.72
C VAL D 51 -35.16 35.95 18.56
N ALA D 52 -34.82 36.39 17.34
CA ALA D 52 -35.68 36.03 16.22
C ALA D 52 -34.90 36.11 14.91
N SER D 53 -35.46 35.45 13.89
CA SER D 53 -34.89 35.47 12.55
C SER D 53 -36.02 35.43 11.53
N ILE D 54 -35.77 36.05 10.38
CA ILE D 54 -36.78 36.15 9.33
C ILE D 54 -36.09 36.15 7.97
N SER D 55 -36.74 35.53 6.99
CA SER D 55 -36.32 35.65 5.59
C SER D 55 -36.96 36.91 5.02
N SER D 56 -36.12 37.82 4.54
CA SER D 56 -36.64 39.08 4.01
C SER D 56 -37.57 38.82 2.82
N SER D 57 -37.12 38.01 1.86
CA SER D 57 -37.93 37.74 0.68
C SER D 57 -39.06 36.77 0.99
N SER D 58 -38.74 35.65 1.66
CA SER D 58 -39.72 34.60 1.85
C SER D 58 -40.76 34.95 2.91
N GLY D 59 -40.42 35.82 3.86
CA GLY D 59 -41.33 36.16 4.94
C GLY D 59 -41.42 35.15 6.05
N SER D 60 -40.75 34.00 5.94
CA SER D 60 -40.76 33.00 6.99
C SER D 60 -40.11 33.54 8.26
N THR D 61 -40.64 33.13 9.41
CA THR D 61 -40.18 33.63 10.70
C THR D 61 -39.82 32.46 11.61
N SER D 62 -38.91 32.72 12.54
CA SER D 62 -38.56 31.76 13.58
C SER D 62 -38.20 32.53 14.85
N TYR D 63 -38.83 32.17 15.97
CA TYR D 63 -38.68 32.87 17.22
C TYR D 63 -38.07 31.97 18.28
N ALA D 64 -37.49 32.58 19.30
CA ALA D 64 -36.97 31.84 20.44
C ALA D 64 -38.11 31.50 21.39
N ASP D 65 -37.96 30.37 22.10
CA ASP D 65 -39.00 29.95 23.03
C ASP D 65 -39.19 30.95 24.16
N SER D 66 -38.16 31.73 24.49
CA SER D 66 -38.25 32.64 25.61
C SER D 66 -39.11 33.86 25.31
N VAL D 67 -39.30 34.19 24.03
CA VAL D 67 -40.05 35.40 23.67
C VAL D 67 -41.13 35.07 22.66
N LYS D 68 -41.49 33.79 22.54
CA LYS D 68 -42.49 33.40 21.57
C LYS D 68 -43.84 34.04 21.89
N GLY D 69 -44.50 34.55 20.86
CA GLY D 69 -45.81 35.16 21.03
C GLY D 69 -45.76 36.61 21.45
N ARG D 70 -44.82 36.96 22.32
CA ARG D 70 -44.73 38.34 22.78
C ARG D 70 -44.06 39.23 21.74
N PHE D 71 -42.98 38.76 21.12
CA PHE D 71 -42.31 39.50 20.07
C PHE D 71 -42.85 39.09 18.70
N THR D 72 -42.59 39.93 17.71
CA THR D 72 -43.02 39.65 16.34
C THR D 72 -42.04 40.31 15.37
N ILE D 73 -41.40 39.51 14.53
CA ILE D 73 -40.43 40.00 13.56
C ILE D 73 -41.09 40.10 12.20
N SER D 74 -40.74 41.15 11.45
CA SER D 74 -41.30 41.38 10.12
C SER D 74 -40.23 42.02 9.26
N ALA D 75 -40.53 42.17 7.97
CA ALA D 75 -39.57 42.78 7.05
C ALA D 75 -40.32 43.32 5.84
N ASP D 76 -40.14 44.61 5.56
CA ASP D 76 -40.71 45.26 4.39
C ASP D 76 -39.59 45.44 3.38
N THR D 77 -39.70 44.76 2.24
CA THR D 77 -38.66 44.84 1.22
C THR D 77 -38.71 46.17 0.48
N SER D 78 -39.91 46.72 0.28
CA SER D 78 -40.02 48.05 -0.33
C SER D 78 -39.36 49.11 0.55
N LYS D 79 -39.72 49.14 1.83
CA LYS D 79 -39.00 49.98 2.78
C LYS D 79 -37.57 49.52 2.99
N ASN D 80 -37.24 48.30 2.56
CA ASN D 80 -35.86 47.79 2.62
C ASN D 80 -35.36 47.74 4.06
N THR D 81 -36.19 47.18 4.93
CA THR D 81 -35.96 47.30 6.38
C THR D 81 -36.70 46.20 7.11
N ALA D 82 -36.06 45.64 8.13
CA ALA D 82 -36.68 44.66 9.02
C ALA D 82 -37.12 45.33 10.32
N TYR D 83 -38.02 44.67 11.03
CA TYR D 83 -38.64 45.24 12.20
C TYR D 83 -38.83 44.18 13.27
N LEU D 84 -38.73 44.60 14.53
CA LEU D 84 -39.01 43.76 15.68
C LEU D 84 -39.98 44.51 16.59
N GLN D 85 -41.24 44.06 16.62
CA GLN D 85 -42.24 44.61 17.51
C GLN D 85 -42.22 43.83 18.82
N MET D 86 -42.17 44.54 19.94
CA MET D 86 -42.00 43.95 21.25
C MET D 86 -43.15 44.36 22.14
N ASN D 87 -43.81 43.39 22.75
CA ASN D 87 -44.98 43.62 23.57
C ASN D 87 -44.80 42.91 24.92
N SER D 88 -45.53 43.41 25.93
CA SER D 88 -45.47 42.86 27.28
C SER D 88 -44.04 42.87 27.83
N LEU D 89 -43.33 43.96 27.58
CA LEU D 89 -41.93 44.07 27.98
C LEU D 89 -41.81 44.02 29.50
N ARG D 90 -40.70 43.45 29.97
CA ARG D 90 -40.52 43.15 31.38
C ARG D 90 -39.09 43.50 31.77
N ALA D 91 -38.70 43.11 32.99
CA ALA D 91 -37.35 43.42 33.47
C ALA D 91 -36.30 42.59 32.76
N GLU D 92 -36.63 41.35 32.40
CA GLU D 92 -35.67 40.51 31.69
C GLU D 92 -35.32 41.08 30.33
N ASP D 93 -36.29 41.73 29.66
CA ASP D 93 -36.09 42.22 28.30
C ASP D 93 -35.15 43.42 28.25
N THR D 94 -34.75 43.96 29.39
CA THR D 94 -33.80 45.08 29.42
C THR D 94 -32.45 44.60 28.92
N ALA D 95 -32.08 45.00 27.70
CA ALA D 95 -30.86 44.49 27.09
C ALA D 95 -30.52 45.34 25.87
N VAL D 96 -29.31 45.12 25.34
CA VAL D 96 -28.88 45.72 24.10
C VAL D 96 -29.21 44.76 22.96
N TYR D 97 -30.01 45.21 22.00
CA TYR D 97 -30.44 44.37 20.90
C TYR D 97 -29.63 44.70 19.65
N TYR D 98 -29.21 43.65 18.95
CA TYR D 98 -28.37 43.74 17.76
C TYR D 98 -29.12 43.16 16.57
N CYS D 99 -28.92 43.79 15.42
CA CYS D 99 -29.46 43.34 14.15
C CYS D 99 -28.34 42.74 13.31
N ALA D 100 -28.57 41.56 12.77
CA ALA D 100 -27.56 40.86 11.97
C ALA D 100 -28.20 40.34 10.69
N ARG D 101 -27.36 39.86 9.78
CA ARG D 101 -27.84 39.30 8.53
C ARG D 101 -27.08 38.03 8.18
N THR D 102 -27.67 37.25 7.29
CA THR D 102 -26.98 36.20 6.54
C THR D 102 -27.34 36.39 5.08
N TYR D 103 -26.41 36.97 4.33
CA TYR D 103 -26.48 37.14 2.89
C TYR D 103 -25.51 36.13 2.27
N GLY D 104 -26.04 35.19 1.51
CA GLY D 104 -25.33 33.93 1.35
C GLY D 104 -25.17 33.30 -0.02
N TRP D 105 -25.68 32.06 -0.09
CA TRP D 105 -25.19 30.91 -0.86
C TRP D 105 -23.96 30.33 -0.17
N TYR D 106 -23.31 31.15 0.66
CA TYR D 106 -22.19 30.77 1.52
C TYR D 106 -22.66 30.61 2.96
N TYR D 107 -23.11 31.72 3.52
CA TYR D 107 -23.38 31.86 4.94
C TYR D 107 -24.76 31.37 5.29
N SER D 108 -25.61 31.16 4.29
CA SER D 108 -26.91 30.55 4.52
C SER D 108 -26.79 29.04 4.69
N TRP D 109 -25.84 28.41 4.02
CA TRP D 109 -25.60 27.01 4.25
C TRP D 109 -24.76 26.78 5.50
N TRP D 110 -24.50 27.84 6.28
CA TRP D 110 -23.86 27.72 7.58
C TRP D 110 -24.50 28.56 8.68
N TRP D 111 -25.35 29.55 8.36
CA TRP D 111 -25.98 30.42 9.37
C TRP D 111 -24.92 31.16 10.19
N ALA D 112 -24.28 32.11 9.51
CA ALA D 112 -22.95 32.55 9.89
C ALA D 112 -22.92 33.15 11.31
N PHE D 113 -23.63 34.26 11.61
CA PHE D 113 -24.21 35.31 10.75
C PHE D 113 -23.06 36.21 10.32
N ASP D 114 -23.06 36.70 9.09
CA ASP D 114 -21.86 37.37 8.58
C ASP D 114 -21.71 38.78 9.14
N TYR D 115 -22.71 39.63 8.99
CA TYR D 115 -22.62 41.02 9.41
C TYR D 115 -23.57 41.31 10.56
N TRP D 116 -23.18 42.25 11.41
CA TRP D 116 -23.90 42.58 12.64
C TRP D 116 -24.13 44.09 12.71
N GLY D 117 -25.35 44.49 13.06
CA GLY D 117 -25.61 45.88 13.35
C GLY D 117 -24.99 46.32 14.66
N GLN D 118 -24.90 47.63 14.84
CA GLN D 118 -24.05 48.16 15.90
C GLN D 118 -24.67 48.05 17.29
N GLY D 119 -25.99 47.96 17.38
CA GLY D 119 -26.58 47.74 18.69
C GLY D 119 -27.41 48.93 19.16
N THR D 120 -28.50 48.64 19.87
CA THR D 120 -29.31 49.69 20.47
C THR D 120 -29.87 49.19 21.79
N LEU D 121 -29.93 50.07 22.78
CA LEU D 121 -30.30 49.69 24.14
C LEU D 121 -31.80 49.82 24.37
N VAL D 122 -32.35 48.87 25.13
CA VAL D 122 -33.76 48.88 25.53
C VAL D 122 -33.77 48.66 27.04
N THR D 123 -34.01 49.72 27.80
CA THR D 123 -34.14 49.64 29.25
C THR D 123 -35.61 49.75 29.64
N VAL D 124 -36.12 48.73 30.32
CA VAL D 124 -37.50 48.69 30.77
C VAL D 124 -37.51 49.13 32.23
N SER D 125 -38.06 50.31 32.51
CA SER D 125 -38.12 50.84 33.86
C SER D 125 -39.34 51.73 33.99
N SER D 126 -39.57 52.21 35.20
CA SER D 126 -40.73 53.04 35.51
C SER D 126 -40.41 54.54 35.53
N ALA D 127 -39.23 54.92 36.02
CA ALA D 127 -38.89 56.32 36.18
C ALA D 127 -38.84 57.02 34.82
N SER D 128 -38.81 58.34 34.87
CA SER D 128 -38.93 59.18 33.68
C SER D 128 -37.57 59.60 33.15
N THR D 129 -37.59 60.14 31.94
CA THR D 129 -36.37 60.58 31.26
C THR D 129 -35.83 61.84 31.92
N LYS D 130 -34.50 61.95 31.95
CA LYS D 130 -33.85 63.13 32.49
C LYS D 130 -32.59 63.44 31.68
N GLY D 131 -32.41 64.73 31.37
CA GLY D 131 -31.21 65.19 30.71
C GLY D 131 -30.05 65.33 31.67
N PRO D 132 -28.84 65.21 31.16
CA PRO D 132 -27.64 65.29 32.00
C PRO D 132 -27.19 66.73 32.23
N SER D 133 -26.30 66.87 33.20
CA SER D 133 -25.62 68.13 33.49
C SER D 133 -24.14 67.96 33.12
N VAL D 134 -23.63 68.89 32.31
CA VAL D 134 -22.28 68.82 31.77
C VAL D 134 -21.44 69.85 32.52
N PHE D 135 -20.47 69.37 33.30
CA PHE D 135 -19.63 70.21 34.15
C PHE D 135 -18.17 70.06 33.75
N PRO D 136 -17.51 71.09 33.24
CA PRO D 136 -16.09 70.96 32.89
C PRO D 136 -15.24 70.62 34.10
N LEU D 137 -14.08 70.02 33.84
CA LEU D 137 -13.12 69.60 34.85
C LEU D 137 -11.81 70.34 34.58
N ALA D 138 -11.45 71.24 35.49
CA ALA D 138 -10.42 72.25 35.25
C ALA D 138 -9.03 71.63 35.29
N PRO D 139 -8.15 72.02 34.35
CA PRO D 139 -6.74 71.60 34.43
C PRO D 139 -6.02 72.24 35.60
N SER D 140 -4.70 72.00 35.71
CA SER D 140 -3.91 72.50 36.82
C SER D 140 -2.96 73.62 36.42
N SER D 141 -2.09 73.38 35.43
CA SER D 141 -1.09 74.37 35.05
C SER D 141 -1.60 75.27 33.93
N GLY D 146 4.98 70.43 27.44
CA GLY D 146 4.63 69.68 26.25
C GLY D 146 4.07 68.31 26.54
N GLY D 147 3.39 68.18 27.67
CA GLY D 147 2.80 66.91 28.05
C GLY D 147 2.17 67.02 29.43
N THR D 148 1.46 65.95 29.80
CA THR D 148 0.87 65.80 31.12
C THR D 148 -0.12 66.95 31.41
N ALA D 149 -1.21 66.95 30.63
CA ALA D 149 -2.33 67.86 30.88
C ALA D 149 -3.61 67.03 30.82
N ALA D 150 -4.06 66.56 31.98
CA ALA D 150 -5.27 65.77 32.08
C ALA D 150 -6.44 66.71 32.37
N LEU D 151 -7.38 66.80 31.42
CA LEU D 151 -8.56 67.62 31.58
C LEU D 151 -9.78 66.82 31.17
N GLY D 152 -10.96 67.44 31.14
CA GLY D 152 -12.12 66.74 30.64
C GLY D 152 -13.40 67.39 31.11
N CYS D 153 -14.47 66.61 31.08
CA CYS D 153 -15.76 67.08 31.58
C CYS D 153 -16.54 65.91 32.15
N LEU D 154 -17.32 66.20 33.19
CA LEU D 154 -18.16 65.24 33.87
C LEU D 154 -19.61 65.40 33.41
N VAL D 155 -20.33 64.28 33.37
CA VAL D 155 -21.72 64.25 32.90
C VAL D 155 -22.54 63.55 33.98
N LYS D 156 -23.35 64.31 34.71
CA LYS D 156 -24.00 63.81 35.91
C LYS D 156 -25.52 63.85 35.77
N ASP D 157 -26.19 62.95 36.49
CA ASP D 157 -27.64 63.02 36.70
C ASP D 157 -28.41 62.92 35.39
N TYR D 158 -28.25 61.78 34.73
CA TYR D 158 -29.03 61.46 33.55
C TYR D 158 -29.61 60.06 33.69
N PHE D 159 -30.73 59.82 33.01
CA PHE D 159 -31.43 58.55 33.01
C PHE D 159 -32.47 58.56 31.89
N PRO D 160 -32.55 57.51 31.06
CA PRO D 160 -31.73 56.30 31.11
C PRO D 160 -30.43 56.39 30.31
N GLU D 161 -29.71 55.26 30.23
CA GLU D 161 -28.53 55.16 29.38
C GLU D 161 -28.92 55.37 27.91
N PRO D 162 -27.94 55.70 27.04
CA PRO D 162 -26.54 56.04 27.29
C PRO D 162 -26.23 57.52 27.01
N VAL D 163 -25.00 57.93 27.31
CA VAL D 163 -24.49 59.24 26.94
C VAL D 163 -23.34 59.05 25.95
N THR D 164 -23.44 59.70 24.80
CA THR D 164 -22.44 59.59 23.75
C THR D 164 -21.54 60.82 23.81
N VAL D 165 -20.35 60.66 24.38
CA VAL D 165 -19.40 61.74 24.57
C VAL D 165 -18.36 61.71 23.47
N SER D 166 -18.04 62.87 22.90
CA SER D 166 -16.93 63.01 21.98
C SER D 166 -16.10 64.22 22.37
N TRP D 167 -15.13 64.58 21.53
CA TRP D 167 -14.29 65.76 21.77
C TRP D 167 -14.03 66.46 20.45
N ASN D 168 -14.54 67.69 20.32
CA ASN D 168 -14.37 68.49 19.12
C ASN D 168 -14.89 67.78 17.87
N SER D 169 -16.05 67.12 18.01
CA SER D 169 -16.71 66.42 16.92
C SER D 169 -15.78 65.37 16.29
N GLY D 170 -15.12 64.60 17.14
CA GLY D 170 -14.24 63.55 16.69
C GLY D 170 -12.86 64.00 16.28
N ALA D 171 -12.49 65.26 16.53
CA ALA D 171 -11.15 65.71 16.22
C ALA D 171 -10.13 65.19 17.22
N LEU D 172 -10.45 65.27 18.51
CA LEU D 172 -9.59 64.76 19.58
C LEU D 172 -10.06 63.36 19.93
N THR D 173 -9.34 62.36 19.44
CA THR D 173 -9.65 60.96 19.71
C THR D 173 -8.62 60.29 20.60
N SER D 174 -7.33 60.45 20.29
CA SER D 174 -6.29 59.80 21.07
C SER D 174 -6.17 60.44 22.45
N GLY D 175 -6.11 59.61 23.48
CA GLY D 175 -6.00 60.06 24.84
C GLY D 175 -7.31 60.10 25.60
N VAL D 176 -8.44 59.85 24.94
CA VAL D 176 -9.74 59.93 25.57
C VAL D 176 -9.99 58.66 26.37
N HIS D 177 -10.54 58.82 27.58
CA HIS D 177 -10.86 57.71 28.48
C HIS D 177 -12.27 57.87 29.05
N THR D 178 -13.24 58.09 28.16
CA THR D 178 -14.65 58.15 28.57
C THR D 178 -15.03 56.93 29.39
N PHE D 179 -15.39 57.17 30.65
CA PHE D 179 -15.66 56.13 31.62
C PHE D 179 -17.06 55.54 31.46
N PRO D 180 -17.29 54.34 31.98
CA PRO D 180 -18.66 53.83 32.08
C PRO D 180 -19.39 54.47 33.25
N ALA D 181 -20.71 54.45 33.17
CA ALA D 181 -21.53 55.15 34.14
C ALA D 181 -21.64 54.36 35.45
N VAL D 182 -22.08 55.05 36.49
CA VAL D 182 -22.38 54.46 37.79
C VAL D 182 -23.78 54.91 38.21
N LEU D 183 -24.26 54.39 39.34
CA LEU D 183 -25.68 54.50 39.68
C LEU D 183 -25.99 55.62 40.67
N GLN D 184 -25.10 55.91 41.63
CA GLN D 184 -25.29 57.00 42.58
C GLN D 184 -26.67 56.99 43.24
N SER D 185 -26.82 56.13 44.26
CA SER D 185 -28.06 55.51 44.72
C SER D 185 -29.34 56.29 44.45
N SER D 186 -29.28 57.64 44.45
CA SER D 186 -30.40 58.48 44.05
C SER D 186 -31.18 57.89 42.89
N GLY D 187 -30.48 57.40 41.86
CA GLY D 187 -31.14 56.69 40.78
C GLY D 187 -30.90 57.29 39.40
N LEU D 188 -29.80 58.02 39.25
CA LEU D 188 -29.43 58.64 37.99
C LEU D 188 -28.01 58.22 37.63
N TYR D 189 -27.70 58.23 36.34
CA TYR D 189 -26.37 57.83 35.93
C TYR D 189 -25.42 59.02 35.89
N SER D 190 -24.15 58.74 36.15
CA SER D 190 -23.14 59.79 36.26
C SER D 190 -21.78 59.22 35.86
N LEU D 191 -21.19 59.80 34.82
CA LEU D 191 -19.89 59.35 34.31
C LEU D 191 -18.96 60.55 34.16
N SER D 192 -17.71 60.24 33.87
CA SER D 192 -16.69 61.23 33.58
C SER D 192 -16.18 61.02 32.15
N SER D 193 -15.46 62.02 31.64
CA SER D 193 -14.84 61.90 30.32
C SER D 193 -13.55 62.72 30.35
N VAL D 194 -12.43 62.03 30.43
CA VAL D 194 -11.12 62.67 30.57
C VAL D 194 -10.32 62.50 29.28
N VAL D 195 -9.34 63.37 29.11
CA VAL D 195 -8.42 63.31 27.98
C VAL D 195 -7.11 63.98 28.39
N THR D 196 -6.00 63.40 27.94
CA THR D 196 -4.66 63.90 28.23
C THR D 196 -4.09 64.55 26.98
N VAL D 197 -3.49 65.73 27.15
CA VAL D 197 -2.91 66.50 26.06
C VAL D 197 -1.58 67.10 26.51
N PRO D 198 -0.80 67.69 25.60
CA PRO D 198 0.36 68.48 26.04
C PRO D 198 -0.08 69.74 26.76
N SER D 199 0.56 70.02 27.90
CA SER D 199 0.22 71.21 28.68
C SER D 199 0.64 72.50 27.98
N SER D 200 1.62 72.43 27.08
CA SER D 200 2.07 73.63 26.36
C SER D 200 1.03 74.10 25.35
N SER D 201 0.06 73.27 24.99
CA SER D 201 -0.96 73.62 24.01
C SER D 201 -2.27 74.03 24.65
N LEU D 202 -2.25 74.48 25.91
CA LEU D 202 -3.45 75.00 26.57
C LEU D 202 -3.69 76.42 26.06
N GLY D 203 -4.28 76.50 24.88
CA GLY D 203 -4.50 77.75 24.21
C GLY D 203 -4.28 77.62 22.71
N THR D 204 -3.69 76.50 22.30
CA THR D 204 -3.48 76.23 20.88
C THR D 204 -4.73 75.67 20.23
N GLN D 205 -5.28 74.60 20.79
CA GLN D 205 -6.52 74.00 20.30
C GLN D 205 -7.66 74.26 21.28
N THR D 206 -8.88 74.29 20.74
CA THR D 206 -10.08 74.41 21.55
C THR D 206 -10.54 73.03 21.99
N TYR D 207 -10.84 72.89 23.27
CA TYR D 207 -11.17 71.61 23.88
C TYR D 207 -12.65 71.61 24.28
N ILE D 208 -13.49 71.12 23.37
CA ILE D 208 -14.93 71.01 23.57
C ILE D 208 -15.31 69.54 23.63
N CYS D 209 -16.04 69.15 24.66
CA CYS D 209 -16.60 67.80 24.76
C CYS D 209 -18.06 67.85 24.34
N ASN D 210 -18.40 67.11 23.29
CA ASN D 210 -19.71 67.18 22.66
C ASN D 210 -20.59 66.08 23.23
N VAL D 211 -21.23 66.39 24.36
CA VAL D 211 -22.09 65.43 25.05
C VAL D 211 -23.43 65.37 24.36
N ASN D 212 -24.02 64.18 24.31
CA ASN D 212 -25.33 63.99 23.71
C ASN D 212 -26.10 62.93 24.49
N HIS D 213 -27.41 63.15 24.65
CA HIS D 213 -28.30 62.22 25.35
C HIS D 213 -29.61 62.21 24.58
N LYS D 214 -29.75 61.26 23.66
CA LYS D 214 -30.87 61.18 22.73
C LYS D 214 -32.22 60.93 23.39
N PRO D 215 -32.31 60.17 24.49
CA PRO D 215 -33.62 60.04 25.18
C PRO D 215 -34.19 61.37 25.64
N SER D 216 -33.35 62.38 25.89
CA SER D 216 -33.82 63.69 26.32
C SER D 216 -33.41 64.81 25.37
N ASN D 217 -32.84 64.47 24.22
CA ASN D 217 -32.46 65.44 23.19
C ASN D 217 -31.45 66.47 23.71
N THR D 218 -30.70 66.10 24.74
CA THR D 218 -29.76 67.01 25.40
C THR D 218 -28.46 67.04 24.58
N LYS D 219 -28.42 67.91 23.58
CA LYS D 219 -27.26 68.07 22.71
C LYS D 219 -26.48 69.29 23.20
N VAL D 220 -25.46 69.04 24.02
CA VAL D 220 -24.74 70.09 24.73
C VAL D 220 -23.28 70.08 24.30
N ASP D 221 -22.74 71.27 24.03
CA ASP D 221 -21.33 71.45 23.73
C ASP D 221 -20.73 72.37 24.79
N LYS D 222 -19.65 71.93 25.43
CA LYS D 222 -19.01 72.70 26.49
C LYS D 222 -17.49 72.65 26.32
N LYS D 223 -16.86 73.82 26.35
CA LYS D 223 -15.40 73.91 26.33
C LYS D 223 -14.85 73.80 27.74
N VAL D 224 -13.62 73.31 27.85
CA VAL D 224 -12.91 73.21 29.11
C VAL D 224 -11.63 74.02 28.99
N GLU D 225 -11.34 74.82 30.02
CA GLU D 225 -10.16 75.67 30.05
C GLU D 225 -9.82 75.98 31.50
N PRO D 226 -8.53 76.17 31.83
CA PRO D 226 -8.09 76.40 33.22
C PRO D 226 -8.80 77.55 33.91
N ASP E 2 -32.82 21.96 21.93
CA ASP E 2 -32.01 21.65 23.10
C ASP E 2 -30.55 21.39 22.72
N ILE E 3 -30.10 22.03 21.64
CA ILE E 3 -28.73 21.85 21.15
C ILE E 3 -27.83 22.73 22.01
N GLN E 4 -27.14 22.12 22.97
CA GLN E 4 -26.38 22.85 23.96
C GLN E 4 -24.94 23.06 23.52
N MET E 5 -24.41 24.26 23.79
CA MET E 5 -23.04 24.64 23.49
C MET E 5 -22.40 25.09 24.79
N THR E 6 -21.43 24.32 25.27
CA THR E 6 -20.73 24.63 26.53
C THR E 6 -19.34 25.17 26.19
N GLN E 7 -19.12 26.45 26.44
CA GLN E 7 -17.87 27.11 26.10
C GLN E 7 -17.03 27.31 27.35
N SER E 8 -15.72 27.12 27.21
CA SER E 8 -14.78 27.18 28.32
C SER E 8 -13.44 27.69 27.81
N PRO E 9 -12.67 28.38 28.66
CA PRO E 9 -13.05 28.79 30.01
C PRO E 9 -13.90 30.05 29.97
N SER E 10 -14.35 30.53 31.13
CA SER E 10 -15.07 31.79 31.17
C SER E 10 -14.12 32.97 31.00
N SER E 11 -13.03 32.98 31.78
CA SER E 11 -12.05 34.05 31.71
C SER E 11 -10.65 33.45 31.58
N LEU E 12 -9.75 34.23 30.98
CA LEU E 12 -8.36 33.83 30.84
C LEU E 12 -7.51 35.07 30.70
N SER E 13 -6.28 34.99 31.19
CA SER E 13 -5.33 36.10 31.10
C SER E 13 -3.98 35.55 30.64
N ALA E 14 -3.54 35.96 29.45
CA ALA E 14 -2.26 35.55 28.90
C ALA E 14 -1.53 36.77 28.36
N SER E 15 -0.20 36.73 28.46
CA SER E 15 0.62 37.84 27.99
C SER E 15 0.56 37.95 26.47
N VAL E 16 1.11 39.05 25.96
CA VAL E 16 1.13 39.28 24.52
C VAL E 16 2.04 38.26 23.86
N GLY E 17 1.55 37.62 22.80
CA GLY E 17 2.30 36.60 22.09
C GLY E 17 1.99 35.18 22.52
N ASP E 18 1.38 34.99 23.68
CA ASP E 18 1.02 33.66 24.14
C ASP E 18 -0.04 33.04 23.21
N ARG E 19 -0.21 31.74 23.34
CA ARG E 19 -1.11 30.97 22.49
C ARG E 19 -2.38 30.65 23.27
N VAL E 20 -3.51 31.18 22.80
CA VAL E 20 -4.78 31.11 23.51
C VAL E 20 -5.65 30.02 22.88
N THR E 21 -6.27 29.20 23.72
CA THR E 21 -7.18 28.15 23.29
C THR E 21 -8.52 28.29 23.97
N ILE E 22 -9.60 28.13 23.19
CA ILE E 22 -10.97 28.23 23.69
C ILE E 22 -11.73 27.02 23.19
N THR E 23 -12.31 26.27 24.12
CA THR E 23 -13.05 25.05 23.81
C THR E 23 -14.55 25.35 23.81
N CYS E 24 -15.29 24.71 22.91
CA CYS E 24 -16.74 24.80 22.87
C CYS E 24 -17.28 23.43 22.47
N ARG E 25 -17.97 22.77 23.39
CA ARG E 25 -18.47 21.41 23.17
C ARG E 25 -19.96 21.44 22.87
N ALA E 26 -20.34 20.80 21.77
CA ALA E 26 -21.73 20.57 21.45
C ALA E 26 -22.19 19.23 22.03
N SER E 27 -23.51 19.04 22.09
CA SER E 27 -24.08 17.85 22.69
C SER E 27 -24.29 16.71 21.70
N GLN E 28 -24.10 16.94 20.40
CA GLN E 28 -24.26 15.89 19.41
C GLN E 28 -23.50 16.29 18.14
N SER E 29 -23.51 15.40 17.16
CA SER E 29 -22.81 15.63 15.89
C SER E 29 -23.54 16.69 15.09
N VAL E 30 -22.97 17.89 15.06
CA VAL E 30 -23.51 19.07 14.40
C VAL E 30 -22.54 19.45 13.30
N SER E 31 -22.04 18.45 12.58
CA SER E 31 -20.63 18.30 12.21
C SER E 31 -19.85 19.59 12.08
N SER E 32 -20.34 20.58 11.32
CA SER E 32 -19.53 21.78 11.17
C SER E 32 -20.33 23.07 11.25
N ALA E 33 -21.51 23.05 11.87
CA ALA E 33 -22.36 24.24 11.92
C ALA E 33 -21.80 25.35 12.79
N VAL E 34 -20.65 25.15 13.43
CA VAL E 34 -20.20 26.05 14.49
C VAL E 34 -19.54 27.27 13.88
N ALA E 35 -19.74 28.42 14.53
CA ALA E 35 -19.08 29.67 14.18
C ALA E 35 -18.45 30.27 15.43
N TRP E 36 -17.49 31.16 15.20
CA TRP E 36 -16.74 31.83 16.26
C TRP E 36 -16.76 33.33 16.01
N TYR E 37 -16.97 34.09 17.11
CA TYR E 37 -17.20 35.52 17.08
C TYR E 37 -16.33 36.26 18.07
N GLN E 38 -15.79 37.39 17.63
CA GLN E 38 -15.10 38.35 18.48
C GLN E 38 -16.03 39.52 18.76
N GLN E 39 -16.12 39.92 20.02
CA GLN E 39 -16.91 41.10 20.41
C GLN E 39 -16.05 41.96 21.32
N LYS E 40 -15.71 43.15 20.85
CA LYS E 40 -15.07 44.14 21.70
C LYS E 40 -16.13 44.91 22.48
N PRO E 41 -15.82 45.38 23.69
CA PRO E 41 -16.87 45.79 24.63
C PRO E 41 -17.78 46.87 24.06
N GLY E 42 -19.08 46.71 24.28
CA GLY E 42 -20.09 47.65 23.84
C GLY E 42 -20.27 47.77 22.35
N LYS E 43 -19.51 47.03 21.55
CA LYS E 43 -19.55 47.12 20.10
C LYS E 43 -20.25 45.90 19.52
N ALA E 44 -20.37 45.89 18.20
CA ALA E 44 -21.06 44.81 17.52
C ALA E 44 -20.17 43.57 17.45
N PRO E 45 -20.73 42.38 17.63
CA PRO E 45 -19.96 41.16 17.38
C PRO E 45 -19.53 41.08 15.92
N LYS E 46 -18.37 40.49 15.69
CA LYS E 46 -17.85 40.28 14.35
C LYS E 46 -17.55 38.81 14.14
N LEU E 47 -17.78 38.34 12.92
CA LEU E 47 -17.59 36.92 12.59
C LEU E 47 -16.11 36.65 12.37
N LEU E 48 -15.55 35.75 13.18
CA LEU E 48 -14.19 35.26 12.95
C LEU E 48 -14.20 34.01 12.08
N ILE E 49 -14.94 32.99 12.50
CA ILE E 49 -14.86 31.67 11.88
C ILE E 49 -16.27 31.19 11.55
N TYR E 50 -16.45 30.67 10.35
CA TYR E 50 -17.64 29.91 9.99
C TYR E 50 -17.20 28.53 9.52
N SER E 51 -18.17 27.61 9.47
CA SER E 51 -17.91 26.20 9.17
C SER E 51 -16.98 25.54 10.19
N ALA E 52 -16.69 26.23 11.29
CA ALA E 52 -15.91 25.75 12.42
C ALA E 52 -14.43 25.63 12.08
N SER E 53 -14.09 25.77 10.81
CA SER E 53 -12.72 25.79 10.34
C SER E 53 -12.43 26.95 9.40
N SER E 54 -13.40 27.32 8.57
CA SER E 54 -13.17 28.34 7.55
C SER E 54 -13.11 29.73 8.16
N LEU E 55 -12.19 30.54 7.66
CA LEU E 55 -11.90 31.86 8.22
C LEU E 55 -12.61 32.94 7.40
N TYR E 56 -13.32 33.82 8.10
CA TYR E 56 -14.08 34.88 7.45
C TYR E 56 -13.14 35.86 6.77
N SER E 57 -13.53 36.31 5.57
CA SER E 57 -12.70 37.18 4.77
C SER E 57 -12.35 38.47 5.51
N GLY E 58 -11.07 38.64 5.84
CA GLY E 58 -10.61 39.81 6.56
C GLY E 58 -10.07 39.52 7.96
N VAL E 59 -10.15 38.29 8.43
CA VAL E 59 -9.69 37.93 9.78
C VAL E 59 -8.18 37.66 9.70
N PRO E 60 -7.40 38.10 10.69
CA PRO E 60 -5.96 37.81 10.67
C PRO E 60 -5.67 36.31 10.73
N SER E 61 -4.47 35.95 10.28
CA SER E 61 -4.10 34.54 10.17
C SER E 61 -3.90 33.87 11.52
N ARG E 62 -3.75 34.65 12.59
CA ARG E 62 -3.50 34.06 13.91
C ARG E 62 -4.74 33.39 14.50
N PHE E 63 -5.92 33.65 13.95
CA PHE E 63 -7.14 32.97 14.39
C PHE E 63 -7.35 31.71 13.57
N SER E 64 -7.60 30.59 14.24
CA SER E 64 -7.86 29.34 13.55
C SER E 64 -8.92 28.54 14.29
N GLY E 65 -9.68 27.75 13.52
CA GLY E 65 -10.71 26.91 14.09
C GLY E 65 -10.51 25.45 13.80
N SER E 66 -10.65 24.61 14.83
CA SER E 66 -10.42 23.17 14.72
C SER E 66 -11.58 22.41 15.31
N ARG E 67 -11.64 21.11 15.00
CA ARG E 67 -12.76 20.25 15.39
C ARG E 67 -12.25 18.89 15.84
N SER E 68 -12.88 18.35 16.89
CA SER E 68 -12.67 16.95 17.30
C SER E 68 -14.03 16.33 17.61
N GLY E 69 -14.71 15.86 16.58
CA GLY E 69 -15.92 15.06 16.74
C GLY E 69 -17.11 15.86 17.23
N THR E 70 -17.06 16.25 18.51
CA THR E 70 -18.11 17.04 19.14
C THR E 70 -17.56 18.24 19.89
N ASP E 71 -16.28 18.55 19.70
CA ASP E 71 -15.58 19.54 20.51
C ASP E 71 -14.82 20.47 19.58
N PHE E 72 -15.25 21.71 19.48
CA PHE E 72 -14.69 22.70 18.58
C PHE E 72 -13.75 23.61 19.35
N THR E 73 -12.77 24.17 18.65
CA THR E 73 -11.73 24.92 19.34
C THR E 73 -11.30 26.14 18.53
N LEU E 74 -11.26 27.29 19.19
CA LEU E 74 -10.71 28.51 18.62
C LEU E 74 -9.31 28.73 19.19
N THR E 75 -8.33 28.90 18.31
CA THR E 75 -6.94 29.07 18.72
C THR E 75 -6.38 30.36 18.17
N ILE E 76 -5.79 31.16 19.05
CA ILE E 76 -5.07 32.37 18.70
C ILE E 76 -3.59 32.07 18.87
N SER E 77 -2.85 32.11 17.76
CA SER E 77 -1.44 31.72 17.80
C SER E 77 -0.61 32.70 18.62
N SER E 78 -0.58 33.96 18.19
CA SER E 78 0.16 35.01 18.88
C SER E 78 -0.85 36.04 19.38
N LEU E 79 -1.15 36.02 20.67
CA LEU E 79 -2.14 36.93 21.24
C LEU E 79 -1.65 38.36 21.14
N GLN E 80 -2.43 39.19 20.47
CA GLN E 80 -2.14 40.60 20.32
C GLN E 80 -2.94 41.42 21.31
N PRO E 81 -2.46 42.62 21.68
CA PRO E 81 -3.18 43.41 22.69
C PRO E 81 -4.56 43.85 22.23
N GLU E 82 -4.78 44.03 20.92
CA GLU E 82 -6.10 44.37 20.42
C GLU E 82 -7.04 43.17 20.36
N ASP E 83 -6.52 41.96 20.58
CA ASP E 83 -7.36 40.77 20.67
C ASP E 83 -8.11 40.66 21.99
N PHE E 84 -7.93 41.63 22.89
CA PHE E 84 -8.79 41.74 24.07
C PHE E 84 -10.25 41.87 23.66
N ALA E 85 -11.05 40.86 23.97
CA ALA E 85 -12.46 40.84 23.59
C ALA E 85 -13.15 39.74 24.37
N THR E 86 -14.40 39.47 23.99
CA THR E 86 -15.13 38.28 24.42
C THR E 86 -15.47 37.47 23.19
N TYR E 87 -15.22 36.17 23.25
CA TYR E 87 -15.38 35.29 22.11
C TYR E 87 -16.55 34.33 22.35
N TYR E 88 -17.38 34.16 21.32
CA TYR E 88 -18.59 33.36 21.41
C TYR E 88 -18.60 32.29 20.32
N CYS E 89 -19.01 31.08 20.70
CA CYS E 89 -19.23 29.99 19.76
C CYS E 89 -20.72 29.83 19.51
N GLN E 90 -21.07 29.49 18.28
CA GLN E 90 -22.46 29.52 17.83
C GLN E 90 -22.87 28.18 17.25
N GLN E 91 -24.18 27.90 17.30
CA GLN E 91 -24.80 26.80 16.57
C GLN E 91 -25.31 27.34 15.24
N GLY E 92 -26.12 26.56 14.52
CA GLY E 92 -26.69 27.08 13.29
C GLY E 92 -27.89 26.29 12.79
N ASP E 93 -28.99 26.98 12.54
CA ASP E 93 -30.22 26.41 12.03
C ASP E 93 -31.17 27.59 11.79
N PRO E 94 -32.06 27.53 10.80
CA PRO E 94 -33.11 28.56 10.74
C PRO E 94 -34.04 28.54 11.93
N ARG E 95 -34.39 27.35 12.42
CA ARG E 95 -35.41 27.22 13.44
C ARG E 95 -34.91 27.42 14.87
N LEU E 96 -33.59 27.46 15.07
CA LEU E 96 -33.04 27.65 16.41
C LEU E 96 -31.57 28.02 16.31
N VAL E 97 -31.14 28.96 17.14
CA VAL E 97 -29.75 29.40 17.21
C VAL E 97 -29.37 29.57 18.68
N THR E 98 -28.30 28.92 19.09
CA THR E 98 -27.76 29.06 20.43
C THR E 98 -26.30 29.46 20.37
N PHE E 99 -25.87 30.22 21.37
CA PHE E 99 -24.49 30.66 21.53
C PHE E 99 -23.86 29.98 22.73
N GLY E 100 -22.55 30.18 22.87
CA GLY E 100 -21.86 29.74 24.06
C GLY E 100 -21.93 30.77 25.16
N GLN E 101 -21.51 30.34 26.36
CA GLN E 101 -21.48 31.25 27.49
C GLN E 101 -20.50 32.40 27.29
N GLY E 102 -19.52 32.22 26.43
CA GLY E 102 -18.55 33.25 26.14
C GLY E 102 -17.24 33.04 26.88
N THR E 103 -16.17 33.57 26.30
CA THR E 103 -14.85 33.53 26.91
C THR E 103 -14.21 34.90 26.79
N LYS E 104 -13.97 35.55 27.92
CA LYS E 104 -13.35 36.88 27.93
C LYS E 104 -11.83 36.71 27.99
N VAL E 105 -11.15 37.22 26.96
CA VAL E 105 -9.70 37.13 26.87
C VAL E 105 -9.10 38.43 27.40
N GLU E 106 -8.36 38.32 28.50
CA GLU E 106 -7.69 39.46 29.11
C GLU E 106 -6.20 39.42 28.80
N ILE E 107 -5.61 40.60 28.62
CA ILE E 107 -4.20 40.73 28.27
C ILE E 107 -3.40 40.94 29.54
N LYS E 108 -2.20 40.37 29.58
CA LYS E 108 -1.27 40.55 30.68
C LYS E 108 -0.04 41.31 30.21
N ARG E 109 0.38 42.28 31.00
CA ARG E 109 1.56 43.08 30.69
C ARG E 109 2.23 43.48 32.00
N THR E 110 3.39 44.13 31.87
CA THR E 110 4.20 44.46 33.04
C THR E 110 3.49 45.48 33.93
N VAL E 111 4.05 45.68 35.12
CA VAL E 111 3.45 46.59 36.09
C VAL E 111 3.51 48.01 35.55
N ALA E 112 2.43 48.77 35.74
CA ALA E 112 2.34 50.13 35.26
C ALA E 112 1.76 51.03 36.35
N ALA E 113 2.49 52.10 36.67
CA ALA E 113 2.05 53.07 37.66
C ALA E 113 1.12 54.10 37.02
N PRO E 114 0.07 54.51 37.72
CA PRO E 114 -0.92 55.42 37.11
C PRO E 114 -0.48 56.87 37.15
N SER E 115 -0.88 57.60 36.12
CA SER E 115 -0.83 59.06 36.14
C SER E 115 -2.00 59.54 36.98
N VAL E 116 -1.72 60.21 38.10
CA VAL E 116 -2.72 60.59 39.08
C VAL E 116 -3.03 62.06 38.95
N PHE E 117 -4.31 62.40 38.97
CA PHE E 117 -4.78 63.78 38.85
C PHE E 117 -5.98 63.98 39.77
N ILE E 118 -6.23 65.24 40.08
CA ILE E 118 -7.39 65.63 40.89
C ILE E 118 -8.03 66.86 40.26
N PHE E 119 -9.36 66.92 40.34
CA PHE E 119 -10.14 67.99 39.72
C PHE E 119 -11.02 68.68 40.75
N PRO E 120 -11.09 70.01 40.72
CA PRO E 120 -11.98 70.73 41.64
C PRO E 120 -13.40 70.69 41.12
N PRO E 121 -14.38 70.85 42.01
CA PRO E 121 -15.77 70.94 41.56
C PRO E 121 -15.97 72.15 40.64
N SER E 122 -16.84 71.98 39.66
CA SER E 122 -17.07 73.02 38.66
C SER E 122 -17.71 74.25 39.30
N ASP E 123 -17.55 75.39 38.62
CA ASP E 123 -18.15 76.63 39.09
C ASP E 123 -19.68 76.55 39.08
N SER E 124 -20.26 76.12 37.96
CA SER E 124 -21.70 75.97 37.88
C SER E 124 -22.20 74.77 38.68
N GLN E 125 -21.31 73.84 39.06
CA GLN E 125 -21.73 72.72 39.88
C GLN E 125 -22.03 73.14 41.31
N LEU E 126 -21.31 74.15 41.81
CA LEU E 126 -21.58 74.68 43.15
C LEU E 126 -22.95 75.34 43.22
N LYS E 127 -23.54 75.69 42.08
CA LYS E 127 -24.88 76.27 42.05
C LYS E 127 -25.97 75.24 42.33
N SER E 128 -25.63 73.96 42.36
CA SER E 128 -26.60 72.90 42.65
C SER E 128 -26.71 72.57 44.13
N GLY E 129 -25.84 73.15 44.97
CA GLY E 129 -25.79 72.77 46.37
C GLY E 129 -25.06 71.48 46.65
N THR E 130 -24.43 70.89 45.64
CA THR E 130 -23.70 69.64 45.80
C THR E 130 -22.53 69.64 44.84
N ALA E 131 -21.36 69.23 45.32
CA ALA E 131 -20.13 69.26 44.56
C ALA E 131 -19.52 67.86 44.48
N SER E 132 -18.62 67.68 43.52
CA SER E 132 -17.96 66.41 43.29
C SER E 132 -16.48 66.64 43.00
N VAL E 133 -15.64 65.81 43.61
CA VAL E 133 -14.19 65.85 43.42
C VAL E 133 -13.79 64.60 42.65
N VAL E 134 -13.10 64.79 41.53
CA VAL E 134 -12.77 63.71 40.60
C VAL E 134 -11.29 63.41 40.73
N CYS E 135 -10.95 62.18 41.15
CA CYS E 135 -9.57 61.72 41.20
C CYS E 135 -9.37 60.72 40.07
N LEU E 136 -8.45 61.03 39.17
CA LEU E 136 -8.21 60.27 37.96
C LEU E 136 -6.92 59.47 38.08
N LEU E 137 -6.97 58.20 37.63
CA LEU E 137 -5.83 57.29 37.63
C LEU E 137 -5.73 56.72 36.22
N ASN E 138 -4.78 57.19 35.43
CA ASN E 138 -4.72 56.87 34.01
C ASN E 138 -3.59 55.91 33.71
N ASN E 139 -3.85 54.93 32.84
CA ASN E 139 -2.83 54.11 32.20
C ASN E 139 -1.98 53.35 33.24
N PHE E 140 -2.65 52.44 33.94
CA PHE E 140 -1.99 51.59 34.92
C PHE E 140 -2.40 50.14 34.74
N TYR E 141 -1.66 49.25 35.40
CA TYR E 141 -1.90 47.81 35.40
C TYR E 141 -1.20 47.21 36.61
N PRO E 142 -1.81 46.25 37.31
CA PRO E 142 -3.12 45.62 37.06
C PRO E 142 -4.32 46.49 37.45
N ARG E 143 -5.51 45.88 37.41
CA ARG E 143 -6.73 46.64 37.68
C ARG E 143 -6.85 47.01 39.15
N GLU E 144 -6.26 46.22 40.05
CA GLU E 144 -6.35 46.50 41.47
C GLU E 144 -5.62 47.80 41.81
N ALA E 145 -6.32 48.70 42.50
CA ALA E 145 -5.75 49.94 42.99
C ALA E 145 -6.45 50.29 44.30
N LYS E 146 -6.05 51.41 44.89
CA LYS E 146 -6.68 51.88 46.13
C LYS E 146 -6.64 53.39 46.15
N VAL E 147 -7.82 54.01 46.19
CA VAL E 147 -7.96 55.46 46.25
C VAL E 147 -8.58 55.81 47.60
N GLN E 148 -7.84 56.56 48.41
CA GLN E 148 -8.30 57.02 49.71
C GLN E 148 -8.58 58.51 49.63
N TRP E 149 -9.60 58.97 50.35
CA TRP E 149 -9.94 60.39 50.35
C TRP E 149 -9.59 61.04 51.67
N LYS E 150 -9.22 62.32 51.61
CA LYS E 150 -8.81 63.08 52.78
C LYS E 150 -9.37 64.50 52.65
N VAL E 151 -10.33 64.84 53.50
CA VAL E 151 -10.89 66.18 53.59
C VAL E 151 -10.48 66.75 54.94
N ASP E 152 -9.61 67.77 54.92
CA ASP E 152 -8.95 68.28 56.13
C ASP E 152 -8.20 67.16 56.85
N ASN E 153 -7.52 66.32 56.06
CA ASN E 153 -6.83 65.12 56.55
C ASN E 153 -7.74 64.24 57.40
N ALA E 154 -9.02 64.16 57.02
CA ALA E 154 -9.96 63.23 57.62
C ALA E 154 -10.43 62.27 56.54
N LEU E 155 -10.25 60.98 56.78
CA LEU E 155 -10.51 59.97 55.76
C LEU E 155 -12.02 59.79 55.55
N GLN E 156 -12.39 59.52 54.30
CA GLN E 156 -13.77 59.47 53.88
C GLN E 156 -14.18 58.02 53.60
N SER E 157 -15.50 57.78 53.68
CA SER E 157 -16.07 56.47 53.40
C SER E 157 -17.58 56.55 53.25
N GLY E 158 -18.11 55.95 52.19
CA GLY E 158 -19.54 55.98 51.93
C GLY E 158 -20.02 57.11 51.04
N ASN E 159 -19.12 57.95 50.54
CA ASN E 159 -19.49 59.10 49.73
C ASN E 159 -18.70 59.17 48.43
N SER E 160 -17.95 58.12 48.06
CA SER E 160 -17.19 58.07 46.84
C SER E 160 -17.58 56.82 46.07
N GLN E 161 -17.48 56.90 44.74
CA GLN E 161 -17.73 55.78 43.86
C GLN E 161 -16.63 55.73 42.79
N GLU E 162 -16.34 54.54 42.31
CA GLU E 162 -15.23 54.36 41.39
C GLU E 162 -15.71 53.65 40.13
N SER E 163 -15.18 54.11 39.00
CA SER E 163 -15.48 53.56 37.69
C SER E 163 -14.20 53.24 36.93
N VAL E 164 -14.11 52.02 36.41
CA VAL E 164 -12.91 51.54 35.72
C VAL E 164 -13.26 51.25 34.26
N THR E 165 -12.39 51.70 33.35
CA THR E 165 -12.59 51.46 31.93
C THR E 165 -12.17 50.03 31.57
N GLU E 166 -12.54 49.63 30.36
CA GLU E 166 -12.06 48.36 29.84
C GLU E 166 -10.60 48.49 29.41
N GLN E 167 -9.93 47.34 29.33
CA GLN E 167 -8.50 47.33 29.02
C GLN E 167 -8.27 47.83 27.59
N ASP E 168 -7.26 48.69 27.43
CA ASP E 168 -7.10 49.44 26.19
C ASP E 168 -6.58 48.54 25.07
N SER E 169 -6.77 49.02 23.83
CA SER E 169 -6.49 48.22 22.65
C SER E 169 -5.00 48.10 22.37
N LYS E 170 -4.24 49.19 22.52
CA LYS E 170 -2.84 49.19 22.11
C LYS E 170 -1.87 48.98 23.26
N ASP E 171 -2.07 49.63 24.41
CA ASP E 171 -1.15 49.48 25.54
C ASP E 171 -1.69 48.57 26.64
N SER E 172 -2.97 48.21 26.59
CA SER E 172 -3.57 47.27 27.54
C SER E 172 -3.39 47.74 28.98
N THR E 173 -3.88 48.96 29.24
CA THR E 173 -3.82 49.56 30.57
C THR E 173 -5.21 50.03 30.98
N TYR E 174 -5.37 50.31 32.27
CA TYR E 174 -6.66 50.64 32.84
C TYR E 174 -6.71 52.11 33.25
N SER E 175 -7.93 52.63 33.33
CA SER E 175 -8.21 53.97 33.81
C SER E 175 -9.29 53.92 34.86
N LEU E 176 -9.15 54.74 35.90
CA LEU E 176 -10.05 54.75 37.03
C LEU E 176 -10.46 56.17 37.36
N SER E 177 -11.74 56.34 37.68
CA SER E 177 -12.32 57.63 38.05
C SER E 177 -13.01 57.48 39.38
N SER E 178 -12.53 58.21 40.40
CA SER E 178 -13.13 58.19 41.73
C SER E 178 -13.85 59.52 41.94
N THR E 179 -15.17 59.48 41.99
CA THR E 179 -15.99 60.66 42.19
C THR E 179 -16.42 60.73 43.65
N LEU E 180 -16.11 61.85 44.31
CA LEU E 180 -16.41 62.09 45.71
C LEU E 180 -17.53 63.13 45.77
N THR E 181 -18.72 62.70 46.18
CA THR E 181 -19.89 63.57 46.25
C THR E 181 -20.03 64.14 47.66
N LEU E 182 -20.18 65.46 47.75
CA LEU E 182 -20.33 66.13 49.04
C LEU E 182 -21.30 67.29 48.90
N SER E 183 -22.19 67.42 49.89
CA SER E 183 -23.04 68.61 49.95
C SER E 183 -22.19 69.86 50.06
N LYS E 184 -22.68 70.95 49.44
CA LYS E 184 -21.89 72.17 49.39
C LYS E 184 -21.58 72.72 50.77
N ALA E 185 -22.42 72.40 51.76
CA ALA E 185 -22.15 72.80 53.14
C ALA E 185 -20.80 72.27 53.60
N ASP E 186 -20.65 70.94 53.61
CA ASP E 186 -19.37 70.34 53.98
C ASP E 186 -18.26 70.70 53.02
N TYR E 187 -18.59 71.11 51.80
CA TYR E 187 -17.54 71.55 50.88
C TYR E 187 -16.95 72.88 51.32
N GLU E 188 -17.80 73.85 51.65
CA GLU E 188 -17.28 75.16 52.06
C GLU E 188 -16.76 75.15 53.49
N LYS E 189 -17.27 74.25 54.34
CA LYS E 189 -16.81 74.20 55.72
C LYS E 189 -15.36 73.71 55.84
N HIS E 190 -14.81 73.11 54.78
CA HIS E 190 -13.48 72.54 54.82
C HIS E 190 -12.63 73.16 53.71
N LYS E 191 -11.31 72.97 53.83
CA LYS E 191 -10.41 73.62 52.88
C LYS E 191 -9.46 72.66 52.16
N VAL E 192 -8.93 71.66 52.85
CA VAL E 192 -7.95 70.75 52.26
C VAL E 192 -8.67 69.55 51.66
N TYR E 193 -8.40 69.27 50.38
CA TYR E 193 -8.95 68.10 49.70
C TYR E 193 -7.81 67.34 49.06
N ALA E 194 -7.81 66.01 49.21
CA ALA E 194 -6.74 65.20 48.67
C ALA E 194 -7.23 63.79 48.38
N CYS E 195 -6.70 63.20 47.32
CA CYS E 195 -6.88 61.77 47.03
C CYS E 195 -5.53 61.10 46.98
N GLU E 196 -5.42 59.96 47.67
CA GLU E 196 -4.17 59.24 47.86
C GLU E 196 -4.28 57.89 47.16
N VAL E 197 -3.44 57.68 46.17
CA VAL E 197 -3.42 56.45 45.39
C VAL E 197 -2.35 55.53 45.97
N THR E 198 -2.76 54.32 46.34
CA THR E 198 -1.87 53.27 46.84
C THR E 198 -1.92 52.13 45.83
N HIS E 199 -1.05 52.20 44.83
CA HIS E 199 -1.01 51.24 43.73
C HIS E 199 0.22 50.37 43.85
N GLN E 200 0.16 49.20 43.19
CA GLN E 200 1.27 48.25 43.25
C GLN E 200 2.54 48.83 42.64
N GLY E 201 2.42 49.55 41.52
CA GLY E 201 3.56 50.08 40.81
C GLY E 201 4.14 51.34 41.42
N LEU E 202 3.82 51.60 42.69
CA LEU E 202 4.31 52.79 43.38
C LEU E 202 4.97 52.38 44.68
N SER E 203 6.10 53.02 44.99
CA SER E 203 6.79 52.75 46.24
C SER E 203 6.06 53.40 47.42
N SER E 204 5.83 54.70 47.34
CA SER E 204 5.09 55.43 48.35
C SER E 204 3.78 55.92 47.78
N PRO E 205 2.66 55.76 48.49
CA PRO E 205 1.36 56.20 47.97
C PRO E 205 1.36 57.68 47.60
N VAL E 206 1.02 57.97 46.35
CA VAL E 206 1.12 59.31 45.80
C VAL E 206 -0.20 60.03 45.98
N THR E 207 -0.14 61.27 46.47
CA THR E 207 -1.35 62.04 46.80
C THR E 207 -1.41 63.29 45.93
N LYS E 208 -2.63 63.64 45.50
CA LYS E 208 -2.90 64.87 44.78
C LYS E 208 -3.98 65.65 45.51
N SER E 209 -3.76 66.96 45.67
CA SER E 209 -4.56 67.76 46.58
C SER E 209 -4.81 69.15 46.00
N PHE E 210 -5.84 69.80 46.54
CA PHE E 210 -6.08 71.22 46.32
C PHE E 210 -6.69 71.81 47.59
N ASN E 211 -6.90 73.13 47.59
CA ASN E 211 -7.26 73.85 48.80
C ASN E 211 -8.30 74.92 48.48
N ARG E 212 -9.56 74.66 48.81
CA ARG E 212 -10.63 75.65 48.74
C ARG E 212 -11.55 75.52 49.96
N PRO F 12 -56.97 32.23 -20.90
CA PRO F 12 -57.38 30.85 -21.20
C PRO F 12 -57.67 30.04 -19.96
N GLY F 13 -57.49 28.72 -20.04
CA GLY F 13 -57.59 27.87 -18.87
C GLY F 13 -56.25 27.70 -18.19
N ILE F 14 -55.52 28.80 -17.99
CA ILE F 14 -54.17 28.74 -17.42
C ILE F 14 -54.21 28.48 -15.92
N ALA F 15 -55.37 28.55 -15.28
CA ALA F 15 -55.49 28.08 -13.90
C ALA F 15 -55.68 26.57 -13.83
N TRP F 16 -56.21 25.96 -14.90
CA TRP F 16 -56.22 24.50 -15.02
C TRP F 16 -54.81 23.94 -15.09
N ILE F 17 -53.82 24.78 -15.40
CA ILE F 17 -52.42 24.37 -15.37
C ILE F 17 -51.93 24.24 -13.94
N ALA F 18 -52.23 25.23 -13.10
CA ALA F 18 -51.75 25.23 -11.72
C ALA F 18 -52.24 24.03 -10.93
N LEU F 19 -53.28 23.35 -11.39
CA LEU F 19 -53.68 22.10 -10.76
C LEU F 19 -52.57 21.07 -10.81
N LEU F 20 -51.89 20.96 -11.95
CA LEU F 20 -50.76 20.04 -12.08
C LEU F 20 -49.62 20.43 -11.14
N LEU F 21 -49.36 21.73 -11.01
CA LEU F 21 -48.28 22.18 -10.14
C LEU F 21 -48.60 21.91 -8.67
N LEU F 22 -49.88 22.08 -8.28
CA LEU F 22 -50.27 21.69 -6.93
C LEU F 22 -50.20 20.18 -6.74
N VAL F 23 -50.46 19.39 -7.79
CA VAL F 23 -50.28 17.95 -7.67
C VAL F 23 -48.82 17.60 -7.41
N ILE F 24 -47.91 18.30 -8.10
CA ILE F 24 -46.48 18.05 -7.88
C ILE F 24 -46.06 18.46 -6.48
N PHE F 25 -46.48 19.66 -6.05
CA PHE F 25 -46.27 20.05 -4.66
C PHE F 25 -46.78 18.97 -3.71
N TYR F 26 -47.97 18.43 -3.98
CA TYR F 26 -48.57 17.45 -3.09
C TYR F 26 -47.72 16.19 -3.02
N VAL F 27 -47.31 15.66 -4.17
CA VAL F 27 -46.58 14.40 -4.17
C VAL F 27 -45.22 14.57 -3.51
N PHE F 28 -44.52 15.67 -3.80
CA PHE F 28 -43.23 15.87 -3.14
C PHE F 28 -43.38 16.21 -1.67
N ALA F 29 -44.50 16.81 -1.26
CA ALA F 29 -44.73 17.06 0.16
C ALA F 29 -45.01 15.76 0.89
N VAL F 30 -45.78 14.85 0.27
CA VAL F 30 -45.98 13.53 0.86
C VAL F 30 -44.66 12.79 0.96
N MET F 31 -43.80 12.91 -0.07
CA MET F 31 -42.46 12.33 0.00
C MET F 31 -41.68 12.88 1.18
N GLY F 32 -41.62 14.21 1.30
CA GLY F 32 -40.88 14.82 2.39
C GLY F 32 -41.45 14.45 3.75
N THR F 33 -42.76 14.25 3.82
CA THR F 33 -43.38 13.80 5.07
C THR F 33 -42.95 12.39 5.40
N LYS F 34 -43.00 11.49 4.40
CA LYS F 34 -42.61 10.10 4.63
C LYS F 34 -41.14 9.98 4.98
N LEU F 35 -40.31 10.90 4.48
CA LEU F 35 -38.87 10.79 4.66
C LEU F 35 -38.36 11.49 5.92
N PHE F 36 -38.89 12.68 6.24
CA PHE F 36 -38.24 13.56 7.20
C PHE F 36 -39.10 13.93 8.39
N ALA F 37 -40.32 13.38 8.52
CA ALA F 37 -41.21 13.81 9.58
C ALA F 37 -40.65 13.46 10.95
N GLN F 38 -40.15 12.24 11.12
CA GLN F 38 -39.64 11.80 12.41
C GLN F 38 -38.43 12.62 12.83
N SER F 39 -37.59 13.02 11.88
CA SER F 39 -36.33 13.68 12.18
C SER F 39 -36.40 15.20 12.12
N PHE F 40 -37.24 15.77 11.26
CA PHE F 40 -37.40 17.22 11.14
C PHE F 40 -38.88 17.54 11.22
N PRO F 41 -39.45 17.54 12.43
CA PRO F 41 -40.91 17.69 12.55
C PRO F 41 -41.40 19.08 12.16
N GLU F 42 -40.67 20.13 12.52
CA GLU F 42 -41.16 21.47 12.23
C GLU F 42 -41.18 21.74 10.72
N TRP F 43 -40.33 21.06 9.96
CA TRP F 43 -40.24 21.28 8.52
C TRP F 43 -41.05 20.27 7.71
N PHE F 44 -41.23 19.05 8.22
CA PHE F 44 -41.89 18.00 7.45
C PHE F 44 -42.83 17.15 8.31
N GLY F 45 -43.20 17.61 9.50
CA GLY F 45 -44.03 16.81 10.38
C GLY F 45 -45.48 16.70 9.95
N THR F 46 -45.97 17.66 9.16
CA THR F 46 -47.32 17.63 8.62
C THR F 46 -47.25 17.85 7.11
N LEU F 47 -48.37 17.58 6.43
CA LEU F 47 -48.42 17.87 5.01
C LEU F 47 -48.28 19.36 4.75
N GLY F 48 -48.89 20.19 5.60
CA GLY F 48 -48.73 21.62 5.45
C GLY F 48 -47.28 22.06 5.65
N ALA F 49 -46.60 21.49 6.64
CA ALA F 49 -45.20 21.82 6.85
C ALA F 49 -44.35 21.42 5.66
N SER F 50 -44.64 20.26 5.07
CA SER F 50 -43.87 19.82 3.91
C SER F 50 -44.13 20.74 2.71
N MET F 51 -45.39 21.08 2.46
CA MET F 51 -45.72 22.04 1.42
C MET F 51 -44.95 23.34 1.61
N TYR F 52 -44.98 23.88 2.84
CA TYR F 52 -44.35 25.16 3.13
C TYR F 52 -42.84 25.08 2.94
N THR F 53 -42.24 23.99 3.43
CA THR F 53 -40.80 23.83 3.32
C THR F 53 -40.37 23.67 1.86
N LEU F 54 -41.15 22.94 1.07
CA LEU F 54 -40.84 22.82 -0.36
C LEU F 54 -40.94 24.18 -1.05
N PHE F 55 -41.94 24.97 -0.69
CA PHE F 55 -42.03 26.32 -1.26
C PHE F 55 -40.82 27.15 -0.87
N GLN F 56 -40.42 27.09 0.39
CA GLN F 56 -39.27 27.85 0.86
C GLN F 56 -37.99 27.43 0.15
N VAL F 57 -37.85 26.13 -0.12
CA VAL F 57 -36.69 25.65 -0.86
C VAL F 57 -36.75 26.11 -2.31
N MET F 58 -37.95 26.09 -2.90
CA MET F 58 -38.11 26.52 -4.28
C MET F 58 -37.80 28.01 -4.43
N THR F 59 -37.97 28.79 -3.36
CA THR F 59 -37.60 30.21 -3.42
C THR F 59 -36.11 30.38 -3.75
N LEU F 60 -35.27 29.42 -3.35
CA LEU F 60 -33.83 29.47 -3.56
C LEU F 60 -33.24 30.74 -2.95
N GLU F 61 -33.49 30.90 -1.65
CA GLU F 61 -33.09 32.08 -0.91
C GLU F 61 -32.28 31.67 0.31
N SER F 62 -32.02 32.61 1.22
CA SER F 62 -31.24 32.29 2.42
C SER F 62 -31.90 31.15 3.21
N TRP F 63 -33.17 31.33 3.58
CA TRP F 63 -33.92 30.25 4.22
C TRP F 63 -33.89 28.95 3.44
N SER F 64 -33.79 29.00 2.11
CA SER F 64 -33.74 27.76 1.34
C SER F 64 -32.53 26.92 1.72
N MET F 65 -31.33 27.51 1.63
CA MET F 65 -30.12 26.79 2.02
C MET F 65 -30.11 26.49 3.50
N GLY F 66 -30.70 27.36 4.32
CA GLY F 66 -30.79 27.09 5.74
C GLY F 66 -31.58 25.83 6.05
N ILE F 67 -32.71 25.65 5.36
CA ILE F 67 -33.47 24.41 5.49
C ILE F 67 -32.66 23.24 4.95
N ALA F 68 -31.95 23.47 3.85
CA ALA F 68 -31.28 22.36 3.16
C ALA F 68 -30.19 21.75 4.03
N ARG F 69 -29.35 22.59 4.64
CA ARG F 69 -28.12 22.07 5.27
C ARG F 69 -28.35 21.01 6.36
N PRO F 70 -29.30 21.17 7.30
CA PRO F 70 -29.40 20.14 8.34
C PRO F 70 -30.03 18.88 7.81
N VAL F 71 -30.96 19.01 6.86
CA VAL F 71 -31.59 17.85 6.25
C VAL F 71 -30.56 17.00 5.54
N ILE F 72 -29.57 17.64 4.91
CA ILE F 72 -28.55 16.90 4.20
C ILE F 72 -27.49 16.38 5.15
N GLU F 73 -27.17 17.12 6.22
CA GLU F 73 -26.27 16.57 7.23
C GLU F 73 -26.86 15.31 7.87
N ALA F 74 -28.16 15.33 8.15
CA ALA F 74 -28.81 14.17 8.74
C ALA F 74 -28.96 13.05 7.72
N TYR F 75 -29.44 13.39 6.52
CA TYR F 75 -29.61 12.41 5.44
C TYR F 75 -28.90 12.94 4.22
N PRO F 76 -27.68 12.47 3.95
CA PRO F 76 -26.93 13.02 2.81
C PRO F 76 -27.62 12.83 1.47
N TRP F 77 -28.36 11.73 1.29
CA TRP F 77 -29.12 11.52 0.06
C TRP F 77 -30.20 12.57 -0.15
N ALA F 78 -30.60 13.30 0.89
CA ALA F 78 -31.75 14.19 0.81
C ALA F 78 -31.65 15.19 -0.33
N TRP F 79 -30.42 15.51 -0.77
CA TRP F 79 -30.26 16.46 -1.86
C TRP F 79 -31.01 16.00 -3.11
N ILE F 80 -30.90 14.71 -3.46
CA ILE F 80 -31.55 14.21 -4.67
C ILE F 80 -33.06 14.31 -4.52
N TYR F 81 -33.56 14.39 -3.28
CA TYR F 81 -34.94 14.80 -3.06
C TYR F 81 -35.16 16.21 -3.56
N PHE F 82 -34.51 17.19 -2.90
CA PHE F 82 -34.75 18.59 -3.21
C PHE F 82 -34.53 18.87 -4.69
N VAL F 83 -33.36 18.48 -5.20
CA VAL F 83 -33.02 18.70 -6.60
C VAL F 83 -34.11 18.16 -7.51
N SER F 84 -34.56 16.93 -7.25
CA SER F 84 -35.61 16.35 -8.09
C SER F 84 -36.87 17.22 -8.06
N PHE F 85 -37.27 17.65 -6.86
CA PHE F 85 -38.41 18.57 -6.75
C PHE F 85 -38.20 19.82 -7.60
N ILE F 86 -36.97 20.33 -7.64
CA ILE F 86 -36.71 21.52 -8.44
C ILE F 86 -36.68 21.17 -9.92
N LEU F 87 -36.25 19.96 -10.27
CA LEU F 87 -36.18 19.58 -11.68
C LEU F 87 -37.56 19.20 -12.20
N VAL F 88 -38.17 18.17 -11.60
CA VAL F 88 -39.46 17.68 -12.05
C VAL F 88 -40.46 18.81 -12.20
N SER F 89 -40.46 19.75 -11.25
CA SER F 89 -41.30 20.93 -11.38
C SER F 89 -40.92 21.74 -12.63
N SER F 90 -39.68 22.24 -12.66
CA SER F 90 -39.31 23.19 -13.70
C SER F 90 -39.43 22.60 -15.10
N PHE F 91 -39.16 21.29 -15.24
CA PHE F 91 -39.25 20.66 -16.55
C PHE F 91 -40.67 20.33 -16.97
N THR F 92 -41.62 20.27 -16.02
CA THR F 92 -43.02 20.26 -16.43
C THR F 92 -43.40 21.59 -17.04
N VAL F 93 -43.24 22.68 -16.27
CA VAL F 93 -43.61 24.02 -16.72
C VAL F 93 -43.06 24.26 -18.11
N LEU F 94 -41.73 24.22 -18.25
CA LEU F 94 -41.09 24.42 -19.55
C LEU F 94 -41.75 23.58 -20.62
N ASN F 95 -41.85 22.26 -20.38
CA ASN F 95 -42.46 21.40 -21.38
C ASN F 95 -43.89 21.83 -21.65
N LEU F 96 -44.68 22.02 -20.60
CA LEU F 96 -46.01 22.58 -20.79
C LEU F 96 -45.93 23.91 -21.51
N PHE F 97 -45.03 24.77 -21.06
CA PHE F 97 -44.89 26.10 -21.65
C PHE F 97 -44.43 26.02 -23.10
N ILE F 98 -43.77 24.92 -23.49
CA ILE F 98 -43.33 24.78 -24.87
C ILE F 98 -44.39 24.10 -25.72
N GLY F 99 -45.40 23.49 -25.10
CA GLY F 99 -46.49 22.88 -25.83
C GLY F 99 -47.54 23.89 -26.23
N ILE F 100 -47.82 24.82 -25.32
CA ILE F 100 -48.76 25.91 -25.61
C ILE F 100 -48.38 26.61 -26.90
N ILE F 101 -47.09 26.92 -27.05
CA ILE F 101 -46.61 27.63 -28.24
C ILE F 101 -46.94 26.86 -29.51
N ILE F 102 -46.90 25.53 -29.47
CA ILE F 102 -47.25 24.79 -30.68
C ILE F 102 -48.76 24.53 -30.78
N GLU F 103 -49.48 24.63 -29.67
CA GLU F 103 -50.94 24.66 -29.74
C GLU F 103 -51.48 26.08 -29.87
N SER F 104 -50.61 27.08 -29.88
CA SER F 104 -51.00 28.45 -30.18
C SER F 104 -50.64 28.87 -31.60
N MET F 105 -49.71 28.16 -32.24
CA MET F 105 -49.37 28.39 -33.63
C MET F 105 -50.36 27.67 -34.58
N GLN F 106 -51.47 27.19 -34.05
CA GLN F 106 -52.50 26.52 -34.84
C GLN F 106 -53.60 27.46 -35.32
N SER F 107 -53.61 28.70 -34.86
CA SER F 107 -54.78 29.55 -34.88
C SER F 107 -54.99 30.29 -36.21
N ALA F 108 -54.17 30.03 -37.23
CA ALA F 108 -54.47 30.56 -38.56
C ALA F 108 -55.83 30.05 -39.04
N HIS F 109 -56.08 28.75 -38.85
CA HIS F 109 -57.41 28.18 -39.07
C HIS F 109 -58.49 28.93 -38.30
N HIS F 110 -58.16 29.50 -37.14
CA HIS F 110 -59.14 30.29 -36.40
C HIS F 110 -59.41 31.63 -37.07
N ALA F 111 -58.37 32.24 -37.65
CA ALA F 111 -58.60 33.47 -38.43
C ALA F 111 -59.53 33.21 -39.61
N GLU F 112 -59.30 32.09 -40.31
CA GLU F 112 -60.24 31.68 -41.34
C GLU F 112 -61.65 31.47 -40.77
N ASP F 113 -61.74 30.87 -39.59
CA ASP F 113 -63.03 30.67 -38.94
C ASP F 113 -63.81 31.99 -38.85
N GLY F 114 -63.18 33.00 -38.25
CA GLY F 114 -63.83 34.30 -38.17
C GLY F 114 -64.22 34.86 -39.52
N GLU F 115 -63.36 34.66 -40.53
CA GLU F 115 -63.68 35.19 -41.86
C GLU F 115 -64.88 34.47 -42.49
N ARG F 116 -64.99 33.16 -42.27
CA ARG F 116 -66.21 32.47 -42.68
C ARG F 116 -67.41 32.98 -41.92
N THR F 117 -67.23 33.31 -40.63
CA THR F 117 -68.33 33.90 -39.86
C THR F 117 -68.84 35.16 -40.56
N ASP F 118 -67.92 36.02 -40.99
CA ASP F 118 -68.31 37.24 -41.72
C ASP F 118 -69.15 36.91 -42.95
N ALA F 119 -68.55 36.18 -43.90
CA ALA F 119 -69.20 35.97 -45.19
C ALA F 119 -70.55 35.24 -45.03
N TYR F 120 -70.63 34.24 -44.14
CA TYR F 120 -71.90 33.58 -43.88
C TYR F 120 -72.93 34.49 -43.21
N ARG F 121 -72.50 35.42 -42.36
CA ARG F 121 -73.48 36.22 -41.65
C ARG F 121 -73.91 37.46 -42.40
N ASP F 122 -73.39 37.69 -43.59
CA ASP F 122 -74.25 38.46 -44.51
C ASP F 122 -75.10 37.57 -45.42
N GLU F 123 -74.65 36.33 -45.71
CA GLU F 123 -75.55 35.38 -46.40
C GLU F 123 -76.91 35.26 -45.69
N VAL F 124 -76.88 35.09 -44.36
CA VAL F 124 -78.10 34.82 -43.58
C VAL F 124 -79.14 35.93 -43.76
N GLU G 4 0.48 -42.66 33.33
CA GLU G 4 1.55 -43.09 34.22
C GLU G 4 2.16 -41.90 34.97
N VAL G 5 2.19 -40.75 34.31
CA VAL G 5 2.69 -39.51 34.91
C VAL G 5 1.65 -39.02 35.89
N GLN G 6 1.84 -39.31 37.17
CA GLN G 6 0.80 -39.11 38.17
C GLN G 6 1.38 -38.52 39.46
N LEU G 7 0.46 -37.99 40.27
CA LEU G 7 0.76 -37.40 41.57
C LEU G 7 -0.17 -38.07 42.57
N VAL G 8 0.35 -39.04 43.32
CA VAL G 8 -0.45 -39.76 44.31
C VAL G 8 -0.31 -39.01 45.63
N GLU G 9 -1.41 -38.45 46.11
CA GLU G 9 -1.37 -37.68 47.35
C GLU G 9 -2.18 -38.38 48.43
N SER G 10 -1.77 -38.15 49.68
CA SER G 10 -2.37 -38.79 50.84
C SER G 10 -2.02 -37.97 52.08
N GLY G 11 -2.49 -38.44 53.24
CA GLY G 11 -2.19 -37.82 54.50
C GLY G 11 -3.26 -36.94 55.07
N GLY G 12 -4.40 -36.81 54.40
CA GLY G 12 -5.49 -35.98 54.88
C GLY G 12 -6.50 -36.76 55.70
N GLY G 13 -7.56 -36.06 56.08
CA GLY G 13 -8.63 -36.68 56.83
C GLY G 13 -9.22 -35.79 57.91
N LEU G 14 -9.27 -36.29 59.14
CA LEU G 14 -9.83 -35.57 60.27
C LEU G 14 -8.72 -35.07 61.18
N VAL G 15 -8.90 -33.87 61.72
CA VAL G 15 -7.94 -33.28 62.65
C VAL G 15 -8.70 -32.28 63.52
N GLN G 16 -8.29 -32.18 64.79
CA GLN G 16 -8.95 -31.29 65.72
C GLN G 16 -8.49 -29.85 65.52
N PRO G 17 -9.37 -28.88 65.80
CA PRO G 17 -8.99 -27.47 65.62
C PRO G 17 -7.75 -27.10 66.45
N GLY G 18 -6.92 -26.23 65.88
CA GLY G 18 -5.65 -25.92 66.49
C GLY G 18 -4.60 -27.01 66.33
N GLY G 19 -4.91 -28.07 65.60
CA GLY G 19 -4.00 -29.18 65.42
C GLY G 19 -3.08 -29.01 64.23
N SER G 20 -2.58 -30.15 63.75
CA SER G 20 -1.63 -30.16 62.64
C SER G 20 -1.89 -31.38 61.78
N LEU G 21 -1.40 -31.32 60.54
CA LEU G 21 -1.61 -32.41 59.60
C LEU G 21 -0.60 -32.30 58.46
N ARG G 22 -0.12 -33.45 57.99
CA ARG G 22 0.89 -33.50 56.95
C ARG G 22 0.27 -34.11 55.69
N LEU G 23 0.51 -33.46 54.55
CA LEU G 23 0.03 -33.95 53.26
C LEU G 23 1.22 -34.33 52.40
N SER G 24 1.19 -35.54 51.84
CA SER G 24 2.25 -36.03 50.98
C SER G 24 1.74 -36.13 49.55
N CYS G 25 2.59 -35.77 48.59
CA CYS G 25 2.28 -35.85 47.16
C CYS G 25 3.48 -36.49 46.47
N ALA G 26 3.40 -37.80 46.24
CA ALA G 26 4.47 -38.54 45.59
C ALA G 26 4.29 -38.48 44.09
N ALA G 27 5.31 -37.98 43.40
CA ALA G 27 5.30 -37.91 41.95
C ALA G 27 5.84 -39.20 41.36
N SER G 28 5.31 -39.57 40.19
CA SER G 28 5.77 -40.79 39.53
C SER G 28 5.61 -40.63 38.02
N GLY G 29 6.65 -40.99 37.27
CA GLY G 29 6.57 -41.05 35.83
C GLY G 29 7.22 -39.90 35.09
N PHE G 30 7.57 -38.81 35.77
CA PHE G 30 8.22 -37.66 35.13
C PHE G 30 9.43 -37.25 35.95
N ASN G 31 10.09 -36.18 35.52
CA ASN G 31 11.25 -35.64 36.23
C ASN G 31 10.74 -34.70 37.32
N PHE G 32 10.83 -35.14 38.57
CA PHE G 32 10.30 -34.37 39.68
C PHE G 32 11.09 -33.08 39.90
N SER G 33 12.42 -33.17 39.88
CA SER G 33 13.25 -32.02 40.21
C SER G 33 12.95 -30.84 39.28
N SER G 34 12.89 -31.12 37.97
CA SER G 34 12.70 -30.06 36.99
C SER G 34 11.35 -29.38 37.08
N SER G 35 10.40 -29.95 37.82
CA SER G 35 9.04 -29.43 37.88
C SER G 35 8.85 -28.54 39.11
N SER G 36 7.72 -27.84 39.12
CA SER G 36 7.25 -27.17 40.32
C SER G 36 5.99 -27.87 40.82
N ILE G 37 5.81 -27.88 42.13
CA ILE G 37 4.68 -28.57 42.75
C ILE G 37 3.82 -27.55 43.49
N HIS G 38 2.51 -27.80 43.48
CA HIS G 38 1.52 -26.80 43.89
C HIS G 38 0.49 -27.47 44.77
N TRP G 39 0.08 -26.76 45.83
CA TRP G 39 -1.08 -27.15 46.63
C TRP G 39 -2.14 -26.09 46.46
N VAL G 40 -3.34 -26.52 46.04
CA VAL G 40 -4.47 -25.65 45.77
C VAL G 40 -5.71 -26.25 46.44
N ARG G 41 -6.43 -25.44 47.20
CA ARG G 41 -7.54 -25.97 47.99
C ARG G 41 -8.87 -25.48 47.46
N GLN G 42 -9.91 -26.29 47.72
CA GLN G 42 -11.29 -25.97 47.35
C GLN G 42 -12.17 -26.32 48.54
N ALA G 43 -12.74 -25.31 49.19
CA ALA G 43 -13.70 -25.61 50.24
C ALA G 43 -15.02 -26.01 49.61
N PRO G 44 -15.79 -26.90 50.27
CA PRO G 44 -17.05 -27.34 49.68
C PRO G 44 -18.01 -26.19 49.44
N GLY G 45 -18.27 -25.90 48.17
CA GLY G 45 -19.14 -24.80 47.80
C GLY G 45 -18.44 -23.51 47.43
N LYS G 46 -17.21 -23.57 46.94
CA LYS G 46 -16.53 -22.38 46.44
C LYS G 46 -15.59 -22.79 45.32
N GLY G 47 -14.93 -21.80 44.72
CA GLY G 47 -13.98 -22.03 43.67
C GLY G 47 -12.64 -22.49 44.20
N LEU G 48 -11.66 -22.50 43.31
CA LEU G 48 -10.31 -22.93 43.66
C LEU G 48 -9.56 -21.80 44.37
N GLU G 49 -8.69 -22.19 45.30
CA GLU G 49 -7.88 -21.24 46.05
C GLU G 49 -6.45 -21.74 46.09
N TRP G 50 -5.52 -20.93 45.59
CA TRP G 50 -4.12 -21.30 45.63
C TRP G 50 -3.59 -21.25 47.06
N VAL G 51 -2.85 -22.28 47.45
CA VAL G 51 -2.26 -22.37 48.78
C VAL G 51 -0.75 -22.13 48.74
N ALA G 52 -0.02 -22.96 47.99
CA ALA G 52 1.43 -22.84 48.00
C ALA G 52 2.04 -23.44 46.75
N SER G 53 3.28 -23.04 46.47
CA SER G 53 4.02 -23.56 45.34
C SER G 53 5.50 -23.65 45.73
N ILE G 54 6.19 -24.62 45.14
CA ILE G 54 7.60 -24.86 45.45
C ILE G 54 8.30 -25.40 44.22
N SER G 55 9.56 -25.01 44.04
CA SER G 55 10.43 -25.63 43.05
C SER G 55 11.05 -26.86 43.66
N SER G 56 10.83 -28.01 43.04
CA SER G 56 11.36 -29.26 43.58
C SER G 56 12.87 -29.23 43.65
N SER G 57 13.53 -28.85 42.55
CA SER G 57 14.98 -28.82 42.52
C SER G 57 15.52 -27.60 43.28
N SER G 58 14.98 -26.43 43.02
CA SER G 58 15.55 -25.20 43.57
C SER G 58 15.23 -25.03 45.05
N GLY G 59 14.14 -25.61 45.52
CA GLY G 59 13.73 -25.43 46.90
C GLY G 59 13.03 -24.13 47.22
N SER G 60 12.93 -23.22 46.25
CA SER G 60 12.24 -21.95 46.48
C SER G 60 10.77 -22.18 46.77
N THR G 61 10.20 -21.35 47.64
CA THR G 61 8.82 -21.50 48.08
C THR G 61 8.07 -20.18 47.89
N SER G 62 6.76 -20.30 47.70
CA SER G 62 5.87 -19.14 47.65
C SER G 62 4.53 -19.53 48.24
N TYR G 63 4.04 -18.74 49.19
CA TYR G 63 2.83 -19.05 49.92
C TYR G 63 1.77 -17.97 49.67
N ALA G 64 0.52 -18.35 49.91
CA ALA G 64 -0.57 -17.39 49.84
C ALA G 64 -0.64 -16.57 51.13
N ASP G 65 -1.12 -15.33 51.00
CA ASP G 65 -1.21 -14.47 52.17
C ASP G 65 -2.17 -15.02 53.22
N SER G 66 -3.16 -15.82 52.79
CA SER G 66 -4.15 -16.32 53.73
C SER G 66 -3.61 -17.40 54.66
N VAL G 67 -2.53 -18.07 54.28
CA VAL G 67 -2.00 -19.19 55.06
C VAL G 67 -0.52 -19.00 55.32
N LYS G 68 -0.01 -17.78 55.15
CA LYS G 68 1.41 -17.52 55.34
C LYS G 68 1.81 -17.79 56.79
N GLY G 69 2.94 -18.48 56.96
CA GLY G 69 3.45 -18.75 58.28
C GLY G 69 2.86 -19.99 58.93
N ARG G 70 1.55 -20.21 58.72
CA ARG G 70 0.91 -21.39 59.31
C ARG G 70 1.24 -22.66 58.53
N PHE G 71 1.19 -22.59 57.20
CA PHE G 71 1.54 -23.72 56.37
C PHE G 71 3.02 -23.67 55.98
N THR G 72 3.54 -24.80 55.53
CA THR G 72 4.93 -24.89 55.10
C THR G 72 5.05 -25.98 54.05
N ILE G 73 5.49 -25.59 52.85
CA ILE G 73 5.63 -26.53 51.73
C ILE G 73 7.10 -26.93 51.62
N SER G 74 7.34 -28.19 51.28
CA SER G 74 8.68 -28.71 51.14
C SER G 74 8.67 -29.78 50.04
N ALA G 75 9.87 -30.25 49.69
CA ALA G 75 9.97 -31.28 48.65
C ALA G 75 11.29 -32.03 48.82
N ASP G 76 11.20 -33.35 48.93
CA ASP G 76 12.37 -34.22 49.00
C ASP G 76 12.51 -34.90 47.65
N THR G 77 13.61 -34.59 46.95
CA THR G 77 13.83 -35.16 45.63
C THR G 77 14.24 -36.63 45.71
N SER G 78 15.00 -36.99 46.75
CA SER G 78 15.34 -38.39 46.95
C SER G 78 14.10 -39.23 47.19
N LYS G 79 13.26 -38.81 48.14
CA LYS G 79 11.95 -39.43 48.32
C LYS G 79 11.04 -39.18 47.12
N ASN G 80 11.38 -38.23 46.25
CA ASN G 80 10.64 -37.98 45.01
C ASN G 80 9.20 -37.58 45.32
N THR G 81 9.05 -36.64 46.25
CA THR G 81 7.74 -36.35 46.83
C THR G 81 7.74 -34.96 47.45
N ALA G 82 6.66 -34.23 47.25
CA ALA G 82 6.44 -32.94 47.90
C ALA G 82 5.54 -33.10 49.12
N TYR G 83 5.58 -32.09 49.99
CA TYR G 83 4.89 -32.16 51.27
C TYR G 83 4.31 -30.80 51.63
N LEU G 84 3.17 -30.83 52.32
CA LEU G 84 2.53 -29.64 52.85
C LEU G 84 2.24 -29.89 54.33
N GLN G 85 2.98 -29.24 55.21
CA GLN G 85 2.75 -29.30 56.65
C GLN G 85 1.81 -28.17 57.05
N MET G 86 0.77 -28.51 57.79
CA MET G 86 -0.30 -27.58 58.12
C MET G 86 -0.42 -27.49 59.63
N ASN G 87 -0.39 -26.27 60.15
CA ASN G 87 -0.43 -26.03 61.59
C ASN G 87 -1.50 -24.99 61.89
N SER G 88 -1.98 -25.02 63.14
CA SER G 88 -3.02 -24.10 63.61
C SER G 88 -4.28 -24.19 62.75
N LEU G 89 -4.65 -25.41 62.38
CA LEU G 89 -5.79 -25.63 61.51
C LEU G 89 -7.08 -25.14 62.15
N ARG G 90 -7.99 -24.65 61.32
CA ARG G 90 -9.19 -23.97 61.79
C ARG G 90 -10.37 -24.43 60.94
N ALA G 91 -11.51 -23.76 61.12
CA ALA G 91 -12.72 -24.14 60.38
C ALA G 91 -12.62 -23.76 58.91
N GLU G 92 -11.93 -22.66 58.60
CA GLU G 92 -11.77 -22.26 57.20
C GLU G 92 -10.95 -23.27 56.42
N ASP G 93 -9.97 -23.91 57.06
CA ASP G 93 -9.08 -24.82 56.38
C ASP G 93 -9.76 -26.13 55.97
N THR G 94 -10.99 -26.37 56.39
CA THR G 94 -11.74 -27.56 56.00
C THR G 94 -12.02 -27.50 54.51
N ALA G 95 -11.32 -28.32 53.73
CA ALA G 95 -11.43 -28.24 52.27
C ALA G 95 -10.77 -29.47 51.66
N VAL G 96 -11.01 -29.64 50.35
CA VAL G 96 -10.33 -30.66 49.57
C VAL G 96 -9.08 -30.04 48.96
N TYR G 97 -7.93 -30.63 49.26
CA TYR G 97 -6.66 -30.10 48.78
C TYR G 97 -6.16 -30.94 47.61
N TYR G 98 -5.66 -30.26 46.58
CA TYR G 98 -5.20 -30.85 45.35
C TYR G 98 -3.72 -30.55 45.16
N CYS G 99 -3.00 -31.52 44.62
CA CYS G 99 -1.59 -31.39 44.27
C CYS G 99 -1.46 -31.29 42.76
N ALA G 100 -0.71 -30.31 42.29
CA ALA G 100 -0.53 -30.08 40.87
C ALA G 100 0.95 -29.87 40.57
N ARG G 101 1.28 -29.85 39.28
CA ARG G 101 2.66 -29.63 38.85
C ARG G 101 2.70 -28.68 37.66
N THR G 102 3.89 -28.12 37.45
CA THR G 102 4.26 -27.49 36.19
C THR G 102 5.62 -28.05 35.80
N TYR G 103 5.61 -28.99 34.85
CA TYR G 103 6.78 -29.58 34.24
C TYR G 103 6.88 -28.99 32.84
N GLY G 104 7.96 -28.25 32.57
CA GLY G 104 7.88 -27.25 31.55
C GLY G 104 8.99 -27.10 30.52
N TRP G 105 9.56 -25.90 30.50
CA TRP G 105 10.08 -25.14 29.37
C TRP G 105 8.92 -24.53 28.60
N TYR G 106 7.72 -24.95 28.85
CA TYR G 106 6.61 -24.34 28.15
C TYR G 106 5.47 -24.01 29.09
N TYR G 107 5.22 -24.86 30.09
CA TYR G 107 4.21 -24.56 31.09
C TYR G 107 4.79 -23.74 32.24
N SER G 108 6.12 -23.71 32.35
CA SER G 108 6.76 -22.83 33.33
C SER G 108 6.79 -21.39 32.85
N TRP G 109 6.89 -21.18 31.53
CA TRP G 109 6.79 -19.83 31.01
C TRP G 109 5.34 -19.40 30.88
N TRP G 110 4.40 -20.19 31.41
CA TRP G 110 3.00 -19.78 31.51
C TRP G 110 2.34 -20.12 32.85
N TRP G 111 2.93 -20.99 33.69
CA TRP G 111 2.33 -21.38 34.97
C TRP G 111 0.95 -22.00 34.78
N ALA G 112 0.99 -23.22 34.22
CA ALA G 112 -0.16 -23.74 33.48
C ALA G 112 -1.41 -23.87 34.36
N PHE G 113 -1.42 -24.69 35.44
CA PHE G 113 -0.57 -25.83 35.80
C PHE G 113 -1.03 -27.02 34.95
N ASP G 114 -0.10 -27.85 34.48
CA ASP G 114 -0.47 -28.84 33.47
C ASP G 114 -1.25 -30.03 34.06
N TYR G 115 -0.68 -30.69 35.07
CA TYR G 115 -1.29 -31.88 35.65
C TYR G 115 -1.72 -31.62 37.09
N TRP G 116 -2.78 -32.31 37.50
CA TRP G 116 -3.41 -32.12 38.80
C TRP G 116 -3.58 -33.47 39.50
N GLY G 117 -3.24 -33.52 40.78
CA GLY G 117 -3.54 -34.69 41.58
C GLY G 117 -5.03 -34.80 41.87
N GLN G 118 -5.44 -35.99 42.31
CA GLN G 118 -6.86 -36.31 42.33
C GLN G 118 -7.60 -35.67 43.50
N GLY G 119 -6.92 -35.33 44.58
CA GLY G 119 -7.59 -34.62 45.64
C GLY G 119 -7.71 -35.44 46.91
N THR G 120 -7.61 -34.76 48.06
CA THR G 120 -7.80 -35.41 49.34
C THR G 120 -8.47 -34.44 50.30
N LEU G 121 -9.38 -34.96 51.13
CA LEU G 121 -10.20 -34.11 51.99
C LEU G 121 -9.55 -33.89 53.35
N VAL G 122 -9.69 -32.68 53.88
CA VAL G 122 -9.23 -32.32 55.22
C VAL G 122 -10.40 -31.64 55.91
N THR G 123 -11.04 -32.36 56.83
CA THR G 123 -12.13 -31.82 57.63
C THR G 123 -11.62 -31.55 59.05
N VAL G 124 -11.73 -30.30 59.48
CA VAL G 124 -11.29 -29.88 60.81
C VAL G 124 -12.55 -29.82 61.69
N SER G 125 -12.63 -30.76 62.64
CA SER G 125 -13.78 -30.83 63.53
C SER G 125 -13.33 -31.40 64.87
N SER G 126 -14.25 -31.44 65.82
CA SER G 126 -13.98 -31.92 67.17
C SER G 126 -14.41 -33.37 67.39
N ALA G 127 -15.54 -33.77 66.82
CA ALA G 127 -16.09 -35.10 67.06
C ALA G 127 -15.12 -36.18 66.56
N SER G 128 -15.39 -37.42 66.98
CA SER G 128 -14.50 -38.53 66.74
C SER G 128 -14.91 -39.34 65.51
N THR G 129 -14.00 -40.21 65.08
CA THR G 129 -14.22 -41.04 63.90
C THR G 129 -15.27 -42.11 64.20
N LYS G 130 -16.07 -42.43 63.18
CA LYS G 130 -17.06 -43.49 63.29
C LYS G 130 -17.16 -44.25 61.98
N GLY G 131 -17.22 -45.57 62.08
CA GLY G 131 -17.44 -46.42 60.92
C GLY G 131 -18.89 -46.47 60.53
N PRO G 132 -19.15 -46.71 59.25
CA PRO G 132 -20.53 -46.74 58.75
C PRO G 132 -21.20 -48.10 58.95
N SER G 133 -22.51 -48.09 58.77
CA SER G 133 -23.33 -49.29 58.76
C SER G 133 -23.85 -49.51 57.34
N VAL G 134 -23.63 -50.72 56.81
CA VAL G 134 -23.96 -51.06 55.44
C VAL G 134 -25.20 -51.94 55.46
N PHE G 135 -26.31 -51.42 54.92
CA PHE G 135 -27.60 -52.09 54.95
C PHE G 135 -28.08 -52.32 53.52
N PRO G 136 -28.21 -53.57 53.07
CA PRO G 136 -28.72 -53.80 51.71
C PRO G 136 -30.13 -53.25 51.52
N LEU G 137 -30.47 -52.98 50.26
CA LEU G 137 -31.77 -52.44 49.87
C LEU G 137 -32.42 -53.45 48.93
N ALA G 138 -33.50 -54.07 49.37
CA ALA G 138 -34.05 -55.27 48.74
C ALA G 138 -34.77 -54.92 47.45
N PRO G 139 -34.59 -55.73 46.39
CA PRO G 139 -35.38 -55.56 45.17
C PRO G 139 -36.84 -55.93 45.37
N SER G 140 -37.63 -55.90 44.29
CA SER G 140 -39.06 -56.16 44.38
C SER G 140 -39.46 -57.49 43.76
N SER G 141 -39.11 -57.73 42.50
CA SER G 141 -39.53 -58.94 41.81
C SER G 141 -38.48 -60.05 41.94
N GLY G 146 -36.22 -58.67 31.85
CA GLY G 146 -34.94 -58.27 31.30
C GLY G 146 -34.64 -56.80 31.46
N GLY G 147 -35.14 -56.21 32.54
CA GLY G 147 -34.91 -54.80 32.80
C GLY G 147 -35.68 -54.37 34.03
N THR G 148 -35.41 -53.13 34.44
CA THR G 148 -36.11 -52.48 35.56
C THR G 148 -35.96 -53.30 36.85
N ALA G 149 -34.72 -53.34 37.34
CA ALA G 149 -34.42 -53.92 38.65
C ALA G 149 -33.52 -52.94 39.39
N ALA G 150 -34.13 -52.07 40.18
CA ALA G 150 -33.39 -51.09 40.96
C ALA G 150 -33.11 -51.67 42.34
N LEU G 151 -31.83 -51.88 42.64
CA LEU G 151 -31.41 -52.40 43.93
C LEU G 151 -30.26 -51.56 44.46
N GLY G 152 -29.67 -51.94 45.58
CA GLY G 152 -28.49 -51.23 46.05
C GLY G 152 -28.24 -51.49 47.52
N CYS G 153 -27.48 -50.57 48.12
CA CYS G 153 -27.23 -50.63 49.54
C CYS G 153 -27.07 -49.22 50.09
N LEU G 154 -27.50 -49.04 51.33
CA LEU G 154 -27.43 -47.78 52.05
C LEU G 154 -26.26 -47.82 53.03
N VAL G 155 -25.63 -46.67 53.25
CA VAL G 155 -24.46 -46.53 54.11
C VAL G 155 -24.75 -45.40 55.09
N LYS G 156 -25.01 -45.74 56.35
CA LYS G 156 -25.53 -44.79 57.32
C LYS G 156 -24.55 -44.62 58.49
N ASP G 157 -24.60 -43.43 59.11
CA ASP G 157 -23.97 -43.18 60.40
C ASP G 157 -22.45 -43.36 60.33
N TYR G 158 -21.83 -42.52 59.50
CA TYR G 158 -20.37 -42.45 59.43
C TYR G 158 -19.94 -40.99 59.52
N PHE G 159 -18.72 -40.79 60.01
CA PHE G 159 -18.12 -39.47 60.17
C PHE G 159 -16.63 -39.65 60.44
N PRO G 160 -15.75 -38.89 59.76
CA PRO G 160 -16.06 -37.88 58.74
C PRO G 160 -16.17 -38.46 57.32
N GLU G 161 -16.33 -37.55 56.35
CA GLU G 161 -16.29 -37.92 54.94
C GLU G 161 -14.93 -38.51 54.58
N PRO G 162 -14.83 -39.24 53.46
CA PRO G 162 -15.87 -39.74 52.56
C PRO G 162 -16.08 -41.25 52.65
N VAL G 163 -17.08 -41.77 51.94
CA VAL G 163 -17.28 -43.20 51.75
C VAL G 163 -17.11 -43.51 50.27
N THR G 164 -16.23 -44.47 49.97
CA THR G 164 -15.92 -44.87 48.60
C THR G 164 -16.68 -46.16 48.30
N VAL G 165 -17.79 -46.03 47.58
CA VAL G 165 -18.66 -47.16 47.26
C VAL G 165 -18.34 -47.64 45.85
N SER G 166 -18.26 -48.95 45.69
CA SER G 166 -18.16 -49.57 44.36
C SER G 166 -19.15 -50.73 44.27
N TRP G 167 -19.08 -51.49 43.19
CA TRP G 167 -19.95 -52.66 43.01
C TRP G 167 -19.13 -53.77 42.35
N ASN G 168 -18.93 -54.86 43.08
CA ASN G 168 -18.19 -56.03 42.60
C ASN G 168 -16.78 -55.64 42.17
N SER G 169 -16.12 -54.79 42.96
CA SER G 169 -14.75 -54.36 42.72
C SER G 169 -14.60 -53.73 41.33
N GLY G 170 -15.55 -52.85 40.98
CA GLY G 170 -15.51 -52.17 39.70
C GLY G 170 -16.04 -52.96 38.52
N ALA G 171 -16.65 -54.12 38.77
CA ALA G 171 -17.24 -54.88 37.67
C ALA G 171 -18.55 -54.27 37.19
N LEU G 172 -19.41 -53.89 38.13
CA LEU G 172 -20.68 -53.23 37.81
C LEU G 172 -20.48 -51.73 37.92
N THR G 173 -20.33 -51.06 36.78
CA THR G 173 -20.15 -49.63 36.72
C THR G 173 -21.34 -48.90 36.12
N SER G 174 -21.85 -49.37 34.99
CA SER G 174 -22.98 -48.71 34.33
C SER G 174 -24.24 -48.90 35.14
N GLY G 175 -24.99 -47.81 35.33
CA GLY G 175 -26.22 -47.84 36.09
C GLY G 175 -26.10 -47.41 37.54
N VAL G 176 -24.89 -47.18 38.02
CA VAL G 176 -24.67 -46.83 39.42
C VAL G 176 -24.97 -45.35 39.62
N HIS G 177 -25.65 -45.04 40.72
CA HIS G 177 -26.02 -43.67 41.09
C HIS G 177 -25.71 -43.40 42.55
N THR G 178 -24.48 -43.70 42.96
CA THR G 178 -24.01 -43.39 44.31
C THR G 178 -24.26 -41.93 44.65
N PHE G 179 -25.11 -41.71 45.65
CA PHE G 179 -25.57 -40.38 46.02
C PHE G 179 -24.56 -39.64 46.88
N PRO G 180 -24.66 -38.32 46.95
CA PRO G 180 -23.89 -37.57 47.95
C PRO G 180 -24.52 -37.68 49.32
N ALA G 181 -23.69 -37.46 50.34
CA ALA G 181 -24.12 -37.66 51.71
C ALA G 181 -24.98 -36.51 52.20
N VAL G 182 -25.69 -36.76 53.30
CA VAL G 182 -26.47 -35.75 54.02
C VAL G 182 -26.08 -35.81 55.49
N LEU G 183 -26.64 -34.89 56.28
CA LEU G 183 -26.13 -34.64 57.63
C LEU G 183 -26.92 -35.32 58.74
N GLN G 184 -28.25 -35.45 58.59
CA GLN G 184 -29.09 -36.15 59.56
C GLN G 184 -28.83 -35.69 60.99
N SER G 185 -29.44 -34.56 61.37
CA SER G 185 -29.02 -33.62 62.40
C SER G 185 -28.19 -34.21 63.54
N SER G 186 -28.44 -35.47 63.92
CA SER G 186 -27.61 -36.18 64.89
C SER G 186 -26.12 -35.86 64.74
N GLY G 187 -25.62 -35.84 63.51
CA GLY G 187 -24.25 -35.40 63.26
C GLY G 187 -23.38 -36.42 62.57
N LEU G 188 -24.00 -37.33 61.83
CA LEU G 188 -23.29 -38.37 61.10
C LEU G 188 -23.73 -38.34 59.65
N TYR G 189 -22.88 -38.80 58.75
CA TYR G 189 -23.23 -38.78 57.34
C TYR G 189 -23.95 -40.07 56.94
N SER G 190 -24.83 -39.95 55.95
CA SER G 190 -25.65 -41.08 55.53
C SER G 190 -26.00 -40.90 54.06
N LEU G 191 -25.60 -41.87 53.24
CA LEU G 191 -25.86 -41.84 51.82
C LEU G 191 -26.45 -43.16 51.36
N SER G 192 -26.89 -43.19 50.11
CA SER G 192 -27.39 -44.38 49.45
C SER G 192 -26.49 -44.71 48.26
N SER G 193 -26.65 -45.92 47.74
CA SER G 193 -25.92 -46.34 46.54
C SER G 193 -26.80 -47.31 45.78
N VAL G 194 -27.40 -46.84 44.68
CA VAL G 194 -28.35 -47.63 43.92
C VAL G 194 -27.74 -48.00 42.58
N VAL G 195 -28.30 -49.04 41.97
CA VAL G 195 -27.90 -49.49 40.65
C VAL G 195 -29.08 -50.22 40.01
N THR G 196 -29.26 -50.02 38.71
CA THR G 196 -30.34 -50.63 37.94
C THR G 196 -29.76 -51.72 37.05
N VAL G 197 -30.42 -52.88 37.03
CA VAL G 197 -29.99 -54.04 36.26
C VAL G 197 -31.20 -54.68 35.60
N PRO G 198 -31.01 -55.66 34.71
CA PRO G 198 -32.14 -56.46 34.24
C PRO G 198 -32.68 -57.35 35.36
N SER G 199 -34.00 -57.37 35.51
CA SER G 199 -34.62 -58.18 36.56
C SER G 199 -34.51 -59.67 36.26
N SER G 200 -34.33 -60.06 35.01
CA SER G 200 -34.19 -61.47 34.66
C SER G 200 -32.87 -62.05 35.14
N SER G 201 -31.89 -61.21 35.46
CA SER G 201 -30.58 -61.67 35.90
C SER G 201 -30.41 -61.62 37.42
N LEU G 202 -31.52 -61.66 38.17
CA LEU G 202 -31.45 -61.73 39.62
C LEU G 202 -31.14 -63.17 40.01
N GLY G 203 -29.85 -63.50 39.93
CA GLY G 203 -29.37 -64.85 40.16
C GLY G 203 -28.27 -65.22 39.19
N THR G 204 -28.10 -64.40 38.15
CA THR G 204 -27.03 -64.63 37.18
C THR G 204 -25.71 -64.08 37.68
N GLN G 205 -25.67 -62.82 38.06
CA GLN G 205 -24.48 -62.19 38.62
C GLN G 205 -24.67 -61.93 40.11
N THR G 206 -23.54 -61.91 40.83
CA THR G 206 -23.53 -61.57 42.24
C THR G 206 -23.41 -60.06 42.40
N TYR G 207 -24.24 -59.48 43.25
CA TYR G 207 -24.35 -58.03 43.41
C TYR G 207 -23.82 -57.66 44.80
N ILE G 208 -22.54 -57.33 44.86
CA ILE G 208 -21.86 -56.92 46.09
C ILE G 208 -21.46 -55.46 45.95
N CYS G 209 -21.82 -54.64 46.94
CA CYS G 209 -21.37 -53.26 47.00
C CYS G 209 -20.21 -53.17 47.99
N ASN G 210 -19.05 -52.74 47.49
CA ASN G 210 -17.80 -52.78 48.25
C ASN G 210 -17.58 -51.41 48.92
N VAL G 211 -18.19 -51.25 50.09
CA VAL G 211 -18.11 -49.99 50.82
C VAL G 211 -16.77 -49.91 51.53
N ASN G 212 -16.21 -48.70 51.61
CA ASN G 212 -14.95 -48.48 52.30
C ASN G 212 -14.97 -47.11 52.97
N HIS G 213 -14.40 -47.05 54.17
CA HIS G 213 -14.30 -45.80 54.95
C HIS G 213 -12.92 -45.81 55.61
N LYS G 214 -11.94 -45.21 54.93
CA LYS G 214 -10.56 -45.24 55.41
C LYS G 214 -10.32 -44.54 56.75
N PRO G 215 -11.01 -43.44 57.11
CA PRO G 215 -10.79 -42.89 58.46
C PRO G 215 -11.05 -43.88 59.58
N SER G 216 -11.89 -44.89 59.34
CA SER G 216 -12.19 -45.91 60.35
C SER G 216 -11.81 -47.32 59.89
N ASN G 217 -11.16 -47.46 58.73
CA ASN G 217 -10.70 -48.75 58.22
C ASN G 217 -11.87 -49.73 58.01
N THR G 218 -13.06 -49.20 57.79
CA THR G 218 -14.27 -50.02 57.65
C THR G 218 -14.35 -50.51 56.22
N LYS G 219 -13.70 -51.64 55.96
CA LYS G 219 -13.70 -52.27 54.63
C LYS G 219 -14.73 -53.39 54.64
N VAL G 220 -15.93 -53.08 54.16
CA VAL G 220 -17.07 -53.98 54.26
C VAL G 220 -17.55 -54.36 52.87
N ASP G 221 -17.83 -55.64 52.67
CA ASP G 221 -18.43 -56.17 51.45
C ASP G 221 -19.77 -56.80 51.79
N LYS G 222 -20.83 -56.38 51.10
CA LYS G 222 -22.17 -56.89 51.37
C LYS G 222 -22.89 -57.15 50.05
N LYS G 223 -23.46 -58.35 49.93
CA LYS G 223 -24.28 -58.69 48.78
C LYS G 223 -25.72 -58.26 49.01
N VAL G 224 -26.43 -57.98 47.91
CA VAL G 224 -27.83 -57.63 47.95
C VAL G 224 -28.61 -58.64 47.12
N GLU G 225 -29.72 -59.13 47.66
CA GLU G 225 -30.55 -60.11 46.98
C GLU G 225 -31.95 -60.02 47.54
N PRO G 226 -32.99 -60.31 46.74
CA PRO G 226 -34.39 -60.18 47.14
C PRO G 226 -34.74 -60.93 48.44
N ASP H 2 -2.62 -8.43 44.18
CA ASP H 2 -3.98 -7.92 44.03
C ASP H 2 -4.47 -8.03 42.60
N ILE H 3 -3.96 -9.03 41.88
CA ILE H 3 -4.31 -9.26 40.48
C ILE H 3 -5.66 -9.97 40.47
N GLN H 4 -6.73 -9.23 40.22
CA GLN H 4 -8.08 -9.75 40.33
C GLN H 4 -8.58 -10.33 39.01
N MET H 5 -9.28 -11.46 39.10
CA MET H 5 -9.88 -12.13 37.96
C MET H 5 -11.37 -12.27 38.25
N THR H 6 -12.20 -11.57 37.48
CA THR H 6 -13.65 -11.60 37.66
C THR H 6 -14.26 -12.44 36.54
N GLN H 7 -14.79 -13.60 36.89
CA GLN H 7 -15.33 -14.55 35.93
C GLN H 7 -16.85 -14.48 35.94
N SER H 8 -17.46 -14.57 34.77
CA SER H 8 -18.90 -14.46 34.60
C SER H 8 -19.32 -15.32 33.42
N PRO H 9 -20.57 -15.84 33.43
CA PRO H 9 -21.50 -15.75 34.57
C PRO H 9 -21.18 -16.81 35.62
N SER H 10 -21.93 -16.83 36.72
CA SER H 10 -21.74 -17.88 37.71
C SER H 10 -22.34 -19.19 37.23
N SER H 11 -23.58 -19.16 36.76
CA SER H 11 -24.26 -20.34 36.26
C SER H 11 -24.86 -20.06 34.90
N LEU H 12 -25.00 -21.12 34.09
CA LEU H 12 -25.63 -21.02 32.80
C LEU H 12 -26.21 -22.38 32.42
N SER H 13 -27.29 -22.37 31.65
CA SER H 13 -27.93 -23.59 31.19
C SER H 13 -28.25 -23.45 29.72
N ALA H 14 -27.61 -24.27 28.88
CA ALA H 14 -27.83 -24.27 27.45
C ALA H 14 -28.00 -25.71 26.96
N SER H 15 -28.84 -25.87 25.94
CA SER H 15 -29.10 -27.18 25.38
C SER H 15 -27.86 -27.73 24.68
N VAL H 16 -27.93 -29.02 24.33
CA VAL H 16 -26.82 -29.67 23.65
C VAL H 16 -26.65 -29.07 22.26
N GLY H 17 -25.42 -28.70 21.92
CA GLY H 17 -25.11 -28.10 20.65
C GLY H 17 -25.05 -26.59 20.67
N ASP H 18 -25.62 -25.95 21.69
CA ASP H 18 -25.57 -24.50 21.79
C ASP H 18 -24.13 -24.02 21.98
N ARG H 19 -23.93 -22.73 21.78
CA ARG H 19 -22.62 -22.11 21.83
C ARG H 19 -22.47 -21.36 23.14
N VAL H 20 -21.52 -21.80 23.98
CA VAL H 20 -21.35 -21.30 25.33
C VAL H 20 -20.19 -20.33 25.37
N THR H 21 -20.38 -19.20 26.05
CA THR H 21 -19.35 -18.19 26.22
C THR H 21 -19.15 -17.89 27.70
N ILE H 22 -17.88 -17.79 28.11
CA ILE H 22 -17.51 -17.51 29.49
C ILE H 22 -16.48 -16.38 29.49
N THR H 23 -16.78 -15.30 30.19
CA THR H 23 -15.92 -14.13 30.26
C THR H 23 -15.11 -14.15 31.55
N CYS H 24 -13.86 -13.69 31.47
CA CYS H 24 -13.02 -13.55 32.65
C CYS H 24 -12.18 -12.29 32.46
N ARG H 25 -12.41 -11.27 33.27
CA ARG H 25 -11.75 -9.99 33.13
C ARG H 25 -10.66 -9.84 34.18
N ALA H 26 -9.45 -9.52 33.74
CA ALA H 26 -8.35 -9.15 34.62
C ALA H 26 -8.36 -7.65 34.86
N SER H 27 -7.62 -7.24 35.89
CA SER H 27 -7.60 -5.83 36.28
C SER H 27 -6.50 -5.03 35.60
N GLN H 28 -5.60 -5.67 34.85
CA GLN H 28 -4.54 -4.96 34.15
C GLN H 28 -4.00 -5.85 33.04
N SER H 29 -3.08 -5.30 32.25
CA SER H 29 -2.50 -6.02 31.11
C SER H 29 -1.59 -7.14 31.62
N VAL H 30 -2.09 -8.36 31.52
CA VAL H 30 -1.43 -9.58 31.99
C VAL H 30 -1.15 -10.44 30.76
N SER H 31 -0.72 -9.80 29.68
CA SER H 31 -1.20 -10.01 28.32
C SER H 31 -1.74 -11.41 28.02
N SER H 32 -1.00 -12.47 28.33
CA SER H 32 -1.52 -13.78 27.98
C SER H 32 -1.33 -14.83 29.07
N ALA H 33 -1.16 -14.43 30.32
CA ALA H 33 -0.89 -15.37 31.41
C ALA H 33 -2.10 -16.25 31.75
N VAL H 34 -3.23 -16.06 31.10
CA VAL H 34 -4.48 -16.67 31.54
C VAL H 34 -4.57 -18.12 31.08
N ALA H 35 -5.15 -18.95 31.94
CA ALA H 35 -5.43 -20.35 31.61
C ALA H 35 -6.90 -20.64 31.92
N TRP H 36 -7.40 -21.70 31.32
CA TRP H 36 -8.79 -22.15 31.47
C TRP H 36 -8.81 -23.63 31.83
N TYR H 37 -9.68 -23.97 32.78
CA TYR H 37 -9.76 -25.28 33.39
C TYR H 37 -11.18 -25.81 33.42
N GLN H 38 -11.30 -27.10 33.12
CA GLN H 38 -12.54 -27.86 33.30
C GLN H 38 -12.40 -28.72 34.55
N GLN H 39 -13.43 -28.70 35.40
CA GLN H 39 -13.48 -29.55 36.58
C GLN H 39 -14.84 -30.22 36.64
N LYS H 40 -14.85 -31.54 36.50
CA LYS H 40 -16.06 -32.32 36.72
C LYS H 40 -16.19 -32.62 38.21
N PRO H 41 -17.42 -32.76 38.72
CA PRO H 41 -17.62 -32.68 40.17
C PRO H 41 -16.82 -33.70 40.94
N GLY H 42 -16.23 -33.26 42.05
CA GLY H 42 -15.45 -34.10 42.94
C GLY H 42 -14.16 -34.64 42.35
N LYS H 43 -13.83 -34.32 41.11
CA LYS H 43 -12.66 -34.83 40.43
C LYS H 43 -11.59 -33.75 40.32
N ALA H 44 -10.47 -34.13 39.74
CA ALA H 44 -9.36 -33.18 39.61
C ALA H 44 -9.62 -32.20 38.46
N PRO H 45 -9.26 -30.93 38.64
CA PRO H 45 -9.31 -30.00 37.52
C PRO H 45 -8.36 -30.43 36.41
N LYS H 46 -8.76 -30.14 35.17
CA LYS H 46 -7.94 -30.45 34.01
C LYS H 46 -7.71 -29.17 33.20
N LEU H 47 -6.52 -29.06 32.62
CA LEU H 47 -6.15 -27.88 31.86
C LEU H 47 -6.77 -27.94 30.47
N LEU H 48 -7.61 -26.96 30.16
CA LEU H 48 -8.11 -26.80 28.81
C LEU H 48 -7.21 -25.89 27.97
N ILE H 49 -6.96 -24.68 28.46
CA ILE H 49 -6.30 -23.64 27.67
C ILE H 49 -5.17 -23.04 28.49
N TYR H 50 -4.01 -22.89 27.86
CA TYR H 50 -2.92 -22.09 28.40
C TYR H 50 -2.57 -21.00 27.38
N SER H 51 -1.84 -19.99 27.83
CA SER H 51 -1.52 -18.80 27.04
C SER H 51 -2.77 -18.04 26.61
N ALA H 52 -3.94 -18.40 27.16
CA ALA H 52 -5.23 -17.74 26.96
C ALA H 52 -5.78 -17.98 25.55
N SER H 53 -4.98 -18.55 24.67
CA SER H 53 -5.38 -18.96 23.33
C SER H 53 -4.96 -20.37 22.99
N SER H 54 -3.80 -20.82 23.47
CA SER H 54 -3.27 -22.12 23.07
C SER H 54 -4.02 -23.24 23.77
N LEU H 55 -4.27 -24.31 23.03
CA LEU H 55 -5.09 -25.43 23.49
C LEU H 55 -4.20 -26.56 23.99
N TYR H 56 -4.49 -27.05 25.19
CA TYR H 56 -3.69 -28.11 25.79
C TYR H 56 -3.82 -29.41 24.99
N SER H 57 -2.72 -30.12 24.83
CA SER H 57 -2.67 -31.33 24.02
C SER H 57 -3.67 -32.37 24.52
N GLY H 58 -4.70 -32.64 23.72
CA GLY H 58 -5.73 -33.60 24.07
C GLY H 58 -7.12 -33.00 24.27
N VAL H 59 -7.26 -31.69 24.20
CA VAL H 59 -8.55 -31.03 24.39
C VAL H 59 -9.31 -31.06 23.07
N PRO H 60 -10.63 -31.30 23.07
CA PRO H 60 -11.39 -31.28 21.82
C PRO H 60 -11.36 -29.91 21.15
N SER H 61 -11.63 -29.90 19.86
CA SER H 61 -11.53 -28.69 19.05
C SER H 61 -12.63 -27.68 19.38
N ARG H 62 -13.71 -28.11 20.05
CA ARG H 62 -14.81 -27.20 20.33
C ARG H 62 -14.48 -26.18 21.42
N PHE H 63 -13.40 -26.39 22.17
CA PHE H 63 -12.95 -25.42 23.16
C PHE H 63 -11.96 -24.45 22.52
N SER H 64 -12.20 -23.15 22.72
CA SER H 64 -11.30 -22.14 22.18
C SER H 64 -11.16 -20.99 23.17
N GLY H 65 -9.99 -20.35 23.14
CA GLY H 65 -9.72 -19.22 24.00
C GLY H 65 -9.37 -17.96 23.24
N SER H 66 -9.99 -16.84 23.60
CA SER H 66 -9.80 -15.57 22.92
C SER H 66 -9.49 -14.47 23.93
N ARG H 67 -9.01 -13.34 23.40
CA ARG H 67 -8.55 -12.23 24.23
C ARG H 67 -8.99 -10.91 23.63
N SER H 68 -9.41 -9.97 24.50
CA SER H 68 -9.63 -8.57 24.11
C SER H 68 -9.01 -7.66 25.17
N GLY H 69 -7.71 -7.41 25.03
CA GLY H 69 -7.03 -6.41 25.84
C GLY H 69 -6.87 -6.79 27.29
N THR H 70 -7.99 -6.79 28.02
CA THR H 70 -8.02 -7.15 29.44
C THR H 70 -9.12 -8.16 29.74
N ASP H 71 -9.75 -8.72 28.72
CA ASP H 71 -10.96 -9.53 28.89
C ASP H 71 -10.79 -10.80 28.08
N PHE H 72 -10.65 -11.93 28.78
CA PHE H 72 -10.41 -13.23 28.17
C PHE H 72 -11.71 -14.01 28.09
N THR H 73 -11.80 -14.91 27.12
CA THR H 73 -13.06 -15.59 26.86
C THR H 73 -12.83 -17.04 26.49
N LEU H 74 -13.57 -17.93 27.15
CA LEU H 74 -13.62 -19.34 26.80
C LEU H 74 -14.91 -19.62 26.03
N THR H 75 -14.79 -20.20 24.85
CA THR H 75 -15.94 -20.47 24.00
C THR H 75 -16.02 -21.96 23.67
N ILE H 76 -17.19 -22.54 23.90
CA ILE H 76 -17.52 -23.91 23.51
C ILE H 76 -18.45 -23.82 22.32
N SER H 77 -17.99 -24.31 21.17
CA SER H 77 -18.75 -24.17 19.93
C SER H 77 -20.04 -25.00 19.99
N SER H 78 -19.92 -26.31 20.14
CA SER H 78 -21.07 -27.22 20.23
C SER H 78 -21.04 -27.86 21.61
N LEU H 79 -21.91 -27.39 22.51
CA LEU H 79 -21.95 -27.90 23.87
C LEU H 79 -22.36 -29.36 23.88
N GLN H 80 -21.51 -30.20 24.42
CA GLN H 80 -21.78 -31.62 24.55
C GLN H 80 -22.25 -31.96 25.96
N PRO H 81 -23.00 -33.05 26.12
CA PRO H 81 -23.52 -33.36 27.47
C PRO H 81 -22.44 -33.69 28.48
N GLU H 82 -21.29 -34.21 28.03
CA GLU H 82 -20.18 -34.46 28.94
C GLU H 82 -19.41 -33.19 29.30
N ASP H 83 -19.69 -32.07 28.62
CA ASP H 83 -19.10 -30.79 28.96
C ASP H 83 -19.72 -30.15 30.19
N PHE H 84 -20.68 -30.82 30.82
CA PHE H 84 -21.17 -30.43 32.14
C PHE H 84 -20.02 -30.42 33.14
N ALA H 85 -19.67 -29.25 33.63
CA ALA H 85 -18.55 -29.11 34.57
C ALA H 85 -18.60 -27.71 35.18
N THR H 86 -17.55 -27.36 35.90
CA THR H 86 -17.29 -25.99 36.34
C THR H 86 -15.98 -25.54 35.73
N TYR H 87 -15.97 -24.35 35.16
CA TYR H 87 -14.82 -23.84 34.44
C TYR H 87 -14.19 -22.67 35.19
N TYR H 88 -12.87 -22.69 35.28
CA TYR H 88 -12.12 -21.70 36.04
C TYR H 88 -11.08 -21.02 35.17
N CYS H 89 -10.95 -19.71 35.32
CA CYS H 89 -9.90 -18.94 34.67
C CYS H 89 -8.82 -18.59 35.69
N GLN H 90 -7.56 -18.60 35.25
CA GLN H 90 -6.42 -18.52 36.14
C GLN H 90 -5.50 -17.37 35.76
N GLN H 91 -4.76 -16.86 36.75
CA GLN H 91 -3.65 -15.95 36.53
C GLN H 91 -2.36 -16.78 36.44
N GLY H 92 -1.20 -16.13 36.47
CA GLY H 92 0.04 -16.89 36.46
C GLY H 92 1.24 -16.08 36.91
N ASP H 93 1.97 -16.63 37.88
CA ASP H 93 3.18 -16.04 38.44
C ASP H 93 3.72 -17.06 39.45
N PRO H 94 5.04 -17.15 39.64
CA PRO H 94 5.53 -17.95 40.77
C PRO H 94 5.11 -17.41 42.13
N ARG H 95 5.09 -16.09 42.28
CA ARG H 95 4.89 -15.48 43.59
C ARG H 95 3.41 -15.33 43.96
N LEU H 96 2.49 -15.52 43.02
CA LEU H 96 1.07 -15.39 43.33
C LEU H 96 0.25 -16.02 42.21
N VAL H 97 -0.81 -16.72 42.58
CA VAL H 97 -1.73 -17.35 41.64
C VAL H 97 -3.16 -17.14 42.13
N THR H 98 -4.01 -16.58 41.27
CA THR H 98 -5.42 -16.40 41.57
C THR H 98 -6.26 -17.04 40.49
N PHE H 99 -7.43 -17.53 40.89
CA PHE H 99 -8.42 -18.12 40.00
C PHE H 99 -9.64 -17.24 39.90
N GLY H 100 -10.52 -17.60 38.98
CA GLY H 100 -11.82 -16.95 38.89
C GLY H 100 -12.83 -17.56 39.83
N GLN H 101 -13.96 -16.87 39.98
CA GLN H 101 -15.04 -17.39 40.81
C GLN H 101 -15.62 -18.69 40.28
N GLY H 102 -15.45 -18.95 38.99
CA GLY H 102 -15.94 -20.18 38.40
C GLY H 102 -17.24 -19.98 37.66
N THR H 103 -17.48 -20.84 36.67
CA THR H 103 -18.72 -20.83 35.89
C THR H 103 -19.20 -22.27 35.75
N LYS H 104 -20.35 -22.57 36.33
CA LYS H 104 -20.91 -23.92 36.25
C LYS H 104 -21.80 -24.01 35.02
N VAL H 105 -21.45 -24.92 34.11
CA VAL H 105 -22.19 -25.10 32.86
C VAL H 105 -23.16 -26.26 33.06
N GLU H 106 -24.46 -25.96 33.00
CA GLU H 106 -25.50 -26.96 33.13
C GLU H 106 -26.10 -27.26 31.76
N ILE H 107 -26.47 -28.52 31.57
CA ILE H 107 -27.01 -28.99 30.29
C ILE H 107 -28.53 -28.93 30.35
N LYS H 108 -29.16 -28.60 29.23
CA LYS H 108 -30.60 -28.59 29.11
C LYS H 108 -31.05 -29.66 28.11
N ARG H 109 -32.09 -30.41 28.48
CA ARG H 109 -32.63 -31.46 27.63
C ARG H 109 -34.13 -31.54 27.87
N THR H 110 -34.79 -32.39 27.09
CA THR H 110 -36.25 -32.47 27.14
C THR H 110 -36.71 -33.03 28.47
N VAL H 111 -38.03 -32.96 28.70
CA VAL H 111 -38.60 -33.41 29.95
C VAL H 111 -38.44 -34.92 30.07
N ALA H 112 -38.08 -35.40 31.27
CA ALA H 112 -37.85 -36.81 31.53
C ALA H 112 -38.55 -37.22 32.81
N ALA H 113 -39.38 -38.25 32.73
CA ALA H 113 -40.08 -38.79 33.89
C ALA H 113 -39.19 -39.78 34.63
N PRO H 114 -39.21 -39.77 35.95
CA PRO H 114 -38.31 -40.64 36.72
C PRO H 114 -38.82 -42.07 36.84
N SER H 115 -37.86 -43.00 36.87
CA SER H 115 -38.14 -44.36 37.30
C SER H 115 -38.22 -44.38 38.82
N VAL H 116 -39.40 -44.70 39.35
CA VAL H 116 -39.67 -44.59 40.77
C VAL H 116 -39.61 -45.96 41.42
N PHE H 117 -38.95 -46.04 42.57
CA PHE H 117 -38.81 -47.29 43.31
C PHE H 117 -38.89 -47.01 44.80
N ILE H 118 -39.20 -48.05 45.56
CA ILE H 118 -39.24 -47.97 47.02
C ILE H 118 -38.55 -49.21 47.59
N PHE H 119 -37.86 -49.02 48.72
CA PHE H 119 -37.09 -50.07 49.35
C PHE H 119 -37.53 -50.26 50.80
N PRO H 120 -37.67 -51.50 51.25
CA PRO H 120 -38.01 -51.75 52.65
C PRO H 120 -36.78 -51.62 53.53
N PRO H 121 -36.95 -51.33 54.82
CA PRO H 121 -35.81 -51.32 55.73
C PRO H 121 -35.15 -52.69 55.79
N SER H 122 -33.83 -52.68 55.95
CA SER H 122 -33.07 -53.93 55.94
C SER H 122 -33.40 -54.78 57.17
N ASP H 123 -33.11 -56.07 57.04
CA ASP H 123 -33.36 -56.99 58.15
C ASP H 123 -32.47 -56.66 59.34
N SER H 124 -31.16 -56.49 59.11
CA SER H 124 -30.24 -56.13 60.18
C SER H 124 -30.41 -54.68 60.61
N GLN H 125 -31.08 -53.85 59.81
CA GLN H 125 -31.34 -52.48 60.20
C GLN H 125 -32.38 -52.40 61.31
N LEU H 126 -33.35 -53.31 61.30
CA LEU H 126 -34.35 -53.35 62.36
C LEU H 126 -33.73 -53.72 63.71
N LYS H 127 -32.53 -54.29 63.71
CA LYS H 127 -31.84 -54.61 64.95
C LYS H 127 -31.28 -53.38 65.64
N SER H 128 -31.29 -52.22 64.99
CA SER H 128 -30.81 -50.98 65.58
C SER H 128 -31.90 -50.21 66.32
N GLY H 129 -33.15 -50.64 66.23
CA GLY H 129 -34.24 -49.88 66.78
C GLY H 129 -34.68 -48.70 65.95
N THR H 130 -34.15 -48.55 64.74
CA THR H 130 -34.49 -47.46 63.85
C THR H 130 -34.38 -47.96 62.41
N ALA H 131 -35.39 -47.62 61.60
CA ALA H 131 -35.47 -48.09 60.22
C ALA H 131 -35.53 -46.90 59.27
N SER H 132 -35.26 -47.19 58.00
CA SER H 132 -35.26 -46.17 56.96
C SER H 132 -35.90 -46.73 55.70
N VAL H 133 -36.75 -45.91 55.07
CA VAL H 133 -37.42 -46.25 53.83
C VAL H 133 -36.84 -45.38 52.73
N VAL H 134 -36.35 -46.01 51.66
CA VAL H 134 -35.64 -45.33 50.59
C VAL H 134 -36.54 -45.27 49.37
N CYS H 135 -36.87 -44.05 48.94
CA CYS H 135 -37.64 -43.83 47.71
C CYS H 135 -36.68 -43.28 46.66
N LEU H 136 -36.53 -44.00 45.56
CA LEU H 136 -35.58 -43.69 44.51
C LEU H 136 -36.28 -43.12 43.29
N LEU H 137 -35.70 -42.07 42.71
CA LEU H 137 -36.21 -41.41 41.52
C LEU H 137 -35.04 -41.32 40.54
N ASN H 138 -35.02 -42.17 39.52
CA ASN H 138 -33.86 -42.30 38.66
C ASN H 138 -34.12 -41.68 37.28
N ASN H 139 -33.12 -40.98 36.75
CA ASN H 139 -33.06 -40.58 35.35
C ASN H 139 -34.26 -39.70 34.96
N PHE H 140 -34.30 -38.51 35.57
CA PHE H 140 -35.34 -37.53 35.29
C PHE H 140 -34.73 -36.15 35.06
N TYR H 141 -35.55 -35.25 34.52
CA TYR H 141 -35.18 -33.87 34.27
C TYR H 141 -36.46 -33.06 34.14
N PRO H 142 -36.53 -31.84 34.70
CA PRO H 142 -35.48 -31.10 35.42
C PRO H 142 -35.25 -31.59 36.85
N ARG H 143 -34.44 -30.83 37.60
CA ARG H 143 -34.07 -31.25 38.95
C ARG H 143 -35.24 -31.13 39.91
N GLU H 144 -36.19 -30.21 39.65
CA GLU H 144 -37.33 -30.04 40.54
C GLU H 144 -38.22 -31.28 40.52
N ALA H 145 -38.51 -31.79 41.72
CA ALA H 145 -39.43 -32.91 41.90
C ALA H 145 -40.13 -32.72 43.23
N LYS H 146 -41.02 -33.66 43.57
CA LYS H 146 -41.72 -33.61 44.84
C LYS H 146 -42.00 -35.04 45.30
N VAL H 147 -41.46 -35.41 46.45
CA VAL H 147 -41.66 -36.72 47.04
C VAL H 147 -42.44 -36.54 48.34
N GLN H 148 -43.63 -37.11 48.40
CA GLN H 148 -44.49 -37.08 49.56
C GLN H 148 -44.50 -38.45 50.22
N TRP H 149 -44.57 -38.49 51.54
CA TRP H 149 -44.58 -39.77 52.25
C TRP H 149 -45.95 -40.03 52.86
N LYS H 150 -46.31 -41.32 52.92
CA LYS H 150 -47.61 -41.74 53.43
C LYS H 150 -47.40 -43.02 54.25
N VAL H 151 -47.59 -42.91 55.56
CA VAL H 151 -47.55 -44.05 56.46
C VAL H 151 -48.96 -44.25 57.00
N ASP H 152 -49.59 -45.36 56.61
CA ASP H 152 -51.02 -45.57 56.84
C ASP H 152 -51.85 -44.43 56.26
N ASN H 153 -51.44 -43.96 55.08
CA ASN H 153 -52.12 -42.85 54.40
C ASN H 153 -52.14 -41.59 55.26
N ALA H 154 -51.08 -41.41 56.07
CA ALA H 154 -50.88 -40.21 56.86
C ALA H 154 -49.58 -39.56 56.38
N LEU H 155 -49.69 -38.31 55.96
CA LEU H 155 -48.55 -37.64 55.33
C LEU H 155 -47.49 -37.26 56.38
N GLN H 156 -46.23 -37.34 55.96
CA GLN H 156 -45.09 -37.17 56.84
C GLN H 156 -44.40 -35.83 56.58
N SER H 157 -43.68 -35.36 57.60
CA SER H 157 -42.93 -34.11 57.50
C SER H 157 -41.96 -33.98 58.67
N GLY H 158 -40.70 -33.64 58.37
CA GLY H 158 -39.69 -33.51 59.40
C GLY H 158 -38.87 -34.75 59.68
N ASN H 159 -39.11 -35.85 58.94
CA ASN H 159 -38.41 -37.10 59.19
C ASN H 159 -37.83 -37.70 57.92
N SER H 160 -37.80 -36.94 56.83
CA SER H 160 -37.25 -37.40 55.57
C SER H 160 -36.21 -36.41 55.06
N GLN H 161 -35.23 -36.92 54.33
CA GLN H 161 -34.20 -36.06 53.77
C GLN H 161 -33.94 -36.53 52.36
N GLU H 162 -33.55 -35.60 51.50
CA GLU H 162 -33.41 -35.91 50.08
C GLU H 162 -32.02 -35.54 49.56
N SER H 163 -31.48 -36.42 48.70
CA SER H 163 -30.15 -36.24 48.12
C SER H 163 -30.22 -36.39 46.61
N VAL H 164 -29.67 -35.42 45.89
CA VAL H 164 -29.73 -35.39 44.44
C VAL H 164 -28.31 -35.49 43.88
N THR H 165 -28.14 -36.34 42.87
CA THR H 165 -26.84 -36.50 42.22
C THR H 165 -26.58 -35.35 41.26
N GLU H 166 -25.33 -35.27 40.81
CA GLU H 166 -24.98 -34.32 39.76
C GLU H 166 -25.49 -34.83 38.41
N GLN H 167 -25.63 -33.90 37.48
CA GLN H 167 -26.19 -34.22 36.17
C GLN H 167 -25.26 -35.15 35.42
N ASP H 168 -25.84 -36.18 34.79
CA ASP H 168 -25.06 -37.29 34.26
C ASP H 168 -24.30 -36.87 33.00
N SER H 169 -23.28 -37.67 32.67
CA SER H 169 -22.36 -37.32 31.59
C SER H 169 -22.97 -37.56 30.21
N LYS H 170 -23.69 -38.66 30.02
CA LYS H 170 -24.16 -39.02 28.69
C LYS H 170 -25.61 -38.63 28.42
N ASP H 171 -26.52 -38.86 29.38
CA ASP H 171 -27.93 -38.54 29.17
C ASP H 171 -28.36 -37.26 29.87
N SER H 172 -27.54 -36.72 30.78
CA SER H 172 -27.80 -35.46 31.44
C SER H 172 -29.14 -35.48 32.19
N THR H 173 -29.27 -36.46 33.08
CA THR H 173 -30.46 -36.64 33.90
C THR H 173 -30.07 -36.71 35.37
N TYR H 174 -31.06 -36.56 36.24
CA TYR H 174 -30.84 -36.48 37.67
C TYR H 174 -31.36 -37.73 38.38
N SER H 175 -30.81 -37.97 39.56
CA SER H 175 -31.25 -39.05 40.43
C SER H 175 -31.48 -38.49 41.83
N LEU H 176 -32.52 -38.97 42.49
CA LEU H 176 -32.93 -38.48 43.80
C LEU H 176 -33.17 -39.65 44.74
N SER H 177 -32.72 -39.49 45.99
CA SER H 177 -32.89 -40.49 47.03
C SER H 177 -33.55 -39.82 48.23
N SER H 178 -34.74 -40.29 48.58
CA SER H 178 -35.47 -39.77 49.73
C SER H 178 -35.45 -40.83 50.83
N THR H 179 -34.72 -40.55 51.90
CA THR H 179 -34.59 -41.45 53.03
C THR H 179 -35.54 -41.00 54.14
N LEU H 180 -36.42 -41.90 54.57
CA LEU H 180 -37.40 -41.66 55.61
C LEU H 180 -36.98 -42.42 56.86
N THR H 181 -36.56 -41.69 57.89
CA THR H 181 -36.10 -42.29 59.13
C THR H 181 -37.24 -42.37 60.14
N LEU H 182 -37.43 -43.55 60.72
CA LEU H 182 -38.48 -43.76 61.70
C LEU H 182 -38.00 -44.72 62.78
N SER H 183 -38.31 -44.40 64.04
CA SER H 183 -38.05 -45.34 65.12
C SER H 183 -38.82 -46.64 64.88
N LYS H 184 -38.22 -47.76 65.28
CA LYS H 184 -38.82 -49.06 65.01
C LYS H 184 -40.19 -49.20 65.64
N ALA H 185 -40.45 -48.45 66.72
CA ALA H 185 -41.78 -48.46 67.33
C ALA H 185 -42.85 -48.05 66.32
N ASP H 186 -42.73 -46.84 65.78
CA ASP H 186 -43.68 -46.37 64.76
C ASP H 186 -43.60 -47.20 63.49
N TYR H 187 -42.49 -47.90 63.25
CA TYR H 187 -42.40 -48.77 62.09
C TYR H 187 -43.31 -49.98 62.25
N GLU H 188 -43.25 -50.65 63.39
CA GLU H 188 -44.06 -51.84 63.60
C GLU H 188 -45.51 -51.49 63.92
N LYS H 189 -45.76 -50.30 64.48
CA LYS H 189 -47.14 -49.90 64.79
C LYS H 189 -47.98 -49.66 63.54
N HIS H 190 -47.35 -49.51 62.38
CA HIS H 190 -48.06 -49.19 61.14
C HIS H 190 -47.74 -50.25 60.09
N LYS H 191 -48.55 -50.27 59.03
CA LYS H 191 -48.41 -51.31 58.02
C LYS H 191 -48.21 -50.78 56.61
N VAL H 192 -48.94 -49.74 56.21
CA VAL H 192 -48.88 -49.23 54.84
C VAL H 192 -47.79 -48.17 54.75
N TYR H 193 -46.88 -48.34 53.79
CA TYR H 193 -45.83 -47.35 53.53
C TYR H 193 -45.84 -47.02 52.04
N ALA H 194 -45.76 -45.74 51.71
CA ALA H 194 -45.81 -45.33 50.32
C ALA H 194 -45.08 -44.01 50.13
N CYS H 195 -44.44 -43.87 48.97
CA CYS H 195 -43.88 -42.59 48.54
C CYS H 195 -44.52 -42.20 47.21
N GLU H 196 -44.95 -40.95 47.13
CA GLU H 196 -45.71 -40.41 46.00
C GLU H 196 -44.87 -39.35 45.31
N VAL H 197 -44.51 -39.59 44.06
CA VAL H 197 -43.70 -38.67 43.27
C VAL H 197 -44.64 -37.82 42.42
N THR H 198 -44.51 -36.50 42.56
CA THR H 198 -45.27 -35.52 41.78
C THR H 198 -44.24 -34.76 40.95
N HIS H 199 -43.95 -35.27 39.75
CA HIS H 199 -42.94 -34.72 38.88
C HIS H 199 -43.60 -34.06 37.67
N GLN H 200 -42.86 -33.17 37.02
CA GLN H 200 -43.39 -32.45 35.87
C GLN H 200 -43.71 -33.39 34.72
N GLY H 201 -42.85 -34.37 34.47
CA GLY H 201 -43.03 -35.28 33.36
C GLY H 201 -44.03 -36.39 33.60
N LEU H 202 -44.91 -36.19 34.57
CA LEU H 202 -45.94 -37.18 34.91
C LEU H 202 -47.30 -36.51 34.92
N SER H 203 -48.29 -37.21 34.36
CA SER H 203 -49.66 -36.70 34.36
C SER H 203 -50.29 -36.82 35.74
N SER H 204 -50.30 -38.03 36.30
CA SER H 204 -50.81 -38.28 37.64
C SER H 204 -49.65 -38.68 38.55
N PRO H 205 -49.57 -38.13 39.76
CA PRO H 205 -48.47 -38.48 40.67
C PRO H 205 -48.41 -39.97 40.94
N VAL H 206 -47.25 -40.57 40.67
CA VAL H 206 -47.09 -42.02 40.72
C VAL H 206 -46.58 -42.41 42.11
N THR H 207 -47.19 -43.43 42.70
CA THR H 207 -46.89 -43.85 44.05
C THR H 207 -46.35 -45.27 44.07
N LYS H 208 -45.37 -45.51 44.92
CA LYS H 208 -44.83 -46.85 45.15
C LYS H 208 -44.92 -47.18 46.64
N SER H 209 -45.38 -48.39 46.94
CA SER H 209 -45.77 -48.73 48.30
C SER H 209 -45.38 -50.17 48.64
N PHE H 210 -45.33 -50.44 49.95
CA PHE H 210 -45.24 -51.80 50.47
C PHE H 210 -46.00 -51.85 51.79
N ASN H 211 -46.08 -53.05 52.36
CA ASN H 211 -46.98 -53.31 53.50
C ASN H 211 -46.28 -54.24 54.50
N ARG H 212 -45.79 -53.66 55.60
CA ARG H 212 -45.29 -54.44 56.72
C ARG H 212 -45.70 -53.79 58.05
N PRO I 12 43.81 -27.18 45.55
CA PRO I 12 44.53 -25.93 45.29
C PRO I 12 43.82 -24.72 45.89
N GLY I 13 44.00 -23.55 45.28
CA GLY I 13 43.27 -22.38 45.67
C GLY I 13 42.00 -22.23 44.86
N ILE I 14 41.24 -23.33 44.73
CA ILE I 14 40.03 -23.33 43.91
C ILE I 14 38.87 -22.60 44.58
N ALA I 15 38.99 -22.26 45.86
CA ALA I 15 38.03 -21.37 46.48
C ALA I 15 38.32 -19.90 46.19
N TRP I 16 39.59 -19.58 45.90
CA TRP I 16 39.94 -18.25 45.39
C TRP I 16 39.30 -18.00 44.02
N ILE I 17 38.85 -19.06 43.35
CA ILE I 17 38.12 -18.91 42.09
C ILE I 17 36.70 -18.41 42.37
N ALA I 18 36.02 -19.04 43.34
CA ALA I 18 34.63 -18.68 43.63
C ALA I 18 34.47 -17.22 44.03
N LEU I 19 35.55 -16.55 44.44
CA LEU I 19 35.47 -15.11 44.68
C LEU I 19 35.06 -14.37 43.42
N LEU I 20 35.62 -14.75 42.26
CA LEU I 20 35.24 -14.13 41.01
C LEU I 20 33.78 -14.40 40.67
N LEU I 21 33.30 -15.62 40.94
CA LEU I 21 31.92 -15.94 40.64
C LEU I 21 30.96 -15.17 41.54
N LEU I 22 31.32 -14.99 42.81
CA LEU I 22 30.53 -14.13 43.68
C LEU I 22 30.58 -12.68 43.23
N VAL I 23 31.71 -12.22 42.68
CA VAL I 23 31.75 -10.87 42.13
C VAL I 23 30.79 -10.72 40.96
N ILE I 24 30.71 -11.75 40.10
CA ILE I 24 29.79 -11.70 38.97
C ILE I 24 28.34 -11.72 39.46
N PHE I 25 28.03 -12.61 40.40
CA PHE I 25 26.71 -12.58 41.05
C PHE I 25 26.41 -11.19 41.58
N TYR I 26 27.39 -10.56 42.24
CA TYR I 26 27.17 -9.25 42.84
C TYR I 26 26.85 -8.20 41.79
N VAL I 27 27.65 -8.15 40.73
CA VAL I 27 27.45 -7.11 39.73
C VAL I 27 26.11 -7.30 39.01
N PHE I 28 25.76 -8.54 38.65
CA PHE I 28 24.47 -8.73 38.00
C PHE I 28 23.31 -8.55 38.97
N ALA I 29 23.51 -8.79 40.25
CA ALA I 29 22.45 -8.54 41.22
C ALA I 29 22.23 -7.05 41.40
N VAL I 30 23.31 -6.27 41.42
CA VAL I 30 23.17 -4.81 41.45
C VAL I 30 22.47 -4.33 40.19
N MET I 31 22.81 -4.92 39.04
CA MET I 31 22.10 -4.57 37.80
C MET I 31 20.60 -4.86 37.92
N GLY I 32 20.25 -6.08 38.34
CA GLY I 32 18.86 -6.42 38.50
C GLY I 32 18.13 -5.54 39.50
N THR I 33 18.85 -5.11 40.54
CA THR I 33 18.26 -4.21 41.52
C THR I 33 17.99 -2.85 40.88
N LYS I 34 18.97 -2.32 40.15
CA LYS I 34 18.81 -1.02 39.50
C LYS I 34 17.71 -1.06 38.44
N LEU I 35 17.50 -2.22 37.82
CA LEU I 35 16.57 -2.31 36.70
C LEU I 35 15.15 -2.65 37.14
N PHE I 36 14.98 -3.56 38.11
CA PHE I 36 13.69 -4.19 38.33
C PHE I 36 13.14 -4.01 39.74
N ALA I 37 13.82 -3.26 40.60
CA ALA I 37 13.37 -3.17 42.00
C ALA I 37 12.01 -2.50 42.11
N GLN I 38 11.81 -1.39 41.39
CA GLN I 38 10.54 -0.67 41.48
C GLN I 38 9.39 -1.52 40.97
N SER I 39 9.63 -2.34 39.96
CA SER I 39 8.56 -3.07 39.30
C SER I 39 8.39 -4.50 39.80
N PHE I 40 9.46 -5.16 40.24
CA PHE I 40 9.41 -6.52 40.77
C PHE I 40 10.11 -6.54 42.12
N PRO I 41 9.45 -6.05 43.17
CA PRO I 41 10.15 -5.90 44.45
C PRO I 41 10.51 -7.23 45.10
N GLU I 42 9.63 -8.23 45.02
CA GLU I 42 9.92 -9.49 45.70
C GLU I 42 11.10 -10.21 45.06
N TRP I 43 11.35 -9.97 43.77
CA TRP I 43 12.44 -10.63 43.06
C TRP I 43 13.71 -9.80 43.01
N PHE I 44 13.61 -8.47 42.99
CA PHE I 44 14.79 -7.63 42.83
C PHE I 44 14.77 -6.40 43.74
N GLY I 45 13.92 -6.39 44.78
CA GLY I 45 13.82 -5.21 45.63
C GLY I 45 15.00 -5.00 46.55
N THR I 46 15.74 -6.05 46.86
CA THR I 46 16.95 -5.96 47.68
C THR I 46 18.09 -6.64 46.95
N LEU I 47 19.32 -6.43 47.44
CA LEU I 47 20.45 -7.13 46.87
C LEU I 47 20.34 -8.62 47.10
N GLY I 48 19.85 -9.02 48.27
CA GLY I 48 19.62 -10.44 48.52
C GLY I 48 18.60 -11.03 47.58
N ALA I 49 17.50 -10.31 47.35
CA ALA I 49 16.47 -10.79 46.43
C ALA I 49 17.03 -10.95 45.03
N SER I 50 17.88 -10.00 44.59
CA SER I 50 18.47 -10.10 43.26
C SER I 50 19.42 -11.28 43.16
N MET I 51 20.28 -11.45 44.18
CA MET I 51 21.15 -12.63 44.24
C MET I 51 20.33 -13.90 44.12
N TYR I 52 19.27 -14.01 44.92
CA TYR I 52 18.47 -15.24 44.97
C TYR I 52 17.77 -15.47 43.63
N THR I 53 17.22 -14.42 43.03
CA THR I 53 16.54 -14.55 41.76
C THR I 53 17.51 -14.93 40.64
N LEU I 54 18.71 -14.37 40.65
CA LEU I 54 19.71 -14.76 39.66
C LEU I 54 20.10 -16.22 39.83
N PHE I 55 20.23 -16.68 41.07
CA PHE I 55 20.53 -18.09 41.29
C PHE I 55 19.39 -18.97 40.75
N GLN I 56 18.15 -18.58 41.05
CA GLN I 56 16.99 -19.36 40.59
C GLN I 56 16.93 -19.40 39.07
N VAL I 57 17.28 -18.30 38.41
CA VAL I 57 17.31 -18.28 36.95
C VAL I 57 18.45 -19.17 36.44
N MET I 58 19.60 -19.12 37.10
CA MET I 58 20.73 -19.93 36.69
C MET I 58 20.44 -21.42 36.84
N THR I 59 19.52 -21.78 37.75
CA THR I 59 19.12 -23.18 37.87
C THR I 59 18.53 -23.71 36.57
N LEU I 60 17.90 -22.83 35.78
CA LEU I 60 17.25 -23.21 34.52
C LEU I 60 16.21 -24.31 34.75
N GLU I 61 15.27 -24.00 35.65
CA GLU I 61 14.24 -24.94 36.06
C GLU I 61 12.87 -24.30 35.87
N SER I 62 11.82 -24.93 36.42
CA SER I 62 10.48 -24.39 36.29
C SER I 62 10.39 -22.97 36.85
N TRP I 63 10.78 -22.80 38.12
CA TRP I 63 10.87 -21.46 38.70
C TRP I 63 11.70 -20.50 37.86
N SER I 64 12.71 -20.99 37.15
CA SER I 64 13.51 -20.08 36.32
C SER I 64 12.65 -19.39 35.26
N MET I 65 11.97 -20.18 34.44
CA MET I 65 11.09 -19.59 33.42
C MET I 65 9.93 -18.84 34.04
N GLY I 66 9.46 -19.30 35.21
CA GLY I 66 8.40 -18.58 35.90
C GLY I 66 8.82 -17.18 36.30
N ILE I 67 10.04 -17.03 36.80
CA ILE I 67 10.58 -15.71 37.09
C ILE I 67 10.75 -14.92 35.80
N ALA I 68 11.21 -15.60 34.74
CA ALA I 68 11.57 -14.90 33.51
C ALA I 68 10.35 -14.25 32.87
N ARG I 69 9.25 -14.98 32.75
CA ARG I 69 8.15 -14.52 31.90
C ARG I 69 7.57 -13.15 32.30
N PRO I 70 7.32 -12.82 33.58
CA PRO I 70 6.69 -11.52 33.86
C PRO I 70 7.68 -10.39 33.68
N VAL I 71 8.95 -10.68 34.01
CA VAL I 71 10.00 -9.67 33.86
C VAL I 71 10.15 -9.28 32.39
N ILE I 72 10.00 -10.26 31.49
CA ILE I 72 10.11 -9.96 30.07
C ILE I 72 8.83 -9.35 29.52
N GLU I 73 7.67 -9.77 30.03
CA GLU I 73 6.43 -9.09 29.62
C GLU I 73 6.46 -7.61 30.02
N ALA I 74 6.97 -7.31 31.21
CA ALA I 74 7.04 -5.93 31.66
C ALA I 74 8.15 -5.18 30.92
N TYR I 75 9.32 -5.79 30.82
CA TYR I 75 10.46 -5.18 30.13
C TYR I 75 10.97 -6.19 29.10
N PRO I 76 10.59 -6.05 27.83
CA PRO I 76 10.99 -7.06 26.84
C PRO I 76 12.50 -7.18 26.69
N TRP I 77 13.23 -6.09 26.86
CA TRP I 77 14.68 -6.15 26.78
C TRP I 77 15.30 -7.00 27.89
N ALA I 78 14.55 -7.28 28.96
CA ALA I 78 15.12 -7.94 30.13
C ALA I 78 15.82 -9.24 29.79
N TRP I 79 15.44 -9.88 28.69
CA TRP I 79 16.07 -11.15 28.33
C TRP I 79 17.58 -10.98 28.17
N ILE I 80 18.01 -9.91 27.50
CA ILE I 80 19.44 -9.71 27.28
C ILE I 80 20.15 -9.49 28.60
N TYR I 81 19.42 -9.10 29.64
CA TYR I 81 19.94 -9.16 31.00
C TYR I 81 20.23 -10.61 31.37
N PHE I 82 19.17 -11.41 31.49
CA PHE I 82 19.32 -12.79 31.98
C PHE I 82 20.35 -13.54 31.14
N VAL I 83 20.17 -13.54 29.82
CA VAL I 83 21.07 -14.25 28.93
C VAL I 83 22.52 -13.84 29.19
N SER I 84 22.76 -12.53 29.31
CA SER I 84 24.13 -12.08 29.55
C SER I 84 24.66 -12.66 30.86
N PHE I 85 23.85 -12.62 31.91
CA PHE I 85 24.24 -13.24 33.18
C PHE I 85 24.61 -14.70 32.99
N ILE I 86 23.86 -15.41 32.13
CA ILE I 86 24.16 -16.83 31.91
C ILE I 86 25.41 -16.97 31.05
N LEU I 87 25.65 -16.03 30.14
CA LEU I 87 26.81 -16.12 29.26
C LEU I 87 28.07 -15.69 30.00
N VAL I 88 28.10 -14.44 30.46
CA VAL I 88 29.27 -13.89 31.13
C VAL I 88 29.76 -14.83 32.22
N SER I 89 28.84 -15.40 32.98
CA SER I 89 29.22 -16.40 33.98
C SER I 89 29.87 -17.60 33.32
N SER I 90 29.14 -18.30 32.46
CA SER I 90 29.60 -19.58 31.94
C SER I 90 30.90 -19.44 31.15
N PHE I 91 31.09 -18.32 30.45
CA PHE I 91 32.31 -18.13 29.68
C PHE I 91 33.49 -17.70 30.53
N THR I 92 33.27 -17.18 31.74
CA THR I 92 34.38 -17.05 32.66
C THR I 92 34.87 -18.43 33.09
N VAL I 93 33.96 -19.22 33.69
CA VAL I 93 34.31 -20.55 34.19
C VAL I 93 35.10 -21.31 33.13
N LEU I 94 34.46 -21.54 31.98
CA LEU I 94 35.12 -22.26 30.89
C LEU I 94 36.51 -21.69 30.62
N ASN I 95 36.59 -20.38 30.40
CA ASN I 95 37.90 -19.77 30.12
C ASN I 95 38.84 -20.03 31.28
N LEU I 96 38.40 -19.72 32.51
CA LEU I 96 39.21 -20.06 33.67
C LEU I 96 39.52 -21.56 33.67
N PHE I 97 38.50 -22.38 33.44
CA PHE I 97 38.68 -23.82 33.46
C PHE I 97 39.61 -24.28 32.35
N ILE I 98 39.74 -23.50 31.27
CA ILE I 98 40.65 -23.88 30.19
C ILE I 98 42.04 -23.32 30.41
N GLY I 99 42.20 -22.39 31.34
CA GLY I 99 43.52 -21.86 31.65
C GLY I 99 44.26 -22.75 32.62
N ILE I 100 43.52 -23.27 33.61
CA ILE I 100 44.11 -24.21 34.57
C ILE I 100 44.82 -25.35 33.84
N ILE I 101 44.15 -25.92 32.83
CA ILE I 101 44.73 -27.03 32.09
C ILE I 101 46.06 -26.65 31.48
N ILE I 102 46.18 -25.40 31.01
CA ILE I 102 47.46 -24.94 30.49
C ILE I 102 48.46 -24.75 31.63
N GLU I 103 48.01 -24.16 32.73
CA GLU I 103 48.87 -23.97 33.89
C GLU I 103 49.06 -25.24 34.71
N SER I 104 48.39 -26.33 34.34
CA SER I 104 48.63 -27.64 34.93
C SER I 104 49.52 -28.53 34.08
N MET I 105 49.66 -28.24 32.79
CA MET I 105 50.54 -28.95 31.89
C MET I 105 51.98 -28.41 31.97
N GLN I 106 52.25 -27.58 32.98
CA GLN I 106 53.54 -26.98 33.25
C GLN I 106 54.38 -27.79 34.23
N SER I 107 53.83 -28.86 34.80
CA SER I 107 54.37 -29.47 36.01
C SER I 107 55.43 -30.55 35.76
N ALA I 108 55.84 -30.75 34.51
CA ALA I 108 56.99 -31.62 34.28
C ALA I 108 58.23 -31.06 34.97
N HIS I 109 58.46 -29.74 34.83
CA HIS I 109 59.48 -29.06 35.62
C HIS I 109 59.32 -29.33 37.11
N HIS I 110 58.08 -29.52 37.59
CA HIS I 110 57.87 -29.88 38.98
C HIS I 110 58.43 -31.26 39.29
N ALA I 111 58.20 -32.22 38.39
CA ALA I 111 58.74 -33.57 38.61
C ALA I 111 60.26 -33.55 38.68
N GLU I 112 60.90 -32.77 37.82
CA GLU I 112 62.34 -32.56 37.95
C GLU I 112 62.68 -31.95 39.30
N ASP I 113 61.89 -30.98 39.75
CA ASP I 113 62.11 -30.37 41.06
C ASP I 113 62.25 -31.43 42.14
N GLY I 114 61.24 -32.28 42.30
CA GLY I 114 61.31 -33.36 43.27
C GLY I 114 62.53 -34.23 43.08
N GLU I 115 62.90 -34.51 41.82
CA GLU I 115 64.06 -35.36 41.57
C GLU I 115 65.35 -34.64 41.97
N ARG I 116 65.41 -33.32 41.78
CA ARG I 116 66.53 -32.57 42.33
C ARG I 116 66.53 -32.59 43.85
N THR I 117 65.33 -32.64 44.45
CA THR I 117 65.27 -32.75 45.91
C THR I 117 65.91 -34.05 46.38
N ASP I 118 65.62 -35.16 45.71
CA ASP I 118 66.20 -36.45 46.05
C ASP I 118 67.72 -36.38 46.02
N ALA I 119 68.28 -36.16 44.82
CA ALA I 119 69.72 -36.23 44.64
C ALA I 119 70.46 -35.30 45.58
N TYR I 120 69.86 -34.17 45.92
CA TYR I 120 70.53 -33.19 46.78
C TYR I 120 70.50 -33.61 48.25
N ARG I 121 69.36 -34.11 48.74
CA ARG I 121 69.22 -34.41 50.17
C ARG I 121 70.24 -35.45 50.63
N ASP I 122 70.54 -36.43 49.78
CA ASP I 122 71.62 -37.38 50.10
C ASP I 122 72.96 -36.66 50.15
N GLU I 123 73.23 -35.82 49.14
CA GLU I 123 74.39 -34.94 49.08
C GLU I 123 74.64 -34.22 50.40
N VAL I 124 73.55 -33.74 51.01
CA VAL I 124 73.62 -33.04 52.29
C VAL I 124 74.17 -33.95 53.38
N GLU J 4 1.89 33.38 -42.53
CA GLU J 4 0.77 33.99 -43.24
C GLU J 4 -0.28 34.52 -42.26
N VAL J 5 -0.42 33.85 -41.13
CA VAL J 5 -1.36 34.27 -40.09
C VAL J 5 -0.73 35.47 -39.39
N GLN J 6 -1.17 36.67 -39.75
CA GLN J 6 -0.50 37.89 -39.34
C GLN J 6 -1.50 38.97 -38.96
N LEU J 7 -0.98 39.97 -38.24
CA LEU J 7 -1.72 41.14 -37.80
C LEU J 7 -0.93 42.35 -38.26
N VAL J 8 -1.36 42.98 -39.35
CA VAL J 8 -0.68 44.16 -39.88
C VAL J 8 -1.33 45.38 -39.24
N GLU J 9 -0.56 46.10 -38.44
CA GLU J 9 -1.09 47.27 -37.75
C GLU J 9 -0.43 48.54 -38.27
N SER J 10 -1.18 49.64 -38.19
CA SER J 10 -0.75 50.93 -38.69
C SER J 10 -1.59 52.02 -38.04
N GLY J 11 -1.31 53.26 -38.42
CA GLY J 11 -2.07 54.41 -37.94
C GLY J 11 -1.42 55.20 -36.84
N GLY J 12 -0.22 54.82 -36.41
CA GLY J 12 0.47 55.54 -35.35
C GLY J 12 1.41 56.60 -35.88
N GLY J 13 2.13 57.23 -34.95
CA GLY J 13 3.11 58.24 -35.32
C GLY J 13 3.17 59.40 -34.35
N LEU J 14 3.04 60.61 -34.87
CA LEU J 14 3.11 61.83 -34.06
C LEU J 14 1.71 62.41 -33.90
N VAL J 15 1.45 62.96 -32.70
CA VAL J 15 0.18 63.60 -32.41
C VAL J 15 0.41 64.59 -31.28
N GLN J 16 -0.30 65.71 -31.33
CA GLN J 16 -0.13 66.77 -30.34
C GLN J 16 -0.88 66.42 -29.06
N PRO J 17 -0.37 66.87 -27.90
CA PRO J 17 -1.04 66.57 -26.63
C PRO J 17 -2.48 67.05 -26.61
N GLY J 18 -3.33 66.28 -25.95
CA GLY J 18 -4.76 66.54 -25.99
C GLY J 18 -5.42 66.16 -27.29
N GLY J 19 -4.70 65.55 -28.22
CA GLY J 19 -5.23 65.19 -29.52
C GLY J 19 -5.83 63.80 -29.54
N SER J 20 -5.90 63.23 -30.75
CA SER J 20 -6.51 61.93 -30.95
C SER J 20 -5.75 61.19 -32.04
N LEU J 21 -5.92 59.87 -32.04
CA LEU J 21 -5.22 59.03 -33.02
C LEU J 21 -5.90 57.68 -33.12
N ARG J 22 -5.96 57.14 -34.34
CA ARG J 22 -6.62 55.87 -34.61
C ARG J 22 -5.59 54.83 -35.00
N LEU J 23 -5.68 53.65 -34.39
CA LEU J 23 -4.79 52.54 -34.69
C LEU J 23 -5.61 51.42 -35.32
N SER J 24 -5.14 50.92 -36.47
CA SER J 24 -5.79 49.84 -37.17
C SER J 24 -4.93 48.58 -37.10
N CYS J 25 -5.59 47.43 -36.94
CA CYS J 25 -4.92 46.13 -36.88
C CYS J 25 -5.71 45.18 -37.77
N ALA J 26 -5.26 45.02 -39.00
CA ALA J 26 -5.91 44.15 -39.97
C ALA J 26 -5.38 42.73 -39.81
N ALA J 27 -6.29 41.79 -39.56
CA ALA J 27 -5.94 40.39 -39.43
C ALA J 27 -5.98 39.72 -40.80
N SER J 28 -5.10 38.73 -40.98
CA SER J 28 -5.06 38.01 -42.25
C SER J 28 -4.57 36.59 -42.00
N GLY J 29 -5.28 35.61 -42.57
CA GLY J 29 -4.83 34.24 -42.56
C GLY J 29 -5.54 33.33 -41.58
N PHE J 30 -6.31 33.87 -40.64
CA PHE J 30 -7.03 33.05 -39.67
C PHE J 30 -8.48 33.54 -39.60
N ASN J 31 -9.26 32.93 -38.72
CA ASN J 31 -10.65 33.31 -38.51
C ASN J 31 -10.68 34.45 -37.51
N PHE J 32 -10.98 35.65 -38.01
CA PHE J 32 -10.93 36.84 -37.16
C PHE J 32 -12.04 36.83 -36.11
N SER J 33 -13.26 36.49 -36.54
CA SER J 33 -14.42 36.56 -35.63
C SER J 33 -14.20 35.69 -34.39
N SER J 34 -13.75 34.46 -34.60
CA SER J 34 -13.59 33.53 -33.49
C SER J 34 -12.50 33.93 -32.50
N SER J 35 -11.67 34.89 -32.84
CA SER J 35 -10.54 35.28 -32.00
C SER J 35 -10.89 36.49 -31.15
N SER J 36 -10.02 36.77 -30.18
CA SER J 36 -10.03 38.02 -29.45
C SER J 36 -8.80 38.84 -29.84
N ILE J 37 -8.95 40.16 -29.86
CA ILE J 37 -7.88 41.06 -30.27
C ILE J 37 -7.51 41.95 -29.09
N HIS J 38 -6.22 42.28 -29.00
CA HIS J 38 -5.65 42.90 -27.81
C HIS J 38 -4.73 44.03 -28.22
N TRP J 39 -4.78 45.13 -27.49
CA TRP J 39 -3.80 46.20 -27.60
C TRP J 39 -3.02 46.28 -26.30
N VAL J 40 -1.70 46.17 -26.41
CA VAL J 40 -0.78 46.17 -25.27
C VAL J 40 0.36 47.15 -25.58
N ARG J 41 0.64 48.05 -24.65
CA ARG J 41 1.61 49.11 -24.90
C ARG J 41 2.88 48.92 -24.09
N GLN J 42 3.98 49.44 -24.63
CA GLN J 42 5.28 49.42 -23.95
C GLN J 42 5.90 50.80 -24.11
N ALA J 43 6.02 51.53 -23.02
CA ALA J 43 6.73 52.79 -23.10
C ALA J 43 8.23 52.53 -23.15
N PRO J 44 8.99 53.39 -23.84
CA PRO J 44 10.44 53.14 -23.94
C PRO J 44 11.10 53.11 -22.58
N GLY J 45 11.60 51.94 -22.19
CA GLY J 45 12.23 51.76 -20.90
C GLY J 45 11.36 51.20 -19.80
N LYS J 46 10.33 50.42 -20.14
CA LYS J 46 9.53 49.73 -19.14
C LYS J 46 9.03 48.42 -19.74
N GLY J 47 8.30 47.66 -18.91
CA GLY J 47 7.73 46.40 -19.33
C GLY J 47 6.46 46.60 -20.14
N LEU J 48 5.77 45.49 -20.37
CA LEU J 48 4.53 45.51 -21.12
C LEU J 48 3.38 45.98 -20.24
N GLU J 49 2.41 46.67 -20.86
CA GLU J 49 1.24 47.18 -20.17
C GLU J 49 0.01 46.87 -21.02
N TRP J 50 -0.93 46.13 -20.45
CA TRP J 50 -2.17 45.83 -21.15
C TRP J 50 -3.03 47.08 -21.28
N VAL J 51 -3.56 47.31 -22.48
CA VAL J 51 -4.42 48.45 -22.76
C VAL J 51 -5.89 48.02 -22.89
N ALA J 52 -6.17 47.14 -23.85
CA ALA J 52 -7.57 46.79 -24.10
C ALA J 52 -7.67 45.44 -24.78
N SER J 53 -8.86 44.85 -24.69
CA SER J 53 -9.15 43.59 -25.35
C SER J 53 -10.60 43.60 -25.82
N ILE J 54 -10.87 42.88 -26.91
CA ILE J 54 -12.20 42.84 -27.50
C ILE J 54 -12.42 41.48 -28.14
N SER J 55 -13.65 40.99 -28.07
CA SER J 55 -14.07 39.83 -28.85
C SER J 55 -14.50 40.30 -30.22
N SER J 56 -13.84 39.78 -31.26
CA SER J 56 -14.16 40.21 -32.62
C SER J 56 -15.61 39.91 -32.97
N SER J 57 -16.04 38.67 -32.72
CA SER J 57 -17.41 38.28 -33.05
C SER J 57 -18.40 38.84 -32.04
N SER J 58 -18.13 38.68 -30.75
CA SER J 58 -19.10 39.04 -29.72
C SER J 58 -19.21 40.55 -29.53
N GLY J 59 -18.16 41.30 -29.83
CA GLY J 59 -18.17 42.73 -29.62
C GLY J 59 -17.92 43.17 -28.19
N SER J 60 -17.79 42.24 -27.25
CA SER J 60 -17.52 42.59 -25.86
C SER J 60 -16.15 43.24 -25.73
N THR J 61 -16.06 44.21 -24.82
CA THR J 61 -14.84 44.98 -24.63
C THR J 61 -14.41 44.96 -23.17
N SER J 62 -13.11 45.09 -22.95
CA SER J 62 -12.56 45.23 -21.61
C SER J 62 -11.34 46.15 -21.68
N TYR J 63 -11.32 47.17 -20.82
CA TYR J 63 -10.29 48.20 -20.84
C TYR J 63 -9.52 48.18 -19.53
N ALA J 64 -8.30 48.73 -19.59
CA ALA J 64 -7.51 48.91 -18.39
C ALA J 64 -7.97 50.15 -17.63
N ASP J 65 -7.79 50.12 -16.30
CA ASP J 65 -8.20 51.25 -15.49
C ASP J 65 -7.43 52.52 -15.81
N SER J 66 -6.21 52.38 -16.33
CA SER J 66 -5.38 53.54 -16.60
C SER J 66 -5.84 54.33 -17.82
N VAL J 67 -6.61 53.71 -18.73
CA VAL J 67 -7.01 54.37 -19.96
C VAL J 67 -8.52 54.25 -20.16
N LYS J 68 -9.25 53.92 -19.09
CA LYS J 68 -10.69 53.75 -19.21
C LYS J 68 -11.35 55.06 -19.62
N GLY J 69 -12.28 54.97 -20.56
CA GLY J 69 -13.03 56.12 -21.01
C GLY J 69 -12.31 56.93 -22.08
N ARG J 70 -10.99 57.06 -21.97
CA ARG J 70 -10.25 57.82 -22.97
C ARG J 70 -10.04 57.02 -24.25
N PHE J 71 -9.68 55.75 -24.12
CA PHE J 71 -9.52 54.88 -25.28
C PHE J 71 -10.83 54.15 -25.58
N THR J 72 -10.92 53.61 -26.79
CA THR J 72 -12.09 52.84 -27.20
C THR J 72 -11.67 51.82 -28.25
N ILE J 73 -11.89 50.54 -27.95
CA ILE J 73 -11.51 49.46 -28.84
C ILE J 73 -12.76 48.99 -29.59
N SER J 74 -12.58 48.64 -30.86
CA SER J 74 -13.68 48.19 -31.70
C SER J 74 -13.13 47.16 -32.68
N ALA J 75 -14.03 46.53 -33.44
CA ALA J 75 -13.62 45.54 -34.41
C ALA J 75 -14.71 45.38 -35.46
N ASP J 76 -14.33 45.55 -36.73
CA ASP J 76 -15.23 45.35 -37.86
C ASP J 76 -14.86 44.02 -38.51
N THR J 77 -15.78 43.07 -38.46
CA THR J 77 -15.52 41.75 -39.01
C THR J 77 -15.57 41.76 -40.54
N SER J 78 -16.44 42.59 -41.12
CA SER J 78 -16.47 42.74 -42.58
C SER J 78 -15.15 43.31 -43.08
N LYS J 79 -14.70 44.42 -42.50
CA LYS J 79 -13.37 44.94 -42.78
C LYS J 79 -12.28 44.01 -42.27
N ASN J 80 -12.62 43.04 -41.40
CA ASN J 80 -11.68 42.02 -40.94
C ASN J 80 -10.50 42.67 -40.20
N THR J 81 -10.83 43.59 -39.29
CA THR J 81 -9.82 44.46 -38.71
C THR J 81 -10.33 45.02 -37.37
N ALA J 82 -9.44 45.08 -36.39
CA ALA J 82 -9.73 45.73 -35.11
C ALA J 82 -9.14 47.14 -35.09
N TYR J 83 -9.64 47.94 -34.15
CA TYR J 83 -9.30 49.36 -34.10
C TYR J 83 -9.18 49.81 -32.65
N LEU J 84 -8.28 50.75 -32.42
CA LEU J 84 -8.11 51.41 -31.13
C LEU J 84 -8.13 52.91 -31.34
N GLN J 85 -9.22 53.56 -30.93
CA GLN J 85 -9.34 55.01 -30.99
C GLN J 85 -8.84 55.60 -29.68
N MET J 86 -7.97 56.59 -29.78
CA MET J 86 -7.28 57.15 -28.62
C MET J 86 -7.56 58.64 -28.56
N ASN J 87 -8.02 59.10 -27.40
CA ASN J 87 -8.41 60.49 -27.20
C ASN J 87 -7.73 61.03 -25.95
N SER J 88 -7.58 62.36 -25.90
CA SER J 88 -6.96 63.04 -24.77
C SER J 88 -5.55 62.52 -24.51
N LEU J 89 -4.80 62.29 -25.60
CA LEU J 89 -3.46 61.73 -25.50
C LEU J 89 -2.54 62.67 -24.72
N ARG J 90 -1.60 62.08 -23.99
CA ARG J 90 -0.76 62.81 -23.05
C ARG J 90 0.67 62.30 -23.17
N ALA J 91 1.53 62.74 -22.26
CA ALA J 91 2.94 62.33 -22.29
C ALA J 91 3.11 60.87 -21.89
N GLU J 92 2.27 60.36 -20.99
CA GLU J 92 2.37 58.96 -20.59
C GLU J 92 2.05 58.03 -21.74
N ASP J 93 1.13 58.43 -22.63
CA ASP J 93 0.70 57.57 -23.72
C ASP J 93 1.75 57.38 -24.81
N THR J 94 2.86 58.11 -24.73
CA THR J 94 3.95 57.94 -25.69
C THR J 94 4.58 56.57 -25.50
N ALA J 95 4.31 55.66 -26.45
CA ALA J 95 4.76 54.28 -26.30
C ALA J 95 4.60 53.55 -27.62
N VAL J 96 5.18 52.35 -27.68
CA VAL J 96 5.00 51.45 -28.82
C VAL J 96 3.83 50.54 -28.51
N TYR J 97 2.82 50.56 -29.36
CA TYR J 97 1.62 49.77 -29.15
C TYR J 97 1.66 48.53 -30.04
N TYR J 98 1.27 47.39 -29.47
CA TYR J 98 1.29 46.09 -30.11
C TYR J 98 -0.12 45.54 -30.18
N CYS J 99 -0.42 44.86 -31.29
CA CYS J 99 -1.69 44.17 -31.50
C CYS J 99 -1.46 42.67 -31.38
N ALA J 100 -2.29 42.00 -30.59
CA ALA J 100 -2.16 40.57 -30.36
C ALA J 100 -3.52 39.91 -30.52
N ARG J 101 -3.52 38.58 -30.54
CA ARG J 101 -4.76 37.82 -30.65
C ARG J 101 -4.74 36.63 -29.70
N THR J 102 -5.93 36.11 -29.44
CA THR J 102 -6.12 34.77 -28.88
C THR J 102 -7.17 34.08 -29.75
N TYR J 103 -6.68 33.20 -30.61
CA TYR J 103 -7.49 32.32 -31.46
C TYR J 103 -7.38 30.93 -30.87
N GLY J 104 -8.51 30.38 -30.40
CA GLY J 104 -8.43 29.37 -29.37
C GLY J 104 -9.25 28.11 -29.47
N TRP J 105 -10.08 27.91 -28.47
CA TRP J 105 -10.48 26.66 -27.81
C TRP J 105 -9.35 26.20 -26.90
N TYR J 106 -8.17 26.76 -27.01
CA TYR J 106 -7.11 26.32 -26.12
C TYR J 106 -6.36 27.52 -25.55
N TYR J 107 -6.17 28.56 -26.35
CA TYR J 107 -5.55 29.78 -25.86
C TYR J 107 -6.57 30.71 -25.25
N SER J 108 -7.85 30.49 -25.53
CA SER J 108 -8.91 31.24 -24.89
C SER J 108 -9.18 30.74 -23.49
N TRP J 109 -9.01 29.43 -23.27
CA TRP J 109 -9.12 28.91 -21.91
C TRP J 109 -7.83 29.15 -21.12
N TRP J 110 -6.88 29.91 -21.68
CA TRP J 110 -5.71 30.35 -20.94
C TRP J 110 -5.33 31.82 -21.15
N TRP J 111 -5.88 32.51 -22.17
CA TRP J 111 -5.54 33.91 -22.45
C TRP J 111 -4.04 34.09 -22.70
N ALA J 112 -3.64 33.56 -23.86
CA ALA J 112 -2.25 33.15 -24.07
C ALA J 112 -1.27 34.32 -23.91
N PHE J 113 -1.32 35.38 -24.74
CA PHE J 113 -1.92 35.56 -26.07
C PHE J 113 -0.99 34.88 -27.07
N ASP J 114 -1.53 34.22 -28.10
CA ASP J 114 -0.68 33.36 -28.93
C ASP J 114 0.18 34.17 -29.90
N TYR J 115 -0.43 35.02 -30.72
CA TYR J 115 0.29 35.76 -31.74
C TYR J 115 0.28 37.25 -31.43
N TRP J 116 1.33 37.94 -31.86
CA TRP J 116 1.57 39.35 -31.55
C TRP J 116 1.88 40.10 -32.84
N GLY J 117 1.25 41.26 -33.03
CA GLY J 117 1.64 42.14 -34.11
C GLY J 117 2.98 42.80 -33.86
N GLN J 118 3.55 43.36 -34.92
CA GLN J 118 4.95 43.74 -34.88
C GLN J 118 5.20 45.04 -34.13
N GLY J 119 4.21 45.91 -34.00
CA GLY J 119 4.40 47.08 -33.18
C GLY J 119 4.39 48.36 -34.00
N THR J 120 3.84 49.43 -33.41
CA THR J 120 3.87 50.74 -34.03
C THR J 120 4.02 51.82 -32.96
N LEU J 121 4.79 52.85 -33.26
CA LEU J 121 5.13 53.86 -32.27
C LEU J 121 4.14 55.01 -32.27
N VAL J 122 3.83 55.52 -31.08
CA VAL J 122 2.98 56.69 -30.89
C VAL J 122 3.74 57.64 -29.98
N THR J 123 4.29 58.71 -30.54
CA THR J 123 4.97 59.74 -29.77
C THR J 123 4.09 60.97 -29.69
N VAL J 124 3.75 61.38 -28.47
CA VAL J 124 2.93 62.56 -28.22
C VAL J 124 3.86 63.71 -27.89
N SER J 125 3.94 64.68 -28.80
CA SER J 125 4.81 65.83 -28.62
C SER J 125 4.19 67.03 -29.33
N SER J 126 4.84 68.19 -29.17
CA SER J 126 4.36 69.44 -29.75
C SER J 126 5.07 69.80 -31.05
N ALA J 127 6.37 69.54 -31.15
CA ALA J 127 7.15 69.94 -32.31
C ALA J 127 6.65 69.25 -33.58
N SER J 128 7.11 69.75 -34.71
CA SER J 128 6.60 69.34 -36.02
C SER J 128 7.49 68.27 -36.64
N THR J 129 6.96 67.65 -37.70
CA THR J 129 7.66 66.59 -38.40
C THR J 129 8.84 67.17 -39.20
N LYS J 130 9.92 66.39 -39.28
CA LYS J 130 11.08 66.78 -40.06
C LYS J 130 11.69 65.55 -40.72
N GLY J 131 12.07 65.70 -41.98
CA GLY J 131 12.76 64.67 -42.71
C GLY J 131 14.23 64.64 -42.37
N PRO J 132 14.85 63.48 -42.52
CA PRO J 132 16.27 63.33 -42.19
C PRO J 132 17.18 63.73 -43.33
N SER J 133 18.46 63.87 -43.00
CA SER J 133 19.53 64.11 -43.96
C SER J 133 20.42 62.87 -43.99
N VAL J 134 20.65 62.34 -45.19
CA VAL J 134 21.38 61.10 -45.39
C VAL J 134 22.76 61.46 -45.94
N PHE J 135 23.79 61.20 -45.14
CA PHE J 135 25.17 61.57 -45.47
C PHE J 135 26.03 60.32 -45.53
N PRO J 136 26.57 59.94 -46.68
CA PRO J 136 27.44 58.76 -46.73
C PRO J 136 28.68 58.92 -45.86
N LEU J 137 29.24 57.77 -45.47
CA LEU J 137 30.42 57.70 -44.60
C LEU J 137 31.51 56.98 -45.38
N ALA J 138 32.57 57.70 -45.73
CA ALA J 138 33.53 57.26 -46.72
C ALA J 138 34.45 56.17 -46.17
N PRO J 139 34.74 55.13 -46.96
CA PRO J 139 35.73 54.13 -46.56
C PRO J 139 37.16 54.71 -46.55
N SER J 140 38.15 53.86 -46.30
CA SER J 140 39.53 54.31 -46.20
C SER J 140 40.39 53.85 -47.37
N SER J 141 40.44 52.54 -47.63
CA SER J 141 41.30 52.00 -48.69
C SER J 141 40.56 51.92 -50.02
N GLY J 146 40.60 41.54 -48.87
CA GLY J 146 39.44 40.68 -48.80
C GLY J 146 38.75 40.72 -47.45
N GLY J 147 38.81 41.87 -46.80
CA GLY J 147 38.18 42.02 -45.50
C GLY J 147 38.49 43.39 -44.94
N THR J 148 37.82 43.70 -43.81
CA THR J 148 38.04 44.92 -43.05
C THR J 148 37.78 46.16 -43.92
N ALA J 149 36.52 46.33 -44.29
CA ALA J 149 36.06 47.54 -44.98
C ALA J 149 34.78 48.00 -44.28
N ALA J 150 34.94 48.90 -43.30
CA ALA J 150 33.81 49.44 -42.56
C ALA J 150 33.35 50.72 -43.25
N LEU J 151 32.12 50.69 -43.79
CA LEU J 151 31.55 51.86 -44.43
C LEU J 151 30.13 52.05 -43.93
N GLY J 152 29.39 53.01 -44.48
CA GLY J 152 28.00 53.15 -44.10
C GLY J 152 27.47 54.52 -44.46
N CYS J 153 26.38 54.88 -43.78
CA CYS J 153 25.79 56.20 -43.95
C CYS J 153 25.15 56.65 -42.65
N LEU J 154 25.21 57.95 -42.41
CA LEU J 154 24.64 58.59 -41.24
C LEU J 154 23.32 59.25 -41.61
N VAL J 155 22.39 59.27 -40.64
CA VAL J 155 21.06 59.82 -40.83
C VAL J 155 20.80 60.80 -39.70
N LYS J 156 20.81 62.09 -40.02
CA LYS J 156 20.82 63.14 -39.00
C LYS J 156 19.57 64.02 -39.12
N ASP J 157 19.17 64.60 -37.98
CA ASP J 157 18.20 65.69 -37.94
C ASP J 157 16.84 65.24 -38.49
N TYR J 158 16.25 64.26 -37.80
CA TYR J 158 14.89 63.83 -38.08
C TYR J 158 14.10 63.77 -36.78
N PHE J 159 12.79 63.93 -36.91
CA PHE J 159 11.85 63.90 -35.79
C PHE J 159 10.44 63.80 -36.34
N PRO J 160 9.59 62.90 -35.81
CA PRO J 160 9.88 61.96 -34.72
C PRO J 160 10.48 60.64 -35.19
N GLU J 161 10.65 59.70 -34.24
CA GLU J 161 11.06 58.35 -34.56
C GLU J 161 10.01 57.67 -35.45
N PRO J 162 10.37 56.58 -36.14
CA PRO J 162 11.71 56.00 -36.33
C PRO J 162 12.25 56.16 -37.76
N VAL J 163 13.49 55.74 -37.98
CA VAL J 163 14.08 55.65 -39.31
C VAL J 163 14.37 54.18 -39.61
N THR J 164 13.86 53.70 -40.74
CA THR J 164 14.01 52.31 -41.15
C THR J 164 15.11 52.24 -42.20
N VAL J 165 16.31 51.83 -41.78
CA VAL J 165 17.48 51.75 -42.64
C VAL J 165 17.65 50.32 -43.14
N SER J 166 17.93 50.19 -44.42
CA SER J 166 18.33 48.90 -44.99
C SER J 166 19.56 49.09 -45.87
N TRP J 167 19.96 48.04 -46.58
CA TRP J 167 21.10 48.11 -47.50
C TRP J 167 20.78 47.31 -48.74
N ASN J 168 20.68 48.00 -49.88
CA ASN J 168 20.40 47.39 -51.18
C ASN J 168 19.08 46.60 -51.14
N SER J 169 18.07 47.18 -50.50
CA SER J 169 16.73 46.59 -50.42
C SER J 169 16.78 45.19 -49.79
N GLY J 170 17.54 45.07 -48.71
CA GLY J 170 17.65 43.80 -48.01
C GLY J 170 18.63 42.81 -48.60
N ALA J 171 19.44 43.23 -49.58
CA ALA J 171 20.45 42.34 -50.13
C ALA J 171 21.63 42.18 -49.19
N LEU J 172 22.11 43.29 -48.64
CA LEU J 172 23.22 43.28 -47.68
C LEU J 172 22.63 43.30 -46.28
N THR J 173 22.62 42.14 -45.64
CA THR J 173 22.09 42.00 -44.28
C THR J 173 23.19 41.69 -43.26
N SER J 174 24.06 40.73 -43.55
CA SER J 174 25.11 40.36 -42.62
C SER J 174 26.16 41.47 -42.51
N GLY J 175 26.52 41.81 -41.29
CA GLY J 175 27.50 42.85 -41.03
C GLY J 175 26.92 44.20 -40.69
N VAL J 176 25.60 44.36 -40.80
CA VAL J 176 24.97 45.66 -40.55
C VAL J 176 24.83 45.88 -39.05
N HIS J 177 25.12 47.10 -38.62
CA HIS J 177 25.04 47.52 -37.21
C HIS J 177 24.31 48.85 -37.09
N THR J 178 23.13 48.95 -37.70
CA THR J 178 22.28 50.12 -37.57
C THR J 178 22.07 50.48 -36.10
N PHE J 179 22.56 51.66 -35.71
CA PHE J 179 22.58 52.09 -34.32
C PHE J 179 21.23 52.65 -33.89
N PRO J 180 20.97 52.71 -32.59
CA PRO J 180 19.82 53.45 -32.09
C PRO J 180 20.09 54.94 -32.09
N ALA J 181 19.01 55.71 -32.11
CA ALA J 181 19.12 57.16 -32.26
C ALA J 181 19.52 57.81 -30.94
N VAL J 182 19.97 59.07 -31.04
CA VAL J 182 20.27 59.93 -29.90
C VAL J 182 19.56 61.25 -30.10
N LEU J 183 19.66 62.14 -29.11
CA LEU J 183 18.79 63.29 -29.03
C LEU J 183 19.42 64.59 -29.54
N GLN J 184 20.73 64.79 -29.33
CA GLN J 184 21.46 65.95 -29.84
C GLN J 184 20.74 67.27 -29.50
N SER J 185 20.94 67.75 -28.27
CA SER J 185 20.04 68.61 -27.50
C SER J 185 19.14 69.53 -28.32
N SER J 186 19.59 69.99 -29.49
CA SER J 186 18.76 70.74 -30.42
C SER J 186 17.31 70.22 -30.46
N GLY J 187 17.15 68.90 -30.54
CA GLY J 187 15.83 68.31 -30.44
C GLY J 187 15.43 67.45 -31.61
N LEU J 188 16.42 66.92 -32.33
CA LEU J 188 16.19 66.07 -33.48
C LEU J 188 16.97 64.76 -33.28
N TYR J 189 16.49 63.69 -33.91
CA TYR J 189 17.18 62.42 -33.75
C TYR J 189 18.26 62.25 -34.81
N SER J 190 19.30 61.51 -34.45
CA SER J 190 20.46 61.34 -35.31
C SER J 190 21.11 60.00 -35.01
N LEU J 191 21.18 59.13 -36.01
CA LEU J 191 21.76 57.81 -35.86
C LEU J 191 22.76 57.55 -36.99
N SER J 192 23.48 56.45 -36.86
CA SER J 192 24.41 55.97 -37.87
C SER J 192 23.94 54.60 -38.37
N SER J 193 24.53 54.17 -39.49
CA SER J 193 24.25 52.84 -40.02
C SER J 193 25.51 52.36 -40.72
N VAL J 194 26.22 51.44 -40.08
CA VAL J 194 27.49 50.95 -40.59
C VAL J 194 27.34 49.51 -41.05
N VAL J 195 28.30 49.09 -41.89
CA VAL J 195 28.36 47.72 -42.37
C VAL J 195 29.80 47.42 -42.76
N THR J 196 30.23 46.20 -42.47
CA THR J 196 31.58 45.74 -42.78
C THR J 196 31.54 44.77 -43.95
N VAL J 197 32.45 44.95 -44.89
CA VAL J 197 32.52 44.13 -46.10
C VAL J 197 33.98 43.81 -46.40
N PRO J 198 34.27 42.93 -47.36
CA PRO J 198 35.65 42.78 -47.84
C PRO J 198 36.09 44.01 -48.61
N SER J 199 37.30 44.49 -48.30
CA SER J 199 37.82 45.67 -48.98
C SER J 199 38.17 45.42 -50.44
N SER J 200 38.40 44.16 -50.81
CA SER J 200 38.70 43.84 -52.20
C SER J 200 37.49 43.98 -53.11
N SER J 201 36.29 44.03 -52.55
CA SER J 201 35.06 44.14 -53.33
C SER J 201 34.52 45.57 -53.38
N LEU J 202 35.37 46.57 -53.17
CA LEU J 202 34.97 47.97 -53.31
C LEU J 202 34.93 48.30 -54.79
N GLY J 203 33.83 47.91 -55.42
CA GLY J 203 33.67 48.05 -56.87
C GLY J 203 32.97 46.85 -57.46
N THR J 204 32.86 45.78 -56.67
CA THR J 204 32.17 44.58 -57.12
C THR J 204 30.66 44.72 -56.95
N GLN J 205 30.22 45.04 -55.73
CA GLN J 205 28.80 45.27 -55.44
C GLN J 205 28.54 46.75 -55.20
N THR J 206 27.31 47.16 -55.48
CA THR J 206 26.86 48.52 -55.21
C THR J 206 26.34 48.60 -53.78
N TYR J 207 26.76 49.62 -53.05
CA TYR J 207 26.45 49.75 -51.63
C TYR J 207 25.53 50.95 -51.44
N ILE J 208 24.22 50.68 -51.44
CA ILE J 208 23.20 51.70 -51.26
C ILE J 208 22.49 51.42 -49.94
N CYS J 209 22.38 52.45 -49.10
CA CYS J 209 21.60 52.36 -47.87
C CYS J 209 20.23 53.02 -48.10
N ASN J 210 19.16 52.24 -47.96
CA ASN J 210 17.82 52.67 -48.33
C ASN J 210 17.12 53.21 -47.09
N VAL J 211 17.34 54.49 -46.82
CA VAL J 211 16.78 55.15 -45.65
C VAL J 211 15.33 55.50 -45.92
N ASN J 212 14.48 55.40 -44.90
CA ASN J 212 13.07 55.74 -45.02
C ASN J 212 12.59 56.36 -43.71
N HIS J 213 11.73 57.39 -43.83
CA HIS J 213 11.14 58.07 -42.68
C HIS J 213 9.70 58.39 -43.05
N LYS J 214 8.79 57.49 -42.71
CA LYS J 214 7.39 57.63 -43.12
C LYS J 214 6.61 58.79 -42.50
N PRO J 215 6.94 59.28 -41.30
CA PRO J 215 6.27 60.52 -40.85
C PRO J 215 6.49 61.69 -41.78
N SER J 216 7.58 61.71 -42.56
CA SER J 216 7.86 62.78 -43.50
C SER J 216 7.97 62.29 -44.94
N ASN J 217 7.68 61.01 -45.20
CA ASN J 217 7.70 60.43 -46.54
C ASN J 217 9.09 60.54 -47.19
N THR J 218 10.13 60.62 -46.38
CA THR J 218 11.50 60.81 -46.87
C THR J 218 12.06 59.45 -47.27
N LYS J 219 11.79 59.06 -48.52
CA LYS J 219 12.27 57.79 -49.08
C LYS J 219 13.51 58.10 -49.91
N VAL J 220 14.69 57.92 -49.30
CA VAL J 220 15.95 58.34 -49.89
C VAL J 220 16.85 57.11 -50.09
N ASP J 221 17.48 57.03 -51.26
CA ASP J 221 18.46 56.01 -51.56
C ASP J 221 19.78 56.69 -51.86
N LYS J 222 20.84 56.28 -51.17
CA LYS J 222 22.17 56.88 -51.34
C LYS J 222 23.23 55.79 -51.37
N LYS J 223 24.09 55.85 -52.37
CA LYS J 223 25.23 54.95 -52.47
C LYS J 223 26.42 55.53 -51.69
N VAL J 224 27.28 54.63 -51.22
CA VAL J 224 28.50 55.00 -50.52
C VAL J 224 29.68 54.42 -51.29
N GLU J 225 30.71 55.23 -51.50
CA GLU J 225 31.90 54.81 -52.23
C GLU J 225 33.06 55.70 -51.81
N PRO J 226 34.30 55.19 -51.81
CA PRO J 226 35.48 55.93 -51.35
C PRO J 226 35.66 57.29 -52.02
N ASP K 2 -6.40 43.67 -8.99
CA ASP K 2 -5.21 43.84 -8.15
C ASP K 2 -4.37 42.57 -8.09
N ILE K 3 -4.42 41.78 -9.17
CA ILE K 3 -3.69 40.52 -9.25
C ILE K 3 -2.24 40.87 -9.60
N GLN K 4 -1.37 40.86 -8.61
CA GLN K 4 0.00 41.32 -8.78
C GLN K 4 0.94 40.19 -9.17
N MET K 5 1.85 40.48 -10.10
CA MET K 5 2.86 39.54 -10.57
C MET K 5 4.22 40.20 -10.34
N THR K 6 5.02 39.64 -9.43
CA THR K 6 6.33 40.17 -9.11
C THR K 6 7.39 39.26 -9.74
N GLN K 7 8.09 39.76 -10.74
CA GLN K 7 9.07 38.99 -11.49
C GLN K 7 10.48 39.39 -11.05
N SER K 8 11.35 38.39 -10.95
CA SER K 8 12.71 38.58 -10.48
C SER K 8 13.63 37.57 -11.16
N PRO K 9 14.91 37.91 -11.37
CA PRO K 9 15.48 39.23 -11.09
C PRO K 9 15.19 40.21 -12.21
N SER K 10 15.62 41.45 -12.08
CA SER K 10 15.46 42.40 -13.18
C SER K 10 16.47 42.13 -14.29
N SER K 11 17.74 41.97 -13.93
CA SER K 11 18.80 41.70 -14.90
C SER K 11 19.62 40.51 -14.43
N LEU K 12 20.21 39.81 -15.39
CA LEU K 12 21.10 38.70 -15.11
C LEU K 12 22.06 38.52 -16.27
N SER K 13 23.27 38.04 -15.96
CA SER K 13 24.28 37.79 -16.97
C SER K 13 24.91 36.43 -16.70
N ALA K 14 24.73 35.49 -17.63
CA ALA K 14 25.28 34.16 -17.53
C ALA K 14 25.92 33.77 -18.85
N SER K 15 26.99 32.98 -18.77
CA SER K 15 27.70 32.56 -19.96
C SER K 15 26.85 31.59 -20.78
N VAL K 16 27.33 31.31 -21.99
CA VAL K 16 26.62 30.39 -22.88
C VAL K 16 26.65 28.99 -22.29
N GLY K 17 25.49 28.35 -22.23
CA GLY K 17 25.36 27.01 -21.68
C GLY K 17 24.93 26.97 -20.23
N ASP K 18 25.05 28.08 -19.51
CA ASP K 18 24.62 28.13 -18.12
C ASP K 18 23.11 27.94 -18.02
N ARG K 19 22.65 27.66 -16.81
CA ARG K 19 21.25 27.36 -16.54
C ARG K 19 20.59 28.58 -15.90
N VAL K 20 19.62 29.16 -16.58
CA VAL K 20 19.00 30.43 -16.19
C VAL K 20 17.65 30.14 -15.54
N THR K 21 17.38 30.81 -14.41
CA THR K 21 16.13 30.70 -13.70
C THR K 21 15.50 32.07 -13.51
N ILE K 22 14.19 32.15 -13.74
CA ILE K 22 13.43 33.39 -13.59
C ILE K 22 12.19 33.09 -12.76
N THR K 23 12.03 33.82 -11.67
CA THR K 23 10.91 33.63 -10.76
C THR K 23 9.84 34.68 -11.01
N CYS K 24 8.58 34.29 -10.88
CA CYS K 24 7.45 35.21 -10.99
C CYS K 24 6.41 34.78 -9.97
N ARG K 25 6.18 35.60 -8.95
CA ARG K 25 5.27 35.26 -7.87
C ARG K 25 3.96 36.01 -8.03
N ALA K 26 2.85 35.27 -8.00
CA ALA K 26 1.52 35.83 -7.96
C ALA K 26 1.08 36.03 -6.51
N SER K 27 0.04 36.82 -6.32
CA SER K 27 -0.43 37.16 -4.98
C SER K 27 -1.50 36.20 -4.45
N GLN K 28 -1.99 35.28 -5.27
CA GLN K 28 -2.98 34.32 -4.82
C GLN K 28 -2.98 33.12 -5.77
N SER K 29 -3.80 32.12 -5.45
CA SER K 29 -3.88 30.90 -6.25
C SER K 29 -4.57 31.21 -7.58
N VAL K 30 -3.78 31.27 -8.64
CA VAL K 30 -4.21 31.59 -10.00
C VAL K 30 -3.96 30.36 -10.86
N SER K 31 -4.27 29.19 -10.31
CA SER K 31 -3.43 28.00 -10.35
C SER K 31 -2.50 27.88 -11.55
N SER K 32 -3.01 28.03 -12.78
CA SER K 32 -2.09 27.85 -13.91
C SER K 32 -2.28 28.90 -15.01
N ALA K 33 -2.85 30.06 -14.70
CA ALA K 33 -3.13 31.08 -15.72
C ALA K 33 -1.88 31.73 -16.28
N VAL K 34 -0.70 31.37 -15.80
CA VAL K 34 0.50 32.13 -16.08
C VAL K 34 1.06 31.74 -17.45
N ALA K 35 1.61 32.74 -18.15
CA ALA K 35 2.30 32.55 -19.41
C ALA K 35 3.67 33.22 -19.35
N TRP K 36 4.55 32.78 -20.24
CA TRP K 36 5.92 33.28 -20.32
C TRP K 36 6.23 33.68 -21.76
N TYR K 37 6.89 34.83 -21.90
CA TYR K 37 7.13 35.49 -23.17
C TYR K 37 8.59 35.87 -23.34
N GLN K 38 9.11 35.66 -24.55
CA GLN K 38 10.41 36.15 -24.99
C GLN K 38 10.19 37.36 -25.89
N GLN K 39 10.94 38.44 -25.64
CA GLN K 39 10.90 39.62 -26.50
C GLN K 39 12.33 40.03 -26.81
N LYS K 40 12.70 39.94 -28.08
CA LYS K 40 13.96 40.47 -28.55
C LYS K 40 13.79 41.96 -28.86
N PRO K 41 14.85 42.76 -28.69
CA PRO K 41 14.67 44.21 -28.62
C PRO K 41 13.98 44.79 -29.84
N GLY K 42 13.05 45.72 -29.58
CA GLY K 42 12.30 46.40 -30.63
C GLY K 42 11.38 45.53 -31.45
N LYS K 43 11.30 44.23 -31.17
CA LYS K 43 10.49 43.31 -31.94
C LYS K 43 9.26 42.90 -31.15
N ALA K 44 8.43 42.06 -31.77
CA ALA K 44 7.19 41.64 -31.14
C ALA K 44 7.47 40.58 -30.08
N PRO K 45 6.78 40.62 -28.95
CA PRO K 45 6.88 39.51 -27.99
C PRO K 45 6.36 38.21 -28.62
N LYS K 46 6.96 37.11 -28.20
CA LYS K 46 6.57 35.79 -28.65
C LYS K 46 6.23 34.91 -27.46
N LEU K 47 5.23 34.05 -27.63
CA LEU K 47 4.78 33.18 -26.55
C LEU K 47 5.71 31.99 -26.40
N LEU K 48 6.34 31.87 -25.23
CA LEU K 48 7.11 30.67 -24.90
C LEU K 48 6.24 29.63 -24.22
N ILE K 49 5.58 30.01 -23.12
CA ILE K 49 4.91 29.05 -22.27
C ILE K 49 3.49 29.53 -21.99
N TYR K 50 2.52 28.63 -22.11
CA TYR K 50 1.17 28.85 -21.62
C TYR K 50 0.83 27.76 -20.62
N SER K 51 -0.22 27.98 -19.84
CA SER K 51 -0.62 27.10 -18.74
C SER K 51 0.47 26.98 -17.68
N ALA K 52 1.51 27.80 -17.76
CA ALA K 52 2.61 27.91 -16.79
C ALA K 52 3.54 26.69 -16.83
N SER K 53 3.13 25.65 -17.57
CA SER K 53 3.94 24.47 -17.80
C SER K 53 4.00 24.08 -19.27
N SER K 54 2.90 24.26 -20.01
CA SER K 54 2.81 23.79 -21.38
C SER K 54 3.62 24.69 -22.31
N LEU K 55 4.31 24.06 -23.26
CA LEU K 55 5.24 24.74 -24.16
C LEU K 55 4.57 25.04 -25.49
N TYR K 56 4.66 26.30 -25.93
CA TYR K 56 4.03 26.71 -27.18
C TYR K 56 4.68 26.00 -28.37
N SER K 57 3.85 25.60 -29.32
CA SER K 57 4.31 24.84 -30.48
C SER K 57 5.38 25.61 -31.25
N GLY K 58 6.61 25.09 -31.24
CA GLY K 58 7.73 25.72 -31.93
C GLY K 58 8.82 26.23 -31.02
N VAL K 59 8.67 26.15 -29.70
CA VAL K 59 9.66 26.64 -28.75
C VAL K 59 10.70 25.55 -28.54
N PRO K 60 11.99 25.89 -28.45
CA PRO K 60 13.01 24.86 -28.19
C PRO K 60 12.80 24.17 -26.85
N SER K 61 13.38 22.97 -26.75
CA SER K 61 13.18 22.14 -25.56
C SER K 61 13.87 22.69 -24.34
N ARG K 62 14.83 23.61 -24.49
CA ARG K 62 15.56 24.14 -23.36
C ARG K 62 14.74 25.08 -22.49
N PHE K 63 13.59 25.55 -22.97
CA PHE K 63 12.68 26.36 -22.18
C PHE K 63 11.68 25.47 -21.47
N SER K 64 11.52 25.69 -20.16
CA SER K 64 10.56 24.91 -19.38
C SER K 64 9.91 25.80 -18.34
N GLY K 65 8.66 25.46 -18.01
CA GLY K 65 7.91 26.19 -17.01
C GLY K 65 7.46 25.32 -15.85
N SER K 66 7.67 25.81 -14.62
CA SER K 66 7.35 25.05 -13.42
C SER K 66 6.54 25.92 -12.47
N ARG K 67 5.93 25.27 -11.47
CA ARG K 67 5.02 25.91 -10.54
C ARG K 67 5.26 25.40 -9.12
N SER K 68 5.20 26.33 -8.14
CA SER K 68 5.16 25.95 -6.72
C SER K 68 4.09 26.80 -6.04
N GLY K 69 2.84 26.34 -6.11
CA GLY K 69 1.76 26.92 -5.34
C GLY K 69 1.34 28.31 -5.80
N THR K 70 2.21 29.29 -5.55
CA THR K 70 1.98 30.67 -5.93
C THR K 70 3.19 31.28 -6.63
N ASP K 71 4.17 30.46 -6.99
CA ASP K 71 5.46 30.94 -7.48
C ASP K 71 5.82 30.16 -8.73
N PHE K 72 5.81 30.83 -9.87
CA PHE K 72 6.04 30.22 -11.17
C PHE K 72 7.48 30.48 -11.60
N THR K 73 8.02 29.59 -12.43
CA THR K 73 9.44 29.69 -12.75
C THR K 73 9.67 29.31 -14.21
N LEU K 74 10.43 30.15 -14.91
CA LEU K 74 10.91 29.88 -16.26
C LEU K 74 12.37 29.46 -16.17
N THR K 75 12.69 28.31 -16.73
CA THR K 75 14.05 27.77 -16.68
C THR K 75 14.57 27.51 -18.09
N ILE K 76 15.77 28.04 -18.37
CA ILE K 76 16.50 27.80 -19.60
C ILE K 76 17.65 26.86 -19.24
N SER K 77 17.62 25.64 -19.80
CA SER K 77 18.61 24.63 -19.43
C SER K 77 20.01 25.03 -19.91
N SER K 78 20.18 25.19 -21.22
CA SER K 78 21.45 25.59 -21.82
C SER K 78 21.25 26.94 -22.50
N LEU K 79 21.74 28.00 -21.85
CA LEU K 79 21.55 29.35 -22.37
C LEU K 79 22.31 29.51 -23.69
N GLN K 80 21.58 29.85 -24.73
CA GLN K 80 22.16 30.08 -26.05
C GLN K 80 22.33 31.57 -26.31
N PRO K 81 23.26 31.95 -27.18
CA PRO K 81 23.50 33.39 -27.39
C PRO K 81 22.31 34.11 -28.01
N GLU K 82 21.48 33.41 -28.79
CA GLU K 82 20.28 34.03 -29.33
C GLU K 82 19.15 34.14 -28.31
N ASP K 83 19.30 33.52 -27.13
CA ASP K 83 18.35 33.66 -26.05
C ASP K 83 18.47 35.00 -25.32
N PHE K 84 19.39 35.86 -25.75
CA PHE K 84 19.41 37.24 -25.29
C PHE K 84 18.09 37.93 -25.60
N ALA K 85 17.34 38.28 -24.57
CA ALA K 85 16.03 38.91 -24.74
C ALA K 85 15.59 39.47 -23.40
N THR K 86 14.33 39.90 -23.34
CA THR K 86 13.65 40.22 -22.09
C THR K 86 12.46 39.29 -21.97
N TYR K 87 12.28 38.70 -20.80
CA TYR K 87 11.27 37.70 -20.56
C TYR K 87 10.20 38.25 -19.61
N TYR K 88 8.94 38.01 -19.96
CA TYR K 88 7.80 38.53 -19.22
C TYR K 88 6.87 37.40 -18.79
N CYS K 89 6.40 37.47 -17.55
CA CYS K 89 5.38 36.56 -17.04
C CYS K 89 4.03 37.27 -17.01
N GLN K 90 2.97 36.53 -17.31
CA GLN K 90 1.65 37.11 -17.56
C GLN K 90 0.61 36.48 -16.64
N GLN K 91 -0.45 37.24 -16.38
CA GLN K 91 -1.67 36.74 -15.76
C GLN K 91 -2.65 36.35 -16.88
N GLY K 92 -3.91 36.08 -16.54
CA GLY K 92 -4.88 35.78 -17.57
C GLY K 92 -6.32 35.90 -17.12
N ASP K 93 -7.10 36.67 -17.87
CA ASP K 93 -8.52 36.90 -17.61
C ASP K 93 -9.03 37.77 -18.75
N PRO K 94 -10.28 37.63 -19.18
CA PRO K 94 -10.83 38.64 -20.12
C PRO K 94 -10.89 40.03 -19.53
N ARG K 95 -11.25 40.14 -18.25
CA ARG K 95 -11.52 41.44 -17.66
C ARG K 95 -10.28 42.17 -17.16
N LEU K 96 -9.13 41.49 -17.09
CA LEU K 96 -7.91 42.13 -16.61
C LEU K 96 -6.72 41.26 -16.98
N VAL K 97 -5.63 41.92 -17.41
CA VAL K 97 -4.38 41.25 -17.77
C VAL K 97 -3.22 42.07 -17.22
N THR K 98 -2.35 41.44 -16.44
CA THR K 98 -1.15 42.07 -15.93
C THR K 98 0.07 41.25 -16.30
N PHE K 99 1.19 41.94 -16.50
CA PHE K 99 2.47 41.33 -16.81
C PHE K 99 3.42 41.51 -15.63
N GLY K 100 4.58 40.86 -15.74
CA GLY K 100 5.64 41.06 -14.78
C GLY K 100 6.51 42.24 -15.16
N GLN K 101 7.36 42.65 -14.22
CA GLN K 101 8.30 43.74 -14.47
C GLN K 101 9.29 43.40 -15.57
N GLY K 102 9.52 42.12 -15.83
CA GLY K 102 10.43 41.70 -16.88
C GLY K 102 11.78 41.31 -16.33
N THR K 103 12.45 40.42 -17.07
CA THR K 103 13.81 39.99 -16.73
C THR K 103 14.65 40.01 -18.00
N LYS K 104 15.66 40.87 -18.04
CA LYS K 104 16.54 40.97 -19.19
C LYS K 104 17.69 39.99 -19.01
N VAL K 105 17.82 39.05 -19.94
CA VAL K 105 18.86 38.03 -19.91
C VAL K 105 20.02 38.50 -20.79
N GLU K 106 21.17 38.75 -20.17
CA GLU K 106 22.37 39.17 -20.89
C GLU K 106 23.34 38.00 -21.00
N ILE K 107 24.05 37.93 -22.11
CA ILE K 107 24.99 36.86 -22.39
C ILE K 107 26.38 37.29 -21.96
N LYS K 108 27.17 36.34 -21.44
CA LYS K 108 28.55 36.59 -21.08
C LYS K 108 29.47 35.77 -21.96
N ARG K 109 30.54 36.41 -22.44
CA ARG K 109 31.52 35.74 -23.29
C ARG K 109 32.88 36.35 -23.01
N THR K 110 33.90 35.78 -23.64
CA THR K 110 35.28 36.18 -23.36
C THR K 110 35.52 37.61 -23.84
N VAL K 111 36.69 38.15 -23.45
CA VAL K 111 37.02 39.53 -23.79
C VAL K 111 37.21 39.64 -25.30
N ALA K 112 36.70 40.74 -25.88
CA ALA K 112 36.77 40.96 -27.31
C ALA K 112 37.22 42.40 -27.58
N ALA K 113 38.27 42.55 -28.38
CA ALA K 113 38.77 43.87 -28.76
C ALA K 113 38.01 44.39 -29.97
N PRO K 114 37.69 45.68 -30.00
CA PRO K 114 36.88 46.23 -31.09
C PRO K 114 37.67 46.51 -32.35
N SER K 115 37.01 46.32 -33.48
CA SER K 115 37.50 46.85 -34.75
C SER K 115 37.21 48.34 -34.78
N VAL K 116 38.25 49.16 -34.84
CA VAL K 116 38.13 50.61 -34.70
C VAL K 116 38.26 51.25 -36.06
N PHE K 117 37.38 52.21 -36.35
CA PHE K 117 37.37 52.92 -37.62
C PHE K 117 37.01 54.38 -37.38
N ILE K 118 37.37 55.23 -38.33
CA ILE K 118 37.02 56.65 -38.29
C ILE K 118 36.54 57.07 -39.67
N PHE K 119 35.58 57.98 -39.69
CA PHE K 119 34.96 58.45 -40.93
C PHE K 119 35.05 59.96 -41.05
N PRO K 120 35.38 60.47 -42.23
CA PRO K 120 35.43 61.91 -42.43
C PRO K 120 34.03 62.46 -42.65
N PRO K 121 33.79 63.74 -42.36
CA PRO K 121 32.50 64.34 -42.67
C PRO K 121 32.20 64.28 -44.16
N SER K 122 30.93 64.10 -44.49
CA SER K 122 30.52 63.95 -45.88
C SER K 122 30.75 65.24 -46.67
N ASP K 123 30.83 65.10 -47.99
CA ASP K 123 31.01 66.25 -48.85
C ASP K 123 29.80 67.18 -48.79
N SER K 124 28.59 66.61 -48.95
CA SER K 124 27.38 67.42 -48.86
C SER K 124 27.07 67.83 -47.42
N GLN K 125 27.69 67.19 -46.44
CA GLN K 125 27.49 67.60 -45.04
C GLN K 125 28.17 68.93 -44.74
N LEU K 126 29.32 69.19 -45.39
CA LEU K 126 30.00 70.47 -45.21
C LEU K 126 29.19 71.63 -45.77
N LYS K 127 28.19 71.35 -46.62
CA LYS K 127 27.30 72.38 -47.14
C LYS K 127 26.31 72.88 -46.11
N SER K 128 26.21 72.22 -44.96
CA SER K 128 25.30 72.63 -43.90
C SER K 128 25.94 73.60 -42.92
N GLY K 129 27.24 73.83 -43.02
CA GLY K 129 27.95 74.62 -42.02
C GLY K 129 28.27 73.88 -40.75
N THR K 130 28.03 72.57 -40.70
CA THR K 130 28.30 71.76 -39.53
C THR K 130 28.68 70.36 -39.98
N ALA K 131 29.73 69.81 -39.39
CA ALA K 131 30.27 68.51 -39.78
C ALA K 131 30.27 67.57 -38.58
N SER K 132 30.39 66.28 -38.88
CA SER K 132 30.39 65.24 -37.86
C SER K 132 31.45 64.20 -38.19
N VAL K 133 32.19 63.77 -37.17
CA VAL K 133 33.22 62.74 -37.31
C VAL K 133 32.73 61.50 -36.57
N VAL K 134 32.69 60.37 -37.27
CA VAL K 134 32.12 59.13 -36.75
C VAL K 134 33.25 58.17 -36.42
N CYS K 135 33.36 57.81 -35.15
CA CYS K 135 34.32 56.80 -34.71
C CYS K 135 33.55 55.52 -34.37
N LEU K 136 33.87 54.45 -35.07
CA LEU K 136 33.15 53.17 -34.97
C LEU K 136 33.98 52.16 -34.20
N LEU K 137 33.31 51.43 -33.31
CA LEU K 137 33.92 50.37 -32.50
C LEU K 137 33.04 49.14 -32.68
N ASN K 138 33.48 48.16 -33.47
CA ASN K 138 32.65 47.04 -33.85
C ASN K 138 33.07 45.77 -33.15
N ASN K 139 32.09 44.98 -32.70
CA ASN K 139 32.28 43.59 -32.28
C ASN K 139 33.28 43.49 -31.12
N PHE K 140 32.87 44.05 -29.98
CA PHE K 140 33.67 44.01 -28.77
C PHE K 140 32.81 43.60 -27.58
N TYR K 141 33.49 43.25 -26.47
CA TYR K 141 32.86 42.87 -25.22
C TYR K 141 33.89 43.05 -24.12
N PRO K 142 33.53 43.56 -22.93
CA PRO K 142 32.18 43.97 -22.51
C PRO K 142 31.73 45.32 -23.08
N ARG K 143 30.59 45.82 -22.57
CA ARG K 143 30.03 47.05 -23.11
C ARG K 143 30.86 48.27 -22.74
N GLU K 144 31.57 48.22 -21.62
CA GLU K 144 32.38 49.35 -21.19
C GLU K 144 33.53 49.59 -22.16
N ALA K 145 33.63 50.84 -22.63
CA ALA K 145 34.73 51.27 -23.48
C ALA K 145 35.01 52.73 -23.17
N LYS K 146 35.99 53.31 -23.87
CA LYS K 146 36.33 54.72 -23.71
C LYS K 146 36.83 55.27 -25.02
N VAL K 147 36.12 56.26 -25.56
CA VAL K 147 36.50 56.92 -26.80
C VAL K 147 36.86 58.37 -26.47
N GLN K 148 38.11 58.73 -26.74
CA GLN K 148 38.62 60.08 -26.52
C GLN K 148 38.80 60.75 -27.87
N TRP K 149 38.55 62.06 -27.95
CA TRP K 149 38.70 62.79 -29.19
C TRP K 149 39.90 63.72 -29.13
N LYS K 150 40.54 63.91 -30.29
CA LYS K 150 41.74 64.74 -30.40
C LYS K 150 41.66 65.51 -31.70
N VAL K 151 41.48 66.83 -31.60
CA VAL K 151 41.51 67.72 -32.75
C VAL K 151 42.75 68.60 -32.60
N ASP K 152 43.72 68.42 -33.51
CA ASP K 152 45.04 69.01 -33.38
C ASP K 152 45.68 68.61 -32.05
N ASN K 153 45.46 67.35 -31.64
CA ASN K 153 45.99 66.82 -30.38
C ASN K 153 45.49 67.63 -29.19
N ALA K 154 44.27 68.14 -29.30
CA ALA K 154 43.57 68.82 -28.22
C ALA K 154 42.33 68.02 -27.89
N LEU K 155 42.21 67.60 -26.63
CA LEU K 155 41.13 66.69 -26.25
C LEU K 155 39.79 67.43 -26.19
N GLN K 156 38.74 66.71 -26.55
CA GLN K 156 37.40 67.28 -26.70
C GLN K 156 36.49 66.81 -25.57
N SER K 157 35.45 67.61 -25.33
CA SER K 157 34.45 67.29 -24.31
C SER K 157 33.23 68.18 -24.45
N GLY K 158 32.04 67.58 -24.43
CA GLY K 158 30.80 68.31 -24.58
C GLY K 158 30.28 68.41 -26.00
N ASN K 159 30.95 67.81 -26.98
CA ASN K 159 30.55 67.91 -28.37
C ASN K 159 30.46 66.55 -29.06
N SER K 160 30.52 65.46 -28.29
CA SER K 160 30.42 64.11 -28.84
C SER K 160 29.33 63.35 -28.11
N GLN K 161 28.73 62.40 -28.82
CA GLN K 161 27.68 61.59 -28.23
C GLN K 161 27.90 60.17 -28.70
N GLU K 162 27.52 59.21 -27.87
CA GLU K 162 27.82 57.81 -28.16
C GLU K 162 26.55 56.96 -28.14
N SER K 163 26.47 56.02 -29.07
CA SER K 163 25.32 55.12 -29.23
C SER K 163 25.80 53.68 -29.30
N VAL K 164 25.22 52.80 -28.48
CA VAL K 164 25.63 51.41 -28.38
C VAL K 164 24.47 50.53 -28.82
N THR K 165 24.76 49.53 -29.65
CA THR K 165 23.74 48.60 -30.10
C THR K 165 23.44 47.56 -29.02
N GLU K 166 22.36 46.81 -29.24
CA GLU K 166 22.07 45.68 -28.38
C GLU K 166 23.01 44.52 -28.69
N GLN K 167 23.14 43.62 -27.71
CA GLN K 167 24.07 42.51 -27.84
C GLN K 167 23.61 41.58 -28.97
N ASP K 168 24.56 41.14 -29.79
CA ASP K 168 24.24 40.47 -31.04
C ASP K 168 23.74 39.04 -30.79
N SER K 169 23.06 38.49 -31.80
CA SER K 169 22.37 37.22 -31.65
C SER K 169 23.34 36.04 -31.68
N LYS K 170 24.33 36.07 -32.56
CA LYS K 170 25.20 34.91 -32.76
C LYS K 170 26.53 35.00 -32.02
N ASP K 171 27.20 36.15 -32.04
CA ASP K 171 28.49 36.28 -31.37
C ASP K 171 28.42 37.04 -30.06
N SER K 172 27.28 37.68 -29.76
CA SER K 172 27.05 38.36 -28.49
C SER K 172 28.13 39.41 -28.22
N THR K 173 28.27 40.34 -29.15
CA THR K 173 29.22 41.43 -29.06
C THR K 173 28.51 42.75 -29.27
N TYR K 174 29.20 43.84 -28.91
CA TYR K 174 28.61 45.17 -28.94
C TYR K 174 29.24 46.03 -30.04
N SER K 175 28.49 47.05 -30.46
CA SER K 175 28.96 48.03 -31.41
C SER K 175 28.68 49.42 -30.86
N LEU K 176 29.61 50.33 -31.10
CA LEU K 176 29.55 51.68 -30.56
C LEU K 176 29.83 52.69 -31.67
N SER K 177 29.06 53.78 -31.66
CA SER K 177 29.21 54.86 -32.62
C SER K 177 29.37 56.16 -31.86
N SER K 178 30.52 56.82 -32.01
CA SER K 178 30.79 58.10 -31.37
C SER K 178 30.76 59.19 -32.43
N THR K 179 29.74 60.04 -32.38
CA THR K 179 29.58 61.13 -33.33
C THR K 179 30.07 62.42 -32.69
N LEU K 180 31.01 63.08 -33.37
CA LEU K 180 31.62 64.33 -32.91
C LEU K 180 31.11 65.46 -33.80
N THR K 181 30.28 66.33 -33.23
CA THR K 181 29.68 67.43 -33.97
C THR K 181 30.52 68.69 -33.80
N LEU K 182 30.85 69.34 -34.91
CA LEU K 182 31.65 70.56 -34.89
C LEU K 182 31.17 71.51 -35.97
N SER K 183 31.07 72.79 -35.62
CA SER K 183 30.80 73.80 -36.64
C SER K 183 31.90 73.79 -37.69
N LYS K 184 31.52 74.08 -38.94
CA LYS K 184 32.46 74.01 -40.05
C LYS K 184 33.63 74.96 -39.86
N ALA K 185 33.43 76.05 -39.11
CA ALA K 185 34.52 76.96 -38.81
C ALA K 185 35.67 76.23 -38.11
N ASP K 186 35.39 75.65 -36.94
CA ASP K 186 36.41 74.88 -36.23
C ASP K 186 36.85 73.66 -37.01
N TYR K 187 36.04 73.18 -37.95
CA TYR K 187 36.47 72.05 -38.78
C TYR K 187 37.59 72.47 -39.73
N GLU K 188 37.40 73.58 -40.44
CA GLU K 188 38.41 74.02 -41.38
C GLU K 188 39.61 74.67 -40.69
N LYS K 189 39.41 75.25 -39.50
CA LYS K 189 40.52 75.87 -38.79
C LYS K 189 41.56 74.86 -38.31
N HIS K 190 41.21 73.57 -38.27
CA HIS K 190 42.10 72.55 -37.76
C HIS K 190 42.35 71.48 -38.82
N LYS K 191 43.39 70.68 -38.60
CA LYS K 191 43.87 69.73 -39.59
C LYS K 191 43.81 68.28 -39.10
N VAL K 192 44.30 68.01 -37.88
CA VAL K 192 44.44 66.65 -37.37
C VAL K 192 43.18 66.26 -36.62
N TYR K 193 42.60 65.11 -36.98
CA TYR K 193 41.45 64.56 -36.27
C TYR K 193 41.74 63.12 -35.90
N ALA K 194 41.42 62.74 -34.67
CA ALA K 194 41.71 61.39 -34.21
C ALA K 194 40.75 60.99 -33.10
N CYS K 195 40.40 59.71 -33.09
CA CYS K 195 39.66 59.11 -31.98
C CYS K 195 40.49 57.97 -31.40
N GLU K 196 40.60 57.95 -30.08
CA GLU K 196 41.46 57.04 -29.33
C GLU K 196 40.58 56.13 -28.49
N VAL K 197 40.61 54.83 -28.77
CA VAL K 197 39.83 53.84 -28.05
C VAL K 197 40.69 53.23 -26.96
N THR K 198 40.21 53.31 -25.72
CA THR K 198 40.86 52.69 -24.56
C THR K 198 39.92 51.60 -24.05
N HIS K 199 40.07 50.40 -24.59
CA HIS K 199 39.21 49.27 -24.27
C HIS K 199 39.97 48.24 -23.44
N GLN K 200 39.20 47.41 -22.72
CA GLN K 200 39.80 46.40 -21.86
C GLN K 200 40.62 45.40 -22.65
N GLY K 201 40.13 44.98 -23.81
CA GLY K 201 40.79 43.97 -24.62
C GLY K 201 41.95 44.48 -25.45
N LEU K 202 42.49 45.64 -25.07
CA LEU K 202 43.60 46.25 -25.78
C LEU K 202 44.72 46.57 -24.80
N SER K 203 45.96 46.30 -25.22
CA SER K 203 47.11 46.62 -24.37
C SER K 203 47.39 48.12 -24.39
N SER K 204 47.56 48.70 -25.57
CA SER K 204 47.77 50.12 -25.73
C SER K 204 46.57 50.74 -26.44
N PRO K 205 46.06 51.88 -25.97
CA PRO K 205 44.89 52.49 -26.61
C PRO K 205 45.15 52.79 -28.08
N VAL K 206 44.29 52.24 -28.94
CA VAL K 206 44.46 52.30 -30.39
C VAL K 206 43.75 53.54 -30.92
N THR K 207 44.43 54.29 -31.78
CA THR K 207 43.91 55.55 -32.30
C THR K 207 43.75 55.46 -33.81
N LYS K 208 42.68 56.07 -34.33
CA LYS K 208 42.44 56.19 -35.76
C LYS K 208 42.24 57.66 -36.11
N SER K 209 42.90 58.11 -37.17
CA SER K 209 43.02 59.53 -37.45
C SER K 209 42.93 59.81 -38.95
N PHE K 210 42.62 61.06 -39.27
CA PHE K 210 42.74 61.59 -40.62
C PHE K 210 43.15 63.06 -40.53
N ASN K 211 43.38 63.67 -41.69
CA ASN K 211 44.00 65.00 -41.76
C ASN K 211 43.34 65.82 -42.86
N ARG K 212 42.46 66.74 -42.46
CA ARG K 212 41.90 67.74 -43.37
C ARG K 212 41.80 69.10 -42.69
N PRO L 12 -45.37 33.87 -38.90
CA PRO L 12 -46.29 33.41 -37.86
C PRO L 12 -46.08 34.14 -36.54
N GLY L 13 -46.40 33.47 -35.43
CA GLY L 13 -46.11 34.01 -34.12
C GLY L 13 -44.76 33.54 -33.62
N ILE L 14 -43.74 33.63 -34.48
CA ILE L 14 -42.41 33.14 -34.15
C ILE L 14 -41.68 34.06 -33.18
N ALA L 15 -42.20 35.26 -32.93
CA ALA L 15 -41.68 36.09 -31.85
C ALA L 15 -42.26 35.70 -30.50
N TRP L 16 -43.46 35.10 -30.50
CA TRP L 16 -43.99 34.48 -29.28
C TRP L 16 -43.12 33.32 -28.82
N ILE L 17 -42.27 32.79 -29.70
CA ILE L 17 -41.31 31.76 -29.32
C ILE L 17 -40.19 32.37 -28.49
N ALA L 18 -39.63 33.50 -28.95
CA ALA L 18 -38.50 34.11 -28.27
C ALA L 18 -38.82 34.51 -26.84
N LEU L 19 -40.10 34.61 -26.48
CA LEU L 19 -40.45 34.83 -25.08
C LEU L 19 -39.95 33.71 -24.20
N LEU L 20 -40.09 32.46 -24.67
CA LEU L 20 -39.58 31.31 -23.91
C LEU L 20 -38.07 31.36 -23.79
N LEU L 21 -37.37 31.77 -24.86
CA LEU L 21 -35.91 31.84 -24.79
C LEU L 21 -35.45 32.92 -23.85
N LEU L 22 -36.16 34.06 -23.82
CA LEU L 22 -35.85 35.08 -22.82
C LEU L 22 -36.15 34.61 -21.42
N VAL L 23 -37.18 33.78 -21.24
CA VAL L 23 -37.44 33.20 -19.92
C VAL L 23 -36.29 32.32 -19.49
N ILE L 24 -35.74 31.53 -20.41
CA ILE L 24 -34.61 30.66 -20.09
C ILE L 24 -33.37 31.50 -19.76
N PHE L 25 -33.08 32.50 -20.59
CA PHE L 25 -32.02 33.46 -20.25
C PHE L 25 -32.23 34.02 -18.85
N TYR L 26 -33.47 34.40 -18.52
CA TYR L 26 -33.74 35.00 -17.23
C TYR L 26 -33.46 34.04 -16.08
N VAL L 27 -33.95 32.81 -16.19
CA VAL L 27 -33.79 31.88 -15.09
C VAL L 27 -32.32 31.52 -14.90
N PHE L 28 -31.59 31.28 -15.99
CA PHE L 28 -30.17 30.97 -15.83
C PHE L 28 -29.36 32.19 -15.40
N ALA L 29 -29.82 33.41 -15.74
CA ALA L 29 -29.12 34.60 -15.26
C ALA L 29 -29.34 34.80 -13.77
N VAL L 30 -30.55 34.52 -13.31
CA VAL L 30 -30.81 34.56 -11.87
C VAL L 30 -29.97 33.50 -11.16
N MET L 31 -29.85 32.32 -11.76
CA MET L 31 -28.96 31.29 -11.21
C MET L 31 -27.53 31.79 -11.10
N GLY L 32 -27.00 32.31 -12.21
CA GLY L 32 -25.63 32.81 -12.19
C GLY L 32 -25.44 33.95 -11.21
N THR L 33 -26.47 34.77 -11.01
CA THR L 33 -26.39 35.83 -10.03
C THR L 33 -26.33 35.25 -8.62
N LYS L 34 -27.20 34.29 -8.33
CA LYS L 34 -27.22 33.68 -7.01
C LYS L 34 -25.93 32.92 -6.71
N LEU L 35 -25.28 32.40 -7.76
CA LEU L 35 -24.10 31.56 -7.56
C LEU L 35 -22.79 32.34 -7.54
N PHE L 36 -22.64 33.34 -8.42
CA PHE L 36 -21.34 33.89 -8.72
C PHE L 36 -21.22 35.39 -8.46
N ALA L 37 -22.26 36.04 -7.95
CA ALA L 37 -22.22 37.50 -7.80
C ALA L 37 -21.14 37.93 -6.82
N GLN L 38 -21.06 37.26 -5.67
CA GLN L 38 -20.09 37.65 -4.65
C GLN L 38 -18.65 37.47 -5.15
N SER L 39 -18.42 36.45 -5.96
CA SER L 39 -17.07 36.08 -6.38
C SER L 39 -16.67 36.65 -7.74
N PHE L 40 -17.62 36.82 -8.66
CA PHE L 40 -17.34 37.37 -9.98
C PHE L 40 -18.33 38.50 -10.23
N PRO L 41 -18.10 39.68 -9.65
CA PRO L 41 -19.11 40.74 -9.73
C PRO L 41 -19.26 41.31 -11.13
N GLU L 42 -18.16 41.47 -11.87
CA GLU L 42 -18.28 42.08 -13.19
C GLU L 42 -19.04 41.19 -14.15
N TRP L 43 -19.03 39.88 -13.94
CA TRP L 43 -19.70 38.93 -14.83
C TRP L 43 -21.08 38.54 -14.35
N PHE L 44 -21.32 38.53 -13.04
CA PHE L 44 -22.59 38.05 -12.51
C PHE L 44 -23.12 38.91 -11.36
N GLY L 45 -22.59 40.13 -11.18
CA GLY L 45 -23.00 40.96 -10.05
C GLY L 45 -24.39 41.54 -10.18
N THR L 46 -24.90 41.67 -11.40
CA THR L 46 -26.25 42.16 -11.65
C THR L 46 -26.96 41.19 -12.58
N LEU L 47 -28.28 41.35 -12.70
CA LEU L 47 -29.02 40.53 -13.64
C LEU L 47 -28.58 40.82 -15.07
N GLY L 48 -28.31 42.08 -15.38
CA GLY L 48 -27.81 42.42 -16.70
C GLY L 48 -26.45 41.78 -16.97
N ALA L 49 -25.56 41.81 -15.99
CA ALA L 49 -24.25 41.18 -16.15
C ALA L 49 -24.39 39.69 -16.38
N SER L 50 -25.31 39.04 -15.67
CA SER L 50 -25.50 37.60 -15.84
C SER L 50 -26.07 37.30 -17.22
N MET L 51 -27.07 38.07 -17.65
CA MET L 51 -27.60 37.94 -19.01
C MET L 51 -26.48 38.05 -20.04
N TYR L 52 -25.66 39.10 -19.91
CA TYR L 52 -24.61 39.37 -20.87
C TYR L 52 -23.57 38.25 -20.88
N THR L 53 -23.18 37.79 -19.70
CA THR L 53 -22.19 36.73 -19.60
C THR L 53 -22.72 35.43 -20.16
N LEU L 54 -23.99 35.11 -19.93
CA LEU L 54 -24.57 33.91 -20.52
C LEU L 54 -24.61 34.01 -22.04
N PHE L 55 -24.93 35.19 -22.56
CA PHE L 55 -24.88 35.37 -24.02
C PHE L 55 -23.47 35.14 -24.54
N GLN L 56 -22.48 35.74 -23.87
CA GLN L 56 -21.10 35.60 -24.30
C GLN L 56 -20.64 34.14 -24.27
N VAL L 57 -21.09 33.39 -23.26
CA VAL L 57 -20.76 31.97 -23.19
C VAL L 57 -21.47 31.21 -24.31
N MET L 58 -22.72 31.57 -24.59
CA MET L 58 -23.47 30.90 -25.65
C MET L 58 -22.85 31.16 -27.02
N THR L 59 -22.14 32.27 -27.17
CA THR L 59 -21.43 32.52 -28.43
C THR L 59 -20.42 31.42 -28.72
N LEU L 60 -19.85 30.80 -27.69
CA LEU L 60 -18.84 29.75 -27.84
C LEU L 60 -17.64 30.26 -28.64
N GLU L 61 -17.08 31.35 -28.14
CA GLU L 61 -15.97 32.03 -28.80
C GLU L 61 -14.80 32.18 -27.83
N SER L 62 -13.80 32.99 -28.19
CA SER L 62 -12.64 33.18 -27.33
C SER L 62 -13.06 33.72 -25.96
N TRP L 63 -13.79 34.83 -25.94
CA TRP L 63 -14.36 35.34 -24.70
C TRP L 63 -15.18 34.30 -23.95
N SER L 64 -15.83 33.37 -24.64
CA SER L 64 -16.61 32.36 -23.94
C SER L 64 -15.72 31.54 -23.01
N MET L 65 -14.67 30.92 -23.55
CA MET L 65 -13.76 30.14 -22.72
C MET L 65 -13.01 31.03 -21.73
N GLY L 66 -12.74 32.28 -22.10
CA GLY L 66 -12.10 33.18 -21.17
C GLY L 66 -12.95 33.43 -19.94
N ILE L 67 -14.26 33.62 -20.13
CA ILE L 67 -15.17 33.74 -18.99
C ILE L 67 -15.21 32.42 -18.22
N ALA L 68 -15.20 31.30 -18.95
CA ALA L 68 -15.41 30.01 -18.31
C ALA L 68 -14.28 29.67 -17.34
N ARG L 69 -13.03 29.85 -17.78
CA ARG L 69 -11.92 29.29 -17.01
C ARG L 69 -11.83 29.79 -15.56
N PRO L 70 -12.00 31.09 -15.22
CA PRO L 70 -11.81 31.48 -13.82
C PRO L 70 -12.99 31.04 -12.97
N VAL L 71 -14.18 31.04 -13.59
CA VAL L 71 -15.38 30.61 -12.88
C VAL L 71 -15.25 29.15 -12.48
N ILE L 72 -14.64 28.34 -13.34
CA ILE L 72 -14.49 26.92 -13.02
C ILE L 72 -13.29 26.69 -12.09
N GLU L 73 -12.23 27.49 -12.22
CA GLU L 73 -11.15 27.39 -11.23
C GLU L 73 -11.65 27.73 -9.83
N ALA L 74 -12.49 28.76 -9.71
CA ALA L 74 -13.03 29.14 -8.41
C ALA L 74 -14.08 28.13 -7.94
N TYR L 75 -15.00 27.75 -8.82
CA TYR L 75 -16.04 26.79 -8.50
C TYR L 75 -16.00 25.70 -9.56
N PRO L 76 -15.36 24.56 -9.28
CA PRO L 76 -15.24 23.52 -10.31
C PRO L 76 -16.57 22.99 -10.81
N TRP L 77 -17.59 22.94 -9.94
CA TRP L 77 -18.91 22.50 -10.36
C TRP L 77 -19.54 23.44 -11.39
N ALA L 78 -19.03 24.68 -11.51
CA ALA L 78 -19.68 25.69 -12.35
C ALA L 78 -19.92 25.21 -13.77
N TRP L 79 -19.12 24.25 -14.24
CA TRP L 79 -19.30 23.77 -15.61
C TRP L 79 -20.71 23.24 -15.83
N ILE L 80 -21.22 22.46 -14.87
CA ILE L 80 -22.55 21.88 -15.04
C ILE L 80 -23.61 22.97 -15.06
N TYR L 81 -23.27 24.15 -14.54
CA TYR L 81 -24.09 25.34 -14.80
C TYR L 81 -24.08 25.67 -16.29
N PHE L 82 -22.91 26.07 -16.80
CA PHE L 82 -22.82 26.53 -18.18
C PHE L 82 -23.38 25.49 -19.14
N VAL L 83 -22.88 24.25 -19.04
CA VAL L 83 -23.32 23.18 -19.91
C VAL L 83 -24.84 23.06 -19.90
N SER L 84 -25.44 23.08 -18.69
CA SER L 84 -26.89 22.97 -18.61
C SER L 84 -27.56 24.11 -19.37
N PHE L 85 -27.08 25.33 -19.17
CA PHE L 85 -27.60 26.47 -19.91
C PHE L 85 -27.51 26.23 -21.41
N ILE L 86 -26.44 25.61 -21.88
CA ILE L 86 -26.29 25.35 -23.31
C ILE L 86 -27.21 24.21 -23.73
N LEU L 87 -27.45 23.25 -22.84
CA LEU L 87 -28.29 22.11 -23.19
C LEU L 87 -29.76 22.49 -23.12
N VAL L 88 -30.22 22.90 -21.94
CA VAL L 88 -31.63 23.25 -21.73
C VAL L 88 -32.11 24.20 -22.81
N SER L 89 -31.29 25.19 -23.16
CA SER L 89 -31.63 26.07 -24.27
C SER L 89 -31.78 25.30 -25.57
N SER L 90 -30.69 24.67 -26.02
CA SER L 90 -30.68 24.08 -27.36
C SER L 90 -31.72 22.98 -27.52
N PHE L 91 -32.02 22.24 -26.44
CA PHE L 91 -33.01 21.18 -26.55
C PHE L 91 -34.44 21.70 -26.47
N THR L 92 -34.66 22.91 -25.97
CA THR L 92 -35.97 23.53 -26.17
C THR L 92 -36.17 23.85 -27.64
N VAL L 93 -35.27 24.67 -28.20
CA VAL L 93 -35.38 25.10 -29.58
C VAL L 93 -35.66 23.90 -30.48
N LEU L 94 -34.72 22.95 -30.50
CA LEU L 94 -34.89 21.75 -31.30
C LEU L 94 -36.25 21.12 -31.10
N ASN L 95 -36.62 20.86 -29.84
CA ASN L 95 -37.92 20.26 -29.57
C ASN L 95 -39.03 21.14 -30.10
N LEU L 96 -38.99 22.42 -29.76
CA LEU L 96 -39.95 23.36 -30.34
C LEU L 96 -39.86 23.32 -31.86
N PHE L 97 -38.63 23.36 -32.39
CA PHE L 97 -38.44 23.38 -33.82
C PHE L 97 -38.92 22.08 -34.46
N ILE L 98 -38.97 20.98 -33.68
CA ILE L 98 -39.45 19.72 -34.24
C ILE L 98 -40.95 19.57 -34.07
N GLY L 99 -41.58 20.41 -33.24
CA GLY L 99 -43.02 20.37 -33.08
C GLY L 99 -43.72 21.15 -34.17
N ILE L 100 -43.14 22.29 -34.54
CA ILE L 100 -43.68 23.10 -35.63
C ILE L 100 -43.88 22.25 -36.87
N ILE L 101 -42.85 21.46 -37.22
CA ILE L 101 -42.92 20.61 -38.41
C ILE L 101 -44.11 19.67 -38.34
N ILE L 102 -44.44 19.17 -37.15
CA ILE L 102 -45.63 18.34 -37.00
C ILE L 102 -46.89 19.19 -37.12
N GLU L 103 -46.90 20.35 -36.50
CA GLU L 103 -48.03 21.26 -36.58
C GLU L 103 -48.08 22.03 -37.89
N SER L 104 -47.09 21.85 -38.77
CA SER L 104 -47.12 22.40 -40.11
C SER L 104 -47.51 21.37 -41.16
N MET L 105 -47.40 20.09 -40.85
CA MET L 105 -47.81 19.00 -41.73
C MET L 105 -49.30 18.70 -41.59
N GLN L 106 -50.04 19.59 -40.92
CA GLN L 106 -51.47 19.45 -40.69
C GLN L 106 -52.30 20.33 -41.62
N SER L 107 -51.65 20.99 -42.58
CA SER L 107 -52.28 22.05 -43.37
C SER L 107 -52.91 21.56 -44.67
N ALA L 108 -52.94 20.25 -44.93
CA ALA L 108 -53.74 19.76 -46.05
C ALA L 108 -55.21 20.11 -45.85
N HIS L 109 -55.71 19.92 -44.64
CA HIS L 109 -57.04 20.40 -44.27
C HIS L 109 -57.23 21.88 -44.57
N HIS L 110 -56.16 22.69 -44.51
CA HIS L 110 -56.38 24.11 -44.83
C HIS L 110 -56.49 24.30 -46.33
N ALA L 111 -55.77 23.50 -47.13
CA ALA L 111 -55.95 23.56 -48.58
C ALA L 111 -57.39 23.25 -48.95
N GLU L 112 -57.98 22.24 -48.31
CA GLU L 112 -59.41 22.00 -48.48
C GLU L 112 -60.23 23.20 -48.04
N ASP L 113 -59.83 23.83 -46.92
CA ASP L 113 -60.52 25.02 -46.44
C ASP L 113 -60.66 26.06 -47.55
N GLY L 114 -59.52 26.47 -48.12
CA GLY L 114 -59.56 27.42 -49.21
C GLY L 114 -60.43 26.95 -50.36
N GLU L 115 -60.38 25.66 -50.67
CA GLU L 115 -61.19 25.15 -51.78
C GLU L 115 -62.67 25.19 -51.44
N ARG L 116 -63.02 25.00 -50.17
CA ARG L 116 -64.40 25.18 -49.74
C ARG L 116 -64.76 26.65 -49.58
N THR L 117 -63.77 27.54 -49.61
CA THR L 117 -64.06 28.96 -49.74
C THR L 117 -64.46 29.30 -51.17
N ASP L 118 -63.73 28.74 -52.15
CA ASP L 118 -64.03 28.97 -53.56
C ASP L 118 -65.46 28.55 -53.88
N ALA L 119 -65.74 27.24 -53.75
CA ALA L 119 -67.00 26.69 -54.22
C ALA L 119 -68.19 27.36 -53.55
N TYR L 120 -68.09 27.66 -52.26
CA TYR L 120 -69.26 28.25 -51.64
C TYR L 120 -69.37 29.73 -51.94
N ARG L 121 -68.24 30.42 -52.16
CA ARG L 121 -68.31 31.86 -52.37
C ARG L 121 -68.88 32.20 -53.74
N ASP L 122 -68.91 31.25 -54.66
CA ASP L 122 -69.70 31.42 -55.87
C ASP L 122 -71.18 31.23 -55.58
N GLU L 123 -71.52 30.21 -54.79
CA GLU L 123 -72.93 29.91 -54.50
C GLU L 123 -73.60 31.06 -53.79
N VAL L 124 -72.84 31.86 -53.04
CA VAL L 124 -73.38 33.08 -52.43
C VAL L 124 -73.92 34.02 -53.50
N GLU M 4 36.01 35.56 19.58
CA GLU M 4 37.30 35.28 20.19
C GLU M 4 38.07 34.22 19.40
N VAL M 5 37.33 33.29 18.79
CA VAL M 5 37.93 32.24 17.97
C VAL M 5 38.32 32.88 16.65
N GLN M 6 39.60 33.21 16.50
CA GLN M 6 40.05 34.04 15.40
C GLN M 6 41.37 33.53 14.83
N LEU M 7 41.66 33.99 13.61
CA LEU M 7 42.89 33.68 12.88
C LEU M 7 43.50 35.02 12.48
N VAL M 8 44.51 35.47 13.21
CA VAL M 8 45.18 36.73 12.92
C VAL M 8 46.34 36.42 11.98
N GLU M 9 46.26 36.94 10.75
CA GLU M 9 47.29 36.68 9.76
C GLU M 9 48.04 37.96 9.42
N SER M 10 49.29 37.78 9.03
CA SER M 10 50.19 38.90 8.74
C SER M 10 51.35 38.38 7.89
N GLY M 11 52.26 39.28 7.55
CA GLY M 11 53.46 38.93 6.80
C GLY M 11 53.41 39.25 5.33
N GLY M 12 52.31 39.81 4.82
CA GLY M 12 52.20 40.14 3.42
C GLY M 12 52.63 41.57 3.12
N GLY M 13 52.46 41.94 1.85
CA GLY M 13 52.79 43.28 1.41
C GLY M 13 53.41 43.34 0.03
N LEU M 14 54.56 43.99 -0.08
CA LEU M 14 55.27 44.16 -1.34
C LEU M 14 56.48 43.24 -1.40
N VAL M 15 56.73 42.69 -2.57
CA VAL M 15 57.89 41.82 -2.80
C VAL M 15 58.24 41.87 -4.28
N GLN M 16 59.54 41.80 -4.58
CA GLN M 16 59.99 41.89 -5.95
C GLN M 16 59.82 40.56 -6.67
N PRO M 17 59.58 40.59 -7.99
CA PRO M 17 59.40 39.34 -8.74
C PRO M 17 60.60 38.41 -8.61
N GLY M 18 60.31 37.11 -8.57
CA GLY M 18 61.33 36.12 -8.28
C GLY M 18 61.76 36.07 -6.82
N GLY M 19 61.10 36.83 -5.95
CA GLY M 19 61.46 36.89 -4.55
C GLY M 19 60.73 35.87 -3.71
N SER M 20 60.64 36.15 -2.41
CA SER M 20 60.02 35.24 -1.47
C SER M 20 59.30 36.04 -0.39
N LEU M 21 58.37 35.38 0.28
CA LEU M 21 57.57 36.05 1.31
C LEU M 21 56.95 35.01 2.22
N ARG M 22 56.88 35.32 3.51
CA ARG M 22 56.34 34.42 4.51
C ARG M 22 55.03 34.98 5.07
N LEU M 23 54.01 34.13 5.14
CA LEU M 23 52.71 34.51 5.68
C LEU M 23 52.47 33.71 6.96
N SER M 24 52.11 34.42 8.03
CA SER M 24 51.82 33.80 9.32
C SER M 24 50.33 33.92 9.62
N CYS M 25 49.77 32.86 10.19
CA CYS M 25 48.36 32.80 10.58
C CYS M 25 48.31 32.23 12.00
N ALA M 26 48.23 33.11 12.99
CA ALA M 26 48.19 32.71 14.39
C ALA M 26 46.74 32.46 14.79
N ALA M 27 46.46 31.24 15.26
CA ALA M 27 45.14 30.88 15.73
C ALA M 27 45.00 31.23 17.20
N SER M 28 43.77 31.60 17.60
CA SER M 28 43.52 31.93 18.99
C SER M 28 42.07 31.61 19.33
N GLY M 29 41.86 30.94 20.46
CA GLY M 29 40.53 30.71 20.97
C GLY M 29 39.97 29.31 20.78
N PHE M 30 40.59 28.49 19.94
CA PHE M 30 40.12 27.13 19.70
C PHE M 30 41.30 26.17 19.80
N ASN M 31 41.04 24.89 19.55
CA ASN M 31 42.08 23.86 19.56
C ASN M 31 42.74 23.83 18.19
N PHE M 32 43.96 24.34 18.10
CA PHE M 32 44.65 24.46 16.82
C PHE M 32 45.00 23.09 16.25
N SER M 33 45.54 22.20 17.09
CA SER M 33 46.02 20.91 16.60
C SER M 33 44.91 20.12 15.92
N SER M 34 43.74 20.05 16.55
CA SER M 34 42.64 19.26 16.02
C SER M 34 42.07 19.81 14.72
N SER M 35 42.43 21.03 14.33
CA SER M 35 41.87 21.66 13.14
C SER M 35 42.79 21.48 11.94
N SER M 36 42.25 21.82 10.77
CA SER M 36 43.05 21.97 9.56
C SER M 36 43.08 23.44 9.17
N ILE M 37 44.20 23.88 8.60
CA ILE M 37 44.40 25.27 8.23
C ILE M 37 44.58 25.37 6.72
N HIS M 38 44.07 26.46 6.15
CA HIS M 38 43.92 26.59 4.71
C HIS M 38 44.39 27.96 4.27
N TRP M 39 45.07 28.03 3.14
CA TRP M 39 45.39 29.28 2.47
C TRP M 39 44.65 29.29 1.14
N VAL M 40 43.84 30.33 0.93
CA VAL M 40 43.01 30.51 -0.26
C VAL M 40 43.20 31.92 -0.77
N ARG M 41 43.50 32.07 -2.05
CA ARG M 41 43.84 33.38 -2.60
C ARG M 41 42.76 33.90 -3.53
N GLN M 42 42.67 35.22 -3.62
CA GLN M 42 41.75 35.91 -4.52
C GLN M 42 42.50 37.04 -5.20
N ALA M 43 42.73 36.90 -6.50
CA ALA M 43 43.32 38.02 -7.22
C ALA M 43 42.27 39.10 -7.45
N PRO M 44 42.67 40.37 -7.48
CA PRO M 44 41.69 41.44 -7.67
C PRO M 44 40.92 41.29 -8.97
N GLY M 45 39.64 41.02 -8.87
CA GLY M 45 38.81 40.82 -10.04
C GLY M 45 38.57 39.38 -10.46
N LYS M 46 38.65 38.43 -9.52
CA LYS M 46 38.31 37.04 -9.83
C LYS M 46 37.73 36.40 -8.58
N GLY M 47 37.33 35.14 -8.73
CA GLY M 47 36.79 34.37 -7.62
C GLY M 47 37.88 33.85 -6.70
N LEU M 48 37.47 32.96 -5.81
CA LEU M 48 38.39 32.37 -4.85
C LEU M 48 39.19 31.25 -5.50
N GLU M 49 40.43 31.08 -5.05
CA GLU M 49 41.33 30.04 -5.56
C GLU M 49 42.01 29.37 -4.38
N TRP M 50 41.83 28.06 -4.26
CA TRP M 50 42.47 27.32 -3.20
C TRP M 50 43.97 27.23 -3.46
N VAL M 51 44.77 27.47 -2.41
CA VAL M 51 46.22 27.40 -2.50
C VAL M 51 46.75 26.17 -1.78
N ALA M 52 46.49 26.04 -0.49
CA ALA M 52 47.08 24.92 0.25
C ALA M 52 46.26 24.61 1.49
N SER M 53 46.46 23.41 2.02
CA SER M 53 45.81 22.98 3.25
C SER M 53 46.77 22.07 4.02
N ILE M 54 46.64 22.09 5.34
CA ILE M 54 47.53 21.32 6.21
C ILE M 54 46.76 20.90 7.45
N SER M 55 47.07 19.72 7.95
CA SER M 55 46.61 19.28 9.26
C SER M 55 47.58 19.80 10.31
N SER M 56 47.08 20.60 11.25
CA SER M 56 47.94 21.17 12.27
C SER M 56 48.61 20.08 13.09
N SER M 57 47.84 19.13 13.59
CA SER M 57 48.39 18.06 14.41
C SER M 57 49.15 17.04 13.56
N SER M 58 48.52 16.57 12.48
CA SER M 58 49.09 15.48 11.70
C SER M 58 50.28 15.91 10.85
N GLY M 59 50.35 17.19 10.48
CA GLY M 59 51.41 17.67 9.62
C GLY M 59 51.24 17.36 8.15
N SER M 60 50.20 16.62 7.77
CA SER M 60 49.96 16.31 6.37
C SER M 60 49.65 17.58 5.58
N THR M 61 50.12 17.62 4.33
CA THR M 61 49.96 18.79 3.48
C THR M 61 49.32 18.41 2.16
N SER M 62 48.63 19.38 1.56
CA SER M 62 48.07 19.22 0.22
C SER M 62 48.10 20.58 -0.48
N TYR M 63 48.67 20.61 -1.68
CA TYR M 63 48.89 21.84 -2.43
C TYR M 63 48.09 21.81 -3.73
N ALA M 64 47.84 23.01 -4.26
CA ALA M 64 47.21 23.13 -5.57
C ALA M 64 48.24 22.91 -6.66
N ASP M 65 47.78 22.40 -7.82
CA ASP M 65 48.69 22.14 -8.93
C ASP M 65 49.31 23.43 -9.45
N SER M 66 48.63 24.57 -9.28
CA SER M 66 49.14 25.82 -9.82
C SER M 66 50.33 26.37 -9.05
N VAL M 67 50.53 25.96 -7.80
CA VAL M 67 51.59 26.50 -6.97
C VAL M 67 52.41 25.38 -6.34
N LYS M 68 52.29 24.17 -6.89
CA LYS M 68 53.01 23.03 -6.33
C LYS M 68 54.52 23.24 -6.43
N GLY M 69 55.21 22.93 -5.34
CA GLY M 69 56.66 23.05 -5.31
C GLY M 69 57.16 24.44 -4.99
N ARG M 70 56.47 25.48 -5.49
CA ARG M 70 56.90 26.84 -5.22
C ARG M 70 56.50 27.28 -3.82
N PHE M 71 55.27 26.98 -3.42
CA PHE M 71 54.81 27.30 -2.08
C PHE M 71 55.06 26.13 -1.13
N THR M 72 55.00 26.41 0.16
CA THR M 72 55.19 25.39 1.19
C THR M 72 54.42 25.79 2.43
N ILE M 73 53.47 24.95 2.84
CA ILE M 73 52.64 25.23 4.02
C ILE M 73 53.19 24.42 5.19
N SER M 74 53.14 25.03 6.38
CA SER M 74 53.62 24.39 7.59
C SER M 74 52.77 24.86 8.76
N ALA M 75 52.99 24.26 9.93
CA ALA M 75 52.23 24.63 11.11
C ALA M 75 53.01 24.23 12.36
N ASP M 76 53.25 25.20 13.23
CA ASP M 76 53.90 24.96 14.52
C ASP M 76 52.83 25.01 15.60
N THR M 77 52.59 23.87 16.25
CA THR M 77 51.56 23.81 17.28
C THR M 77 52.00 24.50 18.56
N SER M 78 53.29 24.44 18.88
CA SER M 78 53.80 25.18 20.04
C SER M 78 53.62 26.67 19.85
N LYS M 79 54.09 27.20 18.70
CA LYS M 79 53.79 28.58 18.35
C LYS M 79 52.32 28.81 18.08
N ASN M 80 51.54 27.72 17.89
CA ASN M 80 50.09 27.81 17.74
C ASN M 80 49.73 28.64 16.50
N THR M 81 50.39 28.33 15.38
CA THR M 81 50.34 29.19 14.21
C THR M 81 50.73 28.40 12.97
N ALA M 82 50.01 28.65 11.88
CA ALA M 82 50.35 28.07 10.57
C ALA M 82 51.09 29.10 9.73
N TYR M 83 51.77 28.59 8.69
CA TYR M 83 52.67 29.40 7.89
C TYR M 83 52.57 28.99 6.43
N LEU M 84 52.73 29.98 5.55
CA LEU M 84 52.80 29.76 4.11
C LEU M 84 54.04 30.46 3.58
N GLN M 85 55.07 29.69 3.22
CA GLN M 85 56.27 30.22 2.61
C GLN M 85 56.11 30.22 1.10
N MET M 86 56.41 31.36 0.47
CA MET M 86 56.14 31.56 -0.94
C MET M 86 57.44 31.94 -1.63
N ASN M 87 57.77 31.22 -2.70
CA ASN M 87 59.02 31.39 -3.41
C ASN M 87 58.73 31.54 -4.90
N SER M 88 59.66 32.18 -5.61
CA SER M 88 59.55 32.40 -7.05
C SER M 88 58.27 33.16 -7.39
N LEU M 89 57.95 34.16 -6.58
CA LEU M 89 56.72 34.92 -6.75
C LEU M 89 56.73 35.65 -8.09
N ARG M 90 55.54 35.80 -8.67
CA ARG M 90 55.38 36.30 -10.02
C ARG M 90 54.20 37.26 -10.07
N ALA M 91 53.81 37.66 -11.27
CA ALA M 91 52.70 38.60 -11.42
C ALA M 91 51.36 37.96 -11.11
N GLU M 92 51.21 36.66 -11.41
CA GLU M 92 49.97 35.97 -11.11
C GLU M 92 49.72 35.90 -9.60
N ASP M 93 50.78 35.77 -8.81
CA ASP M 93 50.65 35.60 -7.37
C ASP M 93 50.18 36.86 -6.65
N THR M 94 50.09 37.98 -7.36
CA THR M 94 49.59 39.22 -6.75
C THR M 94 48.11 39.05 -6.42
N ALA M 95 47.80 38.92 -5.13
CA ALA M 95 46.43 38.62 -4.72
C ALA M 95 46.29 38.84 -3.23
N VAL M 96 45.05 38.83 -2.76
CA VAL M 96 44.74 38.86 -1.33
C VAL M 96 44.62 37.43 -0.85
N TYR M 97 45.43 37.05 0.13
CA TYR M 97 45.45 35.70 0.65
C TYR M 97 44.70 35.64 1.97
N TYR M 98 43.89 34.60 2.13
CA TYR M 98 43.03 34.39 3.29
C TYR M 98 43.42 33.10 3.97
N CYS M 99 43.35 33.11 5.30
CA CYS M 99 43.59 31.95 6.15
C CYS M 99 42.26 31.46 6.69
N ALA M 100 42.02 30.15 6.57
CA ALA M 100 40.77 29.56 7.03
C ALA M 100 41.07 28.31 7.83
N ARG M 101 40.04 27.77 8.49
CA ARG M 101 40.19 26.54 9.26
C ARG M 101 39.01 25.62 9.02
N THR M 102 39.21 24.35 9.37
CA THR M 102 38.14 23.38 9.58
C THR M 102 38.42 22.71 10.92
N TYR M 103 37.68 23.13 11.94
CA TYR M 103 37.68 22.55 13.26
C TYR M 103 36.38 21.78 13.40
N GLY M 104 36.48 20.47 13.58
CA GLY M 104 35.38 19.62 13.18
C GLY M 104 34.88 18.51 14.07
N TRP M 105 34.94 17.29 13.54
CA TRP M 105 34.03 16.17 13.68
C TRP M 105 32.79 16.41 12.85
N TYR M 106 32.56 17.60 12.37
CA TYR M 106 31.48 17.71 11.42
C TYR M 106 31.88 18.52 10.20
N TYR M 107 32.66 19.59 10.39
CA TYR M 107 33.14 20.34 9.25
C TYR M 107 34.30 19.64 8.57
N SER M 108 34.92 18.69 9.26
CA SER M 108 35.95 17.87 8.64
C SER M 108 35.34 16.78 7.78
N TRP M 109 34.18 16.28 8.16
CA TRP M 109 33.48 15.33 7.31
C TRP M 109 32.72 16.04 6.20
N TRP M 110 32.92 17.36 6.05
CA TRP M 110 32.40 18.10 4.90
C TRP M 110 33.38 19.09 4.29
N TRP M 111 34.49 19.44 4.96
CA TRP M 111 35.47 20.41 4.44
C TRP M 111 34.81 21.77 4.16
N ALA M 112 34.47 22.42 5.29
CA ALA M 112 33.41 23.43 5.28
C ALA M 112 33.73 24.60 4.34
N PHE M 113 34.79 25.40 4.54
CA PHE M 113 35.62 25.64 5.74
C PHE M 113 34.81 26.55 6.66
N ASP M 114 34.87 26.35 7.98
CA ASP M 114 33.94 27.05 8.85
C ASP M 114 34.32 28.52 9.06
N TYR M 115 35.54 28.79 9.50
CA TYR M 115 35.98 30.15 9.81
C TYR M 115 37.07 30.60 8.85
N TRP M 116 37.11 31.90 8.61
CA TRP M 116 38.00 32.52 7.62
C TRP M 116 38.73 33.69 8.27
N GLY M 117 40.05 33.76 8.03
CA GLY M 117 40.80 34.93 8.43
C GLY M 117 40.47 36.13 7.54
N GLN M 118 40.85 37.32 8.03
CA GLN M 118 40.34 38.54 7.42
C GLN M 118 41.02 38.91 6.11
N GLY M 119 42.23 38.43 5.87
CA GLY M 119 42.82 38.66 4.56
C GLY M 119 44.03 39.58 4.64
N THR M 120 45.02 39.32 3.79
CA THR M 120 46.19 40.18 3.69
C THR M 120 46.66 40.22 2.24
N LEU M 121 47.10 41.39 1.79
CA LEU M 121 47.44 41.60 0.39
C LEU M 121 48.90 41.29 0.12
N VAL M 122 49.16 40.70 -1.05
CA VAL M 122 50.52 40.43 -1.53
C VAL M 122 50.58 40.97 -2.96
N THR M 123 51.25 42.11 -3.14
CA THR M 123 51.46 42.71 -4.45
C THR M 123 52.91 42.47 -4.87
N VAL M 124 53.09 41.80 -6.00
CA VAL M 124 54.42 41.52 -6.55
C VAL M 124 54.70 42.56 -7.63
N SER M 125 55.64 43.46 -7.34
CA SER M 125 56.00 44.52 -8.27
C SER M 125 57.46 44.88 -8.08
N SER M 126 57.96 45.78 -8.92
CA SER M 126 59.35 46.20 -8.90
C SER M 126 59.56 47.52 -8.18
N ALA M 127 58.64 48.47 -8.31
CA ALA M 127 58.81 49.80 -7.74
C ALA M 127 58.88 49.72 -6.21
N SER M 128 59.31 50.83 -5.62
CA SER M 128 59.61 50.90 -4.19
C SER M 128 58.44 51.44 -3.40
N THR M 129 58.53 51.28 -2.08
CA THR M 129 57.49 51.73 -1.16
C THR M 129 57.47 53.25 -1.09
N LYS M 130 56.27 53.81 -0.94
CA LYS M 130 56.10 55.26 -0.78
C LYS M 130 54.97 55.54 0.19
N GLY M 131 55.22 56.49 1.09
CA GLY M 131 54.21 56.95 2.01
C GLY M 131 53.25 57.93 1.35
N PRO M 132 52.02 57.99 1.85
CA PRO M 132 51.01 58.87 1.26
C PRO M 132 51.10 60.30 1.80
N SER M 133 50.39 61.19 1.11
CA SER M 133 50.22 62.57 1.53
C SER M 133 48.75 62.78 1.91
N VAL M 134 48.52 63.30 3.10
CA VAL M 134 47.19 63.46 3.67
C VAL M 134 46.82 64.94 3.59
N PHE M 135 45.82 65.25 2.77
CA PHE M 135 45.40 66.63 2.51
C PHE M 135 43.95 66.81 2.92
N PRO M 136 43.65 67.63 3.92
CA PRO M 136 42.24 67.85 4.30
C PRO M 136 41.44 68.44 3.15
N LEU M 137 40.11 68.22 3.22
CA LEU M 137 39.16 68.70 2.21
C LEU M 137 38.18 69.61 2.93
N ALA M 138 38.23 70.91 2.59
CA ALA M 138 37.59 71.95 3.39
C ALA M 138 36.08 71.94 3.19
N PRO M 139 35.30 72.12 4.27
CA PRO M 139 33.85 72.29 4.14
C PRO M 139 33.49 73.62 3.50
N SER M 140 32.20 73.93 3.41
CA SER M 140 31.73 75.14 2.75
C SER M 140 31.18 76.17 3.73
N SER M 141 30.20 75.80 4.56
CA SER M 141 29.58 76.75 5.47
C SER M 141 30.26 76.78 6.83
N GLY M 146 21.87 72.00 10.78
CA GLY M 146 21.85 70.70 11.44
C GLY M 146 21.92 69.54 10.46
N GLY M 147 22.62 69.75 9.35
CA GLY M 147 22.75 68.70 8.35
C GLY M 147 23.50 69.24 7.15
N THR M 148 23.82 68.31 6.24
CA THR M 148 24.46 68.62 4.96
C THR M 148 25.79 69.35 5.17
N ALA M 149 26.75 68.60 5.74
CA ALA M 149 28.13 69.08 5.86
C ALA M 149 29.03 67.95 5.38
N ALA M 150 29.40 67.98 4.11
CA ALA M 150 30.27 66.96 3.52
C ALA M 150 31.71 67.45 3.62
N LEU M 151 32.53 66.75 4.40
CA LEU M 151 33.93 67.09 4.55
C LEU M 151 34.77 65.83 4.41
N GLY M 152 36.07 65.92 4.62
CA GLY M 152 36.88 64.71 4.61
C GLY M 152 38.35 65.02 4.40
N CYS M 153 39.07 64.01 3.94
CA CYS M 153 40.48 64.19 3.61
C CYS M 153 40.86 63.24 2.47
N LEU M 154 41.77 63.71 1.64
CA LEU M 154 42.30 62.98 0.50
C LEU M 154 43.66 62.39 0.85
N VAL M 155 43.96 61.23 0.28
CA VAL M 155 45.19 60.50 0.54
C VAL M 155 45.81 60.17 -0.82
N LYS M 156 46.89 60.85 -1.17
CA LYS M 156 47.44 60.81 -2.51
C LYS M 156 48.86 60.25 -2.52
N ASP M 157 49.25 59.65 -3.63
CA ASP M 157 50.65 59.31 -3.93
C ASP M 157 51.22 58.33 -2.89
N TYR M 158 50.61 57.15 -2.85
CA TYR M 158 51.13 56.05 -2.04
C TYR M 158 51.20 54.79 -2.91
N PHE M 159 52.11 53.90 -2.52
CA PHE M 159 52.33 52.63 -3.21
C PHE M 159 53.20 51.74 -2.32
N PRO M 160 52.84 50.47 -2.11
CA PRO M 160 51.66 49.78 -2.65
C PRO M 160 50.41 49.93 -1.79
N GLU M 161 49.34 49.23 -2.19
CA GLU M 161 48.13 49.14 -1.39
C GLU M 161 48.44 48.46 -0.05
N PRO M 162 47.57 48.65 0.96
CA PRO M 162 46.39 49.53 1.05
C PRO M 162 46.58 50.69 2.02
N VAL M 163 45.60 51.59 2.08
CA VAL M 163 45.54 52.64 3.08
C VAL M 163 44.31 52.40 3.94
N THR M 164 44.52 52.35 5.27
CA THR M 164 43.46 52.10 6.23
C THR M 164 43.04 53.43 6.85
N VAL M 165 41.93 53.97 6.37
CA VAL M 165 41.43 55.27 6.82
C VAL M 165 40.35 55.05 7.87
N SER M 166 40.41 55.83 8.94
CA SER M 166 39.33 55.88 9.92
C SER M 166 39.01 57.33 10.24
N TRP M 167 38.14 57.55 11.24
CA TRP M 167 37.78 58.90 11.67
C TRP M 167 37.67 58.93 13.18
N ASN M 168 38.55 59.68 13.83
CA ASN M 168 38.58 59.82 15.29
C ASN M 168 38.70 58.46 15.98
N SER M 169 39.58 57.60 15.44
CA SER M 169 39.85 56.28 15.99
C SER M 169 38.57 55.45 16.13
N GLY M 170 37.76 55.46 15.08
CA GLY M 170 36.53 54.69 15.06
C GLY M 170 35.36 55.33 15.76
N ALA M 171 35.47 56.60 16.17
CA ALA M 171 34.35 57.27 16.80
C ALA M 171 33.30 57.68 15.76
N LEU M 172 33.74 58.26 14.65
CA LEU M 172 32.86 58.65 13.55
C LEU M 172 32.85 57.53 12.53
N THR M 173 31.78 56.73 12.53
CA THR M 173 31.62 55.63 11.60
C THR M 173 30.49 55.86 10.61
N SER M 174 29.33 56.28 11.07
CA SER M 174 28.19 56.50 10.19
C SER M 174 28.43 57.71 9.30
N GLY M 175 28.16 57.56 8.00
CA GLY M 175 28.34 58.62 7.04
C GLY M 175 29.65 58.57 6.27
N VAL M 176 30.55 57.66 6.62
CA VAL M 176 31.86 57.58 5.98
C VAL M 176 31.73 56.86 4.64
N HIS M 177 32.41 57.38 3.62
CA HIS M 177 32.40 56.80 2.28
C HIS M 177 33.82 56.73 1.73
N THR M 178 34.73 56.14 2.52
CA THR M 178 36.10 55.90 2.06
C THR M 178 36.11 55.19 0.72
N PHE M 179 36.65 55.86 -0.29
CA PHE M 179 36.62 55.39 -1.67
C PHE M 179 37.72 54.38 -1.94
N PRO M 180 37.56 53.57 -2.99
CA PRO M 180 38.68 52.75 -3.46
C PRO M 180 39.68 53.58 -4.24
N ALA M 181 40.90 53.06 -4.30
CA ALA M 181 42.00 53.81 -4.89
C ALA M 181 41.95 53.75 -6.42
N VAL M 182 42.69 54.68 -7.05
CA VAL M 182 42.89 54.72 -8.49
C VAL M 182 44.38 54.80 -8.76
N LEU M 183 44.75 54.76 -10.04
CA LEU M 183 46.14 54.53 -10.43
C LEU M 183 46.91 55.80 -10.78
N GLN M 184 46.26 56.80 -11.40
CA GLN M 184 46.89 58.09 -11.71
C GLN M 184 48.23 57.91 -12.43
N SER M 185 48.17 57.66 -13.74
CA SER M 185 49.16 56.97 -14.57
C SER M 185 50.60 57.03 -14.07
N SER M 186 51.00 58.13 -13.43
CA SER M 186 52.31 58.23 -12.78
C SER M 186 52.74 56.93 -12.11
N GLY M 187 51.83 56.28 -11.39
CA GLY M 187 52.10 54.96 -10.84
C GLY M 187 51.96 54.86 -9.33
N LEU M 188 51.17 55.76 -8.75
CA LEU M 188 50.93 55.77 -7.31
C LEU M 188 49.42 55.74 -7.07
N TYR M 189 49.02 55.25 -5.91
CA TYR M 189 47.60 55.17 -5.62
C TYR M 189 47.12 56.45 -4.93
N SER M 190 45.85 56.79 -5.16
CA SER M 190 45.28 58.03 -4.67
C SER M 190 43.79 57.83 -4.46
N LEU M 191 43.33 58.01 -3.22
CA LEU M 191 41.94 57.85 -2.87
C LEU M 191 41.46 59.05 -2.08
N SER M 192 40.15 59.10 -1.86
CA SER M 192 39.51 60.11 -1.02
C SER M 192 38.85 59.43 0.17
N SER M 193 38.46 60.23 1.16
CA SER M 193 37.73 59.72 2.32
C SER M 193 36.80 60.84 2.80
N VAL M 194 35.52 60.70 2.52
CA VAL M 194 34.54 61.73 2.82
C VAL M 194 33.62 61.24 3.93
N VAL M 195 32.98 62.21 4.59
CA VAL M 195 32.00 61.93 5.63
C VAL M 195 31.04 63.11 5.71
N THR M 196 29.77 62.81 5.93
CA THR M 196 28.72 63.81 6.05
C THR M 196 28.29 63.93 7.51
N VAL M 197 28.16 65.17 7.97
CA VAL M 197 27.79 65.46 9.35
C VAL M 197 26.78 66.61 9.37
N PRO M 198 26.17 66.93 10.53
CA PRO M 198 25.40 68.17 10.63
C PRO M 198 26.32 69.38 10.57
N SER M 199 25.91 70.38 9.78
CA SER M 199 26.71 71.59 9.63
C SER M 199 26.69 72.44 10.90
N SER M 200 25.67 72.29 11.74
CA SER M 200 25.61 73.06 12.97
C SER M 200 26.65 72.61 13.99
N SER M 201 27.23 71.43 13.82
CA SER M 201 28.21 70.89 14.75
C SER M 201 29.65 71.08 14.25
N LEU M 202 29.89 72.06 13.38
CA LEU M 202 31.24 72.39 12.94
C LEU M 202 31.91 73.21 14.04
N GLY M 203 32.40 72.49 15.05
CA GLY M 203 32.97 73.12 16.23
C GLY M 203 32.59 72.36 17.48
N THR M 204 31.61 71.46 17.36
CA THR M 204 31.20 70.64 18.49
C THR M 204 32.11 69.44 18.68
N GLN M 205 32.31 68.65 17.62
CA GLN M 205 33.22 67.51 17.64
C GLN M 205 34.46 67.80 16.80
N THR M 206 35.56 67.15 17.17
CA THR M 206 36.81 67.23 16.42
C THR M 206 36.80 66.17 15.32
N TYR M 207 37.15 66.57 14.11
CA TYR M 207 37.07 65.71 12.93
C TYR M 207 38.49 65.39 12.46
N ILE M 208 39.02 64.27 12.93
CA ILE M 208 40.35 63.79 12.56
C ILE M 208 40.19 62.51 11.77
N CYS M 209 40.85 62.44 10.61
CA CYS M 209 40.90 61.21 9.82
C CYS M 209 42.26 60.54 10.07
N ASN M 210 42.22 59.33 10.61
CA ASN M 210 43.42 58.63 11.08
C ASN M 210 43.92 57.71 9.97
N VAL M 211 44.72 58.28 9.07
CA VAL M 211 45.25 57.56 7.92
C VAL M 211 46.42 56.71 8.37
N ASN M 212 46.57 55.52 7.78
CA ASN M 212 47.67 54.63 8.09
C ASN M 212 48.09 53.89 6.83
N HIS M 213 49.40 53.70 6.67
CA HIS M 213 49.97 52.97 5.53
C HIS M 213 51.13 52.16 6.08
N LYS M 214 50.86 50.90 6.41
CA LYS M 214 51.80 50.01 7.08
C LYS M 214 53.04 49.67 6.24
N PRO M 215 52.95 49.54 4.92
CA PRO M 215 54.19 49.31 4.15
C PRO M 215 55.23 50.42 4.31
N SER M 216 54.81 51.64 4.66
CA SER M 216 55.74 52.75 4.87
C SER M 216 55.66 53.33 6.28
N ASN M 217 54.89 52.69 7.18
CA ASN M 217 54.78 53.11 8.58
C ASN M 217 54.25 54.54 8.71
N THR M 218 53.50 55.00 7.70
CA THR M 218 53.00 56.37 7.66
C THR M 218 51.73 56.44 8.50
N LYS M 219 51.90 56.67 9.80
CA LYS M 219 50.78 56.78 10.74
C LYS M 219 50.53 58.27 10.97
N VAL M 220 49.56 58.81 10.24
CA VAL M 220 49.30 60.25 10.19
C VAL M 220 47.90 60.54 10.70
N ASP M 221 47.77 61.55 11.55
CA ASP M 221 46.50 62.05 12.03
C ASP M 221 46.34 63.50 11.61
N LYS M 222 45.23 63.82 10.94
CA LYS M 222 44.99 65.16 10.45
C LYS M 222 43.55 65.56 10.71
N LYS M 223 43.36 66.73 11.30
CA LYS M 223 42.03 67.30 11.51
C LYS M 223 41.60 68.08 10.27
N VAL M 224 40.29 68.16 10.06
CA VAL M 224 39.71 68.93 8.97
C VAL M 224 38.77 69.96 9.59
N GLU M 225 38.87 71.20 9.10
CA GLU M 225 38.05 72.31 9.60
C GLU M 225 37.98 73.37 8.51
N PRO M 226 36.86 74.12 8.43
CA PRO M 226 36.65 75.12 7.37
C PRO M 226 37.77 76.15 7.25
N ASP N 2 40.05 17.30 -11.26
CA ASP N 2 39.29 17.89 -12.36
C ASP N 2 37.80 17.99 -12.02
N ILE N 3 37.51 18.14 -10.73
CA ILE N 3 36.13 18.23 -10.25
C ILE N 3 35.66 19.66 -10.50
N GLN N 4 34.89 19.86 -11.57
CA GLN N 4 34.51 21.20 -12.01
C GLN N 4 33.19 21.64 -11.38
N MET N 5 33.14 22.92 -10.99
CA MET N 5 31.96 23.54 -10.42
C MET N 5 31.63 24.76 -11.28
N THR N 6 30.50 24.70 -11.98
CA THR N 6 30.07 25.79 -12.86
C THR N 6 28.92 26.53 -12.18
N GLN N 7 29.18 27.77 -11.77
CA GLN N 7 28.21 28.56 -11.03
C GLN N 7 27.59 29.61 -11.95
N SER N 8 26.29 29.83 -11.79
CA SER N 8 25.53 30.74 -12.64
C SER N 8 24.41 31.35 -11.82
N PRO N 9 23.98 32.58 -12.16
CA PRO N 9 24.61 33.44 -13.17
C PRO N 9 25.84 34.15 -12.62
N SER N 10 26.51 34.94 -13.45
CA SER N 10 27.63 35.73 -12.94
C SER N 10 27.13 36.94 -12.15
N SER N 11 26.18 37.68 -12.71
CA SER N 11 25.61 38.85 -12.05
C SER N 11 24.10 38.78 -12.09
N LEU N 12 23.47 39.41 -11.10
CA LEU N 12 22.02 39.51 -11.05
C LEU N 12 21.64 40.74 -10.24
N SER N 13 20.49 41.33 -10.59
CA SER N 13 19.98 42.49 -9.90
C SER N 13 18.50 42.29 -9.64
N ALA N 14 18.12 42.21 -8.36
CA ALA N 14 16.73 42.05 -7.96
C ALA N 14 16.43 43.01 -6.83
N SER N 15 15.17 43.48 -6.81
CA SER N 15 14.75 44.43 -5.79
C SER N 15 14.70 43.77 -4.42
N VAL N 16 14.52 44.61 -3.39
CA VAL N 16 14.46 44.10 -2.03
C VAL N 16 13.19 43.27 -1.85
N GLY N 17 13.34 42.07 -1.29
CA GLY N 17 12.24 41.16 -1.08
C GLY N 17 12.08 40.12 -2.16
N ASP N 18 12.68 40.32 -3.33
CA ASP N 18 12.60 39.34 -4.40
C ASP N 18 13.30 38.04 -3.99
N ARG N 19 13.03 36.99 -4.75
CA ARG N 19 13.53 35.65 -4.45
C ARG N 19 14.67 35.33 -5.40
N VAL N 20 15.87 35.16 -4.85
CA VAL N 20 17.10 35.00 -5.62
C VAL N 20 17.48 33.53 -5.67
N THR N 21 17.86 33.05 -6.86
CA THR N 21 18.31 31.69 -7.08
C THR N 21 19.67 31.67 -7.72
N ILE N 22 20.56 30.80 -7.23
CA ILE N 22 21.91 30.66 -7.74
C ILE N 22 22.17 29.18 -7.96
N THR N 23 22.54 28.81 -9.19
CA THR N 23 22.79 27.44 -9.56
C THR N 23 24.30 27.17 -9.56
N CYS N 24 24.68 25.96 -9.16
CA CYS N 24 26.07 25.52 -9.21
C CYS N 24 26.07 24.05 -9.58
N ARG N 25 26.57 23.72 -10.76
CA ARG N 25 26.55 22.35 -11.27
C ARG N 25 27.93 21.72 -11.14
N ALA N 26 27.97 20.54 -10.52
CA ALA N 26 29.17 19.72 -10.47
C ALA N 26 29.18 18.77 -11.67
N SER N 27 30.35 18.19 -11.92
CA SER N 27 30.53 17.33 -13.08
C SER N 27 30.25 15.86 -12.78
N GLN N 28 30.04 15.48 -11.53
CA GLN N 28 29.75 14.10 -11.17
C GLN N 28 29.07 14.07 -9.81
N SER N 29 28.68 12.87 -9.38
CA SER N 29 28.00 12.69 -8.10
C SER N 29 28.98 12.91 -6.95
N VAL N 30 28.84 14.06 -6.31
CA VAL N 30 29.70 14.52 -5.22
C VAL N 30 28.82 14.63 -3.97
N SER N 31 27.94 13.64 -3.79
CA SER N 31 26.55 13.82 -3.41
C SER N 31 26.25 15.08 -2.60
N SER N 32 26.97 15.33 -1.50
CA SER N 32 26.61 16.50 -0.71
C SER N 32 27.82 17.31 -0.24
N ALA N 33 28.97 17.19 -0.90
CA ALA N 33 30.18 17.88 -0.46
C ALA N 33 30.11 19.39 -0.64
N VAL N 34 29.03 19.93 -1.18
CA VAL N 34 29.00 21.32 -1.62
C VAL N 34 28.74 22.26 -0.45
N ALA N 35 29.38 23.42 -0.49
CA ALA N 35 29.16 24.48 0.48
C ALA N 35 28.88 25.78 -0.25
N TRP N 36 28.28 26.72 0.46
CA TRP N 36 27.90 28.02 -0.06
C TRP N 36 28.40 29.12 0.86
N TYR N 37 28.96 30.18 0.25
CA TYR N 37 29.66 31.25 0.95
C TYR N 37 29.18 32.62 0.51
N GLN N 38 29.02 33.50 1.48
CA GLN N 38 28.78 34.92 1.26
C GLN N 38 30.07 35.68 1.50
N GLN N 39 30.42 36.59 0.59
CA GLN N 39 31.58 37.45 0.74
C GLN N 39 31.17 38.88 0.43
N LYS N 40 31.21 39.73 1.45
CA LYS N 40 31.03 41.16 1.24
C LYS N 40 32.36 41.79 0.83
N PRO N 41 32.33 42.86 0.03
CA PRO N 41 33.54 43.28 -0.68
C PRO N 41 34.70 43.57 0.24
N GLY N 42 35.89 43.10 -0.16
CA GLY N 42 37.11 43.30 0.58
C GLY N 42 37.19 42.63 1.93
N LYS N 43 36.15 41.90 2.34
CA LYS N 43 36.10 41.27 3.65
C LYS N 43 36.30 39.76 3.50
N ALA N 44 36.28 39.08 4.64
CA ALA N 44 36.49 37.64 4.65
C ALA N 44 35.22 36.91 4.19
N PRO N 45 35.37 35.85 3.42
CA PRO N 45 34.20 35.00 3.12
C PRO N 45 33.66 34.38 4.39
N LYS N 46 32.34 34.19 4.41
CA LYS N 46 31.66 33.55 5.54
C LYS N 46 30.86 32.36 5.04
N LEU N 47 30.81 31.31 5.86
CA LEU N 47 30.12 30.09 5.48
C LEU N 47 28.62 30.26 5.69
N LEU N 48 27.86 30.11 4.61
CA LEU N 48 26.41 30.06 4.70
C LEU N 48 25.91 28.65 4.86
N ILE N 49 26.29 27.76 3.94
CA ILE N 49 25.70 26.43 3.85
C ILE N 49 26.83 25.41 3.77
N TYR N 50 26.71 24.34 4.56
CA TYR N 50 27.53 23.15 4.40
C TYR N 50 26.61 21.95 4.18
N SER N 51 27.19 20.86 3.70
CA SER N 51 26.45 19.66 3.30
C SER N 51 25.44 19.93 2.19
N ALA N 52 25.51 21.12 1.58
CA ALA N 52 24.70 21.55 0.43
C ALA N 52 23.24 21.79 0.81
N SER N 53 22.87 21.41 2.02
CA SER N 53 21.54 21.67 2.57
C SER N 53 21.60 22.24 3.97
N SER N 54 22.57 21.83 4.79
CA SER N 54 22.61 22.23 6.19
C SER N 54 23.08 23.66 6.33
N LEU N 55 22.45 24.39 7.24
CA LEU N 55 22.67 25.82 7.41
C LEU N 55 23.64 26.07 8.57
N TYR N 56 24.67 26.87 8.31
CA TYR N 56 25.68 27.15 9.32
C TYR N 56 25.08 27.94 10.48
N SER N 57 25.50 27.59 11.70
CA SER N 57 24.94 28.19 12.91
C SER N 57 25.12 29.70 12.90
N GLY N 58 24.02 30.44 12.82
CA GLY N 58 24.05 31.89 12.79
C GLY N 58 23.57 32.51 11.49
N VAL N 59 23.25 31.73 10.47
CA VAL N 59 22.81 32.24 9.18
C VAL N 59 21.31 32.49 9.25
N PRO N 60 20.81 33.59 8.68
CA PRO N 60 19.37 33.84 8.69
C PRO N 60 18.60 32.75 7.94
N SER N 61 17.30 32.66 8.27
CA SER N 61 16.47 31.60 7.73
C SER N 61 16.17 31.77 6.24
N ARG N 62 16.38 32.96 5.70
CA ARG N 62 16.07 33.20 4.29
C ARG N 62 17.04 32.52 3.35
N PHE N 63 18.20 32.06 3.83
CA PHE N 63 19.15 31.31 3.01
C PHE N 63 18.83 29.83 3.10
N SER N 64 18.75 29.16 1.95
CA SER N 64 18.50 27.73 1.93
C SER N 64 19.29 27.09 0.81
N GLY N 65 19.66 25.82 1.02
CA GLY N 65 20.39 25.06 0.03
C GLY N 65 19.67 23.80 -0.41
N SER N 66 19.61 23.57 -1.72
CA SER N 66 18.88 22.44 -2.29
C SER N 66 19.78 21.71 -3.28
N ARG N 67 19.35 20.50 -3.64
CA ARG N 67 20.14 19.61 -4.49
C ARG N 67 19.24 18.90 -5.49
N SER N 68 19.72 18.76 -6.74
CA SER N 68 19.09 17.90 -7.74
C SER N 68 20.18 17.08 -8.44
N GLY N 69 20.56 15.96 -7.83
CA GLY N 69 21.42 14.99 -8.46
C GLY N 69 22.86 15.45 -8.63
N THR N 70 23.05 16.41 -9.54
CA THR N 70 24.37 16.99 -9.82
C THR N 70 24.32 18.51 -9.84
N ASP N 71 23.22 19.10 -9.40
CA ASP N 71 22.97 20.53 -9.57
C ASP N 71 22.49 21.09 -8.24
N PHE N 72 23.33 21.91 -7.60
CA PHE N 72 23.05 22.46 -6.29
C PHE N 72 22.56 23.89 -6.44
N THR N 73 21.76 24.35 -5.46
CA THR N 73 21.11 25.63 -5.60
C THR N 73 21.06 26.37 -4.27
N LEU N 74 21.46 27.63 -4.29
CA LEU N 74 21.33 28.54 -3.16
C LEU N 74 20.15 29.46 -3.42
N THR N 75 19.21 29.50 -2.48
CA THR N 75 18.01 30.32 -2.63
C THR N 75 17.89 31.29 -1.46
N ILE N 76 17.67 32.56 -1.80
CA ILE N 76 17.38 33.62 -0.85
C ILE N 76 15.91 33.96 -0.99
N SER N 77 15.13 33.70 0.06
CA SER N 77 13.68 33.88 -0.03
C SER N 77 13.31 35.35 -0.19
N SER N 78 13.67 36.18 0.78
CA SER N 78 13.40 37.62 0.75
C SER N 78 14.74 38.34 0.73
N LEU N 79 15.13 38.85 -0.45
CA LEU N 79 16.41 39.51 -0.61
C LEU N 79 16.45 40.79 0.22
N GLN N 80 17.41 40.87 1.13
CA GLN N 80 17.60 42.03 1.97
C GLN N 80 18.71 42.91 1.42
N PRO N 81 18.71 44.21 1.72
CA PRO N 81 19.75 45.08 1.15
C PRO N 81 21.15 44.75 1.64
N GLU N 82 21.30 44.20 2.84
CA GLU N 82 22.60 43.78 3.31
C GLU N 82 23.06 42.47 2.70
N ASP N 83 22.20 41.77 1.98
CA ASP N 83 22.58 40.56 1.26
C ASP N 83 23.35 40.85 -0.02
N PHE N 84 23.60 42.12 -0.33
CA PHE N 84 24.54 42.50 -1.38
C PHE N 84 25.91 41.90 -1.09
N ALA N 85 26.35 40.97 -1.93
CA ALA N 85 27.62 40.29 -1.74
C ALA N 85 27.96 39.53 -3.03
N THR N 86 29.00 38.70 -2.94
CA THR N 86 29.31 37.72 -3.95
C THR N 86 29.24 36.35 -3.29
N TYR N 87 28.57 35.40 -3.95
CA TYR N 87 28.32 34.09 -3.39
C TYR N 87 29.10 33.04 -4.17
N TYR N 88 29.73 32.13 -3.43
CA TYR N 88 30.60 31.11 -4.00
C TYR N 88 30.15 29.72 -3.57
N CYS N 89 30.15 28.78 -4.52
CA CYS N 89 29.90 27.38 -4.24
C CYS N 89 31.22 26.61 -4.25
N GLN N 90 31.32 25.62 -3.37
CA GLN N 90 32.59 24.96 -3.09
C GLN N 90 32.46 23.45 -3.27
N GLN N 91 33.60 22.82 -3.57
CA GLN N 91 33.74 21.36 -3.53
C GLN N 91 34.30 20.98 -2.14
N GLY N 92 34.72 19.74 -1.97
CA GLY N 92 35.33 19.36 -0.70
C GLY N 92 36.12 18.08 -0.75
N ASP N 93 37.36 18.14 -0.30
CA ASP N 93 38.28 17.02 -0.25
C ASP N 93 39.55 17.54 0.44
N PRO N 94 40.27 16.71 1.19
CA PRO N 94 41.61 17.15 1.63
C PRO N 94 42.58 17.39 0.49
N ARG N 95 42.54 16.56 -0.54
CA ARG N 95 43.55 16.58 -1.58
C ARG N 95 43.26 17.60 -2.68
N LEU N 96 42.07 18.19 -2.72
CA LEU N 96 41.74 19.17 -3.74
C LEU N 96 40.47 19.91 -3.35
N VAL N 97 40.47 21.23 -3.58
CA VAL N 97 39.32 22.09 -3.30
C VAL N 97 39.16 23.06 -4.46
N THR N 98 37.96 23.10 -5.03
CA THR N 98 37.62 24.04 -6.08
C THR N 98 36.39 24.83 -5.69
N PHE N 99 36.34 26.08 -6.17
CA PHE N 99 35.20 26.96 -5.95
C PHE N 99 34.49 27.22 -7.28
N GLY N 100 33.34 27.88 -7.18
CA GLY N 100 32.65 28.34 -8.36
C GLY N 100 33.16 29.69 -8.84
N GLN N 101 32.73 30.05 -10.05
CA GLN N 101 33.12 31.34 -10.60
C GLN N 101 32.57 32.51 -9.78
N GLY N 102 31.52 32.29 -9.01
CA GLY N 102 30.96 33.33 -8.18
C GLY N 102 29.72 33.94 -8.80
N THR N 103 28.83 34.46 -7.95
CA THR N 103 27.63 35.17 -8.38
C THR N 103 27.50 36.44 -7.55
N LYS N 104 27.60 37.59 -8.19
CA LYS N 104 27.48 38.87 -7.51
C LYS N 104 26.00 39.27 -7.49
N VAL N 105 25.45 39.43 -6.30
CA VAL N 105 24.05 39.81 -6.12
C VAL N 105 23.99 41.31 -5.91
N GLU N 106 23.35 42.02 -6.84
CA GLU N 106 23.18 43.46 -6.77
C GLU N 106 21.74 43.79 -6.38
N ILE N 107 21.58 44.85 -5.60
CA ILE N 107 20.28 45.26 -5.09
C ILE N 107 19.70 46.31 -6.04
N LYS N 108 18.38 46.28 -6.22
CA LYS N 108 17.68 47.28 -7.02
C LYS N 108 16.74 48.08 -6.12
N ARG N 109 16.75 49.40 -6.30
CA ARG N 109 15.90 50.29 -5.54
C ARG N 109 15.52 51.47 -6.43
N THR N 110 14.64 52.33 -5.90
CA THR N 110 14.11 53.43 -6.69
C THR N 110 15.19 54.43 -7.05
N VAL N 111 14.84 55.36 -7.93
CA VAL N 111 15.81 56.36 -8.39
C VAL N 111 16.18 57.28 -7.24
N ALA N 112 17.47 57.61 -7.14
CA ALA N 112 17.99 58.44 -6.07
C ALA N 112 18.92 59.50 -6.65
N ALA N 113 18.63 60.76 -6.34
CA ALA N 113 19.47 61.88 -6.78
C ALA N 113 20.63 62.08 -5.82
N PRO N 114 21.82 62.38 -6.33
CA PRO N 114 22.99 62.49 -5.46
C PRO N 114 23.09 63.84 -4.75
N SER N 115 23.63 63.79 -3.53
CA SER N 115 24.08 65.00 -2.86
C SER N 115 25.42 65.40 -3.46
N VAL N 116 25.46 66.57 -4.09
CA VAL N 116 26.62 67.00 -4.87
C VAL N 116 27.41 68.03 -4.06
N PHE N 117 28.73 67.87 -4.05
CA PHE N 117 29.63 68.77 -3.33
C PHE N 117 30.90 68.98 -4.14
N ILE N 118 31.60 70.06 -3.84
CA ILE N 118 32.89 70.36 -4.46
C ILE N 118 33.85 70.82 -3.39
N PHE N 119 35.12 70.47 -3.54
CA PHE N 119 36.16 70.76 -2.57
C PHE N 119 37.31 71.52 -3.22
N PRO N 120 37.83 72.55 -2.57
CA PRO N 120 38.98 73.27 -3.10
C PRO N 120 40.26 72.51 -2.80
N PRO N 121 41.31 72.72 -3.60
CA PRO N 121 42.60 72.11 -3.28
C PRO N 121 43.12 72.58 -1.92
N SER N 122 43.79 71.67 -1.23
CA SER N 122 44.27 71.96 0.11
C SER N 122 45.36 73.05 0.09
N ASP N 123 45.54 73.69 1.25
CA ASP N 123 46.56 74.72 1.37
C ASP N 123 47.96 74.13 1.19
N SER N 124 48.26 73.04 1.91
CA SER N 124 49.55 72.39 1.77
C SER N 124 49.68 71.63 0.46
N GLN N 125 48.57 71.38 -0.23
CA GLN N 125 48.64 70.72 -1.53
C GLN N 125 49.19 71.65 -2.60
N LEU N 126 48.90 72.95 -2.49
CA LEU N 126 49.46 73.91 -3.43
C LEU N 126 50.97 74.02 -3.30
N LYS N 127 51.54 73.55 -2.19
CA LYS N 127 52.99 73.53 -2.01
C LYS N 127 53.68 72.48 -2.86
N SER N 128 52.92 71.57 -3.47
CA SER N 128 53.49 70.53 -4.32
C SER N 128 53.62 70.95 -5.78
N GLY N 129 53.07 72.11 -6.15
CA GLY N 129 53.02 72.50 -7.54
C GLY N 129 51.92 71.84 -8.34
N THR N 130 51.03 71.08 -7.69
CA THR N 130 49.94 70.39 -8.36
C THR N 130 48.76 70.34 -7.40
N ALA N 131 47.57 70.64 -7.92
CA ALA N 131 46.36 70.72 -7.12
C ALA N 131 45.31 69.75 -7.66
N SER N 132 44.32 69.46 -6.83
CA SER N 132 43.25 68.55 -7.19
C SER N 132 41.92 69.09 -6.68
N VAL N 133 40.90 69.01 -7.53
CA VAL N 133 39.54 69.44 -7.20
C VAL N 133 38.67 68.19 -7.09
N VAL N 134 37.99 68.04 -5.95
CA VAL N 134 37.23 66.84 -5.64
C VAL N 134 35.75 67.16 -5.76
N CYS N 135 35.06 66.49 -6.68
CA CYS N 135 33.61 66.60 -6.82
C CYS N 135 32.98 65.33 -6.29
N LEU N 136 32.15 65.46 -5.26
CA LEU N 136 31.55 64.34 -4.55
C LEU N 136 30.08 64.19 -4.93
N LEU N 137 29.67 62.94 -5.14
CA LEU N 137 28.28 62.59 -5.48
C LEU N 137 27.88 61.49 -4.50
N ASN N 138 27.07 61.81 -3.50
CA ASN N 138 26.79 60.89 -2.41
C ASN N 138 25.37 60.35 -2.51
N ASN N 139 25.20 59.05 -2.25
CA ASN N 139 23.90 58.43 -1.99
C ASN N 139 22.95 58.60 -3.17
N PHE N 140 23.32 57.98 -4.28
CA PHE N 140 22.51 58.00 -5.49
C PHE N 140 22.37 56.58 -6.06
N TYR N 141 21.43 56.44 -7.00
CA TYR N 141 21.16 55.19 -7.70
C TYR N 141 20.41 55.53 -8.98
N PRO N 142 20.72 54.89 -10.12
CA PRO N 142 21.70 53.81 -10.32
C PRO N 142 23.15 54.29 -10.36
N ARG N 143 24.06 53.38 -10.73
CA ARG N 143 25.48 53.70 -10.72
C ARG N 143 25.85 54.67 -11.83
N GLU N 144 25.11 54.66 -12.94
CA GLU N 144 25.41 55.55 -14.05
C GLU N 144 25.20 57.01 -13.65
N ALA N 145 26.22 57.83 -13.88
CA ALA N 145 26.15 59.26 -13.67
C ALA N 145 27.04 59.93 -14.71
N LYS N 146 27.11 61.25 -14.65
CA LYS N 146 27.97 62.01 -15.56
C LYS N 146 28.46 63.26 -14.85
N VAL N 147 29.77 63.38 -14.69
CA VAL N 147 30.40 64.54 -14.08
C VAL N 147 31.22 65.25 -15.13
N GLN N 148 30.85 66.50 -15.42
CA GLN N 148 31.55 67.34 -16.38
C GLN N 148 32.32 68.42 -15.61
N TRP N 149 33.49 68.78 -16.11
CA TRP N 149 34.31 69.81 -15.47
C TRP N 149 34.32 71.10 -16.28
N LYS N 150 34.40 72.22 -15.57
CA LYS N 150 34.38 73.54 -16.19
C LYS N 150 35.37 74.43 -15.45
N VAL N 151 36.47 74.78 -16.12
CA VAL N 151 37.46 75.72 -15.59
C VAL N 151 37.38 76.97 -16.46
N ASP N 152 36.93 78.07 -15.88
CA ASP N 152 36.58 79.29 -16.62
C ASP N 152 35.56 78.98 -17.71
N ASN N 153 34.60 78.11 -17.38
CA ASN N 153 33.56 77.69 -18.32
C ASN N 153 34.16 77.06 -19.58
N ALA N 154 35.29 76.37 -19.41
CA ALA N 154 35.92 75.59 -20.45
C ALA N 154 35.94 74.13 -20.01
N LEU N 155 35.34 73.27 -20.83
CA LEU N 155 35.16 71.88 -20.44
C LEU N 155 36.49 71.12 -20.49
N GLN N 156 36.63 70.18 -19.56
CA GLN N 156 37.87 69.46 -19.35
C GLN N 156 37.75 68.01 -19.84
N SER N 157 38.89 67.41 -20.15
CA SER N 157 38.94 66.02 -20.59
C SER N 157 40.38 65.50 -20.56
N GLY N 158 40.58 64.32 -19.97
CA GLY N 158 41.91 63.75 -19.87
C GLY N 158 42.67 64.07 -18.60
N ASN N 159 42.07 64.81 -17.67
CA ASN N 159 42.74 65.21 -16.45
C ASN N 159 41.91 64.91 -15.20
N SER N 160 40.81 64.14 -15.32
CA SER N 160 39.97 63.78 -14.20
C SER N 160 39.85 62.26 -14.17
N GLN N 161 39.66 61.73 -12.97
CA GLN N 161 39.44 60.31 -12.76
C GLN N 161 38.31 60.13 -11.74
N GLU N 162 37.57 59.04 -11.87
CA GLU N 162 36.40 58.83 -11.05
C GLU N 162 36.48 57.48 -10.33
N SER N 163 36.06 57.49 -9.08
CA SER N 163 36.04 56.30 -8.23
C SER N 163 34.66 56.13 -7.59
N VAL N 164 34.11 54.93 -7.72
CA VAL N 164 32.77 54.62 -7.23
C VAL N 164 32.87 53.56 -6.13
N THR N 165 32.14 53.78 -5.04
CA THR N 165 32.12 52.82 -3.94
C THR N 165 31.19 51.65 -4.26
N GLU N 166 31.29 50.61 -3.44
CA GLU N 166 30.37 49.50 -3.54
C GLU N 166 29.01 49.90 -2.97
N GLN N 167 27.98 49.16 -3.39
CA GLN N 167 26.62 49.48 -2.99
C GLN N 167 26.45 49.28 -1.49
N ASP N 168 25.79 50.25 -0.84
CA ASP N 168 25.77 50.32 0.61
C ASP N 168 24.89 49.22 1.21
N SER N 169 25.13 48.96 2.50
CA SER N 169 24.49 47.82 3.17
C SER N 169 23.02 48.11 3.50
N LYS N 170 22.70 49.32 3.97
CA LYS N 170 21.35 49.60 4.45
C LYS N 170 20.47 50.31 3.44
N ASP N 171 20.98 51.32 2.74
CA ASP N 171 20.17 52.05 1.77
C ASP N 171 20.46 51.66 0.32
N SER N 172 21.53 50.92 0.07
CA SER N 172 21.86 50.40 -1.26
C SER N 172 21.98 51.55 -2.29
N THR N 173 22.87 52.49 -1.97
CA THR N 173 23.14 53.63 -2.83
C THR N 173 24.63 53.72 -3.10
N TYR N 174 24.99 54.52 -4.11
CA TYR N 174 26.37 54.63 -4.57
C TYR N 174 26.96 56.00 -4.22
N SER N 175 28.27 56.03 -4.16
CA SER N 175 29.03 57.26 -3.95
C SER N 175 30.13 57.35 -5.00
N LEU N 176 30.36 58.56 -5.49
CA LEU N 176 31.30 58.81 -6.58
C LEU N 176 32.21 59.98 -6.21
N SER N 177 33.50 59.83 -6.52
CA SER N 177 34.51 60.86 -6.28
C SER N 177 35.21 61.13 -7.59
N SER N 178 35.11 62.38 -8.07
CA SER N 178 35.78 62.79 -9.30
C SER N 178 36.92 63.74 -8.92
N THR N 179 38.15 63.27 -9.10
CA THR N 179 39.34 64.04 -8.79
C THR N 179 39.89 64.65 -10.08
N LEU N 180 40.04 65.98 -10.07
CA LEU N 180 40.54 66.75 -11.22
C LEU N 180 41.94 67.23 -10.88
N THR N 181 42.94 66.67 -11.55
CA THR N 181 44.34 67.02 -11.31
C THR N 181 44.79 68.11 -12.28
N LEU N 182 45.39 69.17 -11.74
CA LEU N 182 45.87 70.28 -12.55
C LEU N 182 47.17 70.81 -11.97
N SER N 183 48.13 71.10 -12.85
CA SER N 183 49.34 71.79 -12.42
C SER N 183 48.97 73.15 -11.82
N LYS N 184 49.75 73.56 -10.81
CA LYS N 184 49.43 74.79 -10.09
C LYS N 184 49.45 76.01 -11.02
N ALA N 185 50.22 75.93 -12.12
CA ALA N 185 50.22 77.02 -13.10
C ALA N 185 48.81 77.26 -13.63
N ASP N 186 48.21 76.25 -14.26
CA ASP N 186 46.85 76.38 -14.76
C ASP N 186 45.84 76.60 -13.63
N TYR N 187 46.18 76.23 -12.40
CA TYR N 187 45.28 76.49 -11.29
C TYR N 187 45.22 77.98 -10.98
N GLU N 188 46.37 78.64 -10.88
CA GLU N 188 46.38 80.06 -10.57
C GLU N 188 46.01 80.92 -11.77
N LYS N 189 46.26 80.43 -12.99
CA LYS N 189 45.92 81.20 -14.18
C LYS N 189 44.42 81.35 -14.37
N HIS N 190 43.61 80.55 -13.70
CA HIS N 190 42.16 80.56 -13.87
C HIS N 190 41.48 80.82 -12.54
N LYS N 191 40.20 81.17 -12.60
CA LYS N 191 39.48 81.59 -11.40
C LYS N 191 38.21 80.79 -11.14
N VAL N 192 37.43 80.46 -12.16
CA VAL N 192 36.16 79.77 -11.98
C VAL N 192 36.37 78.27 -12.10
N TYR N 193 35.90 77.52 -11.09
CA TYR N 193 35.95 76.07 -11.12
C TYR N 193 34.58 75.52 -10.81
N ALA N 194 34.14 74.53 -11.58
CA ALA N 194 32.81 73.97 -11.40
C ALA N 194 32.76 72.53 -11.87
N CYS N 195 31.96 71.73 -11.17
CA CYS N 195 31.63 70.38 -11.61
C CYS N 195 30.11 70.27 -11.77
N GLU N 196 29.69 69.72 -12.91
CA GLU N 196 28.29 69.64 -13.31
C GLU N 196 27.87 68.19 -13.36
N VAL N 197 26.92 67.82 -12.51
CA VAL N 197 26.42 66.45 -12.42
C VAL N 197 25.16 66.34 -13.27
N THR N 198 25.17 65.42 -14.22
CA THR N 198 24.02 65.11 -15.07
C THR N 198 23.58 63.69 -14.73
N HIS N 199 22.70 63.57 -13.74
CA HIS N 199 22.24 62.29 -13.25
C HIS N 199 20.79 62.05 -13.66
N GLN N 200 20.39 60.78 -13.64
CA GLN N 200 19.04 60.41 -14.04
C GLN N 200 17.99 61.01 -13.11
N GLY N 201 18.27 61.01 -11.81
CA GLY N 201 17.30 61.50 -10.83
C GLY N 201 17.25 63.00 -10.69
N LEU N 202 17.74 63.72 -11.70
CA LEU N 202 17.77 65.17 -11.70
C LEU N 202 17.12 65.70 -12.97
N SER N 203 16.30 66.75 -12.82
CA SER N 203 15.67 67.37 -13.98
C SER N 203 16.67 68.20 -14.76
N SER N 204 17.33 69.15 -14.09
CA SER N 204 18.37 69.96 -14.69
C SER N 204 19.71 69.63 -14.07
N PRO N 205 20.76 69.48 -14.89
CA PRO N 205 22.08 69.13 -14.33
C PRO N 205 22.55 70.16 -13.31
N VAL N 206 22.85 69.68 -12.10
CA VAL N 206 23.18 70.54 -10.97
C VAL N 206 24.68 70.74 -10.92
N THR N 207 25.10 72.00 -10.74
CA THR N 207 26.51 72.36 -10.77
C THR N 207 26.93 72.92 -9.42
N LYS N 208 28.15 72.59 -9.00
CA LYS N 208 28.76 73.16 -7.80
C LYS N 208 30.10 73.76 -8.16
N SER N 209 30.35 74.98 -7.65
CA SER N 209 31.47 75.78 -8.13
C SER N 209 32.12 76.55 -6.99
N PHE N 210 33.35 76.98 -7.24
CA PHE N 210 34.05 77.94 -6.39
C PHE N 210 34.93 78.82 -7.28
N ASN N 211 35.58 79.80 -6.67
CA ASN N 211 36.27 80.86 -7.41
C ASN N 211 37.58 81.21 -6.71
N ARG N 212 38.69 80.72 -7.25
CA ARG N 212 40.02 81.13 -6.82
C ARG N 212 40.95 81.29 -8.02
N PRO O 12 62.72 -2.98 28.47
CA PRO O 12 62.63 -4.38 28.05
C PRO O 12 62.73 -4.52 26.53
N GLY O 13 62.10 -5.58 26.00
CA GLY O 13 62.00 -5.73 24.56
C GLY O 13 60.72 -5.11 24.02
N ILE O 14 60.43 -3.88 24.46
CA ILE O 14 59.20 -3.20 24.06
C ILE O 14 59.23 -2.70 22.64
N ALA O 15 60.39 -2.72 21.99
CA ALA O 15 60.45 -2.47 20.55
C ALA O 15 60.13 -3.72 19.74
N TRP O 16 60.34 -4.90 20.32
CA TRP O 16 59.85 -6.14 19.73
C TRP O 16 58.33 -6.18 19.68
N ILE O 17 57.67 -5.31 20.45
CA ILE O 17 56.22 -5.18 20.38
C ILE O 17 55.81 -4.44 19.12
N ALA O 18 56.48 -3.32 18.84
CA ALA O 18 56.14 -2.49 17.68
C ALA O 18 56.24 -3.25 16.36
N LEU O 19 56.97 -4.37 16.33
CA LEU O 19 56.98 -5.21 15.13
C LEU O 19 55.57 -5.69 14.80
N LEU O 20 54.82 -6.12 15.82
CA LEU O 20 53.45 -6.56 15.60
C LEU O 20 52.56 -5.41 15.09
N LEU O 21 52.76 -4.21 15.63
CA LEU O 21 51.95 -3.07 15.19
C LEU O 21 52.29 -2.69 13.76
N LEU O 22 53.56 -2.78 13.37
CA LEU O 22 53.90 -2.56 11.97
C LEU O 22 53.34 -3.66 11.08
N VAL O 23 53.24 -4.89 11.58
CA VAL O 23 52.60 -5.96 10.81
C VAL O 23 51.13 -5.64 10.58
N ILE O 24 50.46 -5.11 11.60
CA ILE O 24 49.05 -4.74 11.45
C ILE O 24 48.90 -3.58 10.47
N PHE O 25 49.73 -2.54 10.62
CA PHE O 25 49.76 -1.49 9.61
C PHE O 25 49.94 -2.06 8.22
N TYR O 26 50.86 -3.01 8.07
CA TYR O 26 51.15 -3.57 6.76
C TYR O 26 49.95 -4.29 6.18
N VAL O 27 49.30 -5.14 6.99
CA VAL O 27 48.19 -5.92 6.45
C VAL O 27 47.02 -5.03 6.10
N PHE O 28 46.70 -4.04 6.94
CA PHE O 28 45.60 -3.14 6.61
C PHE O 28 45.97 -2.21 5.46
N ALA O 29 47.25 -1.89 5.29
CA ALA O 29 47.65 -1.07 4.15
C ALA O 29 47.53 -1.86 2.86
N VAL O 30 47.90 -3.14 2.88
CA VAL O 30 47.69 -3.99 1.71
C VAL O 30 46.20 -4.12 1.42
N MET O 31 45.38 -4.23 2.46
CA MET O 31 43.93 -4.23 2.26
C MET O 31 43.45 -2.96 1.58
N GLY O 32 43.85 -1.81 2.12
CA GLY O 32 43.45 -0.54 1.53
C GLY O 32 43.94 -0.37 0.11
N THR O 33 45.12 -0.92 -0.18
CA THR O 33 45.64 -0.88 -1.55
C THR O 33 44.79 -1.73 -2.47
N LYS O 34 44.46 -2.95 -2.04
CA LYS O 34 43.65 -3.84 -2.86
C LYS O 34 42.25 -3.29 -3.07
N LEU O 35 41.75 -2.51 -2.10
CA LEU O 35 40.36 -2.05 -2.16
C LEU O 35 40.21 -0.71 -2.87
N PHE O 36 41.13 0.23 -2.65
CA PHE O 36 40.89 1.63 -2.98
C PHE O 36 41.90 2.24 -3.94
N ALA O 37 42.86 1.45 -4.44
CA ALA O 37 43.92 2.03 -5.25
C ALA O 37 43.37 2.59 -6.56
N GLN O 38 42.52 1.83 -7.24
CA GLN O 38 41.99 2.29 -8.52
C GLN O 38 41.15 3.56 -8.36
N SER O 39 40.44 3.68 -7.24
CA SER O 39 39.49 4.78 -7.07
C SER O 39 40.05 5.96 -6.29
N PHE O 40 40.97 5.73 -5.35
CA PHE O 40 41.60 6.78 -4.57
C PHE O 40 43.11 6.61 -4.65
N PRO O 41 43.73 7.01 -5.77
CA PRO O 41 45.15 6.71 -5.94
C PRO O 41 46.05 7.49 -4.99
N GLU O 42 45.74 8.75 -4.72
CA GLU O 42 46.63 9.54 -3.88
C GLU O 42 46.64 9.02 -2.44
N TRP O 43 45.56 8.38 -2.01
CA TRP O 43 45.45 7.88 -0.64
C TRP O 43 45.81 6.41 -0.51
N PHE O 44 45.60 5.61 -1.55
CA PHE O 44 45.82 4.17 -1.46
C PHE O 44 46.48 3.58 -2.70
N GLY O 45 47.06 4.42 -3.56
CA GLY O 45 47.64 3.93 -4.80
C GLY O 45 48.93 3.15 -4.63
N THR O 46 49.65 3.39 -3.53
CA THR O 46 50.88 2.66 -3.22
C THR O 46 50.77 2.14 -1.80
N LEU O 47 51.69 1.24 -1.44
CA LEU O 47 51.75 0.75 -0.08
C LEU O 47 52.10 1.87 0.89
N GLY O 48 53.00 2.76 0.47
CA GLY O 48 53.31 3.92 1.30
C GLY O 48 52.11 4.82 1.50
N ALA O 49 51.35 5.07 0.43
CA ALA O 49 50.16 5.90 0.54
C ALA O 49 49.14 5.28 1.48
N SER O 50 48.98 3.95 1.42
CA SER O 50 48.04 3.29 2.30
C SER O 50 48.50 3.35 3.75
N MET O 51 49.79 3.10 4.00
CA MET O 51 50.35 3.27 5.34
C MET O 51 50.06 4.67 5.87
N TYR O 52 50.36 5.68 5.05
CA TYR O 52 50.22 7.07 5.49
C TYR O 52 48.75 7.41 5.76
N THR O 53 47.86 6.97 4.88
CA THR O 53 46.45 7.25 5.05
C THR O 53 45.89 6.55 6.29
N LEU O 54 46.32 5.31 6.55
CA LEU O 54 45.89 4.63 7.76
C LEU O 54 46.38 5.36 9.01
N PHE O 55 47.63 5.84 8.98
CA PHE O 55 48.12 6.63 10.11
C PHE O 55 47.28 7.89 10.30
N GLN O 56 46.98 8.59 9.21
CA GLN O 56 46.19 9.81 9.29
C GLN O 56 44.80 9.54 9.84
N VAL O 57 44.20 8.40 9.46
CA VAL O 57 42.89 8.03 10.00
C VAL O 57 43.01 7.67 11.48
N MET O 58 44.08 6.98 11.86
CA MET O 58 44.28 6.62 13.25
C MET O 58 44.48 7.85 14.13
N THR O 59 44.98 8.95 13.55
CA THR O 59 45.10 10.19 14.31
C THR O 59 43.74 10.65 14.84
N LEU O 60 42.66 10.33 14.13
CA LEU O 60 41.30 10.75 14.49
C LEU O 60 41.22 12.27 14.62
N GLU O 61 41.61 12.95 13.55
CA GLU O 61 41.67 14.40 13.51
C GLU O 61 40.85 14.92 12.33
N SER O 62 40.99 16.21 12.00
CA SER O 62 40.25 16.78 10.89
C SER O 62 40.54 16.04 9.58
N TRP O 63 41.82 15.93 9.22
CA TRP O 63 42.21 15.13 8.07
C TRP O 63 41.67 13.70 8.13
N SER O 64 41.50 13.14 9.32
CA SER O 64 40.99 11.77 9.40
C SER O 64 39.59 11.69 8.79
N MET O 65 38.66 12.51 9.28
CA MET O 65 37.31 12.51 8.73
C MET O 65 37.30 12.99 7.28
N GLY O 66 38.23 13.89 6.93
CA GLY O 66 38.32 14.33 5.56
C GLY O 66 38.67 13.21 4.60
N ILE O 67 39.62 12.36 5.00
CA ILE O 67 39.93 11.17 4.22
C ILE O 67 38.73 10.22 4.20
N ALA O 68 38.05 10.10 5.34
CA ALA O 68 37.00 9.09 5.47
C ALA O 68 35.83 9.37 4.54
N ARG O 69 35.37 10.62 4.51
CA ARG O 69 34.09 10.90 3.84
C ARG O 69 34.04 10.50 2.37
N PRO O 70 35.04 10.77 1.52
CA PRO O 70 34.87 10.40 0.10
C PRO O 70 35.00 8.92 -0.11
N VAL O 71 35.85 8.26 0.68
CA VAL O 71 36.01 6.82 0.60
C VAL O 71 34.70 6.13 0.92
N ILE O 72 33.95 6.66 1.89
CA ILE O 72 32.69 6.04 2.25
C ILE O 72 31.58 6.43 1.27
N GLU O 73 31.61 7.65 0.73
CA GLU O 73 30.65 7.99 -0.31
C GLU O 73 30.82 7.09 -1.53
N ALA O 74 32.08 6.81 -1.91
CA ALA O 74 32.34 5.95 -3.05
C ALA O 74 32.04 4.50 -2.71
N TYR O 75 32.51 4.03 -1.56
CA TYR O 75 32.28 2.66 -1.10
C TYR O 75 31.69 2.73 0.30
N PRO O 76 30.36 2.61 0.44
CA PRO O 76 29.76 2.75 1.78
C PRO O 76 30.25 1.73 2.78
N TRP O 77 30.58 0.52 2.32
CA TRP O 77 31.13 -0.50 3.21
C TRP O 77 32.48 -0.12 3.79
N ALA O 78 33.18 0.84 3.18
CA ALA O 78 34.54 1.16 3.57
C ALA O 78 34.70 1.45 5.05
N TRP O 79 33.62 1.88 5.71
CA TRP O 79 33.70 2.18 7.14
C TRP O 79 34.17 0.96 7.92
N ILE O 80 33.61 -0.21 7.62
CA ILE O 80 33.98 -1.41 8.37
C ILE O 80 35.43 -1.76 8.13
N TYR O 81 36.02 -1.26 7.04
CA TYR O 81 37.47 -1.26 6.89
C TYR O 81 38.11 -0.42 7.98
N PHE O 82 37.88 0.88 7.95
CA PHE O 82 38.54 1.80 8.87
C PHE O 82 38.33 1.38 10.31
N VAL O 83 37.06 1.19 10.69
CA VAL O 83 36.72 0.80 12.06
C VAL O 83 37.49 -0.43 12.47
N SER O 84 37.54 -1.45 11.60
CA SER O 84 38.27 -2.66 11.95
C SER O 84 39.74 -2.36 12.21
N PHE O 85 40.35 -1.56 11.33
CA PHE O 85 41.73 -1.14 11.55
C PHE O 85 41.89 -0.47 12.90
N ILE O 86 40.90 0.32 13.33
CA ILE O 86 41.00 0.99 14.61
C ILE O 86 40.75 0.00 15.74
N LEU O 87 39.91 -1.01 15.52
CA LEU O 87 39.63 -1.97 16.57
C LEU O 87 40.75 -2.99 16.69
N VAL O 88 41.02 -3.73 15.61
CA VAL O 88 42.04 -4.78 15.62
C VAL O 88 43.35 -4.25 16.21
N SER O 89 43.72 -3.03 15.83
CA SER O 89 44.90 -2.40 16.42
C SER O 89 44.73 -2.24 17.93
N SER O 90 43.73 -1.45 18.34
CA SER O 90 43.62 -1.06 19.74
C SER O 90 43.43 -2.26 20.65
N PHE O 91 42.73 -3.30 20.18
CA PHE O 91 42.52 -4.47 21.01
C PHE O 91 43.72 -5.40 21.06
N THR O 92 44.65 -5.30 20.10
CA THR O 92 45.94 -5.97 20.30
C THR O 92 46.69 -5.30 21.44
N VAL O 93 46.95 -4.00 21.31
CA VAL O 93 47.72 -3.25 22.30
C VAL O 93 47.19 -3.54 23.69
N LEU O 94 45.91 -3.22 23.93
CA LEU O 94 45.29 -3.47 25.22
C LEU O 94 45.55 -4.90 25.68
N ASN O 95 45.22 -5.88 24.84
CA ASN O 95 45.43 -7.27 25.22
C ASN O 95 46.91 -7.51 25.53
N LEU O 96 47.78 -7.11 24.62
CA LEU O 96 49.21 -7.18 24.91
C LEU O 96 49.53 -6.42 26.19
N PHE O 97 49.00 -5.21 26.30
CA PHE O 97 49.27 -4.38 27.46
C PHE O 97 48.72 -4.99 28.74
N ILE O 98 47.70 -5.86 28.62
CA ILE O 98 47.14 -6.51 29.80
C ILE O 98 47.85 -7.81 30.10
N GLY O 99 48.64 -8.34 29.16
CA GLY O 99 49.40 -9.55 29.41
C GLY O 99 50.70 -9.26 30.13
N ILE O 100 51.35 -8.15 29.75
CA ILE O 100 52.57 -7.72 30.42
C ILE O 100 52.35 -7.66 31.92
N ILE O 101 51.24 -7.03 32.34
CA ILE O 101 50.94 -6.89 33.76
C ILE O 101 50.89 -8.23 34.46
N ILE O 102 50.37 -9.24 33.77
CA ILE O 102 50.34 -10.59 34.33
C ILE O 102 51.72 -11.26 34.27
N GLU O 103 52.51 -10.97 33.24
CA GLU O 103 53.89 -11.46 33.19
C GLU O 103 54.86 -10.55 33.93
N SER O 104 54.37 -9.44 34.47
CA SER O 104 55.17 -8.61 35.37
C SER O 104 54.87 -8.87 36.83
N MET O 105 53.74 -9.51 37.16
CA MET O 105 53.57 -9.79 38.59
C MET O 105 53.95 -11.22 38.93
N GLN O 106 54.86 -11.79 38.14
CA GLN O 106 55.57 -13.04 38.43
C GLN O 106 56.93 -12.81 39.11
N SER O 107 57.37 -11.57 39.26
CA SER O 107 58.76 -11.24 39.59
C SER O 107 59.10 -11.34 41.07
N ALA O 108 58.19 -11.82 41.92
CA ALA O 108 58.54 -12.09 43.31
C ALA O 108 59.61 -13.18 43.36
N HIS O 109 59.45 -14.25 42.56
CA HIS O 109 60.50 -15.23 42.32
C HIS O 109 61.80 -14.54 41.93
N HIS O 110 61.70 -13.45 41.16
CA HIS O 110 62.91 -12.72 40.79
C HIS O 110 63.61 -12.15 42.01
N ALA O 111 62.84 -11.59 42.94
CA ALA O 111 63.43 -11.04 44.17
C ALA O 111 64.12 -12.11 44.98
N GLU O 112 63.51 -13.30 45.09
CA GLU O 112 64.19 -14.43 45.70
C GLU O 112 65.47 -14.76 44.96
N ASP O 113 65.44 -14.71 43.62
CA ASP O 113 66.64 -14.97 42.82
C ASP O 113 67.80 -14.12 43.30
N GLY O 114 67.63 -12.80 43.29
CA GLY O 114 68.66 -11.92 43.78
C GLY O 114 69.11 -12.26 45.19
N GLU O 115 68.16 -12.61 46.06
CA GLU O 115 68.53 -12.94 47.43
C GLU O 115 69.33 -14.23 47.49
N ARG O 116 69.03 -15.18 46.60
CA ARG O 116 69.86 -16.38 46.49
C ARG O 116 71.20 -16.09 45.82
N THR O 117 71.30 -14.97 45.11
CA THR O 117 72.60 -14.52 44.61
C THR O 117 73.46 -14.02 45.77
N ASP O 118 72.87 -13.23 46.67
CA ASP O 118 73.59 -12.71 47.83
C ASP O 118 74.17 -13.84 48.65
N ALA O 119 73.30 -14.67 49.24
CA ALA O 119 73.75 -15.67 50.19
C ALA O 119 74.77 -16.62 49.56
N TYR O 120 74.63 -16.90 48.27
CA TYR O 120 75.58 -17.77 47.59
C TYR O 120 76.91 -17.07 47.36
N ARG O 121 76.89 -15.77 47.03
CA ARG O 121 78.14 -15.04 46.81
C ARG O 121 79.04 -15.07 48.04
N ASP O 122 78.46 -15.12 49.23
CA ASP O 122 79.27 -15.38 50.42
C ASP O 122 79.87 -16.77 50.37
N GLU O 123 79.03 -17.79 50.16
CA GLU O 123 79.46 -19.18 50.18
C GLU O 123 80.63 -19.43 49.23
N VAL O 124 80.77 -18.61 48.19
CA VAL O 124 81.86 -18.79 47.25
C VAL O 124 83.18 -18.32 47.84
N GLU P 4 -47.40 8.98 24.87
CA GLU P 4 -48.70 9.25 24.26
C GLU P 4 -48.96 8.32 23.07
N VAL P 5 -47.89 7.95 22.37
CA VAL P 5 -47.98 7.04 21.23
C VAL P 5 -48.19 5.64 21.80
N GLN P 6 -49.43 5.17 21.82
CA GLN P 6 -49.79 3.96 22.54
C GLN P 6 -50.75 3.10 21.74
N LEU P 7 -50.84 1.84 22.16
CA LEU P 7 -51.73 0.84 21.58
C LEU P 7 -52.54 0.26 22.73
N VAL P 8 -53.77 0.71 22.89
CA VAL P 8 -54.64 0.23 23.96
C VAL P 8 -55.41 -0.98 23.42
N GLU P 9 -55.16 -2.15 23.97
CA GLU P 9 -55.82 -3.36 23.50
C GLU P 9 -56.76 -3.92 24.57
N SER P 10 -57.79 -4.60 24.09
CA SER P 10 -58.83 -5.13 24.97
C SER P 10 -59.58 -6.23 24.21
N GLY P 11 -60.57 -6.82 24.88
CA GLY P 11 -61.42 -7.82 24.27
C GLY P 11 -61.09 -9.25 24.62
N GLY P 12 -60.08 -9.48 25.46
CA GLY P 12 -59.71 -10.82 25.85
C GLY P 12 -60.39 -11.27 27.14
N GLY P 13 -60.02 -12.46 27.58
CA GLY P 13 -60.55 -13.01 28.81
C GLY P 13 -60.80 -14.50 28.76
N LEU P 14 -62.01 -14.90 29.11
CA LEU P 14 -62.41 -16.32 29.15
C LEU P 14 -63.29 -16.63 27.95
N VAL P 15 -63.11 -17.83 27.40
CA VAL P 15 -63.92 -18.30 26.28
C VAL P 15 -63.89 -19.82 26.29
N GLN P 16 -65.01 -20.43 25.92
CA GLN P 16 -65.13 -21.89 25.94
C GLN P 16 -64.46 -22.49 24.71
N PRO P 17 -63.92 -23.72 24.85
CA PRO P 17 -63.25 -24.35 23.71
C PRO P 17 -64.17 -24.49 22.50
N GLY P 18 -63.60 -24.35 21.32
CA GLY P 18 -64.39 -24.29 20.11
C GLY P 18 -65.12 -22.99 19.90
N GLY P 19 -64.92 -22.01 20.77
CA GLY P 19 -65.61 -20.74 20.69
C GLY P 19 -64.88 -19.71 19.84
N SER P 20 -65.20 -18.45 20.10
CA SER P 20 -64.63 -17.35 19.34
C SER P 20 -64.41 -16.15 20.26
N LEU P 21 -63.54 -15.26 19.83
CA LEU P 21 -63.21 -14.08 20.63
C LEU P 21 -62.59 -13.00 19.75
N ARG P 22 -62.92 -11.75 20.03
CA ARG P 22 -62.44 -10.61 19.25
C ARG P 22 -61.50 -9.78 20.09
N LEU P 23 -60.34 -9.43 19.52
CA LEU P 23 -59.36 -8.59 20.19
C LEU P 23 -59.24 -7.27 19.45
N SER P 24 -59.34 -6.16 20.18
CA SER P 24 -59.25 -4.83 19.61
C SER P 24 -57.95 -4.18 20.07
N CYS P 25 -57.30 -3.45 19.17
CA CYS P 25 -56.08 -2.71 19.46
C CYS P 25 -56.23 -1.32 18.86
N ALA P 26 -56.62 -0.36 19.70
CA ALA P 26 -56.83 1.01 19.27
C ALA P 26 -55.50 1.76 19.37
N ALA P 27 -55.07 2.33 18.25
CA ALA P 27 -53.85 3.12 18.21
C ALA P 27 -54.17 4.58 18.54
N SER P 28 -53.21 5.24 19.18
CA SER P 28 -53.40 6.64 19.52
C SER P 28 -52.05 7.35 19.56
N GLY P 29 -51.96 8.51 18.92
CA GLY P 29 -50.78 9.35 19.01
C GLY P 29 -49.87 9.34 17.80
N PHE P 30 -50.04 8.39 16.88
CA PHE P 30 -49.20 8.32 15.69
C PHE P 30 -50.10 8.14 14.47
N ASN P 31 -49.47 8.02 13.29
CA ASN P 31 -50.20 7.79 12.04
C ASN P 31 -50.46 6.30 11.91
N PHE P 32 -51.72 5.91 12.09
CA PHE P 32 -52.07 4.50 12.08
C PHE P 32 -51.92 3.89 10.70
N SER P 33 -52.42 4.59 9.67
CA SER P 33 -52.42 4.04 8.32
C SER P 33 -51.01 3.68 7.85
N SER P 34 -50.06 4.59 8.05
CA SER P 34 -48.70 4.37 7.57
C SER P 34 -47.98 3.22 8.29
N SER P 35 -48.52 2.72 9.39
CA SER P 35 -47.86 1.70 10.18
C SER P 35 -48.39 0.31 9.82
N SER P 36 -47.67 -0.70 10.32
CA SER P 36 -48.16 -2.07 10.31
C SER P 36 -48.46 -2.50 11.74
N ILE P 37 -49.47 -3.34 11.90
CA ILE P 37 -49.91 -3.79 13.22
C ILE P 37 -49.74 -5.30 13.31
N HIS P 38 -49.38 -5.77 14.52
CA HIS P 38 -48.91 -7.13 14.73
C HIS P 38 -49.59 -7.69 15.96
N TRP P 39 -49.97 -8.96 15.89
CA TRP P 39 -50.40 -9.72 17.05
C TRP P 39 -49.39 -10.84 17.28
N VAL P 40 -48.83 -10.87 18.50
CA VAL P 40 -47.81 -11.83 18.92
C VAL P 40 -48.21 -12.41 20.26
N ARG P 41 -48.21 -13.74 20.38
CA ARG P 41 -48.72 -14.38 21.58
C ARG P 41 -47.60 -15.03 22.38
N GLN P 42 -47.84 -15.14 23.69
CA GLN P 42 -46.91 -15.80 24.60
C GLN P 42 -47.73 -16.68 25.54
N ALA P 43 -47.58 -17.98 25.39
CA ALA P 43 -48.24 -18.87 26.36
C ALA P 43 -47.47 -18.86 27.66
N PRO P 44 -48.15 -19.03 28.80
CA PRO P 44 -47.44 -18.99 30.09
C PRO P 44 -46.37 -20.07 30.17
N GLY P 45 -45.12 -19.64 30.21
CA GLY P 45 -44.01 -20.56 30.27
C GLY P 45 -43.33 -20.86 28.95
N LYS P 46 -43.39 -19.95 27.98
CA LYS P 46 -42.66 -20.12 26.74
C LYS P 46 -42.27 -18.75 26.21
N GLY P 47 -41.54 -18.75 25.09
CA GLY P 47 -41.12 -17.52 24.45
C GLY P 47 -42.24 -16.88 23.64
N LEU P 48 -41.85 -15.90 22.85
CA LEU P 48 -42.81 -15.18 22.02
C LEU P 48 -43.11 -15.98 20.75
N GLU P 49 -44.35 -15.85 20.27
CA GLU P 49 -44.81 -16.52 19.07
C GLU P 49 -45.57 -15.53 18.21
N TRP P 50 -45.10 -15.34 16.98
CA TRP P 50 -45.79 -14.45 16.06
C TRP P 50 -47.11 -15.06 15.61
N VAL P 51 -48.17 -14.26 15.62
CA VAL P 51 -49.49 -14.69 15.19
C VAL P 51 -49.86 -14.10 13.84
N ALA P 52 -49.90 -12.78 13.73
CA ALA P 52 -50.36 -12.17 12.49
C ALA P 52 -49.83 -10.75 12.35
N SER P 53 -49.85 -10.27 11.11
CA SER P 53 -49.45 -8.90 10.81
C SER P 53 -50.31 -8.37 9.67
N ILE P 54 -50.51 -7.05 9.69
CA ILE P 54 -51.37 -6.41 8.69
C ILE P 54 -50.86 -5.00 8.43
N SER P 55 -50.98 -4.56 7.18
CA SER P 55 -50.76 -3.16 6.83
C SER P 55 -52.06 -2.41 7.07
N SER P 56 -52.01 -1.39 7.93
CA SER P 56 -53.22 -0.63 8.24
C SER P 56 -53.78 0.02 6.99
N SER P 57 -52.93 0.73 6.24
CA SER P 57 -53.39 1.42 5.03
C SER P 57 -53.64 0.44 3.89
N SER P 58 -52.68 -0.45 3.63
CA SER P 58 -52.74 -1.31 2.46
C SER P 58 -53.75 -2.43 2.62
N GLY P 59 -54.04 -2.86 3.84
CA GLY P 59 -54.94 -3.97 4.07
C GLY P 59 -54.34 -5.34 3.87
N SER P 60 -53.10 -5.43 3.42
CA SER P 60 -52.45 -6.71 3.22
C SER P 60 -52.27 -7.43 4.56
N THR P 61 -52.41 -8.77 4.52
CA THR P 61 -52.34 -9.57 5.72
C THR P 61 -51.32 -10.68 5.57
N SER P 62 -50.77 -11.13 6.69
CA SER P 62 -49.87 -12.28 6.72
C SER P 62 -50.06 -13.00 8.05
N TYR P 63 -50.30 -14.32 7.98
CA TYR P 63 -50.63 -15.12 9.14
C TYR P 63 -49.55 -16.18 9.36
N ALA P 64 -49.49 -16.68 10.59
CA ALA P 64 -48.60 -17.78 10.91
C ALA P 64 -49.25 -19.10 10.48
N ASP P 65 -48.40 -20.08 10.15
CA ASP P 65 -48.91 -21.37 9.72
C ASP P 65 -49.68 -22.08 10.82
N SER P 66 -49.37 -21.77 12.08
CA SER P 66 -50.02 -22.47 13.19
C SER P 66 -51.47 -22.03 13.40
N VAL P 67 -51.85 -20.85 12.91
CA VAL P 67 -53.19 -20.33 13.14
C VAL P 67 -53.83 -19.89 11.84
N LYS P 68 -53.29 -20.36 10.71
CA LYS P 68 -53.83 -19.96 9.42
C LYS P 68 -55.27 -20.44 9.25
N GLY P 69 -56.11 -19.55 8.74
CA GLY P 69 -57.50 -19.88 8.50
C GLY P 69 -58.39 -19.73 9.72
N ARG P 70 -57.88 -20.08 10.89
CA ARG P 70 -58.69 -19.96 12.10
C ARG P 70 -58.76 -18.52 12.59
N PHE P 71 -57.63 -17.81 12.58
CA PHE P 71 -57.62 -16.41 12.96
C PHE P 71 -57.79 -15.52 11.73
N THR P 72 -58.13 -14.27 11.98
CA THR P 72 -58.31 -13.29 10.90
C THR P 72 -57.99 -11.90 11.44
N ILE P 73 -56.99 -11.25 10.85
CA ILE P 73 -56.58 -9.92 11.28
C ILE P 73 -57.18 -8.88 10.33
N SER P 74 -57.58 -7.74 10.88
CA SER P 74 -58.18 -6.67 10.11
C SER P 74 -57.78 -5.34 10.73
N ALA P 75 -58.13 -4.25 10.06
CA ALA P 75 -57.81 -2.92 10.57
C ALA P 75 -58.74 -1.90 9.94
N ASP P 76 -59.42 -1.14 10.79
CA ASP P 76 -60.29 -0.05 10.35
C ASP P 76 -59.56 1.26 10.63
N THR P 77 -59.23 1.98 9.56
CA THR P 77 -58.49 3.23 9.72
C THR P 77 -59.39 4.34 10.24
N SER P 78 -60.67 4.34 9.86
CA SER P 78 -61.61 5.32 10.41
C SER P 78 -61.78 5.13 11.91
N LYS P 79 -62.05 3.90 12.34
CA LYS P 79 -62.03 3.58 13.76
C LYS P 79 -60.64 3.68 14.35
N ASN P 80 -59.60 3.72 13.51
CA ASN P 80 -58.23 3.93 13.96
C ASN P 80 -57.79 2.80 14.89
N THR P 81 -58.05 1.57 14.46
CA THR P 81 -57.93 0.41 15.35
C THR P 81 -57.78 -0.87 14.52
N ALA P 82 -56.90 -1.76 14.98
CA ALA P 82 -56.75 -3.07 14.38
C ALA P 82 -57.50 -4.12 15.21
N TYR P 83 -57.76 -5.27 14.60
CA TYR P 83 -58.60 -6.30 15.20
C TYR P 83 -58.04 -7.67 14.87
N LEU P 84 -58.21 -8.59 15.81
CA LEU P 84 -57.87 -10.00 15.63
C LEU P 84 -59.09 -10.83 16.02
N GLN P 85 -59.75 -11.42 15.04
CA GLN P 85 -60.87 -12.32 15.26
C GLN P 85 -60.34 -13.75 15.36
N MET P 86 -60.74 -14.46 16.42
CA MET P 86 -60.21 -15.77 16.72
C MET P 86 -61.35 -16.77 16.79
N ASN P 87 -61.21 -17.87 16.04
CA ASN P 87 -62.25 -18.88 15.93
C ASN P 87 -61.64 -20.25 16.19
N SER P 88 -62.50 -21.19 16.60
CA SER P 88 -62.10 -22.56 16.90
C SER P 88 -61.00 -22.60 17.97
N LEU P 89 -61.15 -21.76 18.98
CA LEU P 89 -60.14 -21.64 20.02
C LEU P 89 -59.99 -22.96 20.79
N ARG P 90 -58.77 -23.23 21.24
CA ARG P 90 -58.42 -24.52 21.80
C ARG P 90 -57.55 -24.29 23.03
N ALA P 91 -56.97 -25.38 23.56
CA ALA P 91 -56.14 -25.28 24.75
C ALA P 91 -54.80 -24.62 24.44
N GLU P 92 -54.26 -24.84 23.23
CA GLU P 92 -53.00 -24.21 22.86
C GLU P 92 -53.12 -22.70 22.80
N ASP P 93 -54.28 -22.18 22.39
CA ASP P 93 -54.47 -20.75 22.20
C ASP P 93 -54.52 -19.97 23.51
N THR P 94 -54.54 -20.67 24.64
CA THR P 94 -54.53 -20.00 25.95
C THR P 94 -53.18 -19.31 26.14
N ALA P 95 -53.17 -17.98 26.05
CA ALA P 95 -51.92 -17.23 26.09
C ALA P 95 -52.21 -15.75 26.27
N VAL P 96 -51.16 -14.99 26.56
CA VAL P 96 -51.24 -13.53 26.62
C VAL P 96 -50.89 -13.00 25.24
N TYR P 97 -51.80 -12.23 24.65
CA TYR P 97 -51.60 -11.70 23.31
C TYR P 97 -51.21 -10.23 23.39
N TYR P 98 -50.24 -9.85 22.58
CA TYR P 98 -49.67 -8.51 22.55
C TYR P 98 -49.88 -7.90 21.18
N CYS P 99 -50.15 -6.59 21.17
CA CYS P 99 -50.30 -5.81 19.96
C CYS P 99 -49.06 -4.93 19.79
N ALA P 100 -48.48 -4.95 18.59
CA ALA P 100 -47.28 -4.18 18.31
C ALA P 100 -47.44 -3.44 16.99
N ARG P 101 -46.51 -2.54 16.70
CA ARG P 101 -46.54 -1.78 15.46
C ARG P 101 -45.14 -1.70 14.86
N THR P 102 -45.11 -1.38 13.58
CA THR P 102 -43.91 -0.87 12.89
C THR P 102 -44.34 0.36 12.13
N TYR P 103 -44.00 1.52 12.68
CA TYR P 103 -44.18 2.83 12.07
C TYR P 103 -42.81 3.31 11.65
N GLY P 104 -42.63 3.49 10.34
CA GLY P 104 -41.28 3.40 9.81
C GLY P 104 -40.77 4.43 8.82
N TRP P 105 -40.39 3.92 7.65
CA TRP P 105 -39.29 4.33 6.78
C TRP P 105 -37.99 3.82 7.35
N TYR P 106 -37.97 3.38 8.57
CA TYR P 106 -36.73 2.83 9.09
C TYR P 106 -36.95 1.53 9.83
N TYR P 107 -38.06 1.39 10.56
CA TYR P 107 -38.39 0.13 11.19
C TYR P 107 -39.14 -0.79 10.25
N SER P 108 -39.67 -0.25 9.15
CA SER P 108 -40.27 -1.07 8.12
C SER P 108 -39.22 -1.73 7.25
N TRP P 109 -38.09 -1.06 7.04
CA TRP P 109 -37.00 -1.69 6.32
C TRP P 109 -36.19 -2.61 7.24
N TRP P 110 -36.66 -2.83 8.47
CA TRP P 110 -36.07 -3.83 9.35
C TRP P 110 -37.09 -4.70 10.09
N TRP P 111 -38.38 -4.33 10.13
CA TRP P 111 -39.40 -5.11 10.84
C TRP P 111 -39.05 -5.24 12.34
N ALA P 112 -39.18 -4.10 13.01
CA ALA P 112 -38.43 -3.86 14.26
C ALA P 112 -38.78 -4.89 15.34
N PHE P 113 -40.03 -4.98 15.84
CA PHE P 113 -41.16 -4.04 15.83
C PHE P 113 -40.85 -2.97 16.89
N ASP P 114 -41.19 -1.71 16.62
CA ASP P 114 -40.71 -0.65 17.50
C ASP P 114 -41.48 -0.59 18.83
N TYR P 115 -42.80 -0.48 18.77
CA TYR P 115 -43.63 -0.32 19.96
C TYR P 115 -44.52 -1.54 20.16
N TRP P 116 -44.82 -1.82 21.43
CA TRP P 116 -45.56 -3.00 21.84
C TRP P 116 -46.70 -2.60 22.77
N GLY P 117 -47.89 -3.16 22.52
CA GLY P 117 -48.97 -3.00 23.46
C GLY P 117 -48.75 -3.80 24.73
N GLN P 118 -49.52 -3.47 25.76
CA GLN P 118 -49.20 -3.95 27.10
C GLN P 118 -49.59 -5.41 27.33
N GLY P 119 -50.54 -5.94 26.58
CA GLY P 119 -50.84 -7.35 26.70
C GLY P 119 -52.22 -7.59 27.29
N THR P 120 -52.87 -8.67 26.82
CA THR P 120 -54.15 -9.07 27.36
C THR P 120 -54.26 -10.60 27.33
N LEU P 121 -54.84 -11.17 28.37
CA LEU P 121 -54.87 -12.61 28.54
C LEU P 121 -56.09 -13.24 27.90
N VAL P 122 -55.90 -14.42 27.30
CA VAL P 122 -56.98 -15.21 26.71
C VAL P 122 -56.82 -16.62 27.27
N THR P 123 -57.69 -17.00 28.21
CA THR P 123 -57.71 -18.34 28.78
C THR P 123 -58.91 -19.10 28.22
N VAL P 124 -58.63 -20.22 27.57
CA VAL P 124 -59.66 -21.06 26.98
C VAL P 124 -59.92 -22.21 27.95
N SER P 125 -61.10 -22.20 28.58
CA SER P 125 -61.47 -23.21 29.56
C SER P 125 -62.97 -23.40 29.52
N SER P 126 -63.45 -24.36 30.31
CA SER P 126 -64.86 -24.71 30.38
C SER P 126 -65.57 -24.09 31.57
N ALA P 127 -64.92 -24.03 32.73
CA ALA P 127 -65.54 -23.55 33.95
C ALA P 127 -65.97 -22.09 33.80
N SER P 128 -66.79 -21.65 34.76
CA SER P 128 -67.44 -20.35 34.69
C SER P 128 -66.67 -19.30 35.48
N THR P 129 -67.04 -18.05 35.26
CA THR P 129 -66.40 -16.92 35.92
C THR P 129 -66.78 -16.89 37.41
N LYS P 130 -65.83 -16.46 38.23
CA LYS P 130 -66.08 -16.31 39.66
C LYS P 130 -65.33 -15.08 40.19
N GLY P 131 -66.01 -14.31 41.02
CA GLY P 131 -65.40 -13.18 41.69
C GLY P 131 -64.58 -13.61 42.89
N PRO P 132 -63.58 -12.82 43.24
CA PRO P 132 -62.71 -13.16 44.36
C PRO P 132 -63.27 -12.71 45.70
N SER P 133 -62.67 -13.24 46.77
CA SER P 133 -62.94 -12.83 48.13
C SER P 133 -61.71 -12.11 48.68
N VAL P 134 -61.93 -10.90 49.20
CA VAL P 134 -60.86 -10.02 49.66
C VAL P 134 -60.85 -10.06 51.19
N PHE P 135 -59.79 -10.61 51.76
CA PHE P 135 -59.68 -10.81 53.20
C PHE P 135 -58.46 -10.05 53.73
N PRO P 136 -58.63 -9.03 54.57
CA PRO P 136 -57.47 -8.33 55.11
C PRO P 136 -56.57 -9.24 55.92
N LEU P 137 -55.30 -8.85 56.04
CA LEU P 137 -54.28 -9.60 56.77
C LEU P 137 -53.75 -8.69 57.88
N ALA P 138 -54.04 -9.06 59.12
CA ALA P 138 -53.90 -8.17 60.26
C ALA P 138 -52.42 -7.98 60.64
N PRO P 139 -52.02 -6.75 60.96
CA PRO P 139 -50.66 -6.53 61.50
C PRO P 139 -50.50 -7.09 62.90
N SER P 140 -49.34 -6.87 63.51
CA SER P 140 -49.03 -7.43 64.83
C SER P 140 -49.02 -6.37 65.93
N SER P 141 -48.22 -5.33 65.78
CA SER P 141 -48.09 -4.31 66.83
C SER P 141 -49.09 -3.17 66.64
N GLY P 146 -41.01 2.88 63.96
CA GLY P 146 -40.83 3.55 62.68
C GLY P 146 -40.36 2.63 61.57
N GLY P 147 -40.80 1.38 61.64
CA GLY P 147 -40.43 0.41 60.62
C GLY P 147 -40.96 -0.96 61.00
N THR P 148 -40.81 -1.88 60.05
CA THR P 148 -41.15 -3.29 60.24
C THR P 148 -42.64 -3.44 60.59
N ALA P 149 -43.49 -3.10 59.63
CA ALA P 149 -44.93 -3.34 59.73
C ALA P 149 -45.38 -4.00 58.43
N ALA P 150 -45.41 -5.33 58.41
CA ALA P 150 -45.84 -6.08 57.24
C ALA P 150 -47.33 -6.36 57.36
N LEU P 151 -48.11 -5.78 56.45
CA LEU P 151 -49.55 -6.00 56.43
C LEU P 151 -49.99 -6.30 55.00
N GLY P 152 -51.28 -6.42 54.75
CA GLY P 152 -51.73 -6.60 53.39
C GLY P 152 -53.13 -7.17 53.34
N CYS P 153 -53.46 -7.77 52.19
CA CYS P 153 -54.73 -8.45 52.03
C CYS P 153 -54.57 -9.61 51.06
N LEU P 154 -55.34 -10.66 51.31
CA LEU P 154 -55.37 -11.86 50.51
C LEU P 154 -56.58 -11.85 49.60
N VAL P 155 -56.43 -12.44 48.42
CA VAL P 155 -57.47 -12.48 47.40
C VAL P 155 -57.64 -13.93 46.97
N LYS P 156 -58.74 -14.56 47.37
CA LYS P 156 -58.91 -16.00 47.25
C LYS P 156 -60.11 -16.33 46.36
N ASP P 157 -60.03 -17.50 45.71
CA ASP P 157 -61.19 -18.11 45.05
C ASP P 157 -61.73 -17.24 43.92
N TYR P 158 -60.89 -17.00 42.93
CA TYR P 158 -61.29 -16.32 41.71
C TYR P 158 -60.84 -17.13 40.50
N PHE P 159 -61.57 -16.97 39.40
CA PHE P 159 -61.29 -17.63 38.14
C PHE P 159 -62.11 -16.97 37.04
N PRO P 160 -61.50 -16.64 35.88
CA PRO P 160 -60.09 -16.86 35.53
C PRO P 160 -59.17 -15.71 35.95
N GLU P 161 -57.90 -15.82 35.55
CA GLU P 161 -56.94 -14.73 35.73
C GLU P 161 -57.40 -13.50 34.96
N PRO P 162 -56.87 -12.30 35.32
CA PRO P 162 -56.01 -11.95 36.46
C PRO P 162 -56.72 -11.10 37.51
N VAL P 163 -56.04 -10.83 38.61
CA VAL P 163 -56.49 -9.87 39.61
C VAL P 163 -55.49 -8.71 39.66
N THR P 164 -56.00 -7.50 39.51
CA THR P 164 -55.18 -6.29 39.50
C THR P 164 -55.28 -5.63 40.86
N VAL P 165 -54.25 -5.83 41.69
CA VAL P 165 -54.21 -5.30 43.04
C VAL P 165 -53.41 -4.02 43.07
N SER P 166 -53.91 -3.01 43.78
CA SER P 166 -53.17 -1.80 44.06
C SER P 166 -53.29 -1.45 45.53
N TRP P 167 -52.80 -0.28 45.92
CA TRP P 167 -52.90 0.18 47.31
C TRP P 167 -53.16 1.68 47.30
N ASN P 168 -54.34 2.07 47.79
CA ASN P 168 -54.75 3.47 47.87
C ASN P 168 -54.71 4.15 46.50
N SER P 169 -55.18 3.43 45.48
CA SER P 169 -55.25 3.95 44.11
C SER P 169 -53.88 4.40 43.62
N GLY P 170 -52.86 3.58 43.86
CA GLY P 170 -51.52 3.90 43.42
C GLY P 170 -50.75 4.85 44.31
N ALA P 171 -51.27 5.18 45.49
CA ALA P 171 -50.53 6.05 46.41
C ALA P 171 -49.40 5.30 47.10
N LEU P 172 -49.69 4.09 47.58
CA LEU P 172 -48.69 3.24 48.22
C LEU P 172 -48.14 2.28 47.17
N THR P 173 -46.94 2.58 46.66
CA THR P 173 -46.29 1.75 45.65
C THR P 173 -45.05 1.05 46.19
N SER P 174 -44.18 1.79 46.88
CA SER P 174 -42.94 1.19 47.40
C SER P 174 -43.26 0.24 48.54
N GLY P 175 -42.65 -0.94 48.51
CA GLY P 175 -42.84 -1.96 49.52
C GLY P 175 -43.86 -3.02 49.18
N VAL P 176 -44.57 -2.87 48.06
CA VAL P 176 -45.61 -3.82 47.68
C VAL P 176 -44.99 -5.05 47.06
N HIS P 177 -45.49 -6.23 47.43
CA HIS P 177 -45.02 -7.51 46.92
C HIS P 177 -46.19 -8.39 46.51
N THR P 178 -47.09 -7.84 45.69
CA THR P 178 -48.19 -8.61 45.14
C THR P 178 -47.70 -9.89 44.49
N PHE P 179 -48.12 -11.03 45.05
CA PHE P 179 -47.64 -12.34 44.65
C PHE P 179 -48.34 -12.84 43.39
N PRO P 180 -47.74 -13.80 42.69
CA PRO P 180 -48.46 -14.50 41.64
C PRO P 180 -49.42 -15.53 42.21
N ALA P 181 -50.42 -15.87 41.41
CA ALA P 181 -51.49 -16.75 41.89
C ALA P 181 -51.04 -18.21 41.90
N VAL P 182 -51.81 -19.02 42.63
CA VAL P 182 -51.64 -20.47 42.67
C VAL P 182 -53.01 -21.11 42.39
N LEU P 183 -53.02 -22.45 42.31
CA LEU P 183 -54.17 -23.15 41.75
C LEU P 183 -55.12 -23.72 42.81
N GLN P 184 -54.61 -24.19 43.95
CA GLN P 184 -55.44 -24.69 45.05
C GLN P 184 -56.48 -25.71 44.58
N SER P 185 -56.04 -26.96 44.40
CA SER P 185 -56.59 -27.98 43.50
C SER P 185 -58.07 -27.86 43.19
N SER P 186 -58.88 -27.37 44.13
CA SER P 186 -60.29 -27.07 43.90
C SER P 186 -60.53 -26.49 42.50
N GLY P 187 -59.70 -25.54 42.07
CA GLY P 187 -59.76 -25.04 40.71
C GLY P 187 -59.98 -23.55 40.60
N LEU P 188 -59.60 -22.81 41.65
CA LEU P 188 -59.73 -21.36 41.67
C LEU P 188 -58.38 -20.76 42.00
N TYR P 189 -58.17 -19.51 41.58
CA TYR P 189 -56.89 -18.88 41.85
C TYR P 189 -56.92 -18.13 43.18
N SER P 190 -55.76 -18.06 43.83
CA SER P 190 -55.67 -17.46 45.15
C SER P 190 -54.27 -16.88 45.33
N LEU P 191 -54.20 -15.58 45.58
CA LEU P 191 -52.93 -14.90 45.75
C LEU P 191 -52.97 -14.04 47.01
N SER P 192 -51.81 -13.50 47.37
CA SER P 192 -51.67 -12.57 48.47
C SER P 192 -51.17 -11.23 47.94
N SER P 193 -51.26 -10.20 48.77
CA SER P 193 -50.73 -8.89 48.43
C SER P 193 -50.27 -8.22 49.72
N VAL P 194 -48.96 -8.17 49.91
CA VAL P 194 -48.37 -7.66 51.15
C VAL P 194 -47.66 -6.34 50.86
N VAL P 195 -47.46 -5.58 51.92
CA VAL P 195 -46.73 -4.32 51.86
C VAL P 195 -46.15 -4.03 53.25
N THR P 196 -44.93 -3.49 53.26
CA THR P 196 -44.23 -3.15 54.48
C THR P 196 -44.22 -1.64 54.66
N VAL P 197 -44.51 -1.19 55.88
CA VAL P 197 -44.59 0.23 56.21
C VAL P 197 -43.93 0.46 57.57
N PRO P 198 -43.73 1.71 57.98
CA PRO P 198 -43.33 1.98 59.37
C PRO P 198 -44.47 1.65 60.32
N SER P 199 -44.15 0.95 61.42
CA SER P 199 -45.16 0.58 62.40
C SER P 199 -45.66 1.78 63.19
N SER P 200 -44.89 2.86 63.26
CA SER P 200 -45.32 4.05 63.99
C SER P 200 -46.43 4.79 63.26
N SER P 201 -46.64 4.51 61.97
CA SER P 201 -47.67 5.18 61.17
C SER P 201 -48.93 4.35 61.02
N LEU P 202 -49.18 3.41 61.94
CA LEU P 202 -50.42 2.63 61.93
C LEU P 202 -51.52 3.52 62.52
N GLY P 203 -52.05 4.39 61.68
CA GLY P 203 -53.03 5.37 62.10
C GLY P 203 -52.80 6.70 61.43
N THR P 204 -51.64 6.85 60.79
CA THR P 204 -51.32 8.08 60.07
C THR P 204 -51.93 8.06 58.67
N GLN P 205 -51.66 7.01 57.90
CA GLN P 205 -52.23 6.85 56.57
C GLN P 205 -53.25 5.72 56.57
N THR P 206 -54.21 5.82 55.65
CA THR P 206 -55.22 4.78 55.45
C THR P 206 -54.68 3.76 54.46
N TYR P 207 -54.81 2.48 54.80
CA TYR P 207 -54.22 1.39 54.03
C TYR P 207 -55.35 0.58 53.39
N ILE P 208 -55.69 0.95 52.15
CA ILE P 208 -56.73 0.27 51.38
C ILE P 208 -56.07 -0.42 50.19
N CYS P 209 -56.38 -1.70 50.01
CA CYS P 209 -55.94 -2.44 48.83
C CYS P 209 -57.09 -2.51 47.84
N ASN P 210 -56.89 -1.95 46.64
CA ASN P 210 -57.96 -1.77 45.67
C ASN P 210 -57.93 -2.95 44.69
N VAL P 211 -58.59 -4.04 45.08
CA VAL P 211 -58.63 -5.25 44.28
C VAL P 211 -59.63 -5.08 43.15
N ASN P 212 -59.33 -5.65 41.99
CA ASN P 212 -60.21 -5.60 40.84
C ASN P 212 -60.10 -6.91 40.07
N HIS P 213 -61.25 -7.37 39.57
CA HIS P 213 -61.33 -8.61 38.77
C HIS P 213 -62.34 -8.33 37.66
N LYS P 214 -61.81 -7.89 36.50
CA LYS P 214 -62.68 -7.47 35.41
C LYS P 214 -63.55 -8.58 34.81
N PRO P 215 -63.11 -9.84 34.72
CA PRO P 215 -64.03 -10.89 34.23
C PRO P 215 -65.32 -11.01 35.03
N SER P 216 -65.31 -10.60 36.30
CA SER P 216 -66.50 -10.67 37.14
C SER P 216 -66.92 -9.30 37.67
N ASN P 217 -66.28 -8.22 37.22
CA ASN P 217 -66.62 -6.85 37.61
C ASN P 217 -66.50 -6.64 39.11
N THR P 218 -65.66 -7.44 39.77
CA THR P 218 -65.53 -7.39 41.22
C THR P 218 -64.56 -6.27 41.59
N LYS P 219 -65.10 -5.05 41.72
CA LYS P 219 -64.32 -3.87 42.07
C LYS P 219 -64.50 -3.63 43.57
N VAL P 220 -63.55 -4.12 44.37
CA VAL P 220 -63.66 -4.14 45.81
C VAL P 220 -62.53 -3.31 46.42
N ASP P 221 -62.88 -2.49 47.40
CA ASP P 221 -61.92 -1.71 48.19
C ASP P 221 -62.03 -2.13 49.64
N LYS P 222 -60.91 -2.51 50.25
CA LYS P 222 -60.89 -2.97 51.63
C LYS P 222 -59.71 -2.37 52.36
N LYS P 223 -59.96 -1.78 53.52
CA LYS P 223 -58.90 -1.28 54.38
C LYS P 223 -58.40 -2.39 55.30
N VAL P 224 -57.14 -2.27 55.71
CA VAL P 224 -56.51 -3.19 56.63
C VAL P 224 -56.04 -2.41 57.84
N GLU P 225 -56.32 -2.94 59.04
CA GLU P 225 -55.95 -2.29 60.28
C GLU P 225 -55.87 -3.34 61.37
N PRO P 226 -55.01 -3.17 62.38
CA PRO P 226 -54.78 -4.17 63.44
C PRO P 226 -56.07 -4.60 64.15
N ASP Q 2 -39.03 -21.35 7.24
CA ASP Q 2 -38.19 -22.24 8.04
C ASP Q 2 -36.91 -21.55 8.49
N ILE Q 3 -36.98 -20.24 8.66
CA ILE Q 3 -35.84 -19.43 9.08
C ILE Q 3 -35.69 -19.60 10.59
N GLN Q 4 -34.75 -20.45 11.01
CA GLN Q 4 -34.62 -20.82 12.40
C GLN Q 4 -33.65 -19.90 13.14
N MET Q 5 -34.02 -19.54 14.37
CA MET Q 5 -33.21 -18.71 15.26
C MET Q 5 -32.99 -19.51 16.54
N THR Q 6 -31.74 -19.91 16.80
CA THR Q 6 -31.39 -20.68 17.98
C THR Q 6 -30.66 -19.75 18.96
N GLN Q 7 -31.32 -19.46 20.08
CA GLN Q 7 -30.79 -18.53 21.07
C GLN Q 7 -30.25 -19.30 22.26
N SER Q 8 -29.12 -18.83 22.80
CA SER Q 8 -28.42 -19.49 23.89
C SER Q 8 -27.73 -18.44 24.74
N PRO Q 9 -27.55 -18.69 26.05
CA PRO Q 9 -28.10 -19.86 26.76
C PRO Q 9 -29.56 -19.64 27.12
N SER Q 10 -30.20 -20.64 27.74
CA SER Q 10 -31.55 -20.45 28.22
C SER Q 10 -31.58 -19.58 29.47
N SER Q 11 -30.75 -19.92 30.45
CA SER Q 11 -30.67 -19.18 31.71
C SER Q 11 -29.22 -18.84 32.02
N LEU Q 12 -29.03 -17.74 32.75
CA LEU Q 12 -27.71 -17.33 33.20
C LEU Q 12 -27.86 -16.50 34.46
N SER Q 13 -26.84 -16.57 35.32
CA SER Q 13 -26.83 -15.80 36.57
C SER Q 13 -25.45 -15.17 36.72
N ALA Q 14 -25.41 -13.85 36.69
CA ALA Q 14 -24.16 -13.11 36.87
C ALA Q 14 -24.39 -11.96 37.85
N SER Q 15 -23.34 -11.64 38.61
CA SER Q 15 -23.43 -10.59 39.60
C SER Q 15 -23.56 -9.23 38.92
N VAL Q 16 -23.86 -8.21 39.74
CA VAL Q 16 -24.01 -6.85 39.22
C VAL Q 16 -22.66 -6.35 38.73
N GLY Q 17 -22.64 -5.81 37.51
CA GLY Q 17 -21.44 -5.31 36.90
C GLY Q 17 -20.76 -6.28 35.95
N ASP Q 18 -21.08 -7.57 36.04
CA ASP Q 18 -20.50 -8.55 35.15
C ASP Q 18 -20.92 -8.29 33.71
N ARG Q 19 -20.22 -8.93 32.78
CA ARG Q 19 -20.43 -8.72 31.35
C ARG Q 19 -21.19 -9.93 30.80
N VAL Q 20 -22.41 -9.67 30.30
CA VAL Q 20 -23.33 -10.72 29.87
C VAL Q 20 -23.31 -10.82 28.36
N THR Q 21 -23.24 -12.05 27.85
CA THR Q 21 -23.27 -12.32 26.42
C THR Q 21 -24.40 -13.30 26.09
N ILE Q 22 -25.12 -13.01 25.01
CA ILE Q 22 -26.24 -13.84 24.54
C ILE Q 22 -26.05 -14.07 23.06
N THR Q 23 -26.01 -15.34 22.66
CA THR Q 23 -25.81 -15.73 21.28
C THR Q 23 -27.15 -16.09 20.64
N CYS Q 24 -27.31 -15.76 19.36
CA CYS Q 24 -28.49 -16.15 18.59
C CYS Q 24 -28.03 -16.45 17.18
N ARG Q 25 -28.12 -17.72 16.77
CA ARG Q 25 -27.64 -18.15 15.48
C ARG Q 25 -28.80 -18.35 14.52
N ALA Q 26 -28.71 -17.73 13.35
CA ALA Q 26 -29.64 -17.96 12.25
C ALA Q 26 -29.12 -19.09 11.37
N SER Q 27 -30.01 -19.62 10.53
CA SER Q 27 -29.67 -20.75 9.68
C SER Q 27 -29.12 -20.35 8.31
N GLN Q 28 -29.14 -19.06 7.97
CA GLN Q 28 -28.60 -18.61 6.69
C GLN Q 28 -28.31 -17.12 6.78
N SER Q 29 -27.74 -16.57 5.71
CA SER Q 29 -27.37 -15.16 5.65
C SER Q 29 -28.63 -14.30 5.59
N VAL Q 30 -28.96 -13.67 6.71
CA VAL Q 30 -30.14 -12.84 6.91
C VAL Q 30 -29.66 -11.43 7.19
N SER Q 31 -28.64 -11.00 6.45
CA SER Q 31 -27.47 -10.29 6.95
C SER Q 31 -27.70 -9.47 8.21
N SER Q 32 -28.71 -8.60 8.24
CA SER Q 32 -28.87 -7.78 9.45
C SER Q 32 -30.31 -7.65 9.91
N ALA Q 33 -31.19 -8.57 9.53
CA ALA Q 33 -32.60 -8.46 9.89
C ALA Q 33 -32.88 -8.66 11.37
N VAL Q 34 -31.86 -8.93 12.18
CA VAL Q 34 -32.07 -9.40 13.55
C VAL Q 34 -32.36 -8.22 14.47
N ALA Q 35 -33.23 -8.46 15.44
CA ALA Q 35 -33.53 -7.49 16.50
C ALA Q 35 -33.41 -8.18 17.85
N TRP Q 36 -33.25 -7.36 18.88
CA TRP Q 36 -33.09 -7.82 20.26
C TRP Q 36 -34.07 -7.08 21.16
N TYR Q 37 -34.70 -7.84 22.06
CA TYR Q 37 -35.79 -7.37 22.90
C TYR Q 37 -35.56 -7.72 24.37
N GLN Q 38 -35.88 -6.76 25.23
CA GLN Q 38 -35.95 -6.95 26.67
C GLN Q 38 -37.42 -7.07 27.08
N GLN Q 39 -37.74 -8.06 27.90
CA GLN Q 39 -39.08 -8.23 28.44
C GLN Q 39 -38.97 -8.47 29.94
N LYS Q 40 -39.47 -7.53 30.72
CA LYS Q 40 -39.60 -7.72 32.15
C LYS Q 40 -40.90 -8.47 32.45
N PRO Q 41 -40.94 -9.27 33.52
CA PRO Q 41 -42.00 -10.27 33.65
C PRO Q 41 -43.41 -9.67 33.61
N GLY Q 42 -44.29 -10.35 32.88
CA GLY Q 42 -45.67 -9.94 32.75
C GLY Q 42 -45.91 -8.63 32.03
N LYS Q 43 -44.86 -7.96 31.57
CA LYS Q 43 -44.98 -6.66 30.92
C LYS Q 43 -44.75 -6.79 29.42
N ALA Q 44 -44.85 -5.68 28.73
CA ALA Q 44 -44.70 -5.68 27.28
C ALA Q 44 -43.21 -5.77 26.91
N PRO Q 45 -42.89 -6.53 25.86
CA PRO Q 45 -41.51 -6.51 25.34
C PRO Q 45 -41.16 -5.12 24.83
N LYS Q 46 -39.89 -4.77 24.97
CA LYS Q 46 -39.37 -3.49 24.48
C LYS Q 46 -38.20 -3.74 23.55
N LEU Q 47 -38.10 -2.90 22.53
CA LEU Q 47 -37.06 -3.05 21.52
C LEU Q 47 -35.74 -2.49 22.05
N LEU Q 48 -34.73 -3.35 22.14
CA LEU Q 48 -33.38 -2.89 22.45
C LEU Q 48 -32.59 -2.58 21.18
N ILE Q 49 -32.50 -3.53 20.27
CA ILE Q 49 -31.61 -3.43 19.13
C ILE Q 49 -32.38 -3.76 17.85
N TYR Q 50 -32.20 -2.93 16.83
CA TYR Q 50 -32.63 -3.26 15.47
C TYR Q 50 -31.43 -3.20 14.56
N SER Q 51 -31.57 -3.78 13.36
CA SER Q 51 -30.48 -3.94 12.40
C SER Q 51 -29.33 -4.78 12.96
N ALA Q 52 -29.54 -5.42 14.12
CA ALA Q 52 -28.61 -6.35 14.76
C ALA Q 52 -27.40 -5.63 15.35
N SER Q 53 -27.25 -4.35 15.03
CA SER Q 53 -26.20 -3.49 15.59
C SER Q 53 -26.75 -2.16 16.09
N SER Q 54 -27.75 -1.60 15.42
CA SER Q 54 -28.24 -0.27 15.74
C SER Q 54 -29.07 -0.30 17.02
N LEU Q 55 -28.89 0.72 17.85
CA LEU Q 55 -29.51 0.79 19.17
C LEU Q 55 -30.75 1.66 19.13
N TYR Q 56 -31.86 1.13 19.65
CA TYR Q 56 -33.12 1.85 19.65
C TYR Q 56 -33.04 3.09 20.51
N SER Q 57 -33.65 4.19 20.04
CA SER Q 57 -33.58 5.47 20.72
C SER Q 57 -34.12 5.38 22.14
N GLY Q 58 -33.25 5.54 23.12
CA GLY Q 58 -33.63 5.46 24.53
C GLY Q 58 -33.02 4.31 25.29
N VAL Q 59 -32.28 3.42 24.63
CA VAL Q 59 -31.66 2.27 25.29
C VAL Q 59 -30.34 2.71 25.91
N PRO Q 60 -30.01 2.24 27.11
CA PRO Q 60 -28.71 2.60 27.71
C PRO Q 60 -27.53 2.11 26.87
N SER Q 61 -26.39 2.74 27.10
CA SER Q 61 -25.20 2.47 26.28
C SER Q 61 -24.60 1.09 26.58
N ARG Q 62 -24.95 0.48 27.70
CA ARG Q 62 -24.38 -0.81 28.06
C ARG Q 62 -24.89 -1.96 27.19
N PHE Q 63 -25.98 -1.76 26.44
CA PHE Q 63 -26.47 -2.76 25.51
C PHE Q 63 -25.84 -2.55 24.15
N SER Q 64 -25.30 -3.62 23.56
CA SER Q 64 -24.70 -3.54 22.24
C SER Q 64 -25.00 -4.81 21.46
N GLY Q 65 -25.09 -4.66 20.14
CA GLY Q 65 -25.34 -5.78 19.25
C GLY Q 65 -24.25 -5.98 18.22
N SER Q 66 -23.81 -7.22 18.05
CA SER Q 66 -22.71 -7.56 17.16
C SER Q 66 -23.11 -8.72 16.27
N ARG Q 67 -22.33 -8.93 15.21
CA ARG Q 67 -22.63 -9.92 14.18
C ARG Q 67 -21.37 -10.64 13.75
N SER Q 68 -21.48 -11.97 13.54
CA SER Q 68 -20.42 -12.75 12.89
C SER Q 68 -21.06 -13.68 11.85
N GLY Q 69 -21.29 -13.14 10.66
CA GLY Q 69 -21.71 -13.94 9.53
C GLY Q 69 -23.12 -14.48 9.63
N THR Q 70 -23.32 -15.44 10.54
CA THR Q 70 -24.62 -16.05 10.77
C THR Q 70 -24.96 -16.10 12.26
N ASP Q 71 -24.17 -15.43 13.10
CA ASP Q 71 -24.26 -15.57 14.54
C ASP Q 71 -24.28 -14.18 15.16
N PHE Q 72 -25.42 -13.79 15.73
CA PHE Q 72 -25.63 -12.46 16.28
C PHE Q 72 -25.47 -12.53 17.79
N THR Q 73 -25.10 -11.41 18.39
CA THR Q 73 -24.76 -11.41 19.82
C THR Q 73 -25.23 -10.14 20.49
N LEU Q 74 -25.92 -10.30 21.61
CA LEU Q 74 -26.29 -9.19 22.49
C LEU Q 74 -25.36 -9.18 23.68
N THR Q 75 -24.71 -8.04 23.93
CA THR Q 75 -23.75 -7.91 25.02
C THR Q 75 -24.17 -6.78 25.95
N ILE Q 76 -24.21 -7.09 27.23
CA ILE Q 76 -24.43 -6.12 28.30
C ILE Q 76 -23.10 -5.91 29.00
N SER Q 77 -22.57 -4.70 28.92
CA SER Q 77 -21.23 -4.43 29.45
C SER Q 77 -21.21 -4.53 30.97
N SER Q 78 -22.00 -3.70 31.65
CA SER Q 78 -22.11 -3.72 33.11
C SER Q 78 -23.53 -4.10 33.48
N LEU Q 79 -23.72 -5.34 33.91
CA LEU Q 79 -25.05 -5.84 34.25
C LEU Q 79 -25.61 -5.08 35.44
N GLN Q 80 -26.75 -4.45 35.26
CA GLN Q 80 -27.43 -3.71 36.31
C GLN Q 80 -28.55 -4.55 36.89
N PRO Q 81 -28.95 -4.29 38.14
CA PRO Q 81 -30.00 -5.13 38.75
C PRO Q 81 -31.35 -4.99 38.08
N GLU Q 82 -31.64 -3.85 37.46
CA GLU Q 82 -32.89 -3.70 36.71
C GLU Q 82 -32.84 -4.38 35.34
N ASP Q 83 -31.67 -4.84 34.91
CA ASP Q 83 -31.54 -5.59 33.66
C ASP Q 83 -32.03 -7.03 33.80
N PHE Q 84 -32.50 -7.43 34.98
CA PHE Q 84 -33.21 -8.69 35.14
C PHE Q 84 -34.42 -8.74 34.22
N ALA Q 85 -34.39 -9.63 33.23
CA ALA Q 85 -35.46 -9.73 32.25
C ALA Q 85 -35.27 -11.04 31.49
N THR Q 86 -36.06 -11.19 30.42
CA THR Q 86 -35.86 -12.22 29.42
C THR Q 86 -35.61 -11.52 28.09
N TYR Q 87 -34.59 -11.97 27.36
CA TYR Q 87 -34.16 -11.33 26.13
C TYR Q 87 -34.44 -12.24 24.95
N TYR Q 88 -35.00 -11.66 23.89
CA TYR Q 88 -35.40 -12.40 22.70
C TYR Q 88 -34.75 -11.82 21.46
N CYS Q 89 -34.27 -12.71 20.59
CA CYS Q 89 -33.76 -12.33 19.28
C CYS Q 89 -34.81 -12.65 18.21
N GLN Q 90 -34.88 -11.79 17.20
CA GLN Q 90 -35.97 -11.81 16.23
C GLN Q 90 -35.43 -11.91 14.81
N GLN Q 91 -36.26 -12.47 13.92
CA GLN Q 91 -36.04 -12.42 12.48
C GLN Q 91 -36.82 -11.21 11.93
N GLY Q 92 -36.94 -11.09 10.61
CA GLY Q 92 -37.73 -10.01 10.05
C GLY Q 92 -38.14 -10.22 8.61
N ASP Q 93 -39.44 -10.09 8.36
CA ASP Q 93 -40.03 -10.24 7.03
C ASP Q 93 -41.52 -9.90 7.20
N PRO Q 94 -42.18 -9.33 6.19
CA PRO Q 94 -43.65 -9.25 6.27
C PRO Q 94 -44.33 -10.61 6.30
N ARG Q 95 -43.83 -11.57 5.54
CA ARG Q 95 -44.52 -12.83 5.35
C ARG Q 95 -44.24 -13.86 6.44
N LEU Q 96 -43.25 -13.61 7.32
CA LEU Q 96 -42.93 -14.56 8.38
C LEU Q 96 -42.03 -13.87 9.39
N VAL Q 97 -42.30 -14.14 10.67
CA VAL Q 97 -41.51 -13.60 11.78
C VAL Q 97 -41.31 -14.71 12.80
N THR Q 98 -40.05 -14.98 13.16
CA THR Q 98 -39.71 -15.93 14.19
C THR Q 98 -38.85 -15.27 15.26
N PHE Q 99 -38.99 -15.76 16.48
CA PHE Q 99 -38.21 -15.30 17.62
C PHE Q 99 -37.27 -16.41 18.08
N GLY Q 100 -36.40 -16.05 19.01
CA GLY Q 100 -35.56 -17.03 19.66
C GLY Q 100 -36.25 -17.67 20.85
N GLN Q 101 -35.64 -18.74 21.36
CA GLN Q 101 -36.19 -19.41 22.53
C GLN Q 101 -36.17 -18.52 23.76
N GLY Q 102 -35.32 -17.50 23.79
CA GLY Q 102 -35.25 -16.59 24.90
C GLY Q 102 -34.09 -16.91 25.83
N THR Q 103 -33.62 -15.87 26.52
CA THR Q 103 -32.56 -16.01 27.52
C THR Q 103 -32.95 -15.21 28.75
N LYS Q 104 -33.16 -15.90 29.87
CA LYS Q 104 -33.53 -15.25 31.11
C LYS Q 104 -32.27 -14.87 31.87
N VAL Q 105 -32.08 -13.58 32.12
CA VAL Q 105 -30.91 -13.08 32.82
C VAL Q 105 -31.28 -12.89 34.29
N GLU Q 106 -30.63 -13.67 35.16
CA GLU Q 106 -30.83 -13.60 36.59
C GLU Q 106 -29.66 -12.88 37.25
N ILE Q 107 -29.97 -12.11 38.29
CA ILE Q 107 -28.98 -11.31 39.01
C ILE Q 107 -28.47 -12.11 40.20
N LYS Q 108 -27.18 -11.96 40.50
CA LYS Q 108 -26.58 -12.59 41.67
C LYS Q 108 -26.12 -11.51 42.64
N ARG Q 109 -26.41 -11.74 43.92
CA ARG Q 109 -26.03 -10.81 44.98
C ARG Q 109 -25.74 -11.60 46.24
N THR Q 110 -25.27 -10.90 47.27
CA THR Q 110 -24.84 -11.56 48.49
C THR Q 110 -26.02 -12.21 49.22
N VAL Q 111 -25.70 -13.01 50.23
CA VAL Q 111 -26.73 -13.73 50.97
C VAL Q 111 -27.61 -12.73 51.72
N ALA Q 112 -28.92 -12.97 51.72
CA ALA Q 112 -29.87 -12.08 52.37
C ALA Q 112 -30.86 -12.91 53.18
N ALA Q 113 -30.99 -12.57 54.46
CA ALA Q 113 -31.94 -13.25 55.35
C ALA Q 113 -33.32 -12.60 55.23
N PRO Q 114 -34.38 -13.40 55.24
CA PRO Q 114 -35.72 -12.86 55.02
C PRO Q 114 -36.32 -12.23 56.28
N SER Q 115 -37.12 -11.19 56.06
CA SER Q 115 -38.01 -10.69 57.09
C SER Q 115 -39.21 -11.62 57.17
N VAL Q 116 -39.39 -12.27 58.32
CA VAL Q 116 -40.39 -13.32 58.48
C VAL Q 116 -41.58 -12.77 59.24
N PHE Q 117 -42.78 -13.08 58.76
CA PHE Q 117 -44.02 -12.63 59.39
C PHE Q 117 -45.05 -13.74 59.30
N ILE Q 118 -46.07 -13.65 60.16
CA ILE Q 118 -47.18 -14.59 60.15
C ILE Q 118 -48.47 -13.79 60.34
N PHE Q 119 -49.53 -14.25 59.67
CA PHE Q 119 -50.82 -13.58 59.67
C PHE Q 119 -51.92 -14.51 60.14
N PRO Q 120 -52.82 -14.04 60.99
CA PRO Q 120 -53.95 -14.87 61.42
C PRO Q 120 -55.04 -14.87 60.35
N PRO Q 121 -55.88 -15.91 60.33
CA PRO Q 121 -57.01 -15.91 59.40
C PRO Q 121 -57.95 -14.73 59.69
N SER Q 122 -58.53 -14.21 58.61
CA SER Q 122 -59.39 -13.03 58.73
C SER Q 122 -60.65 -13.35 59.51
N ASP Q 123 -61.27 -12.30 60.05
CA ASP Q 123 -62.52 -12.47 60.78
C ASP Q 123 -63.64 -12.97 59.88
N SER Q 124 -63.82 -12.31 58.72
CA SER Q 124 -64.84 -12.74 57.77
C SER Q 124 -64.44 -14.03 57.06
N GLN Q 125 -63.17 -14.41 57.11
CA GLN Q 125 -62.75 -15.67 56.50
C GLN Q 125 -63.23 -16.87 57.30
N LEU Q 126 -63.31 -16.73 58.62
CA LEU Q 126 -63.84 -17.81 59.45
C LEU Q 126 -65.32 -18.06 59.18
N LYS Q 127 -66.01 -17.12 58.54
CA LYS Q 127 -67.41 -17.30 58.16
C LYS Q 127 -67.58 -18.26 57.00
N SER Q 128 -66.50 -18.64 56.33
CA SER Q 128 -66.56 -19.57 55.21
C SER Q 128 -66.42 -21.02 55.63
N GLY Q 129 -66.10 -21.28 56.90
CA GLY Q 129 -65.80 -22.63 57.34
C GLY Q 129 -64.41 -23.11 56.99
N THR Q 130 -63.56 -22.24 56.47
CA THR Q 130 -62.20 -22.59 56.09
C THR Q 130 -61.31 -21.38 56.30
N ALA Q 131 -60.15 -21.58 56.90
CA ALA Q 131 -59.23 -20.51 57.25
C ALA Q 131 -57.87 -20.75 56.59
N SER Q 132 -57.08 -19.69 56.52
CA SER Q 132 -55.76 -19.74 55.92
C SER Q 132 -54.78 -18.94 56.77
N VAL Q 133 -53.59 -19.51 56.96
CA VAL Q 133 -52.51 -18.86 57.71
C VAL Q 133 -51.41 -18.50 56.71
N VAL Q 134 -51.03 -17.23 56.70
CA VAL Q 134 -50.09 -16.70 55.71
C VAL Q 134 -48.75 -16.45 56.39
N CYS Q 135 -47.71 -17.16 55.94
CA CYS Q 135 -46.36 -16.94 56.42
C CYS Q 135 -45.57 -16.23 55.32
N LEU Q 136 -45.08 -15.03 55.62
CA LEU Q 136 -44.41 -14.16 54.66
C LEU Q 136 -42.91 -14.15 54.89
N LEU Q 137 -42.15 -14.22 53.80
CA LEU Q 137 -40.69 -14.19 53.80
C LEU Q 137 -40.27 -13.12 52.81
N ASN Q 138 -39.86 -11.95 53.29
CA ASN Q 138 -39.62 -10.80 52.43
C ASN Q 138 -38.13 -10.52 52.27
N ASN Q 139 -37.73 -10.19 51.04
CA ASN Q 139 -36.42 -9.59 50.75
C ASN Q 139 -35.27 -10.51 51.20
N PHE Q 140 -35.19 -11.67 50.53
CA PHE Q 140 -34.14 -12.63 50.79
C PHE Q 140 -33.52 -13.11 49.48
N TYR Q 141 -32.37 -13.77 49.60
CA TYR Q 141 -31.64 -14.35 48.48
C TYR Q 141 -30.70 -15.41 49.04
N PRO Q 142 -30.54 -16.57 48.39
CA PRO Q 142 -31.15 -16.98 47.11
C PRO Q 142 -32.62 -17.39 47.21
N ARG Q 143 -33.15 -17.94 46.12
CA ARG Q 143 -34.56 -18.30 46.07
C ARG Q 143 -34.87 -19.51 46.96
N GLU Q 144 -33.90 -20.38 47.17
CA GLU Q 144 -34.12 -21.57 47.99
C GLU Q 144 -34.39 -21.17 49.44
N ALA Q 145 -35.50 -21.67 49.99
CA ALA Q 145 -35.84 -21.49 51.39
C ALA Q 145 -36.59 -22.74 51.85
N LYS Q 146 -36.99 -22.75 53.12
CA LYS Q 146 -37.75 -23.86 53.66
C LYS Q 146 -38.69 -23.33 54.74
N VAL Q 147 -39.99 -23.51 54.52
CA VAL Q 147 -41.03 -23.10 55.46
C VAL Q 147 -41.71 -24.35 55.99
N GLN Q 148 -41.61 -24.58 57.29
CA GLN Q 148 -42.23 -25.70 57.96
C GLN Q 148 -43.41 -25.18 58.78
N TRP Q 149 -44.47 -25.97 58.87
CA TRP Q 149 -45.65 -25.57 59.63
C TRP Q 149 -45.78 -26.40 60.90
N LYS Q 150 -46.31 -25.78 61.95
CA LYS Q 150 -46.47 -26.41 63.26
C LYS Q 150 -47.80 -25.97 63.85
N VAL Q 151 -48.75 -26.90 63.94
CA VAL Q 151 -50.03 -26.66 64.60
C VAL Q 151 -50.05 -27.52 65.85
N ASP Q 152 -50.05 -26.87 67.01
CA ASP Q 152 -49.86 -27.56 68.30
C ASP Q 152 -48.55 -28.35 68.30
N ASN Q 153 -47.50 -27.74 67.74
CA ASN Q 153 -46.20 -28.37 67.53
C ASN Q 153 -46.31 -29.72 66.82
N ALA Q 154 -47.25 -29.81 65.88
CA ALA Q 154 -47.38 -30.97 65.00
C ALA Q 154 -47.13 -30.52 63.58
N LEU Q 155 -46.16 -31.13 62.92
CA LEU Q 155 -45.74 -30.67 61.60
C LEU Q 155 -46.77 -31.02 60.54
N GLN Q 156 -46.91 -30.13 59.56
CA GLN Q 156 -47.95 -30.22 58.54
C GLN Q 156 -47.34 -30.61 57.19
N SER Q 157 -48.19 -31.18 56.34
CA SER Q 157 -47.79 -31.57 54.99
C SER Q 157 -49.01 -31.89 54.14
N GLY Q 158 -49.06 -31.33 52.92
CA GLY Q 158 -50.17 -31.54 52.03
C GLY Q 158 -51.28 -30.51 52.10
N ASN Q 159 -51.14 -29.49 52.95
CA ASN Q 159 -52.16 -28.48 53.14
C ASN Q 159 -51.61 -27.06 53.01
N SER Q 160 -50.37 -26.89 52.54
CA SER Q 160 -49.78 -25.57 52.35
C SER Q 160 -49.28 -25.47 50.91
N GLN Q 161 -49.27 -24.24 50.40
CA GLN Q 161 -48.77 -23.94 49.08
C GLN Q 161 -47.92 -22.67 49.15
N GLU Q 162 -46.93 -22.58 48.28
CA GLU Q 162 -45.98 -21.49 48.34
C GLU Q 162 -45.90 -20.78 47.00
N SER Q 163 -45.82 -19.45 47.07
CA SER Q 163 -45.71 -18.59 45.90
C SER Q 163 -44.54 -17.64 46.05
N VAL Q 164 -43.70 -17.57 45.02
CA VAL Q 164 -42.48 -16.76 45.04
C VAL Q 164 -42.58 -15.69 43.95
N THR Q 165 -42.22 -14.46 44.31
CA THR Q 165 -42.24 -13.36 43.36
C THR Q 165 -41.01 -13.42 42.45
N GLU Q 166 -41.04 -12.61 41.40
CA GLU Q 166 -39.87 -12.44 40.55
C GLU Q 166 -38.84 -11.56 41.26
N GLN Q 167 -37.60 -11.69 40.82
CA GLN Q 167 -36.49 -10.98 41.45
C GLN Q 167 -36.66 -9.48 41.25
N ASP Q 168 -36.43 -8.72 42.32
CA ASP Q 168 -36.81 -7.31 42.34
C ASP Q 168 -35.86 -6.47 41.48
N SER Q 169 -36.33 -5.27 41.13
CA SER Q 169 -35.61 -4.43 40.17
C SER Q 169 -34.40 -3.75 40.80
N LYS Q 170 -34.51 -3.26 42.02
CA LYS Q 170 -33.44 -2.46 42.61
C LYS Q 170 -32.53 -3.25 43.55
N ASP Q 171 -33.09 -4.09 44.43
CA ASP Q 171 -32.28 -4.84 45.38
C ASP Q 171 -32.08 -6.30 44.99
N SER Q 172 -32.85 -6.80 44.00
CA SER Q 172 -32.69 -8.15 43.47
C SER Q 172 -32.84 -9.20 44.57
N THR Q 173 -33.98 -9.15 45.25
CA THR Q 173 -34.30 -10.08 46.33
C THR Q 173 -35.66 -10.72 46.05
N TYR Q 174 -35.94 -11.80 46.77
CA TYR Q 174 -37.14 -12.60 46.55
C TYR Q 174 -38.12 -12.44 47.70
N SER Q 175 -39.39 -12.72 47.41
CA SER Q 175 -40.44 -12.74 48.41
C SER Q 175 -41.24 -14.02 48.27
N LEU Q 176 -41.63 -14.60 49.40
CA LEU Q 176 -42.31 -15.89 49.43
C LEU Q 176 -43.54 -15.79 50.33
N SER Q 177 -44.63 -16.42 49.88
CA SER Q 177 -45.88 -16.46 50.62
C SER Q 177 -46.30 -17.92 50.75
N SER Q 178 -46.39 -18.39 51.99
CA SER Q 178 -46.81 -19.77 52.28
C SER Q 178 -48.21 -19.70 52.89
N THR Q 179 -49.20 -20.18 52.13
CA THR Q 179 -50.59 -20.19 52.59
C THR Q 179 -50.93 -21.59 53.08
N LEU Q 180 -51.40 -21.67 54.33
CA LEU Q 180 -51.78 -22.91 54.98
C LEU Q 180 -53.30 -22.95 55.10
N THR Q 181 -53.93 -23.83 54.33
CA THR Q 181 -55.38 -23.95 54.31
C THR Q 181 -55.83 -25.04 55.28
N LEU Q 182 -56.80 -24.70 56.14
CA LEU Q 182 -57.32 -25.64 57.13
C LEU Q 182 -58.81 -25.42 57.31
N SER Q 183 -59.57 -26.51 57.38
CA SER Q 183 -60.98 -26.41 57.73
C SER Q 183 -61.12 -25.79 59.11
N LYS Q 184 -62.20 -25.02 59.29
CA LYS Q 184 -62.38 -24.28 60.53
C LYS Q 184 -62.47 -25.22 61.74
N ALA Q 185 -62.90 -26.46 61.52
CA ALA Q 185 -62.92 -27.46 62.59
C ALA Q 185 -61.54 -27.63 63.20
N ASP Q 186 -60.57 -28.06 62.38
CA ASP Q 186 -59.21 -28.20 62.87
C ASP Q 186 -58.59 -26.88 63.29
N TYR Q 187 -59.12 -25.75 62.81
CA TYR Q 187 -58.62 -24.45 63.24
C TYR Q 187 -59.00 -24.19 64.70
N GLU Q 188 -60.28 -24.40 65.04
CA GLU Q 188 -60.71 -24.13 66.41
C GLU Q 188 -60.28 -25.24 67.37
N LYS Q 189 -60.09 -26.46 66.88
CA LYS Q 189 -59.67 -27.56 67.75
C LYS Q 189 -58.26 -27.37 68.28
N HIS Q 190 -57.46 -26.49 67.67
CA HIS Q 190 -56.08 -26.31 68.05
C HIS Q 190 -55.83 -24.86 68.43
N LYS Q 191 -54.69 -24.63 69.09
CA LYS Q 191 -54.39 -23.37 69.74
C LYS Q 191 -53.10 -22.71 69.26
N VAL Q 192 -52.04 -23.49 69.06
CA VAL Q 192 -50.72 -22.96 68.72
C VAL Q 192 -50.52 -23.08 67.21
N TYR Q 193 -50.14 -21.97 66.57
CA TYR Q 193 -49.83 -21.96 65.14
C TYR Q 193 -48.48 -21.30 64.94
N ALA Q 194 -47.63 -21.92 64.12
CA ALA Q 194 -46.29 -21.38 63.90
C ALA Q 194 -45.77 -21.79 62.54
N CYS Q 195 -45.00 -20.89 61.93
CA CYS Q 195 -44.23 -21.20 60.73
C CYS Q 195 -42.76 -20.98 61.00
N GLU Q 196 -41.94 -21.95 60.61
CA GLU Q 196 -40.51 -22.00 60.90
C GLU Q 196 -39.75 -21.89 59.59
N VAL Q 197 -38.97 -20.82 59.45
CA VAL Q 197 -38.18 -20.57 58.24
C VAL Q 197 -36.77 -21.08 58.49
N THR Q 198 -36.31 -21.96 57.61
CA THR Q 198 -34.94 -22.50 57.63
C THR Q 198 -34.26 -22.02 56.35
N HIS Q 199 -33.65 -20.83 56.42
CA HIS Q 199 -33.03 -20.20 55.28
C HIS Q 199 -31.52 -20.23 55.42
N GLN Q 200 -30.83 -20.08 54.28
CA GLN Q 200 -29.37 -20.12 54.28
C GLN Q 200 -28.77 -18.98 55.09
N GLY Q 201 -29.34 -17.79 54.98
CA GLY Q 201 -28.81 -16.61 55.65
C GLY Q 201 -29.17 -16.51 57.11
N LEU Q 202 -29.57 -17.64 57.72
CA LEU Q 202 -29.95 -17.67 59.12
C LEU Q 202 -29.15 -18.76 59.83
N SER Q 203 -28.69 -18.45 61.05
CA SER Q 203 -27.96 -19.43 61.84
C SER Q 203 -28.92 -20.47 62.43
N SER Q 204 -29.94 -20.01 63.16
CA SER Q 204 -30.96 -20.87 63.72
C SER Q 204 -32.29 -20.60 63.04
N PRO Q 205 -33.03 -21.63 62.66
CA PRO Q 205 -34.32 -21.42 61.98
C PRO Q 205 -35.27 -20.58 62.82
N VAL Q 206 -35.72 -19.47 62.24
CA VAL Q 206 -36.52 -18.49 62.96
C VAL Q 206 -38.00 -18.81 62.78
N THR Q 207 -38.74 -18.78 63.88
CA THR Q 207 -40.14 -19.17 63.88
C THR Q 207 -41.02 -17.99 64.28
N LYS Q 208 -42.18 -17.87 63.64
CA LYS Q 208 -43.18 -16.88 64.00
C LYS Q 208 -44.50 -17.58 64.27
N SER Q 209 -45.16 -17.19 65.36
CA SER Q 209 -46.29 -17.95 65.88
C SER Q 209 -47.37 -17.02 66.42
N PHE Q 210 -48.58 -17.59 66.54
CA PHE Q 210 -49.68 -16.96 67.27
C PHE Q 210 -50.50 -18.07 67.93
N ASN Q 211 -51.50 -17.67 68.71
CA ASN Q 211 -52.24 -18.60 69.58
C ASN Q 211 -53.72 -18.25 69.58
N ARG Q 212 -54.50 -19.04 68.83
CA ARG Q 212 -55.97 -18.96 68.90
C ARG Q 212 -56.58 -20.37 68.86
N PRO R 12 -64.76 12.42 -19.65
CA PRO R 12 -64.21 12.06 -20.96
C PRO R 12 -63.90 10.58 -21.07
N GLY R 13 -62.92 10.24 -21.90
CA GLY R 13 -62.44 8.87 -21.98
C GLY R 13 -61.29 8.64 -21.03
N ILE R 14 -61.43 9.09 -19.78
CA ILE R 14 -60.36 8.98 -18.79
C ILE R 14 -60.19 7.57 -18.27
N ALA R 15 -61.12 6.66 -18.56
CA ALA R 15 -60.90 5.25 -18.28
C ALA R 15 -60.08 4.58 -19.37
N TRP R 16 -60.11 5.12 -20.59
CA TRP R 16 -59.19 4.70 -21.64
C TRP R 16 -57.75 5.01 -21.28
N ILE R 17 -57.53 5.89 -20.30
CA ILE R 17 -56.19 6.16 -19.79
C ILE R 17 -55.71 5.00 -18.93
N ALA R 18 -56.56 4.54 -18.01
CA ALA R 18 -56.18 3.48 -17.08
C ALA R 18 -55.78 2.20 -17.79
N LEU R 19 -56.17 2.02 -19.05
CA LEU R 19 -55.67 0.89 -19.84
C LEU R 19 -54.15 0.91 -19.89
N LEU R 20 -53.57 2.08 -20.16
CA LEU R 20 -52.11 2.21 -20.22
C LEU R 20 -51.47 1.90 -18.87
N LEU R 21 -52.09 2.34 -17.78
CA LEU R 21 -51.54 2.07 -16.46
C LEU R 21 -51.60 0.58 -16.13
N LEU R 22 -52.68 -0.09 -16.53
CA LEU R 22 -52.72 -1.53 -16.37
C LEU R 22 -51.70 -2.24 -17.25
N VAL R 23 -51.41 -1.68 -18.42
CA VAL R 23 -50.35 -2.26 -19.26
C VAL R 23 -49.01 -2.14 -18.56
N ILE R 24 -48.75 -1.01 -17.91
CA ILE R 24 -47.49 -0.83 -17.18
C ILE R 24 -47.42 -1.77 -15.99
N PHE R 25 -48.50 -1.86 -15.21
CA PHE R 25 -48.58 -2.87 -14.16
C PHE R 25 -48.27 -4.26 -14.72
N TYR R 26 -48.84 -4.60 -15.86
CA TYR R 26 -48.66 -5.92 -16.44
C TYR R 26 -47.20 -6.17 -16.80
N VAL R 27 -46.56 -5.21 -17.47
CA VAL R 27 -45.19 -5.44 -17.93
C VAL R 27 -44.25 -5.54 -16.74
N PHE R 28 -44.41 -4.66 -15.74
CA PHE R 28 -43.53 -4.76 -14.58
C PHE R 28 -43.86 -5.98 -13.72
N ALA R 29 -45.10 -6.47 -13.74
CA ALA R 29 -45.42 -7.69 -13.02
C ALA R 29 -44.80 -8.89 -13.70
N VAL R 30 -44.82 -8.92 -15.03
CA VAL R 30 -44.12 -9.99 -15.75
C VAL R 30 -42.63 -9.92 -15.48
N MET R 31 -42.07 -8.71 -15.41
CA MET R 31 -40.66 -8.56 -15.04
C MET R 31 -40.39 -9.14 -13.66
N GLY R 32 -41.18 -8.73 -12.67
CA GLY R 32 -41.00 -9.25 -11.32
C GLY R 32 -41.18 -10.75 -11.24
N THR R 33 -42.07 -11.30 -12.06
CA THR R 33 -42.24 -12.75 -12.11
C THR R 33 -41.00 -13.42 -12.67
N LYS R 34 -40.49 -12.89 -13.79
CA LYS R 34 -39.30 -13.48 -14.41
C LYS R 34 -38.08 -13.36 -13.49
N LEU R 35 -38.03 -12.33 -12.65
CA LEU R 35 -36.85 -12.06 -11.85
C LEU R 35 -36.88 -12.76 -10.48
N PHE R 36 -38.05 -12.78 -9.81
CA PHE R 36 -38.11 -13.09 -8.40
C PHE R 36 -38.99 -14.27 -8.05
N ALA R 37 -39.57 -14.97 -9.04
CA ALA R 37 -40.53 -16.03 -8.73
C ALA R 37 -39.85 -17.18 -7.99
N GLN R 38 -38.69 -17.62 -8.48
CA GLN R 38 -38.00 -18.75 -7.86
C GLN R 38 -37.59 -18.43 -6.42
N SER R 39 -37.22 -17.18 -6.15
CA SER R 39 -36.66 -16.81 -4.85
C SER R 39 -37.68 -16.23 -3.89
N PHE R 40 -38.70 -15.53 -4.39
CA PHE R 40 -39.75 -14.94 -3.55
C PHE R 40 -41.10 -15.38 -4.12
N PRO R 41 -41.51 -16.61 -3.85
CA PRO R 41 -42.73 -17.12 -4.50
C PRO R 41 -44.00 -16.44 -4.02
N GLU R 42 -44.10 -16.13 -2.73
CA GLU R 42 -45.34 -15.54 -2.23
C GLU R 42 -45.55 -14.13 -2.78
N TRP R 43 -44.47 -13.43 -3.13
CA TRP R 43 -44.56 -12.07 -3.64
C TRP R 43 -44.55 -11.98 -5.16
N PHE R 44 -43.89 -12.92 -5.83
CA PHE R 44 -43.75 -12.85 -7.29
C PHE R 44 -43.92 -14.20 -7.97
N GLY R 45 -44.49 -15.19 -7.29
CA GLY R 45 -44.60 -16.53 -7.88
C GLY R 45 -45.65 -16.64 -8.96
N THR R 46 -46.65 -15.75 -8.96
CA THR R 46 -47.67 -15.71 -9.99
C THR R 46 -47.78 -14.29 -10.52
N LEU R 47 -48.48 -14.14 -11.66
CA LEU R 47 -48.73 -12.81 -12.18
C LEU R 47 -49.58 -12.00 -11.22
N GLY R 48 -50.56 -12.63 -10.58
CA GLY R 48 -51.35 -11.94 -9.58
C GLY R 48 -50.50 -11.49 -8.41
N ALA R 49 -49.60 -12.35 -7.94
CA ALA R 49 -48.74 -11.99 -6.82
C ALA R 49 -47.84 -10.81 -7.19
N SER R 50 -47.32 -10.80 -8.42
CA SER R 50 -46.48 -9.69 -8.85
C SER R 50 -47.27 -8.40 -8.96
N MET R 51 -48.47 -8.46 -9.55
CA MET R 51 -49.36 -7.30 -9.58
C MET R 51 -49.58 -6.75 -8.16
N TYR R 52 -49.93 -7.65 -7.23
CA TYR R 52 -50.26 -7.23 -5.88
C TYR R 52 -49.05 -6.63 -5.18
N THR R 53 -47.88 -7.26 -5.35
CA THR R 53 -46.67 -6.76 -4.72
C THR R 53 -46.26 -5.41 -5.29
N LEU R 54 -46.40 -5.22 -6.60
CA LEU R 54 -46.11 -3.92 -7.19
C LEU R 54 -47.05 -2.86 -6.66
N PHE R 55 -48.34 -3.19 -6.51
CA PHE R 55 -49.28 -2.24 -5.92
C PHE R 55 -48.86 -1.88 -4.49
N GLN R 56 -48.50 -2.90 -3.71
CA GLN R 56 -48.10 -2.65 -2.32
C GLN R 56 -46.84 -1.79 -2.25
N VAL R 57 -45.91 -1.99 -3.17
CA VAL R 57 -44.73 -1.14 -3.21
C VAL R 57 -45.08 0.28 -3.63
N MET R 58 -46.00 0.41 -4.60
CA MET R 58 -46.42 1.73 -5.05
C MET R 58 -47.13 2.50 -3.95
N THR R 59 -47.75 1.79 -2.99
CA THR R 59 -48.36 2.47 -1.85
C THR R 59 -47.33 3.29 -1.08
N LEU R 60 -46.07 2.86 -1.06
CA LEU R 60 -45.00 3.52 -0.33
C LEU R 60 -45.35 3.64 1.16
N GLU R 61 -45.63 2.47 1.75
CA GLU R 61 -46.06 2.38 3.13
C GLU R 61 -45.15 1.41 3.88
N SER R 62 -45.54 1.03 5.10
CA SER R 62 -44.73 0.11 5.89
C SER R 62 -44.50 -1.20 5.15
N TRP R 63 -45.59 -1.86 4.73
CA TRP R 63 -45.47 -3.05 3.89
C TRP R 63 -44.62 -2.83 2.65
N SER R 64 -44.60 -1.61 2.10
CA SER R 64 -43.78 -1.38 0.91
C SER R 64 -42.30 -1.63 1.21
N MET R 65 -41.76 -0.96 2.23
CA MET R 65 -40.37 -1.18 2.60
C MET R 65 -40.14 -2.60 3.12
N GLY R 66 -41.15 -3.18 3.77
CA GLY R 66 -41.02 -4.54 4.22
C GLY R 66 -40.84 -5.52 3.07
N ILE R 67 -41.59 -5.33 1.99
CA ILE R 67 -41.39 -6.13 0.79
C ILE R 67 -40.02 -5.84 0.19
N ALA R 68 -39.63 -4.57 0.20
CA ALA R 68 -38.42 -4.16 -0.50
C ALA R 68 -37.17 -4.80 0.12
N ARG R 69 -37.05 -4.76 1.44
CA ARG R 69 -35.77 -5.11 2.06
C ARG R 69 -35.27 -6.52 1.74
N PRO R 70 -36.08 -7.59 1.78
CA PRO R 70 -35.49 -8.92 1.53
C PRO R 70 -35.18 -9.11 0.06
N VAL R 71 -35.98 -8.51 -0.81
CA VAL R 71 -35.74 -8.61 -2.25
C VAL R 71 -34.41 -7.96 -2.59
N ILE R 72 -34.08 -6.86 -1.91
CA ILE R 72 -32.81 -6.18 -2.19
C ILE R 72 -31.65 -6.89 -1.50
N GLU R 73 -31.86 -7.45 -0.31
CA GLU R 73 -30.81 -8.26 0.30
C GLU R 73 -30.46 -9.45 -0.57
N ALA R 74 -31.47 -10.10 -1.14
CA ALA R 74 -31.21 -11.24 -2.01
C ALA R 74 -30.63 -10.81 -3.34
N TYR R 75 -31.22 -9.78 -3.96
CA TYR R 75 -30.75 -9.26 -5.24
C TYR R 75 -30.56 -7.76 -5.07
N PRO R 76 -29.32 -7.31 -4.84
CA PRO R 76 -29.11 -5.87 -4.59
C PRO R 76 -29.54 -4.99 -5.75
N TRP R 77 -29.41 -5.47 -6.99
CA TRP R 77 -29.87 -4.70 -8.15
C TRP R 77 -31.38 -4.47 -8.14
N ALA R 78 -32.14 -5.26 -7.36
CA ALA R 78 -33.60 -5.22 -7.44
C ALA R 78 -34.16 -3.81 -7.26
N TRP R 79 -33.42 -2.94 -6.58
CA TRP R 79 -33.92 -1.58 -6.36
C TRP R 79 -34.22 -0.89 -7.69
N ILE R 80 -33.31 -1.01 -8.66
CA ILE R 80 -33.51 -0.35 -9.95
C ILE R 80 -34.73 -0.91 -10.64
N TYR R 81 -35.16 -2.12 -10.28
CA TYR R 81 -36.48 -2.61 -10.65
C TYR R 81 -37.56 -1.72 -10.05
N PHE R 82 -37.68 -1.74 -8.72
CA PHE R 82 -38.76 -1.03 -8.05
C PHE R 82 -38.78 0.43 -8.45
N VAL R 83 -37.63 1.10 -8.32
CA VAL R 83 -37.53 2.52 -8.65
C VAL R 83 -38.04 2.79 -10.06
N SER R 84 -37.61 1.95 -11.02
CA SER R 84 -38.06 2.16 -12.39
C SER R 84 -39.57 2.04 -12.50
N PHE R 85 -40.15 1.03 -11.84
CA PHE R 85 -41.59 0.91 -11.80
C PHE R 85 -42.25 2.16 -11.25
N ILE R 86 -41.62 2.78 -10.24
CA ILE R 86 -42.19 3.99 -9.67
C ILE R 86 -41.98 5.17 -10.61
N LEU R 87 -40.87 5.18 -11.35
CA LEU R 87 -40.60 6.30 -12.25
C LEU R 87 -41.41 6.19 -13.53
N VAL R 88 -41.22 5.09 -14.27
CA VAL R 88 -41.90 4.88 -15.54
C VAL R 88 -43.40 5.13 -15.39
N SER R 89 -43.98 4.64 -14.30
CA SER R 89 -45.39 4.91 -14.03
C SER R 89 -45.63 6.41 -13.87
N SER R 90 -44.99 7.02 -12.87
CA SER R 90 -45.32 8.40 -12.51
C SER R 90 -45.04 9.37 -13.66
N PHE R 91 -44.01 9.10 -14.46
CA PHE R 91 -43.69 9.99 -15.57
C PHE R 91 -44.60 9.79 -16.77
N THR R 92 -45.27 8.64 -16.89
CA THR R 92 -46.34 8.54 -17.87
C THR R 92 -47.49 9.45 -17.47
N VAL R 93 -48.05 9.22 -16.27
CA VAL R 93 -49.20 9.99 -15.79
C VAL R 93 -48.95 11.47 -15.98
N LEU R 94 -47.90 11.99 -15.34
CA LEU R 94 -47.55 13.40 -15.48
C LEU R 94 -47.53 13.82 -16.94
N ASN R 95 -46.76 13.11 -17.76
CA ASN R 95 -46.69 13.48 -19.17
C ASN R 95 -48.08 13.43 -19.80
N LEU R 96 -48.79 12.32 -19.61
CA LEU R 96 -50.18 12.27 -20.06
C LEU R 96 -50.98 13.41 -19.45
N PHE R 97 -50.82 13.62 -18.15
CA PHE R 97 -51.57 14.66 -17.46
C PHE R 97 -51.19 16.04 -17.96
N ILE R 98 -49.98 16.19 -18.53
CA ILE R 98 -49.56 17.49 -19.04
C ILE R 98 -49.96 17.65 -20.50
N GLY R 99 -50.34 16.57 -21.17
CA GLY R 99 -50.80 16.67 -22.55
C GLY R 99 -52.25 17.06 -22.63
N ILE R 100 -53.06 16.49 -21.73
CA ILE R 100 -54.47 16.84 -21.66
C ILE R 100 -54.64 18.36 -21.58
N ILE R 101 -53.86 19.00 -20.73
CA ILE R 101 -53.95 20.45 -20.54
C ILE R 101 -53.73 21.18 -21.86
N ILE R 102 -52.82 20.69 -22.70
CA ILE R 102 -52.65 21.33 -24.00
C ILE R 102 -53.79 20.94 -24.95
N GLU R 103 -54.26 19.70 -24.88
CA GLU R 103 -55.40 19.31 -25.69
C GLU R 103 -56.73 19.79 -25.10
N SER R 104 -56.70 20.43 -23.93
CA SER R 104 -57.87 21.08 -23.37
C SER R 104 -57.89 22.58 -23.59
N MET R 105 -56.75 23.17 -23.89
CA MET R 105 -56.62 24.60 -24.19
C MET R 105 -56.91 24.91 -25.67
N GLN R 106 -57.44 23.95 -26.42
CA GLN R 106 -57.80 24.21 -27.82
C GLN R 106 -59.30 24.37 -28.01
N SER R 107 -60.07 24.43 -26.92
CA SER R 107 -61.52 24.39 -26.99
C SER R 107 -62.16 25.76 -27.23
N ALA R 108 -61.37 26.81 -27.47
CA ALA R 108 -61.96 28.08 -27.88
C ALA R 108 -62.70 27.90 -29.21
N HIS R 109 -62.08 27.16 -30.15
CA HIS R 109 -62.75 26.72 -31.37
C HIS R 109 -64.07 26.03 -31.03
N HIS R 110 -64.16 25.29 -29.92
CA HIS R 110 -65.43 24.63 -29.68
C HIS R 110 -66.49 25.65 -29.27
N ALA R 111 -66.07 26.68 -28.54
CA ALA R 111 -67.02 27.73 -28.17
C ALA R 111 -67.58 28.39 -29.42
N GLU R 112 -66.72 28.66 -30.40
CA GLU R 112 -67.21 29.13 -31.69
C GLU R 112 -68.15 28.11 -32.32
N ASP R 113 -67.81 26.82 -32.22
CA ASP R 113 -68.67 25.77 -32.75
C ASP R 113 -70.10 25.92 -32.25
N GLY R 114 -70.27 25.92 -30.93
CA GLY R 114 -71.60 26.13 -30.37
C GLY R 114 -72.26 27.41 -30.86
N GLU R 115 -71.47 28.48 -30.99
CA GLU R 115 -72.06 29.73 -31.45
C GLU R 115 -72.48 29.65 -32.91
N ARG R 116 -71.75 28.88 -33.72
CA ARG R 116 -72.19 28.60 -35.08
C ARG R 116 -73.37 27.65 -35.11
N THR R 117 -73.57 26.88 -34.04
CA THR R 117 -74.79 26.08 -33.93
C THR R 117 -76.00 26.98 -33.71
N ASP R 118 -75.87 27.98 -32.84
CA ASP R 118 -76.95 28.92 -32.57
C ASP R 118 -77.40 29.61 -33.85
N ALA R 119 -76.49 30.41 -34.43
CA ALA R 119 -76.86 31.29 -35.54
C ALA R 119 -77.40 30.51 -36.72
N TYR R 120 -76.71 29.44 -37.12
CA TYR R 120 -77.13 28.75 -38.33
C TYR R 120 -78.49 28.08 -38.10
N ARG R 121 -78.80 27.73 -36.85
CA ARG R 121 -80.08 27.07 -36.59
C ARG R 121 -81.23 28.05 -36.42
N ASP R 122 -80.95 29.35 -36.46
CA ASP R 122 -81.99 30.29 -36.88
C ASP R 122 -82.29 30.09 -38.36
N GLU R 123 -81.25 30.12 -39.20
CA GLU R 123 -81.42 30.03 -40.64
C GLU R 123 -82.10 28.75 -41.08
N VAL R 124 -82.23 27.76 -40.20
CA VAL R 124 -82.97 26.56 -40.57
C VAL R 124 -84.47 26.81 -40.47
N GLU S 4 -11.35 -18.18 -49.44
CA GLU S 4 -12.43 -17.75 -50.31
C GLU S 4 -12.56 -16.23 -50.34
N VAL S 5 -12.25 -15.59 -49.21
CA VAL S 5 -12.29 -14.13 -49.10
C VAL S 5 -11.05 -13.60 -49.82
N GLN S 6 -11.23 -13.16 -51.07
CA GLN S 6 -10.11 -12.85 -51.93
C GLN S 6 -10.36 -11.56 -52.71
N LEU S 7 -9.27 -11.04 -53.25
CA LEU S 7 -9.26 -9.83 -54.08
C LEU S 7 -8.52 -10.21 -55.37
N VAL S 8 -9.26 -10.47 -56.44
CA VAL S 8 -8.67 -10.84 -57.72
C VAL S 8 -8.46 -9.56 -58.50
N GLU S 9 -7.20 -9.21 -58.76
CA GLU S 9 -6.90 -7.98 -59.47
C GLU S 9 -6.27 -8.29 -60.84
N SER S 10 -6.49 -7.37 -61.77
CA SER S 10 -6.05 -7.53 -63.15
C SER S 10 -6.02 -6.16 -63.81
N GLY S 11 -5.63 -6.14 -65.09
CA GLY S 11 -5.62 -4.92 -65.86
C GLY S 11 -4.27 -4.27 -66.04
N GLY S 12 -3.20 -4.85 -65.50
CA GLY S 12 -1.88 -4.29 -65.63
C GLY S 12 -1.12 -4.86 -66.80
N GLY S 13 0.14 -4.44 -66.91
CA GLY S 13 1.00 -4.94 -67.97
C GLY S 13 1.93 -3.89 -68.53
N LEU S 14 1.91 -3.73 -69.86
CA LEU S 14 2.77 -2.78 -70.55
C LEU S 14 1.95 -1.58 -71.00
N VAL S 15 2.56 -0.39 -70.91
CA VAL S 15 1.92 0.84 -71.35
C VAL S 15 3.02 1.84 -71.70
N GLN S 16 2.77 2.65 -72.74
CA GLN S 16 3.76 3.61 -73.20
C GLN S 16 3.78 4.84 -72.30
N PRO S 17 4.93 5.49 -72.15
CA PRO S 17 5.02 6.68 -71.29
C PRO S 17 4.05 7.77 -71.72
N GLY S 18 3.52 8.48 -70.73
CA GLY S 18 2.45 9.43 -70.99
C GLY S 18 1.10 8.81 -71.28
N GLY S 19 0.99 7.49 -71.16
CA GLY S 19 -0.25 6.78 -71.46
C GLY S 19 -1.14 6.65 -70.25
N SER S 20 -2.03 5.64 -70.31
CA SER S 20 -3.00 5.41 -69.26
C SER S 20 -3.23 3.92 -69.12
N LEU S 21 -3.76 3.54 -67.95
CA LEU S 21 -3.99 2.13 -67.67
C LEU S 21 -4.99 1.99 -66.54
N ARG S 22 -5.87 0.99 -66.63
CA ARG S 22 -6.92 0.75 -65.65
C ARG S 22 -6.64 -0.54 -64.90
N LEU S 23 -6.72 -0.48 -63.58
CA LEU S 23 -6.54 -1.65 -62.72
C LEU S 23 -7.85 -1.99 -62.04
N SER S 24 -8.25 -3.25 -62.13
CA SER S 24 -9.48 -3.72 -61.51
C SER S 24 -9.14 -4.65 -60.36
N CYS S 25 -9.91 -4.55 -59.28
CA CYS S 25 -9.75 -5.39 -58.09
C CYS S 25 -11.14 -5.87 -57.68
N ALA S 26 -11.51 -7.06 -58.11
CA ALA S 26 -12.82 -7.64 -57.81
C ALA S 26 -12.73 -8.37 -56.48
N ALA S 27 -13.59 -7.96 -55.54
CA ALA S 27 -13.67 -8.61 -54.24
C ALA S 27 -14.64 -9.78 -54.29
N SER S 28 -14.36 -10.81 -53.50
CA SER S 28 -15.23 -11.97 -53.46
C SER S 28 -15.14 -12.61 -52.09
N GLY S 29 -16.31 -12.93 -51.50
CA GLY S 29 -16.36 -13.69 -50.28
C GLY S 29 -16.66 -12.91 -49.02
N PHE S 30 -16.57 -11.57 -49.06
CA PHE S 30 -16.86 -10.75 -47.90
C PHE S 30 -17.81 -9.63 -48.31
N ASN S 31 -18.12 -8.75 -47.35
CA ASN S 31 -18.98 -7.59 -47.60
C ASN S 31 -18.11 -6.46 -48.15
N PHE S 32 -18.25 -6.19 -49.44
CA PHE S 32 -17.39 -5.20 -50.09
C PHE S 32 -17.70 -3.79 -49.61
N SER S 33 -18.99 -3.44 -49.51
CA SER S 33 -19.37 -2.07 -49.16
C SER S 33 -18.79 -1.65 -47.82
N SER S 34 -18.91 -2.52 -46.81
CA SER S 34 -18.47 -2.19 -45.47
C SER S 34 -16.96 -2.04 -45.35
N SER S 35 -16.20 -2.46 -46.35
CA SER S 35 -14.74 -2.44 -46.29
C SER S 35 -14.18 -1.18 -46.96
N SER S 36 -12.89 -0.97 -46.74
CA SER S 36 -12.12 0.00 -47.50
C SER S 36 -11.13 -0.74 -48.39
N ILE S 37 -10.86 -0.18 -49.57
CA ILE S 37 -9.98 -0.81 -50.54
C ILE S 37 -8.78 0.10 -50.78
N HIS S 38 -7.62 -0.52 -51.01
CA HIS S 38 -6.34 0.17 -50.99
C HIS S 38 -5.51 -0.28 -52.18
N TRP S 39 -4.82 0.66 -52.81
CA TRP S 39 -3.79 0.37 -53.79
C TRP S 39 -2.45 0.80 -53.23
N VAL S 40 -1.50 -0.14 -53.18
CA VAL S 40 -0.16 0.07 -52.64
C VAL S 40 0.85 -0.49 -53.62
N ARG S 41 1.86 0.30 -53.98
CA ARG S 41 2.79 -0.10 -55.02
C ARG S 41 4.17 -0.38 -54.46
N GLN S 42 4.89 -1.25 -55.17
CA GLN S 42 6.26 -1.61 -54.82
C GLN S 42 7.08 -1.61 -56.11
N ALA S 43 8.00 -0.66 -56.24
CA ALA S 43 8.88 -0.71 -57.39
C ALA S 43 9.95 -1.77 -57.16
N PRO S 44 10.43 -2.42 -58.23
CA PRO S 44 11.43 -3.47 -58.05
C PRO S 44 12.69 -2.95 -57.37
N GLY S 45 12.93 -3.42 -56.15
CA GLY S 45 14.08 -2.98 -55.38
C GLY S 45 13.82 -1.88 -54.38
N LYS S 46 12.60 -1.76 -53.86
CA LYS S 46 12.31 -0.81 -52.80
C LYS S 46 11.21 -1.39 -51.92
N GLY S 47 10.86 -0.65 -50.87
CA GLY S 47 9.80 -1.03 -49.96
C GLY S 47 8.43 -0.73 -50.53
N LEU S 48 7.44 -0.85 -49.66
CA LEU S 48 6.06 -0.59 -50.05
C LEU S 48 5.78 0.90 -50.06
N GLU S 49 4.90 1.32 -50.97
CA GLU S 49 4.50 2.72 -51.11
C GLU S 49 2.99 2.78 -51.25
N TRP S 50 2.35 3.51 -50.33
CA TRP S 50 0.90 3.68 -50.41
C TRP S 50 0.54 4.58 -51.58
N VAL S 51 -0.47 4.17 -52.35
CA VAL S 51 -0.95 4.93 -53.50
C VAL S 51 -2.30 5.58 -53.21
N ALA S 52 -3.31 4.78 -52.88
CA ALA S 52 -4.64 5.36 -52.71
C ALA S 52 -5.50 4.45 -51.83
N SER S 53 -6.56 5.04 -51.29
CA SER S 53 -7.53 4.32 -50.48
C SER S 53 -8.91 4.91 -50.71
N ILE S 54 -9.93 4.05 -50.59
CA ILE S 54 -11.30 4.45 -50.86
C ILE S 54 -12.23 3.66 -49.97
N SER S 55 -13.31 4.29 -49.52
CA SER S 55 -14.40 3.60 -48.85
C SER S 55 -15.35 3.08 -49.92
N SER S 56 -15.57 1.77 -49.95
CA SER S 56 -16.43 1.18 -50.97
C SER S 56 -17.84 1.73 -50.88
N SER S 57 -18.41 1.71 -49.67
CA SER S 57 -19.77 2.20 -49.49
C SER S 57 -19.83 3.73 -49.53
N SER S 58 -18.95 4.39 -48.78
CA SER S 58 -19.05 5.84 -48.62
C SER S 58 -18.58 6.59 -49.87
N GLY S 59 -17.70 5.99 -50.66
CA GLY S 59 -17.16 6.67 -51.82
C GLY S 59 -16.05 7.66 -51.54
N SER S 60 -15.73 7.90 -50.27
CA SER S 60 -14.65 8.83 -49.93
C SER S 60 -13.31 8.30 -50.43
N THR S 61 -12.45 9.22 -50.86
CA THR S 61 -11.16 8.87 -51.43
C THR S 61 -10.03 9.60 -50.71
N SER S 62 -8.85 8.99 -50.73
CA SER S 62 -7.64 9.62 -50.21
C SER S 62 -6.46 9.15 -51.04
N TYR S 63 -5.67 10.10 -51.54
CA TYR S 63 -4.56 9.81 -52.44
C TYR S 63 -3.25 10.23 -51.81
N ALA S 64 -2.17 9.63 -52.31
CA ALA S 64 -0.83 10.03 -51.89
C ALA S 64 -0.41 11.29 -52.64
N ASP S 65 0.44 12.09 -51.98
CA ASP S 65 0.90 13.33 -52.60
C ASP S 65 1.72 13.07 -53.86
N SER S 66 2.34 11.90 -53.97
CA SER S 66 3.19 11.62 -55.12
C SER S 66 2.40 11.35 -56.38
N VAL S 67 1.13 10.96 -56.27
CA VAL S 67 0.33 10.61 -57.44
C VAL S 67 -1.00 11.36 -57.44
N LYS S 68 -1.07 12.44 -56.67
CA LYS S 68 -2.31 13.21 -56.58
C LYS S 68 -2.67 13.80 -57.94
N GLY S 69 -3.94 13.69 -58.31
CA GLY S 69 -4.42 14.26 -59.55
C GLY S 69 -4.21 13.38 -60.76
N ARG S 70 -3.07 12.67 -60.80
CA ARG S 70 -2.81 11.79 -61.94
C ARG S 70 -3.58 10.49 -61.83
N PHE S 71 -3.62 9.89 -60.64
CA PHE S 71 -4.38 8.68 -60.42
C PHE S 71 -5.79 9.01 -59.92
N THR S 72 -6.68 8.04 -60.03
CA THR S 72 -8.06 8.21 -59.57
C THR S 72 -8.60 6.85 -59.14
N ILE S 73 -8.99 6.74 -57.87
CA ILE S 73 -9.52 5.49 -57.33
C ILE S 73 -11.03 5.58 -57.28
N SER S 74 -11.69 4.45 -57.57
CA SER S 74 -13.15 4.38 -57.58
C SER S 74 -13.57 2.99 -57.12
N ALA S 75 -14.88 2.81 -56.93
CA ALA S 75 -15.39 1.52 -56.50
C ALA S 75 -16.85 1.41 -56.87
N ASP S 76 -17.20 0.36 -57.61
CA ASP S 76 -18.58 0.07 -57.98
C ASP S 76 -19.04 -1.09 -57.10
N THR S 77 -20.03 -0.83 -56.25
CA THR S 77 -20.51 -1.85 -55.34
C THR S 77 -21.39 -2.87 -56.07
N SER S 78 -22.14 -2.44 -57.09
CA SER S 78 -22.91 -3.37 -57.90
C SER S 78 -21.99 -4.34 -58.62
N LYS S 79 -20.98 -3.80 -59.33
CA LYS S 79 -19.94 -4.65 -59.90
C LYS S 79 -19.10 -5.32 -58.83
N ASN S 80 -19.17 -4.84 -57.59
CA ASN S 80 -18.49 -5.48 -56.45
C ASN S 80 -16.98 -5.47 -56.67
N THR S 81 -16.45 -4.30 -57.05
CA THR S 81 -15.08 -4.21 -57.53
C THR S 81 -14.58 -2.77 -57.41
N ALA S 82 -13.32 -2.62 -56.99
CA ALA S 82 -12.67 -1.33 -56.96
C ALA S 82 -11.77 -1.16 -58.19
N TYR S 83 -11.41 0.09 -58.47
CA TYR S 83 -10.69 0.43 -59.68
C TYR S 83 -9.67 1.53 -59.40
N LEU S 84 -8.55 1.45 -60.12
CA LEU S 84 -7.51 2.48 -60.08
C LEU S 84 -7.21 2.89 -61.52
N GLN S 85 -7.63 4.09 -61.90
CA GLN S 85 -7.32 4.65 -63.21
C GLN S 85 -6.04 5.46 -63.11
N MET S 86 -5.11 5.21 -64.02
CA MET S 86 -3.77 5.79 -63.96
C MET S 86 -3.50 6.54 -65.25
N ASN S 87 -3.11 7.80 -65.12
CA ASN S 87 -2.88 8.67 -66.26
C ASN S 87 -1.51 9.31 -66.14
N SER S 88 -0.96 9.74 -67.29
CA SER S 88 0.34 10.38 -67.35
C SER S 88 1.44 9.49 -66.76
N LEU S 89 1.36 8.19 -67.06
CA LEU S 89 2.30 7.23 -66.51
C LEU S 89 3.72 7.52 -66.96
N ARG S 90 4.68 7.23 -66.09
CA ARG S 90 6.06 7.62 -66.29
C ARG S 90 6.96 6.45 -65.88
N ALA S 91 8.27 6.72 -65.82
CA ALA S 91 9.22 5.67 -65.46
C ALA S 91 9.14 5.31 -63.99
N GLU S 92 8.83 6.28 -63.12
CA GLU S 92 8.70 5.99 -61.70
C GLU S 92 7.54 5.05 -61.42
N ASP S 93 6.46 5.14 -62.20
CA ASP S 93 5.26 4.36 -61.95
C ASP S 93 5.45 2.89 -62.28
N THR S 94 6.57 2.51 -62.88
CA THR S 94 6.84 1.10 -63.18
C THR S 94 7.01 0.34 -61.87
N ALA S 95 6.03 -0.48 -61.52
CA ALA S 95 6.04 -1.15 -60.21
C ALA S 95 4.98 -2.24 -60.20
N VAL S 96 5.03 -3.07 -59.16
CA VAL S 96 4.01 -4.07 -58.90
C VAL S 96 2.99 -3.45 -57.97
N TYR S 97 1.73 -3.42 -58.39
CA TYR S 97 0.67 -2.81 -57.60
C TYR S 97 -0.16 -3.89 -56.94
N TYR S 98 -0.49 -3.67 -55.67
CA TYR S 98 -1.21 -4.59 -54.82
C TYR S 98 -2.52 -3.96 -54.38
N CYS S 99 -3.56 -4.78 -54.29
CA CYS S 99 -4.87 -4.39 -53.80
C CYS S 99 -5.08 -5.00 -52.41
N ALA S 100 -5.50 -4.17 -51.47
CA ALA S 100 -5.71 -4.61 -50.10
C ALA S 100 -7.05 -4.11 -49.60
N ARG S 101 -7.47 -4.61 -48.43
CA ARG S 101 -8.72 -4.18 -47.83
C ARG S 101 -8.54 -3.97 -46.33
N THR S 102 -9.49 -3.24 -45.77
CA THR S 102 -9.73 -3.21 -44.33
C THR S 102 -11.23 -3.41 -44.13
N TYR S 103 -11.59 -4.64 -43.75
CA TYR S 103 -12.95 -5.03 -43.39
C TYR S 103 -12.95 -5.20 -41.88
N GLY S 104 -13.74 -4.37 -41.19
CA GLY S 104 -13.43 -4.09 -39.81
C GLY S 104 -14.50 -4.10 -38.74
N TRP S 105 -14.63 -2.94 -38.09
CA TRP S 105 -14.97 -2.70 -36.68
C TRP S 105 -13.76 -3.02 -35.82
N TYR S 106 -12.84 -3.82 -36.35
CA TYR S 106 -11.54 -4.10 -35.74
C TYR S 106 -10.44 -3.34 -36.45
N TYR S 107 -10.25 -3.68 -37.72
CA TYR S 107 -9.12 -3.26 -38.50
C TYR S 107 -9.31 -1.86 -39.05
N SER S 108 -10.54 -1.36 -39.00
CA SER S 108 -10.80 0.02 -39.37
C SER S 108 -10.39 0.98 -38.26
N TRP S 109 -10.52 0.55 -37.01
CA TRP S 109 -10.02 1.36 -35.92
C TRP S 109 -8.52 1.20 -35.73
N TRP S 110 -7.86 0.49 -36.66
CA TRP S 110 -6.39 0.44 -36.69
C TRP S 110 -5.78 0.59 -38.07
N TRP S 111 -6.56 0.46 -39.17
CA TRP S 111 -6.02 0.58 -40.54
C TRP S 111 -4.93 -0.47 -40.79
N ALA S 112 -5.41 -1.72 -40.87
CA ALA S 112 -4.56 -2.87 -40.59
C ALA S 112 -3.37 -2.95 -41.54
N PHE S 113 -3.54 -3.12 -42.87
CA PHE S 113 -4.68 -3.60 -43.66
C PHE S 113 -4.70 -5.12 -43.51
N ASP S 114 -5.89 -5.73 -43.42
CA ASP S 114 -5.93 -7.15 -43.04
C ASP S 114 -5.54 -8.06 -44.20
N TYR S 115 -6.21 -7.94 -45.34
CA TYR S 115 -5.98 -8.83 -46.48
C TYR S 115 -5.37 -8.07 -47.65
N TRP S 116 -4.57 -8.78 -48.44
CA TRP S 116 -3.81 -8.21 -49.54
C TRP S 116 -4.04 -9.03 -50.80
N GLY S 117 -4.28 -8.34 -51.93
CA GLY S 117 -4.32 -9.01 -53.21
C GLY S 117 -2.94 -9.43 -53.66
N GLN S 118 -2.90 -10.33 -54.65
CA GLN S 118 -1.66 -11.04 -54.95
C GLN S 118 -0.67 -10.19 -55.73
N GLY S 119 -1.12 -9.18 -56.45
CA GLY S 119 -0.15 -8.30 -57.09
C GLY S 119 -0.23 -8.40 -58.61
N THR S 120 -0.01 -7.26 -59.29
CA THR S 120 0.06 -7.24 -60.73
C THR S 120 1.08 -6.20 -61.17
N LEU S 121 1.83 -6.51 -62.23
CA LEU S 121 2.95 -5.68 -62.65
C LEU S 121 2.51 -4.63 -63.67
N VAL S 122 3.09 -3.44 -63.57
CA VAL S 122 2.86 -2.36 -64.52
C VAL S 122 4.24 -1.85 -64.92
N THR S 123 4.69 -2.19 -66.12
CA THR S 123 5.95 -1.72 -66.67
C THR S 123 5.67 -0.66 -67.73
N VAL S 124 6.21 0.54 -67.52
CA VAL S 124 6.05 1.65 -68.44
C VAL S 124 7.30 1.72 -69.30
N SER S 125 7.16 1.39 -70.58
CA SER S 125 8.29 1.39 -71.51
C SER S 125 7.77 1.72 -72.90
N SER S 126 8.71 1.83 -73.83
CA SER S 126 8.40 2.18 -75.22
C SER S 126 8.34 0.96 -76.14
N ALA S 127 9.23 0.00 -75.94
CA ALA S 127 9.33 -1.15 -76.84
C ALA S 127 8.04 -1.96 -76.83
N SER S 128 7.92 -2.86 -77.80
CA SER S 128 6.69 -3.59 -78.06
C SER S 128 6.73 -4.98 -77.40
N THR S 129 5.55 -5.59 -77.35
CA THR S 129 5.40 -6.91 -76.75
C THR S 129 6.06 -7.98 -77.61
N LYS S 130 6.62 -8.99 -76.95
CA LYS S 130 7.23 -10.11 -77.65
C LYS S 130 6.97 -11.40 -76.87
N GLY S 131 6.61 -12.46 -77.60
CA GLY S 131 6.45 -13.76 -77.02
C GLY S 131 7.77 -14.47 -76.82
N PRO S 132 7.83 -15.37 -75.85
CA PRO S 132 9.07 -16.07 -75.55
C PRO S 132 9.28 -17.29 -76.45
N SER S 133 10.51 -17.80 -76.40
CA SER S 133 10.89 -19.06 -77.04
C SER S 133 11.20 -20.07 -75.96
N VAL S 134 10.56 -21.24 -76.04
CA VAL S 134 10.64 -22.30 -75.04
C VAL S 134 11.54 -23.39 -75.60
N PHE S 135 12.70 -23.58 -74.98
CA PHE S 135 13.71 -24.53 -75.45
C PHE S 135 13.98 -25.56 -74.35
N PRO S 136 13.66 -26.84 -74.56
CA PRO S 136 13.95 -27.85 -73.54
C PRO S 136 15.44 -27.95 -73.25
N LEU S 137 15.76 -28.44 -72.05
CA LEU S 137 17.13 -28.60 -71.56
C LEU S 137 17.33 -30.09 -71.28
N ALA S 138 18.18 -30.73 -72.07
CA ALA S 138 18.27 -32.19 -72.14
C ALA S 138 18.96 -32.76 -70.90
N PRO S 139 18.44 -33.87 -70.35
CA PRO S 139 19.15 -34.57 -69.28
C PRO S 139 20.42 -35.24 -69.77
N SER S 140 21.09 -35.99 -68.89
CA SER S 140 22.36 -36.62 -69.23
C SER S 140 22.24 -38.14 -69.36
N SER S 141 21.75 -38.82 -68.33
CA SER S 141 21.69 -40.28 -68.35
C SER S 141 20.35 -40.78 -68.90
N GLY S 146 17.90 -43.77 -59.20
CA GLY S 146 16.77 -43.29 -58.42
C GLY S 146 16.98 -41.92 -57.82
N GLY S 147 17.72 -41.08 -58.54
CA GLY S 147 17.99 -39.74 -58.07
C GLY S 147 18.96 -39.04 -59.01
N THR S 148 19.14 -37.75 -58.76
CA THR S 148 20.10 -36.91 -59.47
C THR S 148 19.79 -36.90 -60.99
N ALA S 149 18.64 -36.31 -61.32
CA ALA S 149 18.27 -36.06 -62.71
C ALA S 149 17.80 -34.61 -62.80
N ALA S 150 18.72 -33.71 -63.14
CA ALA S 150 18.40 -32.29 -63.28
C ALA S 150 18.05 -32.02 -64.74
N LEU S 151 16.80 -31.64 -64.98
CA LEU S 151 16.34 -31.30 -66.32
C LEU S 151 15.57 -30.00 -66.27
N GLY S 152 14.97 -29.58 -67.38
CA GLY S 152 14.14 -28.40 -67.33
C GLY S 152 13.93 -27.81 -68.72
N CYS S 153 13.57 -26.54 -68.74
CA CYS S 153 13.41 -25.82 -69.99
C CYS S 153 13.77 -24.35 -69.78
N LEU S 154 14.33 -23.75 -70.82
CA LEU S 154 14.72 -22.35 -70.84
C LEU S 154 13.68 -21.53 -71.61
N VAL S 155 13.49 -20.29 -71.18
CA VAL S 155 12.50 -19.39 -71.76
C VAL S 155 13.22 -18.09 -72.10
N LYS S 156 13.44 -17.84 -73.39
CA LYS S 156 14.32 -16.78 -73.85
C LYS S 156 13.55 -15.75 -74.68
N ASP S 157 14.03 -14.51 -74.67
CA ASP S 157 13.61 -13.48 -75.61
C ASP S 157 12.12 -13.16 -75.49
N TYR S 158 11.74 -12.68 -74.32
CA TYR S 158 10.39 -12.19 -74.08
C TYR S 158 10.47 -10.81 -73.42
N PHE S 159 9.42 -10.02 -73.64
CA PHE S 159 9.29 -8.68 -73.10
C PHE S 159 7.85 -8.21 -73.28
N PRO S 160 7.22 -7.64 -72.24
CA PRO S 160 7.76 -7.41 -70.90
C PRO S 160 7.57 -8.59 -69.94
N GLU S 161 7.94 -8.37 -68.68
CA GLU S 161 7.68 -9.34 -67.61
C GLU S 161 6.18 -9.54 -67.45
N PRO S 162 5.75 -10.65 -66.82
CA PRO S 162 6.50 -11.83 -66.38
C PRO S 162 6.20 -13.09 -67.18
N VAL S 163 6.93 -14.17 -66.90
CA VAL S 163 6.63 -15.49 -67.44
C VAL S 163 6.26 -16.40 -66.29
N THR S 164 5.09 -17.05 -66.39
CA THR S 164 4.56 -17.93 -65.36
C THR S 164 4.84 -19.37 -65.79
N VAL S 165 5.87 -19.97 -65.20
CA VAL S 165 6.29 -21.33 -65.54
C VAL S 165 5.73 -22.29 -64.51
N SER S 166 5.21 -23.42 -64.98
CA SER S 166 4.81 -24.52 -64.11
C SER S 166 5.36 -25.83 -64.68
N TRP S 167 4.96 -26.95 -64.09
CA TRP S 167 5.38 -28.27 -64.57
C TRP S 167 4.21 -29.23 -64.45
N ASN S 168 3.72 -29.70 -65.59
CA ASN S 168 2.60 -30.65 -65.66
C ASN S 168 1.36 -30.08 -64.96
N SER S 169 1.09 -28.80 -65.19
CA SER S 169 -0.09 -28.12 -64.64
C SER S 169 -0.12 -28.22 -63.11
N GLY S 170 1.02 -27.99 -62.48
CA GLY S 170 1.10 -28.03 -61.03
C GLY S 170 1.26 -29.41 -60.43
N ALA S 171 1.48 -30.44 -61.25
CA ALA S 171 1.69 -31.78 -60.71
C ALA S 171 3.09 -31.92 -60.11
N LEU S 172 4.11 -31.44 -60.83
CA LEU S 172 5.49 -31.46 -60.37
C LEU S 172 5.79 -30.12 -59.73
N THR S 173 5.79 -30.08 -58.40
CA THR S 173 6.07 -28.88 -57.64
C THR S 173 7.40 -28.96 -56.88
N SER S 174 7.63 -30.05 -56.17
CA SER S 174 8.85 -30.19 -55.39
C SER S 174 10.05 -30.37 -56.31
N GLY S 175 11.12 -29.63 -56.03
CA GLY S 175 12.33 -29.68 -56.81
C GLY S 175 12.46 -28.60 -57.87
N VAL S 176 11.44 -27.79 -58.06
CA VAL S 176 11.46 -26.76 -59.10
C VAL S 176 12.24 -25.55 -58.59
N HIS S 177 13.08 -24.98 -59.47
CA HIS S 177 13.89 -23.82 -59.17
C HIS S 177 13.80 -22.79 -60.30
N THR S 178 12.57 -22.45 -60.67
CA THR S 178 12.33 -21.40 -61.67
C THR S 178 13.08 -20.12 -61.29
N PHE S 179 14.03 -19.74 -62.14
CA PHE S 179 14.93 -18.63 -61.87
C PHE S 179 14.27 -17.28 -62.17
N PRO S 180 14.80 -16.19 -61.61
CA PRO S 180 14.40 -14.85 -62.05
C PRO S 180 15.06 -14.49 -63.37
N ALA S 181 14.44 -13.56 -64.07
CA ALA S 181 14.88 -13.20 -65.41
C ALA S 181 16.11 -12.29 -65.37
N VAL S 182 16.79 -12.21 -66.51
CA VAL S 182 17.90 -11.29 -66.73
C VAL S 182 17.63 -10.50 -68.00
N LEU S 183 18.52 -9.55 -68.31
CA LEU S 183 18.22 -8.54 -69.31
C LEU S 183 18.83 -8.82 -70.69
N GLN S 184 20.03 -9.42 -70.75
CA GLN S 184 20.67 -9.79 -72.02
C GLN S 184 20.69 -8.65 -73.03
N SER S 185 21.65 -7.74 -72.86
CA SER S 185 21.64 -6.34 -73.28
C SER S 185 20.76 -6.01 -74.48
N SER S 186 20.62 -6.94 -75.43
CA SER S 186 19.68 -6.79 -76.53
C SER S 186 18.37 -6.11 -76.11
N GLY S 187 17.80 -6.53 -74.98
CA GLY S 187 16.64 -5.85 -74.43
C GLY S 187 15.44 -6.73 -74.23
N LEU S 188 15.66 -8.03 -74.08
CA LEU S 188 14.59 -9.00 -73.88
C LEU S 188 14.92 -9.80 -72.62
N TYR S 189 13.88 -10.35 -71.98
CA TYR S 189 14.12 -11.12 -70.77
C TYR S 189 14.33 -12.59 -71.11
N SER S 190 15.14 -13.26 -70.27
CA SER S 190 15.51 -14.64 -70.52
C SER S 190 15.78 -15.32 -69.18
N LEU S 191 15.03 -16.38 -68.89
CA LEU S 191 15.17 -17.11 -67.64
C LEU S 191 15.26 -18.60 -67.95
N SER S 192 15.56 -19.37 -66.90
CA SER S 192 15.58 -20.81 -66.94
C SER S 192 14.54 -21.37 -65.98
N SER S 193 14.25 -22.66 -66.11
CA SER S 193 13.34 -23.34 -65.20
C SER S 193 13.80 -24.79 -65.08
N VAL S 194 14.43 -25.11 -63.96
CA VAL S 194 15.01 -26.43 -63.75
C VAL S 194 14.22 -27.18 -62.70
N VAL S 195 14.35 -28.50 -62.71
CA VAL S 195 13.73 -29.38 -61.73
C VAL S 195 14.55 -30.66 -61.64
N THR S 196 14.69 -31.17 -60.42
CA THR S 196 15.44 -32.39 -60.14
C THR S 196 14.46 -33.52 -59.83
N VAL S 197 14.72 -34.68 -60.43
CA VAL S 197 13.87 -35.86 -60.27
C VAL S 197 14.75 -37.10 -60.12
N PRO S 198 14.18 -38.26 -59.78
CA PRO S 198 14.96 -39.50 -59.87
C PRO S 198 15.26 -39.86 -61.31
N SER S 199 16.51 -40.24 -61.58
CA SER S 199 16.91 -40.60 -62.93
C SER S 199 16.30 -41.92 -63.38
N SER S 200 15.90 -42.79 -62.45
CA SER S 200 15.28 -44.05 -62.82
C SER S 200 13.89 -43.88 -63.38
N SER S 201 13.26 -42.71 -63.18
CA SER S 201 11.92 -42.45 -63.65
C SER S 201 11.89 -41.64 -64.93
N LEU S 202 12.97 -41.66 -65.72
CA LEU S 202 13.01 -41.01 -67.02
C LEU S 202 12.26 -41.89 -68.01
N GLY S 203 10.94 -41.79 -67.97
CA GLY S 203 10.07 -42.63 -68.77
C GLY S 203 8.84 -43.04 -68.00
N THR S 204 8.85 -42.80 -66.69
CA THR S 204 7.70 -43.12 -65.85
C THR S 204 6.67 -42.01 -65.91
N GLN S 205 7.08 -40.76 -65.63
CA GLN S 205 6.21 -39.61 -65.71
C GLN S 205 6.59 -38.74 -66.90
N THR S 206 5.59 -38.01 -67.41
CA THR S 206 5.79 -37.06 -68.48
C THR S 206 6.18 -35.71 -67.89
N TYR S 207 7.23 -35.11 -68.44
CA TYR S 207 7.80 -33.87 -67.90
C TYR S 207 7.54 -32.73 -68.88
N ILE S 208 6.44 -32.02 -68.66
CA ILE S 208 6.04 -30.88 -69.47
C ILE S 208 6.13 -29.62 -68.62
N CYS S 209 6.80 -28.60 -69.13
CA CYS S 209 6.84 -27.30 -68.48
C CYS S 209 5.85 -26.38 -69.19
N ASN S 210 4.86 -25.88 -68.44
CA ASN S 210 3.73 -25.15 -69.01
C ASN S 210 4.03 -23.66 -68.92
N VAL S 211 4.73 -23.15 -69.91
CA VAL S 211 5.13 -21.74 -69.95
C VAL S 211 3.94 -20.91 -70.41
N ASN S 212 3.82 -19.71 -69.84
CA ASN S 212 2.75 -18.79 -70.22
C ASN S 212 3.28 -17.36 -70.16
N HIS S 213 2.85 -16.53 -71.12
CA HIS S 213 3.22 -15.11 -71.20
C HIS S 213 1.98 -14.36 -71.66
N LYS S 214 1.20 -13.87 -70.72
CA LYS S 214 -0.09 -13.24 -71.03
C LYS S 214 -0.01 -11.91 -71.79
N PRO S 215 1.05 -11.10 -71.66
CA PRO S 215 1.14 -9.93 -72.55
C PRO S 215 1.15 -10.29 -74.03
N SER S 216 1.59 -11.50 -74.38
CA SER S 216 1.61 -11.93 -75.78
C SER S 216 0.77 -13.19 -76.02
N ASN S 217 0.01 -13.64 -75.01
CA ASN S 217 -0.87 -14.81 -75.13
C ASN S 217 -0.12 -16.07 -75.52
N THR S 218 1.17 -16.13 -75.19
CA THR S 218 2.03 -17.26 -75.58
C THR S 218 1.84 -18.38 -74.57
N LYS S 219 0.84 -19.21 -74.82
CA LYS S 219 0.52 -20.35 -73.95
C LYS S 219 1.13 -21.59 -74.59
N VAL S 220 2.32 -21.97 -74.14
CA VAL S 220 3.12 -23.02 -74.77
C VAL S 220 3.34 -24.15 -73.78
N ASP S 221 3.17 -25.38 -74.24
CA ASP S 221 3.47 -26.59 -73.47
C ASP S 221 4.55 -27.37 -74.20
N LYS S 222 5.63 -27.70 -73.50
CA LYS S 222 6.75 -28.42 -74.09
C LYS S 222 7.23 -29.50 -73.13
N LYS S 223 7.37 -30.72 -73.65
CA LYS S 223 7.94 -31.82 -72.89
C LYS S 223 9.46 -31.81 -73.02
N VAL S 224 10.13 -32.34 -72.00
CA VAL S 224 11.57 -32.49 -71.99
C VAL S 224 11.90 -33.96 -71.82
N GLU S 225 12.84 -34.46 -72.63
CA GLU S 225 13.25 -35.85 -72.59
C GLU S 225 14.65 -35.96 -73.17
N PRO S 226 15.46 -36.93 -72.70
CA PRO S 226 16.86 -37.07 -73.12
C PRO S 226 17.04 -37.16 -74.64
N ASP T 2 3.55 13.96 -42.78
CA ASP T 2 4.98 13.87 -42.54
C ASP T 2 5.28 12.91 -41.37
N ILE T 3 4.41 11.93 -41.19
CA ILE T 3 4.56 10.95 -40.11
C ILE T 3 5.60 9.93 -40.56
N GLN T 4 6.83 10.07 -40.08
CA GLN T 4 7.95 9.25 -40.55
C GLN T 4 8.11 7.99 -39.72
N MET T 5 8.40 6.89 -40.41
CA MET T 5 8.66 5.58 -39.81
C MET T 5 10.04 5.13 -40.26
N THR T 6 10.98 5.06 -39.33
CA THR T 6 12.35 4.65 -39.62
C THR T 6 12.56 3.23 -39.09
N GLN T 7 12.71 2.28 -40.02
CA GLN T 7 12.83 0.87 -39.67
C GLN T 7 14.29 0.43 -39.81
N SER T 8 14.72 -0.40 -38.87
CA SER T 8 16.10 -0.87 -38.79
C SER T 8 16.12 -2.27 -38.23
N PRO T 9 17.12 -3.09 -38.60
CA PRO T 9 18.13 -2.78 -39.62
C PRO T 9 17.57 -3.02 -41.02
N SER T 10 18.37 -2.74 -42.05
CA SER T 10 17.94 -3.06 -43.40
C SER T 10 18.03 -4.55 -43.67
N SER T 11 19.17 -5.15 -43.36
CA SER T 11 19.38 -6.58 -43.56
C SER T 11 19.92 -7.21 -42.29
N LEU T 12 19.65 -8.50 -42.12
CA LEU T 12 20.15 -9.26 -41.00
C LEU T 12 20.21 -10.72 -41.38
N SER T 13 21.18 -11.43 -40.80
CA SER T 13 21.34 -12.87 -41.05
C SER T 13 21.57 -13.57 -39.72
N ALA T 14 20.62 -14.43 -39.34
CA ALA T 14 20.72 -15.20 -38.11
C ALA T 14 20.36 -16.65 -38.39
N SER T 15 21.01 -17.55 -37.65
CA SER T 15 20.79 -18.98 -37.83
C SER T 15 19.38 -19.36 -37.37
N VAL T 16 19.00 -20.60 -37.70
CA VAL T 16 17.68 -21.10 -37.32
C VAL T 16 17.60 -21.23 -35.81
N GLY T 17 16.53 -20.69 -35.22
CA GLY T 17 16.33 -20.72 -33.79
C GLY T 17 16.76 -19.46 -33.07
N ASP T 18 17.60 -18.63 -33.71
CA ASP T 18 18.03 -17.39 -33.09
C ASP T 18 16.85 -16.44 -32.89
N ARG T 19 17.06 -15.42 -32.08
CA ARG T 19 16.03 -14.47 -31.71
C ARG T 19 16.23 -13.17 -32.48
N VAL T 20 15.28 -12.82 -33.33
CA VAL T 20 15.40 -11.71 -34.26
C VAL T 20 14.62 -10.52 -33.72
N THR T 21 15.23 -9.34 -33.77
CA THR T 21 14.60 -8.10 -33.35
C THR T 21 14.63 -7.08 -34.47
N ILE T 22 13.51 -6.38 -34.67
CA ILE T 22 13.37 -5.36 -35.70
C ILE T 22 12.77 -4.11 -35.06
N THR T 23 13.47 -2.99 -35.17
CA THR T 23 13.03 -1.73 -34.59
C THR T 23 12.37 -0.86 -35.66
N CYS T 24 11.34 -0.12 -35.26
CA CYS T 24 10.69 0.85 -36.14
C CYS T 24 10.29 2.05 -35.29
N ARG T 25 10.93 3.18 -35.52
CA ARG T 25 10.70 4.38 -34.72
C ARG T 25 9.81 5.37 -35.48
N ALA T 26 8.74 5.81 -34.82
CA ALA T 26 7.90 6.88 -35.32
C ALA T 26 8.42 8.22 -34.80
N SER T 27 7.94 9.29 -35.43
CA SER T 27 8.41 10.63 -35.09
C SER T 27 7.58 11.31 -34.00
N GLN T 28 6.46 10.73 -33.59
CA GLN T 28 5.63 11.31 -32.54
C GLN T 28 4.75 10.22 -31.95
N SER T 29 3.99 10.58 -30.92
CA SER T 29 3.11 9.64 -30.22
C SER T 29 1.93 9.27 -31.13
N VAL T 30 1.99 8.05 -31.68
CA VAL T 30 1.02 7.51 -32.62
C VAL T 30 0.38 6.30 -31.94
N SER T 31 0.08 6.45 -30.65
CA SER T 31 0.34 5.46 -29.60
C SER T 31 0.37 4.01 -30.08
N SER T 32 -0.64 3.53 -30.79
CA SER T 32 -0.60 2.13 -31.16
C SER T 32 -1.03 1.86 -32.61
N ALA T 33 -0.95 2.86 -33.49
CA ALA T 33 -1.41 2.69 -34.87
C ALA T 33 -0.55 1.76 -35.70
N VAL T 34 0.52 1.22 -35.14
CA VAL T 34 1.54 0.55 -35.92
C VAL T 34 1.11 -0.88 -36.23
N ALA T 35 1.46 -1.35 -37.43
CA ALA T 35 1.26 -2.72 -37.84
C ALA T 35 2.56 -3.29 -38.39
N TRP T 36 2.63 -4.61 -38.43
CA TRP T 36 3.81 -5.34 -38.89
C TRP T 36 3.38 -6.38 -39.92
N TYR T 37 4.18 -6.47 -40.99
CA TYR T 37 3.87 -7.27 -42.17
C TYR T 37 5.04 -8.14 -42.58
N GLN T 38 4.71 -9.39 -42.95
CA GLN T 38 5.64 -10.32 -43.58
C GLN T 38 5.35 -10.36 -45.07
N GLN T 39 6.39 -10.27 -45.89
CA GLN T 39 6.25 -10.40 -47.34
C GLN T 39 7.33 -11.37 -47.84
N LYS T 40 6.88 -12.50 -48.35
CA LYS T 40 7.79 -13.42 -49.03
C LYS T 40 7.94 -12.98 -50.49
N PRO T 41 9.10 -13.25 -51.10
CA PRO T 41 9.45 -12.55 -52.34
C PRO T 41 8.41 -12.75 -53.44
N GLY T 42 8.10 -11.65 -54.14
CA GLY T 42 7.17 -11.67 -55.25
C GLY T 42 5.73 -11.97 -54.89
N LYS T 43 5.43 -12.20 -53.62
CA LYS T 43 4.10 -12.57 -53.17
C LYS T 43 3.44 -11.40 -52.45
N ALA T 44 2.20 -11.61 -52.02
CA ALA T 44 1.44 -10.56 -51.36
C ALA T 44 1.92 -10.40 -49.92
N PRO T 45 2.00 -9.16 -49.43
CA PRO T 45 2.26 -8.96 -48.00
C PRO T 45 1.14 -9.54 -47.16
N LYS T 46 1.49 -10.03 -45.98
CA LYS T 46 0.53 -10.58 -45.04
C LYS T 46 0.65 -9.85 -43.71
N LEU T 47 -0.48 -9.67 -43.04
CA LEU T 47 -0.51 -8.95 -41.77
C LEU T 47 -0.06 -9.87 -40.65
N LEU T 48 1.02 -9.50 -39.97
CA LEU T 48 1.43 -10.19 -38.76
C LEU T 48 0.81 -9.56 -37.52
N ILE T 49 1.02 -8.26 -37.34
CA ILE T 49 0.67 -7.59 -36.10
C ILE T 49 -0.15 -6.34 -36.41
N TYR T 50 -1.24 -6.14 -35.68
CA TYR T 50 -1.96 -4.88 -35.67
C TYR T 50 -2.01 -4.38 -34.23
N SER T 51 -2.34 -3.10 -34.06
CA SER T 51 -2.32 -2.42 -32.78
C SER T 51 -0.92 -2.40 -32.14
N ALA T 52 0.10 -2.81 -32.91
CA ALA T 52 1.51 -2.79 -32.51
C ALA T 52 1.83 -3.84 -31.46
N SER T 53 0.81 -4.48 -30.90
CA SER T 53 0.95 -5.58 -29.96
C SER T 53 0.06 -6.77 -30.31
N SER T 54 -1.13 -6.52 -30.84
CA SER T 54 -2.09 -7.59 -31.07
C SER T 54 -1.70 -8.41 -32.30
N LEU T 55 -1.87 -9.72 -32.19
CA LEU T 55 -1.42 -10.67 -33.20
C LEU T 55 -2.59 -11.06 -34.10
N TYR T 56 -2.37 -10.97 -35.42
CA TYR T 56 -3.42 -11.28 -36.38
C TYR T 56 -3.77 -12.77 -36.32
N SER T 57 -5.07 -13.06 -36.43
CA SER T 57 -5.57 -14.42 -36.31
C SER T 57 -4.92 -15.35 -37.33
N GLY T 58 -4.11 -16.30 -36.86
CA GLY T 58 -3.42 -17.23 -37.72
C GLY T 58 -1.91 -17.10 -37.73
N VAL T 59 -1.35 -16.13 -37.04
CA VAL T 59 0.09 -15.91 -37.00
C VAL T 59 0.69 -16.82 -35.94
N PRO T 60 1.84 -17.44 -36.17
CA PRO T 60 2.47 -18.27 -35.13
C PRO T 60 2.83 -17.47 -33.89
N SER T 61 2.98 -18.19 -32.78
CA SER T 61 3.22 -17.56 -31.49
C SER T 61 4.60 -16.93 -31.38
N ARG T 62 5.53 -17.31 -32.26
CA ARG T 62 6.89 -16.80 -32.17
C ARG T 62 7.00 -15.33 -32.59
N PHE T 63 5.98 -14.79 -33.25
CA PHE T 63 5.96 -13.38 -33.61
C PHE T 63 5.29 -12.57 -32.49
N SER T 64 5.96 -11.49 -32.06
CA SER T 64 5.39 -10.64 -31.02
C SER T 64 5.72 -9.19 -31.31
N GLY T 65 4.82 -8.30 -30.87
CA GLY T 65 5.00 -6.88 -31.05
C GLY T 65 5.02 -6.11 -29.75
N SER T 66 6.00 -5.23 -29.58
CA SER T 66 6.18 -4.46 -28.36
C SER T 66 6.34 -2.99 -28.67
N ARG T 67 6.20 -2.16 -27.63
CA ARG T 67 6.20 -0.71 -27.77
C ARG T 67 7.00 -0.07 -26.65
N SER T 68 7.76 0.99 -26.99
CA SER T 68 8.40 1.85 -25.99
C SER T 68 8.20 3.31 -26.42
N GLY T 69 7.04 3.86 -26.07
CA GLY T 69 6.79 5.29 -26.23
C GLY T 69 6.64 5.73 -27.67
N THR T 70 7.76 5.72 -28.40
CA THR T 70 7.78 6.11 -29.81
C THR T 70 8.53 5.08 -30.66
N ASP T 71 8.86 3.92 -30.10
CA ASP T 71 9.74 2.95 -30.73
C ASP T 71 9.09 1.59 -30.63
N PHE T 72 8.67 1.05 -31.77
CA PHE T 72 7.95 -0.22 -31.84
C PHE T 72 8.93 -1.32 -32.27
N THR T 73 8.63 -2.55 -31.87
CA THR T 73 9.58 -3.63 -32.09
C THR T 73 8.86 -4.93 -32.45
N LEU T 74 9.33 -5.56 -33.51
CA LEU T 74 8.88 -6.90 -33.90
C LEU T 74 9.94 -7.90 -33.48
N THR T 75 9.54 -8.92 -32.72
CA THR T 75 10.46 -9.92 -32.21
C THR T 75 10.02 -11.31 -32.65
N ILE T 76 10.96 -12.05 -33.23
CA ILE T 76 10.78 -13.45 -33.59
C ILE T 76 11.58 -14.27 -32.59
N SER T 77 10.89 -15.08 -31.78
CA SER T 77 11.56 -15.81 -30.71
C SER T 77 12.50 -16.87 -31.27
N SER T 78 11.97 -17.82 -32.03
CA SER T 78 12.76 -18.88 -32.64
C SER T 78 12.66 -18.73 -34.16
N LEU T 79 13.71 -18.21 -34.78
CA LEU T 79 13.68 -17.97 -36.22
C LEU T 79 13.60 -19.29 -36.97
N GLN T 80 12.57 -19.43 -37.77
CA GLN T 80 12.37 -20.61 -38.60
C GLN T 80 12.83 -20.35 -40.02
N PRO T 81 13.19 -21.40 -40.77
CA PRO T 81 13.70 -21.17 -42.13
C PRO T 81 12.66 -20.60 -43.08
N GLU T 82 11.36 -20.87 -42.84
CA GLU T 82 10.32 -20.25 -43.66
C GLU T 82 10.04 -18.80 -43.28
N ASP T 83 10.61 -18.32 -42.17
CA ASP T 83 10.48 -16.92 -41.80
C ASP T 83 11.39 -16.00 -42.63
N PHE T 84 12.14 -16.57 -43.58
CA PHE T 84 12.83 -15.77 -44.58
C PHE T 84 11.84 -14.90 -45.34
N ALA T 85 11.93 -13.58 -45.18
CA ALA T 85 11.00 -12.66 -45.82
C ALA T 85 11.56 -11.25 -45.68
N THR T 86 10.74 -10.27 -46.04
CA THR T 86 10.99 -8.87 -45.74
C THR T 86 9.84 -8.37 -44.88
N TYR T 87 10.16 -7.67 -43.80
CA TYR T 87 9.19 -7.24 -42.82
C TYR T 87 9.05 -5.72 -42.86
N TYR T 88 7.81 -5.25 -42.84
CA TYR T 88 7.48 -3.84 -42.95
C TYR T 88 6.64 -3.38 -41.78
N CYS T 89 6.96 -2.20 -41.25
CA CYS T 89 6.17 -1.55 -40.23
C CYS T 89 5.36 -0.42 -40.86
N GLN T 90 4.14 -0.22 -40.35
CA GLN T 90 3.16 0.63 -40.99
C GLN T 90 2.64 1.69 -40.02
N GLN T 91 2.19 2.81 -40.58
CA GLN T 91 1.42 3.81 -39.85
C GLN T 91 -0.07 3.51 -40.06
N GLY T 92 -0.95 4.44 -39.67
CA GLY T 92 -2.36 4.22 -39.91
C GLY T 92 -3.20 5.47 -39.81
N ASP T 93 -3.98 5.73 -40.85
CA ASP T 93 -4.87 6.88 -40.95
C ASP T 93 -5.64 6.72 -42.26
N PRO T 94 -6.89 7.16 -42.37
CA PRO T 94 -7.51 7.21 -43.71
C PRO T 94 -6.83 8.18 -44.65
N ARG T 95 -6.37 9.32 -44.15
CA ARG T 95 -5.86 10.38 -45.01
C ARG T 95 -4.39 10.22 -45.40
N LEU T 96 -3.67 9.30 -44.76
CA LEU T 96 -2.25 9.09 -45.08
C LEU T 96 -1.79 7.77 -44.48
N VAL T 97 -0.99 7.03 -45.24
CA VAL T 97 -0.40 5.77 -44.80
C VAL T 97 1.05 5.72 -45.26
N THR T 98 1.96 5.49 -44.31
CA THR T 98 3.36 5.32 -44.61
C THR T 98 3.86 3.99 -44.06
N PHE T 99 4.84 3.42 -44.76
CA PHE T 99 5.49 2.18 -44.34
C PHE T 99 6.93 2.46 -43.93
N GLY T 100 7.56 1.43 -43.39
CA GLY T 100 8.99 1.50 -43.11
C GLY T 100 9.82 1.12 -44.32
N GLN T 101 11.12 1.38 -44.21
CA GLN T 101 12.04 1.03 -45.28
C GLN T 101 12.12 -0.49 -45.49
N GLY T 102 11.76 -1.26 -44.49
CA GLY T 102 11.77 -2.71 -44.61
C GLY T 102 13.01 -3.32 -43.98
N THR T 103 12.86 -4.58 -43.56
CA THR T 103 13.97 -5.35 -43.00
C THR T 103 13.94 -6.74 -43.60
N LYS T 104 14.98 -7.08 -44.36
CA LYS T 104 15.06 -8.40 -44.99
C LYS T 104 15.76 -9.36 -44.03
N VAL T 105 15.06 -10.42 -43.65
CA VAL T 105 15.59 -11.41 -42.72
C VAL T 105 16.14 -12.58 -43.54
N GLU T 106 17.45 -12.79 -43.45
CA GLU T 106 18.13 -13.87 -44.14
C GLU T 106 18.47 -14.98 -43.16
N ILE T 107 18.40 -16.22 -43.62
CA ILE T 107 18.64 -17.39 -42.79
C ILE T 107 20.10 -17.81 -42.95
N LYS T 108 20.71 -18.28 -41.86
CA LYS T 108 22.07 -18.80 -41.89
C LYS T 108 22.05 -20.30 -41.57
N ARG T 109 22.82 -21.05 -42.35
CA ARG T 109 22.92 -22.49 -42.16
C ARG T 109 24.32 -22.94 -42.55
N THR T 110 24.59 -24.22 -42.33
CA THR T 110 25.94 -24.74 -42.54
C THR T 110 26.31 -24.70 -44.02
N VAL T 111 27.59 -24.97 -44.29
CA VAL T 111 28.09 -24.91 -45.66
C VAL T 111 27.45 -26.03 -46.48
N ALA T 112 27.07 -25.71 -47.72
CA ALA T 112 26.41 -26.66 -48.60
C ALA T 112 27.04 -26.60 -49.98
N ALA T 113 27.49 -27.75 -50.48
CA ALA T 113 28.07 -27.84 -51.82
C ALA T 113 26.97 -28.02 -52.87
N PRO T 114 27.10 -27.37 -54.02
CA PRO T 114 26.04 -27.41 -55.02
C PRO T 114 26.06 -28.68 -55.86
N SER T 115 24.87 -29.11 -56.24
CA SER T 115 24.72 -30.10 -57.31
C SER T 115 24.92 -29.40 -58.64
N VAL T 116 25.97 -29.79 -59.37
CA VAL T 116 26.38 -29.09 -60.58
C VAL T 116 25.93 -29.88 -61.80
N PHE T 117 25.38 -29.17 -62.78
CA PHE T 117 24.90 -29.79 -64.01
C PHE T 117 25.20 -28.86 -65.19
N ILE T 118 25.21 -29.43 -66.39
CA ILE T 118 25.41 -28.67 -67.61
C ILE T 118 24.41 -29.18 -68.65
N PHE T 119 23.91 -28.26 -69.48
CA PHE T 119 22.90 -28.55 -70.48
C PHE T 119 23.38 -28.15 -71.86
N PRO T 120 23.14 -28.98 -72.87
CA PRO T 120 23.51 -28.61 -74.23
C PRO T 120 22.45 -27.70 -74.84
N PRO T 121 22.83 -26.89 -75.82
CA PRO T 121 21.83 -26.07 -76.52
C PRO T 121 20.76 -26.94 -77.18
N SER T 122 19.54 -26.43 -77.20
CA SER T 122 18.42 -27.19 -77.72
C SER T 122 18.56 -27.40 -79.23
N ASP T 123 17.86 -28.42 -79.72
CA ASP T 123 17.88 -28.71 -81.16
C ASP T 123 17.24 -27.57 -81.95
N SER T 124 16.06 -27.13 -81.55
CA SER T 124 15.41 -26.02 -82.22
C SER T 124 16.07 -24.68 -81.91
N GLN T 125 16.90 -24.62 -80.88
CA GLN T 125 17.62 -23.39 -80.58
C GLN T 125 18.72 -23.13 -81.59
N LEU T 126 19.34 -24.19 -82.12
CA LEU T 126 20.35 -24.03 -83.14
C LEU T 126 19.77 -23.48 -84.44
N LYS T 127 18.45 -23.55 -84.60
CA LYS T 127 17.80 -22.99 -85.78
C LYS T 127 17.73 -21.47 -85.75
N SER T 128 18.07 -20.85 -84.61
CA SER T 128 18.07 -19.40 -84.49
C SER T 128 19.40 -18.77 -84.86
N GLY T 129 20.43 -19.56 -85.09
CA GLY T 129 21.77 -19.03 -85.31
C GLY T 129 22.49 -18.62 -84.04
N THR T 130 21.92 -18.92 -82.87
CA THR T 130 22.53 -18.57 -81.60
C THR T 130 22.15 -19.64 -80.58
N ALA T 131 23.13 -20.08 -79.80
CA ALA T 131 22.94 -21.16 -78.84
C ALA T 131 23.30 -20.68 -77.44
N SER T 132 22.85 -21.43 -76.45
CA SER T 132 23.09 -21.11 -75.05
C SER T 132 23.41 -22.38 -74.28
N VAL T 133 24.42 -22.30 -73.41
CA VAL T 133 24.83 -23.39 -72.56
C VAL T 133 24.48 -23.03 -71.12
N VAL T 134 23.72 -23.90 -70.46
CA VAL T 134 23.18 -23.64 -69.13
C VAL T 134 23.94 -24.47 -68.12
N CYS T 135 24.62 -23.80 -67.18
CA CYS T 135 25.30 -24.46 -66.08
C CYS T 135 24.50 -24.21 -64.81
N LEU T 136 24.03 -25.28 -64.19
CA LEU T 136 23.13 -25.23 -63.03
C LEU T 136 23.89 -25.59 -61.76
N LEU T 137 23.63 -24.82 -60.70
CA LEU T 137 24.23 -25.03 -59.38
C LEU T 137 23.06 -25.05 -58.38
N ASN T 138 22.68 -26.22 -57.90
CA ASN T 138 21.48 -26.37 -57.11
C ASN T 138 21.80 -26.62 -55.64
N ASN T 139 21.04 -25.98 -54.75
CA ASN T 139 21.00 -26.32 -53.32
C ASN T 139 22.38 -26.18 -52.68
N PHE T 140 22.85 -24.93 -52.63
CA PHE T 140 24.13 -24.62 -52.01
C PHE T 140 23.98 -23.40 -51.09
N TYR T 141 25.00 -23.19 -50.26
CA TYR T 141 25.08 -22.06 -49.33
C TYR T 141 26.54 -21.90 -48.95
N PRO T 142 27.06 -20.66 -48.85
CA PRO T 142 26.37 -19.37 -49.02
C PRO T 142 26.11 -19.00 -50.48
N ARG T 143 25.66 -17.76 -50.70
CA ARG T 143 25.30 -17.32 -52.04
C ARG T 143 26.53 -17.14 -52.93
N GLU T 144 27.68 -16.83 -52.35
CA GLU T 144 28.89 -16.63 -53.13
C GLU T 144 29.32 -17.93 -53.80
N ALA T 145 29.53 -17.86 -55.11
CA ALA T 145 30.06 -18.98 -55.88
C ALA T 145 30.89 -18.41 -57.02
N LYS T 146 31.44 -19.30 -57.84
CA LYS T 146 32.23 -18.87 -58.99
C LYS T 146 32.07 -19.90 -60.11
N VAL T 147 31.54 -19.46 -61.24
CA VAL T 147 31.34 -20.30 -62.41
C VAL T 147 32.25 -19.78 -63.52
N GLN T 148 33.19 -20.62 -63.95
CA GLN T 148 34.11 -20.29 -65.02
C GLN T 148 33.73 -21.10 -66.26
N TRP T 149 33.89 -20.52 -67.44
CA TRP T 149 33.55 -21.21 -68.68
C TRP T 149 34.81 -21.58 -69.45
N LYS T 150 34.73 -22.71 -70.16
CA LYS T 150 35.85 -23.24 -70.92
C LYS T 150 35.33 -23.80 -72.24
N VAL T 151 35.64 -23.14 -73.34
CA VAL T 151 35.31 -23.63 -74.68
C VAL T 151 36.63 -23.98 -75.35
N ASP T 152 36.84 -25.27 -75.62
CA ASP T 152 38.13 -25.80 -76.07
C ASP T 152 39.24 -25.43 -75.08
N ASN T 153 38.92 -25.53 -73.80
CA ASN T 153 39.80 -25.13 -72.70
C ASN T 153 40.30 -23.70 -72.87
N ALA T 154 39.44 -22.82 -73.39
CA ALA T 154 39.71 -21.39 -73.46
C ALA T 154 38.69 -20.67 -72.62
N LEU T 155 39.15 -19.88 -71.65
CA LEU T 155 38.25 -19.27 -70.68
C LEU T 155 37.46 -18.13 -71.32
N GLN T 156 36.22 -17.98 -70.87
CA GLN T 156 35.27 -17.04 -71.46
C GLN T 156 35.04 -15.86 -70.53
N SER T 157 34.61 -14.75 -71.12
CA SER T 157 34.29 -13.54 -70.37
C SER T 157 33.51 -12.55 -71.24
N GLY T 158 32.41 -12.02 -70.70
CA GLY T 158 31.58 -11.09 -71.43
C GLY T 158 30.43 -11.69 -72.21
N ASN T 159 30.25 -13.00 -72.14
CA ASN T 159 29.21 -13.69 -72.90
C ASN T 159 28.35 -14.60 -72.01
N SER T 160 28.48 -14.53 -70.69
CA SER T 160 27.69 -15.32 -69.77
C SER T 160 27.01 -14.39 -68.78
N GLN T 161 25.85 -14.82 -68.30
CA GLN T 161 25.09 -14.10 -67.28
C GLN T 161 24.60 -15.11 -66.23
N GLU T 162 24.44 -14.64 -65.01
CA GLU T 162 24.09 -15.52 -63.92
C GLU T 162 22.87 -15.00 -63.19
N SER T 163 22.00 -15.95 -62.82
CA SER T 163 20.76 -15.65 -62.11
C SER T 163 20.66 -16.54 -60.87
N VAL T 164 20.38 -15.93 -59.72
CA VAL T 164 20.33 -16.62 -58.44
C VAL T 164 18.91 -16.51 -57.88
N THR T 165 18.38 -17.64 -57.39
CA THR T 165 17.05 -17.65 -56.79
C THR T 165 17.09 -17.11 -55.38
N GLU T 166 15.91 -16.85 -54.83
CA GLU T 166 15.80 -16.48 -53.44
C GLU T 166 16.00 -17.71 -52.55
N GLN T 167 16.36 -17.44 -51.30
CA GLN T 167 16.67 -18.51 -50.36
C GLN T 167 15.42 -19.34 -50.08
N ASP T 168 15.59 -20.67 -50.09
CA ASP T 168 14.44 -21.57 -50.09
C ASP T 168 13.76 -21.60 -48.72
N SER T 169 12.50 -22.07 -48.73
CA SER T 169 11.66 -22.01 -47.54
C SER T 169 12.04 -23.06 -46.50
N LYS T 170 12.34 -24.29 -46.94
CA LYS T 170 12.56 -25.38 -45.99
C LYS T 170 14.03 -25.67 -45.71
N ASP T 171 14.89 -25.69 -46.73
CA ASP T 171 16.30 -25.98 -46.51
C ASP T 171 17.19 -24.75 -46.55
N SER T 172 16.67 -23.61 -46.99
CA SER T 172 17.39 -22.34 -46.99
C SER T 172 18.71 -22.45 -47.77
N THR T 173 18.58 -22.84 -49.03
CA THR T 173 19.72 -22.97 -49.93
C THR T 173 19.44 -22.19 -51.21
N TYR T 174 20.50 -21.97 -51.98
CA TYR T 174 20.44 -21.14 -53.17
C TYR T 174 20.59 -21.98 -54.44
N SER T 175 20.09 -21.43 -55.55
CA SER T 175 20.23 -22.03 -56.86
C SER T 175 20.74 -20.97 -57.83
N LEU T 176 21.62 -21.38 -58.73
CA LEU T 176 22.28 -20.48 -59.67
C LEU T 176 22.20 -21.05 -61.06
N SER T 177 21.94 -20.17 -62.04
CA SER T 177 21.86 -20.53 -63.45
C SER T 177 22.81 -19.63 -64.23
N SER T 178 23.81 -20.21 -64.87
CA SER T 178 24.76 -19.47 -65.68
C SER T 178 24.48 -19.79 -67.14
N THR T 179 23.98 -18.81 -67.87
CA THR T 179 23.67 -18.96 -69.29
C THR T 179 24.80 -18.36 -70.11
N LEU T 180 25.37 -19.18 -71.01
CA LEU T 180 26.46 -18.79 -71.88
C LEU T 180 25.92 -18.67 -73.30
N THR T 181 25.86 -17.44 -73.81
CA THR T 181 25.32 -17.17 -75.13
C THR T 181 26.46 -17.12 -76.15
N LEU T 182 26.30 -17.86 -77.25
CA LEU T 182 27.31 -17.91 -78.30
C LEU T 182 26.63 -18.01 -79.66
N SER T 183 27.14 -17.24 -80.62
CA SER T 183 26.69 -17.40 -82.00
C SER T 183 26.97 -18.81 -82.48
N LYS T 184 26.07 -19.33 -83.33
CA LYS T 184 26.18 -20.71 -83.77
C LYS T 184 27.48 -20.97 -84.51
N ALA T 185 28.07 -19.93 -85.11
CA ALA T 185 29.37 -20.07 -85.77
C ALA T 185 30.42 -20.57 -84.77
N ASP T 186 30.66 -19.80 -83.71
CA ASP T 186 31.61 -20.23 -82.69
C ASP T 186 31.16 -21.49 -81.97
N TYR T 187 29.86 -21.81 -82.00
CA TYR T 187 29.41 -23.06 -81.40
C TYR T 187 29.88 -24.26 -82.21
N GLU T 188 29.70 -24.23 -83.52
CA GLU T 188 30.10 -25.35 -84.36
C GLU T 188 31.61 -25.39 -84.57
N LYS T 189 32.28 -24.23 -84.52
CA LYS T 189 33.73 -24.21 -84.72
C LYS T 189 34.49 -24.89 -83.59
N HIS T 190 33.85 -25.12 -82.45
CA HIS T 190 34.51 -25.69 -81.28
C HIS T 190 33.80 -26.97 -80.85
N LYS T 191 34.47 -27.73 -80.00
CA LYS T 191 34.05 -29.10 -79.67
C LYS T 191 33.90 -29.36 -78.19
N VAL T 192 34.75 -28.79 -77.34
CA VAL T 192 34.74 -29.04 -75.90
C VAL T 192 34.05 -27.87 -75.20
N TYR T 193 33.06 -28.18 -74.37
CA TYR T 193 32.37 -27.17 -73.56
C TYR T 193 32.36 -27.62 -72.11
N ALA T 194 32.67 -26.70 -71.20
CA ALA T 194 32.73 -27.07 -69.80
C ALA T 194 32.46 -25.84 -68.93
N CYS T 195 31.81 -26.08 -67.79
CA CYS T 195 31.65 -25.08 -66.74
C CYS T 195 32.28 -25.61 -65.46
N GLU T 196 33.08 -24.77 -64.82
CA GLU T 196 33.86 -25.13 -63.65
C GLU T 196 33.37 -24.32 -62.45
N VAL T 197 32.85 -25.01 -61.44
CA VAL T 197 32.31 -24.39 -60.24
C VAL T 197 33.40 -24.39 -59.18
N THR T 198 33.72 -23.22 -58.66
CA THR T 198 34.69 -23.04 -57.57
C THR T 198 33.90 -22.50 -56.37
N HIS T 199 33.36 -23.40 -55.57
CA HIS T 199 32.51 -23.05 -54.44
C HIS T 199 33.24 -23.32 -53.13
N GLN T 200 32.78 -22.66 -52.07
CA GLN T 200 33.42 -22.81 -50.77
C GLN T 200 33.31 -24.23 -50.25
N GLY T 201 32.16 -24.87 -50.43
CA GLY T 201 31.94 -26.21 -49.91
C GLY T 201 32.54 -27.32 -50.75
N LEU T 202 33.52 -26.98 -51.58
CA LEU T 202 34.19 -27.94 -52.44
C LEU T 202 35.69 -27.85 -52.25
N SER T 203 36.35 -29.00 -52.19
CA SER T 203 37.81 -29.03 -52.07
C SER T 203 38.48 -28.66 -53.39
N SER T 204 38.14 -29.38 -54.45
CA SER T 204 38.65 -29.10 -55.78
C SER T 204 37.52 -28.63 -56.67
N PRO T 205 37.73 -27.57 -57.46
CA PRO T 205 36.65 -27.05 -58.31
C PRO T 205 36.14 -28.11 -59.27
N VAL T 206 34.83 -28.37 -59.21
CA VAL T 206 34.20 -29.46 -59.95
C VAL T 206 33.72 -28.92 -61.30
N THR T 207 34.01 -29.67 -62.36
CA THR T 207 33.71 -29.25 -63.72
C THR T 207 32.73 -30.22 -64.36
N LYS T 208 31.81 -29.69 -65.15
CA LYS T 208 30.88 -30.49 -65.94
C LYS T 208 30.98 -30.07 -67.40
N SER T 209 31.04 -31.05 -68.30
CA SER T 209 31.41 -30.79 -69.68
C SER T 209 30.61 -31.67 -70.64
N PHE T 210 30.58 -31.24 -71.90
CA PHE T 210 30.10 -32.07 -73.00
C PHE T 210 30.91 -31.72 -74.24
N ASN T 211 30.65 -32.45 -75.33
CA ASN T 211 31.50 -32.39 -76.52
C ASN T 211 30.64 -32.43 -77.78
N ARG T 212 30.45 -31.28 -78.41
CA ARG T 212 29.83 -31.19 -79.73
C ARG T 212 30.54 -30.17 -80.60
N PRO U 12 -46.06 14.80 -48.78
CA PRO U 12 -46.33 15.93 -47.88
C PRO U 12 -45.21 16.97 -47.90
N GLY U 13 -45.04 17.68 -46.79
CA GLY U 13 -43.92 18.58 -46.63
C GLY U 13 -42.75 17.88 -45.97
N ILE U 14 -42.43 16.67 -46.44
CA ILE U 14 -41.36 15.88 -45.84
C ILE U 14 -39.97 16.40 -46.17
N ALA U 15 -39.85 17.32 -47.12
CA ALA U 15 -38.59 18.02 -47.32
C ALA U 15 -38.41 19.17 -46.34
N TRP U 16 -39.51 19.72 -45.82
CA TRP U 16 -39.44 20.66 -44.71
C TRP U 16 -38.88 20.00 -43.46
N ILE U 17 -38.88 18.67 -43.40
CA ILE U 17 -38.25 17.94 -42.31
C ILE U 17 -36.73 18.00 -42.43
N ALA U 18 -36.21 17.74 -43.64
CA ALA U 18 -34.77 17.70 -43.86
C ALA U 18 -34.08 19.02 -43.51
N LEU U 19 -34.83 20.13 -43.46
CA LEU U 19 -34.28 21.38 -42.98
C LEU U 19 -33.72 21.21 -41.57
N LEU U 20 -34.49 20.57 -40.70
CA LEU U 20 -34.03 20.34 -39.32
C LEU U 20 -32.78 19.47 -39.29
N LEU U 21 -32.72 18.44 -40.14
CA LEU U 21 -31.56 17.57 -40.15
C LEU U 21 -30.32 18.31 -40.66
N LEU U 22 -30.50 19.19 -41.65
CA LEU U 22 -29.38 20.03 -42.07
C LEU U 22 -28.98 21.01 -40.98
N VAL U 23 -29.94 21.49 -40.18
CA VAL U 23 -29.59 22.34 -39.04
C VAL U 23 -28.72 21.58 -38.05
N ILE U 24 -29.07 20.32 -37.80
CA ILE U 24 -28.29 19.50 -36.87
C ILE U 24 -26.90 19.23 -37.43
N PHE U 25 -26.82 18.85 -38.71
CA PHE U 25 -25.52 18.74 -39.37
C PHE U 25 -24.72 20.02 -39.20
N TYR U 26 -25.37 21.18 -39.39
CA TYR U 26 -24.66 22.45 -39.31
C TYR U 26 -24.11 22.70 -37.92
N VAL U 27 -24.94 22.48 -36.88
CA VAL U 27 -24.48 22.80 -35.53
C VAL U 27 -23.36 21.85 -35.11
N PHE U 28 -23.49 20.56 -35.43
CA PHE U 28 -22.40 19.65 -35.06
C PHE U 28 -21.15 19.87 -35.92
N ALA U 29 -21.31 20.37 -37.14
CA ALA U 29 -20.15 20.67 -37.96
C ALA U 29 -19.42 21.89 -37.43
N VAL U 30 -20.18 22.89 -36.97
CA VAL U 30 -19.55 24.05 -36.32
C VAL U 30 -18.85 23.60 -35.04
N MET U 31 -19.46 22.68 -34.30
CA MET U 31 -18.79 22.13 -33.12
C MET U 31 -17.48 21.46 -33.49
N GLY U 32 -17.52 20.56 -34.47
CA GLY U 32 -16.31 19.87 -34.90
C GLY U 32 -15.25 20.83 -35.42
N THR U 33 -15.68 21.92 -36.06
CA THR U 33 -14.73 22.93 -36.52
C THR U 33 -14.08 23.63 -35.34
N LYS U 34 -14.89 24.03 -34.36
CA LYS U 34 -14.36 24.72 -33.20
C LYS U 34 -13.44 23.82 -32.37
N LEU U 35 -13.68 22.51 -32.41
CA LEU U 35 -12.93 21.59 -31.56
C LEU U 35 -11.68 21.04 -32.23
N PHE U 36 -11.74 20.71 -33.52
CA PHE U 36 -10.73 19.86 -34.14
C PHE U 36 -10.04 20.50 -35.34
N ALA U 37 -10.33 21.76 -35.67
CA ALA U 37 -9.77 22.35 -36.88
C ALA U 37 -8.25 22.48 -36.78
N GLN U 38 -7.75 22.98 -35.64
CA GLN U 38 -6.32 23.18 -35.49
C GLN U 38 -5.56 21.86 -35.55
N SER U 39 -6.15 20.79 -35.03
CA SER U 39 -5.46 19.51 -34.90
C SER U 39 -5.74 18.54 -36.04
N PHE U 40 -6.92 18.59 -36.64
CA PHE U 40 -7.29 17.71 -37.76
C PHE U 40 -7.83 18.59 -38.88
N PRO U 41 -6.95 19.25 -39.63
CA PRO U 41 -7.45 20.23 -40.62
C PRO U 41 -8.16 19.58 -41.79
N GLU U 42 -7.69 18.44 -42.27
CA GLU U 42 -8.32 17.85 -43.44
C GLU U 42 -9.73 17.35 -43.13
N TRP U 43 -10.00 17.02 -41.87
CA TRP U 43 -11.30 16.50 -41.47
C TRP U 43 -12.23 17.56 -40.91
N PHE U 44 -11.69 18.60 -40.28
CA PHE U 44 -12.51 19.61 -39.61
C PHE U 44 -12.00 21.03 -39.83
N GLY U 45 -11.11 21.26 -40.80
CA GLY U 45 -10.55 22.59 -40.99
C GLY U 45 -11.49 23.59 -41.59
N THR U 46 -12.53 23.14 -42.30
CA THR U 46 -13.55 24.01 -42.86
C THR U 46 -14.92 23.49 -42.45
N LEU U 47 -15.95 24.30 -42.67
CA LEU U 47 -17.30 23.85 -42.41
C LEU U 47 -17.67 22.70 -43.34
N GLY U 48 -17.24 22.78 -44.59
CA GLY U 48 -17.49 21.68 -45.51
C GLY U 48 -16.81 20.40 -45.06
N ALA U 49 -15.56 20.51 -44.61
CA ALA U 49 -14.85 19.33 -44.12
C ALA U 49 -15.55 18.72 -42.92
N SER U 50 -16.05 19.56 -42.02
CA SER U 50 -16.75 19.05 -40.84
C SER U 50 -18.06 18.37 -41.24
N MET U 51 -18.83 18.99 -42.14
CA MET U 51 -20.02 18.36 -42.68
C MET U 51 -19.71 16.99 -43.26
N TYR U 52 -18.67 16.93 -44.11
CA TYR U 52 -18.33 15.69 -44.79
C TYR U 52 -17.89 14.63 -43.81
N THR U 53 -17.06 15.01 -42.82
CA THR U 53 -16.57 14.06 -41.84
C THR U 53 -17.71 13.54 -40.97
N LEU U 54 -18.65 14.41 -40.58
CA LEU U 54 -19.81 13.95 -39.83
C LEU U 54 -20.65 12.98 -40.64
N PHE U 55 -20.83 13.25 -41.93
CA PHE U 55 -21.55 12.31 -42.77
C PHE U 55 -20.82 10.97 -42.82
N GLN U 56 -19.51 11.00 -43.00
CA GLN U 56 -18.72 9.77 -43.07
C GLN U 56 -18.81 8.98 -41.78
N VAL U 57 -18.83 9.67 -40.64
CA VAL U 57 -18.98 9.00 -39.35
C VAL U 57 -20.38 8.41 -39.23
N MET U 58 -21.40 9.16 -39.69
CA MET U 58 -22.77 8.68 -39.61
C MET U 58 -22.97 7.44 -40.48
N THR U 59 -22.17 7.29 -41.54
CA THR U 59 -22.25 6.08 -42.34
C THR U 59 -21.98 4.82 -41.52
N LEU U 60 -21.17 4.95 -40.47
CA LEU U 60 -20.80 3.82 -39.60
C LEU U 60 -20.16 2.69 -40.42
N GLU U 61 -19.11 3.06 -41.14
CA GLU U 61 -18.42 2.14 -42.03
C GLU U 61 -16.94 2.11 -41.69
N SER U 62 -16.12 1.51 -42.56
CA SER U 62 -14.69 1.42 -42.31
C SER U 62 -14.08 2.81 -42.12
N TRP U 63 -14.28 3.70 -43.12
CA TRP U 63 -13.86 5.09 -42.98
C TRP U 63 -14.39 5.75 -41.71
N SER U 64 -15.56 5.36 -41.23
CA SER U 64 -16.09 5.97 -40.01
C SER U 64 -15.14 5.73 -38.83
N MET U 65 -14.84 4.47 -38.55
CA MET U 65 -13.91 4.17 -37.46
C MET U 65 -12.52 4.69 -37.76
N GLY U 66 -12.12 4.71 -39.03
CA GLY U 66 -10.83 5.26 -39.37
C GLY U 66 -10.71 6.73 -39.01
N ILE U 67 -11.75 7.50 -39.28
CA ILE U 67 -11.78 8.89 -38.85
C ILE U 67 -11.80 8.96 -37.33
N ALA U 68 -12.55 8.07 -36.68
CA ALA U 68 -12.76 8.17 -35.25
C ALA U 68 -11.45 7.98 -34.48
N ARG U 69 -10.68 6.96 -34.83
CA ARG U 69 -9.57 6.56 -33.96
C ARG U 69 -8.54 7.66 -33.70
N PRO U 70 -8.07 8.45 -34.69
CA PRO U 70 -7.04 9.43 -34.35
C PRO U 70 -7.60 10.61 -33.59
N VAL U 71 -8.85 10.96 -33.89
CA VAL U 71 -9.51 12.06 -33.18
C VAL U 71 -9.64 11.72 -31.71
N ILE U 72 -9.91 10.44 -31.40
CA ILE U 72 -10.05 10.04 -30.01
C ILE U 72 -8.69 9.85 -29.35
N GLU U 73 -7.69 9.36 -30.09
CA GLU U 73 -6.35 9.29 -29.53
C GLU U 73 -5.85 10.69 -29.16
N ALA U 74 -6.11 11.68 -30.02
CA ALA U 74 -5.68 13.04 -29.74
C ALA U 74 -6.52 13.66 -28.64
N TYR U 75 -7.84 13.52 -28.74
CA TYR U 75 -8.76 14.06 -27.74
C TYR U 75 -9.67 12.91 -27.29
N PRO U 76 -9.38 12.28 -26.14
CA PRO U 76 -10.19 11.13 -25.71
C PRO U 76 -11.65 11.47 -25.50
N TRP U 77 -11.96 12.69 -25.06
CA TRP U 77 -13.35 13.10 -24.90
C TRP U 77 -14.11 13.14 -26.22
N ALA U 78 -13.41 13.19 -27.36
CA ALA U 78 -14.06 13.40 -28.64
C ALA U 78 -15.18 12.41 -28.91
N TRP U 79 -15.14 11.22 -28.28
CA TRP U 79 -16.19 10.24 -28.52
C TRP U 79 -17.55 10.80 -28.17
N ILE U 80 -17.67 11.50 -27.03
CA ILE U 80 -18.96 12.03 -26.62
C ILE U 80 -19.44 13.08 -27.60
N TYR U 81 -18.52 13.65 -28.38
CA TYR U 81 -18.91 14.42 -29.56
C TYR U 81 -19.63 13.53 -30.55
N PHE U 82 -18.91 12.57 -31.14
CA PHE U 82 -19.45 11.75 -32.20
C PHE U 82 -20.75 11.08 -31.75
N VAL U 83 -20.70 10.39 -30.61
CA VAL U 83 -21.87 9.69 -30.09
C VAL U 83 -23.06 10.64 -29.99
N SER U 84 -22.84 11.84 -29.44
CA SER U 84 -23.95 12.78 -29.31
C SER U 84 -24.53 13.11 -30.68
N PHE U 85 -23.66 13.38 -31.67
CA PHE U 85 -24.12 13.61 -33.03
C PHE U 85 -24.97 12.45 -33.54
N ILE U 86 -24.59 11.22 -33.19
CA ILE U 86 -25.37 10.07 -33.65
C ILE U 86 -26.66 9.96 -32.85
N LEU U 87 -26.65 10.37 -31.58
CA LEU U 87 -27.85 10.27 -30.77
C LEU U 87 -28.83 11.39 -31.09
N VAL U 88 -28.39 12.64 -30.88
CA VAL U 88 -29.25 13.80 -31.11
C VAL U 88 -29.91 13.73 -32.46
N SER U 89 -29.17 13.32 -33.49
CA SER U 89 -29.78 13.11 -34.80
C SER U 89 -30.85 12.04 -34.75
N SER U 90 -30.47 10.81 -34.39
CA SER U 90 -31.40 9.67 -34.51
C SER U 90 -32.63 9.85 -33.64
N PHE U 91 -32.49 10.49 -32.48
CA PHE U 91 -33.63 10.67 -31.61
C PHE U 91 -34.53 11.83 -32.04
N THR U 92 -34.04 12.76 -32.87
CA THR U 92 -34.96 13.68 -33.52
C THR U 92 -35.84 12.93 -34.50
N VAL U 93 -35.20 12.27 -35.48
CA VAL U 93 -35.94 11.56 -36.52
C VAL U 93 -37.02 10.69 -35.90
N LEU U 94 -36.60 9.73 -35.06
CA LEU U 94 -37.56 8.86 -34.38
C LEU U 94 -38.69 9.66 -33.76
N ASN U 95 -38.35 10.65 -32.92
CA ASN U 95 -39.39 11.44 -32.28
C ASN U 95 -40.26 12.11 -33.33
N LEU U 96 -39.65 12.79 -34.30
CA LEU U 96 -40.41 13.34 -35.41
C LEU U 96 -41.20 12.24 -36.08
N PHE U 97 -40.54 11.12 -36.37
CA PHE U 97 -41.19 10.02 -37.07
C PHE U 97 -42.32 9.43 -36.22
N ILE U 98 -42.28 9.59 -34.90
CA ILE U 98 -43.34 9.06 -34.05
C ILE U 98 -44.45 10.09 -33.86
N GLY U 99 -44.21 11.35 -34.22
CA GLY U 99 -45.23 12.37 -34.12
C GLY U 99 -46.13 12.36 -35.32
N ILE U 100 -45.53 12.16 -36.51
CA ILE U 100 -46.30 12.05 -37.74
C ILE U 100 -47.42 11.03 -37.58
N ILE U 101 -47.08 9.86 -37.03
CA ILE U 101 -48.06 8.78 -36.87
C ILE U 101 -49.24 9.26 -36.03
N ILE U 102 -48.97 10.10 -35.02
CA ILE U 102 -50.07 10.66 -34.23
C ILE U 102 -50.83 11.70 -35.04
N GLU U 103 -50.12 12.54 -35.78
CA GLU U 103 -50.76 13.54 -36.62
C GLU U 103 -51.29 12.96 -37.92
N SER U 104 -51.07 11.66 -38.16
CA SER U 104 -51.67 10.97 -39.30
C SER U 104 -52.89 10.14 -38.90
N MET U 105 -53.03 9.81 -37.62
CA MET U 105 -54.18 9.08 -37.09
C MET U 105 -55.34 10.03 -36.77
N GLN U 106 -55.26 11.27 -37.24
CA GLN U 106 -56.28 12.28 -37.01
C GLN U 106 -57.09 12.56 -38.28
N SER U 107 -56.99 11.68 -39.29
CA SER U 107 -57.58 11.94 -40.60
C SER U 107 -58.94 11.29 -40.80
N ALA U 108 -59.53 10.67 -39.77
CA ALA U 108 -60.92 10.24 -39.89
C ALA U 108 -61.84 11.44 -40.12
N HIS U 109 -61.60 12.52 -39.36
CA HIS U 109 -62.26 13.80 -39.62
C HIS U 109 -62.09 14.23 -41.08
N HIS U 110 -60.99 13.85 -41.73
CA HIS U 110 -60.77 14.22 -43.12
C HIS U 110 -61.65 13.41 -44.05
N ALA U 111 -61.88 12.14 -43.70
CA ALA U 111 -62.83 11.31 -44.46
C ALA U 111 -64.24 11.89 -44.38
N GLU U 112 -64.63 12.31 -43.17
CA GLU U 112 -65.90 13.03 -43.05
C GLU U 112 -65.90 14.29 -43.89
N ASP U 113 -64.79 15.02 -43.92
CA ASP U 113 -64.68 16.21 -44.75
C ASP U 113 -65.07 15.93 -46.19
N GLY U 114 -64.40 14.94 -46.80
CA GLY U 114 -64.75 14.56 -48.16
C GLY U 114 -66.21 14.17 -48.32
N GLU U 115 -66.76 13.47 -47.32
CA GLU U 115 -68.16 13.05 -47.44
C GLU U 115 -69.12 14.24 -47.37
N ARG U 116 -68.79 15.24 -46.56
CA ARG U 116 -69.58 16.46 -46.58
C ARG U 116 -69.41 17.19 -47.91
N THR U 117 -68.21 17.14 -48.50
CA THR U 117 -68.03 17.70 -49.84
C THR U 117 -69.02 17.08 -50.82
N ASP U 118 -69.15 15.75 -50.79
CA ASP U 118 -70.10 15.05 -51.65
C ASP U 118 -71.51 15.58 -51.44
N ALA U 119 -72.05 15.40 -50.23
CA ALA U 119 -73.46 15.72 -50.00
C ALA U 119 -73.76 17.18 -50.30
N TYR U 120 -72.79 18.08 -50.06
CA TYR U 120 -73.07 19.50 -50.21
C TYR U 120 -73.02 19.93 -51.68
N ARG U 121 -72.14 19.33 -52.48
CA ARG U 121 -72.06 19.68 -53.89
C ARG U 121 -73.14 19.01 -54.74
N ASP U 122 -74.09 18.32 -54.11
CA ASP U 122 -75.36 17.97 -54.74
C ASP U 122 -76.39 19.07 -54.51
N GLU U 123 -76.46 19.57 -53.27
CA GLU U 123 -77.36 20.66 -52.94
C GLU U 123 -77.02 21.92 -53.71
N VAL U 124 -75.73 22.13 -54.03
CA VAL U 124 -75.38 23.31 -54.83
C VAL U 124 -76.10 23.28 -56.17
N GLU V 4 -42.21 -33.08 -8.05
CA GLU V 4 -43.39 -32.84 -8.87
C GLU V 4 -43.00 -32.23 -10.22
N VAL V 5 -41.95 -31.41 -10.22
CA VAL V 5 -41.44 -30.79 -11.44
C VAL V 5 -40.71 -31.87 -12.21
N GLN V 6 -41.37 -32.44 -13.22
CA GLN V 6 -40.88 -33.64 -13.89
C GLN V 6 -41.08 -33.55 -15.39
N LEU V 7 -40.35 -34.41 -16.09
CA LEU V 7 -40.40 -34.54 -17.55
C LEU V 7 -40.65 -36.03 -17.82
N VAL V 8 -41.89 -36.38 -18.13
CA VAL V 8 -42.24 -37.76 -18.42
C VAL V 8 -42.09 -37.98 -19.92
N GLU V 9 -41.14 -38.82 -20.31
CA GLU V 9 -40.89 -39.05 -21.73
C GLU V 9 -41.25 -40.48 -22.11
N SER V 10 -41.62 -40.65 -23.37
CA SER V 10 -42.08 -41.94 -23.89
C SER V 10 -41.97 -41.91 -25.42
N GLY V 11 -42.36 -43.01 -26.04
CA GLY V 11 -42.37 -43.12 -27.48
C GLY V 11 -41.21 -43.86 -28.10
N GLY V 12 -40.28 -44.37 -27.29
CA GLY V 12 -39.14 -45.10 -27.81
C GLY V 12 -39.37 -46.59 -27.86
N GLY V 13 -38.33 -47.31 -28.26
CA GLY V 13 -38.40 -48.76 -28.31
C GLY V 13 -37.64 -49.34 -29.49
N LEU V 14 -38.31 -50.17 -30.28
CA LEU V 14 -37.71 -50.84 -31.42
C LEU V 14 -38.21 -50.20 -32.71
N VAL V 15 -37.31 -50.09 -33.68
CA VAL V 15 -37.64 -49.54 -35.00
C VAL V 15 -36.65 -50.11 -36.01
N GLN V 16 -37.13 -50.36 -37.22
CA GLN V 16 -36.30 -50.96 -38.26
C GLN V 16 -35.40 -49.89 -38.89
N PRO V 17 -34.22 -50.30 -39.35
CA PRO V 17 -33.29 -49.33 -39.97
C PRO V 17 -33.92 -48.62 -41.15
N GLY V 18 -33.58 -47.35 -41.31
CA GLY V 18 -34.22 -46.50 -42.29
C GLY V 18 -35.63 -46.08 -41.93
N GLY V 19 -36.09 -46.41 -40.72
CA GLY V 19 -37.43 -46.09 -40.29
C GLY V 19 -37.52 -44.73 -39.60
N SER V 20 -38.56 -44.59 -38.78
CA SER V 20 -38.82 -43.33 -38.10
C SER V 20 -39.41 -43.63 -36.72
N LEU V 21 -39.31 -42.65 -35.84
CA LEU V 21 -39.81 -42.82 -34.48
C LEU V 21 -40.01 -41.45 -33.84
N ARG V 22 -41.05 -41.34 -33.02
CA ARG V 22 -41.41 -40.09 -32.37
C ARG V 22 -41.20 -40.23 -30.87
N LEU V 23 -40.54 -39.24 -30.27
CA LEU V 23 -40.31 -39.20 -28.84
C LEU V 23 -41.06 -38.02 -28.24
N SER V 24 -41.84 -38.29 -27.19
CA SER V 24 -42.61 -37.26 -26.51
C SER V 24 -42.03 -37.03 -25.12
N CYS V 25 -42.00 -35.77 -24.71
CA CYS V 25 -41.51 -35.36 -23.39
C CYS V 25 -42.51 -34.38 -22.81
N ALA V 26 -43.43 -34.87 -21.97
CA ALA V 26 -44.45 -34.05 -21.36
C ALA V 26 -43.91 -33.44 -20.08
N ALA V 27 -43.93 -32.12 -19.99
CA ALA V 27 -43.50 -31.42 -18.80
C ALA V 27 -44.66 -31.27 -17.83
N SER V 28 -44.35 -31.28 -16.55
CA SER V 28 -45.38 -31.11 -15.53
C SER V 28 -44.78 -30.47 -14.29
N GLY V 29 -45.45 -29.44 -13.76
CA GLY V 29 -45.09 -28.86 -12.49
C GLY V 29 -44.37 -27.51 -12.58
N PHE V 30 -43.91 -27.12 -13.76
CA PHE V 30 -43.23 -25.84 -13.93
C PHE V 30 -43.81 -25.11 -15.13
N ASN V 31 -43.26 -23.95 -15.43
CA ASN V 31 -43.67 -23.15 -16.59
C ASN V 31 -42.93 -23.66 -17.81
N PHE V 32 -43.65 -24.37 -18.69
CA PHE V 32 -43.02 -24.99 -19.85
C PHE V 32 -42.54 -23.95 -20.85
N SER V 33 -43.36 -22.94 -21.14
CA SER V 33 -43.03 -21.97 -22.17
C SER V 33 -41.71 -21.26 -21.87
N SER V 34 -41.55 -20.81 -20.62
CA SER V 34 -40.37 -20.04 -20.24
C SER V 34 -39.07 -20.87 -20.27
N SER V 35 -39.17 -22.19 -20.39
CA SER V 35 -38.01 -23.05 -20.33
C SER V 35 -37.53 -23.41 -21.73
N SER V 36 -36.34 -24.01 -21.79
CA SER V 36 -35.84 -24.66 -22.99
C SER V 36 -35.79 -26.16 -22.76
N ILE V 37 -36.04 -26.93 -23.81
CA ILE V 37 -36.10 -28.38 -23.72
C ILE V 37 -35.00 -28.98 -24.59
N HIS V 38 -34.43 -30.09 -24.13
CA HIS V 38 -33.20 -30.64 -24.69
C HIS V 38 -33.34 -32.14 -24.85
N TRP V 39 -32.85 -32.67 -25.96
CA TRP V 39 -32.69 -34.10 -26.17
C TRP V 39 -31.20 -34.40 -26.23
N VAL V 40 -30.74 -35.31 -25.37
CA VAL V 40 -29.34 -35.70 -25.25
C VAL V 40 -29.27 -37.23 -25.21
N ARG V 41 -28.43 -37.81 -26.05
CA ARG V 41 -28.41 -39.26 -26.19
C ARG V 41 -27.13 -39.85 -25.63
N GLN V 42 -27.22 -41.12 -25.20
CA GLN V 42 -26.10 -41.88 -24.69
C GLN V 42 -26.17 -43.27 -25.29
N ALA V 43 -25.22 -43.60 -26.17
CA ALA V 43 -25.17 -44.95 -26.66
C ALA V 43 -24.57 -45.86 -25.59
N PRO V 44 -24.99 -47.13 -25.54
CA PRO V 44 -24.46 -48.03 -24.50
C PRO V 44 -22.95 -48.18 -24.59
N GLY V 45 -22.25 -47.66 -23.59
CA GLY V 45 -20.80 -47.70 -23.56
C GLY V 45 -20.10 -46.44 -24.03
N LYS V 46 -20.72 -45.28 -23.92
CA LYS V 46 -20.06 -44.02 -24.23
C LYS V 46 -20.63 -42.93 -23.34
N GLY V 47 -20.08 -41.72 -23.48
CA GLY V 47 -20.54 -40.58 -22.72
C GLY V 47 -21.80 -39.99 -23.30
N LEU V 48 -22.14 -38.81 -22.80
CA LEU V 48 -23.34 -38.11 -23.25
C LEU V 48 -23.07 -37.40 -24.57
N GLU V 49 -24.11 -37.31 -25.40
CA GLU V 49 -24.03 -36.65 -26.69
C GLU V 49 -25.26 -35.77 -26.85
N TRP V 50 -25.04 -34.47 -27.06
CA TRP V 50 -26.13 -33.54 -27.28
C TRP V 50 -26.76 -33.79 -28.65
N VAL V 51 -28.09 -33.83 -28.68
CA VAL V 51 -28.84 -34.03 -29.92
C VAL V 51 -29.51 -32.75 -30.39
N ALA V 52 -30.38 -32.17 -29.55
CA ALA V 52 -31.12 -31.00 -30.01
C ALA V 52 -31.61 -30.19 -28.82
N SER V 53 -31.95 -28.93 -29.09
CA SER V 53 -32.49 -28.03 -28.08
C SER V 53 -33.50 -27.11 -28.75
N ILE V 54 -34.50 -26.70 -27.97
CA ILE V 54 -35.58 -25.85 -28.50
C ILE V 54 -36.07 -24.94 -27.37
N SER V 55 -36.45 -23.72 -27.75
CA SER V 55 -37.17 -22.83 -26.84
C SER V 55 -38.66 -23.16 -26.94
N SER V 56 -39.26 -23.51 -25.81
CA SER V 56 -40.67 -23.88 -25.82
C SER V 56 -41.54 -22.71 -26.29
N SER V 57 -41.33 -21.53 -25.71
CA SER V 57 -42.13 -20.37 -26.08
C SER V 57 -41.70 -19.81 -27.43
N SER V 58 -40.40 -19.61 -27.62
CA SER V 58 -39.92 -18.92 -28.80
C SER V 58 -39.98 -19.79 -30.05
N GLY V 59 -39.92 -21.11 -29.90
CA GLY V 59 -39.91 -22.00 -31.04
C GLY V 59 -38.57 -22.15 -31.74
N SER V 60 -37.56 -21.39 -31.33
CA SER V 60 -36.25 -21.51 -31.94
C SER V 60 -35.64 -22.89 -31.68
N THR V 61 -34.90 -23.39 -32.68
CA THR V 61 -34.33 -24.73 -32.60
C THR V 61 -32.84 -24.68 -32.87
N SER V 62 -32.12 -25.66 -32.32
CA SER V 62 -30.71 -25.84 -32.59
C SER V 62 -30.38 -27.33 -32.55
N TYR V 63 -29.73 -27.82 -33.60
CA TYR V 63 -29.47 -29.24 -33.76
C TYR V 63 -27.96 -29.49 -33.78
N ALA V 64 -27.59 -30.73 -33.48
CA ALA V 64 -26.21 -31.15 -33.60
C ALA V 64 -25.87 -31.47 -35.04
N ASP V 65 -24.60 -31.27 -35.40
CA ASP V 65 -24.18 -31.53 -36.77
C ASP V 65 -24.31 -33.00 -37.15
N SER V 66 -24.27 -33.90 -36.15
CA SER V 66 -24.32 -35.33 -36.44
C SER V 66 -25.71 -35.79 -36.85
N VAL V 67 -26.77 -35.04 -36.50
CA VAL V 67 -28.13 -35.47 -36.77
C VAL V 67 -28.90 -34.36 -37.47
N LYS V 68 -28.20 -33.38 -38.03
CA LYS V 68 -28.87 -32.27 -38.69
C LYS V 68 -29.68 -32.74 -39.88
N GLY V 69 -30.90 -32.23 -40.00
CA GLY V 69 -31.76 -32.57 -41.11
C GLY V 69 -32.54 -33.86 -40.92
N ARG V 70 -31.92 -34.87 -40.29
CA ARG V 70 -32.61 -36.13 -40.08
C ARG V 70 -33.58 -36.04 -38.91
N PHE V 71 -33.16 -35.42 -37.81
CA PHE V 71 -34.03 -35.23 -36.67
C PHE V 71 -34.73 -33.88 -36.75
N THR V 72 -35.80 -33.73 -35.97
CA THR V 72 -36.55 -32.48 -35.92
C THR V 72 -37.19 -32.34 -34.55
N ILE V 73 -36.84 -31.28 -33.84
CA ILE V 73 -37.37 -31.02 -32.50
C ILE V 73 -38.48 -30.00 -32.59
N SER V 74 -39.51 -30.19 -31.77
CA SER V 74 -40.67 -29.30 -31.75
C SER V 74 -41.20 -29.23 -30.33
N ALA V 75 -42.17 -28.33 -30.11
CA ALA V 75 -42.75 -28.19 -28.79
C ALA V 75 -44.13 -27.55 -28.91
N ASP V 76 -45.14 -28.22 -28.37
CA ASP V 76 -46.50 -27.72 -28.32
C ASP V 76 -46.77 -27.25 -26.90
N THR V 77 -46.97 -25.94 -26.73
CA THR V 77 -47.20 -25.38 -25.41
C THR V 77 -48.60 -25.70 -24.89
N SER V 78 -49.59 -25.77 -25.79
CA SER V 78 -50.93 -26.17 -25.40
C SER V 78 -50.93 -27.61 -24.88
N LYS V 79 -50.37 -28.53 -25.66
CA LYS V 79 -50.13 -29.89 -25.18
C LYS V 79 -49.11 -29.93 -24.05
N ASN V 80 -48.35 -28.86 -23.85
CA ASN V 80 -47.41 -28.74 -22.73
C ASN V 80 -46.35 -29.85 -22.81
N THR V 81 -45.78 -30.01 -24.00
CA THR V 81 -44.95 -31.18 -24.28
C THR V 81 -44.03 -30.89 -25.46
N ALA V 82 -42.78 -31.33 -25.36
CA ALA V 82 -41.83 -31.27 -26.46
C ALA V 82 -41.74 -32.62 -27.18
N TYR V 83 -41.21 -32.57 -28.40
CA TYR V 83 -41.20 -33.74 -29.27
C TYR V 83 -39.90 -33.79 -30.06
N LEU V 84 -39.45 -35.02 -30.32
CA LEU V 84 -38.29 -35.27 -31.17
C LEU V 84 -38.70 -36.30 -32.22
N GLN V 85 -38.84 -35.85 -33.47
CA GLN V 85 -39.13 -36.75 -34.58
C GLN V 85 -37.82 -37.19 -35.21
N MET V 86 -37.68 -38.49 -35.41
CA MET V 86 -36.43 -39.09 -35.85
C MET V 86 -36.67 -39.86 -37.13
N ASN V 87 -35.88 -39.58 -38.15
CA ASN V 87 -36.04 -40.18 -39.47
C ASN V 87 -34.69 -40.73 -39.93
N SER V 88 -34.76 -41.70 -40.84
CA SER V 88 -33.57 -42.35 -41.41
C SER V 88 -32.70 -42.95 -40.31
N LEU V 89 -33.34 -43.58 -39.33
CA LEU V 89 -32.63 -44.14 -38.19
C LEU V 89 -31.68 -45.24 -38.63
N ARG V 90 -30.56 -45.36 -37.92
CA ARG V 90 -29.46 -46.23 -38.33
C ARG V 90 -28.93 -46.95 -37.10
N ALA V 91 -27.80 -47.63 -37.26
CA ALA V 91 -27.20 -48.37 -36.15
C ALA V 91 -26.59 -47.44 -35.11
N GLU V 92 -26.05 -46.30 -35.55
CA GLU V 92 -25.47 -45.35 -34.60
C GLU V 92 -26.53 -44.78 -33.67
N ASP V 93 -27.75 -44.58 -34.18
CA ASP V 93 -28.79 -43.94 -33.40
C ASP V 93 -29.32 -44.83 -32.26
N THR V 94 -28.89 -46.09 -32.19
CA THR V 94 -29.30 -46.97 -31.11
C THR V 94 -28.71 -46.46 -29.80
N ALA V 95 -29.55 -45.88 -28.94
CA ALA V 95 -29.05 -45.25 -27.71
C ALA V 95 -30.21 -44.96 -26.79
N VAL V 96 -29.88 -44.61 -25.55
CA VAL V 96 -30.87 -44.14 -24.58
C VAL V 96 -30.94 -42.62 -24.68
N TYR V 97 -32.14 -42.11 -24.96
CA TYR V 97 -32.33 -40.68 -25.13
C TYR V 97 -32.96 -40.08 -23.88
N TYR V 98 -32.45 -38.92 -23.47
CA TYR V 98 -32.86 -38.24 -22.26
C TYR V 98 -33.42 -36.86 -22.63
N CYS V 99 -34.46 -36.46 -21.91
CA CYS V 99 -35.07 -35.15 -22.04
C CYS V 99 -34.68 -34.30 -20.85
N ALA V 100 -34.22 -33.07 -21.11
CA ALA V 100 -33.78 -32.17 -20.06
C ALA V 100 -34.39 -30.79 -20.30
N ARG V 101 -34.24 -29.92 -19.30
CA ARG V 101 -34.74 -28.55 -19.41
C ARG V 101 -33.73 -27.57 -18.86
N THR V 102 -33.92 -26.31 -19.25
CA THR V 102 -33.32 -25.16 -18.58
C THR V 102 -34.44 -24.16 -18.34
N TYR V 103 -34.91 -24.11 -17.10
CA TYR V 103 -35.88 -23.16 -16.61
C TYR V 103 -35.12 -22.18 -15.73
N GLY V 104 -35.10 -20.91 -16.14
CA GLY V 104 -34.01 -20.06 -15.72
C GLY V 104 -34.27 -18.65 -15.21
N TRP V 105 -33.67 -17.69 -15.90
CA TRP V 105 -33.08 -16.44 -15.45
C TRP V 105 -31.74 -16.73 -14.79
N TYR V 106 -31.45 -17.94 -14.49
CA TYR V 106 -30.13 -18.19 -13.97
C TYR V 106 -29.47 -19.40 -14.62
N TYR V 107 -30.24 -20.45 -14.92
CA TYR V 107 -29.69 -21.58 -15.65
C TYR V 107 -29.68 -21.33 -17.15
N SER V 108 -30.45 -20.33 -17.60
CA SER V 108 -30.40 -19.93 -19.00
C SER V 108 -29.17 -19.08 -19.28
N TRP V 109 -28.72 -18.29 -18.30
CA TRP V 109 -27.48 -17.56 -18.48
C TRP V 109 -26.28 -18.45 -18.20
N TRP V 110 -26.49 -19.75 -18.02
CA TRP V 110 -25.39 -20.72 -17.95
C TRP V 110 -25.63 -22.01 -18.74
N TRP V 111 -26.86 -22.31 -19.18
CA TRP V 111 -27.15 -23.54 -19.93
C TRP V 111 -26.79 -24.78 -19.11
N ALA V 112 -27.60 -24.99 -18.08
CA ALA V 112 -27.18 -25.76 -16.92
C ALA V 112 -26.78 -27.20 -17.27
N PHE V 113 -27.69 -28.06 -17.79
CA PHE V 113 -29.16 -28.05 -17.77
C PHE V 113 -29.60 -28.48 -16.37
N ASP V 114 -30.66 -27.89 -15.83
CA ASP V 114 -30.95 -28.12 -14.42
C ASP V 114 -31.58 -29.50 -14.16
N TYR V 115 -32.68 -29.81 -14.85
CA TYR V 115 -33.41 -31.05 -14.62
C TYR V 115 -33.32 -31.96 -15.85
N TRP V 116 -33.37 -33.26 -15.59
CA TRP V 116 -33.19 -34.29 -16.61
C TRP V 116 -34.32 -35.31 -16.51
N GLY V 117 -34.89 -35.67 -17.67
CA GLY V 117 -35.83 -36.77 -17.71
C GLY V 117 -35.14 -38.11 -17.52
N GLN V 118 -35.94 -39.13 -17.22
CA GLN V 118 -35.38 -40.38 -16.72
C GLN V 118 -34.76 -41.24 -17.81
N GLY V 119 -35.17 -41.08 -19.06
CA GLY V 119 -34.49 -41.81 -20.12
C GLY V 119 -35.40 -42.84 -20.78
N THR V 120 -35.22 -43.02 -22.08
CA THR V 120 -35.96 -44.04 -22.81
C THR V 120 -35.07 -44.61 -23.91
N LEU V 121 -35.15 -45.92 -24.12
CA LEU V 121 -34.25 -46.61 -25.04
C LEU V 121 -34.80 -46.65 -26.45
N VAL V 122 -33.91 -46.51 -27.43
CA VAL V 122 -34.24 -46.63 -28.85
C VAL V 122 -33.22 -47.59 -29.45
N THR V 123 -33.65 -48.82 -29.72
CA THR V 123 -32.81 -49.82 -30.37
C THR V 123 -33.25 -49.98 -31.82
N VAL V 124 -32.33 -49.74 -32.75
CA VAL V 124 -32.59 -49.86 -34.17
C VAL V 124 -32.06 -51.22 -34.62
N SER V 125 -32.98 -52.13 -34.96
CA SER V 125 -32.61 -53.47 -35.38
C SER V 125 -33.66 -53.99 -36.36
N SER V 126 -33.40 -55.18 -36.90
CA SER V 126 -34.28 -55.79 -37.88
C SER V 126 -35.22 -56.83 -37.28
N ALA V 127 -34.74 -57.62 -36.31
CA ALA V 127 -35.52 -58.71 -35.74
C ALA V 127 -36.78 -58.18 -35.06
N SER V 128 -37.69 -59.09 -34.75
CA SER V 128 -39.02 -58.76 -34.28
C SER V 128 -39.09 -58.83 -32.75
N THR V 129 -40.17 -58.29 -32.22
CA THR V 129 -40.40 -58.25 -30.78
C THR V 129 -40.71 -59.65 -30.24
N LYS V 130 -40.24 -59.92 -29.03
CA LYS V 130 -40.51 -61.19 -28.37
C LYS V 130 -40.71 -60.96 -26.88
N GLY V 131 -41.72 -61.61 -26.32
CA GLY V 131 -41.96 -61.59 -24.90
C GLY V 131 -41.06 -62.55 -24.16
N PRO V 132 -40.77 -62.25 -22.89
CA PRO V 132 -39.88 -63.09 -22.10
C PRO V 132 -40.60 -64.27 -21.46
N SER V 133 -39.79 -65.20 -20.97
CA SER V 133 -40.26 -66.34 -20.18
C SER V 133 -39.76 -66.17 -18.75
N VAL V 134 -40.69 -66.25 -17.79
CA VAL V 134 -40.42 -66.00 -16.38
C VAL V 134 -40.39 -67.34 -15.68
N PHE V 135 -39.22 -67.73 -15.18
CA PHE V 135 -39.00 -69.03 -14.55
C PHE V 135 -38.54 -68.83 -13.12
N PRO V 136 -39.31 -69.23 -12.11
CA PRO V 136 -38.86 -69.08 -10.72
C PRO V 136 -37.57 -69.86 -10.45
N LEU V 137 -36.84 -69.42 -9.42
CA LEU V 137 -35.58 -70.02 -9.02
C LEU V 137 -35.75 -70.49 -7.58
N ALA V 138 -35.72 -71.80 -7.38
CA ALA V 138 -36.17 -72.43 -6.15
C ALA V 138 -35.15 -72.24 -5.03
N PRO V 139 -35.62 -71.93 -3.81
CA PRO V 139 -34.72 -71.90 -2.65
C PRO V 139 -34.21 -73.29 -2.26
N SER V 140 -33.46 -73.38 -1.16
CA SER V 140 -32.87 -74.64 -0.74
C SER V 140 -33.52 -75.21 0.51
N SER V 141 -33.57 -74.44 1.59
CA SER V 141 -34.10 -74.94 2.85
C SER V 141 -35.59 -74.66 2.99
N GLY V 146 -33.21 -67.56 10.26
CA GLY V 146 -33.50 -66.14 10.21
C GLY V 146 -32.57 -65.37 9.30
N GLY V 147 -32.11 -66.02 8.25
CA GLY V 147 -31.20 -65.38 7.31
C GLY V 147 -30.75 -66.38 6.26
N THR V 148 -30.04 -65.85 5.25
CA THR V 148 -29.42 -66.64 4.20
C THR V 148 -30.47 -67.48 3.45
N ALA V 149 -31.35 -66.77 2.74
CA ALA V 149 -32.30 -67.39 1.83
C ALA V 149 -32.26 -66.64 0.52
N ALA V 150 -31.43 -67.12 -0.41
CA ALA V 150 -31.29 -66.50 -1.73
C ALA V 150 -32.26 -67.18 -2.69
N LEU V 151 -33.24 -66.41 -3.16
CA LEU V 151 -34.21 -66.91 -4.12
C LEU V 151 -34.36 -65.92 -5.26
N GLY V 152 -35.29 -66.15 -6.17
CA GLY V 152 -35.53 -65.15 -7.21
C GLY V 152 -36.24 -65.76 -8.40
N CYS V 153 -36.12 -65.09 -9.53
CA CYS V 153 -36.68 -65.58 -10.78
C CYS V 153 -35.82 -65.12 -11.94
N LEU V 154 -35.76 -65.97 -12.96
CA LEU V 154 -35.01 -65.73 -14.18
C LEU V 154 -35.96 -65.30 -15.29
N VAL V 155 -35.47 -64.44 -16.18
CA VAL V 155 -36.26 -63.87 -17.28
C VAL V 155 -35.47 -64.09 -18.56
N LYS V 156 -35.92 -65.02 -19.39
CA LYS V 156 -35.12 -65.49 -20.53
C LYS V 156 -35.84 -65.21 -21.84
N ASP V 157 -35.05 -65.05 -22.90
CA ASP V 157 -35.56 -65.06 -24.28
C ASP V 157 -36.55 -63.92 -24.53
N TYR V 158 -36.05 -62.69 -24.39
CA TYR V 158 -36.79 -61.51 -24.74
C TYR V 158 -35.94 -60.60 -25.61
N PHE V 159 -36.61 -59.80 -26.44
CA PHE V 159 -35.97 -58.86 -27.36
C PHE V 159 -37.03 -57.90 -27.88
N PRO V 160 -36.78 -56.58 -27.89
CA PRO V 160 -35.55 -55.92 -27.42
C PRO V 160 -35.57 -55.58 -25.94
N GLU V 161 -34.52 -54.87 -25.49
CA GLU V 161 -34.47 -54.34 -24.15
C GLU V 161 -35.61 -53.35 -23.93
N PRO V 162 -35.96 -53.04 -22.66
CA PRO V 162 -35.50 -53.64 -21.39
C PRO V 162 -36.60 -54.47 -20.70
N VAL V 163 -36.24 -55.13 -19.60
CA VAL V 163 -37.19 -55.79 -18.72
C VAL V 163 -37.15 -55.09 -17.36
N THR V 164 -38.32 -54.66 -16.89
CA THR V 164 -38.45 -53.95 -15.63
C THR V 164 -38.93 -54.93 -14.57
N VAL V 165 -38.02 -55.40 -13.74
CA VAL V 165 -38.31 -56.39 -12.71
C VAL V 165 -38.51 -55.69 -11.38
N SER V 166 -39.54 -56.10 -10.64
CA SER V 166 -39.73 -55.65 -9.26
C SER V 166 -40.05 -56.85 -8.39
N TRP V 167 -40.40 -56.61 -7.12
CA TRP V 167 -40.76 -57.68 -6.19
C TRP V 167 -41.92 -57.21 -5.32
N ASN V 168 -43.07 -57.85 -5.48
CA ASN V 168 -44.29 -57.53 -4.72
C ASN V 168 -44.68 -56.07 -4.91
N SER V 169 -44.59 -55.58 -6.14
CA SER V 169 -44.98 -54.21 -6.50
C SER V 169 -44.22 -53.18 -5.66
N GLY V 170 -42.91 -53.39 -5.53
CA GLY V 170 -42.07 -52.47 -4.79
C GLY V 170 -42.08 -52.66 -3.29
N ALA V 171 -42.69 -53.73 -2.78
CA ALA V 171 -42.67 -53.98 -1.34
C ALA V 171 -41.31 -54.52 -0.90
N LEU V 172 -40.76 -55.47 -1.64
CA LEU V 172 -39.44 -56.04 -1.36
C LEU V 172 -38.42 -55.31 -2.21
N THR V 173 -37.69 -54.38 -1.59
CA THR V 173 -36.66 -53.60 -2.27
C THR V 173 -35.26 -53.95 -1.80
N SER V 174 -35.04 -54.01 -0.48
CA SER V 174 -33.72 -54.29 0.05
C SER V 174 -33.35 -55.75 -0.22
N GLY V 175 -32.13 -55.96 -0.70
CA GLY V 175 -31.63 -57.29 -1.00
C GLY V 175 -31.74 -57.70 -2.45
N VAL V 176 -32.39 -56.89 -3.29
CA VAL V 176 -32.59 -57.23 -4.69
C VAL V 176 -31.32 -56.94 -5.48
N HIS V 177 -30.97 -57.86 -6.37
CA HIS V 177 -29.79 -57.75 -7.23
C HIS V 177 -30.13 -58.09 -8.68
N THR V 178 -31.18 -57.44 -9.20
CA THR V 178 -31.56 -57.59 -10.60
C THR V 178 -30.36 -57.35 -11.51
N PHE V 179 -29.97 -58.38 -12.24
CA PHE V 179 -28.76 -58.36 -13.06
C PHE V 179 -28.99 -57.67 -14.40
N PRO V 180 -27.92 -57.22 -15.04
CA PRO V 180 -28.04 -56.78 -16.44
C PRO V 180 -28.13 -57.97 -17.39
N ALA V 181 -28.68 -57.71 -18.56
CA ALA V 181 -28.95 -58.78 -19.52
C ALA V 181 -27.68 -59.20 -20.25
N VAL V 182 -27.74 -60.37 -20.87
CA VAL V 182 -26.71 -60.90 -21.74
C VAL V 182 -27.35 -61.31 -23.07
N LEU V 183 -26.52 -61.73 -24.02
CA LEU V 183 -26.96 -61.87 -25.40
C LEU V 183 -27.32 -63.30 -25.81
N GLN V 184 -26.63 -64.31 -25.28
CA GLN V 184 -26.94 -65.71 -25.55
C GLN V 184 -27.10 -66.00 -27.05
N SER V 185 -25.96 -66.17 -27.73
CA SER V 185 -25.75 -65.93 -29.17
C SER V 185 -26.97 -66.08 -30.07
N SER V 186 -27.91 -66.98 -29.72
CA SER V 186 -29.18 -67.09 -30.42
C SER V 186 -29.74 -65.73 -30.83
N GLY V 187 -29.71 -64.75 -29.92
CA GLY V 187 -30.08 -63.39 -30.29
C GLY V 187 -31.19 -62.80 -29.44
N LEU V 188 -31.37 -63.33 -28.24
CA LEU V 188 -32.39 -62.86 -27.31
C LEU V 188 -31.73 -62.50 -25.99
N TYR V 189 -32.36 -61.61 -25.23
CA TYR V 189 -31.77 -61.21 -23.96
C TYR V 189 -32.26 -62.12 -22.84
N SER V 190 -31.41 -62.29 -21.83
CA SER V 190 -31.70 -63.20 -20.72
C SER V 190 -30.99 -62.71 -19.48
N LEU V 191 -31.76 -62.41 -18.44
CA LEU V 191 -31.21 -61.92 -17.18
C LEU V 191 -31.79 -62.72 -16.03
N SER V 192 -31.24 -62.47 -14.84
CA SER V 192 -31.72 -63.05 -13.59
C SER V 192 -32.18 -61.93 -12.67
N SER V 193 -32.90 -62.31 -11.62
CA SER V 193 -33.32 -61.35 -10.60
C SER V 193 -33.39 -62.09 -9.27
N VAL V 194 -32.40 -61.84 -8.41
CA VAL V 194 -32.27 -62.55 -7.16
C VAL V 194 -32.57 -61.59 -6.00
N VAL V 195 -32.88 -62.18 -4.86
CA VAL V 195 -33.11 -61.43 -3.62
C VAL V 195 -32.85 -62.35 -2.45
N THR V 196 -32.25 -61.79 -1.40
CA THR V 196 -31.91 -62.51 -0.18
C THR V 196 -32.86 -62.11 0.93
N VAL V 197 -33.37 -63.09 1.66
CA VAL V 197 -34.33 -62.88 2.75
C VAL V 197 -33.97 -63.78 3.92
N PRO V 198 -34.60 -63.62 5.09
CA PRO V 198 -34.45 -64.61 6.15
C PRO V 198 -35.13 -65.92 5.76
N SER V 199 -34.42 -67.03 5.99
CA SER V 199 -34.96 -68.34 5.66
C SER V 199 -36.11 -68.75 6.57
N SER V 200 -36.19 -68.17 7.77
CA SER V 200 -37.28 -68.49 8.68
C SER V 200 -38.62 -67.92 8.21
N SER V 201 -38.61 -66.97 7.28
CA SER V 201 -39.83 -66.35 6.79
C SER V 201 -40.28 -66.91 5.45
N LEU V 202 -39.87 -68.14 5.12
CA LEU V 202 -40.33 -68.81 3.91
C LEU V 202 -41.74 -69.35 4.18
N GLY V 203 -42.71 -68.44 4.08
CA GLY V 203 -44.09 -68.75 4.40
C GLY V 203 -44.76 -67.59 5.11
N THR V 204 -43.96 -66.62 5.54
CA THR V 204 -44.49 -65.43 6.20
C THR V 204 -44.97 -64.41 5.17
N GLN V 205 -44.09 -64.03 4.24
CA GLN V 205 -44.44 -63.11 3.16
C GLN V 205 -44.51 -63.84 1.84
N THR V 206 -45.32 -63.30 0.93
CA THR V 206 -45.43 -63.82 -0.43
C THR V 206 -44.36 -63.16 -1.30
N TYR V 207 -43.65 -63.98 -2.07
CA TYR V 207 -42.52 -63.53 -2.87
C TYR V 207 -42.88 -63.62 -4.35
N ILE V 208 -43.38 -62.51 -4.89
CA ILE V 208 -43.77 -62.40 -6.29
C ILE V 208 -42.83 -61.41 -6.97
N CYS V 209 -42.24 -61.82 -8.10
CA CYS V 209 -41.44 -60.92 -8.92
C CYS V 209 -42.28 -60.45 -10.09
N ASN V 210 -42.49 -59.13 -10.18
CA ASN V 210 -43.43 -58.54 -11.12
C ASN V 210 -42.67 -58.12 -12.37
N VAL V 211 -42.49 -59.06 -13.28
CA VAL V 211 -41.75 -58.83 -14.52
C VAL V 211 -42.64 -58.09 -15.51
N ASN V 212 -42.04 -57.19 -16.29
CA ASN V 212 -42.77 -56.43 -17.30
C ASN V 212 -41.87 -56.20 -18.50
N HIS V 213 -42.45 -56.29 -19.70
CA HIS V 213 -41.74 -56.07 -20.96
C HIS V 213 -42.71 -55.33 -21.88
N LYS V 214 -42.65 -54.00 -21.87
CA LYS V 214 -43.62 -53.19 -22.60
C LYS V 214 -43.53 -53.28 -24.13
N PRO V 215 -42.36 -53.54 -24.75
CA PRO V 215 -42.39 -53.79 -26.20
C PRO V 215 -43.31 -54.93 -26.61
N SER V 216 -43.56 -55.90 -25.71
CA SER V 216 -44.44 -57.02 -26.01
C SER V 216 -45.62 -57.11 -25.06
N ASN V 217 -45.81 -56.11 -24.19
CA ASN V 217 -46.95 -56.05 -23.26
C ASN V 217 -46.98 -57.25 -22.32
N THR V 218 -45.83 -57.86 -22.08
CA THR V 218 -45.74 -59.08 -21.27
C THR V 218 -45.70 -58.68 -19.79
N LYS V 219 -46.89 -58.52 -19.21
CA LYS V 219 -47.03 -58.14 -17.80
C LYS V 219 -47.31 -59.41 -17.02
N VAL V 220 -46.27 -60.00 -16.43
CA VAL V 220 -46.33 -61.31 -15.81
C VAL V 220 -46.00 -61.19 -14.33
N ASP V 221 -46.79 -61.85 -13.48
CA ASP V 221 -46.53 -61.95 -12.06
C ASP V 221 -46.35 -63.42 -11.71
N LYS V 222 -45.22 -63.74 -11.05
CA LYS V 222 -44.92 -65.11 -10.68
C LYS V 222 -44.38 -65.16 -9.26
N LYS V 223 -44.95 -66.05 -8.44
CA LYS V 223 -44.45 -66.28 -7.09
C LYS V 223 -43.34 -67.33 -7.12
N VAL V 224 -42.44 -67.25 -6.15
CA VAL V 224 -41.36 -68.21 -5.98
C VAL V 224 -41.50 -68.84 -4.60
N GLU V 225 -41.38 -70.16 -4.54
CA GLU V 225 -41.49 -70.90 -3.29
C GLU V 225 -40.76 -72.22 -3.44
N PRO V 226 -40.19 -72.77 -2.35
CA PRO V 226 -39.39 -74.00 -2.39
C PRO V 226 -40.10 -75.18 -3.05
N ASP W 2 -16.62 -26.35 -32.48
CA ASP W 2 -15.41 -27.12 -32.24
C ASP W 2 -14.85 -26.86 -30.84
N ILE W 3 -15.74 -26.55 -29.91
CA ILE W 3 -15.36 -26.25 -28.52
C ILE W 3 -15.14 -27.60 -27.83
N GLN W 4 -13.87 -27.99 -27.68
CA GLN W 4 -13.54 -29.32 -27.18
C GLN W 4 -13.36 -29.32 -25.67
N MET W 5 -13.86 -30.37 -25.04
CA MET W 5 -13.76 -30.58 -23.60
C MET W 5 -13.08 -31.93 -23.38
N THR W 6 -11.86 -31.92 -22.85
CA THR W 6 -11.09 -33.14 -22.60
C THR W 6 -11.12 -33.43 -21.11
N GLN W 7 -11.81 -34.50 -20.71
CA GLN W 7 -11.99 -34.85 -19.32
C GLN W 7 -11.07 -36.02 -18.96
N SER W 8 -10.49 -35.97 -17.77
CA SER W 8 -9.53 -36.95 -17.30
C SER W 8 -9.66 -37.09 -15.79
N PRO W 9 -9.36 -38.28 -15.23
CA PRO W 9 -9.05 -39.50 -15.99
C PRO W 9 -10.31 -40.19 -16.47
N SER W 10 -10.17 -41.30 -17.19
CA SER W 10 -11.34 -42.07 -17.59
C SER W 10 -11.90 -42.84 -16.41
N SER W 11 -11.05 -43.57 -15.70
CA SER W 11 -11.44 -44.37 -14.54
C SER W 11 -10.54 -44.06 -13.37
N LEU W 12 -11.08 -44.25 -12.16
CA LEU W 12 -10.31 -44.07 -10.94
C LEU W 12 -10.95 -44.91 -9.84
N SER W 13 -10.12 -45.39 -8.92
CA SER W 13 -10.58 -46.17 -7.78
C SER W 13 -9.93 -45.66 -6.52
N ALA W 14 -10.72 -45.11 -5.61
CA ALA W 14 -10.23 -44.61 -4.34
C ALA W 14 -11.13 -45.11 -3.21
N SER W 15 -10.51 -45.34 -2.05
CA SER W 15 -11.24 -45.84 -0.90
C SER W 15 -12.20 -44.78 -0.37
N VAL W 16 -13.08 -45.21 0.55
CA VAL W 16 -14.06 -44.29 1.13
C VAL W 16 -13.33 -43.26 1.98
N GLY W 17 -13.66 -41.99 1.78
CA GLY W 17 -13.05 -40.90 2.48
C GLY W 17 -11.91 -40.21 1.74
N ASP W 18 -11.35 -40.88 0.73
CA ASP W 18 -10.27 -40.28 -0.05
C ASP W 18 -10.78 -39.05 -0.81
N ARG W 19 -9.83 -38.26 -1.30
CA ARG W 19 -10.12 -37.00 -1.97
C ARG W 19 -9.96 -37.20 -3.48
N VAL W 20 -11.06 -37.04 -4.21
CA VAL W 20 -11.11 -37.35 -5.64
C VAL W 20 -11.03 -36.05 -6.43
N THR W 21 -10.21 -36.05 -7.47
CA THR W 21 -10.07 -34.90 -8.37
C THR W 21 -10.32 -35.32 -9.81
N ILE W 22 -11.08 -34.50 -10.53
CA ILE W 22 -11.42 -34.75 -11.93
C ILE W 22 -11.12 -33.47 -12.72
N THR W 23 -10.29 -33.58 -13.75
CA THR W 23 -9.89 -32.45 -14.57
C THR W 23 -10.71 -32.45 -15.86
N CYS W 24 -11.04 -31.26 -16.35
CA CYS W 24 -11.71 -31.09 -17.63
C CYS W 24 -11.17 -29.82 -18.26
N ARG W 25 -10.44 -29.97 -19.37
CA ARG W 25 -9.80 -28.85 -20.03
C ARG W 25 -10.57 -28.44 -21.28
N ALA W 26 -10.89 -27.15 -21.37
CA ALA W 26 -11.47 -26.57 -22.57
C ALA W 26 -10.36 -26.05 -23.48
N SER W 27 -10.72 -25.80 -24.73
CA SER W 27 -9.74 -25.38 -25.72
C SER W 27 -9.57 -23.86 -25.82
N GLN W 28 -10.41 -23.08 -25.12
CA GLN W 28 -10.28 -21.63 -25.13
C GLN W 28 -11.00 -21.06 -23.91
N SER W 29 -10.90 -19.74 -23.75
CA SER W 29 -11.51 -19.06 -22.61
C SER W 29 -13.03 -19.07 -22.75
N VAL W 30 -13.68 -19.91 -21.96
CA VAL W 30 -15.12 -20.14 -21.96
C VAL W 30 -15.64 -19.71 -20.60
N SER W 31 -15.12 -18.59 -20.10
CA SER W 31 -14.67 -18.40 -18.73
C SER W 31 -15.36 -19.27 -17.69
N SER W 32 -16.70 -19.29 -17.65
CA SER W 32 -17.33 -20.08 -16.59
C SER W 32 -18.53 -20.87 -17.07
N ALA W 33 -18.62 -21.17 -18.36
CA ALA W 33 -19.78 -21.87 -18.91
C ALA W 33 -19.86 -23.34 -18.47
N VAL W 34 -18.90 -23.83 -17.71
CA VAL W 34 -18.77 -25.26 -17.48
C VAL W 34 -19.73 -25.72 -16.39
N ALA W 35 -20.26 -26.93 -16.56
CA ALA W 35 -21.10 -27.58 -15.56
C ALA W 35 -20.57 -28.98 -15.30
N TRP W 36 -20.96 -29.53 -14.16
CA TRP W 36 -20.54 -30.85 -13.71
C TRP W 36 -21.76 -31.67 -13.32
N TYR W 37 -21.77 -32.94 -13.74
CA TYR W 37 -22.91 -33.83 -13.62
C TYR W 37 -22.51 -35.17 -13.02
N GLN W 38 -23.36 -35.67 -12.13
CA GLN W 38 -23.28 -37.02 -11.61
C GLN W 38 -24.35 -37.88 -12.30
N GLN W 39 -23.96 -39.07 -12.75
CA GLN W 39 -24.89 -40.02 -13.35
C GLN W 39 -24.65 -41.38 -12.71
N LYS W 40 -25.64 -41.88 -11.97
CA LYS W 40 -25.61 -43.24 -11.48
C LYS W 40 -26.14 -44.18 -12.57
N PRO W 41 -25.67 -45.43 -12.62
CA PRO W 41 -25.85 -46.24 -13.82
C PRO W 41 -27.31 -46.41 -14.20
N GLY W 42 -27.57 -46.29 -15.50
CA GLY W 42 -28.90 -46.46 -16.05
C GLY W 42 -29.92 -45.41 -15.65
N LYS W 43 -29.53 -44.44 -14.84
CA LYS W 43 -30.45 -43.41 -14.33
C LYS W 43 -30.18 -42.09 -15.03
N ALA W 44 -30.97 -41.09 -14.65
CA ALA W 44 -30.86 -39.78 -15.27
C ALA W 44 -29.65 -39.03 -14.70
N PRO W 45 -28.92 -38.30 -15.54
CA PRO W 45 -27.87 -37.41 -15.02
C PRO W 45 -28.48 -36.34 -14.12
N LYS W 46 -27.72 -35.94 -13.11
CA LYS W 46 -28.13 -34.88 -12.20
C LYS W 46 -27.08 -33.79 -12.18
N LEU W 47 -27.52 -32.55 -12.04
CA LEU W 47 -26.62 -31.40 -12.06
C LEU W 47 -25.96 -31.25 -10.70
N LEU W 48 -24.64 -31.34 -10.67
CA LEU W 48 -23.87 -31.02 -9.47
C LEU W 48 -23.47 -29.56 -9.43
N ILE W 49 -22.80 -29.09 -10.47
CA ILE W 49 -22.17 -27.77 -10.47
C ILE W 49 -22.56 -27.02 -11.73
N TYR W 50 -22.96 -25.76 -11.57
CA TYR W 50 -23.09 -24.83 -12.69
C TYR W 50 -22.19 -23.64 -12.43
N SER W 51 -21.94 -22.86 -13.47
CA SER W 51 -21.00 -21.74 -13.45
C SER W 51 -19.57 -22.18 -13.12
N ALA W 52 -19.33 -23.49 -13.11
CA ALA W 52 -18.02 -24.12 -12.90
C ALA W 52 -17.53 -23.99 -11.47
N SER W 53 -18.23 -23.18 -10.67
CA SER W 53 -17.96 -23.03 -9.24
C SER W 53 -19.21 -23.14 -8.39
N SER W 54 -20.35 -22.65 -8.88
CA SER W 54 -21.57 -22.60 -8.10
C SER W 54 -22.21 -23.98 -7.96
N LEU W 55 -22.70 -24.27 -6.76
CA LEU W 55 -23.20 -25.59 -6.42
C LEU W 55 -24.73 -25.62 -6.54
N TYR W 56 -25.25 -26.62 -7.25
CA TYR W 56 -26.68 -26.72 -7.47
C TYR W 56 -27.40 -27.00 -6.16
N SER W 57 -28.57 -26.36 -5.99
CA SER W 57 -29.32 -26.45 -4.74
C SER W 57 -29.68 -27.89 -4.42
N GLY W 58 -29.10 -28.43 -3.34
CA GLY W 58 -29.35 -29.80 -2.92
C GLY W 58 -28.14 -30.71 -3.00
N VAL W 59 -27.01 -30.24 -3.51
CA VAL W 59 -25.80 -31.06 -3.65
C VAL W 59 -25.05 -31.03 -2.32
N PRO W 60 -24.49 -32.15 -1.87
CA PRO W 60 -23.72 -32.14 -0.62
C PRO W 60 -22.50 -31.22 -0.71
N SER W 61 -22.01 -30.82 0.46
CA SER W 61 -20.92 -29.85 0.54
C SER W 61 -19.59 -30.44 0.08
N ARG W 62 -19.46 -31.76 0.01
CA ARG W 62 -18.20 -32.38 -0.37
C ARG W 62 -17.88 -32.21 -1.85
N PHE W 63 -18.84 -31.81 -2.68
CA PHE W 63 -18.60 -31.53 -4.08
C PHE W 63 -18.25 -30.05 -4.25
N SER W 64 -17.15 -29.79 -4.97
CA SER W 64 -16.74 -28.41 -5.22
C SER W 64 -16.18 -28.29 -6.63
N GLY W 65 -16.34 -27.10 -7.21
CA GLY W 65 -15.84 -26.83 -8.55
C GLY W 65 -14.86 -25.67 -8.57
N SER W 66 -13.73 -25.85 -9.25
CA SER W 66 -12.68 -24.85 -9.31
C SER W 66 -12.26 -24.63 -10.76
N ARG W 67 -11.52 -23.53 -10.98
CA ARG W 67 -11.13 -23.10 -12.31
C ARG W 67 -9.69 -22.60 -12.31
N SER W 68 -8.95 -22.94 -13.37
CA SER W 68 -7.63 -22.35 -13.63
C SER W 68 -7.55 -21.98 -15.12
N GLY W 69 -8.07 -20.81 -15.46
CA GLY W 69 -7.88 -20.24 -16.78
C GLY W 69 -8.64 -20.97 -17.88
N THR W 70 -8.18 -22.19 -18.20
CA THR W 70 -8.80 -23.02 -19.22
C THR W 70 -9.02 -24.44 -18.72
N ASP W 71 -8.84 -24.68 -17.42
CA ASP W 71 -8.82 -26.03 -16.87
C ASP W 71 -9.71 -26.05 -15.64
N PHE W 72 -10.83 -26.75 -15.72
CA PHE W 72 -11.83 -26.81 -14.68
C PHE W 72 -11.67 -28.11 -13.90
N THR W 73 -12.08 -28.11 -12.63
CA THR W 73 -11.82 -29.24 -11.77
C THR W 73 -12.99 -29.50 -10.83
N LEU W 74 -13.41 -30.76 -10.78
CA LEU W 74 -14.40 -31.23 -9.82
C LEU W 74 -13.68 -31.98 -8.71
N THR W 75 -13.91 -31.57 -7.47
CA THR W 75 -13.24 -32.17 -6.32
C THR W 75 -14.27 -32.69 -5.33
N ILE W 76 -14.10 -33.95 -4.94
CA ILE W 76 -14.88 -34.60 -3.89
C ILE W 76 -13.99 -34.72 -2.67
N SER W 77 -14.34 -34.02 -1.59
CA SER W 77 -13.48 -33.98 -0.42
C SER W 77 -13.39 -35.35 0.25
N SER W 78 -14.52 -35.87 0.71
CA SER W 78 -14.59 -37.18 1.36
C SER W 78 -15.45 -38.09 0.49
N LEU W 79 -14.82 -38.99 -0.25
CA LEU W 79 -15.53 -39.88 -1.15
C LEU W 79 -16.43 -40.82 -0.37
N GLN W 80 -17.71 -40.77 -0.66
CA GLN W 80 -18.70 -41.63 -0.03
C GLN W 80 -19.03 -42.80 -0.94
N PRO W 81 -19.50 -43.92 -0.38
CA PRO W 81 -19.78 -45.09 -1.22
C PRO W 81 -20.91 -44.86 -2.21
N GLU W 82 -21.86 -43.98 -1.89
CA GLU W 82 -22.93 -43.66 -2.84
C GLU W 82 -22.47 -42.70 -3.93
N ASP W 83 -21.27 -42.12 -3.81
CA ASP W 83 -20.70 -41.28 -4.86
C ASP W 83 -20.17 -42.09 -6.03
N PHE W 84 -20.29 -43.41 -5.99
CA PHE W 84 -20.03 -44.24 -7.16
C PHE W 84 -20.94 -43.82 -8.30
N ALA W 85 -20.35 -43.29 -9.37
CA ALA W 85 -21.13 -42.80 -10.51
C ALA W 85 -20.16 -42.56 -11.67
N THR W 86 -20.67 -41.93 -12.72
CA THR W 86 -19.87 -41.37 -13.79
C THR W 86 -20.12 -39.87 -13.84
N TYR W 87 -19.05 -39.09 -13.92
CA TYR W 87 -19.13 -37.64 -13.85
C TYR W 87 -18.78 -37.03 -15.19
N TYR W 88 -19.58 -36.05 -15.61
CA TYR W 88 -19.43 -35.42 -16.91
C TYR W 88 -19.29 -33.91 -16.77
N CYS W 89 -18.37 -33.34 -17.54
CA CYS W 89 -18.21 -31.89 -17.63
C CYS W 89 -18.81 -31.39 -18.93
N GLN W 90 -19.44 -30.21 -18.88
CA GLN W 90 -20.27 -29.72 -19.97
C GLN W 90 -19.79 -28.34 -20.43
N GLN W 91 -20.07 -28.02 -21.69
CA GLN W 91 -19.95 -26.68 -22.23
C GLN W 91 -21.31 -25.98 -22.10
N GLY W 92 -21.48 -24.83 -22.74
CA GLY W 92 -22.78 -24.18 -22.71
C GLY W 92 -22.97 -23.12 -23.78
N ASP W 93 -24.05 -23.25 -24.53
CA ASP W 93 -24.43 -22.33 -25.60
C ASP W 93 -25.78 -22.81 -26.12
N PRO W 94 -26.66 -21.92 -26.58
CA PRO W 94 -27.86 -22.41 -27.29
C PRO W 94 -27.53 -23.15 -28.57
N ARG W 95 -26.53 -22.68 -29.31
CA ARG W 95 -26.27 -23.20 -30.65
C ARG W 95 -25.40 -24.46 -30.65
N LEU W 96 -24.78 -24.82 -29.52
CA LEU W 96 -23.94 -26.01 -29.47
C LEU W 96 -23.67 -26.37 -28.02
N VAL W 97 -23.71 -27.66 -27.73
CA VAL W 97 -23.43 -28.20 -26.39
C VAL W 97 -22.57 -29.44 -26.54
N THR W 98 -21.43 -29.46 -25.85
CA THR W 98 -20.56 -30.61 -25.82
C THR W 98 -20.30 -31.04 -24.38
N PHE W 99 -20.11 -32.34 -24.19
CA PHE W 99 -19.78 -32.92 -22.89
C PHE W 99 -18.35 -33.46 -22.90
N GLY W 100 -17.90 -33.86 -21.72
CA GLY W 100 -16.63 -34.54 -21.61
C GLY W 100 -16.76 -36.03 -21.86
N GLN W 101 -15.62 -36.69 -22.00
CA GLN W 101 -15.61 -38.13 -22.19
C GLN W 101 -16.14 -38.87 -20.98
N GLY W 102 -16.13 -38.25 -19.81
CA GLY W 102 -16.65 -38.86 -18.61
C GLY W 102 -15.55 -39.44 -17.73
N THR W 103 -15.83 -39.50 -16.44
CA THR W 103 -14.92 -40.10 -15.47
C THR W 103 -15.72 -41.00 -14.54
N LYS W 104 -15.45 -42.30 -14.60
CA LYS W 104 -16.16 -43.26 -13.75
C LYS W 104 -15.40 -43.39 -12.43
N VAL W 105 -16.07 -43.08 -11.33
CA VAL W 105 -15.49 -43.15 -10.00
C VAL W 105 -15.87 -44.47 -9.37
N GLU W 106 -14.88 -45.32 -9.11
CA GLU W 106 -15.09 -46.62 -8.48
C GLU W 106 -14.64 -46.56 -7.03
N ILE W 107 -15.36 -47.28 -6.18
CA ILE W 107 -15.09 -47.29 -4.74
C ILE W 107 -14.18 -48.49 -4.42
N LYS W 108 -13.29 -48.30 -3.47
CA LYS W 108 -12.41 -49.36 -2.98
C LYS W 108 -12.73 -49.68 -1.53
N ARG W 109 -12.81 -50.97 -1.22
CA ARG W 109 -13.11 -51.42 0.13
C ARG W 109 -12.37 -52.74 0.36
N THR W 110 -12.45 -53.23 1.59
CA THR W 110 -11.69 -54.41 1.97
C THR W 110 -12.20 -55.65 1.23
N VAL W 111 -11.44 -56.74 1.35
CA VAL W 111 -11.78 -57.97 0.65
C VAL W 111 -13.08 -58.53 1.21
N ALA W 112 -13.95 -59.02 0.33
CA ALA W 112 -15.25 -59.56 0.71
C ALA W 112 -15.49 -60.88 0.00
N ALA W 113 -15.80 -61.92 0.77
CA ALA W 113 -16.11 -63.23 0.23
C ALA W 113 -17.58 -63.32 -0.15
N PRO W 114 -17.89 -63.96 -1.28
CA PRO W 114 -19.28 -63.97 -1.75
C PRO W 114 -20.13 -65.02 -1.06
N SER W 115 -21.42 -64.69 -0.89
CA SER W 115 -22.42 -65.68 -0.54
C SER W 115 -22.76 -66.46 -1.80
N VAL W 116 -22.48 -67.77 -1.79
CA VAL W 116 -22.59 -68.60 -2.98
C VAL W 116 -23.86 -69.43 -2.89
N PHE W 117 -24.60 -69.50 -3.99
CA PHE W 117 -25.83 -70.27 -4.07
C PHE W 117 -25.94 -70.92 -5.44
N ILE W 118 -26.77 -71.95 -5.52
CA ILE W 118 -27.05 -72.64 -6.78
C ILE W 118 -28.54 -72.90 -6.87
N PHE W 119 -29.08 -72.81 -8.09
CA PHE W 119 -30.51 -72.96 -8.34
C PHE W 119 -30.77 -74.06 -9.35
N PRO W 120 -31.77 -74.91 -9.12
CA PRO W 120 -32.11 -75.94 -10.09
C PRO W 120 -32.96 -75.35 -11.21
N PRO W 121 -32.95 -75.97 -12.39
CA PRO W 121 -33.84 -75.51 -13.46
C PRO W 121 -35.30 -75.60 -13.05
N SER W 122 -36.09 -74.65 -13.53
CA SER W 122 -37.49 -74.58 -13.15
C SER W 122 -38.27 -75.77 -13.69
N ASP W 123 -39.40 -76.03 -13.06
CA ASP W 123 -40.27 -77.13 -13.50
C ASP W 123 -40.82 -76.86 -14.90
N SER W 124 -41.38 -75.67 -15.11
CA SER W 124 -41.90 -75.32 -16.43
C SER W 124 -40.78 -75.05 -17.43
N GLN W 125 -39.55 -74.83 -16.96
CA GLN W 125 -38.44 -74.63 -17.87
C GLN W 125 -38.04 -75.94 -18.57
N LEU W 126 -38.19 -77.07 -17.88
CA LEU W 126 -37.92 -78.37 -18.50
C LEU W 126 -38.90 -78.68 -19.62
N LYS W 127 -40.04 -77.98 -19.67
CA LYS W 127 -41.01 -78.14 -20.75
C LYS W 127 -40.53 -77.54 -22.06
N SER W 128 -39.46 -76.76 -22.05
CA SER W 128 -38.92 -76.14 -23.25
C SER W 128 -37.90 -77.01 -23.96
N GLY W 129 -37.48 -78.12 -23.35
CA GLY W 129 -36.39 -78.92 -23.89
C GLY W 129 -35.02 -78.37 -23.61
N THR W 130 -34.91 -77.32 -22.80
CA THR W 130 -33.63 -76.70 -22.47
C THR W 130 -33.72 -76.15 -21.06
N ALA W 131 -32.68 -76.41 -20.26
CA ALA W 131 -32.65 -76.02 -18.86
C ALA W 131 -31.44 -75.12 -18.60
N SER W 132 -31.50 -74.42 -17.46
CA SER W 132 -30.45 -73.50 -17.06
C SER W 132 -30.19 -73.64 -15.57
N VAL W 133 -28.92 -73.66 -15.20
CA VAL W 133 -28.49 -73.74 -13.81
C VAL W 133 -27.86 -72.39 -13.44
N VAL W 134 -28.36 -71.78 -12.37
CA VAL W 134 -27.97 -70.43 -11.98
C VAL W 134 -27.10 -70.53 -10.73
N CYS W 135 -25.85 -70.07 -10.85
CA CYS W 135 -24.93 -69.99 -9.71
C CYS W 135 -24.78 -68.52 -9.34
N LEU W 136 -25.16 -68.19 -8.12
CA LEU W 136 -25.19 -66.82 -7.62
C LEU W 136 -24.03 -66.55 -6.67
N LEU W 137 -23.41 -65.39 -6.83
CA LEU W 137 -22.29 -64.93 -6.00
C LEU W 137 -22.65 -63.53 -5.53
N ASN W 138 -23.06 -63.40 -4.27
CA ASN W 138 -23.62 -62.14 -3.78
C ASN W 138 -22.64 -61.43 -2.84
N ASN W 139 -22.54 -60.11 -2.98
CA ASN W 139 -21.90 -59.23 -2.00
C ASN W 139 -20.44 -59.60 -1.78
N PHE W 140 -19.65 -59.43 -2.83
CA PHE W 140 -18.21 -59.70 -2.78
C PHE W 140 -17.43 -58.53 -3.40
N TYR W 141 -16.12 -58.54 -3.15
CA TYR W 141 -15.19 -57.54 -3.68
C TYR W 141 -13.80 -58.14 -3.62
N PRO W 142 -12.95 -57.95 -4.63
CA PRO W 142 -13.16 -57.17 -5.86
C PRO W 142 -14.03 -57.87 -6.90
N ARG W 143 -14.09 -57.28 -8.10
CA ARG W 143 -14.97 -57.81 -9.14
C ARG W 143 -14.45 -59.13 -9.70
N GLU W 144 -13.13 -59.34 -9.66
CA GLU W 144 -12.57 -60.58 -10.19
C GLU W 144 -13.01 -61.78 -9.37
N ALA W 145 -13.55 -62.79 -10.06
CA ALA W 145 -13.92 -64.05 -9.45
C ALA W 145 -13.71 -65.15 -10.48
N LYS W 146 -14.02 -66.38 -10.09
CA LYS W 146 -13.90 -67.52 -11.01
C LYS W 146 -14.96 -68.55 -10.65
N VAL W 147 -15.86 -68.82 -11.60
CA VAL W 147 -16.91 -69.81 -11.43
C VAL W 147 -16.64 -70.95 -12.41
N GLN W 148 -16.42 -72.14 -11.86
CA GLN W 148 -16.19 -73.34 -12.65
C GLN W 148 -17.42 -74.24 -12.55
N TRP W 149 -17.76 -74.93 -13.63
CA TRP W 149 -18.92 -75.81 -13.64
C TRP W 149 -18.48 -77.27 -13.65
N LYS W 150 -19.29 -78.12 -13.02
CA LYS W 150 -19.01 -79.54 -12.91
C LYS W 150 -20.32 -80.30 -13.06
N VAL W 151 -20.47 -81.03 -14.16
CA VAL W 151 -21.61 -81.90 -14.40
C VAL W 151 -21.07 -83.33 -14.39
N ASP W 152 -21.49 -84.10 -13.38
CA ASP W 152 -20.90 -85.41 -13.10
C ASP W 152 -19.39 -85.30 -12.93
N ASN W 153 -18.95 -84.22 -12.26
CA ASN W 153 -17.53 -83.97 -12.02
C ASN W 153 -16.76 -83.87 -13.33
N ALA W 154 -17.43 -83.36 -14.38
CA ALA W 154 -16.81 -83.06 -15.66
C ALA W 154 -16.92 -81.56 -15.90
N LEU W 155 -15.78 -80.91 -16.10
CA LEU W 155 -15.75 -79.46 -16.19
C LEU W 155 -16.33 -78.98 -17.52
N GLN W 156 -17.02 -77.83 -17.47
CA GLN W 156 -17.76 -77.29 -18.59
C GLN W 156 -17.06 -76.08 -19.17
N SER W 157 -17.35 -75.81 -20.44
CA SER W 157 -16.79 -74.65 -21.14
C SER W 157 -17.54 -74.40 -22.44
N GLY W 158 -17.94 -73.14 -22.68
CA GLY W 158 -18.66 -72.78 -23.87
C GLY W 158 -20.18 -72.80 -23.74
N ASN W 159 -20.71 -73.10 -22.56
CA ASN W 159 -22.14 -73.20 -22.35
C ASN W 159 -22.63 -72.39 -21.15
N SER W 160 -21.78 -71.53 -20.60
CA SER W 160 -22.14 -70.71 -19.46
C SER W 160 -21.83 -69.26 -19.77
N GLN W 161 -22.60 -68.36 -19.17
CA GLN W 161 -22.38 -66.94 -19.38
C GLN W 161 -22.55 -66.26 -18.03
N GLU W 162 -21.82 -65.16 -17.84
CA GLU W 162 -21.79 -64.51 -16.53
C GLU W 162 -22.18 -63.03 -16.63
N SER W 163 -22.95 -62.58 -15.64
CA SER W 163 -23.43 -61.20 -15.58
C SER W 163 -23.12 -60.60 -14.21
N VAL W 164 -22.51 -59.43 -14.20
CA VAL W 164 -22.08 -58.77 -12.97
C VAL W 164 -22.84 -57.45 -12.83
N THR W 165 -23.33 -57.19 -11.62
CA THR W 165 -24.05 -55.95 -11.35
C THR W 165 -23.07 -54.80 -11.14
N GLU W 166 -23.61 -53.60 -11.12
CA GLU W 166 -22.80 -52.43 -10.77
C GLU W 166 -22.56 -52.40 -9.26
N GLN W 167 -21.51 -51.68 -8.88
CA GLN W 167 -21.11 -51.63 -7.48
C GLN W 167 -22.19 -50.94 -6.65
N ASP W 168 -22.50 -51.53 -5.49
CA ASP W 168 -23.67 -51.14 -4.72
C ASP W 168 -23.47 -49.78 -4.04
N SER W 169 -24.59 -49.16 -3.67
CA SER W 169 -24.57 -47.79 -3.16
C SER W 169 -24.05 -47.71 -1.73
N LYS W 170 -24.45 -48.65 -0.87
CA LYS W 170 -24.12 -48.54 0.55
C LYS W 170 -22.92 -49.37 0.97
N ASP W 171 -22.82 -50.62 0.52
CA ASP W 171 -21.71 -51.48 0.91
C ASP W 171 -20.64 -51.61 -0.17
N SER W 172 -20.92 -51.18 -1.39
CA SER W 172 -19.95 -51.17 -2.49
C SER W 172 -19.39 -52.56 -2.75
N THR W 173 -20.31 -53.50 -3.02
CA THR W 173 -19.97 -54.88 -3.30
C THR W 173 -20.61 -55.30 -4.62
N TYR W 174 -20.14 -56.42 -5.16
CA TYR W 174 -20.57 -56.90 -6.47
C TYR W 174 -21.42 -58.15 -6.34
N SER W 175 -22.24 -58.39 -7.37
CA SER W 175 -23.04 -59.60 -7.49
C SER W 175 -22.83 -60.19 -8.87
N LEU W 176 -22.77 -61.52 -8.93
CA LEU W 176 -22.49 -62.24 -10.16
C LEU W 176 -23.49 -63.37 -10.34
N SER W 177 -23.95 -63.54 -11.58
CA SER W 177 -24.89 -64.59 -11.95
C SER W 177 -24.29 -65.38 -13.10
N SER W 178 -24.05 -66.67 -12.87
CA SER W 178 -23.52 -67.57 -13.89
C SER W 178 -24.64 -68.51 -14.33
N THR W 179 -25.11 -68.34 -15.56
CA THR W 179 -26.17 -69.16 -16.11
C THR W 179 -25.55 -70.22 -17.03
N LEU W 180 -25.86 -71.49 -16.73
CA LEU W 180 -25.36 -72.64 -17.46
C LEU W 180 -26.51 -73.22 -18.27
N THR W 181 -26.44 -73.08 -19.59
CA THR W 181 -27.50 -73.55 -20.49
C THR W 181 -27.16 -74.95 -21.00
N LEU W 182 -28.12 -75.86 -20.88
CA LEU W 182 -27.92 -77.24 -21.33
C LEU W 182 -29.21 -77.77 -21.92
N SER W 183 -29.11 -78.47 -23.05
CA SER W 183 -30.26 -79.18 -23.60
C SER W 183 -30.76 -80.21 -22.58
N LYS W 184 -32.08 -80.40 -22.56
CA LYS W 184 -32.69 -81.27 -21.56
C LYS W 184 -32.17 -82.70 -21.67
N ALA W 185 -31.70 -83.10 -22.86
CA ALA W 185 -31.10 -84.42 -23.02
C ALA W 185 -29.91 -84.60 -22.09
N ASP W 186 -28.89 -83.75 -22.23
CA ASP W 186 -27.74 -83.80 -21.35
C ASP W 186 -28.11 -83.49 -19.90
N TYR W 187 -29.23 -82.81 -19.67
CA TYR W 187 -29.66 -82.56 -18.30
C TYR W 187 -30.12 -83.84 -17.63
N GLU W 188 -30.97 -84.61 -18.30
CA GLU W 188 -31.47 -85.85 -17.70
C GLU W 188 -30.43 -86.97 -17.75
N LYS W 189 -29.52 -86.94 -18.71
CA LYS W 189 -28.49 -87.98 -18.80
C LYS W 189 -27.51 -87.93 -17.64
N HIS W 190 -27.47 -86.84 -16.90
CA HIS W 190 -26.50 -86.67 -15.82
C HIS W 190 -27.24 -86.38 -14.51
N LYS W 191 -26.53 -86.55 -13.40
CA LYS W 191 -27.13 -86.39 -12.07
C LYS W 191 -26.49 -85.27 -11.27
N VAL W 192 -25.17 -85.25 -11.16
CA VAL W 192 -24.47 -84.34 -10.27
C VAL W 192 -24.24 -83.01 -10.97
N TYR W 193 -24.65 -81.91 -10.32
CA TYR W 193 -24.42 -80.57 -10.83
C TYR W 193 -23.79 -79.74 -9.73
N ALA W 194 -22.75 -78.97 -10.08
CA ALA W 194 -22.05 -78.18 -9.08
C ALA W 194 -21.39 -76.97 -9.73
N CYS W 195 -21.36 -75.87 -8.99
CA CYS W 195 -20.58 -74.70 -9.36
C CYS W 195 -19.58 -74.40 -8.26
N GLU W 196 -18.34 -74.17 -8.66
CA GLU W 196 -17.19 -74.00 -7.76
C GLU W 196 -16.67 -72.57 -7.90
N VAL W 197 -16.75 -71.81 -6.81
CA VAL W 197 -16.30 -70.42 -6.78
C VAL W 197 -14.89 -70.38 -6.24
N THR W 198 -13.97 -69.82 -7.01
CA THR W 198 -12.57 -69.61 -6.61
C THR W 198 -12.36 -68.10 -6.53
N HIS W 199 -12.63 -67.54 -5.36
CA HIS W 199 -12.56 -66.10 -5.13
C HIS W 199 -11.36 -65.77 -4.24
N GLN W 200 -10.93 -64.50 -4.32
CA GLN W 200 -9.76 -64.07 -3.54
C GLN W 200 -10.03 -64.17 -2.04
N GLY W 201 -11.23 -63.80 -1.60
CA GLY W 201 -11.55 -63.79 -0.20
C GLY W 201 -11.89 -65.15 0.39
N LEU W 202 -11.48 -66.21 -0.29
CA LEU W 202 -11.75 -67.58 0.14
C LEU W 202 -10.45 -68.36 0.19
N SER W 203 -10.28 -69.16 1.25
CA SER W 203 -9.09 -70.00 1.36
C SER W 203 -9.18 -71.19 0.42
N SER W 204 -10.25 -71.97 0.52
CA SER W 204 -10.49 -73.11 -0.35
C SER W 204 -11.70 -72.82 -1.23
N PRO W 205 -11.62 -73.10 -2.54
CA PRO W 205 -12.76 -72.83 -3.43
C PRO W 205 -14.02 -73.54 -2.97
N VAL W 206 -15.07 -72.76 -2.75
CA VAL W 206 -16.32 -73.26 -2.17
C VAL W 206 -17.26 -73.68 -3.29
N THR W 207 -17.85 -74.87 -3.16
CA THR W 207 -18.69 -75.45 -4.19
C THR W 207 -20.11 -75.62 -3.68
N LYS W 208 -21.08 -75.37 -4.55
CA LYS W 208 -22.50 -75.62 -4.26
C LYS W 208 -23.07 -76.53 -5.34
N SER W 209 -23.84 -77.54 -4.91
CA SER W 209 -24.21 -78.63 -5.80
C SER W 209 -25.64 -79.09 -5.50
N PHE W 210 -26.21 -79.78 -6.50
CA PHE W 210 -27.45 -80.52 -6.32
C PHE W 210 -27.39 -81.76 -7.21
N ASN W 211 -28.42 -82.60 -7.11
CA ASN W 211 -28.40 -83.94 -7.72
C ASN W 211 -29.76 -84.27 -8.32
N ARG W 212 -29.88 -84.16 -9.63
CA ARG W 212 -31.06 -84.63 -10.36
C ARG W 212 -30.65 -85.31 -11.67
N PRO X 12 -58.03 1.64 -36.93
CA PRO X 12 -57.39 2.85 -37.49
C PRO X 12 -56.20 2.49 -38.39
N GLY X 13 -55.23 3.40 -38.48
CA GLY X 13 -53.99 3.12 -39.16
C GLY X 13 -52.95 2.56 -38.22
N ILE X 14 -53.35 1.59 -37.40
CA ILE X 14 -52.45 1.02 -36.39
C ILE X 14 -51.40 0.10 -36.99
N ALA X 15 -51.54 -0.26 -38.26
CA ALA X 15 -50.46 -0.96 -38.96
C ALA X 15 -49.41 0.00 -39.48
N TRP X 16 -49.80 1.26 -39.73
CA TRP X 16 -48.83 2.32 -40.00
C TRP X 16 -47.90 2.56 -38.81
N ILE X 17 -48.30 2.11 -37.62
CA ILE X 17 -47.44 2.17 -36.45
C ILE X 17 -46.32 1.14 -36.54
N ALA X 18 -46.67 -0.10 -36.90
CA ALA X 18 -45.70 -1.18 -36.95
C ALA X 18 -44.57 -0.90 -37.93
N LEU X 19 -44.76 0.02 -38.88
CA LEU X 19 -43.66 0.44 -39.74
C LEU X 19 -42.50 0.97 -38.91
N LEU X 20 -42.82 1.82 -37.91
CA LEU X 20 -41.78 2.38 -37.05
C LEU X 20 -41.07 1.28 -36.26
N LEU X 21 -41.83 0.29 -35.77
CA LEU X 21 -41.22 -0.79 -35.01
C LEU X 21 -40.31 -1.64 -35.88
N LEU X 22 -40.72 -1.88 -37.14
CA LEU X 22 -39.83 -2.57 -38.06
C LEU X 22 -38.60 -1.73 -38.39
N VAL X 23 -38.74 -0.40 -38.42
CA VAL X 23 -37.57 0.45 -38.62
C VAL X 23 -36.60 0.30 -37.45
N ILE X 24 -37.13 0.22 -36.23
CA ILE X 24 -36.27 0.05 -35.07
C ILE X 24 -35.60 -1.32 -35.08
N PHE X 25 -36.37 -2.37 -35.37
CA PHE X 25 -35.77 -3.69 -35.59
C PHE X 25 -34.65 -3.61 -36.62
N TYR X 26 -34.89 -2.90 -37.73
CA TYR X 26 -33.90 -2.83 -38.79
C TYR X 26 -32.62 -2.15 -38.31
N VAL X 27 -32.75 -1.01 -37.65
CA VAL X 27 -31.56 -0.27 -37.26
C VAL X 27 -30.75 -1.05 -36.22
N PHE X 28 -31.43 -1.66 -35.24
CA PHE X 28 -30.70 -2.44 -34.26
C PHE X 28 -30.15 -3.73 -34.85
N ALA X 29 -30.80 -4.28 -35.88
CA ALA X 29 -30.25 -5.47 -36.53
C ALA X 29 -29.01 -5.12 -37.32
N VAL X 30 -29.01 -3.96 -37.99
CA VAL X 30 -27.81 -3.50 -38.67
C VAL X 30 -26.69 -3.25 -37.66
N MET X 31 -27.04 -2.69 -36.50
CA MET X 31 -26.05 -2.52 -35.44
C MET X 31 -25.46 -3.86 -35.01
N GLY X 32 -26.33 -4.83 -34.70
CA GLY X 32 -25.84 -6.14 -34.30
C GLY X 32 -25.02 -6.81 -35.38
N THR X 33 -25.36 -6.59 -36.64
CA THR X 33 -24.56 -7.13 -37.74
C THR X 33 -23.18 -6.49 -37.77
N LYS X 34 -23.13 -5.16 -37.66
CA LYS X 34 -21.85 -4.46 -37.70
C LYS X 34 -20.99 -4.83 -36.49
N LEU X 35 -21.61 -5.18 -35.36
CA LEU X 35 -20.86 -5.42 -34.14
C LEU X 35 -20.44 -6.87 -33.97
N PHE X 36 -21.30 -7.82 -34.31
CA PHE X 36 -21.14 -9.20 -33.86
C PHE X 36 -21.06 -10.22 -34.99
N ALA X 37 -21.08 -9.79 -36.25
CA ALA X 37 -21.13 -10.75 -37.36
C ALA X 37 -19.86 -11.61 -37.41
N GLN X 38 -18.69 -10.98 -37.28
CA GLN X 38 -17.44 -11.71 -37.36
C GLN X 38 -17.32 -12.73 -36.24
N SER X 39 -17.83 -12.39 -35.05
CA SER X 39 -17.63 -13.22 -33.87
C SER X 39 -18.77 -14.16 -33.58
N PHE X 40 -20.01 -13.80 -33.91
CA PHE X 40 -21.19 -14.65 -33.70
C PHE X 40 -21.96 -14.73 -35.01
N PRO X 41 -21.48 -15.55 -35.95
CA PRO X 41 -22.10 -15.54 -37.29
C PRO X 41 -23.50 -16.11 -37.30
N GLU X 42 -23.77 -17.16 -36.53
CA GLU X 42 -25.09 -17.78 -36.58
C GLU X 42 -26.16 -16.83 -36.02
N TRP X 43 -25.78 -15.94 -35.11
CA TRP X 43 -26.73 -15.02 -34.48
C TRP X 43 -26.77 -13.66 -35.16
N PHE X 44 -25.68 -13.20 -35.75
CA PHE X 44 -25.62 -11.86 -36.32
C PHE X 44 -24.90 -11.80 -37.66
N GLY X 45 -24.68 -12.95 -38.31
CA GLY X 45 -23.93 -12.95 -39.57
C GLY X 45 -24.68 -12.37 -40.75
N THR X 46 -26.00 -12.36 -40.70
CA THR X 46 -26.83 -11.76 -41.74
C THR X 46 -27.82 -10.81 -41.11
N LEU X 47 -28.47 -9.99 -41.94
CA LEU X 47 -29.51 -9.11 -41.43
C LEU X 47 -30.68 -9.92 -40.89
N GLY X 48 -31.02 -11.02 -41.56
CA GLY X 48 -32.06 -11.89 -41.04
C GLY X 48 -31.70 -12.49 -39.70
N ALA X 49 -30.46 -12.95 -39.56
CA ALA X 49 -30.02 -13.50 -38.29
C ALA X 49 -30.07 -12.47 -37.18
N SER X 50 -29.70 -11.23 -37.48
CA SER X 50 -29.76 -10.17 -36.47
C SER X 50 -31.19 -9.85 -36.09
N MET X 51 -32.09 -9.75 -37.08
CA MET X 51 -33.50 -9.58 -36.80
C MET X 51 -34.01 -10.68 -35.87
N TYR X 52 -33.71 -11.92 -36.22
CA TYR X 52 -34.21 -13.07 -35.47
C TYR X 52 -33.67 -13.08 -34.06
N THR X 53 -32.37 -12.81 -33.91
CA THR X 53 -31.75 -12.79 -32.59
C THR X 53 -32.31 -11.66 -31.73
N LEU X 54 -32.54 -10.49 -32.32
CA LEU X 54 -33.15 -9.41 -31.55
C LEU X 54 -34.56 -9.77 -31.11
N PHE X 55 -35.33 -10.44 -31.98
CA PHE X 55 -36.65 -10.89 -31.57
C PHE X 55 -36.55 -11.87 -30.41
N GLN X 56 -35.62 -12.83 -30.51
CA GLN X 56 -35.46 -13.83 -29.46
C GLN X 56 -35.05 -13.19 -28.14
N VAL X 57 -34.21 -12.15 -28.19
CA VAL X 57 -33.83 -11.43 -26.98
C VAL X 57 -35.03 -10.66 -26.44
N MET X 58 -35.82 -10.06 -27.32
CA MET X 58 -36.99 -9.31 -26.88
C MET X 58 -38.03 -10.21 -26.23
N THR X 59 -38.03 -11.50 -26.59
CA THR X 59 -38.93 -12.45 -25.92
C THR X 59 -38.67 -12.51 -24.42
N LEU X 60 -37.42 -12.27 -24.01
CA LEU X 60 -37.02 -12.33 -22.60
C LEU X 60 -37.34 -13.70 -22.00
N GLU X 61 -36.81 -14.74 -22.66
CA GLU X 61 -37.08 -16.13 -22.30
C GLU X 61 -35.75 -16.85 -22.07
N SER X 62 -35.80 -18.18 -21.96
CA SER X 62 -34.58 -18.95 -21.75
C SER X 62 -33.57 -18.71 -22.87
N TRP X 63 -33.99 -18.92 -24.12
CA TRP X 63 -33.14 -18.59 -25.27
C TRP X 63 -32.64 -17.16 -25.24
N SER X 64 -33.40 -16.23 -24.67
CA SER X 64 -32.93 -14.84 -24.63
C SER X 64 -31.63 -14.73 -23.83
N MET X 65 -31.63 -15.21 -22.58
CA MET X 65 -30.42 -15.17 -21.77
C MET X 65 -29.34 -16.07 -22.35
N GLY X 66 -29.74 -17.17 -23.00
CA GLY X 66 -28.76 -18.04 -23.64
C GLY X 66 -28.01 -17.33 -24.75
N ILE X 67 -28.71 -16.55 -25.57
CA ILE X 67 -28.05 -15.73 -26.57
C ILE X 67 -27.20 -14.66 -25.90
N ALA X 68 -27.70 -14.08 -24.81
CA ALA X 68 -27.04 -12.94 -24.20
C ALA X 68 -25.67 -13.32 -23.63
N ARG X 69 -25.59 -14.44 -22.92
CA ARG X 69 -24.38 -14.71 -22.13
C ARG X 69 -23.10 -14.78 -22.95
N PRO X 70 -23.03 -15.47 -24.11
CA PRO X 70 -21.74 -15.54 -24.79
C PRO X 70 -21.38 -14.23 -25.47
N VAL X 71 -22.39 -13.49 -25.94
CA VAL X 71 -22.15 -12.20 -26.56
C VAL X 71 -21.54 -11.24 -25.54
N ILE X 72 -21.99 -11.33 -24.29
CA ILE X 72 -21.45 -10.45 -23.27
C ILE X 72 -20.10 -10.95 -22.76
N GLU X 73 -19.90 -12.26 -22.68
CA GLU X 73 -18.57 -12.77 -22.33
C GLU X 73 -17.54 -12.32 -23.36
N ALA X 74 -17.91 -12.38 -24.64
CA ALA X 74 -16.98 -11.96 -25.69
C ALA X 74 -16.83 -10.45 -25.71
N TYR X 75 -17.94 -9.73 -25.65
CA TYR X 75 -17.92 -8.27 -25.65
C TYR X 75 -18.74 -7.80 -24.44
N PRO X 76 -18.07 -7.44 -23.35
CA PRO X 76 -18.82 -7.06 -22.13
C PRO X 76 -19.73 -5.86 -22.34
N TRP X 77 -19.34 -4.92 -23.19
CA TRP X 77 -20.18 -3.76 -23.49
C TRP X 77 -21.48 -4.15 -24.17
N ALA X 78 -21.56 -5.36 -24.75
CA ALA X 78 -22.71 -5.74 -25.57
C ALA X 78 -24.04 -5.57 -24.85
N TRP X 79 -24.03 -5.61 -23.52
CA TRP X 79 -25.28 -5.45 -22.77
C TRP X 79 -25.95 -4.13 -23.12
N ILE X 80 -25.19 -3.04 -23.17
CA ILE X 80 -25.78 -1.73 -23.44
C ILE X 80 -26.36 -1.71 -24.85
N TYR X 81 -25.91 -2.61 -25.72
CA TYR X 81 -26.61 -2.86 -26.97
C TYR X 81 -28.01 -3.41 -26.68
N PHE X 82 -28.07 -4.62 -26.12
CA PHE X 82 -29.35 -5.29 -25.92
C PHE X 82 -30.31 -4.41 -25.14
N VAL X 83 -29.85 -3.92 -23.98
CA VAL X 83 -30.69 -3.08 -23.12
C VAL X 83 -31.26 -1.90 -23.91
N SER X 84 -30.40 -1.23 -24.70
CA SER X 84 -30.88 -0.09 -25.47
C SER X 84 -31.99 -0.52 -26.44
N PHE X 85 -31.77 -1.65 -27.13
CA PHE X 85 -32.80 -2.18 -28.00
C PHE X 85 -34.10 -2.41 -27.25
N ILE X 86 -34.02 -2.86 -26.00
CA ILE X 86 -35.22 -3.11 -25.22
C ILE X 86 -35.82 -1.79 -24.76
N LEU X 87 -34.97 -0.78 -24.50
CA LEU X 87 -35.48 0.50 -24.03
C LEU X 87 -36.05 1.32 -25.17
N VAL X 88 -35.20 1.63 -26.17
CA VAL X 88 -35.62 2.46 -27.29
C VAL X 88 -36.91 1.94 -27.89
N SER X 89 -37.04 0.63 -28.02
CA SER X 89 -38.30 0.05 -28.48
C SER X 89 -39.44 0.39 -27.54
N SER X 90 -39.34 -0.07 -26.29
CA SER X 90 -40.47 0.02 -25.37
C SER X 90 -40.89 1.47 -25.11
N PHE X 91 -39.92 2.39 -25.10
CA PHE X 91 -40.26 3.79 -24.85
C PHE X 91 -40.82 4.50 -26.08
N THR X 92 -40.61 3.96 -27.28
CA THR X 92 -41.39 4.45 -28.42
C THR X 92 -42.85 4.07 -28.25
N VAL X 93 -43.11 2.76 -28.15
CA VAL X 93 -44.48 2.25 -28.03
C VAL X 93 -45.24 3.06 -26.99
N LEU X 94 -44.77 3.01 -25.74
CA LEU X 94 -45.40 3.74 -24.65
C LEU X 94 -45.67 5.19 -25.06
N ASN X 95 -44.63 5.90 -25.52
CA ASN X 95 -44.82 7.29 -25.91
C ASN X 95 -45.86 7.40 -27.02
N LEU X 96 -45.70 6.59 -28.07
CA LEU X 96 -46.73 6.54 -29.11
C LEU X 96 -48.07 6.17 -28.48
N PHE X 97 -48.07 5.15 -27.62
CA PHE X 97 -49.31 4.69 -27.01
C PHE X 97 -49.90 5.76 -26.10
N ILE X 98 -49.07 6.68 -25.60
CA ILE X 98 -49.60 7.74 -24.74
C ILE X 98 -50.01 8.96 -25.55
N GLY X 99 -49.62 9.04 -26.83
CA GLY X 99 -50.03 10.13 -27.68
C GLY X 99 -51.40 9.89 -28.27
N ILE X 100 -51.65 8.64 -28.65
CA ILE X 100 -52.97 8.26 -29.17
C ILE X 100 -54.06 8.70 -28.21
N ILE X 101 -53.88 8.42 -26.92
CA ILE X 101 -54.88 8.76 -25.91
C ILE X 101 -55.16 10.26 -25.94
N ILE X 102 -54.13 11.07 -26.19
CA ILE X 102 -54.34 12.51 -26.29
C ILE X 102 -55.04 12.85 -27.60
N GLU X 103 -54.65 12.19 -28.69
CA GLU X 103 -55.30 12.40 -29.98
C GLU X 103 -56.61 11.65 -30.11
N SER X 104 -56.99 10.87 -29.09
CA SER X 104 -58.30 10.23 -29.05
C SER X 104 -59.27 10.97 -28.12
N MET X 105 -58.77 11.78 -27.20
CA MET X 105 -59.59 12.62 -26.35
C MET X 105 -60.01 13.92 -27.07
N GLN X 106 -59.78 13.98 -28.38
CA GLN X 106 -60.09 15.12 -29.22
C GLN X 106 -61.44 15.00 -29.92
N SER X 107 -62.14 13.89 -29.72
CA SER X 107 -63.25 13.48 -30.58
C SER X 107 -64.62 13.99 -30.13
N ALA X 108 -64.69 14.82 -29.08
CA ALA X 108 -65.96 15.48 -28.78
C ALA X 108 -66.38 16.34 -29.95
N HIS X 109 -65.42 17.08 -30.52
CA HIS X 109 -65.69 17.79 -31.77
C HIS X 109 -66.25 16.86 -32.86
N HIS X 110 -65.86 15.59 -32.88
CA HIS X 110 -66.44 14.73 -33.92
C HIS X 110 -67.90 14.40 -33.61
N ALA X 111 -68.24 14.24 -32.32
CA ALA X 111 -69.64 14.02 -31.96
C ALA X 111 -70.50 15.18 -32.43
N GLU X 112 -70.01 16.41 -32.24
CA GLU X 112 -70.69 17.56 -32.83
C GLU X 112 -70.76 17.44 -34.34
N ASP X 113 -69.68 16.99 -34.98
CA ASP X 113 -69.66 16.80 -36.42
C ASP X 113 -70.86 15.97 -36.87
N GLY X 114 -70.99 14.77 -36.33
CA GLY X 114 -72.13 13.93 -36.66
C GLY X 114 -73.45 14.62 -36.41
N GLU X 115 -73.55 15.38 -35.31
CA GLU X 115 -74.80 16.05 -35.00
C GLU X 115 -75.07 17.17 -36.01
N ARG X 116 -74.01 17.82 -36.51
CA ARG X 116 -74.19 18.78 -37.60
C ARG X 116 -74.56 18.06 -38.89
N THR X 117 -74.15 16.80 -39.04
CA THR X 117 -74.58 16.02 -40.20
C THR X 117 -76.09 15.78 -40.16
N ASP X 118 -76.61 15.42 -38.98
CA ASP X 118 -78.04 15.20 -38.83
C ASP X 118 -78.83 16.43 -39.22
N ALA X 119 -78.65 17.53 -38.48
CA ALA X 119 -79.51 18.70 -38.62
C ALA X 119 -79.44 19.29 -40.01
N TYR X 120 -78.25 19.42 -40.58
CA TYR X 120 -78.19 20.07 -41.88
C TYR X 120 -78.82 19.17 -42.95
N ARG X 121 -78.79 17.85 -42.75
CA ARG X 121 -79.34 16.97 -43.77
C ARG X 121 -80.85 16.82 -43.68
N ASP X 122 -81.48 17.48 -42.70
CA ASP X 122 -82.89 17.83 -42.87
C ASP X 122 -83.03 18.98 -43.85
N GLU X 123 -82.28 20.06 -43.62
CA GLU X 123 -82.34 21.24 -44.47
C GLU X 123 -82.08 20.92 -45.93
N VAL X 124 -81.42 19.81 -46.24
CA VAL X 124 -81.22 19.45 -47.65
C VAL X 124 -82.54 18.98 -48.26
N GLU Y 4 27.35 -44.55 -13.13
CA GLU Y 4 28.47 -45.15 -12.42
C GLU Y 4 28.22 -45.19 -10.92
N VAL Y 5 27.50 -44.19 -10.41
CA VAL Y 5 27.14 -44.12 -8.99
C VAL Y 5 26.04 -45.14 -8.76
N GLN Y 6 26.40 -46.31 -8.24
CA GLN Y 6 25.49 -47.45 -8.19
C GLN Y 6 25.60 -48.17 -6.86
N LEU Y 7 24.57 -48.98 -6.60
CA LEU Y 7 24.47 -49.83 -5.41
C LEU Y 7 24.19 -51.24 -5.91
N VAL Y 8 25.21 -52.08 -5.95
CA VAL Y 8 25.06 -53.46 -6.40
C VAL Y 8 24.74 -54.31 -5.18
N GLU Y 9 23.53 -54.87 -5.16
CA GLU Y 9 23.12 -55.68 -4.02
C GLU Y 9 22.96 -57.14 -4.42
N SER Y 10 23.16 -58.02 -3.44
CA SER Y 10 23.13 -59.47 -3.67
C SER Y 10 22.91 -60.16 -2.32
N GLY Y 11 22.87 -61.48 -2.36
CA GLY Y 11 22.75 -62.28 -1.16
C GLY Y 11 21.36 -62.80 -0.85
N GLY Y 12 20.37 -62.51 -1.70
CA GLY Y 12 19.02 -62.99 -1.48
C GLY Y 12 18.74 -64.30 -2.18
N GLY Y 13 17.49 -64.73 -2.08
CA GLY Y 13 17.06 -65.95 -2.74
C GLY Y 13 16.07 -66.75 -1.93
N LEU Y 14 16.37 -68.04 -1.72
CA LEU Y 14 15.51 -68.94 -0.99
C LEU Y 14 16.08 -69.21 0.39
N VAL Y 15 15.21 -69.32 1.38
CA VAL Y 15 15.61 -69.62 2.75
C VAL Y 15 14.42 -70.26 3.45
N GLN Y 16 14.71 -71.22 4.34
CA GLN Y 16 13.66 -71.94 5.05
C GLN Y 16 13.12 -71.11 6.21
N PRO Y 17 11.83 -71.27 6.54
CA PRO Y 17 11.24 -70.49 7.64
C PRO Y 17 12.00 -70.70 8.95
N GLY Y 18 12.08 -69.63 9.74
CA GLY Y 18 12.90 -69.64 10.92
C GLY Y 18 14.39 -69.59 10.67
N GLY Y 19 14.79 -69.40 9.41
CA GLY Y 19 16.19 -69.36 9.04
C GLY Y 19 16.78 -67.97 9.09
N SER Y 20 17.87 -67.79 8.35
CA SER Y 20 18.57 -66.53 8.33
C SER Y 20 19.13 -66.28 6.93
N LEU Y 21 19.43 -65.02 6.64
CA LEU Y 21 19.93 -64.64 5.33
C LEU Y 21 20.62 -63.28 5.41
N ARG Y 22 21.71 -63.13 4.65
CA ARG Y 22 22.51 -61.92 4.65
C ARG Y 22 22.38 -61.22 3.32
N LEU Y 23 22.12 -59.91 3.34
CA LEU Y 23 22.02 -59.10 2.14
C LEU Y 23 23.17 -58.10 2.11
N SER Y 24 23.88 -58.06 0.99
CA SER Y 24 25.00 -57.14 0.81
C SER Y 24 24.63 -56.09 -0.21
N CYS Y 25 25.06 -54.85 0.05
CA CYS Y 25 24.82 -53.72 -0.85
C CYS Y 25 26.15 -52.96 -0.98
N ALA Y 26 26.89 -53.25 -2.05
CA ALA Y 26 28.18 -52.62 -2.29
C ALA Y 26 27.96 -51.33 -3.06
N ALA Y 27 28.42 -50.22 -2.48
CA ALA Y 27 28.34 -48.92 -3.13
C ALA Y 27 29.55 -48.70 -4.02
N SER Y 28 29.34 -47.97 -5.11
CA SER Y 28 30.45 -47.68 -6.02
C SER Y 28 30.19 -46.36 -6.72
N GLY Y 29 31.20 -45.49 -6.76
CA GLY Y 29 31.14 -44.27 -7.53
C GLY Y 29 30.92 -43.00 -6.72
N PHE Y 30 30.53 -43.10 -5.46
CA PHE Y 30 30.31 -41.93 -4.62
C PHE Y 30 31.02 -42.13 -3.29
N ASN Y 31 30.85 -41.15 -2.40
CA ASN Y 31 31.43 -41.22 -1.06
C ASN Y 31 30.48 -41.99 -0.15
N PHE Y 32 30.86 -43.23 0.18
CA PHE Y 32 29.98 -44.09 0.95
C PHE Y 32 29.79 -43.58 2.37
N SER Y 33 30.89 -43.18 3.03
CA SER Y 33 30.82 -42.79 4.43
C SER Y 33 29.85 -41.64 4.65
N SER Y 34 29.93 -40.61 3.82
CA SER Y 34 29.10 -39.42 3.98
C SER Y 34 27.62 -39.69 3.75
N SER Y 35 27.26 -40.84 3.20
CA SER Y 35 25.87 -41.14 2.86
C SER Y 35 25.20 -41.96 3.95
N SER Y 36 23.89 -42.08 3.83
CA SER Y 36 23.11 -43.03 4.61
C SER Y 36 22.58 -44.12 3.68
N ILE Y 37 22.49 -45.34 4.20
CA ILE Y 37 22.05 -46.48 3.40
C ILE Y 37 20.76 -47.03 3.99
N HIS Y 38 19.89 -47.53 3.11
CA HIS Y 38 18.51 -47.84 3.46
C HIS Y 38 18.13 -49.18 2.86
N TRP Y 39 17.40 -49.98 3.62
CA TRP Y 39 16.76 -51.19 3.11
C TRP Y 39 15.25 -50.98 3.19
N VAL Y 40 14.59 -51.15 2.05
CA VAL Y 40 13.15 -50.96 1.91
C VAL Y 40 12.58 -52.15 1.14
N ARG Y 41 11.53 -52.76 1.67
CA ARG Y 41 11.01 -53.98 1.09
C ARG Y 41 9.65 -53.78 0.45
N GLN Y 42 9.35 -54.61 -0.54
CA GLN Y 42 8.08 -54.60 -1.23
C GLN Y 42 7.63 -56.05 -1.40
N ALA Y 43 6.56 -56.43 -0.70
CA ALA Y 43 6.02 -57.76 -0.92
C ALA Y 43 5.24 -57.77 -2.22
N PRO Y 44 5.21 -58.90 -2.93
CA PRO Y 44 4.48 -58.94 -4.20
C PRO Y 44 3.01 -58.62 -4.03
N GLY Y 45 2.59 -57.48 -4.59
CA GLY Y 45 1.23 -57.03 -4.47
C GLY Y 45 0.95 -56.02 -3.38
N LYS Y 46 1.94 -55.23 -2.98
CA LYS Y 46 1.71 -54.16 -2.02
C LYS Y 46 2.68 -53.01 -2.32
N GLY Y 47 2.55 -51.94 -1.56
CA GLY Y 47 3.41 -50.79 -1.71
C GLY Y 47 4.77 -51.01 -1.06
N LEU Y 48 5.52 -49.91 -0.95
CA LEU Y 48 6.84 -49.96 -0.36
C LEU Y 48 6.74 -49.95 1.16
N GLU Y 49 7.68 -50.63 1.81
CA GLU Y 49 7.75 -50.70 3.27
C GLU Y 49 9.18 -50.47 3.71
N TRP Y 50 9.38 -49.44 4.54
CA TRP Y 50 10.71 -49.17 5.06
C TRP Y 50 11.12 -50.24 6.06
N VAL Y 51 12.35 -50.72 5.94
CA VAL Y 51 12.90 -51.75 6.83
C VAL Y 51 13.93 -51.14 7.78
N ALA Y 52 15.01 -50.56 7.24
CA ALA Y 52 16.06 -50.07 8.12
C ALA Y 52 16.87 -48.99 7.44
N SER Y 53 17.59 -48.21 8.25
CA SER Y 53 18.48 -47.17 7.75
C SER Y 53 19.69 -47.08 8.67
N ILE Y 54 20.82 -46.69 8.10
CA ILE Y 54 22.07 -46.62 8.83
C ILE Y 54 22.93 -45.50 8.26
N SER Y 55 23.67 -44.82 9.13
CA SER Y 55 24.70 -43.89 8.70
C SER Y 55 25.99 -44.68 8.46
N SER Y 56 26.51 -44.61 7.24
CA SER Y 56 27.71 -45.37 6.92
C SER Y 56 28.88 -44.94 7.80
N SER Y 57 29.12 -43.63 7.89
CA SER Y 57 30.24 -43.14 8.69
C SER Y 57 29.93 -43.21 10.19
N SER Y 58 28.75 -42.72 10.58
CA SER Y 58 28.45 -42.59 12.01
C SER Y 58 28.13 -43.92 12.66
N GLY Y 59 27.64 -44.90 11.89
CA GLY Y 59 27.25 -46.18 12.44
C GLY Y 59 25.91 -46.21 13.13
N SER Y 60 25.23 -45.06 13.25
CA SER Y 60 23.91 -45.03 13.87
C SER Y 60 22.90 -45.82 13.04
N THR Y 61 21.97 -46.48 13.73
CA THR Y 61 20.99 -47.34 13.09
C THR Y 61 19.58 -46.94 13.50
N SER Y 62 18.62 -47.23 12.61
CA SER Y 62 17.21 -47.04 12.92
C SER Y 62 16.42 -48.13 12.19
N TYR Y 63 15.56 -48.83 12.94
CA TYR Y 63 14.83 -49.98 12.42
C TYR Y 63 13.33 -49.69 12.48
N ALA Y 64 12.58 -50.43 11.65
CA ALA Y 64 11.14 -50.37 11.70
C ALA Y 64 10.61 -51.23 12.83
N ASP Y 65 9.45 -50.83 13.37
CA ASP Y 65 8.87 -51.57 14.49
C ASP Y 65 8.48 -52.99 14.07
N SER Y 66 8.21 -53.21 12.80
CA SER Y 66 7.76 -54.52 12.34
C SER Y 66 8.88 -55.55 12.32
N VAL Y 67 10.14 -55.12 12.25
CA VAL Y 67 11.26 -56.05 12.15
C VAL Y 67 12.32 -55.74 13.21
N LYS Y 68 11.94 -55.00 14.25
CA LYS Y 68 12.90 -54.64 15.28
C LYS Y 68 13.41 -55.88 16.00
N GLY Y 69 14.73 -55.92 16.21
CA GLY Y 69 15.34 -57.03 16.92
C GLY Y 69 15.65 -58.22 16.05
N ARG Y 70 14.78 -58.53 15.09
CA ARG Y 70 15.02 -59.67 14.22
C ARG Y 70 16.05 -59.32 13.14
N PHE Y 71 15.94 -58.15 12.53
CA PHE Y 71 16.90 -57.72 11.53
C PHE Y 71 18.01 -56.89 12.19
N THR Y 72 19.11 -56.75 11.47
CA THR Y 72 20.24 -55.96 11.95
C THR Y 72 20.99 -55.37 10.76
N ILE Y 73 21.07 -54.06 10.70
CA ILE Y 73 21.74 -53.36 9.60
C ILE Y 73 23.12 -52.94 10.06
N SER Y 74 24.09 -53.02 9.15
CA SER Y 74 25.48 -52.67 9.44
C SER Y 74 26.10 -52.07 8.19
N ALA Y 75 27.32 -51.57 8.32
CA ALA Y 75 28.01 -50.99 7.18
C ALA Y 75 29.51 -50.98 7.45
N ASP Y 76 30.27 -51.59 6.54
CA ASP Y 76 31.72 -51.59 6.60
C ASP Y 76 32.24 -50.60 5.57
N THR Y 77 32.88 -49.53 6.05
CA THR Y 77 33.37 -48.51 5.13
C THR Y 77 34.62 -48.97 4.39
N SER Y 78 35.46 -49.79 5.02
CA SER Y 78 36.61 -50.35 4.34
C SER Y 78 36.16 -51.25 3.20
N LYS Y 79 35.27 -52.19 3.49
CA LYS Y 79 34.64 -52.99 2.43
C LYS Y 79 33.75 -52.13 1.54
N ASN Y 80 33.40 -50.92 1.98
CA ASN Y 80 32.63 -49.98 1.16
C ASN Y 80 31.27 -50.55 0.81
N THR Y 81 30.58 -51.08 1.82
CA THR Y 81 29.39 -51.89 1.59
C THR Y 81 28.54 -51.94 2.85
N ALA Y 82 27.23 -51.86 2.68
CA ALA Y 82 26.28 -52.03 3.76
C ALA Y 82 25.70 -53.44 3.74
N TYR Y 83 25.12 -53.84 4.87
CA TYR Y 83 24.67 -55.20 5.08
C TYR Y 83 23.37 -55.20 5.87
N LEU Y 84 22.51 -56.18 5.55
CA LEU Y 84 21.28 -56.43 6.30
C LEU Y 84 21.24 -57.91 6.66
N GLN Y 85 21.44 -58.21 7.93
CA GLN Y 85 21.33 -59.57 8.45
C GLN Y 85 19.90 -59.81 8.91
N MET Y 86 19.31 -60.91 8.47
CA MET Y 86 17.91 -61.21 8.70
C MET Y 86 17.79 -62.54 9.40
N ASN Y 87 17.07 -62.55 10.52
CA ASN Y 87 16.92 -63.74 11.35
C ASN Y 87 15.45 -63.98 11.64
N SER Y 88 15.12 -65.23 11.94
CA SER Y 88 13.74 -65.64 12.25
C SER Y 88 12.80 -65.31 11.09
N LEU Y 89 13.27 -65.55 9.86
CA LEU Y 89 12.49 -65.21 8.68
C LEU Y 89 11.19 -66.01 8.63
N ARG Y 90 10.15 -65.39 8.08
CA ARG Y 90 8.81 -65.94 8.13
C ARG Y 90 8.15 -65.74 6.77
N ALA Y 91 6.84 -66.00 6.70
CA ALA Y 91 6.12 -65.85 5.44
C ALA Y 91 5.93 -64.40 5.06
N GLU Y 92 5.77 -63.52 6.05
CA GLU Y 92 5.61 -62.09 5.75
C GLU Y 92 6.87 -61.51 5.11
N ASP Y 93 8.04 -62.00 5.50
CA ASP Y 93 9.30 -61.45 5.03
C ASP Y 93 9.57 -61.77 3.56
N THR Y 94 8.76 -62.61 2.93
CA THR Y 94 8.92 -62.93 1.52
C THR Y 94 8.63 -61.67 0.70
N ALA Y 95 9.67 -61.06 0.14
CA ALA Y 95 9.50 -59.79 -0.55
C ALA Y 95 10.76 -59.48 -1.35
N VAL Y 96 10.66 -58.46 -2.21
CA VAL Y 96 11.80 -57.93 -2.94
C VAL Y 96 12.37 -56.78 -2.11
N TYR Y 97 13.64 -56.89 -1.76
CA TYR Y 97 14.29 -55.89 -0.93
C TYR Y 97 15.18 -55.00 -1.80
N TYR Y 98 15.11 -53.70 -1.53
CA TYR Y 98 15.81 -52.67 -2.29
C TYR Y 98 16.77 -51.94 -1.37
N CYS Y 99 17.94 -51.57 -1.91
CA CYS Y 99 18.95 -50.79 -1.22
C CYS Y 99 18.95 -49.38 -1.80
N ALA Y 100 18.91 -48.39 -0.93
CA ALA Y 100 18.88 -46.99 -1.36
C ALA Y 100 19.89 -46.19 -0.55
N ARG Y 101 20.11 -44.95 -0.97
CA ARG Y 101 21.04 -44.06 -0.27
C ARG Y 101 20.44 -42.67 -0.16
N THR Y 102 21.01 -41.91 0.77
CA THR Y 102 20.89 -40.44 0.81
C THR Y 102 22.29 -39.89 0.97
N TYR Y 103 22.83 -39.39 -0.14
CA TYR Y 103 24.11 -38.69 -0.21
C TYR Y 103 23.79 -37.22 -0.41
N GLY Y 104 24.16 -36.39 0.57
CA GLY Y 104 23.45 -35.13 0.72
C GLY Y 104 24.20 -33.83 0.94
N TRP Y 105 23.88 -33.20 2.08
CA TRP Y 105 23.79 -31.77 2.33
C TRP Y 105 22.51 -31.22 1.70
N TYR Y 106 21.96 -32.00 0.78
CA TYR Y 106 20.74 -31.70 0.04
C TYR Y 106 19.63 -32.64 0.46
N TYR Y 107 19.87 -33.92 0.25
CA TYR Y 107 18.89 -34.96 0.41
C TYR Y 107 18.85 -35.48 1.83
N SER Y 108 19.87 -35.15 2.62
CA SER Y 108 19.86 -35.49 4.03
C SER Y 108 18.98 -34.54 4.82
N TRP Y 109 18.89 -33.27 4.40
CA TRP Y 109 17.96 -32.36 5.03
C TRP Y 109 16.55 -32.55 4.49
N TRP Y 110 16.33 -33.59 3.68
CA TRP Y 110 14.99 -33.98 3.27
C TRP Y 110 14.70 -35.48 3.31
N TRP Y 111 15.73 -36.35 3.42
CA TRP Y 111 15.54 -37.80 3.44
C TRP Y 111 14.85 -38.29 2.16
N ALA Y 112 15.62 -38.21 1.07
CA ALA Y 112 15.05 -38.11 -0.27
C ALA Y 112 14.16 -39.32 -0.61
N PHE Y 113 14.70 -40.57 -0.68
CA PHE Y 113 16.08 -41.03 -0.83
C PHE Y 113 16.44 -40.84 -2.30
N ASP Y 114 17.67 -40.44 -2.61
CA ASP Y 114 17.98 -40.03 -3.98
C ASP Y 114 18.13 -41.22 -4.94
N TYR Y 115 19.00 -42.16 -4.61
CA TYR Y 115 19.28 -43.29 -5.49
C TYR Y 115 18.82 -44.60 -4.87
N TRP Y 116 18.43 -45.54 -5.72
CA TRP Y 116 17.85 -46.81 -5.32
C TRP Y 116 18.57 -47.95 -6.02
N GLY Y 117 18.91 -49.00 -5.25
CA GLY Y 117 19.42 -50.21 -5.85
C GLY Y 117 18.34 -50.98 -6.59
N GLN Y 118 18.78 -51.92 -7.43
CA GLN Y 118 17.86 -52.49 -8.41
C GLN Y 118 16.91 -53.53 -7.81
N GLY Y 119 17.26 -54.13 -6.70
CA GLY Y 119 16.30 -55.02 -6.06
C GLY Y 119 16.77 -56.48 -6.09
N THR Y 120 16.45 -57.21 -5.02
CA THR Y 120 16.73 -58.64 -4.97
C THR Y 120 15.63 -59.35 -4.19
N LEU Y 121 15.26 -60.54 -4.65
CA LEU Y 121 14.11 -61.25 -4.11
C LEU Y 121 14.52 -62.16 -2.96
N VAL Y 122 13.66 -62.24 -1.94
CA VAL Y 122 13.83 -63.14 -0.80
C VAL Y 122 12.51 -63.88 -0.64
N THR Y 123 12.48 -65.14 -1.04
CA THR Y 123 11.31 -66.00 -0.88
C THR Y 123 11.57 -66.99 0.25
N VAL Y 124 10.72 -66.95 1.27
CA VAL Y 124 10.82 -67.84 2.43
C VAL Y 124 9.84 -68.99 2.21
N SER Y 125 10.37 -70.18 1.97
CA SER Y 125 9.55 -71.36 1.72
C SER Y 125 10.29 -72.59 2.20
N SER Y 126 9.61 -73.74 2.12
CA SER Y 126 10.16 -75.00 2.58
C SER Y 126 10.73 -75.85 1.44
N ALA Y 127 10.08 -75.84 0.28
CA ALA Y 127 10.49 -76.70 -0.83
C ALA Y 127 11.91 -76.34 -1.29
N SER Y 128 12.47 -77.24 -2.10
CA SER Y 128 13.88 -77.16 -2.50
C SER Y 128 14.02 -76.49 -3.86
N THR Y 129 15.27 -76.14 -4.18
CA THR Y 129 15.58 -75.47 -5.44
C THR Y 129 15.45 -76.44 -6.61
N LYS Y 130 15.00 -75.91 -7.74
CA LYS Y 130 14.89 -76.70 -8.96
C LYS Y 130 15.24 -75.85 -10.16
N GLY Y 131 16.02 -76.44 -11.07
CA GLY Y 131 16.36 -75.79 -12.32
C GLY Y 131 15.24 -75.91 -13.33
N PRO Y 132 15.16 -74.95 -14.26
CA PRO Y 132 14.09 -74.95 -15.26
C PRO Y 132 14.43 -75.82 -16.46
N SER Y 133 13.39 -76.07 -17.25
CA SER Y 133 13.50 -76.75 -18.55
C SER Y 133 13.20 -75.74 -19.64
N VAL Y 134 14.11 -75.64 -20.61
CA VAL Y 134 14.04 -74.65 -21.68
C VAL Y 134 13.61 -75.38 -22.95
N PHE Y 135 12.42 -75.06 -23.44
CA PHE Y 135 11.82 -75.74 -24.59
C PHE Y 135 11.56 -74.72 -25.69
N PRO Y 136 12.22 -74.80 -26.84
CA PRO Y 136 11.93 -73.85 -27.93
C PRO Y 136 10.49 -73.93 -28.40
N LEU Y 137 10.03 -72.83 -29.00
CA LEU Y 137 8.66 -72.70 -29.51
C LEU Y 137 8.76 -72.43 -31.00
N ALA Y 138 8.32 -73.39 -31.81
CA ALA Y 138 8.62 -73.43 -33.23
C ALA Y 138 7.80 -72.39 -34.00
N PRO Y 139 8.43 -71.70 -34.97
CA PRO Y 139 7.68 -70.81 -35.86
C PRO Y 139 6.77 -71.58 -36.81
N SER Y 140 6.11 -70.86 -37.72
CA SER Y 140 5.16 -71.49 -38.64
C SER Y 140 5.67 -71.54 -40.07
N SER Y 141 6.05 -70.41 -40.65
CA SER Y 141 6.48 -70.36 -42.04
C SER Y 141 7.99 -70.55 -42.19
N GLY Y 146 8.64 -60.46 -44.79
CA GLY Y 146 9.38 -59.44 -44.08
C GLY Y 146 8.70 -58.96 -42.83
N GLY Y 147 7.97 -59.86 -42.17
CA GLY Y 147 7.27 -59.50 -40.94
C GLY Y 147 6.44 -60.68 -40.48
N THR Y 148 5.88 -60.51 -39.27
CA THR Y 148 4.95 -61.47 -38.68
C THR Y 148 5.60 -62.86 -38.55
N ALA Y 149 6.62 -62.92 -37.68
CA ALA Y 149 7.25 -64.18 -37.30
C ALA Y 149 7.36 -64.20 -35.78
N ALA Y 150 6.35 -64.79 -35.12
CA ALA Y 150 6.34 -64.88 -33.66
C ALA Y 150 6.96 -66.21 -33.26
N LEU Y 151 8.10 -66.15 -32.58
CA LEU Y 151 8.78 -67.35 -32.10
C LEU Y 151 9.17 -67.14 -30.65
N GLY Y 152 9.89 -68.09 -30.06
CA GLY Y 152 10.37 -67.87 -28.71
C GLY Y 152 10.76 -69.18 -28.05
N CYS Y 153 10.79 -69.14 -26.72
CA CYS Y 153 11.07 -70.34 -25.94
C CYS Y 153 10.33 -70.26 -24.61
N LEU Y 154 9.91 -71.43 -24.14
CA LEU Y 154 9.21 -71.59 -22.87
C LEU Y 154 10.17 -72.11 -21.82
N VAL Y 155 9.93 -71.67 -20.57
CA VAL Y 155 10.78 -72.03 -19.44
C VAL Y 155 9.86 -72.57 -18.35
N LYS Y 156 9.92 -73.88 -18.12
CA LYS Y 156 8.94 -74.56 -17.28
C LYS Y 156 9.61 -75.22 -16.08
N ASP Y 157 8.85 -75.35 -14.98
CA ASP Y 157 9.23 -76.20 -13.86
C ASP Y 157 10.52 -75.73 -13.19
N TYR Y 158 10.46 -74.51 -12.67
CA TYR Y 158 11.54 -73.97 -11.87
C TYR Y 158 10.98 -73.39 -10.58
N PHE Y 159 11.82 -73.37 -9.55
CA PHE Y 159 11.47 -72.85 -8.22
C PHE Y 159 12.75 -72.68 -7.42
N PRO Y 160 12.95 -71.53 -6.74
CA PRO Y 160 12.06 -70.38 -6.70
C PRO Y 160 12.29 -69.37 -7.81
N GLU Y 161 11.57 -68.24 -7.74
CA GLU Y 161 11.80 -67.12 -8.65
C GLU Y 161 13.22 -66.58 -8.48
N PRO Y 162 13.74 -65.84 -9.47
CA PRO Y 162 13.20 -65.55 -10.81
C PRO Y 162 13.99 -66.22 -11.93
N VAL Y 163 13.51 -66.10 -13.17
CA VAL Y 163 14.25 -66.51 -14.36
C VAL Y 163 14.55 -65.27 -15.19
N THR Y 164 15.82 -65.07 -15.51
CA THR Y 164 16.28 -63.91 -16.28
C THR Y 164 16.48 -64.34 -17.72
N VAL Y 165 15.52 -64.02 -18.58
CA VAL Y 165 15.55 -64.41 -19.99
C VAL Y 165 16.06 -63.24 -20.82
N SER Y 166 16.94 -63.54 -21.77
CA SER Y 166 17.36 -62.57 -22.77
C SER Y 166 17.31 -63.22 -24.15
N TRP Y 167 17.82 -62.52 -25.17
CA TRP Y 167 17.87 -63.04 -26.53
C TRP Y 167 19.18 -62.60 -27.16
N ASN Y 168 20.04 -63.58 -27.47
CA ASN Y 168 21.33 -63.34 -28.10
C ASN Y 168 22.19 -62.38 -27.28
N SER Y 169 22.18 -62.56 -25.96
CA SER Y 169 22.97 -61.75 -25.04
C SER Y 169 22.67 -60.27 -25.17
N GLY Y 170 21.38 -59.94 -25.25
CA GLY Y 170 20.95 -58.56 -25.35
C GLY Y 170 21.00 -57.98 -26.75
N ALA Y 171 21.24 -58.80 -27.77
CA ALA Y 171 21.24 -58.29 -29.15
C ALA Y 171 19.82 -58.05 -29.64
N LEU Y 172 18.93 -59.01 -29.40
CA LEU Y 172 17.53 -58.90 -29.78
C LEU Y 172 16.75 -58.40 -28.58
N THR Y 173 16.42 -57.11 -28.59
CA THR Y 173 15.66 -56.48 -27.51
C THR Y 173 14.26 -56.07 -27.93
N SER Y 174 14.13 -55.41 -29.08
CA SER Y 174 12.83 -54.94 -29.54
C SER Y 174 11.97 -56.12 -29.98
N GLY Y 175 10.72 -56.14 -29.53
CA GLY Y 175 9.79 -57.19 -29.86
C GLY Y 175 9.66 -58.28 -28.81
N VAL Y 176 10.48 -58.24 -27.76
CA VAL Y 176 10.46 -59.28 -26.73
C VAL Y 176 9.30 -59.02 -25.77
N HIS Y 177 8.60 -60.09 -25.41
CA HIS Y 177 7.46 -60.04 -24.48
C HIS Y 177 7.58 -61.14 -23.43
N THR Y 178 8.74 -61.21 -22.78
CA THR Y 178 8.94 -62.14 -21.67
C THR Y 178 7.84 -62.00 -20.63
N PHE Y 179 7.06 -63.08 -20.46
CA PHE Y 179 5.87 -63.06 -19.62
C PHE Y 179 6.23 -63.23 -18.14
N PRO Y 180 5.33 -62.85 -17.24
CA PRO Y 180 5.49 -63.22 -15.84
C PRO Y 180 5.10 -64.67 -15.60
N ALA Y 181 5.63 -65.22 -14.51
CA ALA Y 181 5.46 -66.64 -14.23
C ALA Y 181 4.07 -66.93 -13.66
N VAL Y 182 3.70 -68.20 -13.70
CA VAL Y 182 2.48 -68.71 -13.08
C VAL Y 182 2.86 -69.91 -12.20
N LEU Y 183 1.87 -70.45 -11.50
CA LEU Y 183 2.13 -71.39 -10.41
C LEU Y 183 1.97 -72.86 -10.79
N GLN Y 184 1.01 -73.19 -11.66
CA GLN Y 184 0.82 -74.56 -12.14
C GLN Y 184 0.76 -75.58 -11.00
N SER Y 185 -0.41 -75.69 -10.37
CA SER Y 185 -0.63 -76.13 -8.99
C SER Y 185 0.41 -77.08 -8.42
N SER Y 186 1.01 -77.94 -9.25
CA SER Y 186 2.12 -78.79 -8.83
C SER Y 186 3.07 -78.08 -7.87
N GLY Y 187 3.42 -76.83 -8.18
CA GLY Y 187 4.21 -76.03 -7.25
C GLY Y 187 5.51 -75.51 -7.82
N LEU Y 188 5.59 -75.39 -9.14
CA LEU Y 188 6.77 -74.89 -9.82
C LEU Y 188 6.37 -73.73 -10.72
N TYR Y 189 7.30 -72.85 -11.01
CA TYR Y 189 6.97 -71.71 -11.85
C TYR Y 189 7.21 -72.05 -13.32
N SER Y 190 6.43 -71.41 -14.19
CA SER Y 190 6.47 -71.70 -15.62
C SER Y 190 6.06 -70.45 -16.38
N LEU Y 191 6.95 -69.96 -17.23
CA LEU Y 191 6.70 -68.76 -18.02
C LEU Y 191 7.06 -69.03 -19.48
N SER Y 192 6.71 -68.07 -20.33
CA SER Y 192 7.05 -68.07 -21.73
C SER Y 192 7.92 -66.86 -22.05
N SER Y 193 8.55 -66.89 -23.22
CA SER Y 193 9.34 -65.75 -23.68
C SER Y 193 9.24 -65.71 -25.21
N VAL Y 194 8.46 -64.77 -25.71
CA VAL Y 194 8.19 -64.67 -27.14
C VAL Y 194 8.86 -63.43 -27.71
N VAL Y 195 9.06 -63.44 -29.02
CA VAL Y 195 9.62 -62.31 -29.75
C VAL Y 195 9.14 -62.39 -31.20
N THR Y 196 8.84 -61.22 -31.76
CA THR Y 196 8.37 -61.10 -33.13
C THR Y 196 9.48 -60.53 -34.01
N VAL Y 197 9.68 -61.14 -35.17
CA VAL Y 197 10.72 -60.74 -36.11
C VAL Y 197 10.16 -60.77 -37.53
N PRO Y 198 10.90 -60.27 -38.52
CA PRO Y 198 10.50 -60.51 -39.92
C PRO Y 198 10.67 -61.97 -40.29
N SER Y 199 9.65 -62.53 -40.96
CA SER Y 199 9.70 -63.93 -41.36
C SER Y 199 10.71 -64.17 -42.47
N SER Y 200 11.07 -63.14 -43.24
CA SER Y 200 12.04 -63.31 -44.31
C SER Y 200 13.45 -63.52 -43.77
N SER Y 201 13.69 -63.20 -42.50
CA SER Y 201 15.02 -63.33 -41.90
C SER Y 201 15.16 -64.60 -41.06
N LEU Y 202 14.34 -65.62 -41.33
CA LEU Y 202 14.47 -66.92 -40.65
C LEU Y 202 15.63 -67.66 -41.29
N GLY Y 203 16.83 -67.30 -40.86
CA GLY Y 203 18.04 -67.84 -41.45
C GLY Y 203 19.11 -66.77 -41.56
N THR Y 204 18.71 -65.52 -41.39
CA THR Y 204 19.66 -64.41 -41.44
C THR Y 204 20.38 -64.24 -40.10
N GLN Y 205 19.62 -64.11 -39.02
CA GLN Y 205 20.17 -64.01 -37.68
C GLN Y 205 19.90 -65.29 -36.89
N THR Y 206 20.77 -65.55 -35.92
CA THR Y 206 20.61 -66.67 -35.01
C THR Y 206 19.76 -66.23 -33.82
N TYR Y 207 18.77 -67.04 -33.47
CA TYR Y 207 17.80 -66.70 -32.44
C TYR Y 207 18.00 -67.61 -31.23
N ILE Y 208 18.80 -67.15 -30.28
CA ILE Y 208 19.10 -67.87 -29.05
C ILE Y 208 18.50 -67.11 -27.88
N CYS Y 209 17.74 -67.80 -27.04
CA CYS Y 209 17.22 -67.22 -25.81
C CYS Y 209 18.10 -67.69 -24.65
N ASN Y 210 18.73 -66.74 -23.96
CA ASN Y 210 19.74 -67.03 -22.95
C ASN Y 210 19.07 -67.04 -21.58
N VAL Y 211 18.53 -68.21 -21.23
CA VAL Y 211 17.82 -68.38 -19.96
C VAL Y 211 18.84 -68.56 -18.85
N ASN Y 212 18.52 -68.02 -17.67
CA ASN Y 212 19.39 -68.15 -16.51
C ASN Y 212 18.53 -68.25 -15.25
N HIS Y 213 18.96 -69.11 -14.32
CA HIS Y 213 18.27 -69.33 -13.05
C HIS Y 213 19.36 -69.47 -11.98
N LYS Y 214 19.70 -68.35 -11.35
CA LYS Y 214 20.82 -68.33 -10.41
C LYS Y 214 20.63 -69.18 -9.15
N PRO Y 215 19.43 -69.34 -8.59
CA PRO Y 215 19.28 -70.26 -7.45
C PRO Y 215 19.73 -71.69 -7.76
N SER Y 216 19.70 -72.10 -9.02
CA SER Y 216 20.13 -73.44 -9.41
C SER Y 216 21.29 -73.43 -10.40
N ASN Y 217 21.86 -72.27 -10.69
CA ASN Y 217 23.01 -72.13 -11.59
C ASN Y 217 22.71 -72.65 -12.99
N THR Y 218 21.43 -72.66 -13.38
CA THR Y 218 21.00 -73.20 -14.67
C THR Y 218 21.21 -72.14 -15.74
N LYS Y 219 22.42 -72.11 -16.29
CA LYS Y 219 22.78 -71.16 -17.36
C LYS Y 219 22.68 -71.90 -18.69
N VAL Y 220 21.53 -71.74 -19.36
CA VAL Y 220 21.21 -72.52 -20.55
C VAL Y 220 21.03 -71.58 -21.73
N ASP Y 221 21.61 -71.95 -22.87
CA ASP Y 221 21.44 -71.25 -24.13
C ASP Y 221 20.80 -72.19 -25.13
N LYS Y 222 19.69 -71.76 -25.73
CA LYS Y 222 18.97 -72.60 -26.69
C LYS Y 222 18.54 -71.75 -27.89
N LYS Y 223 18.84 -72.26 -29.09
CA LYS Y 223 18.39 -71.62 -30.32
C LYS Y 223 17.00 -72.13 -30.69
N VAL Y 224 16.25 -71.29 -31.39
CA VAL Y 224 14.92 -71.63 -31.89
C VAL Y 224 14.94 -71.50 -33.40
N GLU Y 225 14.38 -72.50 -34.09
CA GLU Y 225 14.33 -72.52 -35.54
C GLU Y 225 13.18 -73.42 -35.97
N PRO Y 226 12.55 -73.15 -37.12
CA PRO Y 226 11.38 -73.89 -37.59
C PRO Y 226 11.60 -75.40 -37.68
N ASP Z 2 3.79 -42.74 14.10
CA ASP Z 2 2.41 -42.85 13.64
C ASP Z 2 2.07 -41.77 12.61
N ILE Z 3 3.09 -41.35 11.85
CA ILE Z 3 2.94 -40.31 10.84
C ILE Z 3 2.32 -40.98 9.60
N GLN Z 4 1.01 -40.81 9.43
CA GLN Z 4 0.28 -41.52 8.38
C GLN Z 4 0.24 -40.73 7.08
N MET Z 5 0.40 -41.44 5.96
CA MET Z 5 0.35 -40.87 4.62
C MET Z 5 -0.73 -41.64 3.86
N THR Z 6 -1.83 -40.96 3.52
CA THR Z 6 -2.94 -41.57 2.80
C THR Z 6 -2.90 -41.08 1.35
N GLN Z 7 -2.59 -41.98 0.43
CA GLN Z 7 -2.43 -41.64 -0.98
C GLN Z 7 -3.66 -42.11 -1.75
N SER Z 8 -4.09 -41.28 -2.71
CA SER Z 8 -5.29 -41.54 -3.49
C SER Z 8 -5.11 -40.95 -4.88
N PRO Z 9 -5.74 -41.54 -5.91
CA PRO Z 9 -6.50 -42.78 -5.81
C PRO Z 9 -5.59 -44.00 -5.87
N SER Z 10 -6.15 -45.20 -5.76
CA SER Z 10 -5.33 -46.39 -5.91
C SER Z 10 -4.98 -46.64 -7.38
N SER Z 11 -5.98 -46.59 -8.25
CA SER Z 11 -5.78 -46.81 -9.67
C SER Z 11 -6.44 -45.68 -10.46
N LEU Z 12 -5.90 -45.42 -11.65
CA LEU Z 12 -6.47 -44.43 -12.55
C LEU Z 12 -6.07 -44.77 -13.97
N SER Z 13 -6.94 -44.43 -14.91
CA SER Z 13 -6.68 -44.67 -16.34
C SER Z 13 -7.04 -43.41 -17.11
N ALA Z 14 -6.04 -42.79 -17.73
CA ALA Z 14 -6.24 -41.60 -18.54
C ALA Z 14 -5.49 -41.75 -19.85
N SER Z 15 -6.04 -41.16 -20.90
CA SER Z 15 -5.43 -41.24 -22.23
C SER Z 15 -4.14 -40.43 -22.27
N VAL Z 16 -3.40 -40.61 -23.36
CA VAL Z 16 -2.12 -39.92 -23.53
C VAL Z 16 -2.40 -38.42 -23.69
N GLY Z 17 -1.67 -37.61 -22.92
CA GLY Z 17 -1.83 -36.18 -22.94
C GLY Z 17 -2.72 -35.62 -21.86
N ASP Z 18 -3.55 -36.46 -21.25
CA ASP Z 18 -4.41 -36.01 -20.16
C ASP Z 18 -3.59 -35.56 -18.97
N ARG Z 19 -4.25 -34.85 -18.05
CA ARG Z 19 -3.59 -34.26 -16.89
C ARG Z 19 -3.93 -35.09 -15.66
N VAL Z 20 -2.90 -35.70 -15.06
CA VAL Z 20 -3.06 -36.67 -13.97
C VAL Z 20 -2.76 -35.98 -12.65
N THR Z 21 -3.62 -36.21 -11.65
CA THR Z 21 -3.43 -35.68 -10.31
C THR Z 21 -3.44 -36.81 -9.29
N ILE Z 22 -2.52 -36.74 -8.33
CA ILE Z 22 -2.39 -37.74 -7.28
C ILE Z 22 -2.28 -37.01 -5.95
N THR Z 23 -3.19 -37.32 -5.02
CA THR Z 23 -3.23 -36.69 -3.72
C THR Z 23 -2.56 -37.58 -2.68
N CYS Z 24 -1.88 -36.96 -1.72
CA CYS Z 24 -1.30 -37.68 -0.58
C CYS Z 24 -1.43 -36.80 0.64
N ARG Z 25 -2.24 -37.21 1.60
CA ARG Z 25 -2.52 -36.41 2.79
C ARG Z 25 -1.75 -36.96 3.98
N ALA Z 26 -1.02 -36.07 4.65
CA ALA Z 26 -0.38 -36.37 5.91
C ALA Z 26 -1.32 -36.03 7.07
N SER Z 27 -0.99 -36.56 8.24
CA SER Z 27 -1.83 -36.38 9.41
C SER Z 27 -1.50 -35.15 10.24
N GLN Z 28 -0.41 -34.46 9.93
CA GLN Z 28 -0.03 -33.25 10.66
C GLN Z 28 0.92 -32.43 9.81
N SER Z 29 1.30 -31.25 10.31
CA SER Z 29 2.18 -30.34 9.59
C SER Z 29 3.59 -30.92 9.55
N VAL Z 30 3.97 -31.43 8.39
CA VAL Z 30 5.24 -32.08 8.12
C VAL Z 30 5.98 -31.24 7.09
N SER Z 31 5.91 -29.91 7.27
CA SER Z 31 5.65 -28.94 6.21
C SER Z 31 6.10 -29.36 4.82
N SER Z 32 7.34 -29.79 4.63
CA SER Z 32 7.75 -30.12 3.27
C SER Z 32 8.57 -31.40 3.16
N ALA Z 33 8.47 -32.30 4.14
CA ALA Z 33 9.28 -33.52 4.15
C ALA Z 33 8.90 -34.51 3.05
N VAL Z 34 7.89 -34.22 2.25
CA VAL Z 34 7.30 -35.22 1.37
C VAL Z 34 8.13 -35.36 0.10
N ALA Z 35 8.21 -36.60 -0.39
CA ALA Z 35 8.85 -36.91 -1.67
C ALA Z 35 7.90 -37.74 -2.51
N TRP Z 36 8.17 -37.76 -3.81
CA TRP Z 36 7.36 -38.48 -4.79
C TRP Z 36 8.26 -39.34 -5.66
N TYR Z 37 7.82 -40.57 -5.91
CA TYR Z 37 8.59 -41.61 -6.57
C TYR Z 37 7.81 -42.27 -7.68
N GLN Z 38 8.52 -42.51 -8.80
CA GLN Z 38 8.03 -43.32 -9.90
C GLN Z 38 8.69 -44.69 -9.83
N GLN Z 39 7.88 -45.75 -9.96
CA GLN Z 39 8.39 -47.12 -10.02
C GLN Z 39 7.75 -47.83 -11.19
N LYS Z 40 8.58 -48.18 -12.18
CA LYS Z 40 8.12 -49.04 -13.26
C LYS Z 40 8.23 -50.50 -12.83
N PRO Z 41 7.36 -51.37 -13.34
CA PRO Z 41 7.17 -52.69 -12.72
C PRO Z 41 8.46 -53.49 -12.61
N GLY Z 42 8.65 -54.13 -11.45
CA GLY Z 42 9.80 -54.96 -11.20
C GLY Z 42 11.13 -54.25 -11.15
N LYS Z 43 11.17 -52.93 -11.33
CA LYS Z 43 12.40 -52.17 -11.38
C LYS Z 43 12.55 -51.34 -10.10
N ALA Z 44 13.65 -50.62 -10.03
CA ALA Z 44 13.93 -49.82 -8.84
C ALA Z 44 13.10 -48.55 -8.85
N PRO Z 45 12.58 -48.13 -7.69
CA PRO Z 45 11.95 -46.82 -7.60
C PRO Z 45 12.94 -45.71 -7.92
N LYS Z 46 12.44 -44.64 -8.53
CA LYS Z 46 13.24 -43.47 -8.85
C LYS Z 46 12.62 -42.23 -8.22
N LEU Z 47 13.47 -41.31 -7.79
CA LEU Z 47 13.01 -40.10 -7.13
C LEU Z 47 12.54 -39.09 -8.17
N LEU Z 48 11.27 -38.71 -8.09
CA LEU Z 48 10.75 -37.62 -8.91
C LEU Z 48 10.87 -36.28 -8.19
N ILE Z 49 10.32 -36.19 -6.98
CA ILE Z 49 10.17 -34.93 -6.28
C ILE Z 49 10.71 -35.07 -4.87
N TYR Z 50 11.49 -34.09 -4.43
CA TYR Z 50 11.86 -33.94 -3.03
C TYR Z 50 11.44 -32.55 -2.58
N SER Z 51 11.39 -32.35 -1.27
CA SER Z 51 10.87 -31.13 -0.66
C SER Z 51 9.42 -30.86 -1.01
N ALA Z 52 8.74 -31.83 -1.63
CA ALA Z 52 7.31 -31.80 -1.97
C ALA Z 52 7.01 -30.83 -3.10
N SER Z 53 8.00 -30.02 -3.48
CA SER Z 53 7.91 -29.11 -4.62
C SER Z 53 9.11 -29.20 -5.54
N SER Z 54 10.31 -29.41 -4.99
CA SER Z 54 11.53 -29.38 -5.78
C SER Z 54 11.65 -30.64 -6.63
N LEU Z 55 12.13 -30.46 -7.86
CA LEU Z 55 12.18 -31.52 -8.85
C LEU Z 55 13.59 -32.10 -8.92
N TYR Z 56 13.69 -33.42 -8.84
CA TYR Z 56 14.98 -34.09 -8.85
C TYR Z 56 15.67 -33.90 -10.20
N SER Z 57 16.99 -33.69 -10.16
CA SER Z 57 17.76 -33.39 -11.36
C SER Z 57 17.64 -34.52 -12.38
N GLY Z 58 17.00 -34.24 -13.52
CA GLY Z 58 16.79 -35.22 -14.57
C GLY Z 58 15.35 -35.60 -14.82
N VAL Z 59 14.40 -35.10 -14.02
CA VAL Z 59 12.99 -35.43 -14.18
C VAL Z 59 12.39 -34.51 -15.23
N PRO Z 60 11.52 -35.01 -16.12
CA PRO Z 60 10.89 -34.13 -17.12
C PRO Z 60 10.06 -33.04 -16.47
N SER Z 61 9.82 -31.98 -17.25
CA SER Z 61 9.13 -30.81 -16.73
C SER Z 61 7.65 -31.06 -16.47
N ARG Z 62 7.08 -32.13 -17.04
CA ARG Z 62 5.65 -32.40 -16.88
C ARG Z 62 5.30 -32.87 -15.48
N PHE Z 63 6.27 -33.28 -14.67
CA PHE Z 63 6.04 -33.65 -13.28
C PHE Z 63 6.19 -32.44 -12.38
N SER Z 64 5.19 -32.21 -11.52
CA SER Z 64 5.26 -31.09 -10.59
C SER Z 64 4.66 -31.49 -9.25
N GLY Z 65 5.17 -30.86 -8.18
CA GLY Z 65 4.69 -31.14 -6.85
C GLY Z 65 4.17 -29.90 -6.15
N SER Z 66 2.99 -30.00 -5.53
CA SER Z 66 2.33 -28.87 -4.89
C SER Z 66 1.90 -29.27 -3.48
N ARG Z 67 1.56 -28.26 -2.68
CA ARG Z 67 1.24 -28.43 -1.27
C ARG Z 67 0.06 -27.55 -0.88
N SER Z 68 -0.84 -28.11 -0.05
CA SER Z 68 -1.89 -27.32 0.61
C SER Z 68 -1.97 -27.73 2.07
N GLY Z 69 -1.10 -27.12 2.89
CA GLY Z 69 -1.18 -27.26 4.33
C GLY Z 69 -0.79 -28.62 4.85
N THR Z 70 -1.66 -29.61 4.59
CA THR Z 70 -1.43 -30.99 5.01
C THR Z 70 -1.67 -31.96 3.86
N ASP Z 71 -1.82 -31.46 2.64
CA ASP Z 71 -2.26 -32.27 1.50
C ASP Z 71 -1.33 -31.97 0.33
N PHE Z 72 -0.52 -32.96 -0.04
CA PHE Z 72 0.47 -32.82 -1.09
C PHE Z 72 -0.05 -33.44 -2.38
N THR Z 73 0.43 -32.94 -3.52
CA THR Z 73 -0.14 -33.36 -4.79
C THR Z 73 0.94 -33.48 -5.85
N LEU Z 74 0.92 -34.61 -6.55
CA LEU Z 74 1.76 -34.84 -7.72
C LEU Z 74 0.91 -34.67 -8.97
N THR Z 75 1.36 -33.81 -9.88
CA THR Z 75 0.62 -33.51 -11.09
C THR Z 75 1.49 -33.78 -12.32
N ILE Z 76 0.93 -34.56 -13.25
CA ILE Z 76 1.53 -34.82 -14.55
C ILE Z 76 0.74 -34.03 -15.57
N SER Z 77 1.39 -33.05 -16.21
CA SER Z 77 0.68 -32.15 -17.12
C SER Z 77 0.19 -32.90 -18.36
N SER Z 78 1.11 -33.48 -19.12
CA SER Z 78 0.78 -34.24 -20.33
C SER Z 78 1.22 -35.68 -20.11
N LEU Z 79 0.27 -36.56 -19.84
CA LEU Z 79 0.57 -37.95 -19.54
C LEU Z 79 1.16 -38.62 -20.78
N GLN Z 80 2.36 -39.15 -20.65
CA GLN Z 80 3.04 -39.86 -21.71
C GLN Z 80 2.90 -41.35 -21.52
N PRO Z 81 3.00 -42.14 -22.60
CA PRO Z 81 2.82 -43.59 -22.46
C PRO Z 81 3.87 -44.26 -21.61
N GLU Z 82 5.09 -43.71 -21.56
CA GLU Z 82 6.12 -44.27 -20.69
C GLU Z 82 5.93 -43.87 -19.23
N ASP Z 83 5.01 -42.96 -18.93
CA ASP Z 83 4.68 -42.60 -17.56
C ASP Z 83 3.82 -43.65 -16.87
N PHE Z 84 3.49 -44.74 -17.56
CA PHE Z 84 2.88 -45.91 -16.92
C PHE Z 84 3.79 -46.43 -15.81
N ALA Z 85 3.34 -46.33 -14.57
CA ALA Z 85 4.14 -46.74 -13.43
C ALA Z 85 3.22 -46.80 -12.21
N THR Z 86 3.84 -46.97 -11.03
CA THR Z 86 3.19 -46.78 -9.75
C THR Z 86 3.94 -45.67 -9.02
N TYR Z 87 3.19 -44.74 -8.45
CA TYR Z 87 3.75 -43.55 -7.82
C TYR Z 87 3.52 -43.60 -6.32
N TYR Z 88 4.57 -43.28 -5.56
CA TYR Z 88 4.55 -43.36 -4.11
C TYR Z 88 4.93 -42.02 -3.49
N CYS Z 89 4.20 -41.63 -2.45
CA CYS Z 89 4.53 -40.46 -1.66
C CYS Z 89 5.18 -40.90 -0.35
N GLN Z 90 6.15 -40.12 0.13
CA GLN Z 90 7.01 -40.53 1.23
C GLN Z 90 6.99 -39.48 2.34
N GLN Z 91 7.28 -39.94 3.55
CA GLN Z 91 7.57 -39.08 4.69
C GLN Z 91 9.09 -38.90 4.78
N GLY Z 92 9.59 -38.33 5.87
CA GLY Z 92 11.03 -38.22 6.02
C GLY Z 92 11.48 -37.95 7.44
N ASP Z 93 12.41 -38.78 7.92
CA ASP Z 93 12.99 -38.69 9.25
C ASP Z 93 14.06 -39.77 9.33
N PRO Z 94 15.15 -39.56 10.07
CA PRO Z 94 16.05 -40.71 10.33
C PRO Z 94 15.41 -41.82 11.12
N ARG Z 95 14.57 -41.49 12.09
CA ARG Z 95 14.04 -42.47 13.03
C ARG Z 95 12.80 -43.21 12.51
N LEU Z 96 12.18 -42.74 11.42
CA LEU Z 96 11.00 -43.39 10.89
C LEU Z 96 10.73 -42.89 9.48
N VAL Z 97 10.35 -43.80 8.59
CA VAL Z 97 10.02 -43.48 7.21
C VAL Z 97 8.78 -44.27 6.82
N THR Z 98 7.75 -43.58 6.34
CA THR Z 98 6.54 -44.21 5.84
C THR Z 98 6.28 -43.77 4.41
N PHE Z 99 5.68 -44.65 3.63
CA PHE Z 99 5.27 -44.39 2.27
C PHE Z 99 3.74 -44.35 2.16
N GLY Z 100 3.27 -43.95 0.98
CA GLY Z 100 1.86 -44.03 0.69
C GLY Z 100 1.47 -45.40 0.16
N GLN Z 101 0.15 -45.62 0.10
CA GLN Z 101 -0.36 -46.88 -0.44
C GLN Z 101 0.00 -47.05 -1.91
N GLY Z 102 0.28 -45.98 -2.62
CA GLY Z 102 0.66 -46.05 -4.02
C GLY Z 102 -0.50 -45.73 -4.94
N THR Z 103 -0.17 -45.25 -6.14
CA THR Z 103 -1.15 -44.95 -7.16
C THR Z 103 -0.63 -45.50 -8.49
N LYS Z 104 -1.33 -46.48 -9.05
CA LYS Z 104 -0.92 -47.07 -10.32
C LYS Z 104 -1.58 -46.29 -11.46
N VAL Z 105 -0.76 -45.71 -12.33
CA VAL Z 105 -1.23 -44.91 -13.45
C VAL Z 105 -1.26 -45.81 -14.69
N GLU Z 106 -2.46 -46.03 -15.22
CA GLU Z 106 -2.66 -46.84 -16.41
C GLU Z 106 -2.95 -45.93 -17.60
N ILE Z 107 -2.46 -46.33 -18.77
CA ILE Z 107 -2.60 -45.56 -19.99
C ILE Z 107 -3.83 -46.06 -20.75
N LYS Z 108 -4.54 -45.15 -21.39
CA LYS Z 108 -5.67 -45.49 -22.23
C LYS Z 108 -5.38 -45.14 -23.68
N ARG Z 109 -5.71 -46.05 -24.59
CA ARG Z 109 -5.49 -45.85 -26.01
C ARG Z 109 -6.61 -46.57 -26.77
N THR Z 110 -6.61 -46.39 -28.09
CA THR Z 110 -7.68 -46.91 -28.92
C THR Z 110 -7.68 -48.43 -28.93
N VAL Z 111 -8.74 -49.00 -29.48
CA VAL Z 111 -8.89 -50.46 -29.51
C VAL Z 111 -7.81 -51.05 -30.41
N ALA Z 112 -7.23 -52.16 -29.96
CA ALA Z 112 -6.16 -52.84 -30.69
C ALA Z 112 -6.43 -54.33 -30.73
N ALA Z 113 -6.43 -54.89 -31.95
CA ALA Z 113 -6.63 -56.33 -32.14
C ALA Z 113 -5.30 -57.07 -31.99
N PRO Z 114 -5.31 -58.23 -31.36
CA PRO Z 114 -4.04 -58.94 -31.10
C PRO Z 114 -3.55 -59.72 -32.31
N SER Z 115 -2.22 -59.79 -32.42
CA SER Z 115 -1.58 -60.75 -33.31
C SER Z 115 -1.62 -62.11 -32.63
N VAL Z 116 -2.32 -63.07 -33.25
CA VAL Z 116 -2.58 -64.36 -32.63
C VAL Z 116 -1.66 -65.40 -33.24
N PHE Z 117 -1.08 -66.24 -32.39
CA PHE Z 117 -0.18 -67.31 -32.82
C PHE Z 117 -0.40 -68.54 -31.96
N ILE Z 118 0.03 -69.68 -32.48
CA ILE Z 118 -0.03 -70.94 -31.75
C ILE Z 118 1.27 -71.68 -31.95
N PHE Z 119 1.71 -72.40 -30.91
CA PHE Z 119 2.98 -73.10 -30.91
C PHE Z 119 2.77 -74.58 -30.59
N PRO Z 120 3.45 -75.47 -31.31
CA PRO Z 120 3.36 -76.89 -31.00
C PRO Z 120 4.26 -77.24 -29.83
N PRO Z 121 3.95 -78.32 -29.10
CA PRO Z 121 4.86 -78.77 -28.04
C PRO Z 121 6.22 -79.12 -28.60
N SER Z 122 7.26 -78.84 -27.81
CA SER Z 122 8.63 -79.06 -28.24
C SER Z 122 8.92 -80.54 -28.43
N ASP Z 123 9.95 -80.82 -29.23
CA ASP Z 123 10.35 -82.21 -29.47
C ASP Z 123 10.86 -82.85 -28.18
N SER Z 124 11.77 -82.18 -27.47
CA SER Z 124 12.27 -82.71 -26.21
C SER Z 124 11.25 -82.61 -25.10
N GLN Z 125 10.18 -81.81 -25.28
CA GLN Z 125 9.14 -81.73 -24.26
C GLN Z 125 8.28 -83.00 -24.26
N LEU Z 126 8.10 -83.62 -25.42
CA LEU Z 126 7.36 -84.88 -25.48
C LEU Z 126 8.09 -86.01 -24.76
N LYS Z 127 9.39 -85.84 -24.50
CA LYS Z 127 10.14 -86.84 -23.75
C LYS Z 127 9.83 -86.82 -22.26
N SER Z 128 9.08 -85.83 -21.78
CA SER Z 128 8.69 -85.75 -20.38
C SER Z 128 7.37 -86.46 -20.08
N GLY Z 129 6.66 -86.92 -21.11
CA GLY Z 129 5.34 -87.47 -20.91
C GLY Z 129 4.25 -86.44 -20.74
N THR Z 130 4.56 -85.15 -20.93
CA THR Z 130 3.60 -84.08 -20.78
C THR Z 130 3.97 -82.97 -21.75
N ALA Z 131 2.96 -82.44 -22.45
CA ALA Z 131 3.17 -81.43 -23.48
C ALA Z 131 2.36 -80.18 -23.15
N SER Z 132 2.73 -79.08 -23.80
CA SER Z 132 2.09 -77.80 -23.59
C SER Z 132 1.91 -77.09 -24.94
N VAL Z 133 0.73 -76.50 -25.13
CA VAL Z 133 0.40 -75.74 -26.33
C VAL Z 133 0.30 -74.28 -25.94
N VAL Z 134 1.06 -73.42 -26.62
CA VAL Z 134 1.18 -72.01 -26.27
C VAL Z 134 0.41 -71.19 -27.30
N CYS Z 135 -0.61 -70.48 -26.85
CA CYS Z 135 -1.36 -69.55 -27.69
C CYS Z 135 -0.98 -68.14 -27.29
N LEU Z 136 -0.43 -67.39 -28.24
CA LEU Z 136 0.11 -66.05 -28.00
C LEU Z 136 -0.82 -64.99 -28.58
N LEU Z 137 -1.03 -63.92 -27.81
CA LEU Z 137 -1.85 -62.79 -28.21
C LEU Z 137 -1.02 -61.53 -27.97
N ASN Z 138 -0.48 -60.94 -29.04
CA ASN Z 138 0.49 -59.87 -28.91
C ASN Z 138 -0.13 -58.52 -29.28
N ASN Z 139 0.22 -57.49 -28.49
CA ASN Z 139 -0.01 -56.08 -28.87
C ASN Z 139 -1.50 -55.80 -29.10
N PHE Z 140 -2.26 -55.92 -28.00
CA PHE Z 140 -3.68 -55.63 -28.03
C PHE Z 140 -4.07 -54.74 -26.85
N TYR Z 141 -5.29 -54.19 -26.93
CA TYR Z 141 -5.87 -53.35 -25.89
C TYR Z 141 -7.37 -53.35 -26.09
N PRO Z 142 -8.19 -53.40 -25.02
CA PRO Z 142 -7.82 -53.45 -23.60
C PRO Z 142 -7.32 -54.81 -23.13
N ARG Z 143 -7.14 -54.94 -21.81
CA ARG Z 143 -6.58 -56.17 -21.25
C ARG Z 143 -7.56 -57.34 -21.35
N GLU Z 144 -8.86 -57.06 -21.36
CA GLU Z 144 -9.85 -58.13 -21.43
C GLU Z 144 -9.77 -58.84 -22.77
N ALA Z 145 -9.66 -60.16 -22.72
CA ALA Z 145 -9.68 -61.01 -23.90
C ALA Z 145 -10.33 -62.34 -23.51
N LYS Z 146 -10.43 -63.25 -24.49
CA LYS Z 146 -10.98 -64.57 -24.23
C LYS Z 146 -10.31 -65.58 -25.15
N VAL Z 147 -9.63 -66.55 -24.55
CA VAL Z 147 -8.95 -67.62 -25.29
C VAL Z 147 -9.67 -68.92 -24.97
N GLN Z 148 -10.24 -69.54 -25.99
CA GLN Z 148 -10.92 -70.83 -25.87
C GLN Z 148 -10.05 -71.90 -26.51
N TRP Z 149 -10.06 -73.11 -25.95
CA TRP Z 149 -9.26 -74.20 -26.49
C TRP Z 149 -10.16 -75.25 -27.14
N LYS Z 150 -9.64 -75.88 -28.18
CA LYS Z 150 -10.37 -76.88 -28.95
C LYS Z 150 -9.40 -78.01 -29.32
N VAL Z 151 -9.60 -79.18 -28.72
CA VAL Z 151 -8.84 -80.38 -29.06
C VAL Z 151 -9.81 -81.35 -29.71
N ASP Z 152 -9.63 -81.62 -31.00
CA ASP Z 152 -10.60 -82.36 -31.81
C ASP Z 152 -11.97 -81.69 -31.76
N ASN Z 153 -11.97 -80.36 -31.83
CA ASN Z 153 -13.16 -79.51 -31.69
C ASN Z 153 -13.94 -79.86 -30.43
N ALA Z 154 -13.23 -80.17 -29.34
CA ALA Z 154 -13.82 -80.36 -28.03
C ALA Z 154 -13.23 -79.30 -27.10
N LEU Z 155 -14.10 -78.49 -26.50
CA LEU Z 155 -13.65 -77.36 -25.71
C LEU Z 155 -13.04 -77.81 -24.39
N GLN Z 156 -12.02 -77.08 -23.95
CA GLN Z 156 -11.22 -77.45 -22.79
C GLN Z 156 -11.52 -76.51 -21.61
N SER Z 157 -11.25 -77.01 -20.41
CA SER Z 157 -11.43 -76.24 -19.19
C SER Z 157 -10.74 -76.92 -18.01
N GLY Z 158 -9.97 -76.15 -17.25
CA GLY Z 158 -9.24 -76.68 -16.10
C GLY Z 158 -7.82 -77.13 -16.38
N ASN Z 159 -7.34 -76.99 -17.61
CA ASN Z 159 -6.01 -77.43 -17.99
C ASN Z 159 -5.21 -76.35 -18.70
N SER Z 160 -5.68 -75.10 -18.70
CA SER Z 160 -4.96 -73.98 -19.30
C SER Z 160 -4.79 -72.88 -18.26
N GLN Z 161 -3.71 -72.12 -18.42
CA GLN Z 161 -3.43 -70.97 -17.57
C GLN Z 161 -2.98 -69.81 -18.45
N GLU Z 162 -3.25 -68.60 -18.01
CA GLU Z 162 -2.97 -67.42 -18.81
C GLU Z 162 -2.12 -66.43 -18.02
N SER Z 163 -1.18 -65.84 -18.74
CA SER Z 163 -0.26 -64.84 -18.19
C SER Z 163 -0.26 -63.59 -19.06
N VAL Z 164 -0.43 -62.43 -18.42
CA VAL Z 164 -0.52 -61.15 -19.13
C VAL Z 164 0.65 -60.27 -18.69
N THR Z 165 1.29 -59.63 -19.67
CA THR Z 165 2.40 -58.72 -19.38
C THR Z 165 1.88 -57.37 -18.91
N GLU Z 166 2.79 -56.57 -18.38
CA GLU Z 166 2.46 -55.19 -18.04
C GLU Z 166 2.36 -54.35 -19.31
N GLN Z 167 1.65 -53.24 -19.19
CA GLN Z 167 1.39 -52.38 -20.34
C GLN Z 167 2.70 -51.77 -20.84
N ASP Z 168 2.87 -51.77 -22.16
CA ASP Z 168 4.16 -51.47 -22.76
C ASP Z 168 4.48 -49.98 -22.67
N SER Z 169 5.77 -49.66 -22.81
CA SER Z 169 6.25 -48.30 -22.59
C SER Z 169 5.90 -47.36 -23.73
N LYS Z 170 6.03 -47.82 -24.98
CA LYS Z 170 5.87 -46.93 -26.12
C LYS Z 170 4.49 -47.01 -26.77
N ASP Z 171 3.94 -48.21 -26.97
CA ASP Z 171 2.64 -48.34 -27.61
C ASP Z 171 1.50 -48.62 -26.63
N SER Z 172 1.82 -48.96 -25.38
CA SER Z 172 0.83 -49.18 -24.33
C SER Z 172 -0.18 -50.25 -24.73
N THR Z 173 0.35 -51.43 -25.04
CA THR Z 173 -0.46 -52.58 -25.43
C THR Z 173 -0.09 -53.77 -24.55
N TYR Z 174 -0.95 -54.79 -24.57
CA TYR Z 174 -0.80 -55.95 -23.72
C TYR Z 174 -0.42 -57.19 -24.53
N SER Z 175 0.18 -58.15 -23.83
CA SER Z 175 0.52 -59.45 -24.40
C SER Z 175 0.02 -60.54 -23.46
N LEU Z 176 -0.48 -61.62 -24.05
CA LEU Z 176 -1.09 -62.71 -23.30
C LEU Z 176 -0.53 -64.04 -23.79
N SER Z 177 -0.26 -64.93 -22.85
CA SER Z 177 0.24 -66.28 -23.13
C SER Z 177 -0.67 -67.28 -22.46
N SER Z 178 -1.31 -68.13 -23.25
CA SER Z 178 -2.20 -69.18 -22.74
C SER Z 178 -1.49 -70.52 -22.94
N THR Z 179 -1.08 -71.14 -21.83
CA THR Z 179 -0.41 -72.42 -21.86
C THR Z 179 -1.41 -73.52 -21.52
N LEU Z 180 -1.52 -74.50 -22.42
CA LEU Z 180 -2.43 -75.63 -22.29
C LEU Z 180 -1.60 -76.87 -21.99
N THR Z 181 -1.72 -77.39 -20.77
CA THR Z 181 -0.96 -78.55 -20.34
C THR Z 181 -1.79 -79.82 -20.52
N LEU Z 182 -1.18 -80.82 -21.17
CA LEU Z 182 -1.86 -82.08 -21.43
C LEU Z 182 -0.87 -83.23 -21.31
N SER Z 183 -1.30 -84.31 -20.66
CA SER Z 183 -0.50 -85.52 -20.65
C SER Z 183 -0.29 -86.02 -22.08
N LYS Z 184 0.89 -86.61 -22.32
CA LYS Z 184 1.24 -87.02 -23.68
C LYS Z 184 0.26 -88.06 -24.22
N ALA Z 185 -0.39 -88.81 -23.35
CA ALA Z 185 -1.42 -89.75 -23.78
C ALA Z 185 -2.52 -89.05 -24.55
N ASP Z 186 -3.20 -88.10 -23.91
CA ASP Z 186 -4.24 -87.33 -24.59
C ASP Z 186 -3.68 -86.48 -25.72
N TYR Z 187 -2.39 -86.19 -25.72
CA TYR Z 187 -1.79 -85.46 -26.83
C TYR Z 187 -1.74 -86.32 -28.08
N GLU Z 188 -1.25 -87.55 -27.96
CA GLU Z 188 -1.15 -88.41 -29.12
C GLU Z 188 -2.50 -89.01 -29.52
N LYS Z 189 -3.43 -89.15 -28.57
CA LYS Z 189 -4.74 -89.70 -28.90
C LYS Z 189 -5.57 -88.77 -29.78
N HIS Z 190 -5.19 -87.50 -29.89
CA HIS Z 190 -5.95 -86.52 -30.65
C HIS Z 190 -5.06 -85.88 -31.71
N LYS Z 191 -5.71 -85.21 -32.67
CA LYS Z 191 -4.94 -84.67 -33.79
C LYS Z 191 -5.15 -83.18 -34.01
N VAL Z 192 -6.37 -82.67 -33.86
CA VAL Z 192 -6.66 -81.26 -34.12
C VAL Z 192 -6.47 -80.45 -32.85
N TYR Z 193 -5.67 -79.38 -32.92
CA TYR Z 193 -5.48 -78.47 -31.80
C TYR Z 193 -5.71 -77.06 -32.29
N ALA Z 194 -6.46 -76.26 -31.52
CA ALA Z 194 -6.78 -74.91 -31.92
C ALA Z 194 -7.02 -74.04 -30.70
N CYS Z 195 -6.64 -72.77 -30.81
CA CYS Z 195 -7.00 -71.75 -29.84
C CYS Z 195 -7.76 -70.65 -30.55
N GLU Z 196 -8.88 -70.24 -29.96
CA GLU Z 196 -9.82 -69.29 -30.53
C GLU Z 196 -9.85 -68.04 -29.67
N VAL Z 197 -9.44 -66.91 -30.25
CA VAL Z 197 -9.39 -65.64 -29.55
C VAL Z 197 -10.67 -64.87 -29.86
N THR Z 198 -11.39 -64.49 -28.81
CA THR Z 198 -12.60 -63.67 -28.93
C THR Z 198 -12.30 -62.33 -28.25
N HIS Z 199 -11.76 -61.39 -29.01
CA HIS Z 199 -11.33 -60.10 -28.50
C HIS Z 199 -12.28 -59.01 -28.99
N GLN Z 200 -12.26 -57.88 -28.27
CA GLN Z 200 -13.15 -56.77 -28.61
C GLN Z 200 -12.82 -56.20 -29.98
N GLY Z 201 -11.55 -56.08 -30.32
CA GLY Z 201 -11.13 -55.49 -31.57
C GLY Z 201 -11.22 -56.41 -32.77
N LEU Z 202 -12.02 -57.47 -32.66
CA LEU Z 202 -12.19 -58.44 -33.72
C LEU Z 202 -13.67 -58.62 -34.00
N SER Z 203 -14.02 -58.70 -35.29
CA SER Z 203 -15.41 -58.94 -35.68
C SER Z 203 -15.80 -60.38 -35.44
N SER Z 204 -15.04 -61.32 -36.02
CA SER Z 204 -15.26 -62.74 -35.83
C SER Z 204 -14.10 -63.33 -35.06
N PRO Z 205 -14.36 -64.18 -34.06
CA PRO Z 205 -13.27 -64.77 -33.26
C PRO Z 205 -12.29 -65.53 -34.14
N VAL Z 206 -11.02 -65.14 -34.06
CA VAL Z 206 -9.98 -65.67 -34.93
C VAL Z 206 -9.33 -66.87 -34.26
N THR Z 207 -9.15 -67.95 -35.01
CA THR Z 207 -8.64 -69.20 -34.48
C THR Z 207 -7.32 -69.56 -35.17
N LYS Z 208 -6.39 -70.11 -34.39
CA LYS Z 208 -5.13 -70.63 -34.91
C LYS Z 208 -4.98 -72.08 -34.48
N SER Z 209 -4.57 -72.93 -35.42
CA SER Z 209 -4.64 -74.37 -35.22
C SER Z 209 -3.44 -75.07 -35.84
N PHE Z 210 -3.21 -76.30 -35.37
CA PHE Z 210 -2.28 -77.23 -36.00
C PHE Z 210 -2.83 -78.64 -35.83
N ASN Z 211 -2.13 -79.61 -36.43
CA ASN Z 211 -2.64 -80.97 -36.55
C ASN Z 211 -1.51 -81.98 -36.33
N ARG Z 212 -1.47 -82.58 -35.15
CA ARG Z 212 -0.58 -83.70 -34.87
C ARG Z 212 -1.29 -84.76 -34.02
N GLU AA 4 49.70 3.62 -21.33
CA GLU AA 4 50.95 3.11 -20.77
C GLU AA 4 50.77 1.69 -20.23
N VAL AA 5 49.57 1.41 -19.71
CA VAL AA 5 49.25 0.09 -19.18
C VAL AA 5 49.02 -0.82 -20.39
N GLN AA 6 50.03 -1.61 -20.74
CA GLN AA 6 50.03 -2.34 -21.99
C GLN AA 6 50.58 -3.75 -21.81
N LEU AA 7 50.28 -4.58 -22.81
CA LEU AA 7 50.72 -5.97 -22.88
C LEU AA 7 51.39 -6.14 -24.24
N VAL AA 8 52.72 -6.12 -24.26
CA VAL AA 8 53.47 -6.27 -25.51
C VAL AA 8 53.75 -7.76 -25.70
N GLU AA 9 53.16 -8.35 -26.74
CA GLU AA 9 53.33 -9.77 -26.98
C GLU AA 9 54.12 -10.00 -28.26
N SER AA 10 54.83 -11.13 -28.29
CA SER AA 10 55.69 -11.49 -29.40
C SER AA 10 55.96 -12.99 -29.36
N GLY AA 11 56.76 -13.46 -30.31
CA GLY AA 11 57.16 -14.85 -30.35
C GLY AA 11 56.41 -15.71 -31.33
N GLY AA 12 55.46 -15.15 -32.09
CA GLY AA 12 54.70 -15.91 -33.05
C GLY AA 12 55.31 -15.86 -34.45
N GLY AA 13 54.61 -16.47 -35.39
CA GLY AA 13 55.04 -16.48 -36.77
C GLY AA 13 54.77 -17.79 -37.49
N LEU AA 14 55.81 -18.35 -38.10
CA LEU AA 14 55.70 -19.59 -38.85
C LEU AA 14 56.32 -20.74 -38.07
N VAL AA 15 55.69 -21.91 -38.16
CA VAL AA 15 56.19 -23.11 -37.49
C VAL AA 15 55.65 -24.32 -38.26
N GLN AA 16 56.47 -25.37 -38.33
CA GLN AA 16 56.09 -26.55 -39.08
C GLN AA 16 55.14 -27.43 -38.27
N PRO AA 17 54.25 -28.16 -38.93
CA PRO AA 17 53.29 -29.01 -38.20
C PRO AA 17 54.00 -30.02 -37.32
N GLY AA 18 53.39 -30.30 -36.17
CA GLY AA 18 54.04 -31.11 -35.15
C GLY AA 18 55.15 -30.41 -34.41
N GLY AA 19 55.36 -29.13 -34.64
CA GLY AA 19 56.44 -28.39 -34.02
C GLY AA 19 56.02 -27.74 -32.71
N SER AA 20 56.75 -26.70 -32.34
CA SER AA 20 56.51 -26.01 -31.09
C SER AA 20 56.80 -24.52 -31.27
N LEU AA 21 56.25 -23.72 -30.37
CA LEU AA 21 56.41 -22.27 -30.46
C LEU AA 21 56.10 -21.64 -29.11
N ARG AA 22 56.86 -20.60 -28.77
CA ARG AA 22 56.71 -19.91 -27.49
C ARG AA 22 56.19 -18.50 -27.73
N LEU AA 23 55.17 -18.12 -26.96
CA LEU AA 23 54.58 -16.79 -27.03
C LEU AA 23 54.85 -16.06 -25.72
N SER AA 24 55.39 -14.84 -25.81
CA SER AA 24 55.69 -14.02 -24.66
C SER AA 24 54.74 -12.84 -24.62
N CYS AA 25 54.29 -12.47 -23.41
CA CYS AA 25 53.41 -11.33 -23.20
C CYS AA 25 53.96 -10.55 -22.00
N ALA AA 26 54.73 -9.51 -22.29
CA ALA AA 26 55.34 -8.67 -21.25
C ALA AA 26 54.36 -7.58 -20.85
N ALA AA 27 54.03 -7.54 -19.57
CA ALA AA 27 53.15 -6.51 -19.03
C ALA AA 27 53.97 -5.30 -18.63
N SER AA 28 53.35 -4.13 -18.76
CA SER AA 28 54.03 -2.89 -18.38
C SER AA 28 53.00 -1.86 -17.95
N GLY AA 29 53.25 -1.22 -16.81
CA GLY AA 29 52.44 -0.10 -16.37
C GLY AA 29 51.47 -0.40 -15.25
N PHE AA 30 51.21 -1.66 -14.93
CA PHE AA 30 50.30 -2.03 -13.86
C PHE AA 30 50.96 -3.08 -12.98
N ASN AA 31 50.23 -3.54 -11.97
CA ASN AA 31 50.71 -4.58 -11.06
C ASN AA 31 50.45 -5.93 -11.70
N PHE AA 32 51.51 -6.58 -12.17
CA PHE AA 32 51.36 -7.84 -12.89
C PHE AA 32 50.90 -8.97 -11.97
N SER AA 33 51.50 -9.07 -10.79
CA SER AA 33 51.20 -10.18 -9.89
C SER AA 33 49.71 -10.23 -9.55
N SER AA 34 49.14 -9.08 -9.19
CA SER AA 34 47.74 -9.04 -8.75
C SER AA 34 46.76 -9.36 -9.87
N SER AA 35 47.19 -9.40 -11.12
CA SER AA 35 46.30 -9.61 -12.26
C SER AA 35 46.30 -11.08 -12.67
N SER AA 36 45.35 -11.41 -13.53
CA SER AA 36 45.34 -12.67 -14.25
C SER AA 36 45.61 -12.41 -15.73
N ILE AA 37 46.30 -13.35 -16.38
CA ILE AA 37 46.69 -13.21 -17.77
C ILE AA 37 46.02 -14.31 -18.59
N HIS AA 38 45.65 -13.97 -19.82
CA HIS AA 38 44.77 -14.80 -20.64
C HIS AA 38 45.33 -14.87 -22.05
N TRP AA 39 45.25 -16.06 -22.65
CA TRP AA 39 45.51 -16.25 -24.07
C TRP AA 39 44.22 -16.68 -24.73
N VAL AA 40 43.80 -15.92 -25.75
CA VAL AA 40 42.56 -16.15 -26.48
C VAL AA 40 42.86 -16.08 -27.98
N ARG AA 41 42.43 -17.09 -28.73
CA ARG AA 41 42.81 -17.18 -30.12
C ARG AA 41 41.61 -16.93 -31.05
N GLN AA 42 41.92 -16.46 -32.25
CA GLN AA 42 40.92 -16.21 -33.28
C GLN AA 42 41.48 -16.73 -34.60
N ALA AA 43 40.89 -17.81 -35.11
CA ALA AA 43 41.30 -18.26 -36.43
C ALA AA 43 40.70 -17.34 -37.50
N PRO AA 44 41.39 -17.16 -38.62
CA PRO AA 44 40.86 -16.25 -39.65
C PRO AA 44 39.51 -16.72 -40.17
N GLY AA 45 38.48 -15.93 -39.88
CA GLY AA 45 37.13 -16.27 -40.27
C GLY AA 45 36.28 -16.94 -39.22
N LYS AA 46 36.54 -16.70 -37.94
CA LYS AA 46 35.68 -17.21 -36.88
C LYS AA 46 35.73 -16.24 -35.71
N GLY AA 47 34.94 -16.55 -34.67
CA GLY AA 47 34.90 -15.74 -33.47
C GLY AA 47 36.09 -15.99 -32.57
N LEU AA 48 35.98 -15.46 -31.35
CA LEU AA 48 37.04 -15.62 -30.36
C LEU AA 48 36.94 -16.99 -29.70
N GLU AA 49 38.10 -17.53 -29.34
CA GLU AA 49 38.19 -18.83 -28.67
C GLU AA 49 39.15 -18.71 -27.50
N TRP AA 50 38.67 -19.00 -26.30
CA TRP AA 50 39.53 -18.97 -25.12
C TRP AA 50 40.51 -20.13 -25.16
N VAL AA 51 41.77 -19.84 -24.86
CA VAL AA 51 42.83 -20.85 -24.83
C VAL AA 51 43.25 -21.16 -23.41
N ALA AA 52 43.71 -20.16 -22.66
CA ALA AA 52 44.23 -20.45 -21.33
C ALA AA 52 44.19 -19.20 -20.45
N SER AA 53 44.25 -19.42 -19.14
CA SER AA 53 44.30 -18.34 -18.18
C SER AA 53 45.18 -18.75 -17.01
N ILE AA 54 45.83 -17.78 -16.38
CA ILE AA 54 46.75 -18.03 -15.28
C ILE AA 54 46.72 -16.86 -14.32
N SER AA 55 46.86 -17.16 -13.03
CA SER AA 55 47.08 -16.13 -12.02
C SER AA 55 48.58 -15.85 -11.97
N SER AA 56 48.96 -14.59 -12.20
CA SER AA 56 50.37 -14.24 -12.21
C SER AA 56 51.00 -14.52 -10.85
N SER AA 57 50.37 -14.04 -9.77
CA SER AA 57 50.92 -14.24 -8.43
C SER AA 57 50.71 -15.66 -7.95
N SER AA 58 49.49 -16.18 -8.09
CA SER AA 58 49.16 -17.47 -7.49
C SER AA 58 49.74 -18.64 -8.28
N GLY AA 59 49.99 -18.46 -9.57
CA GLY AA 59 50.48 -19.54 -10.41
C GLY AA 59 49.44 -20.55 -10.85
N SER AA 60 48.20 -20.43 -10.38
CA SER AA 60 47.14 -21.33 -10.80
C SER AA 60 46.86 -21.20 -12.29
N THR AA 61 46.54 -22.33 -12.93
CA THR AA 61 46.33 -22.36 -14.38
C THR AA 61 44.98 -22.99 -14.68
N SER AA 62 44.42 -22.60 -15.83
CA SER AA 62 43.20 -23.21 -16.35
C SER AA 62 43.26 -23.21 -17.87
N TYR AA 63 43.04 -24.37 -18.48
CA TYR AA 63 43.18 -24.56 -19.91
C TYR AA 63 41.84 -24.93 -20.52
N ALA AA 64 41.73 -24.70 -21.83
CA ALA AA 64 40.56 -25.14 -22.58
C ALA AA 64 40.68 -26.61 -22.93
N ASP AA 65 39.52 -27.28 -23.03
CA ASP AA 65 39.54 -28.71 -23.34
C ASP AA 65 40.13 -28.99 -24.71
N SER AA 66 40.06 -28.01 -25.63
CA SER AA 66 40.54 -28.24 -26.99
C SER AA 66 42.06 -28.27 -27.08
N VAL AA 67 42.76 -27.70 -26.11
CA VAL AA 67 44.22 -27.61 -26.18
C VAL AA 67 44.84 -28.12 -24.88
N LYS AA 68 44.08 -28.87 -24.09
CA LYS AA 68 44.59 -29.37 -22.82
C LYS AA 68 45.76 -30.32 -23.05
N GLY AA 69 46.81 -30.14 -22.24
CA GLY AA 69 47.97 -31.00 -22.33
C GLY AA 69 48.98 -30.57 -23.38
N ARG AA 70 48.49 -30.10 -24.53
CA ARG AA 70 49.40 -29.69 -25.59
C ARG AA 70 49.99 -28.31 -25.30
N PHE AA 71 49.18 -27.37 -24.83
CA PHE AA 71 49.66 -26.05 -24.48
C PHE AA 71 50.00 -25.99 -22.99
N THR AA 72 50.77 -24.98 -22.61
CA THR AA 72 51.16 -24.79 -21.22
C THR AA 72 51.37 -23.30 -20.97
N ILE AA 73 50.62 -22.73 -20.05
CA ILE AA 73 50.70 -21.32 -19.73
C ILE AA 73 51.52 -21.16 -18.45
N SER AA 74 52.33 -20.10 -18.40
CA SER AA 74 53.19 -19.82 -17.25
C SER AA 74 53.31 -18.32 -17.09
N ALA AA 75 53.94 -17.90 -16.01
CA ALA AA 75 54.13 -16.47 -15.76
C ALA AA 75 55.28 -16.27 -14.81
N ASP AA 76 56.26 -15.47 -15.22
CA ASP AA 76 57.40 -15.10 -14.39
C ASP AA 76 57.18 -13.67 -13.92
N THR AA 77 57.01 -13.50 -12.60
CA THR AA 77 56.75 -12.17 -12.05
C THR AA 77 58.02 -11.33 -12.03
N SER AA 78 59.18 -11.95 -11.83
CA SER AA 78 60.44 -11.22 -11.90
C SER AA 78 60.66 -10.68 -13.30
N LYS AA 79 60.56 -11.55 -14.31
CA LYS AA 79 60.57 -11.10 -15.69
C LYS AA 79 59.34 -10.26 -16.03
N ASN AA 80 58.30 -10.28 -15.18
CA ASN AA 80 57.12 -9.44 -15.35
C ASN AA 80 56.43 -9.74 -16.67
N THR AA 81 56.22 -11.03 -16.93
CA THR AA 81 55.81 -11.48 -18.26
C THR AA 81 55.17 -12.85 -18.16
N ALA AA 82 54.09 -13.05 -18.92
CA ALA AA 82 53.45 -14.35 -19.05
C ALA AA 82 53.88 -15.03 -20.34
N TYR AA 83 53.67 -16.34 -20.41
CA TYR AA 83 54.17 -17.16 -21.50
C TYR AA 83 53.16 -18.24 -21.85
N LEU AA 84 53.11 -18.57 -23.14
CA LEU AA 84 52.30 -19.67 -23.64
C LEU AA 84 53.20 -20.56 -24.51
N GLN AA 85 53.53 -21.73 -24.00
CA GLN AA 85 54.29 -22.72 -24.75
C GLN AA 85 53.34 -23.64 -25.48
N MET AA 86 53.57 -23.83 -26.78
CA MET AA 86 52.66 -24.54 -27.65
C MET AA 86 53.39 -25.70 -28.30
N ASN AA 87 52.83 -26.90 -28.18
CA ASN AA 87 53.46 -28.11 -28.68
C ASN AA 87 52.45 -28.88 -29.52
N SER AA 88 52.99 -29.72 -30.42
CA SER AA 88 52.17 -30.54 -31.33
C SER AA 88 51.23 -29.68 -32.17
N LEU AA 89 51.75 -28.55 -32.64
CA LEU AA 89 50.94 -27.60 -33.41
C LEU AA 89 50.44 -28.24 -34.69
N ARG AA 90 49.24 -27.82 -35.10
CA ARG AA 90 48.53 -28.46 -36.20
C ARG AA 90 47.89 -27.38 -37.07
N ALA AA 91 47.05 -27.80 -38.01
CA ALA AA 91 46.41 -26.84 -38.92
C ALA AA 91 45.35 -26.02 -38.20
N GLU AA 92 44.66 -26.61 -37.22
CA GLU AA 92 43.66 -25.87 -36.48
C GLU AA 92 44.26 -24.73 -35.69
N ASP AA 93 45.48 -24.91 -35.18
CA ASP AA 93 46.11 -23.92 -34.33
C ASP AA 93 46.55 -22.67 -35.08
N THR AA 94 46.45 -22.66 -36.42
CA THR AA 94 46.77 -21.49 -37.21
C THR AA 94 45.77 -20.38 -36.91
N ALA AA 95 46.20 -19.36 -36.17
CA ALA AA 95 45.28 -18.32 -35.72
C ALA AA 95 46.07 -17.14 -35.18
N VAL AA 96 45.35 -16.04 -34.95
CA VAL AA 96 45.92 -14.87 -34.29
C VAL AA 96 45.65 -15.00 -32.81
N TYR AA 97 46.70 -14.98 -32.00
CA TYR AA 97 46.56 -15.15 -30.56
C TYR AA 97 46.70 -13.79 -29.87
N TYR AA 98 45.83 -13.56 -28.89
CA TYR AA 98 45.74 -12.30 -28.16
C TYR AA 98 46.03 -12.56 -26.68
N CYS AA 99 46.71 -11.62 -26.05
CA CYS AA 99 47.00 -11.63 -24.63
C CYS AA 99 46.12 -10.60 -23.94
N ALA AA 100 45.45 -11.00 -22.87
CA ALA AA 100 44.55 -10.13 -22.13
C ALA AA 100 44.83 -10.24 -20.64
N ARG AA 101 44.24 -9.35 -19.86
CA ARG AA 101 44.40 -9.37 -18.41
C ARG AA 101 43.06 -9.12 -17.73
N THR AA 102 43.02 -9.49 -16.46
CA THR AA 102 42.01 -9.01 -15.51
C THR AA 102 42.75 -8.54 -14.27
N TYR AA 103 42.87 -7.23 -14.15
CA TYR AA 103 43.42 -6.54 -13.00
C TYR AA 103 42.25 -5.90 -12.26
N GLY AA 104 42.01 -6.34 -11.03
CA GLY AA 104 40.67 -6.22 -10.50
C GLY AA 104 40.43 -5.70 -9.09
N TRP AA 105 39.77 -6.57 -8.30
CA TRP AA 105 38.81 -6.29 -7.24
C TRP AA 105 37.48 -5.91 -7.87
N TYR AA 106 37.52 -5.53 -9.15
CA TYR AA 106 36.36 -5.19 -9.96
C TYR AA 106 36.12 -6.25 -11.01
N TYR AA 107 37.11 -6.41 -11.87
CA TYR AA 107 37.01 -7.21 -13.06
C TYR AA 107 37.30 -8.66 -12.76
N SER AA 108 37.88 -8.94 -11.60
CA SER AA 108 38.07 -10.32 -11.16
C SER AA 108 36.77 -10.92 -10.63
N TRP AA 109 35.94 -10.10 -10.02
CA TRP AA 109 34.63 -10.60 -9.61
C TRP AA 109 33.65 -10.61 -10.78
N TRP AA 110 34.14 -10.34 -11.99
CA TRP AA 110 33.33 -10.50 -13.20
C TRP AA 110 34.06 -11.18 -14.36
N TRP AA 111 35.39 -11.29 -14.34
CA TRP AA 111 36.16 -11.91 -15.43
C TRP AA 111 35.94 -11.16 -16.75
N ALA AA 112 36.49 -9.95 -16.78
CA ALA AA 112 35.99 -8.91 -17.67
C ALA AA 112 36.06 -9.31 -19.15
N PHE AA 113 37.26 -9.56 -19.73
CA PHE AA 113 38.63 -9.18 -19.36
C PHE AA 113 38.81 -7.71 -19.73
N ASP AA 114 39.52 -6.94 -18.91
CA ASP AA 114 39.50 -5.48 -19.10
C ASP AA 114 40.37 -5.05 -20.28
N TYR AA 115 41.65 -5.43 -20.29
CA TYR AA 115 42.58 -4.98 -21.33
C TYR AA 115 43.03 -6.16 -22.18
N TRP AA 116 43.33 -5.87 -23.44
CA TRP AA 116 43.67 -6.86 -24.46
C TRP AA 116 44.97 -6.46 -25.16
N GLY AA 117 45.87 -7.43 -25.33
CA GLY AA 117 47.03 -7.20 -26.15
C GLY AA 117 46.67 -7.14 -27.63
N GLN AA 118 47.60 -6.63 -28.43
CA GLN AA 118 47.26 -6.24 -29.80
C GLN AA 118 47.17 -7.43 -30.75
N GLY AA 119 47.82 -8.54 -30.44
CA GLY AA 119 47.62 -9.72 -31.28
C GLY AA 119 48.90 -10.10 -32.03
N THR AA 120 49.10 -11.40 -32.20
CA THR AA 120 50.22 -11.89 -33.00
C THR AA 120 49.80 -13.16 -33.73
N LEU AA 121 50.26 -13.30 -34.97
CA LEU AA 121 49.81 -14.39 -35.84
C LEU AA 121 50.69 -15.62 -35.69
N VAL AA 122 50.07 -16.80 -35.74
CA VAL AA 122 50.76 -18.09 -35.73
C VAL AA 122 50.19 -18.89 -36.89
N THR AA 123 50.96 -19.01 -37.96
CA THR AA 123 50.58 -19.82 -39.12
C THR AA 123 51.40 -21.11 -39.11
N VAL AA 124 50.71 -22.23 -39.08
CA VAL AA 124 51.34 -23.56 -39.09
C VAL AA 124 51.30 -24.07 -40.52
N SER AA 125 52.45 -24.15 -41.16
CA SER AA 125 52.55 -24.61 -42.54
C SER AA 125 53.91 -25.28 -42.74
N SER AA 126 54.10 -25.83 -43.93
CA SER AA 126 55.32 -26.54 -44.29
C SER AA 126 56.30 -25.70 -45.09
N ALA AA 127 55.80 -24.85 -45.99
CA ALA AA 127 56.67 -24.08 -46.87
C ALA AA 127 57.54 -23.12 -46.06
N SER AA 128 58.55 -22.57 -46.73
CA SER AA 128 59.59 -21.78 -46.10
C SER AA 128 59.29 -20.29 -46.20
N THR AA 129 60.05 -19.52 -45.41
CA THR AA 129 59.89 -18.07 -45.38
C THR AA 129 60.39 -17.44 -46.67
N LYS AA 130 59.73 -16.37 -47.10
CA LYS AA 130 60.14 -15.63 -48.28
C LYS AA 130 59.89 -14.14 -48.06
N GLY AA 131 60.87 -13.33 -48.46
CA GLY AA 131 60.73 -11.89 -48.42
C GLY AA 131 59.94 -11.37 -49.59
N PRO AA 132 59.28 -10.22 -49.42
CA PRO AA 132 58.46 -9.66 -50.48
C PRO AA 132 59.27 -8.82 -51.47
N SER AA 133 58.63 -8.51 -52.60
CA SER AA 133 59.15 -7.60 -53.60
C SER AA 133 58.29 -6.35 -53.60
N VAL AA 134 58.95 -5.19 -53.48
CA VAL AA 134 58.27 -3.90 -53.36
C VAL AA 134 58.40 -3.17 -54.68
N PHE AA 135 57.28 -2.98 -55.37
CA PHE AA 135 57.25 -2.38 -56.70
C PHE AA 135 56.40 -1.11 -56.67
N PRO AA 136 56.98 0.07 -56.91
CA PRO AA 136 56.17 1.29 -56.92
C PRO AA 136 55.10 1.26 -58.00
N LEU AA 137 54.05 2.05 -57.79
CA LEU AA 137 52.90 2.16 -58.67
C LEU AA 137 52.80 3.61 -59.08
N ALA AA 138 53.08 3.87 -60.39
CA ALA AA 138 53.35 5.17 -60.97
C ALA AA 138 52.08 6.00 -61.08
N PRO AA 139 52.13 7.27 -60.71
CA PRO AA 139 51.00 8.17 -60.94
C PRO AA 139 50.78 8.45 -62.42
N SER AA 140 49.84 9.33 -62.74
CA SER AA 140 49.47 9.63 -64.12
C SER AA 140 49.92 11.02 -64.56
N SER AA 141 49.51 12.07 -63.84
CA SER AA 141 49.82 13.44 -64.23
C SER AA 141 51.12 13.93 -63.59
N GLY AA 146 45.32 20.16 -57.55
CA GLY AA 146 45.25 20.14 -56.10
C GLY AA 146 44.40 19.01 -55.56
N GLY AA 147 44.40 17.89 -56.26
CA GLY AA 147 43.63 16.73 -55.84
C GLY AA 147 43.71 15.64 -56.88
N THR AA 148 43.17 14.48 -56.51
CA THR AA 148 43.04 13.33 -57.41
C THR AA 148 44.42 12.89 -57.92
N ALA AA 149 45.23 12.39 -57.00
CA ALA AA 149 46.51 11.77 -57.33
C ALA AA 149 46.60 10.45 -56.57
N ALA AA 150 46.18 9.37 -57.21
CA ALA AA 150 46.23 8.05 -56.60
C ALA AA 150 47.54 7.38 -56.98
N LEU AA 151 48.38 7.12 -55.99
CA LEU AA 151 49.66 6.48 -56.22
C LEU AA 151 49.84 5.36 -55.20
N GLY AA 152 50.98 4.67 -55.24
CA GLY AA 152 51.24 3.76 -54.13
C GLY AA 152 52.34 2.79 -54.45
N CYS AA 153 52.33 1.64 -53.78
CA CYS AA 153 53.28 0.59 -54.07
C CYS AA 153 52.65 -0.76 -53.80
N LEU AA 154 53.05 -1.75 -54.60
CA LEU AA 154 52.59 -3.11 -54.51
C LEU AA 154 53.65 -3.97 -53.82
N VAL AA 155 53.20 -4.97 -53.07
CA VAL AA 155 54.08 -5.85 -52.31
C VAL AA 155 53.70 -7.28 -52.67
N LYS AA 156 54.56 -7.95 -53.43
CA LYS AA 156 54.22 -9.23 -54.04
C LYS AA 156 55.15 -10.34 -53.55
N ASP AA 157 54.63 -11.57 -53.55
CA ASP AA 157 55.45 -12.77 -53.40
C ASP AA 157 56.15 -12.80 -52.04
N TYR AA 158 55.34 -12.82 -50.98
CA TYR AA 158 55.83 -13.02 -49.63
C TYR AA 158 55.02 -14.11 -48.94
N PHE AA 159 55.65 -14.77 -47.97
CA PHE AA 159 55.05 -15.83 -47.19
C PHE AA 159 55.94 -16.12 -45.98
N PRO AA 160 55.37 -16.23 -44.76
CA PRO AA 160 53.95 -16.10 -44.44
C PRO AA 160 53.51 -14.66 -44.15
N GLU AA 161 52.24 -14.51 -43.74
CA GLU AA 161 51.72 -13.24 -43.28
C GLU AA 161 52.49 -12.78 -42.04
N PRO AA 162 52.42 -11.47 -41.71
CA PRO AA 162 51.85 -10.34 -42.45
C PRO AA 162 52.89 -9.37 -43.00
N VAL AA 163 52.45 -8.37 -43.76
CA VAL AA 163 53.28 -7.27 -44.20
C VAL AA 163 52.75 -5.99 -43.58
N THR AA 164 53.62 -5.25 -42.88
CA THR AA 164 53.25 -4.02 -42.20
C THR AA 164 53.69 -2.84 -43.07
N VAL AA 165 52.73 -2.25 -43.79
CA VAL AA 165 53.00 -1.15 -44.70
C VAL AA 165 52.68 0.17 -44.01
N SER AA 166 53.56 1.15 -44.18
CA SER AA 166 53.28 2.52 -43.75
C SER AA 166 53.67 3.48 -44.87
N TRP AA 167 53.62 4.78 -44.58
CA TRP AA 167 54.00 5.80 -45.57
C TRP AA 167 54.75 6.92 -44.84
N ASN AA 168 56.04 7.07 -45.17
CA ASN AA 168 56.90 8.10 -44.59
C ASN AA 168 56.95 7.97 -43.07
N SER AA 169 57.05 6.74 -42.57
CA SER AA 169 57.16 6.45 -41.14
C SER AA 169 55.99 7.04 -40.37
N GLY AA 170 54.78 6.84 -40.89
CA GLY AA 170 53.59 7.33 -40.24
C GLY AA 170 53.27 8.79 -40.47
N ALA AA 171 53.97 9.46 -41.38
CA ALA AA 171 53.67 10.86 -41.67
C ALA AA 171 52.42 10.97 -42.53
N LEU AA 172 52.32 10.15 -43.57
CA LEU AA 172 51.16 10.11 -44.46
C LEU AA 172 50.23 9.01 -43.98
N THR AA 173 49.17 9.40 -43.28
CA THR AA 173 48.18 8.46 -42.77
C THR AA 173 46.83 8.58 -43.47
N SER AA 174 46.32 9.80 -43.62
CA SER AA 174 45.02 10.00 -44.24
C SER AA 174 45.10 9.70 -45.73
N GLY AA 175 44.13 8.92 -46.22
CA GLY AA 175 44.06 8.56 -47.62
C GLY AA 175 44.63 7.19 -47.94
N VAL AA 176 45.25 6.51 -46.97
CA VAL AA 176 45.87 5.22 -47.20
C VAL AA 176 44.80 4.13 -47.21
N HIS AA 177 44.92 3.20 -48.16
CA HIS AA 177 44.00 2.08 -48.31
C HIS AA 177 44.77 0.77 -48.50
N THR AA 178 45.71 0.51 -47.61
CA THR AA 178 46.45 -0.75 -47.62
C THR AA 178 45.50 -1.94 -47.63
N PHE AA 179 45.57 -2.71 -48.72
CA PHE AA 179 44.64 -3.80 -48.97
C PHE AA 179 45.01 -5.06 -48.20
N PRO AA 180 44.06 -5.97 -48.01
CA PRO AA 180 44.41 -7.30 -47.51
C PRO AA 180 45.01 -8.16 -48.61
N ALA AA 181 45.76 -9.17 -48.18
CA ALA AA 181 46.52 -9.98 -49.11
C ALA AA 181 45.61 -11.01 -49.80
N VAL AA 182 46.12 -11.56 -50.90
CA VAL AA 182 45.49 -12.64 -51.65
C VAL AA 182 46.53 -13.75 -51.84
N LEU AA 183 46.09 -14.86 -52.42
CA LEU AA 183 46.88 -16.09 -52.40
C LEU AA 183 47.67 -16.35 -53.68
N GLN AA 184 47.14 -15.99 -54.85
CA GLN AA 184 47.85 -16.12 -56.13
C GLN AA 184 48.44 -17.53 -56.31
N SER AA 185 47.59 -18.47 -56.74
CA SER AA 185 47.69 -19.91 -56.51
C SER AA 185 49.09 -20.48 -56.32
N SER AA 186 50.10 -19.88 -56.97
CA SER AA 186 51.51 -20.24 -56.73
C SER AA 186 51.79 -20.54 -55.26
N GLY AA 187 51.28 -19.71 -54.35
CA GLY AA 187 51.39 -20.00 -52.94
C GLY AA 187 52.08 -18.92 -52.12
N LEU AA 188 52.07 -17.70 -52.62
CA LEU AA 188 52.68 -16.56 -51.95
C LEU AA 188 51.65 -15.46 -51.81
N TYR AA 189 51.82 -14.60 -50.81
CA TYR AA 189 50.86 -13.53 -50.62
C TYR AA 189 51.27 -12.29 -51.41
N SER AA 190 50.26 -11.52 -51.82
CA SER AA 190 50.49 -10.35 -52.67
C SER AA 190 49.39 -9.34 -52.41
N LEU AA 191 49.78 -8.14 -51.96
CA LEU AA 191 48.84 -7.07 -51.66
C LEU AA 191 49.29 -5.79 -52.34
N SER AA 192 48.42 -4.78 -52.27
CA SER AA 192 48.70 -3.45 -52.76
C SER AA 192 48.63 -2.47 -51.59
N SER AA 193 49.14 -1.26 -51.81
CA SER AA 193 49.05 -0.19 -50.81
C SER AA 193 48.95 1.13 -51.56
N VAL AA 194 47.76 1.70 -51.59
CA VAL AA 194 47.50 2.91 -52.35
C VAL AA 194 47.25 4.07 -51.40
N VAL AA 195 47.42 5.29 -51.92
CA VAL AA 195 47.14 6.50 -51.18
C VAL AA 195 46.82 7.61 -52.17
N THR AA 196 45.86 8.45 -51.81
CA THR AA 196 45.43 9.58 -52.64
C THR AA 196 45.95 10.88 -52.04
N VAL AA 197 46.49 11.74 -52.90
CA VAL AA 197 47.06 13.02 -52.49
C VAL AA 197 46.65 14.09 -53.48
N PRO AA 198 46.92 15.37 -53.21
CA PRO AA 198 46.76 16.40 -54.24
C PRO AA 198 47.82 16.23 -55.33
N SER AA 199 47.37 16.32 -56.59
CA SER AA 199 48.29 16.17 -57.72
C SER AA 199 49.24 17.34 -57.85
N SER AA 200 48.88 18.51 -57.32
CA SER AA 200 49.75 19.67 -57.38
C SER AA 200 50.97 19.53 -56.49
N SER AA 201 50.96 18.60 -55.54
CA SER AA 201 52.07 18.41 -54.61
C SER AA 201 52.96 17.24 -55.01
N LEU AA 202 52.97 16.86 -56.28
CA LEU AA 202 53.87 15.82 -56.77
C LEU AA 202 55.25 16.45 -56.96
N GLY AA 203 55.97 16.55 -55.84
CA GLY AA 203 57.25 17.22 -55.80
C GLY AA 203 57.41 18.04 -54.53
N THR AA 204 56.31 18.23 -53.81
CA THR AA 204 56.36 18.96 -52.55
C THR AA 204 56.80 18.06 -51.40
N GLN AA 205 56.12 16.92 -51.23
CA GLN AA 205 56.47 15.94 -50.22
C GLN AA 205 57.06 14.70 -50.87
N THR AA 206 57.91 14.00 -50.11
CA THR AA 206 58.48 12.73 -50.54
C THR AA 206 57.53 11.60 -50.14
N TYR AA 207 57.26 10.70 -51.08
CA TYR AA 207 56.28 9.63 -50.90
C TYR AA 207 57.01 8.30 -50.85
N ILE AA 208 57.34 7.86 -49.63
CA ILE AA 208 58.01 6.60 -49.37
C ILE AA 208 57.05 5.68 -48.64
N CYS AA 209 56.89 4.46 -49.13
CA CYS AA 209 56.12 3.43 -48.44
C CYS AA 209 57.09 2.49 -47.73
N ASN AA 210 56.97 2.43 -46.41
CA ASN AA 210 57.93 1.72 -45.56
C ASN AA 210 57.43 0.31 -45.29
N VAL AA 211 57.73 -0.59 -46.23
CA VAL AA 211 57.28 -1.97 -46.14
C VAL AA 211 58.17 -2.73 -45.17
N ASN AA 212 57.58 -3.67 -44.42
CA ASN AA 212 58.32 -4.49 -43.48
C ASN AA 212 57.71 -5.89 -43.45
N HIS AA 213 58.59 -6.89 -43.34
CA HIS AA 213 58.18 -8.30 -43.26
C HIS AA 213 59.13 -8.97 -42.27
N LYS AA 214 58.73 -9.01 -41.01
CA LYS AA 214 59.62 -9.51 -39.96
C LYS AA 214 59.93 -11.01 -40.01
N PRO AA 215 59.07 -11.89 -40.53
CA PRO AA 215 59.51 -13.28 -40.72
C PRO AA 215 60.75 -13.41 -41.59
N SER AA 216 61.01 -12.46 -42.49
CA SER AA 216 62.18 -12.50 -43.35
C SER AA 216 63.08 -11.27 -43.17
N ASN AA 217 62.80 -10.42 -42.18
CA ASN AA 217 63.60 -9.23 -41.87
C ASN AA 217 63.71 -8.28 -43.06
N THR AA 218 62.72 -8.31 -43.96
CA THR AA 218 62.74 -7.51 -45.18
C THR AA 218 62.24 -6.11 -44.84
N LYS AA 219 63.17 -5.25 -44.41
CA LYS AA 219 62.86 -3.87 -44.06
C LYS AA 219 63.25 -3.00 -45.25
N VAL AA 220 62.27 -2.68 -46.10
CA VAL AA 220 62.51 -2.01 -47.38
C VAL AA 220 61.78 -0.67 -47.39
N ASP AA 221 62.48 0.36 -47.85
CA ASP AA 221 61.92 1.69 -48.06
C ASP AA 221 62.02 2.03 -49.54
N LYS AA 222 60.89 2.40 -50.16
CA LYS AA 222 60.86 2.72 -51.58
C LYS AA 222 60.01 3.96 -51.80
N LYS AA 223 60.56 4.92 -52.54
CA LYS AA 223 59.82 6.11 -52.94
C LYS AA 223 59.05 5.84 -54.23
N VAL AA 224 57.95 6.55 -54.41
CA VAL AA 224 57.13 6.48 -55.61
C VAL AA 224 57.08 7.87 -56.24
N GLU AA 225 57.27 7.93 -57.54
CA GLU AA 225 57.26 9.20 -58.27
C GLU AA 225 56.93 8.90 -59.73
N PRO AA 226 56.27 9.84 -60.43
CA PRO AA 226 55.82 9.63 -61.82
C PRO AA 226 56.95 9.21 -62.77
N ASP BA 2 30.13 -26.58 -20.30
CA ASP BA 2 29.13 -26.63 -21.35
C ASP BA 2 28.19 -25.42 -21.30
N ILE BA 3 28.72 -24.30 -20.79
CA ILE BA 3 27.95 -23.07 -20.66
C ILE BA 3 27.89 -22.42 -22.03
N GLN BA 4 26.78 -22.58 -22.73
CA GLN BA 4 26.66 -22.13 -24.12
C GLN BA 4 26.12 -20.71 -24.20
N MET BA 5 26.70 -19.95 -25.13
CA MET BA 5 26.30 -18.56 -25.42
C MET BA 5 25.95 -18.50 -26.89
N THR BA 6 24.66 -18.28 -27.20
CA THR BA 6 24.19 -18.19 -28.58
C THR BA 6 23.92 -16.73 -28.90
N GLN BA 7 24.73 -16.15 -29.77
CA GLN BA 7 24.64 -14.74 -30.13
C GLN BA 7 23.98 -14.59 -31.50
N SER BA 8 23.14 -13.57 -31.63
CA SER BA 8 22.37 -13.33 -32.83
C SER BA 8 22.14 -11.83 -32.99
N PRO BA 9 22.02 -11.33 -34.23
CA PRO BA 9 22.21 -12.11 -35.46
C PRO BA 9 23.69 -12.24 -35.81
N SER BA 10 24.00 -12.94 -36.89
CA SER BA 10 25.40 -13.01 -37.32
C SER BA 10 25.82 -11.70 -37.99
N SER BA 11 25.03 -11.21 -38.93
CA SER BA 11 25.31 -9.97 -39.64
C SER BA 11 24.09 -9.06 -39.60
N LEU BA 12 24.34 -7.76 -39.69
CA LEU BA 12 23.28 -6.77 -39.75
C LEU BA 12 23.82 -5.53 -40.44
N SER BA 13 22.93 -4.83 -41.14
CA SER BA 13 23.28 -3.59 -41.83
C SER BA 13 22.22 -2.54 -41.53
N ALA BA 14 22.60 -1.48 -40.83
CA ALA BA 14 21.70 -0.38 -40.51
C ALA BA 14 22.38 0.95 -40.82
N SER BA 15 21.58 1.93 -41.23
CA SER BA 15 22.10 3.24 -41.56
C SER BA 15 22.60 3.96 -40.31
N VAL BA 16 23.30 5.07 -40.54
CA VAL BA 16 23.84 5.85 -39.44
C VAL BA 16 22.69 6.47 -38.65
N GLY BA 17 22.74 6.31 -37.33
CA GLY BA 17 21.72 6.81 -36.45
C GLY BA 17 20.67 5.79 -36.05
N ASP BA 18 20.56 4.69 -36.79
CA ASP BA 18 19.59 3.66 -36.45
C ASP BA 18 19.95 3.00 -35.11
N ARG BA 19 18.99 2.27 -34.57
CA ARG BA 19 19.12 1.66 -33.25
C ARG BA 19 19.38 0.16 -33.43
N VAL BA 20 20.56 -0.29 -32.98
CA VAL BA 20 21.05 -1.64 -33.22
C VAL BA 20 20.84 -2.46 -31.96
N THR BA 21 20.33 -3.69 -32.12
CA THR BA 21 20.13 -4.62 -31.02
C THR BA 21 20.83 -5.93 -31.31
N ILE BA 22 21.51 -6.48 -30.31
CA ILE BA 22 22.24 -7.74 -30.41
C ILE BA 22 21.85 -8.60 -29.22
N THR BA 23 21.35 -9.80 -29.50
CA THR BA 23 20.90 -10.74 -28.49
C THR BA 23 21.98 -11.79 -28.23
N CYS BA 24 22.13 -12.21 -26.97
CA CYS BA 24 23.03 -13.29 -26.60
C CYS BA 24 22.36 -14.08 -25.49
N ARG BA 25 22.00 -15.33 -25.78
CA ARG BA 25 21.27 -16.16 -24.83
C ARG BA 25 22.21 -17.18 -24.20
N ALA BA 26 22.22 -17.23 -22.87
CA ALA BA 26 22.90 -18.26 -22.12
C ALA BA 26 21.96 -19.43 -21.87
N SER BA 27 22.55 -20.56 -21.48
CA SER BA 27 21.78 -21.78 -21.29
C SER BA 27 21.26 -21.96 -19.87
N GLN BA 28 21.67 -21.10 -18.93
CA GLN BA 28 21.19 -21.19 -17.55
C GLN BA 28 21.42 -19.85 -16.87
N SER BA 29 20.97 -19.75 -15.62
CA SER BA 29 21.09 -18.52 -14.85
C SER BA 29 22.54 -18.28 -14.47
N VAL BA 30 23.17 -17.33 -15.16
CA VAL BA 30 24.56 -16.96 -15.02
C VAL BA 30 24.61 -15.52 -14.52
N SER BA 31 23.72 -15.21 -13.58
CA SER BA 31 22.91 -13.99 -13.55
C SER BA 31 23.51 -12.79 -14.25
N SER BA 32 24.76 -12.41 -13.94
CA SER BA 32 25.27 -11.22 -14.59
C SER BA 32 26.73 -11.35 -15.06
N ALA BA 33 27.22 -12.57 -15.26
CA ALA BA 33 28.61 -12.79 -15.65
C ALA BA 33 28.94 -12.30 -17.05
N VAL BA 34 27.97 -11.79 -17.79
CA VAL BA 34 28.15 -11.56 -19.21
C VAL BA 34 28.89 -10.24 -19.46
N ALA BA 35 29.73 -10.24 -20.49
CA ALA BA 35 30.42 -9.05 -20.95
C ALA BA 35 30.21 -8.89 -22.45
N TRP BA 36 30.43 -7.68 -22.92
CA TRP BA 36 30.25 -7.31 -24.32
C TRP BA 36 31.51 -6.59 -24.82
N TYR BA 37 31.93 -6.96 -26.03
CA TYR BA 37 33.19 -6.53 -26.63
C TYR BA 37 33.00 -6.01 -28.04
N GLN BA 38 33.71 -4.92 -28.34
CA GLN BA 38 33.84 -4.39 -29.68
C GLN BA 38 35.21 -4.78 -30.23
N GLN BA 39 35.26 -5.28 -31.45
CA GLN BA 39 36.52 -5.59 -32.13
C GLN BA 39 36.48 -5.00 -33.53
N LYS BA 40 37.34 -4.02 -33.79
CA LYS BA 40 37.53 -3.51 -35.13
C LYS BA 40 38.53 -4.41 -35.86
N PRO BA 41 38.41 -4.53 -37.19
CA PRO BA 41 39.08 -5.62 -37.90
C PRO BA 41 40.58 -5.63 -37.69
N GLY BA 42 41.13 -6.82 -37.46
CA GLY BA 42 42.56 -7.02 -37.27
C GLY BA 42 43.14 -6.40 -36.02
N LYS BA 43 42.33 -5.74 -35.20
CA LYS BA 43 42.81 -5.06 -34.01
C LYS BA 43 42.41 -5.84 -32.75
N ALA BA 44 42.80 -5.31 -31.61
CA ALA BA 44 42.52 -5.98 -30.35
C ALA BA 44 41.07 -5.75 -29.94
N PRO BA 45 40.41 -6.76 -29.39
CA PRO BA 45 39.08 -6.55 -28.81
C PRO BA 45 39.16 -5.56 -27.65
N LYS BA 46 38.09 -4.78 -27.48
CA LYS BA 46 37.99 -3.83 -26.38
C LYS BA 46 36.72 -4.11 -25.59
N LEU BA 47 36.80 -3.90 -24.28
CA LEU BA 47 35.68 -4.18 -23.40
C LEU BA 47 34.68 -3.02 -23.45
N LEU BA 48 33.46 -3.33 -23.87
CA LEU BA 48 32.37 -2.36 -23.80
C LEU BA 48 31.62 -2.46 -22.48
N ILE BA 49 31.13 -3.67 -22.16
CA ILE BA 49 30.21 -3.86 -21.04
C ILE BA 49 30.71 -5.00 -20.18
N TYR BA 50 30.72 -4.79 -18.86
CA TYR BA 50 30.90 -5.85 -17.89
C TYR BA 50 29.68 -5.86 -16.96
N SER BA 51 29.52 -6.97 -16.24
CA SER BA 51 28.35 -7.21 -15.40
C SER BA 51 27.05 -7.23 -16.19
N ALA BA 52 27.14 -7.25 -17.52
CA ALA BA 52 26.02 -7.35 -18.45
C ALA BA 52 25.18 -6.08 -18.49
N SER BA 53 25.45 -5.15 -17.56
CA SER BA 53 24.78 -3.85 -17.54
C SER BA 53 25.77 -2.71 -17.36
N SER BA 54 26.85 -2.94 -16.61
CA SER BA 54 27.77 -1.87 -16.27
C SER BA 54 28.67 -1.53 -17.44
N LEU BA 55 28.92 -0.25 -17.64
CA LEU BA 55 29.64 0.26 -18.81
C LEU BA 55 31.09 0.52 -18.45
N TYR BA 56 32.00 -0.01 -19.27
CA TYR BA 56 33.43 0.15 -19.01
C TYR BA 56 33.84 1.61 -19.13
N SER BA 57 34.73 2.04 -18.23
CA SER BA 57 35.16 3.44 -18.19
C SER BA 57 35.77 3.88 -19.49
N GLY BA 58 35.09 4.79 -20.19
CA GLY BA 58 35.55 5.30 -21.48
C GLY BA 58 34.68 4.95 -22.66
N VAL BA 59 33.62 4.16 -22.46
CA VAL BA 59 32.73 3.76 -23.55
C VAL BA 59 31.69 4.85 -23.76
N PRO BA 60 31.33 5.18 -25.00
CA PRO BA 60 30.30 6.20 -25.22
C PRO BA 60 28.95 5.78 -24.63
N SER BA 61 28.10 6.78 -24.40
CA SER BA 61 26.82 6.55 -23.75
C SER BA 61 25.83 5.80 -24.62
N ARG BA 62 26.07 5.73 -25.93
CA ARG BA 62 25.13 5.08 -26.83
C ARG BA 62 25.14 3.55 -26.69
N PHE BA 63 26.16 2.99 -26.04
CA PHE BA 63 26.21 1.56 -25.78
C PHE BA 63 25.56 1.26 -24.44
N SER BA 64 24.64 0.29 -24.42
CA SER BA 64 23.99 -0.11 -23.18
C SER BA 64 23.78 -1.61 -23.16
N GLY BA 65 23.77 -2.16 -21.95
CA GLY BA 65 23.56 -3.59 -21.77
C GLY BA 65 22.38 -3.90 -20.88
N SER BA 66 21.53 -4.83 -21.32
CA SER BA 66 20.30 -5.18 -20.61
C SER BA 66 20.21 -6.69 -20.45
N ARG BA 67 19.32 -7.12 -19.56
CA ARG BA 67 19.17 -8.52 -19.20
C ARG BA 67 17.70 -8.89 -19.07
N SER BA 68 17.35 -10.10 -19.55
CA SER BA 68 16.03 -10.69 -19.29
C SER BA 68 16.24 -12.16 -18.91
N GLY BA 69 16.52 -12.41 -17.63
CA GLY BA 69 16.54 -13.74 -17.09
C GLY BA 69 17.70 -14.59 -17.57
N THR BA 70 17.65 -14.99 -18.84
CA THR BA 70 18.70 -15.79 -19.46
C THR BA 70 19.13 -15.22 -20.80
N ASP BA 71 18.69 -14.00 -21.13
CA ASP BA 71 18.87 -13.42 -22.46
C ASP BA 71 19.40 -12.01 -22.29
N PHE BA 72 20.65 -11.79 -22.69
CA PHE BA 72 21.34 -10.52 -22.54
C PHE BA 72 21.32 -9.78 -23.86
N THR BA 73 21.39 -8.45 -23.79
CA THR BA 73 21.20 -7.65 -24.99
C THR BA 73 22.13 -6.44 -24.98
N LEU BA 74 22.84 -6.25 -26.09
CA LEU BA 74 23.63 -5.05 -26.33
C LEU BA 74 22.86 -4.14 -27.28
N THR BA 75 22.67 -2.88 -26.87
CA THR BA 75 21.91 -1.92 -27.65
C THR BA 75 22.76 -0.69 -27.95
N ILE BA 76 22.81 -0.32 -29.22
CA ILE BA 76 23.45 0.90 -29.68
C ILE BA 76 22.33 1.87 -30.07
N SER BA 77 22.23 2.98 -29.34
CA SER BA 77 21.12 3.90 -29.55
C SER BA 77 21.20 4.57 -30.92
N SER BA 78 22.29 5.31 -31.16
CA SER BA 78 22.51 6.00 -32.43
C SER BA 78 23.76 5.39 -33.07
N LEU BA 79 23.57 4.54 -34.07
CA LEU BA 79 24.69 3.87 -34.73
C LEU BA 79 25.57 4.89 -35.44
N GLN BA 80 26.83 4.92 -35.06
CA GLN BA 80 27.81 5.81 -35.67
C GLN BA 80 28.65 5.05 -36.69
N PRO BA 81 29.21 5.74 -37.67
CA PRO BA 81 29.99 5.02 -38.70
C PRO BA 81 31.24 4.34 -38.17
N GLU BA 82 31.83 4.86 -37.10
CA GLU BA 82 32.97 4.20 -36.49
C GLU BA 82 32.58 3.00 -35.63
N ASP BA 83 31.28 2.80 -35.39
CA ASP BA 83 30.81 1.62 -34.67
C ASP BA 83 30.79 0.38 -35.55
N PHE BA 84 31.22 0.48 -36.80
CA PHE BA 84 31.49 -0.69 -37.63
C PHE BA 84 32.51 -1.58 -36.96
N ALA BA 85 32.10 -2.77 -36.55
CA ALA BA 85 32.98 -3.70 -35.85
C ALA BA 85 32.30 -5.07 -35.81
N THR BA 86 32.89 -5.98 -35.04
CA THR BA 86 32.27 -7.24 -34.66
C THR BA 86 32.14 -7.25 -33.15
N TYR BA 87 30.96 -7.62 -32.65
CA TYR BA 87 30.66 -7.58 -31.24
C TYR BA 87 30.51 -8.99 -30.69
N TYR BA 88 31.12 -9.22 -29.53
CA TYR BA 88 31.15 -10.54 -28.91
C TYR BA 88 30.61 -10.48 -27.48
N CYS BA 89 29.79 -11.47 -27.13
CA CYS BA 89 29.31 -11.64 -25.76
C CYS BA 89 30.09 -12.77 -25.09
N GLN BA 90 30.35 -12.61 -23.80
CA GLN BA 90 31.27 -13.47 -23.07
C GLN BA 90 30.59 -14.07 -21.84
N GLN BA 91 31.10 -15.22 -21.43
CA GLN BA 91 30.78 -15.83 -20.13
C GLN BA 91 31.86 -15.38 -19.13
N GLY BA 92 31.88 -15.99 -17.94
CA GLY BA 92 32.93 -15.66 -17.00
C GLY BA 92 33.10 -16.68 -15.89
N ASP BA 93 34.34 -17.13 -15.72
CA ASP BA 93 34.74 -18.10 -14.70
C ASP BA 93 36.25 -18.25 -14.81
N PRO BA 94 36.96 -18.50 -13.72
CA PRO BA 94 38.38 -18.88 -13.87
C PRO BA 94 38.58 -20.17 -14.63
N ARG BA 95 37.71 -21.16 -14.40
CA ARG BA 95 37.93 -22.50 -14.93
C ARG BA 95 37.43 -22.69 -16.35
N LEU BA 96 36.66 -21.74 -16.89
CA LEU BA 96 36.15 -21.85 -18.24
C LEU BA 96 35.63 -20.50 -18.71
N VAL BA 97 35.91 -20.17 -19.98
CA VAL BA 97 35.45 -18.94 -20.60
C VAL BA 97 34.99 -19.26 -22.02
N THR BA 98 33.76 -18.88 -22.34
CA THR BA 98 33.22 -19.03 -23.68
C THR BA 98 32.73 -17.69 -24.19
N PHE BA 99 32.83 -17.51 -25.51
CA PHE BA 99 32.35 -16.32 -26.19
C PHE BA 99 31.14 -16.67 -27.06
N GLY BA 100 30.53 -15.63 -27.61
CA GLY BA 100 29.47 -15.82 -28.59
C GLY BA 100 30.03 -15.97 -29.99
N GLN BA 101 29.16 -16.39 -30.91
CA GLN BA 101 29.56 -16.52 -32.30
C GLN BA 101 29.94 -15.20 -32.92
N GLY BA 102 29.48 -14.08 -32.37
CA GLY BA 102 29.82 -12.77 -32.87
C GLY BA 102 28.72 -12.18 -33.73
N THR BA 103 28.67 -10.86 -33.77
CA THR BA 103 27.74 -10.12 -34.61
C THR BA 103 28.48 -9.00 -35.31
N LYS BA 104 28.57 -9.08 -36.64
CA LYS BA 104 29.25 -8.06 -37.42
C LYS BA 104 28.25 -6.96 -37.78
N VAL BA 105 28.52 -5.74 -37.34
CA VAL BA 105 27.66 -4.59 -37.59
C VAL BA 105 28.19 -3.85 -38.80
N GLU BA 106 27.42 -3.83 -39.88
CA GLU BA 106 27.77 -3.12 -41.10
C GLU BA 106 26.98 -1.83 -41.21
N ILE BA 107 27.62 -0.80 -41.76
CA ILE BA 107 27.02 0.52 -41.89
C ILE BA 107 26.38 0.64 -43.28
N LYS BA 108 25.25 1.33 -43.35
CA LYS BA 108 24.58 1.61 -44.62
C LYS BA 108 24.60 3.10 -44.90
N ARG BA 109 24.92 3.47 -46.13
CA ARG BA 109 24.97 4.86 -46.56
C ARG BA 109 24.56 4.94 -48.01
N THR BA 110 24.44 6.16 -48.52
CA THR BA 110 23.94 6.39 -49.86
C THR BA 110 24.90 5.82 -50.91
N VAL BA 111 24.44 5.79 -52.15
CA VAL BA 111 25.23 5.24 -53.23
C VAL BA 111 26.45 6.12 -53.47
N ALA BA 112 27.60 5.49 -53.70
CA ALA BA 112 28.86 6.21 -53.91
C ALA BA 112 29.59 5.62 -55.11
N ALA BA 113 29.95 6.47 -56.06
CA ALA BA 113 30.69 6.05 -57.24
C ALA BA 113 32.19 6.05 -56.94
N PRO BA 114 32.92 5.06 -57.44
CA PRO BA 114 34.35 4.95 -57.10
C PRO BA 114 35.23 5.88 -57.93
N SER BA 115 36.30 6.34 -57.29
CA SER BA 115 37.40 6.96 -58.01
C SER BA 115 38.23 5.85 -58.64
N VAL BA 116 38.29 5.83 -59.97
CA VAL BA 116 38.90 4.74 -60.72
C VAL BA 116 40.27 5.16 -61.21
N PHE BA 117 41.25 4.27 -61.06
CA PHE BA 117 42.62 4.54 -61.48
C PHE BA 117 43.22 3.25 -62.04
N ILE BA 118 44.28 3.41 -62.84
CA ILE BA 118 45.02 2.28 -63.39
C ILE BA 118 46.52 2.58 -63.27
N PHE BA 119 47.29 1.54 -63.02
CA PHE BA 119 48.72 1.65 -62.79
C PHE BA 119 49.50 0.76 -63.75
N PRO BA 120 50.57 1.26 -64.33
CA PRO BA 120 51.40 0.44 -65.21
C PRO BA 120 52.32 -0.45 -64.40
N PRO BA 121 52.76 -1.58 -64.96
CA PRO BA 121 53.75 -2.41 -64.26
C PRO BA 121 55.03 -1.64 -64.00
N SER BA 122 55.66 -1.94 -62.86
CA SER BA 122 56.86 -1.22 -62.46
C SER BA 122 58.02 -1.52 -63.40
N ASP BA 123 58.99 -0.61 -63.40
CA ASP BA 123 60.19 -0.80 -64.23
C ASP BA 123 60.98 -2.02 -63.78
N SER BA 124 61.26 -2.12 -62.49
CA SER BA 124 61.98 -3.28 -61.97
C SER BA 124 61.12 -4.53 -61.95
N GLN BA 125 59.80 -4.39 -62.07
CA GLN BA 125 58.93 -5.56 -62.13
C GLN BA 125 59.06 -6.29 -63.46
N LEU BA 126 59.31 -5.56 -64.54
CA LEU BA 126 59.53 -6.17 -65.84
C LEU BA 126 60.81 -7.01 -65.86
N LYS BA 127 61.71 -6.80 -64.90
CA LYS BA 127 62.93 -7.60 -64.78
C LYS BA 127 62.67 -9.01 -64.27
N SER BA 128 61.45 -9.28 -63.78
CA SER BA 128 61.10 -10.60 -63.29
C SER BA 128 60.52 -11.51 -64.35
N GLY BA 129 60.26 -10.99 -65.55
CA GLY BA 129 59.58 -11.76 -66.58
C GLY BA 129 58.09 -11.85 -66.39
N THR BA 130 57.53 -11.12 -65.43
CA THR BA 130 56.09 -11.14 -65.17
C THR BA 130 55.68 -9.77 -64.66
N ALA BA 131 54.58 -9.25 -65.18
CA ALA BA 131 54.10 -7.91 -64.87
C ALA BA 131 52.69 -7.98 -64.30
N SER BA 132 52.29 -6.90 -63.65
CA SER BA 132 50.97 -6.79 -63.04
C SER BA 132 50.40 -5.41 -63.28
N VAL BA 133 49.11 -5.37 -63.63
CA VAL BA 133 48.38 -4.13 -63.86
C VAL BA 133 47.37 -3.96 -62.72
N VAL BA 134 47.43 -2.82 -62.04
CA VAL BA 134 46.62 -2.57 -60.85
C VAL BA 134 45.51 -1.59 -61.20
N CYS BA 135 44.27 -2.03 -61.07
CA CYS BA 135 43.11 -1.17 -61.26
C CYS BA 135 42.50 -0.88 -59.88
N LEU BA 136 42.47 0.39 -59.51
CA LEU BA 136 42.04 0.84 -58.19
C LEU BA 136 40.66 1.46 -58.25
N LEU BA 137 39.82 1.11 -57.28
CA LEU BA 137 38.46 1.63 -57.14
C LEU BA 137 38.32 2.13 -55.71
N ASN BA 138 38.36 3.45 -55.51
CA ASN BA 138 38.45 4.03 -54.17
C ASN BA 138 37.12 4.66 -53.77
N ASN BA 139 36.74 4.46 -52.50
CA ASN BA 139 35.68 5.23 -51.85
C ASN BA 139 34.34 5.09 -52.58
N PHE BA 140 33.82 3.87 -52.57
CA PHE BA 140 32.53 3.56 -53.19
C PHE BA 140 31.68 2.74 -52.24
N TYR BA 141 30.38 2.65 -52.58
CA TYR BA 141 29.40 1.87 -51.82
C TYR BA 141 28.23 1.62 -52.76
N PRO BA 142 27.62 0.41 -52.75
CA PRO BA 142 27.94 -0.75 -51.90
C PRO BA 142 29.19 -1.52 -52.32
N ARG BA 143 29.40 -2.67 -51.69
CA ARG BA 143 30.61 -3.46 -51.95
C ARG BA 143 30.59 -4.09 -53.34
N GLU BA 144 29.40 -4.37 -53.88
CA GLU BA 144 29.31 -4.98 -55.19
C GLU BA 144 29.82 -4.04 -56.27
N ALA BA 145 30.74 -4.55 -57.09
CA ALA BA 145 31.26 -3.83 -58.24
C ALA BA 145 31.59 -4.84 -59.33
N LYS BA 146 32.08 -4.35 -60.45
CA LYS BA 146 32.48 -5.23 -61.55
C LYS BA 146 33.65 -4.60 -62.30
N VAL BA 147 34.79 -5.28 -62.30
CA VAL BA 147 35.98 -4.82 -63.01
C VAL BA 147 36.26 -5.80 -64.15
N GLN BA 148 36.21 -5.29 -65.38
CA GLN BA 148 36.49 -6.07 -66.57
C GLN BA 148 37.84 -5.64 -67.13
N TRP BA 149 38.59 -6.59 -67.69
CA TRP BA 149 39.90 -6.29 -68.25
C TRP BA 149 39.86 -6.36 -69.77
N LYS BA 150 40.67 -5.53 -70.41
CA LYS BA 150 40.73 -5.44 -71.87
C LYS BA 150 42.19 -5.23 -72.27
N VAL BA 151 42.78 -6.25 -72.90
CA VAL BA 151 44.13 -6.18 -73.45
C VAL BA 151 43.98 -6.25 -74.97
N ASP BA 152 44.31 -5.15 -75.65
CA ASP BA 152 44.01 -4.98 -77.08
C ASP BA 152 42.52 -5.20 -77.35
N ASN BA 153 41.68 -4.69 -76.43
CA ASN BA 153 40.22 -4.82 -76.54
C ASN BA 153 39.80 -6.29 -76.59
N ALA BA 154 40.56 -7.14 -75.89
CA ALA BA 154 40.23 -8.55 -75.72
C ALA BA 154 40.02 -8.80 -74.24
N LEU BA 155 38.84 -9.30 -73.88
CA LEU BA 155 38.48 -9.44 -72.47
C LEU BA 155 39.24 -10.59 -71.82
N GLN BA 156 39.57 -10.40 -70.55
CA GLN BA 156 40.42 -11.32 -69.81
C GLN BA 156 39.60 -12.09 -68.78
N SER BA 157 40.13 -13.26 -68.40
CA SER BA 157 39.49 -14.11 -67.40
C SER BA 157 40.45 -15.19 -66.93
N GLY BA 158 40.56 -15.36 -65.60
CA GLY BA 158 41.45 -16.35 -65.03
C GLY BA 158 42.84 -15.84 -64.69
N ASN BA 159 43.12 -14.55 -64.88
CA ASN BA 159 44.44 -13.99 -64.64
C ASN BA 159 44.39 -12.74 -63.77
N SER BA 160 43.24 -12.44 -63.16
CA SER BA 160 43.08 -11.27 -62.31
C SER BA 160 42.52 -11.69 -60.98
N GLN BA 161 42.87 -10.95 -59.94
CA GLN BA 161 42.36 -11.24 -58.61
C GLN BA 161 42.01 -9.92 -57.95
N GLU BA 162 41.02 -9.94 -57.08
CA GLU BA 162 40.50 -8.71 -56.50
C GLU BA 162 40.52 -8.75 -54.97
N SER BA 163 40.88 -7.61 -54.37
CA SER BA 163 40.97 -7.49 -52.92
C SER BA 163 40.21 -6.25 -52.46
N VAL BA 164 39.32 -6.43 -51.48
CA VAL BA 164 38.45 -5.36 -50.99
C VAL BA 164 38.81 -5.07 -49.54
N THR BA 165 38.91 -3.79 -49.20
CA THR BA 165 39.19 -3.38 -47.83
C THR BA 165 37.93 -3.47 -46.97
N GLU BA 166 38.14 -3.35 -45.67
CA GLU BA 166 37.01 -3.25 -44.75
C GLU BA 166 36.40 -1.85 -44.83
N GLN BA 167 35.14 -1.76 -44.40
CA GLN BA 167 34.41 -0.50 -44.51
C GLN BA 167 35.04 0.55 -43.60
N ASP BA 168 35.19 1.76 -44.12
CA ASP BA 168 36.00 2.79 -43.49
C ASP BA 168 35.30 3.35 -42.24
N SER BA 169 36.11 3.97 -41.38
CA SER BA 169 35.63 4.42 -40.08
C SER BA 169 34.77 5.68 -40.16
N LYS BA 170 35.15 6.64 -41.01
CA LYS BA 170 34.46 7.93 -41.03
C LYS BA 170 33.44 8.07 -42.15
N ASP BA 171 33.77 7.64 -43.37
CA ASP BA 171 32.85 7.77 -44.48
C ASP BA 171 32.15 6.47 -44.85
N SER BA 172 32.61 5.33 -44.32
CA SER BA 172 31.97 4.03 -44.51
C SER BA 172 31.85 3.69 -46.00
N THR BA 173 33.02 3.68 -46.66
CA THR BA 173 33.10 3.35 -48.07
C THR BA 173 34.14 2.25 -48.28
N TYR BA 174 34.12 1.64 -49.45
CA TYR BA 174 34.97 0.50 -49.77
C TYR BA 174 36.05 0.88 -50.78
N SER BA 175 37.12 0.08 -50.76
CA SER BA 175 38.20 0.20 -51.74
C SER BA 175 38.50 -1.16 -52.31
N LEU BA 176 38.79 -1.20 -53.61
CA LEU BA 176 39.00 -2.44 -54.35
C LEU BA 176 40.27 -2.32 -55.18
N SER BA 177 41.04 -3.41 -55.19
CA SER BA 177 42.28 -3.50 -55.96
C SER BA 177 42.20 -4.73 -56.83
N SER BA 178 42.25 -4.54 -58.16
CA SER BA 178 42.22 -5.64 -59.12
C SER BA 178 43.61 -5.75 -59.74
N THR BA 179 44.31 -6.83 -59.41
CA THR BA 179 45.65 -7.08 -59.93
C THR BA 179 45.56 -8.07 -61.07
N LEU BA 180 46.09 -7.68 -62.23
CA LEU BA 180 46.09 -8.48 -63.46
C LEU BA 180 47.52 -8.96 -63.70
N THR BA 181 47.75 -10.26 -63.53
CA THR BA 181 49.07 -10.84 -63.70
C THR BA 181 49.22 -11.39 -65.11
N LEU BA 182 50.32 -11.01 -65.78
CA LEU BA 182 50.59 -11.45 -67.14
C LEU BA 182 52.09 -11.68 -67.32
N SER BA 183 52.44 -12.78 -67.98
CA SER BA 183 53.83 -12.99 -68.36
C SER BA 183 54.30 -11.86 -69.26
N LYS BA 184 55.59 -11.51 -69.12
CA LYS BA 184 56.13 -10.36 -69.86
C LYS BA 184 56.01 -10.56 -71.37
N ALA BA 185 55.98 -11.80 -71.83
CA ALA BA 185 55.78 -12.07 -73.25
C ALA BA 185 54.48 -11.45 -73.74
N ASP BA 186 53.35 -11.88 -73.17
CA ASP BA 186 52.06 -11.30 -73.53
C ASP BA 186 51.97 -9.82 -73.19
N TYR BA 187 52.79 -9.34 -72.25
CA TYR BA 187 52.79 -7.91 -71.95
C TYR BA 187 53.37 -7.11 -73.11
N GLU BA 188 54.53 -7.53 -73.62
CA GLU BA 188 55.16 -6.80 -74.71
C GLU BA 188 54.48 -7.06 -76.04
N LYS BA 189 53.86 -8.23 -76.21
CA LYS BA 189 53.18 -8.53 -77.48
C LYS BA 189 51.96 -7.65 -77.72
N HIS BA 190 51.45 -6.98 -76.69
CA HIS BA 190 50.24 -6.18 -76.80
C HIS BA 190 50.53 -4.74 -76.38
N LYS BA 191 49.63 -3.83 -76.76
CA LYS BA 191 49.83 -2.40 -76.54
C LYS BA 191 48.76 -1.77 -75.67
N VAL BA 192 47.48 -2.06 -75.93
CA VAL BA 192 46.38 -1.39 -75.24
C VAL BA 192 46.01 -2.16 -73.98
N TYR BA 193 45.96 -1.46 -72.85
CA TYR BA 193 45.53 -2.05 -71.59
C TYR BA 193 44.46 -1.18 -70.97
N ALA BA 194 43.39 -1.79 -70.48
CA ALA BA 194 42.29 -1.02 -69.93
C ALA BA 194 41.54 -1.85 -68.89
N CYS BA 195 41.05 -1.17 -67.85
CA CYS BA 195 40.12 -1.76 -66.90
C CYS BA 195 38.84 -0.95 -66.90
N GLU BA 196 37.71 -1.66 -66.97
CA GLU BA 196 36.38 -1.08 -67.13
C GLU BA 196 35.56 -1.38 -65.87
N VAL BA 197 35.18 -0.33 -65.15
CA VAL BA 197 34.40 -0.46 -63.92
C VAL BA 197 32.94 -0.27 -64.27
N THR BA 198 32.13 -1.26 -63.90
CA THR BA 198 30.67 -1.24 -64.06
C THR BA 198 30.07 -1.25 -62.65
N HIS BA 199 29.90 -0.07 -62.08
CA HIS BA 199 29.41 0.07 -60.71
C HIS BA 199 28.00 0.62 -60.72
N GLN BA 200 27.29 0.41 -59.60
CA GLN BA 200 25.90 0.86 -59.49
C GLN BA 200 25.80 2.37 -59.58
N GLY BA 201 26.72 3.09 -58.94
CA GLY BA 201 26.67 4.54 -58.89
C GLY BA 201 27.18 5.23 -60.14
N LEU BA 202 27.24 4.49 -61.26
CA LEU BA 202 27.71 5.03 -62.52
C LEU BA 202 26.68 4.77 -63.61
N SER BA 203 26.46 5.77 -64.45
CA SER BA 203 25.53 5.62 -65.57
C SER BA 203 26.14 4.76 -66.67
N SER BA 204 27.31 5.15 -67.16
CA SER BA 204 28.04 4.40 -68.16
C SER BA 204 29.32 3.83 -67.56
N PRO BA 205 29.63 2.56 -67.81
CA PRO BA 205 30.85 1.96 -67.22
C PRO BA 205 32.10 2.74 -67.61
N VAL BA 206 32.85 3.18 -66.59
CA VAL BA 206 33.98 4.08 -66.80
C VAL BA 206 35.25 3.24 -66.94
N THR BA 207 36.07 3.57 -67.95
CA THR BA 207 37.25 2.79 -68.27
C THR BA 207 38.50 3.64 -68.10
N LYS BA 208 39.57 3.04 -67.59
CA LYS BA 208 40.87 3.67 -67.49
C LYS BA 208 41.91 2.81 -68.19
N SER BA 209 42.76 3.44 -69.00
CA SER BA 209 43.61 2.71 -69.92
C SER BA 209 44.99 3.36 -70.03
N PHE BA 210 45.94 2.57 -70.52
CA PHE BA 210 47.24 3.06 -70.94
C PHE BA 210 47.71 2.23 -72.13
N ASN BA 211 48.87 2.60 -72.69
CA ASN BA 211 49.32 2.05 -73.97
C ASN BA 211 50.83 1.83 -73.93
N ARG BA 212 51.24 0.57 -73.74
CA ARG BA 212 52.65 0.17 -73.88
C ARG BA 212 52.75 -1.17 -74.60
N PRO CA 12 63.04 -21.19 17.17
CA PRO CA 12 62.28 -21.93 18.18
C PRO CA 12 61.48 -23.09 17.59
N GLY CA 13 60.37 -23.43 18.23
CA GLY CA 13 59.46 -24.42 17.67
C GLY CA 13 58.38 -23.76 16.84
N ILE CA 14 58.79 -22.83 15.97
CA ILE CA 14 57.83 -22.08 15.17
C ILE CA 14 57.24 -22.90 14.04
N ALA CA 15 57.78 -24.09 13.77
CA ALA CA 15 57.12 -25.02 12.85
C ALA CA 15 56.03 -25.81 13.55
N TRP CA 16 56.14 -25.99 14.87
CA TRP CA 16 55.04 -26.53 15.65
C TRP CA 16 53.83 -25.62 15.62
N ILE CA 17 54.01 -24.36 15.23
CA ILE CA 17 52.88 -23.44 15.05
C ILE CA 17 52.11 -23.80 13.78
N ALA CA 18 52.85 -24.01 12.67
CA ALA CA 18 52.21 -24.28 11.39
C ALA CA 18 51.33 -25.52 11.42
N LEU CA 19 51.54 -26.42 12.39
CA LEU CA 19 50.62 -27.55 12.56
C LEU CA 19 49.19 -27.05 12.77
N LEU CA 20 49.02 -26.04 13.62
CA LEU CA 20 47.69 -25.48 13.87
C LEU CA 20 47.11 -24.86 12.61
N LEU CA 21 47.93 -24.18 11.82
CA LEU CA 21 47.43 -23.56 10.60
C LEU CA 21 47.02 -24.61 9.58
N LEU CA 22 47.78 -25.71 9.49
CA LEU CA 22 47.35 -26.82 8.64
C LEU CA 22 46.08 -27.47 9.16
N VAL CA 23 45.89 -27.51 10.48
CA VAL CA 23 44.63 -28.02 11.02
C VAL CA 23 43.47 -27.14 10.59
N ILE CA 24 43.67 -25.83 10.61
CA ILE CA 24 42.60 -24.90 10.19
C ILE CA 24 42.33 -25.06 8.70
N PHE CA 25 43.37 -25.10 7.88
CA PHE CA 25 43.20 -25.43 6.46
C PHE CA 25 42.40 -26.71 6.29
N TYR CA 26 42.73 -27.74 7.08
CA TYR CA 26 42.06 -29.03 6.95
C TYR CA 26 40.57 -28.92 7.27
N VAL CA 27 40.24 -28.27 8.39
CA VAL CA 27 38.84 -28.22 8.80
C VAL CA 27 38.03 -27.40 7.81
N PHE CA 28 38.57 -26.26 7.35
CA PHE CA 28 37.81 -25.48 6.38
C PHE CA 28 37.78 -26.15 5.00
N ALA CA 29 38.77 -26.97 4.67
CA ALA CA 29 38.72 -27.71 3.42
C ALA CA 29 37.68 -28.80 3.47
N VAL CA 30 37.56 -29.48 4.62
CA VAL CA 30 36.50 -30.45 4.80
C VAL CA 30 35.14 -29.77 4.73
N MET CA 31 35.02 -28.57 5.31
CA MET CA 31 33.79 -27.81 5.20
C MET CA 31 33.46 -27.51 3.74
N GLY CA 32 34.43 -26.96 3.00
CA GLY CA 32 34.20 -26.66 1.60
C GLY CA 32 33.87 -27.89 0.77
N THR CA 33 34.46 -29.03 1.13
CA THR CA 33 34.12 -30.28 0.45
C THR CA 33 32.69 -30.68 0.74
N LYS CA 34 32.28 -30.63 2.00
CA LYS CA 34 30.92 -31.00 2.36
C LYS CA 34 29.90 -30.05 1.76
N LEU CA 35 30.28 -28.79 1.53
CA LEU CA 35 29.32 -27.80 1.06
C LEU CA 35 29.24 -27.70 -0.46
N PHE CA 36 30.38 -27.77 -1.16
CA PHE CA 36 30.46 -27.35 -2.54
C PHE CA 36 30.92 -28.43 -3.50
N ALA CA 37 31.15 -29.66 -3.04
CA ALA CA 37 31.72 -30.69 -3.92
C ALA CA 37 30.76 -31.04 -5.06
N GLN CA 38 29.48 -31.23 -4.74
CA GLN CA 38 28.51 -31.60 -5.76
C GLN CA 38 28.36 -30.52 -6.82
N SER CA 39 28.44 -29.26 -6.41
CA SER CA 39 28.16 -28.13 -7.29
C SER CA 39 29.40 -27.53 -7.94
N PHE CA 40 30.55 -27.56 -7.26
CA PHE CA 40 31.80 -27.02 -7.81
C PHE CA 40 32.87 -28.09 -7.65
N PRO CA 41 32.87 -29.10 -8.53
CA PRO CA 41 33.78 -30.23 -8.33
C PRO CA 41 35.24 -29.86 -8.53
N GLU CA 42 35.56 -29.02 -9.51
CA GLU CA 42 36.96 -28.71 -9.77
C GLU CA 42 37.58 -27.92 -8.63
N TRP CA 43 36.77 -27.18 -7.88
CA TRP CA 43 37.26 -26.35 -6.78
C TRP CA 43 37.15 -27.02 -5.41
N PHE CA 44 36.16 -27.90 -5.22
CA PHE CA 44 35.92 -28.50 -3.91
C PHE CA 44 35.57 -29.97 -4.00
N GLY CA 45 35.83 -30.64 -5.13
CA GLY CA 45 35.44 -32.03 -5.28
C GLY CA 45 36.30 -33.01 -4.49
N THR CA 46 37.52 -32.63 -4.15
CA THR CA 46 38.41 -33.44 -3.34
C THR CA 46 38.94 -32.60 -2.19
N LEU CA 47 39.55 -33.26 -1.21
CA LEU CA 47 40.18 -32.53 -0.11
C LEU CA 47 41.34 -31.68 -0.64
N GLY CA 48 42.10 -32.20 -1.60
CA GLY CA 48 43.16 -31.41 -2.20
C GLY CA 48 42.63 -30.20 -2.92
N ALA CA 49 41.54 -30.37 -3.67
CA ALA CA 49 40.95 -29.23 -4.37
C ALA CA 49 40.46 -28.18 -3.39
N SER CA 50 39.88 -28.60 -2.27
CA SER CA 50 39.41 -27.63 -1.27
C SER CA 50 40.58 -26.91 -0.62
N MET CA 51 41.63 -27.64 -0.25
CA MET CA 51 42.85 -27.02 0.25
C MET CA 51 43.36 -25.96 -0.73
N TYR CA 52 43.47 -26.34 -2.00
CA TYR CA 52 44.04 -25.45 -3.00
C TYR CA 52 43.17 -24.22 -3.21
N THR CA 53 41.85 -24.41 -3.26
CA THR CA 53 40.94 -23.30 -3.45
C THR CA 53 40.95 -22.36 -2.26
N LEU CA 54 41.03 -22.90 -1.03
CA LEU CA 54 41.14 -22.04 0.14
C LEU CA 54 42.43 -21.24 0.11
N PHE CA 55 43.53 -21.86 -0.31
CA PHE CA 55 44.79 -21.12 -0.44
C PHE CA 55 44.64 -20.00 -1.46
N GLN CA 56 44.04 -20.31 -2.61
CA GLN CA 56 43.85 -19.31 -3.66
C GLN CA 56 42.98 -18.15 -3.18
N VAL CA 57 41.96 -18.45 -2.38
CA VAL CA 57 41.12 -17.38 -1.83
C VAL CA 57 41.90 -16.57 -0.80
N MET CA 58 42.72 -17.24 0.01
CA MET CA 58 43.52 -16.55 1.01
C MET CA 58 44.54 -15.62 0.36
N THR CA 59 44.96 -15.93 -0.87
CA THR CA 59 45.86 -15.03 -1.58
C THR CA 59 45.25 -13.64 -1.76
N LEU CA 60 43.91 -13.57 -1.86
CA LEU CA 60 43.19 -12.31 -2.07
C LEU CA 60 43.69 -11.61 -3.34
N GLU CA 61 43.62 -12.36 -4.44
CA GLU CA 61 44.11 -11.90 -5.73
C GLU CA 61 43.00 -12.00 -6.78
N SER CA 62 43.35 -11.85 -8.06
CA SER CA 62 42.35 -11.93 -9.11
C SER CA 62 41.62 -13.28 -9.09
N TRP CA 63 42.38 -14.38 -9.15
CA TRP CA 63 41.80 -15.70 -8.99
C TRP CA 63 40.97 -15.85 -7.72
N SER CA 64 41.30 -15.13 -6.65
CA SER CA 64 40.51 -15.24 -5.43
C SER CA 64 39.07 -14.81 -5.68
N MET CA 65 38.88 -13.58 -6.18
CA MET CA 65 37.52 -13.12 -6.48
C MET CA 65 36.88 -13.93 -7.60
N GLY CA 66 37.70 -14.42 -8.54
CA GLY CA 66 37.16 -15.26 -9.58
C GLY CA 66 36.55 -16.54 -9.05
N ILE CA 67 37.24 -17.18 -8.10
CA ILE CA 67 36.66 -18.34 -7.43
C ILE CA 67 35.43 -17.94 -6.63
N ALA CA 68 35.48 -16.77 -5.99
CA ALA CA 68 34.43 -16.40 -5.07
C ALA CA 68 33.10 -16.19 -5.79
N ARG CA 69 33.12 -15.48 -6.91
CA ARG CA 69 31.86 -15.02 -7.51
C ARG CA 69 30.88 -16.16 -7.87
N PRO CA 70 31.28 -17.26 -8.49
CA PRO CA 70 30.27 -18.26 -8.86
C PRO CA 70 29.78 -19.03 -7.66
N VAL CA 71 30.65 -19.25 -6.68
CA VAL CA 71 30.27 -19.95 -5.46
C VAL CA 71 29.21 -19.14 -4.72
N ILE CA 72 29.32 -17.82 -4.75
CA ILE CA 72 28.34 -17.00 -4.05
C ILE CA 72 27.08 -16.83 -4.90
N GLU CA 73 27.20 -16.77 -6.22
CA GLU CA 73 26.00 -16.76 -7.05
C GLU CA 73 25.18 -18.03 -6.83
N ALA CA 74 25.87 -19.18 -6.75
CA ALA CA 74 25.17 -20.44 -6.54
C ALA CA 74 24.65 -20.54 -5.10
N TYR CA 75 25.49 -20.22 -4.14
CA TYR CA 75 25.12 -20.26 -2.72
C TYR CA 75 25.45 -18.90 -2.12
N PRO CA 76 24.46 -18.01 -1.98
CA PRO CA 76 24.76 -16.67 -1.46
C PRO CA 76 25.36 -16.67 -0.07
N TRP CA 77 24.98 -17.62 0.78
CA TRP CA 77 25.56 -17.72 2.11
C TRP CA 77 27.05 -18.04 2.08
N ALA CA 78 27.57 -18.54 0.95
CA ALA CA 78 28.95 -19.03 0.90
C ALA CA 78 29.96 -18.00 1.37
N TRP CA 79 29.63 -16.71 1.28
CA TRP CA 79 30.57 -15.68 1.70
C TRP CA 79 30.96 -15.87 3.16
N ILE CA 80 29.98 -16.16 4.04
CA ILE CA 80 30.28 -16.31 5.45
C ILE CA 80 31.18 -17.52 5.67
N TYR CA 81 31.21 -18.45 4.72
CA TYR CA 81 32.25 -19.47 4.69
C TYR CA 81 33.61 -18.82 4.50
N PHE CA 82 33.83 -18.22 3.32
CA PHE CA 82 35.13 -17.68 2.98
C PHE CA 82 35.62 -16.71 4.04
N VAL CA 83 34.78 -15.71 4.37
CA VAL CA 83 35.13 -14.71 5.35
C VAL CA 83 35.57 -15.36 6.65
N SER CA 84 34.80 -16.35 7.13
CA SER CA 84 35.16 -17.01 8.38
C SER CA 84 36.55 -17.65 8.26
N PHE CA 85 36.80 -18.35 7.16
CA PHE CA 85 38.12 -18.90 6.92
C PHE CA 85 39.21 -17.84 6.99
N ILE CA 86 38.92 -16.63 6.48
CA ILE CA 86 39.91 -15.57 6.53
C ILE CA 86 40.02 -15.01 7.93
N LEU CA 87 38.91 -15.01 8.68
CA LEU CA 87 38.95 -14.45 10.03
C LEU CA 87 39.57 -15.44 11.01
N VAL CA 88 38.95 -16.62 11.13
CA VAL CA 88 39.42 -17.63 12.07
C VAL CA 88 40.92 -17.87 11.92
N SER CA 89 41.40 -17.92 10.68
CA SER CA 89 42.84 -18.03 10.45
C SER CA 89 43.58 -16.83 11.03
N SER CA 90 43.27 -15.64 10.51
CA SER CA 90 44.08 -14.46 10.85
C SER CA 90 44.03 -14.15 12.34
N PHE CA 91 42.90 -14.41 13.00
CA PHE CA 91 42.82 -14.12 14.42
C PHE CA 91 43.49 -15.18 15.29
N THR CA 92 43.72 -16.40 14.77
CA THR CA 92 44.62 -17.30 15.47
C THR CA 92 46.03 -16.75 15.45
N VAL CA 93 46.58 -16.55 14.25
CA VAL CA 93 47.95 -16.07 14.10
C VAL CA 93 48.19 -14.89 15.02
N LEU CA 94 47.44 -13.80 14.81
CA LEU CA 94 47.58 -12.62 15.64
C LEU CA 94 47.58 -12.98 17.12
N ASN CA 95 46.54 -13.71 17.57
CA ASN CA 95 46.48 -14.08 18.98
C ASN CA 95 47.71 -14.89 19.37
N LEU CA 96 48.03 -15.92 18.60
CA LEU CA 96 49.26 -16.65 18.83
C LEU CA 96 50.45 -15.70 18.79
N PHE CA 97 50.48 -14.84 17.76
CA PHE CA 97 51.60 -13.92 17.61
C PHE CA 97 51.66 -12.92 18.76
N ILE CA 98 50.53 -12.68 19.43
CA ILE CA 98 50.54 -11.74 20.55
C ILE CA 98 50.82 -12.45 21.86
N GLY CA 99 50.77 -13.78 21.88
CA GLY CA 99 51.10 -14.54 23.08
C GLY CA 99 52.59 -14.76 23.20
N ILE CA 100 53.24 -15.01 22.06
CA ILE CA 100 54.69 -15.17 22.04
C ILE CA 100 55.36 -13.98 22.70
N ILE CA 101 54.92 -12.77 22.34
CA ILE CA 101 55.52 -11.56 22.88
C ILE CA 101 55.43 -11.55 24.40
N ILE CA 102 54.33 -12.07 24.95
CA ILE CA 102 54.20 -12.15 26.40
C ILE CA 102 55.08 -13.26 26.96
N GLU CA 103 55.16 -14.39 26.25
CA GLU CA 103 56.05 -15.48 26.66
C GLU CA 103 57.49 -15.24 26.25
N SER CA 104 57.78 -14.15 25.55
CA SER CA 104 59.15 -13.74 25.26
C SER CA 104 59.66 -12.63 26.18
N MET CA 105 58.76 -11.91 26.85
CA MET CA 105 59.09 -10.89 27.82
C MET CA 105 59.33 -11.49 29.20
N GLN CA 106 59.46 -12.81 29.25
CA GLN CA 106 59.67 -13.59 30.46
C GLN CA 106 61.15 -13.91 30.69
N SER CA 107 62.02 -13.52 29.77
CA SER CA 107 63.38 -14.06 29.68
C SER CA 107 64.41 -13.30 30.51
N ALA CA 108 64.00 -12.29 31.29
CA ALA CA 108 64.94 -11.69 32.23
C ALA CA 108 65.46 -12.73 33.23
N HIS CA 109 64.53 -13.54 33.77
CA HIS CA 109 64.88 -14.71 34.56
C HIS CA 109 65.90 -15.58 33.82
N HIS CA 110 65.82 -15.61 32.49
CA HIS CA 110 66.77 -16.41 31.72
C HIS CA 110 68.15 -15.80 31.79
N ALA CA 111 68.24 -14.47 31.70
CA ALA CA 111 69.53 -13.79 31.81
C ALA CA 111 70.18 -14.06 33.17
N GLU CA 112 69.38 -14.02 34.24
CA GLU CA 112 69.88 -14.44 35.54
C GLU CA 112 70.37 -15.89 35.50
N ASP CA 113 69.62 -16.76 34.81
CA ASP CA 113 70.03 -18.16 34.69
C ASP CA 113 71.47 -18.26 34.20
N GLY CA 114 71.75 -17.67 33.03
CA GLY CA 114 73.11 -17.67 32.52
C GLY CA 114 74.11 -17.10 33.51
N GLU CA 115 73.73 -16.04 34.23
CA GLU CA 115 74.66 -15.45 35.18
C GLU CA 115 74.89 -16.37 36.36
N ARG CA 116 73.86 -17.14 36.75
CA ARG CA 116 74.06 -18.19 37.75
C ARG CA 116 74.88 -19.34 37.20
N THR CA 117 74.89 -19.53 35.88
CA THR CA 117 75.78 -20.52 35.28
C THR CA 117 77.24 -20.09 35.43
N ASP CA 118 77.52 -18.82 35.16
CA ASP CA 118 78.88 -18.29 35.29
C ASP CA 118 79.42 -18.50 36.70
N ALA CA 119 78.79 -17.83 37.68
CA ALA CA 119 79.33 -17.82 39.03
C ALA CA 119 79.44 -19.22 39.61
N TYR CA 120 78.44 -20.06 39.39
CA TYR CA 120 78.46 -21.40 39.95
C TYR CA 120 79.57 -22.22 39.31
N ARG CA 121 79.80 -22.03 38.00
CA ARG CA 121 80.78 -22.87 37.32
C ARG CA 121 82.21 -22.52 37.74
N ASP CA 122 82.43 -21.31 38.26
CA ASP CA 122 83.67 -21.04 38.96
C ASP CA 122 83.81 -21.95 40.17
N GLU CA 123 82.79 -21.95 41.03
CA GLU CA 123 82.82 -22.73 42.27
C GLU CA 123 83.06 -24.21 42.02
N VAL CA 124 82.77 -24.70 40.81
CA VAL CA 124 83.03 -26.11 40.50
C VAL CA 124 84.53 -26.35 40.41
N PRO DA 12 51.66 -36.03 27.51
CA PRO DA 12 51.41 -35.13 28.64
C PRO DA 12 50.10 -35.46 29.36
N GLY DA 13 49.49 -34.44 29.97
CA GLY DA 13 48.18 -34.60 30.55
C GLY DA 13 47.09 -34.25 29.56
N ILE DA 14 47.21 -34.77 28.34
CA ILE DA 14 46.26 -34.43 27.27
C ILE DA 14 44.92 -35.13 27.44
N ALA DA 15 44.82 -36.09 28.35
CA ALA DA 15 43.52 -36.64 28.71
C ALA DA 15 42.81 -35.76 29.75
N TRP DA 16 43.57 -35.00 30.53
CA TRP DA 16 42.98 -33.96 31.38
C TRP DA 16 42.31 -32.88 30.55
N ILE DA 17 42.63 -32.79 29.26
CA ILE DA 17 41.94 -31.87 28.37
C ILE DA 17 40.54 -32.39 28.05
N ALA DA 18 40.43 -33.67 27.71
CA ALA DA 18 39.14 -34.26 27.32
C ALA DA 18 38.09 -34.13 28.41
N LEU DA 19 38.50 -33.91 29.67
CA LEU DA 19 37.53 -33.64 30.72
C LEU DA 19 36.71 -32.40 30.40
N LEU DA 20 37.36 -31.34 29.91
CA LEU DA 20 36.64 -30.13 29.52
C LEU DA 20 35.68 -30.39 28.37
N LEU DA 21 36.10 -31.21 27.39
CA LEU DA 21 35.23 -31.50 26.26
C LEU DA 21 34.02 -32.33 26.69
N LEU DA 22 34.22 -33.26 27.62
CA LEU DA 22 33.07 -33.98 28.17
C LEU DA 22 32.18 -33.06 28.98
N VAL DA 23 32.74 -32.05 29.65
CA VAL DA 23 31.91 -31.07 30.35
C VAL DA 23 31.04 -30.31 29.35
N ILE DA 24 31.62 -29.94 28.21
CA ILE DA 24 30.85 -29.21 27.19
C ILE DA 24 29.76 -30.11 26.61
N PHE DA 25 30.12 -31.36 26.26
CA PHE DA 25 29.10 -32.33 25.86
C PHE DA 25 27.99 -32.40 26.90
N TYR DA 26 28.35 -32.45 28.18
CA TYR DA 26 27.35 -32.59 29.24
C TYR DA 26 26.42 -31.39 29.28
N VAL DA 27 26.98 -30.19 29.24
CA VAL DA 27 26.14 -29.00 29.38
C VAL DA 27 25.22 -28.85 28.17
N PHE DA 28 25.74 -29.09 26.97
CA PHE DA 28 24.86 -28.99 25.80
C PHE DA 28 23.86 -30.15 25.74
N ALA DA 29 24.20 -31.30 26.31
CA ALA DA 29 23.24 -32.40 26.34
C ALA DA 29 22.12 -32.11 27.31
N VAL DA 30 22.46 -31.50 28.46
CA VAL DA 30 21.42 -31.06 29.39
C VAL DA 30 20.54 -30.00 28.74
N MET DA 31 21.16 -29.09 27.98
CA MET DA 31 20.37 -28.11 27.24
C MET DA 31 19.41 -28.79 26.27
N GLY DA 32 19.92 -29.70 25.44
CA GLY DA 32 19.06 -30.39 24.50
C GLY DA 32 17.97 -31.19 25.18
N THR DA 33 18.27 -31.74 26.36
CA THR DA 33 17.25 -32.45 27.12
C THR DA 33 16.16 -31.50 27.59
N LYS DA 34 16.57 -30.36 28.15
CA LYS DA 34 15.60 -29.39 28.64
C LYS DA 34 14.77 -28.81 27.51
N LEU DA 35 15.32 -28.75 26.30
CA LEU DA 35 14.64 -28.09 25.18
C LEU DA 35 13.77 -29.04 24.37
N PHE DA 36 14.25 -30.26 24.11
CA PHE DA 36 13.67 -31.10 23.08
C PHE DA 36 13.17 -32.45 23.56
N ALA DA 37 13.21 -32.73 24.86
CA ALA DA 37 12.84 -34.06 25.34
C ALA DA 37 11.37 -34.35 25.10
N GLN DA 38 10.49 -33.40 25.40
CA GLN DA 38 9.06 -33.63 25.23
C GLN DA 38 8.70 -33.85 23.77
N SER DA 39 9.39 -33.16 22.86
CA SER DA 39 9.03 -33.18 21.45
C SER DA 39 9.82 -34.18 20.62
N PHE DA 40 11.07 -34.45 20.98
CA PHE DA 40 11.91 -35.42 20.27
C PHE DA 40 12.49 -36.39 21.30
N PRO DA 41 11.69 -37.35 21.76
CA PRO DA 41 12.17 -38.21 22.85
C PRO DA 41 13.30 -39.14 22.45
N GLU DA 42 13.26 -39.70 21.24
CA GLU DA 42 14.30 -40.65 20.86
C GLU DA 42 15.66 -39.97 20.72
N TRP DA 43 15.67 -38.67 20.42
CA TRP DA 43 16.92 -37.94 20.23
C TRP DA 43 17.37 -37.19 21.47
N PHE DA 44 16.44 -36.74 22.32
CA PHE DA 44 16.79 -35.92 23.48
C PHE DA 44 16.01 -36.30 24.74
N GLY DA 45 15.38 -37.48 24.78
CA GLY DA 45 14.57 -37.84 25.92
C GLY DA 45 15.35 -38.20 27.15
N THR DA 46 16.61 -38.60 26.99
CA THR DA 46 17.49 -38.91 28.12
C THR DA 46 18.80 -38.15 27.93
N LEU DA 47 19.61 -38.12 28.99
CA LEU DA 47 20.92 -37.50 28.88
C LEU DA 47 21.79 -38.27 27.90
N GLY DA 48 21.70 -39.60 27.91
CA GLY DA 48 22.44 -40.40 26.94
C GLY DA 48 22.00 -40.10 25.52
N ALA DA 49 20.69 -39.98 25.30
CA ALA DA 49 20.20 -39.67 23.96
C ALA DA 49 20.69 -38.31 23.50
N SER DA 50 20.72 -37.34 24.40
CA SER DA 50 21.21 -36.00 24.04
C SER DA 50 22.70 -36.04 23.71
N MET DA 51 23.49 -36.73 24.54
CA MET DA 51 24.91 -36.93 24.25
C MET DA 51 25.10 -37.53 22.87
N TYR DA 52 24.36 -38.60 22.59
CA TYR DA 52 24.53 -39.33 21.33
C TYR DA 52 24.12 -38.45 20.16
N THR DA 53 23.01 -37.73 20.28
CA THR DA 53 22.55 -36.88 19.20
C THR DA 53 23.51 -35.73 18.95
N LEU DA 54 24.08 -35.14 20.01
CA LEU DA 54 25.08 -34.09 19.82
C LEU DA 54 26.31 -34.63 19.12
N PHE DA 55 26.74 -35.85 19.49
CA PHE DA 55 27.87 -36.45 18.78
C PHE DA 55 27.54 -36.65 17.30
N GLN DA 56 26.34 -37.16 17.01
CA GLN DA 56 25.94 -37.39 15.63
C GLN DA 56 25.88 -36.10 14.83
N VAL DA 57 25.43 -35.01 15.47
CA VAL DA 57 25.43 -33.72 14.80
C VAL DA 57 26.85 -33.21 14.58
N MET DA 58 27.72 -33.42 15.57
CA MET DA 58 29.11 -32.98 15.44
C MET DA 58 29.83 -33.73 14.34
N THR DA 59 29.38 -34.95 14.03
CA THR DA 59 29.96 -35.68 12.90
C THR DA 59 29.82 -34.91 11.59
N LEU DA 60 28.76 -34.10 11.46
CA LEU DA 60 28.48 -33.34 10.25
C LEU DA 60 28.38 -34.26 9.04
N GLU DA 61 27.48 -35.24 9.16
CA GLU DA 61 27.30 -36.26 8.13
C GLU DA 61 25.83 -36.31 7.71
N SER DA 62 25.44 -37.33 6.96
CA SER DA 62 24.06 -37.46 6.52
C SER DA 62 23.09 -37.47 7.71
N TRP DA 63 23.32 -38.41 8.64
CA TRP DA 63 22.54 -38.42 9.88
C TRP DA 63 22.54 -37.08 10.61
N SER DA 64 23.62 -36.29 10.50
CA SER DA 64 23.64 -35.01 11.18
C SER DA 64 22.53 -34.09 10.67
N MET DA 65 22.48 -33.87 9.36
CA MET DA 65 21.41 -33.05 8.80
C MET DA 65 20.05 -33.71 8.96
N GLY DA 66 20.00 -35.03 8.93
CA GLY DA 66 18.74 -35.73 9.16
C GLY DA 66 18.17 -35.44 10.53
N ILE DA 67 19.03 -35.45 11.56
CA ILE DA 67 18.59 -35.06 12.89
C ILE DA 67 18.21 -33.60 12.91
N ALA DA 68 18.96 -32.77 12.19
CA ALA DA 68 18.77 -31.32 12.30
C ALA DA 68 17.40 -30.91 11.76
N ARG DA 69 17.03 -31.42 10.59
CA ARG DA 69 15.86 -30.85 9.90
C ARG DA 69 14.56 -30.90 10.70
N PRO DA 70 14.17 -31.99 11.38
CA PRO DA 70 12.87 -31.96 12.07
C PRO DA 70 12.92 -31.12 13.30
N VAL DA 71 14.07 -31.08 13.99
CA VAL DA 71 14.24 -30.26 15.18
C VAL DA 71 14.07 -28.79 14.82
N ILE DA 72 14.56 -28.40 13.65
CA ILE DA 72 14.43 -27.00 13.25
C ILE DA 72 13.04 -26.71 12.68
N GLU DA 73 12.42 -27.67 11.99
CA GLU DA 73 11.03 -27.47 11.58
C GLU DA 73 10.13 -27.28 12.78
N ALA DA 74 10.34 -28.07 13.84
CA ALA DA 74 9.52 -27.94 15.03
C ALA DA 74 9.89 -26.69 15.81
N TYR DA 75 11.17 -26.43 16.01
CA TYR DA 75 11.65 -25.25 16.71
C TYR DA 75 12.66 -24.55 15.82
N PRO DA 76 12.26 -23.51 15.10
CA PRO DA 76 13.18 -22.85 14.17
C PRO DA 76 14.42 -22.28 14.84
N TRP DA 77 14.29 -21.81 16.09
CA TRP DA 77 15.45 -21.30 16.82
C TRP DA 77 16.48 -22.39 17.11
N ALA DA 78 16.11 -23.67 17.01
CA ALA DA 78 16.99 -24.76 17.43
C ALA DA 78 18.36 -24.70 16.77
N TRP DA 79 18.45 -24.07 15.58
CA TRP DA 79 19.73 -24.00 14.89
C TRP DA 79 20.78 -23.32 15.78
N ILE DA 80 20.42 -22.21 16.43
CA ILE DA 80 21.39 -21.49 17.24
C ILE DA 80 21.83 -22.36 18.42
N TYR DA 81 21.03 -23.36 18.78
CA TYR DA 81 21.50 -24.42 19.66
C TYR DA 81 22.66 -25.18 19.02
N PHE DA 82 22.36 -25.89 17.93
CA PHE DA 82 23.35 -26.76 17.31
C PHE DA 82 24.62 -25.98 16.97
N VAL DA 83 24.45 -24.86 16.25
CA VAL DA 83 25.58 -24.04 15.84
C VAL DA 83 26.44 -23.67 17.05
N SER DA 84 25.79 -23.23 18.14
CA SER DA 84 26.55 -22.85 19.32
C SER DA 84 27.37 -24.03 19.84
N PHE DA 85 26.73 -25.21 19.91
CA PHE DA 85 27.45 -26.41 20.31
C PHE DA 85 28.66 -26.66 19.42
N ILE DA 86 28.53 -26.38 18.11
CA ILE DA 86 29.65 -26.59 17.21
C ILE DA 86 30.69 -25.49 17.40
N LEU DA 87 30.26 -24.28 17.74
CA LEU DA 87 31.20 -23.18 17.91
C LEU DA 87 31.91 -23.27 19.25
N VAL DA 88 31.13 -23.22 20.34
CA VAL DA 88 31.70 -23.24 21.69
C VAL DA 88 32.70 -24.39 21.84
N SER DA 89 32.37 -25.56 21.29
CA SER DA 89 33.32 -26.66 21.30
C SER DA 89 34.58 -26.30 20.52
N SER DA 90 34.44 -26.03 19.22
CA SER DA 90 35.61 -25.87 18.37
C SER DA 90 36.50 -24.71 18.81
N PHE DA 91 35.91 -23.65 19.35
CA PHE DA 91 36.71 -22.51 19.77
C PHE DA 91 37.37 -22.74 21.13
N THR DA 92 36.89 -23.68 21.94
CA THR DA 92 37.68 -24.10 23.09
C THR DA 92 38.94 -24.81 22.62
N VAL DA 93 38.77 -25.89 21.86
CA VAL DA 93 39.90 -26.70 21.38
C VAL DA 93 40.96 -25.79 20.79
N LEU DA 94 40.60 -25.07 19.74
CA LEU DA 94 41.54 -24.15 19.10
C LEU DA 94 42.24 -23.27 20.13
N ASN DA 95 41.46 -22.58 20.97
CA ASN DA 95 42.06 -21.72 21.98
C ASN DA 95 42.99 -22.52 22.88
N LEU DA 96 42.48 -23.63 23.42
CA LEU DA 96 43.34 -24.52 24.19
C LEU DA 96 44.53 -24.95 23.35
N PHE DA 97 44.27 -25.36 22.10
CA PHE DA 97 45.33 -25.83 21.23
C PHE DA 97 46.32 -24.72 20.90
N ILE DA 98 45.89 -23.45 21.00
CA ILE DA 98 46.81 -22.35 20.72
C ILE DA 98 47.52 -21.90 21.98
N GLY DA 99 47.08 -22.33 23.15
CA GLY DA 99 47.76 -22.01 24.40
C GLY DA 99 48.91 -22.95 24.66
N ILE DA 100 48.71 -24.23 24.35
CA ILE DA 100 49.77 -25.23 24.49
C ILE DA 100 51.02 -24.76 23.77
N ILE DA 101 50.86 -24.29 22.53
CA ILE DA 101 52.00 -23.84 21.73
C ILE DA 101 52.76 -22.75 22.45
N ILE DA 102 52.06 -21.87 23.17
CA ILE DA 102 52.75 -20.85 23.94
C ILE DA 102 53.40 -21.45 25.17
N GLU DA 103 52.70 -22.36 25.84
CA GLU DA 103 53.26 -23.05 27.00
C GLU DA 103 54.25 -24.15 26.61
N SER DA 104 54.42 -24.41 25.31
CA SER DA 104 55.46 -25.32 24.84
C SER DA 104 56.69 -24.61 24.32
N MET DA 105 56.58 -23.32 23.98
CA MET DA 105 57.70 -22.50 23.55
C MET DA 105 58.46 -21.92 24.75
N GLN DA 106 58.20 -22.44 25.95
CA GLN DA 106 58.81 -22.01 27.18
C GLN DA 106 59.90 -22.97 27.66
N SER DA 107 60.23 -23.98 26.85
CA SER DA 107 61.05 -25.10 27.29
C SER DA 107 62.54 -24.92 27.02
N ALA DA 108 62.97 -23.76 26.51
CA ALA DA 108 64.41 -23.49 26.45
C ALA DA 108 65.02 -23.51 27.85
N HIS DA 109 64.35 -22.86 28.81
CA HIS DA 109 64.72 -22.98 30.22
C HIS DA 109 64.81 -24.44 30.65
N HIS DA 110 64.00 -25.31 30.04
CA HIS DA 110 64.07 -26.73 30.38
C HIS DA 110 65.38 -27.34 29.88
N ALA DA 111 65.81 -26.96 28.68
CA ALA DA 111 67.08 -27.45 28.14
C ALA DA 111 68.25 -27.03 29.04
N GLU DA 112 68.22 -25.78 29.52
CA GLU DA 112 69.20 -25.36 30.52
C GLU DA 112 69.10 -26.22 31.76
N ASP DA 113 67.88 -26.55 32.19
CA ASP DA 113 67.68 -27.40 33.36
C ASP DA 113 68.49 -28.69 33.23
N GLY DA 114 68.26 -29.44 32.16
CA GLY DA 114 69.02 -30.65 31.92
C GLY DA 114 70.53 -30.41 31.91
N GLU DA 115 70.95 -29.29 31.32
CA GLU DA 115 72.38 -29.00 31.28
C GLU DA 115 72.93 -28.70 32.66
N ARG DA 116 72.11 -28.07 33.52
CA ARG DA 116 72.50 -27.88 34.90
C ARG DA 116 72.36 -29.16 35.73
N THR DA 117 71.68 -30.18 35.18
CA THR DA 117 71.73 -31.50 35.79
C THR DA 117 73.06 -32.17 35.49
N ASP DA 118 73.54 -32.06 34.26
CA ASP DA 118 74.82 -32.64 33.85
C ASP DA 118 75.95 -32.10 34.72
N ALA DA 119 76.20 -30.79 34.62
CA ALA DA 119 77.38 -30.20 35.26
C ALA DA 119 77.34 -30.39 36.77
N TYR DA 120 76.17 -30.21 37.37
CA TYR DA 120 76.06 -30.38 38.82
C TYR DA 120 76.38 -31.81 39.23
N ARG DA 121 75.98 -32.80 38.41
CA ARG DA 121 76.21 -34.17 38.83
C ARG DA 121 77.67 -34.58 38.71
N ASP DA 122 78.47 -33.88 37.92
CA ASP DA 122 79.91 -33.98 38.10
C ASP DA 122 80.28 -33.61 39.52
N GLU DA 123 79.88 -32.39 39.93
CA GLU DA 123 80.19 -31.86 41.26
C GLU DA 123 79.95 -32.90 42.34
N VAL DA 124 78.87 -33.69 42.20
CA VAL DA 124 78.48 -34.59 43.27
C VAL DA 124 79.50 -35.69 43.45
C 4NB EA . 30.98 20.06 38.44
O1 4NB EA . 30.32 19.63 39.44
O2 4NB EA . 30.43 20.82 37.59
C1 4NB EA . 32.43 19.65 38.27
C2 4NB EA . 33.00 19.61 37.01
C3 4NB EA . 34.32 19.23 36.85
C4 4NB EA . 35.08 18.88 37.96
C5 4NB EA . 34.51 18.91 39.22
C6 4NB EA . 33.19 19.30 39.38
N 4NB EA . 36.46 18.46 37.81
O1' 4NB EA . 37.08 18.52 36.54
O2' 4NB EA . 37.05 18.05 38.74
C 4NB FA . 31.67 12.03 49.09
O1 4NB FA . 31.88 12.85 50.02
O2 4NB FA . 30.75 11.18 49.17
C1 4NB FA . 32.56 12.07 47.84
C2 4NB FA . 33.35 13.18 47.58
C3 4NB FA . 34.15 13.21 46.45
C4 4NB FA . 34.16 12.14 45.58
C5 4NB FA . 33.37 11.02 45.84
C6 4NB FA . 32.57 11.00 46.96
N 4NB FA . 34.99 12.16 44.39
O1' 4NB FA . 35.11 11.03 43.58
O2' 4NB FA . 35.58 13.15 44.11
O1 LHG GA . 4.69 3.36 34.17
C1 LHG GA . 5.29 2.22 33.58
C2 LHG GA . 6.07 2.63 32.34
O2 LHG GA . 7.13 1.72 32.08
C3 LHG GA . 6.71 4.00 32.44
O3 LHG GA . 7.34 4.08 31.18
P LHG GA . 8.61 5.06 30.91
O4 LHG GA . 8.36 5.78 29.63
O5 LHG GA . 9.01 5.53 32.25
O6 LHG GA . 9.65 3.84 30.44
C4 LHG GA . 9.76 3.46 29.08
C5 LHG GA . 8.91 2.19 28.97
C6 LHG GA . 8.00 2.18 27.73
O7 LHG GA . 9.81 1.05 28.92
C7 LHG GA . 10.39 0.77 27.71
O9 LHG GA . 9.90 -0.01 26.92
C8 LHG GA . 11.86 1.04 27.80
C9 LHG GA . 12.55 0.45 26.59
C10 LHG GA . 12.56 1.46 25.46
O8 LHG GA . 8.58 3.17 26.85
C23 LHG GA . 7.76 4.14 26.35
O10 LHG GA . 6.55 3.99 26.43
C24 LHG GA . 8.34 5.35 25.62
C11 LHG GA . 12.43 0.57 24.25
C12 LHG GA . 13.66 0.71 23.40
C13 LHG GA . 14.66 -0.35 23.81
C14 LHG GA . 15.21 -1.10 22.62
C15 LHG GA . 14.35 -2.34 22.46
C16 LHG GA . 15.09 -3.35 21.62
C17 LHG GA . 14.39 -4.71 21.70
C18 LHG GA . 15.44 -5.67 21.21
C19 LHG GA . 15.86 -5.45 19.78
C20 LHG GA . 16.58 -6.75 19.45
C21 LHG GA . 16.69 -6.92 17.96
C22 LHG GA . 15.87 -8.13 17.55
C25 LHG GA . 7.66 6.69 25.87
C26 LHG GA . 7.72 7.69 24.71
C27 LHG GA . 9.13 8.25 24.81
C28 LHG GA . 10.01 8.07 23.59
C29 LHG GA . 11.09 7.06 23.97
C30 LHG GA . 12.53 7.42 23.63
C31 LHG GA . 13.57 6.31 23.78
C32 LHG GA . 14.97 6.63 23.26
C33 LHG GA . 15.24 5.73 22.06
C34 LHG GA . 16.42 4.78 22.21
C35 LHG GA . 17.16 4.57 20.89
C36 LHG GA . 17.01 3.11 20.46
C37 LHG GA . 18.27 2.70 19.77
C38 LHG GA . 18.45 3.30 18.38
C1 OCT HA . 17.42 1.69 30.38
C2 OCT HA . 18.78 1.83 31.08
C3 OCT HA . 19.66 0.63 30.74
C4 OCT HA . 21.12 0.98 31.04
C5 OCT HA . 21.73 -0.13 31.90
C6 OCT HA . 23.24 -0.20 31.65
C7 OCT HA . 23.48 -0.67 30.22
C8 OCT HA . 24.83 -1.38 30.14
O1 PE4 IA . 15.46 1.16 50.23
C1 PE4 IA . 15.45 0.75 48.89
C2 PE4 IA . 16.70 -0.08 48.60
O2 PE4 IA . 16.81 -0.31 47.22
C3 PE4 IA . 17.43 -1.53 46.90
C4 PE4 IA . 18.86 -1.56 47.47
O3 PE4 IA . 19.71 -2.21 46.56
C5 PE4 IA . 20.94 -1.57 46.36
C6 PE4 IA . 20.93 -0.77 45.06
O4 PE4 IA . 19.98 0.25 45.12
C7 PE4 IA . 19.03 0.20 44.10
C8 PE4 IA . 17.83 1.08 44.43
O5 PE4 IA . 16.87 1.01 43.40
C9 PE4 IA . 17.36 1.24 42.11
C10 PE4 IA . 17.59 2.73 41.88
O6 PE4 IA . 18.71 2.93 41.06
C11 PE4 IA . 19.84 2.17 41.41
C12 PE4 IA . 21.09 2.73 40.75
O7 PE4 IA . 21.04 2.50 39.37
C13 PE4 IA . 20.63 3.61 38.62
C14 PE4 IA . 19.45 3.22 37.72
O8 PE4 IA . 19.86 3.14 36.38
C15 PE4 IA . 21.00 2.34 36.18
C16 PE4 IA . 20.81 1.49 34.92
C1 OCT JA . 33.05 5.03 20.96
C2 OCT JA . 32.64 4.76 19.52
C3 OCT JA . 31.61 5.80 19.08
C4 OCT JA . 31.16 5.52 17.65
C5 OCT JA . 30.31 6.68 17.13
C6 OCT JA . 29.51 6.26 15.89
C7 OCT JA . 28.69 7.44 15.38
C8 OCT JA . 27.74 7.00 14.27
C1 LNK KA . 24.35 4.73 30.09
C2 LNK KA . 23.97 3.86 28.90
C3 LNK KA . 22.47 3.92 28.67
C4 LNK KA . 22.07 2.96 27.56
C5 LNK KA . 20.62 3.22 27.13
O1 LHG LA . -16.30 35.94 1.92
C1 LHG LA . -15.43 35.22 1.05
C2 LHG LA . -14.99 33.95 1.74
O2 LHG LA . -14.35 34.23 2.97
C3 LHG LA . -14.00 33.14 0.93
O3 LHG LA . -14.70 31.90 0.86
P LHG LA . -14.06 30.62 0.10
O4 LHG LA . -14.47 30.70 -1.34
O5 LHG LA . -12.74 30.44 0.77
O6 LHG LA . -15.12 29.50 0.72
C4 LHG LA . -14.69 28.18 0.93
C5 LHG LA . -15.98 27.34 0.89
C6 LHG LA . -17.10 27.96 1.71
O7 LHG LA . -16.39 27.26 -0.47
C7 LHG LA . -15.91 26.15 -1.12
O9 LHG LA . -14.99 25.48 -0.68
C8 LHG LA . -16.43 26.11 -2.52
C9 LHG LA . -17.45 24.99 -2.68
C10 LHG LA . -16.83 23.64 -2.37
O8 LHG LA . -17.84 26.86 2.33
C23 LHG LA . -17.34 25.58 2.28
O10 LHG LA . -17.79 24.83 1.42
C24 LHG LA . -16.80 24.93 3.57
C11 LHG LA . -17.28 22.79 -3.53
C12 LHG LA . -18.68 22.30 -3.30
C13 LHG LA . -18.85 20.97 -4.02
C14 LHG LA . -20.18 20.85 -4.73
C15 LHG LA . -20.32 19.41 -5.18
C16 LHG LA . -19.22 19.07 -6.17
C17 LHG LA . -19.52 17.76 -6.90
C18 LHG LA . -18.24 17.46 -7.65
C19 LHG LA . -18.46 16.97 -9.07
C20 LHG LA . -18.80 15.49 -8.87
C21 LHG LA . -19.21 14.88 -10.18
C22 LHG LA . -17.96 14.63 -11.02
C25 LHG LA . -15.84 23.75 3.42
C26 LHG LA . -16.42 22.42 2.91
C27 LHG LA . -16.90 21.73 4.17
C28 LHG LA . -17.48 20.33 3.99
C29 LHG LA . -18.59 20.45 2.93
C30 LHG LA . -19.85 19.62 3.17
C31 LHG LA . -20.67 19.27 1.94
C32 LHG LA . -21.47 17.96 2.03
C33 LHG LA . -21.90 17.56 0.63
C34 LHG LA . -22.44 16.15 0.49
C35 LHG LA . -22.47 15.69 -0.97
C36 LHG LA . -22.32 14.17 -0.99
C37 LHG LA . -22.99 13.66 -2.24
C38 LHG LA . -22.46 14.26 -3.53
OH2 1PE MA . -29.16 42.29 -7.37
C12 1PE MA . -28.78 40.98 -7.72
C22 1PE MA . -27.47 40.65 -7.00
OH3 1PE MA . -27.72 40.20 -5.70
C13 1PE MA . -28.57 37.95 -5.79
C23 1PE MA . -27.39 38.86 -5.45
OH4 1PE MA . -28.81 37.03 -4.76
C14 1PE MA . -27.75 35.82 -2.97
C24 1PE MA . -27.73 36.18 -4.45
OH5 1PE MA . -28.59 34.72 -2.75
C15 1PE MA . -29.01 32.35 -2.91
C25 1PE MA . -28.18 33.54 -3.40
OH6 1PE MA . -28.15 31.25 -2.73
C16 1PE MA . -28.91 29.75 -4.44
C26 1PE MA . -28.75 30.01 -2.94
OH7 1PE MA . -29.04 28.37 -4.66
C 4NB NA . -47.73 12.49 8.95
O1 4NB NA . -47.88 12.67 10.19
O2 4NB NA . -48.23 13.30 8.13
C1 4NB NA . -46.94 11.27 8.46
C2 4NB NA . -47.30 10.62 7.28
C3 4NB NA . -46.57 9.52 6.85
C4 4NB NA . -45.49 9.06 7.59
C5 4NB NA . -45.13 9.72 8.76
C6 4NB NA . -45.86 10.82 9.19
N 4NB NA . -44.72 7.91 7.15
O1' 4NB NA . -43.81 7.29 8.02
O2' 4NB NA . -44.85 7.49 6.06
C 4NB OA . -43.85 28.91 10.31
O1 4NB OA . -43.41 28.25 11.29
O2 4NB OA . -43.28 29.98 9.96
C1 4NB OA . -45.05 28.38 9.52
C2 4NB OA . -45.96 29.25 8.96
C3 4NB OA . -47.04 28.76 8.25
C4 4NB OA . -47.22 27.39 8.10
C5 4NB OA . -46.29 26.52 8.66
C6 4NB OA . -45.22 27.01 9.38
N 4NB OA . -48.34 26.87 7.35
O1' 4NB OA . -48.70 25.52 7.45
O2' 4NB OA . -48.95 27.58 6.63
C1 OCT PA . -24.29 20.72 -1.15
C2 OCT PA . -25.39 20.42 -2.16
C3 OCT PA . -26.54 21.42 -1.99
C4 OCT PA . -27.68 21.07 -2.95
C5 OCT PA . -28.98 21.66 -2.39
C6 OCT PA . -30.11 21.47 -3.39
C7 OCT PA . -31.43 21.90 -2.76
C8 OCT PA . -31.34 23.33 -2.24
C 4NB QA . 11.66 -16.30 49.16
O1 4NB QA . 11.27 -17.45 48.80
O2 4NB QA . 10.89 -15.31 49.13
C1 4NB QA . 13.11 -16.12 49.61
C2 4NB QA . 13.79 -14.95 49.30
C3 4NB QA . 15.11 -14.79 49.72
C4 4NB QA . 15.73 -15.81 50.43
C5 4NB QA . 15.05 -16.97 50.74
C6 4NB QA . 13.73 -17.13 50.33
N 4NB QA . 17.12 -15.66 50.88
O1' 4NB QA . 17.93 -14.66 50.34
O2' 4NB QA . 17.55 -16.41 51.68
O1 LHG RA . 2.15 -27.96 21.72
C1 LHG RA . 3.46 -27.55 22.09
C2 LHG RA . 4.00 -26.58 21.05
O2 LHG RA . 4.61 -27.29 19.98
C3 LHG RA . 5.06 -25.65 21.57
O3 LHG RA . 4.86 -24.56 20.71
P LHG RA . 6.02 -23.46 20.44
O4 LHG RA . 6.47 -22.94 21.77
O5 LHG RA . 6.77 -23.99 19.27
O6 LHG RA . 4.99 -22.26 19.91
C4 LHG RA . 4.71 -22.10 18.56
C5 LHG RA . 4.65 -20.58 18.37
C6 LHG RA . 3.27 -20.02 18.70
O7 LHG RA . 5.58 -20.03 19.29
C7 LHG RA . 6.82 -19.84 18.77
O9 LHG RA . 7.03 -19.08 17.84
C8 LHG RA . 7.85 -20.48 19.62
C9 LHG RA . 9.22 -20.03 19.20
C10 LHG RA . 9.72 -18.94 20.13
O8 LHG RA . 3.22 -20.01 20.14
C23 LHG RA . 2.31 -19.18 20.73
O10 LHG RA . 1.56 -19.62 21.58
C24 LHG RA . 2.46 -17.66 20.61
C11 LHG RA . 9.62 -17.71 19.27
C12 LHG RA . 10.68 -16.74 19.67
C13 LHG RA . 12.02 -17.38 19.42
C14 LHG RA . 12.99 -16.41 18.80
C15 LHG RA . 12.47 -16.10 17.41
C16 LHG RA . 13.22 -14.92 16.85
C17 LHG RA . 14.07 -15.34 15.66
C18 LHG RA . 15.15 -14.29 15.63
C19 LHG RA . 15.92 -14.21 14.34
C20 LHG RA . 16.37 -12.76 14.32
C21 LHG RA . 15.18 -11.86 14.16
C22 LHG RA . 15.55 -10.48 14.66
C25 LHG RA . 1.19 -16.87 20.72
C26 LHG RA . 0.89 -16.25 22.08
C27 LHG RA . 1.88 -15.11 22.18
C28 LHG RA . 1.78 -14.24 23.41
C29 LHG RA . 2.77 -13.11 23.20
C30 LHG RA . 2.39 -11.75 23.78
C31 LHG RA . 3.37 -10.63 23.51
C32 LHG RA . 4.12 -10.05 24.72
C33 LHG RA . 4.35 -11.16 25.74
C34 LHG RA . 5.51 -12.12 25.46
C35 LHG RA . 6.67 -11.44 24.77
C36 LHG RA . 7.74 -12.50 24.55
C37 LHG RA . 8.74 -11.92 23.59
C38 LHG RA . 9.80 -12.90 23.15
OH2 1PE SA . 16.57 -17.61 28.96
C12 1PE SA . 17.20 -18.84 29.10
C22 1PE SA . 16.78 -19.82 28.00
OH3 1PE SA . 17.16 -21.13 28.32
C13 1PE SA . 16.36 -23.23 29.23
C23 1PE SA . 16.11 -22.07 28.25
OH4 1PE SA . 15.19 -23.60 29.89
C14 1PE SA . 14.18 -25.42 31.19
C24 1PE SA . 14.95 -24.99 29.93
OH5 1PE SA . 13.54 -26.64 30.94
C15 1PE SA . 12.90 -28.89 31.56
C25 1PE SA . 13.75 -27.66 31.89
OH6 1PE SA . 13.51 -30.04 32.07
C16 1PE SA . 14.27 -32.28 31.74
C26 1PE SA . 13.20 -31.24 31.42
OH7 1PE SA . 13.90 -33.56 31.27
C 4NB TA . 24.55 -0.53 48.12
O1 4NB TA . 25.23 -1.05 49.06
O2 4NB TA . 23.31 -0.38 48.26
C1 4NB TA . 25.25 -0.12 46.83
C2 4NB TA . 25.40 1.23 46.53
C3 4NB TA . 26.02 1.61 45.35
C4 4NB TA . 26.49 0.64 44.48
C5 4NB TA . 26.34 -0.70 44.78
C6 4NB TA . 25.71 -1.09 45.96
N 4NB TA . 27.15 1.03 43.25
O1' 4NB TA . 28.27 0.30 42.78
O2' 4NB TA . 26.76 1.95 42.63
C 4NB UA . 17.58 -1.50 27.44
O1 4NB UA . 17.06 -0.58 28.12
O2 4NB UA . 17.21 -1.68 26.25
C1 4NB UA . 18.68 -2.38 28.06
C2 4NB UA . 19.62 -3.00 27.25
C3 4NB UA . 20.59 -3.81 27.82
C4 4NB UA . 20.65 -3.99 29.19
C5 4NB UA . 19.71 -3.37 30.00
C6 4NB UA . 18.73 -2.57 29.43
N 4NB UA . 21.68 -4.84 29.78
O1' 4NB UA . 21.66 -5.11 31.16
O2' 4NB UA . 22.52 -5.29 29.10
C 4NB VA . 21.45 -27.46 36.70
O1 4NB VA . 22.26 -26.85 35.96
O2 4NB VA . 20.84 -26.84 37.61
C1 4NB VA . 21.21 -28.95 36.50
C2 4NB VA . 22.27 -29.85 36.59
C3 4NB VA . 22.06 -31.20 36.42
C4 4NB VA . 20.78 -31.67 36.14
C5 4NB VA . 19.72 -30.78 36.04
C6 4NB VA . 19.93 -29.43 36.22
N 4NB VA . 20.57 -33.10 35.94
O1' 4NB VA . 19.35 -33.69 36.33
O2' 4NB VA . 21.42 -33.76 35.46
C1 OCT WA . 21.18 -6.75 54.21
C2 OCT WA . 22.46 -6.02 54.61
C3 OCT WA . 23.37 -5.91 53.40
C4 OCT WA . 24.66 -5.16 53.78
C5 OCT WA . 25.46 -4.84 52.52
C6 OCT WA . 26.83 -4.30 52.90
C7 OCT WA . 26.68 -2.97 53.63
C8 OCT WA . 28.06 -2.37 53.90
C1 LNK XA . 23.12 -17.96 23.16
C2 LNK XA . 22.15 -16.98 22.47
C3 LNK XA . 20.85 -16.89 23.27
C4 LNK XA . 19.83 -16.06 22.49
C5 LNK XA . 18.49 -16.07 23.22
C 4NB YA . -25.01 45.38 -20.78
O1 4NB YA . -25.72 45.13 -19.78
O2 4NB YA . -25.55 45.65 -21.89
C1 4NB YA . -23.48 45.35 -20.68
C2 4NB YA . -22.87 44.98 -19.49
C3 4NB YA . -21.49 44.95 -19.41
C4 4NB YA . -20.71 45.30 -20.51
C5 4NB YA . -21.32 45.67 -21.69
C6 4NB YA . -22.71 45.70 -21.78
N 4NB YA . -19.27 45.27 -20.41
O1' 4NB YA . -18.50 45.26 -21.59
O2' 4NB YA . -18.75 45.23 -19.37
O1 LHG ZA . 0.59 21.35 -27.33
C1 LHG ZA . 0.49 20.05 -26.74
C2 LHG ZA . -0.96 19.71 -26.53
O2 LHG ZA . -1.71 19.90 -27.72
C3 LHG ZA . -1.63 20.55 -25.49
O3 LHG ZA . -2.61 19.65 -25.01
P LHG ZA . -2.75 19.31 -23.42
O4 LHG ZA . -2.00 18.05 -23.16
O5 LHG ZA . -2.76 20.64 -22.76
O6 LHG ZA . -4.33 18.78 -23.52
C4 LHG ZA . -5.14 18.81 -22.39
C5 LHG ZA . -5.04 17.38 -21.84
C6 LHG ZA . -4.05 17.28 -20.68
O7 LHG ZA . -6.33 17.02 -21.35
C7 LHG ZA . -7.33 17.16 -22.27
O9 LHG ZA . -7.24 16.81 -23.43
C8 LHG ZA . -8.60 17.50 -21.57
C9 LHG ZA . -8.81 16.56 -20.41
C10 LHG ZA . -9.85 17.10 -19.45
O8 LHG ZA . -3.79 18.65 -20.29
C23 LHG ZA . -4.25 19.06 -19.07
O10 LHG ZA . -5.45 19.00 -18.82
C24 LHG ZA . -3.34 19.82 -18.10
C11 LHG ZA . -11.13 17.00 -20.25
C12 LHG ZA . -11.47 15.57 -20.47
C13 LHG ZA . -11.86 14.95 -19.14
C14 LHG ZA . -12.11 13.46 -19.28
C15 LHG ZA . -12.98 13.06 -18.11
C16 LHG ZA . -14.10 12.19 -18.62
C17 LHG ZA . -14.53 11.19 -17.56
C18 LHG ZA . -15.41 10.23 -18.35
C19 LHG ZA . -15.74 8.95 -17.61
C20 LHG ZA . -16.09 8.01 -18.75
C21 LHG ZA . -16.14 6.59 -18.26
C22 LHG ZA . -16.26 5.67 -19.47
C25 LHG ZA . -3.85 21.18 -17.66
C26 LHG ZA . -4.52 21.24 -16.28
C27 LHG ZA . -6.00 21.32 -16.60
C28 LHG ZA . -6.93 21.44 -15.42
C29 LHG ZA . -8.29 20.93 -15.88
C30 LHG ZA . -9.50 21.74 -15.48
C31 LHG ZA . -10.02 21.50 -14.07
C32 LHG ZA . -10.53 22.73 -13.35
C33 LHG ZA . -9.61 22.98 -12.16
C34 LHG ZA . -8.21 23.46 -12.51
C35 LHG ZA . -7.25 23.18 -11.37
C36 LHG ZA . -6.14 22.28 -11.89
C37 LHG ZA . -4.90 23.12 -12.00
C38 LHG ZA . -3.64 22.33 -12.29
C1 OCT AB . -19.73 22.43 -24.56
C2 OCT AB . -18.23 22.65 -24.78
C3 OCT AB . -18.01 23.97 -25.52
C4 OCT AB . -16.64 24.00 -26.20
C5 OCT AB . -16.71 24.96 -27.39
C6 OCT AB . -15.36 25.62 -27.65
C7 OCT AB . -15.53 26.74 -28.68
C8 OCT AB . -14.20 27.42 -28.98
C 4NB BB . -34.51 40.27 -8.19
O1 4NB BB . -33.28 40.44 -8.33
O2 4NB BB . -35.30 41.26 -8.21
C1 4NB BB . -35.08 38.87 -7.99
C2 4NB BB . -35.56 38.15 -9.07
C3 4NB BB . -36.07 36.88 -8.88
C4 4NB BB . -36.09 36.33 -7.61
C5 4NB BB . -35.61 37.04 -6.53
C6 4NB BB . -35.10 38.32 -6.72
N 4NB BB . -36.62 34.99 -7.41
O1' 4NB BB . -36.36 34.31 -6.21
O2' 4NB BB . -37.28 34.48 -8.24
C1 OCT CB . -23.37 21.01 -7.28
C2 OCT CB . -23.05 22.45 -7.67
C3 OCT CB . -24.33 23.21 -8.04
C4 OCT CB . -24.48 23.30 -9.55
C5 OCT CB . -25.46 24.43 -9.88
C6 OCT CB . -25.70 24.51 -11.39
C7 OCT CB . -27.14 24.10 -11.70
C8 OCT CB . -27.64 24.87 -12.92
C1 LNK DB . -27.04 20.15 -29.07
C2 LNK DB . -25.73 20.86 -29.39
C3 LNK DB . -25.84 22.34 -29.03
C4 LNK DB . -24.72 23.13 -29.73
C5 LNK DB . -24.89 24.62 -29.44
C1 LNK EB . -16.46 22.75 -20.23
C2 LNK EB . -16.85 24.23 -20.22
C3 LNK EB . -18.11 24.45 -21.05
C4 LNK EB . -18.60 25.88 -20.85
C5 LNK EB . -18.80 26.55 -22.21
C 4NB FB . 39.31 20.23 23.72
O1 4NB FB . 39.84 19.56 24.65
O2 4NB FB . 38.99 21.43 23.91
C1 4NB FB . 39.07 19.59 22.35
C2 4NB FB . 37.98 19.98 21.59
C3 4NB FB . 37.76 19.40 20.35
C4 4NB FB . 38.62 18.42 19.88
C5 4NB FB . 39.71 18.04 20.64
C6 4NB FB . 39.93 18.61 21.88
N 4NB FB . 38.39 17.82 18.58
O1' 4NB FB . 37.41 18.31 17.69
O2' 4NB FB . 39.05 16.90 18.25
C 4NB GB . 51.27 13.70 1.13
O1 4NB GB . 50.91 14.44 2.08
O2 4NB GB . 50.85 13.91 -0.04
C1 4NB GB . 52.22 12.52 1.38
C2 4NB GB . 52.13 11.40 0.58
C3 4NB GB . 52.98 10.32 0.79
C4 4NB GB . 53.93 10.38 1.80
C5 4NB GB . 54.02 11.51 2.59
C6 4NB GB . 53.17 12.58 2.38
N 4NB GB . 54.81 9.25 2.01
O1' 4NB GB . 55.11 8.82 3.31
O2' 4NB GB . 55.26 8.67 1.08
O1 LHG HB . 21.67 23.33 10.68
C1 LHG HB . 21.23 22.08 10.14
C2 LHG HB . 21.59 20.97 11.11
O2 LHG HB . 22.84 21.22 11.71
C3 LHG HB . 21.69 19.61 10.45
O3 LHG HB . 21.93 18.80 11.59
P LHG HB . 23.38 18.13 11.85
O4 LHG HB . 24.00 17.92 10.52
O5 LHG HB . 23.86 18.76 13.11
O6 LHG HB . 22.80 16.60 12.22
C4 LHG HB . 23.70 15.53 12.38
C5 LHG HB . 22.81 14.34 12.76
C6 LHG HB . 21.91 13.90 11.60
O7 LHG HB . 23.71 13.28 13.13
C7 LHG HB . 23.32 12.02 12.79
O9 LHG HB . 22.41 11.45 13.37
C8 LHG HB . 24.46 11.32 12.13
C9 LHG HB . 24.80 10.07 12.94
C10 LHG HB . 25.25 8.96 12.02
O8 LHG HB . 22.71 14.12 10.43
C23 LHG HB . 22.08 14.64 9.34
O10 LHG HB . 21.02 15.22 9.48
C24 LHG HB . 22.48 14.17 7.94
C11 LHG HB . 24.04 8.77 11.13
C12 LHG HB . 23.14 7.72 11.73
C13 LHG HB . 23.35 6.44 10.95
C14 LHG HB . 22.12 5.58 10.94
C15 LHG HB . 21.93 5.11 12.37
C16 LHG HB . 22.76 3.88 12.59
C17 LHG HB . 21.89 2.75 13.10
C18 LHG HB . 21.66 3.10 14.55
C19 LHG HB . 20.70 2.17 15.27
C20 LHG HB . 21.38 0.82 15.12
C21 LHG HB . 20.36 -0.27 15.03
C22 LHG HB . 19.69 -0.42 16.38
C25 LHG HB . 22.38 15.19 6.83
C26 LHG HB . 22.29 14.65 5.42
C27 LHG HB . 23.62 13.93 5.25
C28 LHG HB . 23.60 12.67 4.44
C29 LHG HB . 25.02 12.12 4.45
C30 LHG HB . 25.21 10.69 4.90
C31 LHG HB . 26.10 9.82 4.03
C32 LHG HB . 26.67 8.58 4.71
C33 LHG HB . 26.64 7.45 3.69
C34 LHG HB . 26.72 6.04 4.26
C35 LHG HB . 25.97 5.94 5.58
C36 LHG HB . 25.70 4.47 5.86
C37 LHG HB . 24.99 4.40 7.18
C38 LHG HB . 24.49 3.02 7.55
C1 OCT IB . 30.87 10.00 13.71
C2 OCT IB . 31.70 9.46 14.87
C3 OCT IB . 33.09 9.03 14.38
C4 OCT IB . 34.09 9.16 15.51
C5 OCT IB . 35.25 8.20 15.27
C6 OCT IB . 34.73 6.76 15.31
C7 OCT IB . 35.89 5.80 15.56
C8 OCT IB . 35.37 4.37 15.60
C 4NB JB . 45.57 15.96 23.30
O1 4NB JB . 45.08 15.81 24.46
O2 4NB JB . 46.16 17.03 23.00
C1 4NB JB . 45.44 14.83 22.27
C2 4NB JB . 44.86 15.09 21.04
C3 4NB JB . 44.75 14.06 20.11
C4 4NB JB . 45.22 12.80 20.42
C5 4NB JB . 45.80 12.54 21.65
C6 4NB JB . 45.91 13.57 22.57
N 4NB JB . 45.11 11.73 19.44
O1' 4NB JB . 45.00 10.39 19.87
O2' 4NB JB . 45.11 11.98 18.29
C 4NB KB . 44.21 1.03 24.07
O1 4NB KB . 44.93 0.04 23.83
O2 4NB KB . 43.70 1.19 25.21
C1 4NB KB . 43.94 2.06 22.97
C2 4NB KB . 45.00 2.75 22.39
C3 4NB KB . 44.76 3.68 21.39
C4 4NB KB . 43.45 3.91 20.97
C5 4NB KB . 42.40 3.23 21.55
C6 4NB KB . 42.65 2.30 22.54
N 4NB KB . 43.19 4.89 19.92
O1' 4NB KB . 44.17 5.83 19.58
O2' 4NB KB . 42.15 4.89 19.37
C 4NB LB . 50.21 -1.95 -5.53
O1 4NB LB . 50.71 -1.73 -4.39
O2 4NB LB . 50.76 -1.47 -6.55
C1 4NB LB . 48.95 -2.79 -5.66
C2 4NB LB . 47.92 -2.37 -6.49
C3 4NB LB . 46.77 -3.15 -6.61
C4 4NB LB . 46.65 -4.31 -5.88
C5 4NB LB . 47.68 -4.72 -5.04
C6 4NB LB . 48.82 -3.95 -4.93
N 4NB LB . 45.45 -5.13 -5.99
O1' 4NB LB . 45.14 -6.05 -4.98
O2' 4NB LB . 44.75 -5.02 -6.93
C1 LNK MB . 32.06 6.60 9.97
C2 LNK MB . 33.19 6.43 11.00
C3 LNK MB . 34.54 6.34 10.27
C4 LNK MB . 35.67 6.41 11.30
C5 LNK MB . 37.01 6.51 10.58
C1 LNK NB . 37.42 -4.97 5.80
C2 LNK NB . 37.03 -5.20 4.33
C3 LNK NB . 35.53 -4.93 4.15
C4 LNK NB . 35.10 -5.34 2.74
C5 LNK NB . 33.58 -5.27 2.61
C1 D12 OB . -51.47 -11.80 1.21
C2 D12 OB . -51.79 -12.54 -0.09
C3 D12 OB . -52.99 -11.87 -0.76
C4 D12 OB . -53.08 -12.31 -2.22
C5 D12 OB . -54.16 -11.48 -2.92
C6 D12 OB . -53.92 -11.45 -4.43
C7 D12 OB . -54.51 -12.68 -5.09
C8 D12 OB . -54.50 -12.51 -6.61
C9 D12 OB . -54.82 -13.84 -7.29
C10 D12 OB . -54.72 -13.69 -8.80
C11 D12 OB . -54.66 -15.07 -9.46
C12 D12 OB . -54.44 -14.90 -10.97
O1 LHG PB . -33.46 6.87 15.42
C1 LHG PB . -32.85 6.60 14.15
C2 LHG PB . -31.63 7.49 13.98
O2 LHG PB . -31.89 8.53 13.07
C3 LHG PB . -30.40 6.76 13.46
O3 LHG PB . -30.38 7.21 12.11
P LHG PB . -30.45 6.17 10.88
O4 LHG PB . -29.55 5.03 11.21
O5 LHG PB . -31.86 6.24 10.43
O6 LHG PB . -29.51 7.05 9.80
C4 LHG PB . -29.74 6.94 8.42
C5 LHG PB . -28.69 5.92 7.93
C6 LHG PB . -29.17 4.48 8.07
O7 LHG PB . -28.49 6.18 6.55
C7 LHG PB . -27.25 5.84 6.09
O9 LHG PB . -26.35 5.44 6.82
C8 LHG PB . -27.18 5.96 4.62
C9 LHG PB . -26.13 5.03 4.08
C10 LHG PB . -26.62 4.40 2.79
O8 LHG PB . -30.20 4.34 7.09
C23 LHG PB . -30.60 3.07 6.76
O10 LHG PB . -30.41 2.15 7.53
C24 LHG PB . -31.30 2.81 5.43
C11 LHG PB . -25.60 4.92 1.80
C12 LHG PB . -26.23 5.05 0.46
C13 LHG PB . -25.53 6.17 -0.27
C14 LHG PB . -25.38 5.88 -1.75
C15 LHG PB . -24.51 6.99 -2.30
C16 LHG PB . -25.39 8.05 -2.89
C17 LHG PB . -24.59 9.31 -3.17
C18 LHG PB . -23.95 9.04 -4.51
C19 LHG PB . -22.54 9.58 -4.63
C20 LHG PB . -22.57 10.29 -5.98
C21 LHG PB . -21.68 11.50 -5.92
C22 LHG PB . -21.42 11.96 -7.33
C25 LHG PB . -30.59 3.36 4.21
C26 LHG PB . -31.38 4.37 3.38
C27 LHG PB . -30.43 5.53 3.24
C28 LHG PB . -29.79 5.72 1.89
C29 LHG PB . -30.88 6.21 0.97
C30 LHG PB . -30.46 6.61 -0.42
C31 LHG PB . -31.58 6.98 -1.38
C32 LHG PB . -32.70 7.83 -0.79
C33 LHG PB . -33.44 8.49 -1.94
C34 LHG PB . -34.88 8.87 -1.67
C35 LHG PB . -35.28 10.09 -2.49
C36 LHG PB . -36.42 9.68 -3.40
C37 LHG PB . -36.68 10.83 -4.33
C38 LHG PB . -37.51 11.94 -3.72
C1 OCT QB . -34.63 6.04 1.56
C2 OCT QB . -35.46 4.91 0.93
C3 OCT QB . -36.94 5.27 0.95
C4 OCT QB . -37.32 6.03 -0.32
C5 OCT QB . -38.80 5.81 -0.61
C6 OCT QB . -39.16 6.40 -1.97
C7 OCT QB . -38.31 5.76 -3.07
C8 OCT QB . -38.69 6.34 -4.42
C 4NB RB . -52.52 11.00 3.50
O1 4NB RB . -52.17 12.20 3.54
O2 4NB RB . -53.38 10.57 4.32
C1 4NB RB . -51.93 10.05 2.46
C2 4NB RB . -51.98 10.39 1.11
C3 4NB RB . -51.44 9.54 0.17
C4 4NB RB . -50.86 8.35 0.56
C5 4NB RB . -50.81 8.01 1.90
C6 4NB RB . -51.34 8.86 2.85
N 4NB RB . -50.29 7.46 -0.45
O1' 4NB RB . -49.90 6.17 -0.10
O2' 4NB RB . -50.16 7.83 -1.56
C 4NB SB . -48.85 7.94 -6.94
O1 4NB SB . -48.04 7.75 -6.00
O2 4NB SB . -49.86 7.20 -7.05
C1 4NB SB . -48.61 9.07 -7.94
C2 4NB SB . -49.17 10.32 -7.74
C3 4NB SB . -48.95 11.33 -8.65
C4 4NB SB . -48.16 11.11 -9.76
C5 4NB SB . -47.59 9.87 -9.96
C6 4NB SB . -47.81 8.84 -9.05
N 4NB SB . -47.91 12.18 -10.73
O1' 4NB SB . -47.58 13.47 -10.29
O2' 4NB SB . -47.99 11.96 -11.88
C1 LNK TB . -34.32 1.58 -1.81
C2 LNK TB . -35.85 1.52 -1.74
C3 LNK TB . -36.45 1.74 -3.13
C4 LNK TB . -37.96 1.94 -3.02
C5 LNK TB . -38.69 0.62 -3.21
C1 LNK UB . -35.22 -3.40 -14.35
C2 LNK UB . -34.48 -4.69 -13.96
C3 LNK UB . -32.98 -4.43 -13.94
C4 LNK UB . -32.23 -5.73 -13.66
C5 LNK UB . -30.74 -5.44 -13.43
C 4NB VB . -23.10 -8.39 -43.30
O1 4NB VB . -22.61 -9.47 -43.73
O2 4NB VB . -24.33 -8.17 -43.37
C1 4NB VB . -22.18 -7.33 -42.68
C2 4NB VB . -22.57 -6.01 -42.65
C3 4NB VB . -21.74 -5.04 -42.10
C4 4NB VB . -20.52 -5.40 -41.58
C5 4NB VB . -20.12 -6.73 -41.59
C6 4NB VB . -20.95 -7.69 -42.15
N 4NB VB . -19.65 -4.38 -40.98
O1' 4NB VB . -18.27 -4.59 -40.83
O2' 4NB VB . -20.12 -3.36 -40.63
O1 LHG WB . -9.58 -10.85 -31.48
C1 LHG WB . -9.20 -10.79 -30.10
C2 LHG WB . -9.48 -9.41 -29.57
O2 LHG WB . -10.74 -8.94 -29.98
C3 LHG WB . -8.45 -8.38 -30.01
O3 LHG WB . -9.30 -7.43 -30.65
P LHG WB . -9.13 -5.83 -30.41
O4 LHG WB . -7.66 -5.56 -30.25
O5 LHG WB . -10.18 -5.21 -31.25
O6 LHG WB . -9.67 -5.86 -28.83
C4 LHG WB . -11.05 -5.98 -28.55
C5 LHG WB . -11.10 -5.94 -27.01
C6 LHG WB . -10.09 -4.95 -26.43
O7 LHG WB . -12.45 -5.56 -26.63
C7 LHG WB . -12.69 -4.21 -26.60
O9 LHG WB . -12.94 -3.58 -27.61
C8 LHG WB . -13.09 -3.79 -25.23
C9 LHG WB . -12.32 -2.55 -24.84
C10 LHG WB . -12.83 -2.03 -23.52
O8 LHG WB . -9.16 -5.76 -25.71
C23 LHG WB . -8.03 -5.14 -25.25
O10 LHG WB . -8.02 -4.66 -24.13
C24 LHG WB . -6.83 -4.94 -26.17
C11 LHG WB . -12.04 -0.75 -23.36
C12 LHG WB . -12.98 0.42 -23.31
C13 LHG WB . -13.56 0.52 -21.91
C14 LHG WB . -15.06 0.26 -21.92
C15 LHG WB . -15.59 0.77 -20.60
C16 LHG WB . -17.10 0.75 -20.66
C17 LHG WB . -17.69 0.56 -19.27
C18 LHG WB . -17.74 1.96 -18.71
C19 LHG WB . -18.35 2.06 -17.33
C20 LHG WB . -17.87 3.41 -16.85
C21 LHG WB . -18.23 3.59 -15.40
C22 LHG WB . -17.66 4.92 -14.92
C25 LHG WB . -6.01 -3.68 -25.93
C26 LHG WB . -5.73 -2.81 -27.16
C27 LHG WB . -5.70 -1.40 -26.61
C28 LHG WB . -6.99 -0.90 -26.00
C29 LHG WB . -7.09 0.58 -26.39
C30 LHG WB . -8.49 1.12 -26.61
C31 LHG WB . -8.67 2.62 -26.50
C32 LHG WB . -9.96 3.08 -25.82
C33 LHG WB . -9.88 4.58 -25.63
C34 LHG WB . -10.20 5.08 -24.23
C35 LHG WB . -11.68 5.37 -24.05
C36 LHG WB . -11.99 5.38 -22.56
C37 LHG WB . -13.20 6.24 -22.34
C38 LHG WB . -12.93 7.59 -21.69
C 4NB XB . -12.92 28.31 -33.50
O1 4NB XB . -11.85 28.65 -32.94
O2 4NB XB . -13.94 28.05 -32.80
C1 4NB XB . -13.00 28.20 -35.03
C2 4NB XB . -11.90 27.81 -35.78
C3 4NB XB . -11.99 27.72 -37.16
C4 4NB XB . -13.17 28.01 -37.81
C5 4NB XB . -14.28 28.39 -37.07
C6 4NB XB . -14.20 28.49 -35.69
N 4NB XB . -13.26 27.92 -39.26
O1' 4NB XB . -14.47 27.56 -39.87
O2' 4NB XB . -12.31 28.13 -39.93
C 4NB YB . -16.56 18.57 -49.96
O1 4NB YB . -16.26 19.79 -49.91
O2 4NB YB . -17.77 18.21 -50.03
C1 4NB YB . -15.45 17.51 -49.94
C2 4NB YB . -14.40 17.64 -49.04
C3 4NB YB . -13.39 16.70 -49.02
C4 4NB YB . -13.43 15.60 -49.87
C5 4NB YB . -14.47 15.48 -50.77
C6 4NB YB . -15.49 16.43 -50.80
N 4NB YB . -12.36 14.62 -49.82
O1' 4NB YB . -12.56 13.32 -50.32
O2' 4NB YB . -11.32 14.90 -49.34
C 4NB ZB . -34.98 5.78 -36.54
O1 4NB ZB . -35.00 4.85 -35.69
O2 4NB ZB . -36.04 6.40 -36.82
C1 4NB ZB . -33.67 6.15 -37.23
C2 4NB ZB . -32.95 7.25 -36.81
C3 4NB ZB . -31.76 7.58 -37.44
C4 4NB ZB . -31.30 6.81 -38.50
C5 4NB ZB . -32.03 5.71 -38.93
C6 4NB ZB . -33.21 5.38 -38.29
N 4NB ZB . -30.06 7.16 -39.17
O1' 4NB ZB . -29.11 6.16 -39.44
O2' 4NB ZB . -29.85 8.27 -39.48
C 4NB AC . -14.89 18.47 -23.84
O1 4NB AC . -14.79 17.66 -22.88
O2 4NB AC . -14.00 19.35 -24.02
C1 4NB AC . -16.08 18.39 -24.80
C2 4NB AC . -16.66 17.15 -25.05
C3 4NB AC . -17.73 17.06 -25.92
C4 4NB AC . -18.25 18.18 -26.54
C5 4NB AC . -17.67 19.42 -26.28
C6 4NB AC . -16.59 19.52 -25.42
N 4NB AC . -19.37 18.03 -27.43
O1' 4NB AC . -20.47 17.22 -27.07
O2' 4NB AC . -19.38 18.56 -28.49
C1 OCT BC . -21.62 3.69 -31.71
C2 OCT BC . -20.52 2.76 -32.25
C3 OCT BC . -21.04 2.03 -33.49
C4 OCT BC . -19.93 1.17 -34.09
C5 OCT BC . -20.24 0.88 -35.57
C6 OCT BC . -19.11 0.09 -36.22
C7 OCT BC . -19.49 -0.24 -37.67
C8 OCT BC . -18.39 -1.04 -38.36
OH2 1PE CC . -24.72 26.69 -32.84
C12 1PE CC . -25.69 27.46 -33.49
C22 1PE CC . -25.21 28.90 -33.63
OH3 1PE CC . -23.91 28.91 -34.16
C13 1PE CC . -23.33 31.23 -34.17
C23 1PE CC . -23.62 29.98 -35.01
OH4 1PE CC . -22.10 31.09 -33.51
C14 1PE CC . -20.14 30.53 -34.76
C24 1PE CC . -21.00 31.65 -34.18
OH5 1PE CC . -19.46 31.01 -35.89
C15 1PE CC . -20.99 30.54 -37.67
C25 1PE CC . -19.63 30.24 -37.05
OH6 1PE CC . -20.82 31.26 -38.86
C16 1PE CC . -19.42 30.53 -40.67
C26 1PE CC . -20.80 30.48 -40.02
OH7 1PE CC . -18.58 31.37 -39.91
C1 LNK DC . -16.38 5.03 -29.99
C2 LNK DC . -16.48 5.70 -31.36
C3 LNK DC . -17.89 6.22 -31.59
C4 LNK DC . -17.93 7.05 -32.87
C5 LNK DC . -18.56 6.22 -34.00
C 4NB EC . -32.25 -21.03 -36.16
O1 4NB EC . -31.02 -21.10 -35.90
O2 4NB EC . -33.06 -21.77 -35.55
C1 4NB EC . -32.76 -20.03 -37.19
C2 4NB EC . -31.88 -19.12 -37.75
C3 4NB EC . -32.34 -18.20 -38.69
C4 4NB EC . -33.68 -18.19 -39.06
C5 4NB EC . -34.56 -19.12 -38.50
C6 4NB EC . -34.10 -20.03 -37.57
N 4NB EC . -34.16 -17.23 -40.04
O1' 4NB EC . -35.53 -16.99 -40.17
O2' 4NB EC . -33.39 -16.64 -40.71
O1 LHG FC . -29.23 -20.70 -5.24
C1 LHG FC . -27.96 -20.06 -5.26
C2 LHG FC . -28.15 -18.58 -5.55
O2 LHG FC . -29.52 -18.25 -5.52
C3 LHG FC . -27.66 -18.17 -6.91
O3 LHG FC . -27.05 -16.93 -6.59
P LHG FC . -26.31 -16.06 -7.75
O4 LHG FC . -25.06 -16.80 -8.12
O5 LHG FC . -27.43 -15.51 -8.55
O6 LHG FC . -25.73 -14.86 -6.76
C4 LHG FC . -24.34 -14.66 -6.64
C5 LHG FC . -24.02 -13.43 -7.51
C6 LHG FC . -22.73 -13.64 -8.32
O7 LHG FC . -25.10 -13.25 -8.42
C7 LHG FC . -25.90 -12.18 -8.13
O9 LHG FC . -26.64 -12.16 -7.18
C8 LHG FC . -26.05 -11.30 -9.34
C9 LHG FC . -24.70 -10.79 -9.78
C10 LHG FC . -24.17 -9.79 -8.79
O8 LHG FC . -22.86 -14.96 -8.90
C23 LHG FC . -21.72 -15.70 -9.06
O10 LHG FC . -21.50 -16.63 -8.30
C24 LHG FC . -20.97 -15.68 -10.40
C11 LHG FC . -23.69 -8.70 -9.70
C12 LHG FC . -24.43 -7.43 -9.39
C13 LHG FC . -24.50 -6.60 -10.66
C14 LHG FC . -23.14 -6.15 -11.10
C15 LHG FC . -23.28 -4.67 -11.42
C16 LHG FC . -23.41 -3.91 -10.13
C17 LHG FC . -23.50 -2.42 -10.40
C18 LHG FC . -24.85 -2.05 -9.87
C19 LHG FC . -24.94 -0.64 -9.33
C20 LHG FC . -24.82 0.20 -10.58
C21 LHG FC . -25.09 1.65 -10.25
C22 LHG FC . -23.92 2.20 -9.47
C25 LHG FC . -19.71 -16.54 -10.47
C26 LHG FC . -18.87 -16.46 -11.76
C27 LHG FC . -18.92 -15.00 -12.15
C28 LHG FC . -18.60 -14.67 -13.59
C29 LHG FC . -18.94 -13.19 -13.77
C30 LHG FC . -20.03 -12.85 -14.78
C31 LHG FC . -19.56 -12.25 -16.10
C32 LHG FC . -20.39 -11.09 -16.65
C33 LHG FC . -20.47 -10.02 -15.57
C34 LHG FC . -21.01 -8.67 -16.03
C35 LHG FC . -20.85 -7.62 -14.94
C36 LHG FC . -20.60 -6.27 -15.60
C37 LHG FC . -21.93 -5.62 -15.80
C38 LHG FC . -21.89 -4.10 -15.85
C27 R16 GC . -45.91 -19.18 -13.76
C28 R16 GC . -45.67 -17.69 -13.98
C29 R16 GC . -44.38 -17.51 -14.76
C30 R16 GC . -43.20 -17.99 -13.93
C31 R16 GC . -41.98 -18.21 -14.83
C32 R16 GC . -41.12 -16.95 -14.88
C33 R16 GC . -40.30 -16.93 -16.17
C34 R16 GC . -38.83 -17.22 -15.89
C35 R16 GC . -37.99 -16.85 -17.11
C36 R16 GC . -37.00 -15.74 -16.75
C37 R16 GC . -36.52 -15.01 -18.01
C38 R16 GC . -35.37 -14.07 -17.67
C39 R16 GC . -35.63 -12.67 -18.25
C40 R16 GC . -34.90 -11.62 -17.41
C41 R16 GC . -35.01 -10.25 -18.07
C42 R16 GC . -33.91 -9.31 -17.53
C 4NB HC . -47.76 -15.21 -19.71
O1 4NB HC . -47.80 -16.46 -19.55
O2 4NB HC . -48.64 -14.48 -19.19
C1 4NB HC . -46.64 -14.60 -20.56
C2 4NB HC . -46.68 -13.24 -20.85
C3 4NB HC . -45.68 -12.68 -21.62
C4 4NB HC . -44.64 -13.46 -22.09
C5 4NB HC . -44.61 -14.82 -21.80
C6 4NB HC . -45.61 -15.38 -21.03
N 4NB HC . -43.59 -12.87 -22.90
O1' 4NB HC . -43.79 -11.62 -23.50
O2' 4NB HC . -42.58 -13.44 -23.06
C 4NB IC . -26.24 2.07 -43.45
O1 4NB IC . -25.32 2.82 -43.84
O2 4NB IC . -27.06 2.47 -42.57
C1 4NB IC . -26.38 0.67 -44.04
C2 4NB IC . -25.29 -0.19 -44.05
C3 4NB IC . -25.43 -1.46 -44.59
C4 4NB IC . -26.65 -1.87 -45.12
C5 4NB IC . -27.73 -1.00 -45.10
C6 4NB IC . -27.60 0.27 -44.56
N 4NB IC . -26.79 -3.20 -45.68
O1' 4NB IC . -27.94 -3.52 -46.42
O2' 4NB IC . -25.95 -4.00 -45.53
C1 D12 JC . -26.62 0.84 -29.97
C2 D12 JC . -25.61 -0.14 -29.41
C3 D12 JC . -24.31 0.59 -29.07
C4 D12 JC . -23.28 -0.41 -28.57
C5 D12 JC . -21.88 0.21 -28.58
C6 D12 JC . -21.64 0.98 -27.29
C7 D12 JC . -20.15 1.19 -27.07
C8 D12 JC . -19.44 -0.17 -27.04
C9 D12 JC . -17.93 0.02 -26.95
C10 D12 JC . -17.50 0.02 -25.48
C11 D12 JC . -15.97 0.07 -25.39
C12 D12 JC . -15.36 -1.14 -26.09
C1 OCT KC . -40.13 -3.89 -20.35
C2 OCT KC . -40.10 -5.14 -21.23
C3 OCT KC . -41.45 -5.33 -21.93
C4 OCT KC . -41.63 -4.27 -23.01
C5 OCT KC . -43.09 -4.23 -23.45
C6 OCT KC . -43.43 -2.82 -23.98
C7 OCT KC . -44.84 -2.43 -23.54
C8 OCT KC . -44.88 -0.94 -23.20
C 4NB LC . 23.44 -45.11 23.21
O1 4NB LC . 24.64 -45.49 23.08
O2 4NB LC . 23.04 -44.62 24.31
C1 4NB LC . 22.48 -45.23 22.02
C2 4NB LC . 22.85 -45.94 20.90
C3 4NB LC . 21.99 -46.04 19.82
C4 4NB LC . 20.75 -45.43 19.87
C5 4NB LC . 20.37 -44.71 21.00
C6 4NB LC . 21.24 -44.61 22.08
N 4NB LC . 19.85 -45.52 18.73
O1' 4NB LC . 20.36 -45.71 17.44
O2' 4NB LC . 18.69 -45.42 18.91
O1 LHG MC . 19.84 -27.75 -7.23
C1 LHG MC . 18.64 -26.98 -7.17
C2 LHG MC . 18.43 -26.51 -5.74
O2 LHG MC . 19.64 -26.02 -5.19
C3 LHG MC . 17.96 -27.60 -4.81
O3 LHG MC . 17.08 -26.84 -3.99
P LHG MC . 17.01 -27.06 -2.39
O4 LHG MC . 15.60 -27.44 -2.05
O5 LHG MC . 18.32 -27.66 -2.05
O6 LHG MC . 17.06 -25.43 -2.04
C4 LHG MC . 18.16 -24.86 -1.39
C5 LHG MC . 18.71 -23.81 -2.38
C6 LHG MC . 17.60 -23.01 -3.10
O7 LHG MC . 19.58 -22.90 -1.68
C7 LHG MC . 19.13 -22.46 -0.46
O9 LHG MC . 18.30 -21.56 -0.37
C8 LHG MC . 20.13 -22.77 0.60
C9 LHG MC . 20.41 -21.52 1.41
C10 LHG MC . 19.62 -21.55 2.70
O8 LHG MC . 16.58 -22.78 -2.09
C23 LHG MC . 15.30 -22.63 -2.52
O10 LHG MC . 14.90 -21.52 -2.82
C24 LHG MC . 14.26 -23.72 -2.24
C11 LHG MC . 18.74 -20.33 2.55
C12 LHG MC . 18.52 -19.71 3.89
C13 LHG MC . 19.87 -19.29 4.43
C14 LHG MC . 19.80 -17.99 5.19
C15 LHG MC . 19.40 -16.94 4.17
C16 LHG MC . 19.28 -15.61 4.88
C17 LHG MC . 20.23 -14.60 4.26
C18 LHG MC . 21.48 -14.73 5.09
C19 LHG MC . 21.31 -14.35 6.55
C20 LHG MC . 21.13 -12.85 6.47
C21 LHG MC . 21.68 -12.21 7.71
C22 LHG MC . 20.82 -11.01 8.05
C25 LHG MC . 13.60 -23.66 -0.87
C26 LHG MC . 12.31 -24.47 -0.71
C27 LHG MC . 12.32 -24.87 0.75
C28 LHG MC . 12.05 -23.77 1.75
C29 LHG MC . 12.47 -24.31 3.11
C30 LHG MC . 13.33 -23.38 3.97
C31 LHG MC . 13.45 -23.73 5.44
C32 LHG MC . 14.76 -23.30 6.10
C33 LHG MC . 14.42 -22.67 7.43
C34 LHG MC . 15.51 -21.80 8.04
C35 LHG MC . 14.96 -20.45 8.49
C36 LHG MC . 15.99 -19.80 9.42
C37 LHG MC . 15.44 -18.46 9.82
C38 LHG MC . 15.75 -18.04 11.25
C 4NB NC . 46.35 -30.06 -6.54
O1 4NB NC . 47.12 -29.59 -5.65
O2 4NB NC . 46.00 -31.26 -6.49
C1 4NB NC . 45.86 -29.15 -7.67
C2 4NB NC . 46.77 -28.44 -8.45
C3 4NB NC . 46.31 -27.62 -9.47
C4 4NB NC . 44.96 -27.51 -9.73
C5 4NB NC . 44.06 -28.23 -8.96
C6 4NB NC . 44.50 -29.05 -7.93
N 4NB NC . 44.47 -26.65 -10.80
O1' 4NB NC . 45.28 -25.61 -11.30
O2' 4NB NC . 43.40 -26.82 -11.24
O1 LHG OC . 33.26 2.67 -12.73
C1 LHG OC . 33.21 1.49 -11.92
C2 LHG OC . 31.88 1.45 -11.18
O2 LHG OC . 32.06 1.52 -9.79
C3 LHG OC . 31.09 0.18 -11.44
O3 LHG OC . 31.27 -0.49 -10.20
P LHG OC . 30.50 -1.87 -9.86
O4 LHG OC . 29.22 -1.87 -10.61
O5 LHG OC . 31.60 -2.88 -9.72
O6 LHG OC . 30.02 -1.39 -8.33
C4 LHG OC . 29.39 -0.15 -8.15
C5 LHG OC . 28.82 -0.20 -6.71
C6 LHG OC . 27.30 -0.14 -6.70
O7 LHG OC . 29.23 -1.43 -6.15
C7 LHG OC . 29.99 -1.28 -5.03
O9 LHG OC . 31.19 -1.10 -5.06
C8 LHG OC . 29.14 -1.36 -3.80
C9 LHG OC . 28.68 -2.78 -3.59
C10 LHG OC . 27.19 -2.80 -3.33
O8 LHG OC . 26.88 -1.45 -6.29
C23 LHG OC . 26.45 -2.31 -7.26
O10 LHG OC . 26.18 -1.87 -8.38
C24 LHG OC . 26.38 -3.81 -7.00
C11 LHG OC . 27.17 -2.86 -1.83
C12 LHG OC . 26.41 -4.07 -1.41
C13 LHG OC . 27.07 -4.63 -0.18
C14 LHG OC . 26.10 -5.39 0.69
C15 LHG OC . 25.52 -4.36 1.64
C16 LHG OC . 25.40 -4.98 3.00
C17 LHG OC . 24.76 -4.01 3.98
C18 LHG OC . 25.84 -3.79 5.01
C19 LHG OC . 26.74 -2.63 4.70
C20 LHG OC . 25.83 -1.44 4.91
C21 LHG OC . 26.41 -0.23 4.24
C22 LHG OC . 26.19 0.95 5.17
C25 LHG OC . 26.63 -4.70 -8.21
C26 LHG OC . 25.60 -5.80 -8.47
C27 LHG OC . 26.10 -6.97 -7.64
C28 LHG OC . 25.08 -8.03 -7.30
C29 LHG OC . 25.81 -9.05 -6.42
C30 LHG OC . 25.49 -10.50 -6.67
C31 LHG OC . 25.24 -11.36 -5.44
C32 LHG OC . 24.65 -10.62 -4.26
C33 LHG OC . 25.68 -10.62 -3.15
C34 LHG OC . 25.69 -9.39 -2.25
C35 LHG OC . 24.77 -9.57 -1.05
C36 LHG OC . 25.59 -10.15 0.09
C37 LHG OC . 25.19 -9.44 1.35
C38 LHG OC . 26.20 -9.52 2.46
C 4NB PC . 49.53 -11.41 -0.48
O1 4NB PC . 49.56 -11.70 0.75
O2 4NB PC . 48.82 -12.08 -1.27
C1 4NB PC . 50.36 -10.23 -1.01
C2 4NB PC . 51.10 -9.46 -0.14
C3 4NB PC . 51.85 -8.41 -0.62
C4 4NB PC . 51.86 -8.12 -1.97
C5 4NB PC . 51.13 -8.90 -2.85
C6 4NB PC . 50.37 -9.96 -2.37
N 4NB PC . 52.66 -7.02 -2.48
O1' 4NB PC . 53.93 -6.76 -1.93
O2' 4NB PC . 52.24 -6.34 -3.34
C 4NB QC . 48.51 -10.59 11.73
O1 4NB QC . 49.21 -11.05 12.68
O2 4NB QC . 48.01 -9.44 11.83
C1 4NB QC . 48.27 -11.43 10.49
C2 4NB QC . 49.02 -11.21 9.34
C3 4NB QC . 48.78 -11.99 8.21
C4 4NB QC . 47.81 -12.97 8.23
C5 4NB QC . 47.06 -13.18 9.38
C6 4NB QC . 47.29 -12.41 10.51
N 4NB QC . 47.56 -13.78 7.05
O1' 4NB QC . 47.22 -15.12 7.20
O2' 4NB QC . 47.62 -13.29 5.98
C1 OCT RC . 22.95 -21.13 5.08
C2 OCT RC . 24.00 -20.95 6.17
C3 OCT RC . 25.28 -21.68 5.79
C4 OCT RC . 26.37 -21.45 6.84
C5 OCT RC . 27.70 -22.03 6.32
C6 OCT RC . 28.80 -21.83 7.36
C7 OCT RC . 30.14 -22.28 6.77
C8 OCT RC . 31.23 -22.20 7.83
C1 BHC SC . 28.85 -11.55 12.93
CO1 BHC SC . 29.07 -12.47 11.72
O11 BHC SC . 28.13 -12.70 10.92
O12 BHC SC . 30.20 -13.01 11.53
C2 BHC SC . 28.01 -11.96 13.96
CO2 BHC SC . 27.32 -13.33 13.89
O21 BHC SC . 26.08 -13.39 13.68
O22 BHC SC . 27.98 -14.38 14.05
C3 BHC SC . 27.80 -11.13 15.05
CO3 BHC SC . 26.88 -11.60 16.19
O31 BHC SC . 25.64 -11.51 16.06
O32 BHC SC . 27.38 -12.06 17.25
C4 BHC SC . 28.43 -9.90 15.13
CO4 BHC SC . 28.20 -8.99 16.33
O41 BHC SC . 27.56 -7.92 16.19
O42 BHC SC . 28.67 -9.30 17.46
C5 BHC SC . 29.26 -9.49 14.09
CO5 BHC SC . 29.95 -8.13 14.17
O51 BHC SC . 29.48 -7.14 13.55
O52 BHC SC . 31.00 -7.99 14.85
C6 BHC SC . 29.47 -10.32 13.00
CO6 BHC SC . 30.40 -9.84 11.88
O61 BHC SC . 29.94 -9.10 10.96
O62 BHC SC . 31.61 -10.17 11.88
C1 GOL TC . 38.88 -8.95 1.31
O1 GOL TC . 37.68 -9.23 1.94
C2 GOL TC . 38.57 -8.65 -0.18
O2 GOL TC . 37.47 -7.81 -0.31
C3 GOL TC . 39.88 -8.01 -0.75
O3 GOL TC . 39.98 -8.33 -2.11
OH2 1PE UC . 26.95 -29.71 6.67
C12 1PE UC . 27.50 -30.94 6.28
C22 1PE UC . 26.53 -31.66 5.34
OH3 1PE UC . 26.97 -32.97 5.13
C13 1PE UC . 27.75 -34.58 3.52
C23 1PE UC . 27.80 -33.13 4.02
OH4 1PE UC . 28.65 -34.76 2.47
C14 1PE UC . 30.97 -35.22 1.99
C24 1PE UC . 29.97 -34.42 2.81
OH5 1PE UC . 30.94 -34.77 0.67
C15 1PE UC . 32.69 -35.32 -0.87
C25 1PE UC . 31.36 -35.73 -0.25
OH6 1PE UC . 33.46 -36.48 -1.08
C16 1PE UC . 35.81 -36.11 -1.35
C26 1PE UC . 34.47 -36.34 -2.04
OH7 1PE UC . 35.63 -35.82 0.02
C1 LNK VC . 32.60 -11.13 -0.31
C2 LNK VC . 33.65 -11.99 0.40
C3 LNK VC . 34.68 -12.51 -0.61
C4 LNK VC . 35.81 -13.22 0.12
C5 LNK VC . 36.87 -13.71 -0.87
C 4NB WC . 34.92 -35.51 9.92
O1 4NB WC . 35.38 -34.48 10.49
O2 4NB WC . 33.88 -36.06 10.33
C1 4NB WC . 35.65 -36.08 8.70
C2 4NB WC . 36.99 -36.42 8.79
C3 4NB WC . 37.65 -36.95 7.69
C4 4NB WC . 36.96 -37.14 6.50
C5 4NB WC . 35.62 -36.81 6.41
C6 4NB WC . 34.96 -36.29 7.51
N 4NB WC . 37.66 -37.70 5.35
O1' 4NB WC . 36.93 -38.16 4.24
O2' 4NB WC . 38.84 -37.75 5.36
C 4NB XC . 36.17 -30.82 15.65
O1 4NB XC . 35.87 -31.37 16.75
O2 4NB XC . 35.55 -31.13 14.61
C1 4NB XC . 37.28 -29.77 15.60
C2 4NB XC . 37.15 -28.59 16.30
C3 4NB XC . 38.16 -27.64 16.26
C4 4NB XC . 39.30 -27.88 15.51
C5 4NB XC . 39.44 -29.06 14.80
C6 4NB XC . 38.42 -30.02 14.85
N 4NB XC . 40.35 -26.88 15.45
O1' 4NB XC . 41.23 -26.74 16.54
O2' 4NB XC . 40.47 -26.19 14.51
C 4NB YC . 21.24 -22.11 23.13
O1 4NB YC . 21.41 -23.31 23.45
O2 4NB YC . 22.23 -21.35 23.00
C1 4NB YC . 19.82 -21.56 22.90
C2 4NB YC . 18.72 -22.25 23.38
C3 4NB YC . 17.44 -21.76 23.17
C4 4NB YC . 17.26 -20.56 22.49
C5 4NB YC . 18.37 -19.87 22.02
C6 4NB YC . 19.64 -20.37 22.23
N 4NB YC . 15.93 -20.04 22.26
O1' 4NB YC . 15.73 -18.93 21.44
O2' 4NB YC . 15.01 -20.56 22.78
C1 D12 ZC . 27.84 -46.50 20.46
C2 D12 ZC . 28.95 -45.49 20.25
C3 D12 ZC . 29.51 -45.61 18.84
C4 D12 ZC . 30.71 -44.67 18.67
C5 D12 ZC . 31.36 -44.93 17.31
C6 D12 ZC . 32.56 -44.00 17.13
C7 D12 ZC . 32.27 -42.97 16.04
C8 D12 ZC . 33.34 -43.07 14.94
C9 D12 ZC . 33.10 -41.99 13.88
C10 D12 ZC . 34.27 -41.98 12.90
C11 D12 ZC . 34.45 -43.38 12.29
C12 D12 ZC . 35.65 -43.37 11.35
C1 LNK AD . 24.84 -20.34 10.07
C2 LNK AD . 25.95 -19.60 10.80
C3 LNK AD . 27.31 -20.19 10.43
C4 LNK AD . 28.42 -19.45 11.16
C5 LNK AD . 29.79 -19.84 10.58
C1 LNK BD . 27.54 -23.94 11.17
C2 LNK BD . 27.79 -24.98 10.07
C3 LNK BD . 26.59 -25.90 9.96
C4 LNK BD . 26.85 -26.97 8.89
C5 LNK BD . 26.20 -26.57 7.57
C1 LNK CD . 23.86 -28.66 12.08
C2 LNK CD . 23.52 -27.17 12.07
C3 LNK CD . 22.29 -26.94 11.19
C4 LNK CD . 22.26 -25.49 10.74
C5 LNK CD . 21.12 -25.28 9.74
#